data_3N6R
#
_entry.id   3N6R
#
_cell.length_a   133.890
_cell.length_b   159.170
_cell.length_c   153.740
_cell.angle_alpha   113.87
_cell.angle_beta   101.03
_cell.angle_gamma   108.99
#
_symmetry.space_group_name_H-M   'P 1'
#
loop_
_entity.id
_entity.type
_entity.pdbx_description
1 polymer 'Propionyl-CoA carboxylase, alpha subunit'
2 polymer 'Propionyl-CoA carboxylase, beta subunit'
3 non-polymer 5-(HEXAHYDRO-2-OXO-1H-THIENO[3,4-D]IMIDAZOL-6-YL)PENTANAL
#
loop_
_entity_poly.entity_id
_entity_poly.type
_entity_poly.pdbx_seq_one_letter_code
_entity_poly.pdbx_strand_id
1 'polypeptide(L)'
;MFNKILIANRGEIACRVIKTARKMGISTVAIYSDADKQALHVQMADEAVHIGPPPANQSYIVIDKVMAAIRATGAQAVHP
GYGFLSENSKFAEALEAEGVIFVGPPKGAIEAMGDKITSKKIAQEANVSTVPGYMGLIEDADEAVKISNQIGYPVMIKAS
AGGGGKGMRIAWNDQEAREGFQSSKNEAANSFGDDRIFIEKFVTQPRHIEIQVLCDSHGNGIYLGERECSIQRRNQKVVE
EAPSPFLDEATRRAMGEQAVALAKAVGYASAGTVEFIVDGQKNFYFLEMNTRLQVEHPVTELITGVDLVEQMIRVAAGEP
LSITQGDVKLTGWAIENRLYAEDPYRGFLPSIGRLTRYRPPAETAAGPLLVNGKWQGDAPSGEAAVRNDTGVYEGGEISM
YYDPMIAKLCTWAPTRAAAIEAMRIALDSFEVEGIGHNLPFLSAVMDHPKFISGDMTTAFIAEEYPEGFEGVNLPETDLR
RVAAAAAAMHRVAEIRRTRVSGRMDNHERRVGTEWVVTLQGADFPVTIAADHDGSTVSFDDGSSMRVTSDWTPGDQLANL
MVDGAPLVLKVGKISGGFRIRTRGADLKVHVRTPRQAELARLMPEKLPPDTSKMLLCPMPGLIVKVDVEVGQEVQEGQAL
CTIEAMKMENILRAEKKGVVAKINASAGNSLAVDDVIMEFE
;
A,C,E,G,I,K
2 'polypeptide(L)'
;MGSSHHHHHHSSGLVPRGSHMMKDILEQLEDRRAAARLGGGQKRIDAQHGRGKLTARERVDLLLDEGSFEEFDMFVTHRC
TDFNMQDQKPAGDGVVTGWGTINGRVVYVFSQDFTVLGGSVSETHSKKICKIMDMAMQNGAPVIGINDSGGARIQEGVDS
LAGYGEVFQRNIMASGVVPQISMIMGPCAGGAVYSPAMTDFIFMVKDSSYMFVTGPDVVKTVTNEQVSAEELGGATTHTR
KSSVADAAFENDVEALAEVRRLVDFLPLNNREKPPVRPFFDDPDRIEPSLDTLVPDNPNTPYDMKELIHKLADEGDFYEI
QEEFAKNIITGFIRLEGRTVGVVANQPLVLAGCLDIDSSRKAARFVRFCDAFEIPLLTLIDVPGFLPGTSQEYGGVIKHG
AKLLYAYGEATVPMVTVITRKAYGGAYVVMSSKHLRADFNYAWPTAEVAVMGAKGATEIIHRGDLGDPEKIAQHTADYEE
RFANPFVASERGFVDEVIQPRSTRKRVARAFASLRNKSVQMPWKKHDNIPL
;
B,D,F,H,J,L
#
# COMPACT_ATOMS: atom_id res chain seq x y z
N PHE A 2 73.27 -18.27 43.52
CA PHE A 2 72.50 -17.44 42.54
C PHE A 2 71.19 -18.10 42.16
N ASN A 3 70.08 -17.48 42.58
CA ASN A 3 68.74 -17.98 42.27
C ASN A 3 67.67 -17.02 42.78
N LYS A 4 66.72 -17.52 43.55
CA LYS A 4 65.63 -16.70 44.08
C LYS A 4 66.07 -15.45 44.85
N ILE A 5 66.20 -14.33 44.12
CA ILE A 5 66.60 -13.06 44.70
C ILE A 5 65.44 -12.06 44.73
N LEU A 6 65.08 -11.60 45.91
CA LEU A 6 63.98 -10.67 46.03
C LEU A 6 64.45 -9.26 45.72
N ILE A 7 63.51 -8.32 45.62
CA ILE A 7 63.76 -6.89 45.36
C ILE A 7 62.98 -6.09 46.42
N ALA A 8 63.69 -5.24 47.16
CA ALA A 8 63.05 -4.46 48.21
C ALA A 8 62.44 -3.18 47.68
N ASN A 9 62.59 -2.95 46.37
CA ASN A 9 62.08 -1.74 45.74
C ASN A 9 60.92 -1.98 44.74
N ARG A 10 60.63 -0.96 43.94
CA ARG A 10 59.54 -1.02 42.97
C ARG A 10 59.84 -0.19 41.71
N GLY A 11 58.84 0.57 41.28
CA GLY A 11 58.97 1.42 40.12
C GLY A 11 59.89 0.96 39.00
N GLU A 12 60.53 1.92 38.35
CA GLU A 12 61.44 1.66 37.23
C GLU A 12 62.67 0.89 37.66
N ILE A 13 63.18 1.24 38.84
CA ILE A 13 64.37 0.62 39.38
C ILE A 13 64.19 -0.88 39.56
N ALA A 14 63.04 -1.27 40.11
CA ALA A 14 62.72 -2.68 40.35
C ALA A 14 62.87 -3.40 39.03
N CYS A 15 62.21 -2.88 38.01
CA CYS A 15 62.31 -3.47 36.70
C CYS A 15 63.78 -3.47 36.33
N ARG A 16 64.44 -2.33 36.53
CA ARG A 16 65.85 -2.19 36.20
C ARG A 16 66.67 -3.38 36.65
N VAL A 17 66.53 -3.76 37.90
CA VAL A 17 67.29 -4.88 38.43
C VAL A 17 66.74 -6.22 37.89
N ILE A 18 65.42 -6.39 38.03
CA ILE A 18 64.77 -7.61 37.58
C ILE A 18 65.17 -7.95 36.17
N LYS A 19 65.15 -6.95 35.30
CA LYS A 19 65.51 -7.17 33.90
C LYS A 19 66.93 -7.68 33.76
N THR A 20 67.74 -7.47 34.79
CA THR A 20 69.13 -7.92 34.79
C THR A 20 69.24 -9.31 35.42
N ALA A 21 68.59 -9.50 36.56
CA ALA A 21 68.61 -10.78 37.26
C ALA A 21 68.26 -11.92 36.29
N ARG A 22 67.06 -11.85 35.76
CA ARG A 22 66.55 -12.85 34.83
C ARG A 22 67.34 -12.92 33.52
N LYS A 23 68.11 -11.88 33.19
CA LYS A 23 68.89 -11.95 31.95
C LYS A 23 70.09 -12.85 32.18
N MET A 24 70.36 -13.14 33.45
CA MET A 24 71.45 -14.01 33.83
C MET A 24 70.85 -15.21 34.52
N GLY A 25 69.72 -15.70 33.99
CA GLY A 25 69.05 -16.85 34.57
C GLY A 25 69.11 -16.84 36.07
N ILE A 26 68.28 -16.01 36.69
CA ILE A 26 68.24 -15.92 38.14
C ILE A 26 66.77 -15.78 38.57
N SER A 27 66.29 -16.75 39.34
CA SER A 27 64.89 -16.72 39.82
C SER A 27 64.50 -15.35 40.36
N THR A 28 63.72 -14.60 39.60
CA THR A 28 63.34 -13.28 40.07
C THR A 28 62.14 -13.32 41.01
N VAL A 29 62.08 -12.36 41.92
CA VAL A 29 61.01 -12.27 42.89
C VAL A 29 60.75 -10.80 43.20
N ALA A 30 59.53 -10.44 43.57
CA ALA A 30 59.22 -9.06 43.88
C ALA A 30 58.21 -8.93 45.02
N ILE A 31 57.91 -7.70 45.41
CA ILE A 31 56.95 -7.42 46.47
C ILE A 31 56.14 -6.24 45.96
N TYR A 32 55.01 -5.96 46.59
CA TYR A 32 54.20 -4.85 46.13
C TYR A 32 53.11 -4.47 47.11
N SER A 33 52.85 -3.18 47.26
CA SER A 33 51.80 -2.74 48.16
C SER A 33 50.47 -3.03 47.50
N ASP A 34 49.42 -2.37 47.98
CA ASP A 34 48.09 -2.56 47.41
C ASP A 34 48.01 -1.79 46.10
N ALA A 35 48.15 -0.46 46.20
CA ALA A 35 48.11 0.42 45.03
C ALA A 35 49.37 0.19 44.19
N ASP A 36 49.65 -1.08 43.92
CA ASP A 36 50.83 -1.47 43.16
C ASP A 36 50.72 -2.91 42.67
N LYS A 37 49.49 -3.44 42.64
CA LYS A 37 49.26 -4.81 42.16
C LYS A 37 49.42 -4.81 40.65
N GLN A 38 49.23 -3.63 40.07
CA GLN A 38 49.35 -3.41 38.63
C GLN A 38 50.83 -3.31 38.24
N ALA A 39 51.51 -2.33 38.83
CA ALA A 39 52.94 -2.04 38.59
C ALA A 39 53.68 -3.03 37.71
N LEU A 40 54.39 -2.48 36.74
CA LEU A 40 55.13 -3.27 35.77
C LEU A 40 56.20 -4.20 36.35
N HIS A 41 56.74 -3.88 37.50
CA HIS A 41 57.77 -4.74 38.08
C HIS A 41 57.13 -6.04 38.57
N VAL A 42 55.95 -5.92 39.19
CA VAL A 42 55.22 -7.09 39.67
C VAL A 42 55.23 -8.16 38.59
N GLN A 43 54.61 -7.85 37.47
CA GLN A 43 54.50 -8.76 36.35
C GLN A 43 55.81 -9.16 35.68
N MET A 44 56.90 -8.45 35.98
CA MET A 44 58.19 -8.77 35.35
C MET A 44 58.92 -9.88 36.10
N ALA A 45 58.61 -10.00 37.39
CA ALA A 45 59.24 -11.01 38.22
C ALA A 45 58.59 -12.38 38.08
N ASP A 46 59.31 -13.42 38.52
CA ASP A 46 58.81 -14.79 38.45
C ASP A 46 57.97 -15.13 39.67
N GLU A 47 57.80 -14.16 40.57
CA GLU A 47 56.99 -14.34 41.78
C GLU A 47 56.68 -12.95 42.28
N ALA A 48 55.83 -12.87 43.30
CA ALA A 48 55.45 -11.59 43.87
C ALA A 48 54.64 -11.80 45.14
N VAL A 49 54.88 -10.99 46.15
CA VAL A 49 54.17 -11.12 47.41
C VAL A 49 53.65 -9.78 47.87
N HIS A 50 52.42 -9.74 48.37
CA HIS A 50 51.88 -8.48 48.85
C HIS A 50 52.81 -8.05 49.97
N ILE A 51 52.58 -6.86 50.50
CA ILE A 51 53.39 -6.35 51.60
C ILE A 51 52.61 -5.25 52.34
N GLY A 52 51.29 -5.29 52.25
CA GLY A 52 50.48 -4.31 52.94
C GLY A 52 49.87 -3.22 52.09
N PRO A 53 49.45 -2.10 52.70
CA PRO A 53 48.83 -0.93 52.09
C PRO A 53 49.74 -0.12 51.14
N PRO A 54 49.18 0.90 50.48
CA PRO A 54 49.96 1.72 49.56
C PRO A 54 51.17 2.47 50.15
N PRO A 55 51.03 3.07 51.34
CA PRO A 55 52.21 3.76 51.87
C PRO A 55 53.31 2.75 52.17
N ALA A 56 54.56 3.14 51.87
CA ALA A 56 55.70 2.25 52.10
C ALA A 56 56.10 2.17 53.57
N ASN A 57 55.70 3.18 54.34
CA ASN A 57 55.97 3.21 55.77
C ASN A 57 55.01 2.22 56.37
N GLN A 58 54.53 1.31 55.53
CA GLN A 58 53.58 0.28 55.90
C GLN A 58 53.67 -0.88 54.92
N SER A 59 54.65 -0.85 54.03
CA SER A 59 54.76 -1.92 53.04
C SER A 59 56.15 -2.14 52.46
N TYR A 60 56.77 -1.07 51.99
CA TYR A 60 58.08 -1.19 51.39
C TYR A 60 59.22 -0.94 52.35
N ILE A 61 58.94 -0.23 53.44
CA ILE A 61 59.97 0.05 54.43
C ILE A 61 59.90 -0.97 55.58
N VAL A 62 58.68 -1.37 55.98
CA VAL A 62 58.48 -2.35 57.08
C VAL A 62 59.38 -3.57 56.87
N ILE A 63 60.43 -3.67 57.67
CA ILE A 63 61.41 -4.76 57.56
C ILE A 63 60.84 -6.12 57.91
N ASP A 64 59.82 -6.14 58.77
CA ASP A 64 59.16 -7.38 59.19
C ASP A 64 58.54 -7.95 57.92
N LYS A 65 57.64 -7.15 57.34
CA LYS A 65 56.91 -7.47 56.12
C LYS A 65 57.88 -8.06 55.09
N VAL A 66 58.83 -7.23 54.67
CA VAL A 66 59.83 -7.62 53.70
C VAL A 66 60.40 -8.99 54.03
N MET A 67 61.05 -9.07 55.18
CA MET A 67 61.66 -10.30 55.65
C MET A 67 60.72 -11.51 55.53
N ALA A 68 59.58 -11.43 56.20
CA ALA A 68 58.59 -12.51 56.17
C ALA A 68 58.48 -13.11 54.78
N ALA A 69 58.53 -12.23 53.79
CA ALA A 69 58.43 -12.61 52.39
C ALA A 69 59.75 -13.10 51.82
N ILE A 70 60.86 -12.49 52.25
CA ILE A 70 62.18 -12.85 51.77
C ILE A 70 62.46 -14.31 52.03
N ARG A 71 61.93 -14.80 53.14
CA ARG A 71 62.06 -16.19 53.51
C ARG A 71 60.87 -16.89 52.86
N ALA A 72 59.70 -16.27 53.00
CA ALA A 72 58.48 -16.81 52.42
C ALA A 72 58.71 -17.25 50.99
N THR A 73 59.67 -16.63 50.30
CA THR A 73 59.99 -16.98 48.92
C THR A 73 61.41 -17.52 48.83
N GLY A 74 62.06 -17.60 49.98
CA GLY A 74 63.43 -18.10 50.02
C GLY A 74 64.41 -17.14 49.37
N ALA A 75 65.19 -16.45 50.20
CA ALA A 75 66.18 -15.48 49.74
C ALA A 75 67.36 -16.13 49.00
N GLN A 76 68.45 -15.37 48.89
CA GLN A 76 69.66 -15.81 48.20
C GLN A 76 70.47 -14.55 47.86
N ALA A 77 69.78 -13.43 47.81
CA ALA A 77 70.40 -12.14 47.49
C ALA A 77 69.33 -11.09 47.23
N VAL A 78 68.90 -10.40 48.27
CA VAL A 78 67.90 -9.36 48.10
C VAL A 78 68.60 -8.09 47.61
N HIS A 79 67.88 -7.27 46.85
CA HIS A 79 68.43 -6.03 46.33
C HIS A 79 67.50 -4.91 46.75
N PRO A 80 68.04 -3.78 47.21
CA PRO A 80 67.17 -2.68 47.64
C PRO A 80 66.95 -1.59 46.61
N GLY A 81 67.62 -1.71 45.47
CA GLY A 81 67.46 -0.69 44.46
C GLY A 81 68.06 0.57 45.02
N TYR A 82 67.22 1.46 45.53
CA TYR A 82 67.71 2.69 46.14
C TYR A 82 66.64 3.52 46.84
N GLY A 83 67.06 4.57 47.52
CA GLY A 83 66.13 5.45 48.22
C GLY A 83 65.12 4.85 49.20
N PHE A 84 65.28 3.56 49.52
CA PHE A 84 64.38 2.92 50.46
C PHE A 84 65.16 2.34 51.64
N LEU A 85 65.41 1.03 51.60
CA LEU A 85 66.17 0.38 52.64
C LEU A 85 67.57 0.09 52.09
N SER A 86 67.91 0.76 51.00
CA SER A 86 69.22 0.58 50.36
C SER A 86 70.31 1.05 51.33
N GLU A 87 69.90 1.88 52.28
CA GLU A 87 70.81 2.41 53.27
C GLU A 87 70.14 2.59 54.64
N ASN A 88 69.65 1.49 55.19
CA ASN A 88 69.04 1.50 56.51
C ASN A 88 69.54 0.26 57.22
N SER A 89 70.58 0.45 58.04
CA SER A 89 71.23 -0.63 58.78
C SER A 89 70.30 -1.73 59.34
N LYS A 90 69.28 -1.34 60.10
CA LYS A 90 68.37 -2.33 60.67
C LYS A 90 68.12 -3.48 59.71
N PHE A 91 67.70 -3.17 58.49
CA PHE A 91 67.41 -4.16 57.44
C PHE A 91 68.72 -4.83 56.98
N ALA A 92 69.82 -4.08 56.99
CA ALA A 92 71.12 -4.59 56.55
C ALA A 92 71.60 -5.74 57.43
N GLU A 93 71.27 -5.69 58.71
CA GLU A 93 71.69 -6.72 59.65
C GLU A 93 70.72 -7.90 59.66
N ALA A 94 69.43 -7.59 59.63
CA ALA A 94 68.39 -8.62 59.63
C ALA A 94 68.62 -9.60 58.49
N LEU A 95 69.28 -9.15 57.42
CA LEU A 95 69.57 -9.99 56.26
C LEU A 95 70.70 -10.95 56.56
N GLU A 96 71.76 -10.43 57.18
CA GLU A 96 72.93 -11.24 57.54
C GLU A 96 72.48 -12.25 58.59
N ALA A 97 71.50 -11.84 59.39
CA ALA A 97 70.92 -12.67 60.43
C ALA A 97 70.12 -13.78 59.74
N GLU A 98 70.37 -13.97 58.44
CA GLU A 98 69.69 -14.97 57.64
C GLU A 98 70.64 -15.55 56.59
N GLY A 99 71.54 -14.71 56.09
CA GLY A 99 72.46 -15.17 55.06
C GLY A 99 72.07 -14.57 53.72
N VAL A 100 71.04 -13.73 53.74
CA VAL A 100 70.57 -13.08 52.52
C VAL A 100 71.56 -11.97 52.16
N ILE A 101 72.39 -12.22 51.14
CA ILE A 101 73.39 -11.24 50.71
C ILE A 101 72.85 -9.88 50.21
N PHE A 102 72.69 -8.91 51.12
CA PHE A 102 72.22 -7.58 50.75
C PHE A 102 73.21 -7.03 49.71
N VAL A 103 72.95 -7.30 48.42
CA VAL A 103 73.85 -6.86 47.37
C VAL A 103 74.02 -5.34 47.42
N GLY A 104 75.24 -4.91 47.75
CA GLY A 104 75.52 -3.49 47.86
C GLY A 104 76.71 -3.19 48.76
N PRO A 105 76.58 -2.24 49.68
CA PRO A 105 77.69 -1.92 50.58
C PRO A 105 77.44 -2.50 51.98
N PRO A 106 78.52 -2.75 52.75
CA PRO A 106 78.44 -3.30 54.12
C PRO A 106 77.86 -2.29 55.10
N LYS A 107 76.89 -2.71 55.91
CA LYS A 107 76.23 -1.81 56.85
C LYS A 107 77.16 -0.86 57.61
N GLY A 108 78.46 -1.14 57.58
CA GLY A 108 79.42 -0.30 58.27
C GLY A 108 79.71 0.93 57.43
N ALA A 109 80.36 0.70 56.28
CA ALA A 109 80.69 1.77 55.35
C ALA A 109 79.47 2.64 55.08
N ILE A 110 78.28 2.06 55.22
CA ILE A 110 77.04 2.81 55.00
C ILE A 110 76.84 3.88 56.06
N GLU A 111 77.02 3.50 57.32
CA GLU A 111 76.88 4.45 58.42
C GLU A 111 78.08 5.39 58.41
N ALA A 112 79.16 4.92 57.80
CA ALA A 112 80.39 5.70 57.68
C ALA A 112 80.11 7.02 56.96
N MET A 113 79.82 6.91 55.66
CA MET A 113 79.54 8.10 54.86
C MET A 113 78.11 8.58 55.09
N GLY A 114 77.49 8.10 56.17
CA GLY A 114 76.14 8.52 56.48
C GLY A 114 76.12 9.83 57.23
N ASP A 115 77.18 10.08 58.00
CA ASP A 115 77.33 11.31 58.78
C ASP A 115 78.40 12.20 58.16
N LYS A 116 78.04 13.47 57.95
CA LYS A 116 78.95 14.45 57.36
C LYS A 116 80.33 14.49 58.02
N ILE A 117 80.33 14.87 59.30
CA ILE A 117 81.55 14.97 60.11
C ILE A 117 82.50 13.79 59.84
N THR A 118 82.03 12.61 60.21
CA THR A 118 82.79 11.39 60.02
C THR A 118 83.40 11.36 58.63
N SER A 119 82.55 11.50 57.61
CA SER A 119 82.96 11.47 56.21
C SER A 119 84.08 12.44 55.93
N LYS A 120 83.94 13.66 56.46
CA LYS A 120 84.95 14.70 56.28
C LYS A 120 86.33 14.14 56.59
N LYS A 121 86.47 13.55 57.77
CA LYS A 121 87.74 12.98 58.20
C LYS A 121 88.19 11.80 57.34
N ILE A 122 87.30 10.83 57.17
CA ILE A 122 87.61 9.63 56.38
C ILE A 122 88.18 9.89 54.98
N ALA A 123 88.03 11.12 54.50
CA ALA A 123 88.55 11.47 53.18
C ALA A 123 89.88 12.18 53.36
N GLN A 124 90.00 12.92 54.45
CA GLN A 124 91.21 13.66 54.76
C GLN A 124 92.47 12.80 54.62
N GLU A 125 92.75 11.98 55.63
CA GLU A 125 93.93 11.12 55.61
C GLU A 125 93.89 10.25 54.37
N ALA A 126 92.69 10.03 53.86
CA ALA A 126 92.53 9.22 52.65
C ALA A 126 93.12 10.05 51.52
N ASN A 127 93.62 11.23 51.89
CA ASN A 127 94.21 12.19 50.97
C ASN A 127 93.23 12.57 49.86
N VAL A 128 91.96 12.71 50.24
CA VAL A 128 90.90 13.07 49.29
C VAL A 128 90.67 14.57 49.31
N SER A 129 90.85 15.19 48.15
CA SER A 129 90.65 16.62 48.01
C SER A 129 89.40 17.06 48.77
N THR A 130 89.38 18.32 49.20
CA THR A 130 88.23 18.85 49.92
C THR A 130 88.29 20.36 49.88
N VAL A 131 87.11 20.99 49.81
CA VAL A 131 87.04 22.44 49.80
C VAL A 131 87.81 22.88 51.03
N PRO A 132 89.00 23.45 50.83
CA PRO A 132 89.81 23.90 51.96
C PRO A 132 89.00 24.64 53.03
N GLY A 133 89.59 24.81 54.20
CA GLY A 133 88.92 25.48 55.30
C GLY A 133 88.15 24.46 56.13
N VAL A 203 83.91 28.55 45.65
CA VAL A 203 84.07 27.94 44.32
C VAL A 203 83.51 28.81 43.19
N THR A 204 84.21 28.82 42.05
CA THR A 204 83.79 29.61 40.90
C THR A 204 82.59 28.96 40.24
N GLN A 205 82.72 28.54 38.99
CA GLN A 205 81.59 27.90 38.29
C GLN A 205 81.39 26.50 38.85
N PRO A 206 80.51 26.33 39.85
CA PRO A 206 80.27 25.01 40.41
C PRO A 206 79.61 24.03 39.43
N ARG A 207 80.30 22.92 39.19
CA ARG A 207 79.78 21.89 38.31
C ARG A 207 79.74 20.63 39.14
N HIS A 208 78.57 20.04 39.26
CA HIS A 208 78.40 18.81 40.02
C HIS A 208 78.89 17.67 39.12
N ILE A 209 80.06 17.12 39.42
CA ILE A 209 80.57 16.02 38.63
C ILE A 209 80.90 14.84 39.55
N GLU A 210 80.23 13.71 39.32
CA GLU A 210 80.41 12.51 40.15
C GLU A 210 81.13 11.35 39.44
N ILE A 211 81.70 10.45 40.25
CA ILE A 211 82.43 9.28 39.76
C ILE A 211 81.80 7.96 40.25
N GLN A 212 81.64 7.02 39.29
CA GLN A 212 81.04 5.70 39.56
C GLN A 212 82.17 4.72 39.76
N VAL A 213 82.24 4.18 40.98
CA VAL A 213 83.25 3.22 41.36
C VAL A 213 82.59 1.93 41.79
N LEU A 214 83.32 0.84 41.63
CA LEU A 214 82.86 -0.50 42.02
C LEU A 214 84.05 -1.32 42.55
N CYS A 215 83.84 -1.97 43.69
CA CYS A 215 84.90 -2.77 44.29
C CYS A 215 84.53 -4.27 44.29
N ASP A 216 84.33 -4.77 45.51
CA ASP A 216 83.96 -6.15 45.87
C ASP A 216 84.58 -6.38 47.25
N SER A 217 84.14 -7.41 47.98
CA SER A 217 84.71 -7.64 49.30
C SER A 217 86.06 -8.31 49.24
N HIS A 218 86.71 -8.23 48.08
CA HIS A 218 88.02 -8.85 47.87
C HIS A 218 89.10 -7.80 47.58
N GLY A 219 89.04 -6.67 48.27
CA GLY A 219 90.03 -5.63 48.09
C GLY A 219 90.10 -4.88 46.77
N ASN A 220 89.78 -5.53 45.65
CA ASN A 220 89.82 -4.85 44.35
C ASN A 220 88.78 -3.73 44.25
N GLY A 221 88.93 -2.88 43.24
CA GLY A 221 88.00 -1.78 43.05
C GLY A 221 88.43 -0.83 41.94
N ILE A 222 87.50 -0.43 41.09
CA ILE A 222 87.82 0.48 40.00
C ILE A 222 86.67 1.46 39.69
N TYR A 223 87.02 2.55 39.02
CA TYR A 223 86.03 3.55 38.64
C TYR A 223 85.67 3.39 37.15
N LEU A 224 84.47 3.80 36.76
CA LEU A 224 84.02 3.69 35.37
C LEU A 224 83.56 5.03 34.83
N GLY A 225 84.42 6.04 34.91
CA GLY A 225 84.08 7.37 34.41
C GLY A 225 83.29 8.26 35.38
N GLU A 226 82.93 9.45 34.89
CA GLU A 226 82.17 10.43 35.66
C GLU A 226 80.92 10.94 34.94
N ARG A 227 79.94 11.37 35.73
CA ARG A 227 78.70 11.87 35.18
C ARG A 227 78.47 13.27 35.71
N GLU A 228 78.11 14.20 34.81
CA GLU A 228 77.84 15.55 35.27
C GLU A 228 76.33 15.78 35.41
N CYS A 229 75.91 16.09 36.63
CA CYS A 229 74.52 16.36 36.94
C CYS A 229 74.42 17.78 37.46
N SER A 230 75.04 18.70 36.73
CA SER A 230 75.02 20.09 37.15
C SER A 230 73.62 20.64 37.03
N ILE A 231 72.97 20.29 35.94
CA ILE A 231 71.63 20.75 35.61
C ILE A 231 70.52 20.12 36.46
N GLN A 232 70.31 20.65 37.66
CA GLN A 232 69.27 20.13 38.55
C GLN A 232 68.47 21.27 39.15
N ARG A 233 67.17 21.07 39.27
CA ARG A 233 66.27 22.09 39.82
C ARG A 233 65.89 21.83 41.28
N ARG A 234 66.01 22.84 42.12
CA ARG A 234 65.66 22.68 43.53
C ARG A 234 66.40 21.46 44.05
N ASN A 235 67.58 21.22 43.52
CA ASN A 235 68.40 20.10 43.94
C ASN A 235 67.93 18.76 43.43
N GLN A 236 66.77 18.71 42.78
CA GLN A 236 66.30 17.45 42.22
C GLN A 236 66.94 17.37 40.82
N LYS A 237 67.75 16.33 40.59
CA LYS A 237 68.43 16.17 39.31
C LYS A 237 67.42 16.09 38.16
N VAL A 238 67.76 16.76 37.07
CA VAL A 238 66.91 16.80 35.88
C VAL A 238 67.56 16.13 34.69
N VAL A 239 68.79 16.55 34.41
CA VAL A 239 69.56 16.03 33.29
C VAL A 239 70.95 15.60 33.71
N GLU A 240 71.30 14.37 33.37
CA GLU A 240 72.62 13.83 33.66
C GLU A 240 73.28 13.44 32.35
N GLU A 241 74.59 13.59 32.28
CA GLU A 241 75.33 13.19 31.09
C GLU A 241 76.65 12.54 31.50
N ALA A 242 77.21 11.76 30.56
CA ALA A 242 78.47 11.06 30.74
C ALA A 242 79.15 10.91 29.36
N PRO A 243 80.44 11.28 29.27
CA PRO A 243 81.28 11.82 30.34
C PRO A 243 80.92 13.28 30.63
N SER A 244 81.85 14.04 31.20
CA SER A 244 81.59 15.45 31.51
C SER A 244 82.27 16.27 30.44
N PRO A 245 81.53 17.19 29.79
CA PRO A 245 81.99 18.08 28.71
C PRO A 245 83.08 19.04 29.12
N PHE A 246 83.39 19.01 30.41
CA PHE A 246 84.37 19.90 30.99
C PHE A 246 85.74 19.27 31.23
N LEU A 247 85.84 18.50 32.31
CA LEU A 247 87.09 17.89 32.66
C LEU A 247 87.66 16.98 31.58
N ASP A 248 88.97 17.13 31.38
CA ASP A 248 89.77 16.38 30.41
C ASP A 248 90.35 15.10 31.01
N GLU A 249 91.12 14.38 30.20
CA GLU A 249 91.72 13.11 30.59
C GLU A 249 92.47 13.05 31.92
N ALA A 250 93.46 13.93 32.07
CA ALA A 250 94.27 13.97 33.28
C ALA A 250 93.41 14.22 34.51
N THR A 251 92.71 15.35 34.52
CA THR A 251 91.85 15.71 35.64
C THR A 251 90.77 14.65 35.89
N ARG A 252 90.42 13.91 34.82
CA ARG A 252 89.43 12.86 34.93
C ARG A 252 90.03 11.72 35.78
N ARG A 253 91.14 11.16 35.33
CA ARG A 253 91.80 10.09 36.07
C ARG A 253 92.13 10.61 37.46
N ALA A 254 92.43 11.91 37.53
CA ALA A 254 92.73 12.55 38.79
C ALA A 254 91.57 12.26 39.74
N MET A 255 90.38 12.67 39.32
CA MET A 255 89.16 12.48 40.11
C MET A 255 88.91 10.99 40.27
N GLY A 256 89.09 10.27 39.17
CA GLY A 256 88.88 8.83 39.15
C GLY A 256 89.78 8.01 40.05
N GLU A 257 91.10 8.23 39.94
CA GLU A 257 92.08 7.51 40.75
C GLU A 257 91.84 7.81 42.23
N GLN A 258 91.63 9.09 42.52
CA GLN A 258 91.38 9.51 43.88
C GLN A 258 90.03 9.02 44.36
N ALA A 259 89.08 8.92 43.44
CA ALA A 259 87.76 8.46 43.80
C ALA A 259 87.88 7.06 44.39
N VAL A 260 88.29 6.11 43.53
CA VAL A 260 88.45 4.71 43.93
C VAL A 260 89.35 4.53 45.15
N ALA A 261 90.39 5.34 45.25
CA ALA A 261 91.29 5.26 46.38
C ALA A 261 90.41 5.47 47.61
N LEU A 262 89.66 6.57 47.62
CA LEU A 262 88.78 6.88 48.73
C LEU A 262 87.91 5.66 48.99
N ALA A 263 87.56 4.96 47.92
CA ALA A 263 86.71 3.78 48.00
C ALA A 263 87.18 2.80 49.06
N LYS A 264 88.23 2.07 48.72
CA LYS A 264 88.82 1.09 49.61
C LYS A 264 88.92 1.65 51.02
N ALA A 265 89.52 2.82 51.13
CA ALA A 265 89.70 3.51 52.40
C ALA A 265 88.55 3.36 53.40
N VAL A 266 87.36 3.05 52.92
CA VAL A 266 86.21 2.90 53.80
C VAL A 266 85.66 1.48 53.78
N GLY A 267 86.26 0.66 52.92
CA GLY A 267 85.83 -0.72 52.82
C GLY A 267 84.50 -0.84 52.10
N TYR A 268 84.41 -0.21 50.93
CA TYR A 268 83.19 -0.26 50.13
C TYR A 268 83.24 -1.49 49.24
N ALA A 269 82.11 -2.19 49.15
CA ALA A 269 82.01 -3.41 48.37
C ALA A 269 81.44 -3.25 46.97
N SER A 270 80.12 -3.18 46.85
CA SER A 270 79.45 -3.06 45.54
C SER A 270 79.88 -1.87 44.69
N ALA A 271 78.90 -1.23 44.07
CA ALA A 271 79.16 -0.06 43.26
C ALA A 271 78.65 1.10 44.09
N GLY A 272 79.30 2.25 43.99
CA GLY A 272 78.90 3.42 44.75
C GLY A 272 79.35 4.66 44.00
N THR A 273 78.86 5.82 44.43
CA THR A 273 79.21 7.05 43.73
C THR A 273 79.87 8.11 44.61
N VAL A 274 80.89 8.77 44.07
CA VAL A 274 81.61 9.83 44.78
C VAL A 274 81.37 11.18 44.10
N GLU A 275 80.61 12.03 44.78
CA GLU A 275 80.26 13.35 44.26
C GLU A 275 81.29 14.45 44.54
N PHE A 276 81.77 15.07 43.48
CA PHE A 276 82.76 16.15 43.55
C PHE A 276 82.13 17.48 43.15
N ILE A 277 82.84 18.58 43.41
CA ILE A 277 82.36 19.90 43.02
C ILE A 277 83.46 20.63 42.29
N VAL A 278 83.70 20.24 41.04
CA VAL A 278 84.71 20.89 40.21
C VAL A 278 84.38 22.36 40.06
N ASP A 279 85.38 23.20 39.83
CA ASP A 279 85.15 24.63 39.65
C ASP A 279 85.62 25.09 38.29
N GLY A 280 85.88 26.40 38.19
CA GLY A 280 86.30 26.97 36.92
C GLY A 280 87.66 26.57 36.43
N GLN A 281 88.52 26.11 37.33
CA GLN A 281 89.88 25.74 36.94
C GLN A 281 90.12 24.24 36.96
N LYS A 282 89.04 23.45 36.96
CA LYS A 282 89.16 21.99 37.01
C LYS A 282 89.64 21.59 38.39
N ASN A 283 89.46 22.49 39.34
CA ASN A 283 89.85 22.23 40.70
C ASN A 283 88.72 21.44 41.30
N PHE A 284 88.95 20.16 41.53
CA PHE A 284 87.87 19.36 42.08
C PHE A 284 87.98 19.14 43.57
N TYR A 285 86.84 19.02 44.23
CA TYR A 285 86.79 18.78 45.65
C TYR A 285 85.97 17.53 45.96
N PHE A 286 85.23 17.51 47.05
CA PHE A 286 84.47 16.32 47.37
C PHE A 286 83.34 16.68 48.32
N LEU A 287 82.11 16.49 47.87
CA LEU A 287 80.95 16.80 48.72
C LEU A 287 80.56 15.58 49.53
N GLU A 288 80.45 14.43 48.86
CA GLU A 288 80.10 13.20 49.58
C GLU A 288 80.00 11.94 48.74
N MET A 289 79.78 10.83 49.42
CA MET A 289 79.64 9.54 48.75
C MET A 289 78.32 8.89 49.11
N ASN A 290 77.65 8.37 48.08
CA ASN A 290 76.37 7.70 48.22
C ASN A 290 76.60 6.23 48.09
N THR A 291 76.37 5.52 49.18
CA THR A 291 76.55 4.09 49.22
C THR A 291 75.31 3.40 48.69
N ARG A 292 75.20 3.35 47.36
CA ARG A 292 74.07 2.71 46.68
C ARG A 292 74.18 2.87 45.19
N LEU A 293 73.18 2.37 44.48
CA LEU A 293 73.17 2.50 43.03
C LEU A 293 72.46 3.81 42.73
N GLN A 294 73.08 4.61 41.87
CA GLN A 294 72.56 5.91 41.49
C GLN A 294 71.55 5.82 40.37
N VAL A 295 70.48 6.58 40.49
CA VAL A 295 69.43 6.61 39.49
C VAL A 295 69.99 6.89 38.10
N GLU A 296 70.96 7.81 38.06
CA GLU A 296 71.58 8.22 36.82
C GLU A 296 72.68 7.32 36.30
N HIS A 297 72.77 6.11 36.81
CA HIS A 297 73.83 5.24 36.34
C HIS A 297 73.74 4.87 34.87
N PRO A 298 72.51 4.75 34.31
CA PRO A 298 72.40 4.39 32.89
C PRO A 298 73.40 5.05 31.99
N VAL A 299 73.68 6.32 32.28
CA VAL A 299 74.61 7.12 31.48
C VAL A 299 76.00 6.52 31.47
N THR A 300 76.43 6.08 32.66
CA THR A 300 77.73 5.46 32.84
C THR A 300 77.77 4.22 31.95
N GLU A 301 76.75 3.38 32.11
CA GLU A 301 76.62 2.13 31.36
C GLU A 301 76.65 2.25 29.84
N LEU A 302 76.15 3.34 29.29
CA LEU A 302 76.13 3.51 27.83
C LEU A 302 77.43 3.96 27.18
N ILE A 303 78.51 4.06 27.95
CA ILE A 303 79.80 4.50 27.41
C ILE A 303 80.88 3.58 27.93
N THR A 304 80.60 2.96 29.08
CA THR A 304 81.55 2.04 29.68
C THR A 304 81.36 0.63 29.11
N GLY A 305 80.10 0.26 28.87
CA GLY A 305 79.78 -1.07 28.37
C GLY A 305 79.67 -2.05 29.55
N VAL A 306 79.04 -1.60 30.64
CA VAL A 306 78.92 -2.39 31.85
C VAL A 306 77.50 -2.34 32.39
N ASP A 307 77.15 -3.33 33.21
CA ASP A 307 75.85 -3.37 33.84
C ASP A 307 76.10 -3.36 35.34
N LEU A 308 76.10 -2.16 35.91
CA LEU A 308 76.30 -2.02 37.34
C LEU A 308 75.42 -2.97 38.15
N VAL A 309 74.24 -3.29 37.65
CA VAL A 309 73.36 -4.18 38.38
C VAL A 309 73.93 -5.59 38.27
N GLU A 310 74.56 -5.90 37.14
CA GLU A 310 75.16 -7.21 36.99
C GLU A 310 76.31 -7.34 37.99
N GLN A 311 77.40 -6.62 37.72
CA GLN A 311 78.57 -6.64 38.59
C GLN A 311 78.12 -6.56 40.04
N MET A 312 77.12 -5.73 40.31
CA MET A 312 76.63 -5.56 41.68
C MET A 312 76.31 -6.88 42.37
N ILE A 313 75.62 -7.78 41.66
CA ILE A 313 75.27 -9.07 42.25
C ILE A 313 76.51 -9.98 42.23
N ARG A 314 77.21 -10.01 41.10
CA ARG A 314 78.42 -10.81 40.95
C ARG A 314 79.27 -10.70 42.22
N VAL A 315 79.68 -9.48 42.53
CA VAL A 315 80.50 -9.18 43.70
C VAL A 315 79.78 -9.41 45.02
N ALA A 316 78.52 -8.99 45.12
CA ALA A 316 77.76 -9.20 46.34
C ALA A 316 77.74 -10.70 46.57
N ALA A 317 78.23 -11.43 45.56
CA ALA A 317 78.35 -12.89 45.59
C ALA A 317 79.82 -13.26 45.46
N GLY A 318 80.63 -12.87 46.46
CA GLY A 318 82.05 -13.15 46.46
C GLY A 318 82.58 -13.40 45.05
N GLU A 319 83.04 -12.35 44.40
CA GLU A 319 83.54 -12.50 43.04
C GLU A 319 84.53 -11.40 42.69
N PRO A 320 85.44 -11.66 41.72
CA PRO A 320 86.46 -10.72 41.27
C PRO A 320 85.90 -9.83 40.16
N LEU A 321 86.70 -8.91 39.66
CA LEU A 321 86.22 -8.08 38.59
C LEU A 321 86.84 -8.58 37.30
N SER A 322 86.01 -8.99 36.35
CA SER A 322 86.49 -9.50 35.07
C SER A 322 87.38 -8.51 34.30
N ILE A 323 87.29 -7.22 34.63
CA ILE A 323 88.10 -6.21 33.96
C ILE A 323 88.83 -5.28 34.92
N THR A 324 90.03 -4.87 34.51
CA THR A 324 90.87 -3.98 35.31
C THR A 324 90.67 -2.56 34.82
N GLN A 325 91.37 -1.62 35.47
CA GLN A 325 91.29 -0.21 35.10
C GLN A 325 91.79 0.04 33.67
N GLY A 326 92.80 -0.71 33.23
CA GLY A 326 93.30 -0.51 31.89
C GLY A 326 92.26 -0.88 30.85
N ASP A 327 91.35 -1.76 31.26
CA ASP A 327 90.28 -2.24 30.39
C ASP A 327 89.11 -1.27 30.32
N VAL A 328 88.57 -0.88 31.48
CA VAL A 328 87.42 0.03 31.57
C VAL A 328 87.53 1.23 30.63
N LYS A 329 87.07 1.06 29.40
CA LYS A 329 87.13 2.14 28.43
C LYS A 329 85.80 2.88 28.36
N LEU A 330 85.84 4.18 28.09
CA LEU A 330 84.65 5.01 28.00
C LEU A 330 84.47 5.49 26.58
N THR A 331 83.59 4.83 25.83
CA THR A 331 83.36 5.18 24.43
C THR A 331 82.15 6.09 24.22
N GLY A 332 82.23 6.94 23.20
CA GLY A 332 81.16 7.87 22.84
C GLY A 332 80.43 8.61 23.95
N TRP A 333 79.32 9.29 23.62
CA TRP A 333 78.55 10.02 24.64
C TRP A 333 77.17 9.49 25.04
N ALA A 334 76.66 9.97 26.18
CA ALA A 334 75.36 9.54 26.71
C ALA A 334 74.61 10.64 27.47
N ILE A 335 73.33 10.86 27.18
CA ILE A 335 72.53 11.86 27.89
C ILE A 335 71.30 11.21 28.53
N GLU A 336 70.97 11.60 29.76
CA GLU A 336 69.79 11.02 30.40
C GLU A 336 68.83 12.04 30.97
N ASN A 337 67.60 12.05 30.49
CA ASN A 337 66.61 13.00 31.02
C ASN A 337 65.67 12.24 31.93
N ARG A 338 65.00 12.96 32.81
CA ARG A 338 64.06 12.31 33.69
C ARG A 338 62.67 12.79 33.39
N LEU A 339 61.79 11.87 33.01
CA LEU A 339 60.44 12.23 32.73
C LEU A 339 59.68 12.23 34.04
N TYR A 340 59.42 13.42 34.58
CA TYR A 340 58.70 13.56 35.84
C TYR A 340 57.25 13.94 35.61
N ALA A 341 56.36 13.34 36.39
CA ALA A 341 54.94 13.67 36.32
C ALA A 341 54.73 14.99 37.08
N GLU A 342 55.30 16.07 36.57
CA GLU A 342 55.18 17.37 37.19
C GLU A 342 54.84 18.31 36.05
N ASP A 343 54.09 19.36 36.33
CA ASP A 343 53.68 20.29 35.29
C ASP A 343 54.49 21.59 35.24
N PRO A 344 55.48 21.65 34.35
CA PRO A 344 56.33 22.82 34.18
C PRO A 344 55.55 24.11 34.11
N TYR A 345 54.44 24.07 33.39
CA TYR A 345 53.61 25.24 33.20
C TYR A 345 53.00 25.83 34.46
N ARG A 346 52.86 24.98 35.48
CA ARG A 346 52.30 25.41 36.76
C ARG A 346 53.28 25.06 37.86
N GLY A 347 54.39 25.82 37.89
CA GLY A 347 55.43 25.64 38.89
C GLY A 347 55.69 24.21 39.30
N PHE A 348 56.00 23.39 38.31
CA PHE A 348 56.30 22.00 38.54
C PHE A 348 55.46 21.32 39.64
N LEU A 349 54.18 21.65 39.69
CA LEU A 349 53.28 21.03 40.66
C LEU A 349 53.24 19.56 40.31
N PRO A 350 53.27 18.65 41.31
CA PRO A 350 53.20 17.24 40.96
C PRO A 350 51.91 17.00 40.22
N SER A 351 51.86 15.89 39.50
CA SER A 351 50.67 15.55 38.75
C SER A 351 50.23 14.19 39.22
N ILE A 352 48.94 14.02 39.37
CA ILE A 352 48.43 12.76 39.83
C ILE A 352 47.34 12.26 38.88
N GLY A 353 47.42 10.98 38.52
CA GLY A 353 46.39 10.49 37.62
C GLY A 353 46.79 9.29 36.79
N ARG A 354 45.86 8.87 35.92
CA ARG A 354 46.04 7.73 35.07
C ARG A 354 46.63 8.10 33.74
N LEU A 355 47.41 7.17 33.20
CA LEU A 355 48.07 7.39 31.93
C LEU A 355 47.29 6.88 30.76
N THR A 356 46.63 7.82 30.09
CA THR A 356 45.83 7.54 28.92
C THR A 356 46.74 7.02 27.80
N ARG A 357 47.51 7.90 27.17
CA ARG A 357 48.46 7.51 26.12
C ARG A 357 49.79 7.50 26.88
N TYR A 358 50.64 6.53 26.56
CA TYR A 358 51.97 6.41 27.12
C TYR A 358 52.71 5.68 26.02
N ARG A 359 53.43 6.44 25.20
CA ARG A 359 54.16 5.89 24.06
C ARG A 359 55.61 6.38 23.93
N PRO A 360 56.59 5.59 24.38
CA PRO A 360 57.99 6.04 24.25
C PRO A 360 58.59 5.48 22.95
N PRO A 361 59.84 5.86 22.61
CA PRO A 361 60.61 5.44 21.42
C PRO A 361 61.18 3.99 21.54
N ALA A 362 62.28 3.61 20.90
CA ALA A 362 62.70 2.20 21.08
C ALA A 362 64.14 1.62 20.91
N GLU A 363 64.86 2.07 19.88
CA GLU A 363 66.23 1.59 19.54
C GLU A 363 67.20 1.37 20.68
N ALA A 384 73.23 5.25 16.77
CA ALA A 384 72.74 6.11 17.87
C ALA A 384 71.60 5.47 18.69
N ALA A 385 71.94 4.95 19.88
CA ALA A 385 71.00 4.27 20.77
C ALA A 385 69.93 5.10 21.48
N VAL A 386 68.86 4.42 21.91
CA VAL A 386 67.74 5.02 22.67
C VAL A 386 67.30 4.02 23.72
N ARG A 387 67.40 4.40 24.99
CA ARG A 387 67.03 3.52 26.07
C ARG A 387 66.01 4.18 27.00
N ASN A 388 64.99 3.45 27.38
CA ASN A 388 63.96 4.01 28.25
C ASN A 388 63.70 3.12 29.45
N ASP A 389 64.14 3.52 30.63
CA ASP A 389 63.87 2.72 31.82
C ASP A 389 62.59 3.29 32.39
N THR A 390 61.54 2.47 32.44
CA THR A 390 60.24 2.91 32.96
C THR A 390 59.67 1.91 33.92
N GLY A 391 58.86 2.42 34.84
CA GLY A 391 58.21 1.54 35.79
C GLY A 391 56.72 1.69 35.55
N VAL A 392 56.38 2.27 34.41
CA VAL A 392 55.01 2.49 34.11
C VAL A 392 54.62 1.99 32.73
N TYR A 393 53.32 1.95 32.46
CA TYR A 393 52.76 1.52 31.17
C TYR A 393 51.49 2.32 30.86
N GLU A 394 50.94 2.12 29.67
CA GLU A 394 49.75 2.84 29.30
C GLU A 394 48.57 2.18 29.99
N GLY A 395 47.76 2.96 30.66
CA GLY A 395 46.63 2.39 31.37
C GLY A 395 46.94 2.36 32.86
N GLY A 396 48.20 2.58 33.19
CA GLY A 396 48.61 2.60 34.59
C GLY A 396 48.32 3.96 35.20
N GLU A 397 48.47 4.03 36.53
CA GLU A 397 48.21 5.29 37.21
C GLU A 397 49.38 5.69 38.09
N ILE A 398 49.55 7.01 38.26
CA ILE A 398 50.59 7.58 39.08
C ILE A 398 49.92 8.03 40.38
N SER A 399 50.10 7.19 41.41
CA SER A 399 49.53 7.38 42.76
C SER A 399 50.34 8.28 43.66
N MET A 400 49.64 9.00 44.52
CA MET A 400 50.27 9.95 45.45
C MET A 400 51.29 9.30 46.38
N TYR A 401 51.20 7.98 46.49
CA TYR A 401 52.06 7.20 47.37
C TYR A 401 53.49 6.92 46.93
N TYR A 402 53.99 7.64 45.92
CA TYR A 402 55.37 7.40 45.44
C TYR A 402 56.03 8.55 44.65
N ASP A 403 57.21 8.27 44.12
CA ASP A 403 58.00 9.24 43.37
C ASP A 403 57.40 9.51 42.01
N PRO A 404 57.18 10.78 41.68
CA PRO A 404 56.61 11.27 40.42
C PRO A 404 57.40 10.98 39.14
N MET A 405 58.49 10.21 39.26
CA MET A 405 59.27 9.90 38.08
C MET A 405 58.49 8.90 37.28
N ILE A 406 58.43 9.08 35.97
CA ILE A 406 57.70 8.13 35.13
C ILE A 406 58.69 7.36 34.26
N ALA A 407 59.81 8.00 33.90
CA ALA A 407 60.80 7.32 33.06
C ALA A 407 62.14 8.05 32.97
N LYS A 408 63.17 7.30 32.60
CA LYS A 408 64.53 7.80 32.40
C LYS A 408 64.76 7.59 30.92
N LEU A 409 64.86 8.67 30.14
CA LEU A 409 65.06 8.57 28.69
C LEU A 409 66.51 8.77 28.35
N CYS A 410 67.23 7.69 28.17
CA CYS A 410 68.64 7.80 27.90
C CYS A 410 68.95 7.58 26.46
N THR A 411 69.97 8.27 25.97
CA THR A 411 70.42 8.08 24.60
C THR A 411 71.93 8.03 24.67
N TRP A 412 72.57 7.72 23.55
CA TRP A 412 74.00 7.64 23.49
C TRP A 412 74.39 7.63 22.02
N ALA A 413 75.65 7.91 21.73
CA ALA A 413 76.13 7.92 20.35
C ALA A 413 77.65 8.03 20.29
N PRO A 414 78.21 8.42 19.13
CA PRO A 414 79.66 8.52 19.19
C PRO A 414 79.96 9.84 19.88
N THR A 415 79.66 10.94 19.17
CA THR A 415 79.85 12.31 19.64
C THR A 415 78.73 12.79 20.58
N ARG A 416 79.03 13.77 21.43
CA ARG A 416 78.04 14.31 22.35
C ARG A 416 76.94 14.95 21.52
N ALA A 417 77.32 15.84 20.62
CA ALA A 417 76.34 16.50 19.77
C ALA A 417 75.33 15.48 19.23
N ALA A 418 75.82 14.26 18.99
CA ALA A 418 75.01 13.18 18.46
C ALA A 418 73.96 12.75 19.45
N ALA A 419 74.40 12.39 20.64
CA ALA A 419 73.50 11.94 21.70
C ALA A 419 72.44 12.99 22.04
N ILE A 420 72.85 14.26 22.05
CA ILE A 420 71.92 15.34 22.36
C ILE A 420 70.87 15.34 21.28
N GLU A 421 71.25 14.85 20.11
CA GLU A 421 70.31 14.82 18.99
C GLU A 421 69.34 13.66 19.08
N ALA A 422 69.86 12.44 19.26
CA ALA A 422 69.00 11.28 19.38
C ALA A 422 67.93 11.60 20.43
N MET A 423 68.37 12.25 21.49
CA MET A 423 67.54 12.67 22.61
C MET A 423 66.47 13.61 22.15
N ARG A 424 66.90 14.66 21.46
CA ARG A 424 65.96 15.65 20.96
C ARG A 424 64.92 14.98 20.08
N ILE A 425 65.32 14.00 19.28
CA ILE A 425 64.36 13.30 18.43
C ILE A 425 63.54 12.43 19.36
N ALA A 426 64.27 11.66 20.18
CA ALA A 426 63.69 10.74 21.17
C ALA A 426 62.48 11.34 21.85
N LEU A 427 62.68 12.48 22.49
CA LEU A 427 61.63 13.20 23.19
C LEU A 427 60.45 13.52 22.28
N ASP A 428 60.74 14.09 21.11
CA ASP A 428 59.70 14.46 20.12
C ASP A 428 58.66 13.38 19.88
N SER A 429 59.07 12.14 20.05
CA SER A 429 58.18 11.05 19.83
C SER A 429 57.62 10.48 21.11
N PHE A 430 58.13 10.92 22.25
CA PHE A 430 57.59 10.42 23.49
C PHE A 430 56.21 11.03 23.62
N GLU A 431 55.19 10.18 23.71
CA GLU A 431 53.79 10.60 23.86
C GLU A 431 53.23 10.31 25.27
N VAL A 432 52.75 11.33 25.96
CA VAL A 432 52.18 11.13 27.30
C VAL A 432 50.92 11.94 27.43
N GLU A 433 49.88 11.26 27.90
CA GLU A 433 48.57 11.87 28.08
C GLU A 433 47.88 11.40 29.34
N GLY A 434 47.24 12.33 30.04
CA GLY A 434 46.54 11.97 31.25
C GLY A 434 47.11 12.64 32.48
N ILE A 435 48.37 13.04 32.42
CA ILE A 435 49.03 13.69 33.53
C ILE A 435 49.80 14.89 33.03
N GLY A 436 50.23 15.72 33.95
CA GLY A 436 51.03 16.86 33.57
C GLY A 436 52.44 16.32 33.65
N HIS A 437 53.30 16.71 32.72
CA HIS A 437 54.67 16.23 32.71
C HIS A 437 55.66 17.28 32.20
N ASN A 438 56.93 16.99 32.39
CA ASN A 438 57.97 17.92 31.99
C ASN A 438 58.53 17.69 30.60
N LEU A 439 57.92 16.82 29.82
CA LEU A 439 58.44 16.55 28.48
C LEU A 439 58.80 17.83 27.72
N PRO A 440 57.88 18.81 27.68
CA PRO A 440 58.24 20.02 26.95
C PRO A 440 59.44 20.74 27.57
N PHE A 441 59.50 20.74 28.90
CA PHE A 441 60.59 21.42 29.61
C PHE A 441 61.92 20.77 29.24
N LEU A 442 61.97 19.44 29.33
CA LEU A 442 63.19 18.75 28.98
C LEU A 442 63.60 19.17 27.57
N SER A 443 62.68 19.00 26.61
CA SER A 443 62.94 19.40 25.22
C SER A 443 63.56 20.81 25.19
N ALA A 444 63.04 21.68 26.03
CA ALA A 444 63.51 23.06 26.09
C ALA A 444 64.99 23.17 26.41
N VAL A 445 65.43 22.51 27.48
CA VAL A 445 66.84 22.61 27.87
C VAL A 445 67.76 21.94 26.89
N MET A 446 67.28 20.90 26.24
CA MET A 446 68.07 20.17 25.24
C MET A 446 68.39 21.13 24.09
N ASP A 447 67.54 22.13 23.94
CA ASP A 447 67.71 23.11 22.89
C ASP A 447 68.40 24.38 23.41
N HIS A 448 68.54 24.46 24.72
CA HIS A 448 69.18 25.61 25.35
C HIS A 448 70.68 25.70 25.01
N PRO A 449 71.09 26.80 24.34
CA PRO A 449 72.50 26.99 23.97
C PRO A 449 73.52 26.61 25.03
N LYS A 450 73.38 27.14 26.22
CA LYS A 450 74.30 26.81 27.28
C LYS A 450 74.44 25.31 27.49
N PHE A 451 73.37 24.55 27.28
CA PHE A 451 73.47 23.10 27.48
C PHE A 451 74.28 22.56 26.31
N ILE A 452 74.05 23.20 25.18
CA ILE A 452 74.71 22.85 23.93
C ILE A 452 76.20 23.14 23.97
N SER A 453 76.58 24.26 24.58
CA SER A 453 77.99 24.64 24.69
C SER A 453 78.66 23.92 25.85
N GLY A 454 77.86 23.33 26.72
CA GLY A 454 78.41 22.63 27.86
C GLY A 454 78.77 23.59 28.98
N ASP A 455 78.83 24.88 28.66
CA ASP A 455 79.16 25.87 29.67
C ASP A 455 77.95 25.99 30.61
N MET A 456 77.87 25.11 31.59
CA MET A 456 76.74 25.11 32.52
C MET A 456 77.29 25.02 33.93
N THR A 457 76.57 25.55 34.89
CA THR A 457 76.98 25.52 36.29
C THR A 457 75.89 24.81 37.06
N THR A 458 75.93 24.82 38.38
CA THR A 458 74.88 24.15 39.15
C THR A 458 73.72 25.11 39.41
N ALA A 459 73.85 26.34 38.94
CA ALA A 459 72.80 27.33 39.13
C ALA A 459 72.07 27.53 37.81
N PHE A 460 72.56 26.86 36.77
CA PHE A 460 72.01 26.90 35.40
C PHE A 460 70.49 26.95 35.36
N ILE A 461 69.89 25.95 35.99
CA ILE A 461 68.45 25.85 36.06
C ILE A 461 67.83 27.12 36.63
N ALA A 462 68.42 27.59 37.72
CA ALA A 462 67.96 28.78 38.42
C ALA A 462 68.23 30.06 37.67
N GLU A 463 69.32 30.07 36.92
CA GLU A 463 69.68 31.24 36.17
C GLU A 463 68.86 31.38 34.92
N GLU A 464 68.83 30.31 34.14
CA GLU A 464 68.11 30.30 32.88
C GLU A 464 66.59 30.24 32.93
N TYR A 465 66.04 29.63 33.98
CA TYR A 465 64.57 29.53 34.12
C TYR A 465 64.13 30.13 35.46
N PRO A 466 64.43 31.43 35.70
CA PRO A 466 64.08 32.12 36.94
C PRO A 466 62.60 32.26 37.18
N GLU A 467 61.83 32.23 36.11
CA GLU A 467 60.38 32.37 36.19
C GLU A 467 59.64 31.05 35.91
N GLY A 468 60.29 29.92 36.19
CA GLY A 468 59.67 28.63 35.92
C GLY A 468 59.81 28.40 34.43
N PHE A 469 59.04 27.48 33.85
CA PHE A 469 59.12 27.22 32.42
C PHE A 469 58.20 28.13 31.64
N GLU A 470 58.76 29.18 31.04
CA GLU A 470 57.98 30.14 30.28
C GLU A 470 57.57 29.69 28.88
N GLY A 471 57.63 28.40 28.60
CA GLY A 471 57.25 27.94 27.28
C GLY A 471 58.39 28.13 26.31
N VAL A 472 58.28 27.49 25.15
CA VAL A 472 59.28 27.57 24.11
C VAL A 472 58.65 28.12 22.86
N ASN A 473 59.37 28.91 22.08
CA ASN A 473 58.78 29.40 20.85
C ASN A 473 59.74 29.35 19.64
N LEU A 474 59.26 28.69 18.60
CA LEU A 474 60.04 28.48 17.40
C LEU A 474 60.49 29.69 16.62
N PRO A 475 61.67 29.57 16.01
CA PRO A 475 62.35 30.56 15.18
C PRO A 475 61.82 30.41 13.76
N GLU A 476 61.78 31.52 13.04
CA GLU A 476 61.29 31.52 11.67
C GLU A 476 61.44 30.20 10.90
N THR A 477 62.68 29.81 10.62
CA THR A 477 62.94 28.59 9.87
C THR A 477 62.30 27.34 10.48
N ASP A 478 61.78 27.49 11.69
CA ASP A 478 61.10 26.39 12.36
C ASP A 478 59.61 26.56 12.08
N LEU A 479 59.08 27.74 12.38
CA LEU A 479 57.67 28.01 12.11
C LEU A 479 57.43 27.66 10.65
N ARG A 480 58.34 28.10 9.78
CA ARG A 480 58.26 27.82 8.35
C ARG A 480 58.09 26.33 8.07
N ARG A 481 59.04 25.52 8.52
CA ARG A 481 58.93 24.07 8.28
C ARG A 481 57.61 23.50 8.79
N VAL A 482 57.23 23.90 10.01
CA VAL A 482 55.97 23.44 10.60
C VAL A 482 54.80 23.92 9.73
N ALA A 483 54.76 25.21 9.41
CA ALA A 483 53.67 25.72 8.59
C ALA A 483 53.42 24.78 7.41
N ALA A 484 54.46 24.57 6.60
CA ALA A 484 54.42 23.70 5.43
C ALA A 484 53.86 22.30 5.74
N ALA A 485 54.31 21.69 6.83
CA ALA A 485 53.83 20.38 7.20
C ALA A 485 52.34 20.41 7.52
N ALA A 486 51.91 21.29 8.42
CA ALA A 486 50.50 21.35 8.75
C ALA A 486 49.72 21.56 7.46
N ALA A 487 50.10 22.58 6.70
CA ALA A 487 49.47 22.85 5.42
C ALA A 487 49.41 21.57 4.58
N ALA A 488 50.52 20.85 4.49
CA ALA A 488 50.53 19.63 3.72
C ALA A 488 49.52 18.57 4.27
N MET A 489 49.49 18.39 5.60
CA MET A 489 48.61 17.42 6.28
C MET A 489 47.15 17.84 6.17
N HIS A 490 46.91 19.12 6.44
CA HIS A 490 45.56 19.60 6.35
C HIS A 490 44.92 19.25 5.00
N ARG A 491 45.62 19.51 3.91
CA ARG A 491 45.06 19.19 2.60
C ARG A 491 44.65 17.72 2.54
N VAL A 492 45.58 16.86 2.95
CA VAL A 492 45.33 15.44 2.96
C VAL A 492 43.98 15.11 3.56
N ALA A 493 43.77 15.66 4.75
CA ALA A 493 42.54 15.45 5.49
C ALA A 493 41.35 16.04 4.77
N GLU A 494 41.55 17.25 4.23
CA GLU A 494 40.48 17.95 3.53
C GLU A 494 40.01 17.16 2.31
N ILE A 495 40.95 16.61 1.56
CA ILE A 495 40.64 15.81 0.38
C ILE A 495 39.75 14.63 0.76
N ARG A 496 39.99 14.10 1.95
CA ARG A 496 39.23 12.97 2.42
C ARG A 496 37.81 13.34 2.70
N ARG A 497 37.55 14.56 3.15
CA ARG A 497 36.17 14.98 3.43
C ARG A 497 35.40 14.96 2.14
N THR A 498 36.14 15.20 1.06
CA THR A 498 35.65 15.24 -0.31
C THR A 498 35.13 13.95 -0.90
N ARG A 499 35.61 12.84 -0.37
CA ARG A 499 35.21 11.53 -0.84
C ARG A 499 33.98 11.02 -0.11
N VAL A 500 33.08 11.90 0.29
CA VAL A 500 31.88 11.46 1.00
C VAL A 500 30.95 10.83 0.02
N SER A 501 30.23 9.82 0.44
CA SER A 501 29.30 9.21 -0.49
C SER A 501 28.16 10.19 -0.71
N GLY A 502 27.39 9.98 -1.77
CA GLY A 502 26.24 10.83 -1.99
C GLY A 502 26.47 12.23 -2.51
N ARG A 503 27.63 12.47 -3.13
CA ARG A 503 27.92 13.79 -3.66
C ARG A 503 27.37 13.92 -5.07
N MET A 504 27.07 15.15 -5.48
CA MET A 504 26.56 15.42 -6.83
C MET A 504 27.53 14.78 -7.78
N ASP A 505 27.01 13.97 -8.67
CA ASP A 505 27.89 13.30 -9.57
C ASP A 505 28.98 14.14 -10.19
N ASN A 506 28.64 15.08 -11.06
CA ASN A 506 29.72 15.84 -11.67
C ASN A 506 30.05 17.14 -10.99
N HIS A 507 29.66 17.28 -9.73
CA HIS A 507 29.95 18.52 -9.02
C HIS A 507 30.49 18.36 -7.61
N GLU A 508 31.55 17.54 -7.46
CA GLU A 508 32.16 17.31 -6.17
C GLU A 508 32.91 18.53 -5.67
N ARG A 509 33.31 18.48 -4.41
CA ARG A 509 34.03 19.60 -3.86
C ARG A 509 35.44 19.42 -4.37
N ARG A 510 36.06 20.53 -4.73
CA ARG A 510 37.40 20.55 -5.27
C ARG A 510 38.33 21.24 -4.26
N VAL A 511 39.32 20.53 -3.75
CA VAL A 511 40.21 21.13 -2.74
C VAL A 511 41.18 22.21 -3.23
N GLY A 512 41.23 23.31 -2.50
CA GLY A 512 42.08 24.45 -2.84
C GLY A 512 43.56 24.22 -2.79
N THR A 513 44.31 25.13 -3.43
CA THR A 513 45.76 25.03 -3.50
C THR A 513 46.42 26.11 -2.67
N GLU A 514 45.69 27.21 -2.50
CA GLU A 514 46.14 28.32 -1.73
C GLU A 514 45.63 28.21 -0.30
N TRP A 515 46.51 28.46 0.65
CA TRP A 515 46.14 28.44 2.05
C TRP A 515 46.91 29.54 2.80
N VAL A 516 46.61 29.66 4.08
CA VAL A 516 47.28 30.62 4.93
C VAL A 516 47.41 29.93 6.27
N VAL A 517 48.65 29.56 6.59
CA VAL A 517 48.96 28.86 7.83
C VAL A 517 49.26 29.84 8.95
N THR A 518 48.40 29.92 9.96
CA THR A 518 48.66 30.86 11.05
C THR A 518 49.16 30.22 12.33
N LEU A 519 50.46 30.41 12.50
CA LEU A 519 51.25 29.92 13.57
C LEU A 519 51.34 30.82 14.77
N GLN A 520 52.56 30.98 15.22
CA GLN A 520 52.96 31.76 16.40
C GLN A 520 52.75 33.23 16.12
N GLY A 521 51.50 33.65 15.99
CA GLY A 521 51.20 35.04 15.69
C GLY A 521 51.81 35.40 14.34
N ALA A 522 52.10 34.41 13.51
CA ALA A 522 52.70 34.67 12.21
C ALA A 522 51.91 34.02 11.08
N ASP A 523 51.62 34.79 10.03
CA ASP A 523 50.88 34.25 8.91
C ASP A 523 51.77 33.78 7.78
N PHE A 524 51.42 32.65 7.20
CA PHE A 524 52.19 32.12 6.10
C PHE A 524 51.33 31.75 4.92
N PRO A 525 51.17 32.67 3.97
CA PRO A 525 50.38 32.49 2.75
C PRO A 525 51.19 31.42 2.03
N VAL A 526 50.54 30.32 1.70
CA VAL A 526 51.29 29.27 1.07
C VAL A 526 50.52 28.55 -0.05
N THR A 527 51.24 28.02 -1.03
CA THR A 527 50.58 27.30 -2.09
C THR A 527 51.02 25.85 -2.05
N ILE A 528 50.08 24.92 -2.27
CA ILE A 528 50.37 23.49 -2.25
C ILE A 528 50.22 22.81 -3.59
N ALA A 529 51.10 21.87 -3.86
CA ALA A 529 51.02 21.13 -5.10
C ALA A 529 51.52 19.82 -4.63
N ALA A 530 50.78 18.76 -4.92
CA ALA A 530 51.18 17.46 -4.46
C ALA A 530 50.84 16.43 -5.48
N ASP A 531 51.65 15.38 -5.54
CA ASP A 531 51.35 14.32 -6.47
C ASP A 531 51.10 13.02 -5.72
N HIS A 532 52.05 12.11 -5.77
CA HIS A 532 51.84 10.83 -5.10
C HIS A 532 52.86 10.57 -4.02
N ASP A 533 54.09 11.03 -4.26
CA ASP A 533 55.18 10.84 -3.32
C ASP A 533 54.96 11.65 -2.07
N GLY A 534 54.72 12.94 -2.28
CA GLY A 534 54.49 13.82 -1.15
C GLY A 534 53.82 15.08 -1.61
N SER A 535 54.22 16.20 -1.02
CA SER A 535 53.61 17.45 -1.36
C SER A 535 54.68 18.57 -1.40
N THR A 536 54.48 19.54 -2.29
CA THR A 536 55.41 20.66 -2.40
C THR A 536 54.76 22.01 -2.00
N VAL A 537 55.14 22.52 -0.82
CA VAL A 537 54.61 23.80 -0.32
C VAL A 537 55.51 24.97 -0.68
N SER A 538 54.92 25.98 -1.31
CA SER A 538 55.68 27.14 -1.75
C SER A 538 55.18 28.39 -1.01
N PHE A 539 56.13 29.18 -0.48
CA PHE A 539 55.81 30.41 0.27
C PHE A 539 55.97 31.66 -0.59
N ASP A 540 55.45 32.79 -0.11
CA ASP A 540 55.54 34.07 -0.81
C ASP A 540 56.88 34.46 -1.39
N ASP A 541 57.94 34.27 -0.61
CA ASP A 541 59.29 34.63 -1.03
C ASP A 541 59.91 33.73 -2.14
N GLY A 542 59.09 32.95 -2.83
CA GLY A 542 59.62 32.09 -3.88
C GLY A 542 60.16 30.79 -3.35
N SER A 543 60.37 30.69 -2.05
CA SER A 543 60.91 29.48 -1.45
C SER A 543 59.86 28.37 -1.40
N SER A 544 60.32 27.13 -1.46
CA SER A 544 59.44 25.97 -1.44
C SER A 544 60.04 24.82 -0.69
N MET A 545 59.24 24.18 0.16
CA MET A 545 59.69 23.03 0.93
C MET A 545 58.95 21.82 0.42
N ARG A 546 59.55 20.66 0.59
CA ARG A 546 58.92 19.42 0.16
C ARG A 546 58.55 18.59 1.37
N VAL A 547 57.26 18.40 1.54
CA VAL A 547 56.78 17.61 2.67
C VAL A 547 56.50 16.18 2.23
N THR A 548 56.95 15.24 3.04
CA THR A 548 56.75 13.84 2.75
C THR A 548 56.27 13.22 4.04
N SER A 549 55.21 12.42 3.98
CA SER A 549 54.76 11.81 5.22
C SER A 549 53.85 10.61 5.18
N ASP A 550 53.98 9.86 6.24
CA ASP A 550 53.25 8.63 6.48
C ASP A 550 51.89 8.97 7.02
N TRP A 551 51.87 10.05 7.81
CA TRP A 551 50.68 10.56 8.48
C TRP A 551 49.37 10.42 7.76
N THR A 552 48.32 10.32 8.55
CA THR A 552 46.97 10.22 8.04
C THR A 552 46.04 10.63 9.21
N PRO A 553 44.88 11.24 8.93
CA PRO A 553 44.00 11.65 10.04
C PRO A 553 43.90 10.63 11.14
N GLY A 554 43.84 11.16 12.37
CA GLY A 554 43.75 10.32 13.54
C GLY A 554 45.07 9.94 14.20
N ASP A 555 46.15 9.94 13.44
CA ASP A 555 47.41 9.58 14.03
C ASP A 555 47.66 10.70 15.03
N GLN A 556 48.06 10.38 16.27
CA GLN A 556 48.30 11.47 17.23
C GLN A 556 49.73 12.02 17.06
N LEU A 557 50.59 11.23 16.42
CA LEU A 557 51.98 11.60 16.19
C LEU A 557 52.27 11.60 14.70
N ALA A 558 52.98 12.61 14.18
CA ALA A 558 53.28 12.70 12.74
C ALA A 558 54.78 12.74 12.40
N ASN A 559 55.27 11.70 11.71
CA ASN A 559 56.67 11.64 11.33
C ASN A 559 56.78 12.10 9.91
N LEU A 560 57.15 13.37 9.72
CA LEU A 560 57.28 13.94 8.39
C LEU A 560 58.73 14.08 7.99
N MET A 561 58.90 14.48 6.73
CA MET A 561 60.19 14.72 6.12
C MET A 561 60.08 15.99 5.26
N VAL A 562 60.38 17.13 5.89
CA VAL A 562 60.31 18.40 5.20
C VAL A 562 61.70 18.86 4.82
N ASP A 563 61.89 19.12 3.54
CA ASP A 563 63.21 19.50 3.03
C ASP A 563 64.24 18.47 3.45
N GLY A 564 63.95 17.21 3.19
CA GLY A 564 64.87 16.14 3.52
C GLY A 564 65.18 15.93 4.99
N ALA A 565 64.84 16.90 5.82
CA ALA A 565 65.09 16.77 7.24
C ALA A 565 63.83 16.40 8.04
N PRO A 566 63.98 15.42 8.94
CA PRO A 566 62.98 14.86 9.85
C PRO A 566 62.34 15.88 10.75
N LEU A 567 61.02 15.85 10.78
CA LEU A 567 60.27 16.75 11.62
C LEU A 567 59.21 15.91 12.32
N VAL A 568 59.34 15.74 13.63
CA VAL A 568 58.35 14.95 14.36
C VAL A 568 57.39 15.83 15.17
N LEU A 569 56.10 15.72 14.82
CA LEU A 569 55.00 16.49 15.44
C LEU A 569 53.92 15.65 16.20
N LYS A 570 53.31 16.27 17.20
CA LYS A 570 52.22 15.66 17.97
C LYS A 570 50.95 16.39 17.48
N VAL A 571 50.03 15.68 16.84
CA VAL A 571 48.86 16.34 16.31
C VAL A 571 47.53 16.17 17.03
N GLY A 572 46.73 17.23 16.97
CA GLY A 572 45.43 17.19 17.58
C GLY A 572 44.54 18.03 16.68
N LYS A 573 43.23 17.70 16.63
CA LYS A 573 42.26 18.43 15.82
C LYS A 573 41.85 19.73 16.48
N ILE A 574 41.50 20.70 15.67
CA ILE A 574 41.09 22.03 16.11
C ILE A 574 40.23 22.54 14.99
N SER A 575 39.26 23.39 15.30
CA SER A 575 38.40 23.90 14.27
C SER A 575 39.17 24.24 12.97
N GLY A 576 39.97 25.30 12.96
CA GLY A 576 40.64 25.65 11.71
C GLY A 576 41.98 25.06 11.34
N GLY A 577 42.31 23.89 11.90
CA GLY A 577 43.60 23.26 11.66
C GLY A 577 43.94 22.42 12.87
N PHE A 578 45.20 22.38 13.31
CA PHE A 578 45.48 21.56 14.48
C PHE A 578 46.34 22.18 15.52
N ARG A 579 46.49 21.42 16.61
CA ARG A 579 47.35 21.81 17.71
C ARG A 579 48.60 21.05 17.42
N ILE A 580 49.71 21.76 17.22
CA ILE A 580 50.95 21.08 16.92
C ILE A 580 51.90 21.31 18.07
N ARG A 581 52.74 20.31 18.34
CA ARG A 581 53.73 20.39 19.39
C ARG A 581 55.05 19.82 18.94
N THR A 582 56.08 20.67 18.81
CA THR A 582 57.37 20.15 18.36
C THR A 582 58.37 20.17 19.48
N ARG A 583 59.13 21.24 19.65
CA ARG A 583 60.07 21.17 20.76
C ARG A 583 59.30 21.60 21.97
N GLY A 584 59.81 22.55 22.73
CA GLY A 584 59.01 22.95 23.87
C GLY A 584 57.74 23.59 23.33
N ALA A 585 57.66 23.59 22.01
CA ALA A 585 56.56 24.16 21.26
C ALA A 585 55.21 23.48 21.55
N ASP A 586 54.15 24.26 21.37
CA ASP A 586 52.79 23.79 21.59
C ASP A 586 51.93 24.95 21.20
N LEU A 587 51.54 25.01 19.92
CA LEU A 587 50.73 26.11 19.42
C LEU A 587 49.64 25.71 18.42
N LYS A 588 48.58 26.51 18.41
CA LYS A 588 47.46 26.26 17.51
C LYS A 588 47.87 26.69 16.13
N VAL A 589 47.93 25.74 15.21
CA VAL A 589 48.33 26.05 13.85
C VAL A 589 47.05 26.07 13.05
N HIS A 590 46.65 27.24 12.58
CA HIS A 590 45.43 27.34 11.80
C HIS A 590 45.74 27.23 10.31
N VAL A 591 45.08 26.32 9.61
CA VAL A 591 45.28 26.20 8.18
C VAL A 591 43.95 26.50 7.50
N ARG A 592 43.81 27.77 7.11
CA ARG A 592 42.59 28.24 6.47
C ARG A 592 42.83 28.71 5.06
N THR A 593 41.76 28.97 4.34
CA THR A 593 41.87 29.45 2.99
C THR A 593 41.93 30.96 3.11
N PRO A 594 42.42 31.62 2.06
CA PRO A 594 42.52 33.08 2.07
C PRO A 594 41.27 33.81 2.52
N ARG A 595 40.07 33.45 2.04
CA ARG A 595 38.87 34.17 2.48
C ARG A 595 38.52 33.75 3.90
N GLN A 596 38.80 32.51 4.24
CA GLN A 596 38.53 32.01 5.57
C GLN A 596 39.37 32.82 6.55
N ALA A 597 40.64 32.95 6.20
CA ALA A 597 41.61 33.70 6.99
C ALA A 597 41.22 35.18 7.01
N GLU A 598 40.96 35.74 5.83
CA GLU A 598 40.55 37.14 5.71
C GLU A 598 39.40 37.52 6.66
N LEU A 599 38.41 36.64 6.79
CA LEU A 599 37.28 36.92 7.66
C LEU A 599 37.59 36.65 9.11
N ALA A 600 38.31 35.56 9.39
CA ALA A 600 38.64 35.22 10.77
C ALA A 600 39.38 36.38 11.44
N ARG A 601 39.99 37.22 10.61
CA ARG A 601 40.73 38.38 11.09
C ARG A 601 39.78 39.41 11.67
N LEU A 602 38.49 39.31 11.31
CA LEU A 602 37.44 40.23 11.77
C LEU A 602 36.86 39.74 13.09
N MET A 603 37.20 38.50 13.45
CA MET A 603 36.70 37.91 14.69
C MET A 603 37.33 38.51 15.94
N PRO A 604 36.49 38.89 16.93
CA PRO A 604 36.91 39.48 18.20
C PRO A 604 37.87 38.57 18.89
N GLU A 605 38.71 39.14 19.75
CA GLU A 605 39.68 38.34 20.48
C GLU A 605 39.09 37.92 21.82
N LYS A 606 38.90 36.61 21.95
CA LYS A 606 38.33 36.00 23.15
C LYS A 606 39.07 36.32 24.45
N LEU A 607 38.31 36.70 25.49
CA LEU A 607 38.91 36.99 26.79
C LEU A 607 38.30 36.04 27.82
N PRO A 608 39.15 35.25 28.50
CA PRO A 608 38.71 34.28 29.52
C PRO A 608 37.64 34.82 30.46
N PRO A 609 36.93 33.92 31.16
CA PRO A 609 35.88 34.39 32.08
C PRO A 609 36.53 34.97 33.34
N ASP A 610 35.68 35.41 34.28
CA ASP A 610 36.17 35.96 35.53
C ASP A 610 36.06 34.86 36.60
N THR A 611 36.87 34.97 37.64
CA THR A 611 36.86 33.97 38.69
C THR A 611 36.58 34.59 40.04
N SER A 612 35.74 33.92 40.84
CA SER A 612 35.46 34.44 42.16
C SER A 612 36.61 33.92 42.99
N LYS A 613 36.93 34.60 44.07
CA LYS A 613 38.01 34.14 44.92
C LYS A 613 37.39 33.25 45.98
N MET A 614 36.13 32.86 45.73
CA MET A 614 35.37 32.03 46.65
C MET A 614 34.98 30.70 46.02
N LEU A 615 35.46 29.59 46.59
CA LEU A 615 35.13 28.26 46.08
C LEU A 615 33.79 27.81 46.62
N LEU A 616 32.75 27.96 45.83
CA LEU A 616 31.43 27.56 46.26
C LEU A 616 31.23 26.07 46.02
N CYS A 617 30.48 25.41 46.89
CA CYS A 617 30.20 23.99 46.77
C CYS A 617 29.08 23.83 45.77
N PRO A 618 29.36 23.18 44.62
CA PRO A 618 28.33 22.98 43.60
C PRO A 618 27.42 21.78 43.75
N MET A 619 27.81 20.80 44.55
CA MET A 619 26.96 19.65 44.75
C MET A 619 26.64 19.49 46.23
N PRO A 620 25.34 19.44 46.59
CA PRO A 620 24.99 19.29 48.00
C PRO A 620 25.49 17.96 48.54
N GLY A 621 26.74 17.91 48.99
CA GLY A 621 27.27 16.66 49.50
C GLY A 621 27.99 16.74 50.83
N LEU A 622 28.85 15.76 51.07
CA LEU A 622 29.63 15.69 52.31
C LEU A 622 31.12 15.85 51.97
N ILE A 623 31.84 16.68 52.73
CA ILE A 623 33.25 16.88 52.47
C ILE A 623 34.04 15.69 52.96
N VAL A 624 34.68 15.01 52.04
CA VAL A 624 35.45 13.82 52.35
C VAL A 624 36.83 14.22 52.79
N LYS A 625 37.39 15.21 52.12
CA LYS A 625 38.73 15.63 52.47
C LYS A 625 39.16 16.94 51.85
N VAL A 626 39.95 17.69 52.62
CA VAL A 626 40.51 18.96 52.15
C VAL A 626 42.01 18.72 52.16
N ASP A 627 42.63 18.96 51.01
CA ASP A 627 44.05 18.73 50.85
C ASP A 627 44.79 20.03 50.66
N VAL A 628 44.22 21.09 51.18
CA VAL A 628 44.85 22.41 51.08
C VAL A 628 44.82 23.13 52.44
N GLU A 629 45.94 23.76 52.80
CA GLU A 629 46.04 24.49 54.07
C GLU A 629 45.89 25.98 53.85
N VAL A 630 45.59 26.70 54.93
CA VAL A 630 45.44 28.15 54.89
C VAL A 630 46.80 28.74 54.55
N GLY A 631 46.78 29.78 53.72
CA GLY A 631 48.02 30.40 53.31
C GLY A 631 48.85 29.52 52.39
N GLN A 632 48.24 28.47 51.81
CA GLN A 632 48.95 27.60 50.86
C GLN A 632 48.79 28.21 49.48
N GLU A 633 49.70 27.93 48.56
CA GLU A 633 49.57 28.47 47.22
C GLU A 633 49.06 27.36 46.30
N VAL A 634 48.07 27.66 45.47
CA VAL A 634 47.49 26.67 44.58
C VAL A 634 47.63 26.97 43.10
N GLN A 635 47.88 25.91 42.33
CA GLN A 635 48.04 26.02 40.89
C GLN A 635 46.69 25.99 40.21
N GLU A 636 46.60 26.63 39.05
CA GLU A 636 45.34 26.63 38.32
C GLU A 636 44.94 25.18 38.03
N GLY A 637 43.85 24.74 38.66
CA GLY A 637 43.36 23.39 38.45
C GLY A 637 43.79 22.39 39.50
N GLN A 638 44.39 22.88 40.57
CA GLN A 638 44.86 22.00 41.62
C GLN A 638 43.75 21.49 42.54
N ALA A 639 43.82 20.21 42.91
CA ALA A 639 42.82 19.61 43.77
C ALA A 639 42.73 20.36 45.08
N LEU A 640 41.54 20.88 45.40
CA LEU A 640 41.32 21.61 46.65
C LEU A 640 40.71 20.67 47.68
N CYS A 641 39.45 20.28 47.46
CA CYS A 641 38.77 19.35 48.37
C CYS A 641 38.10 18.22 47.60
N THR A 642 37.19 17.52 48.25
CA THR A 642 36.52 16.40 47.60
C THR A 642 35.17 16.13 48.27
N ILE A 643 34.08 16.40 47.59
CA ILE A 643 32.75 16.18 48.15
C ILE A 643 32.16 14.82 47.74
N GLU A 644 31.56 14.07 48.66
CA GLU A 644 30.97 12.79 48.29
C GLU A 644 29.49 13.04 47.94
N ALA A 645 29.14 12.80 46.68
CA ALA A 645 27.79 13.03 46.15
C ALA A 645 26.77 11.95 46.48
N MET A 646 26.73 10.90 45.69
CA MET A 646 25.79 9.82 45.95
C MET A 646 26.58 8.54 45.90
N LYS A 647 27.57 8.45 46.79
CA LYS A 647 28.49 7.31 46.87
C LYS A 647 29.46 7.46 45.70
N MET A 648 29.73 8.72 45.34
CA MET A 648 30.64 9.05 44.25
C MET A 648 31.39 10.28 44.71
N GLU A 649 32.71 10.24 44.54
CA GLU A 649 33.59 11.32 44.96
C GLU A 649 33.80 12.31 43.84
N ASN A 650 33.75 13.59 44.17
CA ASN A 650 33.97 14.64 43.19
C ASN A 650 35.11 15.54 43.66
N ILE A 651 36.14 15.70 42.84
CA ILE A 651 37.26 16.54 43.23
C ILE A 651 37.12 17.99 42.79
N LEU A 652 37.07 18.94 43.72
CA LEU A 652 36.97 20.34 43.34
C LEU A 652 38.38 20.89 43.21
N ARG A 653 38.60 21.78 42.25
CA ARG A 653 39.94 22.30 42.02
C ARG A 653 40.05 23.78 41.68
N ALA A 654 41.17 24.36 42.09
CA ALA A 654 41.44 25.78 41.87
C ALA A 654 41.09 26.24 40.46
N GLU A 655 40.43 27.38 40.37
CA GLU A 655 40.02 27.96 39.10
C GLU A 655 41.20 28.61 38.38
N LYS A 656 41.97 29.37 39.14
CA LYS A 656 43.16 30.05 38.62
C LYS A 656 44.18 29.99 39.75
N LYS A 657 45.46 30.08 39.41
CA LYS A 657 46.51 30.01 40.44
C LYS A 657 46.23 31.10 41.46
N GLY A 658 46.44 30.80 42.73
CA GLY A 658 46.18 31.77 43.78
C GLY A 658 46.57 31.23 45.15
N VAL A 659 46.28 32.00 46.20
CA VAL A 659 46.62 31.61 47.59
C VAL A 659 45.44 31.58 48.55
N VAL A 660 45.29 30.47 49.25
CA VAL A 660 44.22 30.27 50.22
C VAL A 660 44.16 31.31 51.32
N ALA A 661 43.07 32.08 51.37
CA ALA A 661 42.89 33.08 52.41
C ALA A 661 42.40 32.32 53.63
N LYS A 662 41.20 31.77 53.54
CA LYS A 662 40.67 31.00 54.66
C LYS A 662 39.83 29.81 54.20
N ILE A 663 39.74 28.83 55.09
CA ILE A 663 38.98 27.61 54.87
C ILE A 663 37.86 27.64 55.90
N ASN A 664 36.74 27.02 55.61
CA ASN A 664 35.66 26.99 56.59
C ASN A 664 34.79 25.78 56.44
N ALA A 665 35.41 24.61 56.50
CA ALA A 665 34.73 23.33 56.39
C ALA A 665 35.83 22.31 56.45
N SER A 666 35.53 21.13 56.95
CA SER A 666 36.54 20.10 57.03
C SER A 666 35.92 18.74 56.85
N ALA A 667 36.75 17.70 56.91
CA ALA A 667 36.27 16.34 56.76
C ALA A 667 34.96 16.18 57.52
N GLY A 668 34.11 15.25 57.10
CA GLY A 668 32.84 15.05 57.78
C GLY A 668 31.80 16.14 57.63
N ASN A 669 32.17 17.32 57.18
CA ASN A 669 31.20 18.40 56.98
C ASN A 669 30.21 18.06 55.86
N SER A 670 29.01 18.62 55.94
CA SER A 670 27.97 18.38 54.94
C SER A 670 27.42 19.72 54.49
N LEU A 671 27.80 20.16 53.31
CA LEU A 671 27.33 21.46 52.82
C LEU A 671 26.38 21.42 51.63
N ALA A 672 25.49 22.41 51.58
CA ALA A 672 24.53 22.55 50.51
C ALA A 672 25.17 23.30 49.37
N VAL A 673 24.40 23.63 48.35
CA VAL A 673 24.97 24.33 47.22
C VAL A 673 25.41 25.70 47.67
N ASP A 674 26.21 26.35 46.85
CA ASP A 674 26.73 27.68 47.13
C ASP A 674 27.53 27.89 48.43
N ASP A 675 27.35 27.06 49.46
CA ASP A 675 28.10 27.25 50.68
C ASP A 675 29.58 27.45 50.36
N VAL A 676 30.13 28.60 50.76
CA VAL A 676 31.54 28.86 50.51
C VAL A 676 32.43 27.85 51.27
N ILE A 677 33.25 27.12 50.50
CA ILE A 677 34.15 26.10 51.06
C ILE A 677 35.46 26.71 51.49
N MET A 678 35.97 27.63 50.69
CA MET A 678 37.23 28.30 50.97
C MET A 678 37.19 29.68 50.41
N GLU A 679 38.19 30.47 50.75
CA GLU A 679 38.25 31.82 50.25
C GLU A 679 39.68 32.05 49.84
N PHE A 680 39.86 32.82 48.79
CA PHE A 680 41.20 33.12 48.30
C PHE A 680 41.43 34.62 48.43
N GLU A 681 42.67 34.99 48.74
CA GLU A 681 43.01 36.40 48.89
C GLU A 681 43.12 37.12 47.56
N LEU B 26 24.06 42.30 -20.41
CA LEU B 26 24.09 43.72 -19.91
C LEU B 26 24.95 43.89 -18.67
N GLU B 27 25.82 44.89 -18.67
CA GLU B 27 26.67 45.12 -17.50
C GLU B 27 25.78 45.82 -16.49
N GLN B 28 24.55 46.07 -16.92
CA GLN B 28 23.56 46.68 -16.08
C GLN B 28 23.18 45.62 -15.06
N LEU B 29 23.10 44.38 -15.55
CA LEU B 29 22.78 43.26 -14.68
C LEU B 29 23.84 43.22 -13.60
N GLU B 30 25.10 43.18 -14.01
CA GLU B 30 26.23 43.14 -13.07
C GLU B 30 26.14 44.21 -11.99
N ASP B 31 25.63 45.39 -12.36
CA ASP B 31 25.47 46.51 -11.42
C ASP B 31 24.39 46.20 -10.41
N ARG B 32 23.19 45.87 -10.90
CA ARG B 32 22.06 45.51 -10.04
C ARG B 32 22.55 44.45 -9.05
N ARG B 33 23.15 43.41 -9.60
CA ARG B 33 23.71 42.33 -8.82
C ARG B 33 24.58 42.89 -7.70
N ALA B 34 25.64 43.60 -8.09
CA ALA B 34 26.57 44.16 -7.12
C ALA B 34 25.92 45.13 -6.15
N ALA B 35 24.84 45.78 -6.58
CA ALA B 35 24.12 46.72 -5.75
C ALA B 35 23.48 45.92 -4.63
N ALA B 36 22.79 44.86 -5.02
CA ALA B 36 22.13 44.02 -4.07
C ALA B 36 23.10 43.47 -3.03
N ARG B 37 24.24 42.97 -3.51
CA ARG B 37 25.26 42.40 -2.66
C ARG B 37 25.67 43.31 -1.50
N LEU B 38 25.40 44.59 -1.63
CA LEU B 38 25.78 45.53 -0.61
C LEU B 38 24.95 45.58 0.65
N GLY B 39 23.82 44.90 0.62
CA GLY B 39 22.95 44.87 1.77
C GLY B 39 22.60 46.27 2.21
N GLY B 40 22.41 46.40 3.52
CA GLY B 40 22.07 47.70 4.09
C GLY B 40 23.17 48.73 3.93
N GLY B 41 24.10 48.47 3.03
CA GLY B 41 25.15 49.45 2.83
C GLY B 41 26.40 49.28 3.63
N GLN B 42 27.47 49.77 3.02
CA GLN B 42 28.81 49.69 3.54
C GLN B 42 28.97 50.25 4.95
N LYS B 43 28.13 51.21 5.32
CA LYS B 43 28.21 51.78 6.67
C LYS B 43 27.70 50.78 7.71
N ARG B 44 26.59 50.11 7.39
CA ARG B 44 25.99 49.12 8.28
C ARG B 44 26.82 47.87 8.28
N ILE B 45 27.39 47.51 7.13
CA ILE B 45 28.25 46.34 7.07
C ILE B 45 29.33 46.50 8.13
N ASP B 46 29.86 47.70 8.27
CA ASP B 46 30.89 47.95 9.26
C ASP B 46 30.32 47.80 10.66
N ALA B 47 29.13 48.32 10.88
CA ALA B 47 28.47 48.23 12.16
C ALA B 47 28.46 46.76 12.58
N GLN B 48 27.97 45.94 11.65
CA GLN B 48 27.86 44.51 11.83
C GLN B 48 29.21 43.95 12.21
N HIS B 49 30.19 44.16 11.33
CA HIS B 49 31.56 43.70 11.58
C HIS B 49 32.02 44.24 12.94
N GLY B 50 31.51 45.43 13.28
CA GLY B 50 31.83 46.03 14.55
C GLY B 50 31.50 45.11 15.71
N ARG B 51 30.34 44.44 15.65
CA ARG B 51 29.93 43.53 16.71
C ARG B 51 30.60 42.15 16.60
N GLY B 52 31.66 42.08 15.79
CA GLY B 52 32.35 40.83 15.61
C GLY B 52 31.55 39.86 14.77
N LYS B 53 30.45 40.36 14.23
CA LYS B 53 29.56 39.55 13.42
C LYS B 53 29.85 39.65 11.93
N LEU B 54 29.90 38.52 11.21
CA LEU B 54 30.11 38.54 9.76
C LEU B 54 28.79 38.95 9.10
N THR B 55 28.80 39.20 7.79
CA THR B 55 27.57 39.59 7.09
C THR B 55 26.82 38.34 6.63
N ALA B 56 25.55 38.51 6.26
CA ALA B 56 24.76 37.36 5.81
C ALA B 56 25.52 36.59 4.74
N ARG B 57 25.90 37.31 3.69
CA ARG B 57 26.62 36.72 2.59
C ARG B 57 27.98 36.12 2.95
N GLU B 58 28.72 36.76 3.85
CA GLU B 58 30.03 36.24 4.23
C GLU B 58 29.89 34.91 4.97
N ARG B 59 28.81 34.77 5.74
CA ARG B 59 28.52 33.55 6.49
C ARG B 59 28.22 32.43 5.49
N VAL B 60 27.40 32.75 4.48
CA VAL B 60 27.05 31.81 3.43
C VAL B 60 28.33 31.43 2.72
N ASP B 61 29.17 32.41 2.47
CA ASP B 61 30.41 32.18 1.78
C ASP B 61 31.33 31.20 2.42
N LEU B 62 31.31 31.11 3.73
CA LEU B 62 32.20 30.20 4.42
C LEU B 62 31.52 28.86 4.66
N LEU B 63 30.19 28.84 4.61
CA LEU B 63 29.44 27.61 4.84
C LEU B 63 29.50 26.63 3.67
N LEU B 64 29.29 27.16 2.47
CA LEU B 64 29.26 26.33 1.27
C LEU B 64 30.57 26.16 0.52
N ASP B 65 30.74 24.93 -0.01
CA ASP B 65 31.92 24.58 -0.81
C ASP B 65 32.31 25.76 -1.72
N GLU B 66 33.55 26.24 -1.57
CA GLU B 66 34.02 27.37 -2.35
C GLU B 66 33.45 27.47 -3.77
N GLY B 67 32.63 28.50 -3.96
CA GLY B 67 32.02 28.74 -5.25
C GLY B 67 31.19 27.53 -5.57
N SER B 68 29.97 27.55 -5.05
CA SER B 68 29.03 26.44 -5.22
C SER B 68 27.69 26.97 -4.77
N PHE B 69 27.66 28.25 -4.45
CA PHE B 69 26.44 28.85 -3.98
C PHE B 69 25.69 29.39 -5.15
N GLU B 70 24.40 29.13 -5.22
CA GLU B 70 23.61 29.67 -6.29
C GLU B 70 22.55 30.37 -5.49
N GLU B 71 22.39 31.67 -5.73
CA GLU B 71 21.42 32.46 -4.99
C GLU B 71 20.10 32.53 -5.68
N PHE B 72 19.03 32.61 -4.89
CA PHE B 72 17.70 32.73 -5.44
C PHE B 72 17.04 33.99 -4.89
N ASP B 73 16.04 34.50 -5.61
CA ASP B 73 15.29 35.66 -5.18
C ASP B 73 16.12 36.87 -4.72
N MET B 74 17.25 37.10 -5.41
CA MET B 74 18.14 38.20 -5.07
C MET B 74 17.51 39.55 -5.19
N PHE B 75 16.52 39.71 -6.07
CA PHE B 75 15.94 41.02 -6.21
C PHE B 75 14.55 41.10 -5.66
N VAL B 76 14.21 40.21 -4.75
CA VAL B 76 12.89 40.23 -4.16
C VAL B 76 12.71 41.49 -3.33
N THR B 77 11.54 42.11 -3.44
CA THR B 77 11.22 43.31 -2.67
C THR B 77 9.91 43.04 -1.92
N HIS B 78 9.75 43.58 -0.72
CA HIS B 78 8.50 43.37 0.07
C HIS B 78 7.29 44.05 -0.59
N ARG B 79 6.10 43.67 -0.12
CA ARG B 79 4.85 44.19 -0.66
C ARG B 79 4.10 45.03 0.36
N CYS B 80 4.81 45.65 1.27
CA CYS B 80 4.17 46.45 2.31
C CYS B 80 3.84 47.85 1.79
N THR B 81 2.72 48.40 2.27
CA THR B 81 2.28 49.74 1.87
C THR B 81 1.92 50.62 3.06
N ASP B 82 1.85 50.03 4.24
CA ASP B 82 1.55 50.80 5.45
C ASP B 82 2.79 51.57 5.87
N PHE B 83 2.60 52.46 6.82
CA PHE B 83 3.69 53.23 7.36
C PHE B 83 4.82 53.61 6.43
N ASN B 84 4.47 54.05 5.22
CA ASN B 84 5.47 54.47 4.26
C ASN B 84 6.54 53.41 4.04
N MET B 85 6.23 52.16 4.39
CA MET B 85 7.15 51.07 4.21
C MET B 85 7.53 50.92 2.75
N GLN B 86 6.66 51.35 1.85
CA GLN B 86 6.93 51.22 0.43
C GLN B 86 7.98 52.18 -0.13
N ASP B 87 8.53 53.04 0.71
CA ASP B 87 9.56 53.96 0.26
C ASP B 87 10.93 53.37 0.51
N GLN B 88 10.95 52.24 1.20
CA GLN B 88 12.20 51.58 1.51
C GLN B 88 12.06 50.11 1.04
N LYS B 89 12.25 49.86 -0.24
CA LYS B 89 12.12 48.53 -0.80
C LYS B 89 13.45 47.91 -1.23
N PRO B 90 14.32 47.54 -0.26
CA PRO B 90 15.64 46.92 -0.54
C PRO B 90 15.57 45.63 -1.32
N ALA B 91 16.65 45.30 -2.01
CA ALA B 91 16.69 44.07 -2.78
C ALA B 91 17.01 42.87 -1.85
N GLY B 92 16.27 41.78 -2.01
CA GLY B 92 16.54 40.64 -1.16
C GLY B 92 15.60 40.66 0.04
N ASP B 93 15.16 41.86 0.40
CA ASP B 93 14.23 42.00 1.51
C ASP B 93 14.68 41.39 2.83
N GLY B 94 15.98 41.44 3.12
CA GLY B 94 16.43 40.94 4.41
C GLY B 94 16.99 39.54 4.64
N VAL B 95 16.96 38.69 3.63
CA VAL B 95 17.48 37.34 3.80
C VAL B 95 18.13 36.88 2.51
N VAL B 96 19.23 36.12 2.63
CA VAL B 96 19.92 35.59 1.44
C VAL B 96 19.58 34.10 1.36
N THR B 97 18.88 33.68 0.29
CA THR B 97 18.54 32.25 0.16
C THR B 97 19.15 31.60 -1.07
N GLY B 98 19.14 30.26 -1.09
CA GLY B 98 19.67 29.51 -2.22
C GLY B 98 20.18 28.13 -1.85
N TRP B 99 21.05 27.57 -2.67
CA TRP B 99 21.61 26.27 -2.36
C TRP B 99 23.10 26.23 -2.67
N GLY B 100 23.73 25.08 -2.43
CA GLY B 100 25.14 24.93 -2.70
C GLY B 100 25.53 23.55 -2.23
N THR B 101 26.82 23.28 -2.03
CA THR B 101 27.21 21.98 -1.54
C THR B 101 28.17 22.03 -0.35
N ILE B 102 28.17 20.96 0.44
CA ILE B 102 29.12 20.85 1.54
C ILE B 102 29.83 19.52 1.32
N ASN B 103 31.06 19.68 0.86
CA ASN B 103 31.89 18.57 0.50
C ASN B 103 31.27 17.84 -0.66
N GLY B 104 30.60 18.62 -1.52
CA GLY B 104 30.00 18.07 -2.71
C GLY B 104 28.57 17.61 -2.56
N ARG B 105 28.04 17.64 -1.34
CA ARG B 105 26.68 17.20 -1.15
C ARG B 105 25.77 18.41 -1.09
N VAL B 106 24.67 18.36 -1.83
CA VAL B 106 23.72 19.47 -1.84
C VAL B 106 23.10 19.83 -0.52
N VAL B 107 23.07 21.12 -0.24
CA VAL B 107 22.51 21.62 0.99
C VAL B 107 21.74 22.89 0.64
N TYR B 108 20.62 23.13 1.34
CA TYR B 108 19.84 24.35 1.07
C TYR B 108 20.07 25.32 2.20
N VAL B 109 20.14 26.62 1.90
CA VAL B 109 20.43 27.60 2.94
C VAL B 109 19.77 28.97 2.85
N PHE B 110 19.69 29.62 4.00
CA PHE B 110 19.19 30.99 4.08
C PHE B 110 19.95 31.66 5.23
N SER B 111 20.45 32.85 4.96
CA SER B 111 21.20 33.60 5.94
C SER B 111 20.46 34.92 6.05
N GLN B 112 20.02 35.29 7.26
CA GLN B 112 19.31 36.54 7.43
C GLN B 112 20.31 37.66 7.43
N ASP B 113 20.00 38.71 6.65
CA ASP B 113 20.84 39.89 6.52
C ASP B 113 20.39 41.02 7.47
N PHE B 114 20.95 40.99 8.66
CA PHE B 114 20.63 41.94 9.70
C PHE B 114 20.73 43.42 9.27
N THR B 115 21.60 43.73 8.31
CA THR B 115 21.79 45.11 7.88
C THR B 115 20.66 45.60 7.01
N VAL B 116 19.73 44.71 6.68
CA VAL B 116 18.63 45.13 5.84
C VAL B 116 17.34 45.11 6.62
N LEU B 117 16.84 46.27 6.98
CA LEU B 117 15.61 46.31 7.75
C LEU B 117 15.77 45.30 8.87
N GLY B 118 16.91 45.34 9.54
CA GLY B 118 17.20 44.45 10.66
C GLY B 118 17.05 42.97 10.41
N GLY B 119 16.97 42.61 9.13
CA GLY B 119 16.77 41.21 8.79
C GLY B 119 15.45 40.85 9.43
N SER B 120 14.51 41.82 9.47
CA SER B 120 13.15 41.66 10.03
C SER B 120 12.28 40.81 9.10
N VAL B 121 11.50 39.90 9.70
CA VAL B 121 10.69 38.97 8.96
C VAL B 121 9.43 39.56 8.42
N SER B 122 9.29 39.46 7.10
CA SER B 122 8.12 39.98 6.39
C SER B 122 7.43 38.85 5.62
N GLU B 123 6.38 39.19 4.89
CA GLU B 123 5.68 38.17 4.14
C GLU B 123 6.62 37.55 3.15
N THR B 124 7.30 38.42 2.43
CA THR B 124 8.26 38.03 1.41
C THR B 124 9.59 37.42 1.91
N HIS B 125 10.09 37.88 3.04
CA HIS B 125 11.30 37.31 3.63
C HIS B 125 11.04 35.82 3.92
N SER B 126 9.89 35.50 4.51
CA SER B 126 9.58 34.11 4.80
C SER B 126 9.43 33.33 3.50
N LYS B 127 8.70 33.91 2.54
CA LYS B 127 8.46 33.24 1.27
C LYS B 127 9.74 32.72 0.67
N LYS B 128 10.79 33.55 0.77
CA LYS B 128 12.09 33.19 0.26
C LYS B 128 12.61 31.96 0.99
N ILE B 129 12.43 31.95 2.31
CA ILE B 129 12.87 30.83 3.12
C ILE B 129 12.05 29.61 2.78
N CYS B 130 10.77 29.79 2.51
CA CYS B 130 9.95 28.64 2.20
C CYS B 130 10.33 28.03 0.89
N LYS B 131 10.68 28.87 -0.08
CA LYS B 131 11.08 28.39 -1.39
C LYS B 131 12.20 27.36 -1.32
N ILE B 132 13.21 27.63 -0.50
CA ILE B 132 14.30 26.67 -0.39
C ILE B 132 13.99 25.57 0.60
N MET B 133 13.00 25.77 1.47
CA MET B 133 12.64 24.71 2.39
C MET B 133 11.87 23.73 1.53
N ASP B 134 10.97 24.27 0.73
CA ASP B 134 10.19 23.43 -0.16
C ASP B 134 11.10 22.74 -1.17
N MET B 135 12.22 23.36 -1.49
CA MET B 135 13.11 22.74 -2.45
C MET B 135 13.92 21.69 -1.75
N ALA B 136 14.30 21.95 -0.51
CA ALA B 136 15.10 20.97 0.22
C ALA B 136 14.31 19.69 0.38
N MET B 137 13.03 19.83 0.67
CA MET B 137 12.23 18.66 0.84
C MET B 137 11.95 17.90 -0.42
N GLN B 138 11.73 18.59 -1.55
CA GLN B 138 11.45 17.92 -2.82
C GLN B 138 12.62 17.20 -3.38
N ASN B 139 13.83 17.55 -2.92
CA ASN B 139 15.06 16.93 -3.40
C ASN B 139 15.85 16.15 -2.36
N GLY B 140 15.36 16.15 -1.12
CA GLY B 140 15.99 15.42 -0.04
C GLY B 140 17.36 15.91 0.37
N ALA B 141 17.41 17.17 0.78
CA ALA B 141 18.66 17.79 1.22
C ALA B 141 18.43 18.68 2.46
N PRO B 142 19.37 18.64 3.43
CA PRO B 142 19.27 19.44 4.66
C PRO B 142 19.03 20.92 4.39
N VAL B 143 18.61 21.63 5.43
CA VAL B 143 18.36 23.07 5.35
C VAL B 143 19.16 23.72 6.48
N ILE B 144 20.10 24.60 6.16
CA ILE B 144 20.83 25.28 7.22
C ILE B 144 20.27 26.71 7.36
N GLY B 145 19.78 27.03 8.56
CA GLY B 145 19.20 28.35 8.78
C GLY B 145 20.10 29.23 9.59
N ILE B 146 20.47 30.37 9.01
CA ILE B 146 21.33 31.30 9.72
C ILE B 146 20.53 32.50 10.16
N ASN B 147 20.01 32.41 11.38
CA ASN B 147 19.19 33.45 11.97
C ASN B 147 20.02 34.54 12.59
N ASP B 148 19.72 35.77 12.19
CA ASP B 148 20.40 36.98 12.67
C ASP B 148 19.39 38.04 12.30
N SER B 149 18.34 38.10 13.11
CA SER B 149 17.23 39.01 12.89
C SER B 149 16.73 39.74 14.10
N GLY B 150 16.32 40.98 13.87
CA GLY B 150 15.78 41.78 14.94
C GLY B 150 14.39 41.35 15.35
N GLY B 151 13.78 40.47 14.56
CA GLY B 151 12.44 39.99 14.82
C GLY B 151 11.47 40.35 13.71
N ALA B 152 10.18 40.22 13.99
CA ALA B 152 9.16 40.50 12.98
C ALA B 152 9.20 41.91 12.49
N ARG B 153 8.69 42.11 11.28
CA ARG B 153 8.61 43.41 10.62
C ARG B 153 7.23 44.00 10.99
N ILE B 154 7.18 44.70 12.13
CA ILE B 154 5.95 45.28 12.66
C ILE B 154 4.98 45.93 11.68
N GLN B 155 5.51 46.70 10.74
CA GLN B 155 4.67 47.40 9.78
C GLN B 155 3.83 46.50 8.90
N GLU B 156 4.22 45.25 8.80
CA GLU B 156 3.50 44.30 7.97
C GLU B 156 2.26 43.75 8.67
N GLY B 157 2.15 43.94 9.98
CA GLY B 157 0.97 43.45 10.68
C GLY B 157 0.85 41.96 10.65
N VAL B 158 -0.36 41.43 10.47
CA VAL B 158 -0.55 39.98 10.44
C VAL B 158 0.25 39.28 9.35
N ASP B 159 0.67 40.03 8.34
CA ASP B 159 1.45 39.42 7.27
C ASP B 159 2.79 38.93 7.76
N SER B 160 3.26 39.51 8.85
CA SER B 160 4.51 39.10 9.39
C SER B 160 4.21 37.80 10.13
N LEU B 161 3.06 37.77 10.78
CA LEU B 161 2.66 36.57 11.51
C LEU B 161 2.52 35.41 10.56
N ALA B 162 1.82 35.66 9.45
CA ALA B 162 1.58 34.64 8.44
C ALA B 162 2.94 34.23 7.89
N GLY B 163 3.84 35.19 7.72
CA GLY B 163 5.17 34.88 7.23
C GLY B 163 5.81 33.79 8.08
N TYR B 164 5.76 33.97 9.39
CA TYR B 164 6.31 32.98 10.31
C TYR B 164 5.61 31.64 10.12
N GLY B 165 4.29 31.71 10.09
CA GLY B 165 3.45 30.55 9.93
C GLY B 165 3.90 29.62 8.85
N GLU B 166 4.09 30.12 7.63
CA GLU B 166 4.50 29.22 6.57
C GLU B 166 5.87 28.63 6.84
N VAL B 167 6.74 29.33 7.57
CA VAL B 167 8.03 28.73 7.86
C VAL B 167 7.79 27.58 8.85
N PHE B 168 7.10 27.89 9.96
CA PHE B 168 6.80 26.91 11.01
C PHE B 168 6.27 25.65 10.42
N GLN B 169 5.16 25.76 9.68
CA GLN B 169 4.52 24.63 9.02
C GLN B 169 5.55 23.75 8.30
N ARG B 170 6.35 24.42 7.47
CA ARG B 170 7.38 23.75 6.73
C ARG B 170 8.31 23.09 7.72
N ASN B 171 8.79 23.85 8.70
CA ASN B 171 9.68 23.30 9.74
C ASN B 171 9.12 22.00 10.29
N ILE B 172 7.81 21.99 10.51
CA ILE B 172 7.16 20.82 11.09
C ILE B 172 7.07 19.64 10.16
N MET B 173 6.64 19.87 8.93
CA MET B 173 6.50 18.79 7.96
C MET B 173 7.83 18.12 7.68
N ALA B 174 8.91 18.87 7.73
CA ALA B 174 10.23 18.32 7.44
C ALA B 174 10.89 17.64 8.62
N SER B 175 10.26 17.75 9.78
CA SER B 175 10.87 17.19 10.95
C SER B 175 11.13 15.71 10.80
N GLY B 176 12.40 15.32 10.78
CA GLY B 176 12.78 13.93 10.66
C GLY B 176 12.67 13.39 9.24
N VAL B 177 12.64 14.31 8.30
CA VAL B 177 12.54 13.95 6.91
C VAL B 177 13.77 14.42 6.15
N VAL B 178 14.31 15.52 6.64
CA VAL B 178 15.49 16.11 6.04
C VAL B 178 16.03 16.90 7.24
N PRO B 179 17.36 16.80 7.53
CA PRO B 179 18.01 17.47 8.65
C PRO B 179 17.90 18.96 8.57
N GLN B 180 17.48 19.58 9.69
CA GLN B 180 17.33 21.04 9.80
C GLN B 180 18.26 21.63 10.88
N ILE B 181 19.43 22.12 10.47
CA ILE B 181 20.40 22.73 11.38
C ILE B 181 20.24 24.27 11.53
N SER B 182 19.91 24.73 12.73
CA SER B 182 19.74 26.15 12.95
C SER B 182 20.98 26.80 13.53
N MET B 183 21.39 27.90 12.92
CA MET B 183 22.55 28.65 13.39
C MET B 183 22.13 30.03 13.85
N ILE B 184 22.26 30.35 15.14
CA ILE B 184 21.91 31.68 15.61
C ILE B 184 23.19 32.51 15.69
N MET B 185 23.21 33.64 14.99
CA MET B 185 24.40 34.46 14.91
C MET B 185 24.11 35.92 15.15
N GLY B 186 22.95 36.18 15.75
CA GLY B 186 22.56 37.54 16.07
C GLY B 186 21.39 37.46 17.03
N PRO B 187 20.41 38.35 16.89
CA PRO B 187 19.25 38.32 17.78
C PRO B 187 18.21 37.33 17.24
N CYS B 188 17.31 36.86 18.08
CA CYS B 188 16.26 35.97 17.63
C CYS B 188 15.18 36.14 18.65
N ALA B 189 14.20 36.96 18.33
CA ALA B 189 13.19 37.23 19.34
C ALA B 189 11.72 37.07 19.02
N GLY B 190 10.96 36.54 19.97
CA GLY B 190 9.56 36.41 19.71
C GLY B 190 9.18 35.11 19.02
N GLY B 191 8.10 35.14 18.23
CA GLY B 191 7.67 33.94 17.56
C GLY B 191 8.87 33.26 16.93
N ALA B 192 9.75 34.09 16.35
CA ALA B 192 10.95 33.60 15.69
C ALA B 192 11.62 32.39 16.38
N VAL B 193 11.92 32.50 17.65
CA VAL B 193 12.57 31.43 18.37
C VAL B 193 11.96 30.07 18.06
N TYR B 194 10.63 30.03 17.93
CA TYR B 194 9.92 28.76 17.68
C TYR B 194 10.28 28.04 16.42
N SER B 195 10.97 28.68 15.51
CA SER B 195 11.33 27.97 14.31
C SER B 195 12.53 27.13 14.66
N PRO B 196 13.67 27.76 15.03
CA PRO B 196 14.87 26.98 15.39
C PRO B 196 14.51 25.93 16.45
N ALA B 197 13.52 26.30 17.27
CA ALA B 197 13.04 25.41 18.31
C ALA B 197 12.72 24.07 17.70
N MET B 198 12.06 24.07 16.55
CA MET B 198 11.64 22.84 15.91
C MET B 198 12.63 22.21 14.95
N THR B 199 13.80 22.81 14.79
CA THR B 199 14.78 22.21 13.91
C THR B 199 15.55 21.16 14.70
N ASP B 200 16.39 20.38 14.04
CA ASP B 200 17.06 19.32 14.74
C ASP B 200 18.23 19.71 15.61
N PHE B 201 18.82 20.88 15.33
CA PHE B 201 19.97 21.41 16.07
C PHE B 201 19.96 22.93 16.15
N ILE B 202 20.49 23.43 17.26
CA ILE B 202 20.58 24.85 17.49
C ILE B 202 21.99 25.21 17.98
N PHE B 203 22.72 25.93 17.16
CA PHE B 203 24.03 26.33 17.58
C PHE B 203 24.06 27.83 17.75
N MET B 204 24.80 28.29 18.75
CA MET B 204 24.87 29.72 18.97
C MET B 204 26.30 30.18 18.99
N VAL B 205 26.50 31.47 18.70
CA VAL B 205 27.83 32.07 18.68
C VAL B 205 28.09 32.85 19.96
N LYS B 206 28.92 32.24 20.79
CA LYS B 206 29.33 32.71 22.10
C LYS B 206 28.81 34.05 22.55
N ASP B 207 29.29 35.13 21.97
CA ASP B 207 28.83 36.37 22.53
C ASP B 207 27.92 37.27 21.72
N SER B 208 27.90 37.09 20.39
CA SER B 208 27.13 37.95 19.51
C SER B 208 25.69 37.56 19.28
N SER B 209 25.25 36.46 19.87
CA SER B 209 23.91 35.97 19.65
C SER B 209 23.04 35.81 20.89
N TYR B 210 21.74 35.72 20.64
CA TYR B 210 20.79 35.50 21.71
C TYR B 210 19.37 35.22 21.19
N MET B 211 18.53 34.67 22.07
CA MET B 211 17.17 34.37 21.69
C MET B 211 16.27 34.19 22.89
N PHE B 212 15.07 34.76 22.81
CA PHE B 212 14.05 34.68 23.85
C PHE B 212 12.69 35.08 23.31
N VAL B 213 11.64 34.42 23.80
CA VAL B 213 10.28 34.70 23.35
C VAL B 213 9.88 36.14 23.63
N THR B 214 10.14 36.60 24.86
CA THR B 214 9.80 37.97 25.25
C THR B 214 11.07 38.75 25.64
N GLY B 215 11.13 40.03 25.23
CA GLY B 215 12.29 40.86 25.49
C GLY B 215 12.56 41.28 26.93
N PRO B 216 13.80 41.62 27.26
CA PRO B 216 14.21 42.03 28.61
C PRO B 216 13.40 43.20 29.17
N ASP B 217 12.99 44.09 28.27
CA ASP B 217 12.25 45.26 28.65
C ASP B 217 10.83 44.91 29.06
N VAL B 218 10.23 43.93 28.40
CA VAL B 218 8.87 43.53 28.80
C VAL B 218 9.03 42.72 30.08
N VAL B 219 10.12 41.97 30.19
CA VAL B 219 10.34 41.18 31.41
C VAL B 219 10.36 42.13 32.60
N LYS B 220 10.78 43.38 32.35
CA LYS B 220 10.81 44.37 33.42
C LYS B 220 9.41 44.84 33.72
N THR B 221 8.81 45.51 32.76
CA THR B 221 7.48 46.06 32.93
C THR B 221 6.41 45.06 33.40
N VAL B 222 6.75 43.79 33.45
CA VAL B 222 5.79 42.79 33.87
C VAL B 222 6.28 41.98 35.04
N THR B 223 7.59 41.89 35.21
CA THR B 223 8.17 41.14 36.31
C THR B 223 8.95 42.06 37.24
N ASN B 224 9.16 43.29 36.77
CA ASN B 224 9.89 44.30 37.51
C ASN B 224 11.32 43.79 37.65
N GLU B 225 11.63 42.74 36.90
CA GLU B 225 12.95 42.17 36.94
C GLU B 225 13.74 42.85 35.85
N GLN B 226 14.96 43.19 36.17
CA GLN B 226 15.82 43.88 35.24
C GLN B 226 16.93 42.91 34.87
N VAL B 227 17.01 42.58 33.58
CA VAL B 227 18.01 41.66 33.08
C VAL B 227 18.45 42.08 31.66
N SER B 228 19.70 41.80 31.32
CA SER B 228 20.24 42.16 30.01
C SER B 228 19.97 41.08 29.02
N ALA B 229 19.90 41.45 27.75
CA ALA B 229 19.67 40.45 26.73
C ALA B 229 20.61 39.25 26.88
N GLU B 230 21.91 39.48 27.01
CA GLU B 230 22.83 38.38 27.15
C GLU B 230 22.48 37.50 28.34
N GLU B 231 22.04 38.08 29.45
CA GLU B 231 21.70 37.28 30.61
C GLU B 231 20.43 36.47 30.35
N LEU B 232 19.45 37.16 29.78
CA LEU B 232 18.16 36.56 29.48
C LEU B 232 18.23 35.36 28.53
N GLY B 233 18.79 35.57 27.35
CA GLY B 233 18.90 34.48 26.38
C GLY B 233 20.20 34.44 25.59
N GLY B 234 21.32 34.55 26.29
CA GLY B 234 22.63 34.53 25.63
C GLY B 234 23.14 33.13 25.36
N ALA B 235 24.19 33.01 24.54
CA ALA B 235 24.74 31.70 24.21
C ALA B 235 24.94 30.85 25.45
N THR B 236 25.55 31.41 26.48
CA THR B 236 25.76 30.63 27.69
C THR B 236 24.50 30.17 28.37
N THR B 237 23.60 31.12 28.64
CA THR B 237 22.33 30.82 29.29
C THR B 237 21.65 29.62 28.63
N HIS B 238 21.66 29.62 27.29
CA HIS B 238 21.04 28.57 26.51
C HIS B 238 21.78 27.27 26.32
N THR B 239 23.10 27.32 26.32
CA THR B 239 23.88 26.10 26.18
C THR B 239 24.04 25.37 27.50
N ARG B 240 23.67 26.00 28.62
CA ARG B 240 23.77 25.29 29.90
C ARG B 240 22.69 25.49 30.93
N LYS B 241 21.72 26.33 30.66
CA LYS B 241 20.67 26.53 31.65
C LYS B 241 19.25 26.15 31.16
N SER B 242 18.89 26.61 29.96
CA SER B 242 17.56 26.39 29.38
C SER B 242 17.36 25.08 28.68
N SER B 243 18.43 24.54 28.11
CA SER B 243 18.40 23.26 27.36
C SER B 243 18.01 23.52 25.90
N VAL B 244 18.11 24.78 25.48
CA VAL B 244 17.73 25.17 24.14
C VAL B 244 18.80 25.07 23.08
N ALA B 245 20.04 25.46 23.34
CA ALA B 245 21.07 25.35 22.30
C ALA B 245 21.93 24.08 22.45
N ASP B 246 22.50 23.61 21.35
CA ASP B 246 23.33 22.40 21.36
C ASP B 246 24.80 22.68 21.53
N ALA B 247 25.18 23.94 21.39
CA ALA B 247 26.58 24.33 21.55
C ALA B 247 26.76 25.80 21.31
N ALA B 248 27.71 26.42 22.01
CA ALA B 248 27.99 27.84 21.78
C ALA B 248 29.38 27.95 21.17
N PHE B 249 29.46 28.40 19.92
CA PHE B 249 30.76 28.50 19.28
C PHE B 249 31.43 29.82 19.60
N GLU B 250 32.75 29.79 19.62
CA GLU B 250 33.55 30.97 19.91
C GLU B 250 33.28 32.21 19.04
N ASN B 251 33.05 32.03 17.74
CA ASN B 251 32.78 33.15 16.83
C ASN B 251 32.19 32.69 15.50
N ASP B 252 31.82 33.66 14.68
CA ASP B 252 31.21 33.34 13.40
C ASP B 252 31.99 32.36 12.53
N VAL B 253 33.32 32.50 12.49
CA VAL B 253 34.10 31.59 11.64
C VAL B 253 34.15 30.14 12.07
N GLU B 254 34.41 29.87 13.34
CA GLU B 254 34.42 28.48 13.80
C GLU B 254 33.00 27.93 13.75
N ALA B 255 32.03 28.79 14.04
CA ALA B 255 30.62 28.42 14.03
C ALA B 255 30.35 27.76 12.70
N LEU B 256 30.62 28.47 11.62
CA LEU B 256 30.40 27.96 10.28
C LEU B 256 31.18 26.65 9.97
N ALA B 257 32.47 26.63 10.34
CA ALA B 257 33.35 25.48 10.15
C ALA B 257 32.83 24.21 10.86
N GLU B 258 32.42 24.38 12.11
CA GLU B 258 31.89 23.26 12.89
C GLU B 258 30.57 22.75 12.33
N VAL B 259 29.82 23.60 11.64
CA VAL B 259 28.54 23.17 11.09
C VAL B 259 28.73 22.26 9.92
N ARG B 260 29.71 22.59 9.08
CA ARG B 260 30.00 21.70 7.96
C ARG B 260 30.45 20.34 8.57
N ARG B 261 31.30 20.43 9.60
CA ARG B 261 31.80 19.24 10.27
C ARG B 261 30.64 18.40 10.67
N LEU B 262 29.65 19.03 11.28
CA LEU B 262 28.44 18.33 11.68
C LEU B 262 27.82 17.72 10.40
N VAL B 263 27.45 18.54 9.42
CA VAL B 263 26.86 18.04 8.16
C VAL B 263 27.59 16.80 7.56
N ASP B 264 28.92 16.75 7.65
CA ASP B 264 29.64 15.61 7.10
C ASP B 264 29.26 14.25 7.71
N PHE B 265 28.55 14.28 8.82
CA PHE B 265 28.13 13.05 9.53
C PHE B 265 26.71 12.68 9.17
N LEU B 266 25.90 13.69 8.93
CA LEU B 266 24.49 13.49 8.67
C LEU B 266 24.13 12.97 7.32
N PRO B 267 23.04 12.21 7.25
CA PRO B 267 22.55 11.65 5.99
C PRO B 267 21.84 12.84 5.35
N LEU B 268 21.64 12.82 4.04
CA LEU B 268 20.99 13.95 3.40
C LEU B 268 19.48 14.02 3.59
N ASN B 269 18.90 12.90 4.03
CA ASN B 269 17.44 12.82 4.27
C ASN B 269 17.08 11.45 4.87
N ASN B 270 15.81 11.26 5.22
CA ASN B 270 15.44 10.01 5.88
C ASN B 270 15.39 8.78 5.05
N ARG B 271 15.65 8.90 3.75
CA ARG B 271 15.61 7.75 2.87
C ARG B 271 16.95 7.04 2.82
N GLU B 272 18.01 7.79 2.54
CA GLU B 272 19.33 7.20 2.48
C GLU B 272 19.82 6.91 3.88
N LYS B 273 20.89 6.13 3.99
CA LYS B 273 21.42 5.87 5.32
C LYS B 273 22.64 6.72 5.52
N PRO B 274 23.14 6.80 6.76
CA PRO B 274 24.33 7.57 7.12
C PRO B 274 25.37 7.50 6.00
N PRO B 275 25.99 8.65 5.67
CA PRO B 275 27.01 8.71 4.63
C PRO B 275 28.22 7.87 5.00
N VAL B 276 28.99 7.48 3.98
CA VAL B 276 30.19 6.71 4.24
C VAL B 276 31.39 7.43 3.69
N ARG B 277 32.55 7.17 4.27
CA ARG B 277 33.76 7.80 3.77
C ARG B 277 34.98 7.02 4.22
N PRO B 278 36.15 7.34 3.66
CA PRO B 278 37.37 6.63 4.04
C PRO B 278 37.67 6.79 5.53
N PHE B 279 38.42 5.86 6.09
CA PHE B 279 38.76 5.95 7.51
C PHE B 279 40.08 5.27 7.84
N PHE B 280 41.02 6.07 8.29
CA PHE B 280 42.34 5.55 8.60
C PHE B 280 42.46 5.13 10.05
N ASP B 281 41.80 4.01 10.34
CA ASP B 281 41.75 3.41 11.67
C ASP B 281 41.35 1.93 11.49
N ASP B 282 41.59 1.09 12.48
CA ASP B 282 41.21 -0.30 12.30
C ASP B 282 40.04 -0.80 13.20
N PRO B 283 39.00 -1.39 12.57
CA PRO B 283 37.88 -1.89 13.34
C PRO B 283 38.29 -2.88 14.39
N ASP B 284 39.50 -3.41 14.28
CA ASP B 284 40.01 -4.35 15.26
C ASP B 284 40.97 -3.75 16.24
N ARG B 285 41.01 -2.42 16.36
CA ARG B 285 41.92 -1.79 17.32
C ARG B 285 41.64 -2.14 18.80
N ILE B 286 42.71 -2.44 19.54
CA ILE B 286 42.57 -2.76 20.96
C ILE B 286 43.15 -1.67 21.87
N GLU B 287 42.39 -1.26 22.88
CA GLU B 287 42.82 -0.25 23.81
C GLU B 287 42.93 -0.91 25.17
N PRO B 288 44.13 -1.38 25.51
CA PRO B 288 44.34 -2.07 26.78
C PRO B 288 44.13 -1.13 27.96
N SER B 289 44.40 0.15 27.69
CA SER B 289 44.25 1.20 28.67
C SER B 289 42.88 1.06 29.28
N LEU B 290 41.91 0.62 28.46
CA LEU B 290 40.51 0.45 28.88
C LEU B 290 40.32 -0.52 30.02
N ASP B 291 41.12 -1.57 30.04
CA ASP B 291 41.04 -2.57 31.09
C ASP B 291 41.18 -2.07 32.52
N THR B 292 41.54 -0.81 32.69
CA THR B 292 41.72 -0.24 34.03
C THR B 292 40.98 1.09 34.20
N LEU B 293 40.14 1.40 33.21
CA LEU B 293 39.38 2.64 33.24
C LEU B 293 38.39 2.64 34.41
N VAL B 294 37.76 1.51 34.68
CA VAL B 294 36.83 1.50 35.79
C VAL B 294 37.69 1.38 37.04
N PRO B 295 37.65 2.39 37.90
CA PRO B 295 38.43 2.37 39.13
C PRO B 295 38.00 1.24 40.06
N ASP B 296 38.93 0.78 40.91
CA ASP B 296 38.61 -0.28 41.84
C ASP B 296 37.56 0.20 42.83
N ASN B 297 37.86 1.32 43.47
CA ASN B 297 36.93 1.91 44.42
C ASN B 297 35.69 2.36 43.65
N PRO B 298 34.49 1.91 44.05
CA PRO B 298 33.22 2.26 43.42
C PRO B 298 32.75 3.70 43.66
N ASN B 299 33.40 4.40 44.58
CA ASN B 299 33.06 5.79 44.87
C ASN B 299 33.92 6.80 44.06
N THR B 300 34.87 6.27 43.30
CA THR B 300 35.72 7.08 42.46
C THR B 300 35.23 7.07 41.02
N PRO B 301 35.00 8.25 40.44
CA PRO B 301 34.54 8.33 39.07
C PRO B 301 35.66 7.96 38.14
N TYR B 302 35.45 8.34 36.88
CA TYR B 302 36.38 8.15 35.79
C TYR B 302 35.68 8.92 34.68
N ASP B 303 36.39 9.26 33.61
CA ASP B 303 35.68 10.00 32.60
C ASP B 303 35.14 9.13 31.47
N MET B 304 33.83 8.90 31.47
CA MET B 304 33.20 8.12 30.42
C MET B 304 33.68 8.55 29.04
N LYS B 305 34.04 9.82 28.89
CA LYS B 305 34.52 10.29 27.61
C LYS B 305 35.82 9.64 27.15
N GLU B 306 36.62 9.11 28.07
CA GLU B 306 37.85 8.48 27.63
C GLU B 306 37.48 7.33 26.71
N LEU B 307 36.59 6.49 27.22
CA LEU B 307 36.08 5.35 26.48
C LEU B 307 35.62 5.78 25.10
N ILE B 308 34.70 6.76 25.06
CA ILE B 308 34.16 7.25 23.81
C ILE B 308 35.23 7.55 22.80
N HIS B 309 36.26 8.30 23.20
CA HIS B 309 37.31 8.61 22.24
C HIS B 309 38.08 7.38 21.74
N LYS B 310 38.36 6.44 22.65
CA LYS B 310 39.10 5.27 22.25
C LYS B 310 38.32 4.41 21.33
N LEU B 311 37.00 4.37 21.50
CA LEU B 311 36.14 3.55 20.63
C LEU B 311 35.93 4.26 19.32
N ALA B 312 35.68 5.56 19.41
CA ALA B 312 35.45 6.38 18.24
C ALA B 312 36.55 6.11 17.26
N ASP B 313 36.21 6.22 15.98
CA ASP B 313 37.13 5.98 14.87
C ASP B 313 38.41 6.74 15.04
N GLU B 314 38.61 7.84 14.35
CA GLU B 314 39.90 8.48 14.50
C GLU B 314 39.92 9.32 15.74
N GLY B 315 39.27 8.80 16.78
CA GLY B 315 39.20 9.46 18.07
C GLY B 315 38.36 10.72 18.00
N ASP B 316 37.70 10.91 16.87
CA ASP B 316 36.86 12.08 16.65
C ASP B 316 35.49 11.97 17.27
N PHE B 317 35.14 12.94 18.10
CA PHE B 317 33.84 12.89 18.73
C PHE B 317 33.15 14.24 18.77
N TYR B 318 32.21 14.44 17.86
CA TYR B 318 31.47 15.67 17.78
C TYR B 318 30.36 15.62 18.83
N GLU B 319 30.57 16.30 19.95
CA GLU B 319 29.59 16.32 21.03
C GLU B 319 28.41 17.28 20.90
N ILE B 320 27.22 16.80 21.27
CA ILE B 320 26.02 17.64 21.26
C ILE B 320 25.60 17.93 22.70
N GLN B 321 25.22 19.19 22.95
CA GLN B 321 24.82 19.69 24.28
C GLN B 321 25.80 19.30 25.36
N GLU B 322 27.07 19.56 25.10
CA GLU B 322 28.13 19.21 26.03
C GLU B 322 27.96 19.90 27.38
N GLU B 323 27.75 21.19 27.32
CA GLU B 323 27.63 22.00 28.51
C GLU B 323 26.29 21.93 29.24
N PHE B 324 25.43 20.97 28.87
CA PHE B 324 24.12 20.85 29.50
C PHE B 324 23.91 19.42 29.92
N ALA B 325 23.12 19.23 30.98
CA ALA B 325 22.83 17.93 31.55
C ALA B 325 24.09 17.07 31.51
N LYS B 326 25.19 17.65 31.97
CA LYS B 326 26.47 16.97 31.97
C LYS B 326 26.52 15.58 32.60
N ASN B 327 25.44 15.13 33.23
CA ASN B 327 25.49 13.81 33.83
C ASN B 327 25.28 12.72 32.75
N ILE B 328 25.11 13.19 31.52
CA ILE B 328 24.92 12.31 30.39
C ILE B 328 25.58 12.88 29.13
N ILE B 329 26.13 12.01 28.30
CA ILE B 329 26.80 12.49 27.09
C ILE B 329 26.14 12.04 25.80
N THR B 330 25.93 13.00 24.90
CA THR B 330 25.36 12.68 23.58
C THR B 330 26.26 13.21 22.50
N GLY B 331 26.56 12.38 21.52
CA GLY B 331 27.40 12.83 20.45
C GLY B 331 27.43 11.90 19.27
N PHE B 332 28.25 12.27 18.30
CA PHE B 332 28.42 11.51 17.08
C PHE B 332 29.87 11.09 16.93
N ILE B 333 30.05 9.93 16.35
CA ILE B 333 31.37 9.43 16.07
C ILE B 333 31.12 8.59 14.85
N ARG B 334 32.20 8.08 14.26
CA ARG B 334 32.07 7.17 13.12
C ARG B 334 32.75 5.86 13.51
N LEU B 335 32.45 4.82 12.76
CA LEU B 335 33.08 3.54 13.00
C LEU B 335 33.23 3.01 11.60
N GLU B 336 34.43 2.53 11.26
CA GLU B 336 34.63 2.02 9.93
C GLU B 336 34.09 3.08 8.98
N GLY B 337 34.38 4.33 9.29
CA GLY B 337 33.95 5.41 8.43
C GLY B 337 32.44 5.62 8.29
N ARG B 338 31.64 5.13 9.23
CA ARG B 338 30.19 5.38 9.15
C ARG B 338 29.71 6.09 10.42
N THR B 339 28.63 6.85 10.32
CA THR B 339 28.16 7.58 11.47
C THR B 339 27.45 6.77 12.53
N VAL B 340 27.87 6.98 13.78
CA VAL B 340 27.25 6.32 14.92
C VAL B 340 26.98 7.34 16.01
N GLY B 341 25.74 7.37 16.50
CA GLY B 341 25.36 8.27 17.57
C GLY B 341 25.69 7.58 18.87
N VAL B 342 25.91 8.35 19.92
CA VAL B 342 26.26 7.73 21.19
C VAL B 342 25.70 8.46 22.38
N VAL B 343 25.13 7.69 23.28
CA VAL B 343 24.54 8.20 24.51
C VAL B 343 25.27 7.40 25.56
N ALA B 344 25.83 8.08 26.56
CA ALA B 344 26.57 7.42 27.62
C ALA B 344 26.49 8.22 28.92
N ASN B 345 26.47 7.51 30.05
CA ASN B 345 26.41 8.13 31.39
C ASN B 345 27.77 8.72 31.85
N GLN B 346 27.74 9.86 32.54
CA GLN B 346 28.97 10.49 33.00
C GLN B 346 29.10 10.38 34.53
N PRO B 347 30.00 9.52 35.04
CA PRO B 347 30.16 9.37 36.50
C PRO B 347 30.57 10.70 37.15
N LEU B 348 31.42 11.45 36.44
CA LEU B 348 31.93 12.73 36.90
C LEU B 348 30.90 13.74 37.34
N VAL B 349 29.67 13.58 36.88
CA VAL B 349 28.62 14.52 37.26
C VAL B 349 27.43 13.81 37.83
N LEU B 350 26.88 14.36 38.92
CA LEU B 350 25.72 13.72 39.57
C LEU B 350 25.84 12.18 39.66
N ALA B 351 27.08 11.68 39.63
CA ALA B 351 27.29 10.26 39.71
C ALA B 351 26.55 9.52 38.63
N GLY B 352 26.53 10.08 37.41
CA GLY B 352 25.87 9.44 36.29
C GLY B 352 24.39 9.16 36.46
N CYS B 353 23.75 9.97 37.29
CA CYS B 353 22.33 9.80 37.50
C CYS B 353 21.57 10.19 36.28
N LEU B 354 20.36 9.69 36.19
CA LEU B 354 19.48 10.04 35.10
C LEU B 354 18.61 11.05 35.82
N ASP B 355 18.24 12.13 35.15
CA ASP B 355 17.36 13.13 35.76
C ASP B 355 16.53 13.80 34.66
N ILE B 356 15.48 14.53 35.03
CA ILE B 356 14.67 15.21 34.03
C ILE B 356 15.48 15.74 32.84
N ASP B 357 16.42 16.65 33.11
CA ASP B 357 17.27 17.21 32.06
C ASP B 357 18.17 16.18 31.31
N SER B 358 18.90 15.34 32.02
CA SER B 358 19.71 14.39 31.27
C SER B 358 18.80 13.63 30.34
N SER B 359 17.59 13.30 30.84
CA SER B 359 16.59 12.54 30.06
C SER B 359 16.13 13.28 28.84
N ARG B 360 15.70 14.52 29.03
CA ARG B 360 15.27 15.27 27.89
C ARG B 360 16.45 15.37 26.91
N LYS B 361 17.65 15.60 27.43
CA LYS B 361 18.80 15.75 26.55
C LYS B 361 19.11 14.55 25.67
N ALA B 362 19.14 13.36 26.25
CA ALA B 362 19.44 12.17 25.46
C ALA B 362 18.24 11.76 24.63
N ALA B 363 17.05 11.80 25.22
CA ALA B 363 15.82 11.41 24.54
C ALA B 363 15.70 11.96 23.15
N ARG B 364 15.85 13.29 23.01
CA ARG B 364 15.75 13.81 21.66
C ARG B 364 16.89 13.32 20.77
N PHE B 365 18.14 13.37 21.26
CA PHE B 365 19.26 12.87 20.47
C PHE B 365 18.95 11.48 19.86
N VAL B 366 18.48 10.55 20.71
CA VAL B 366 18.11 9.18 20.31
C VAL B 366 17.06 9.27 19.19
N ARG B 367 15.97 10.00 19.44
CA ARG B 367 14.93 10.13 18.43
C ARG B 367 15.41 10.69 17.07
N PHE B 368 16.26 11.72 17.08
CA PHE B 368 16.78 12.27 15.83
C PHE B 368 17.63 11.21 15.09
N CYS B 369 18.48 10.53 15.84
CA CYS B 369 19.34 9.52 15.25
C CYS B 369 18.52 8.41 14.62
N ASP B 370 17.40 8.05 15.27
CA ASP B 370 16.54 6.98 14.76
C ASP B 370 15.75 7.44 13.55
N ALA B 371 15.15 8.62 13.69
CA ALA B 371 14.39 9.18 12.59
C ALA B 371 15.26 9.24 11.34
N PHE B 372 16.58 9.27 11.50
CA PHE B 372 17.48 9.34 10.37
C PHE B 372 18.43 8.11 10.19
N GLU B 373 17.98 6.92 10.58
CA GLU B 373 18.79 5.73 10.39
C GLU B 373 20.25 5.72 10.89
N ILE B 374 20.57 6.56 11.88
CA ILE B 374 21.91 6.57 12.46
C ILE B 374 21.89 5.56 13.62
N PRO B 375 22.83 4.58 13.65
CA PRO B 375 22.79 3.61 14.75
C PRO B 375 23.13 4.26 16.08
N LEU B 376 22.90 3.53 17.15
CA LEU B 376 23.18 4.04 18.47
C LEU B 376 24.14 3.11 19.24
N LEU B 377 25.04 3.70 19.99
CA LEU B 377 25.92 2.93 20.85
C LEU B 377 25.62 3.61 22.17
N THR B 378 25.21 2.82 23.16
CA THR B 378 24.90 3.38 24.46
C THR B 378 25.92 2.81 25.46
N LEU B 379 26.65 3.70 26.13
CA LEU B 379 27.62 3.27 27.13
C LEU B 379 27.01 3.56 28.51
N ILE B 380 26.86 2.49 29.29
CA ILE B 380 26.19 2.53 30.59
C ILE B 380 27.00 2.40 31.89
N ASP B 381 26.58 3.21 32.87
CA ASP B 381 27.10 3.25 34.25
C ASP B 381 26.24 4.22 35.09
N VAL B 382 24.95 3.91 35.18
CA VAL B 382 24.00 4.72 35.92
C VAL B 382 23.61 4.00 37.20
N PRO B 383 23.49 4.76 38.31
CA PRO B 383 23.13 4.22 39.63
C PRO B 383 21.60 4.14 39.80
N GLY B 384 20.90 5.07 39.17
CA GLY B 384 19.46 5.13 39.23
C GLY B 384 19.08 6.54 38.81
N PHE B 385 17.96 7.04 39.28
CA PHE B 385 17.58 8.39 38.93
C PHE B 385 17.96 9.25 40.14
N LEU B 386 18.10 10.56 39.91
CA LEU B 386 18.42 11.56 40.92
C LEU B 386 17.21 11.87 41.81
N PRO B 387 17.27 11.49 43.11
CA PRO B 387 16.23 11.69 44.13
C PRO B 387 15.92 13.15 44.41
N GLY B 388 14.72 13.43 44.88
CA GLY B 388 14.43 14.81 45.18
C GLY B 388 13.02 15.28 44.95
N THR B 389 12.59 16.22 45.80
CA THR B 389 11.25 16.79 45.67
C THR B 389 11.23 17.56 44.36
N SER B 390 12.35 18.22 44.08
CA SER B 390 12.55 19.02 42.90
C SER B 390 12.33 18.19 41.64
N GLN B 391 12.77 16.94 41.67
CA GLN B 391 12.60 16.03 40.54
C GLN B 391 11.12 15.60 40.40
N GLU B 392 10.56 15.05 41.46
CA GLU B 392 9.17 14.62 41.44
C GLU B 392 8.19 15.72 41.12
N TYR B 393 8.34 16.88 41.73
CA TYR B 393 7.40 17.95 41.46
C TYR B 393 7.64 18.45 40.08
N GLY B 394 8.85 18.21 39.59
CA GLY B 394 9.22 18.65 38.25
C GLY B 394 8.74 17.74 37.13
N GLY B 395 8.12 16.62 37.52
CA GLY B 395 7.62 15.66 36.55
C GLY B 395 8.60 14.65 35.98
N VAL B 396 9.47 14.05 36.79
CA VAL B 396 10.38 13.08 36.21
C VAL B 396 9.56 11.93 35.67
N ILE B 397 8.38 11.74 36.24
CA ILE B 397 7.56 10.65 35.78
C ILE B 397 7.40 10.78 34.26
N LYS B 398 7.17 11.99 33.78
CA LYS B 398 7.02 12.22 32.35
C LYS B 398 8.34 12.39 31.63
N HIS B 399 9.15 13.36 32.04
CA HIS B 399 10.44 13.57 31.38
C HIS B 399 11.31 12.30 31.41
N GLY B 400 11.40 11.66 32.57
CA GLY B 400 12.20 10.46 32.69
C GLY B 400 11.82 9.45 31.62
N ALA B 401 10.52 9.29 31.39
CA ALA B 401 10.01 8.33 30.42
C ALA B 401 10.46 8.61 29.01
N LYS B 402 10.62 9.90 28.68
CA LYS B 402 11.02 10.29 27.31
C LYS B 402 12.17 9.47 26.75
N LEU B 403 13.25 9.35 27.50
CA LEU B 403 14.39 8.58 27.02
C LEU B 403 13.99 7.11 26.84
N LEU B 404 13.20 6.61 27.80
CA LEU B 404 12.72 5.24 27.75
C LEU B 404 11.93 5.09 26.43
N TYR B 405 11.02 6.04 26.25
CA TYR B 405 10.19 6.08 25.08
C TYR B 405 11.07 6.07 23.84
N ALA B 406 12.10 6.90 23.85
CA ALA B 406 12.97 6.97 22.72
C ALA B 406 13.62 5.63 22.34
N TYR B 407 14.18 4.92 23.29
CA TYR B 407 14.81 3.63 23.00
C TYR B 407 13.78 2.53 22.62
N GLY B 408 12.59 2.65 23.21
CA GLY B 408 11.50 1.70 22.97
C GLY B 408 11.01 1.81 21.55
N GLU B 409 10.94 3.03 21.07
CA GLU B 409 10.52 3.35 19.74
C GLU B 409 11.61 3.07 18.68
N ALA B 410 12.84 3.48 18.96
CA ALA B 410 13.97 3.32 18.04
C ALA B 410 14.09 1.95 17.47
N THR B 411 14.41 1.92 16.17
CA THR B 411 14.59 0.68 15.43
C THR B 411 15.88 0.63 14.66
N VAL B 412 16.73 1.64 14.76
CA VAL B 412 18.03 1.58 14.08
C VAL B 412 18.80 0.47 14.83
N PRO B 413 20.07 0.17 14.45
CA PRO B 413 20.76 -0.88 15.19
C PRO B 413 21.20 -0.33 16.54
N MET B 414 21.00 -1.11 17.60
CA MET B 414 21.35 -0.65 18.93
C MET B 414 22.30 -1.59 19.68
N VAL B 415 23.52 -1.13 19.88
CA VAL B 415 24.57 -1.85 20.59
C VAL B 415 24.78 -1.16 21.95
N THR B 416 24.94 -1.95 23.00
CA THR B 416 25.13 -1.40 24.34
C THR B 416 26.30 -2.03 25.07
N VAL B 417 27.00 -1.24 25.88
CA VAL B 417 28.09 -1.77 26.69
C VAL B 417 27.96 -1.16 28.08
N ILE B 418 27.74 -2.03 29.06
CA ILE B 418 27.60 -1.60 30.44
C ILE B 418 29.00 -1.70 31.00
N THR B 419 29.55 -0.56 31.42
CA THR B 419 30.90 -0.55 31.99
C THR B 419 30.89 -0.87 33.49
N ARG B 420 29.89 -0.39 34.22
CA ARG B 420 29.82 -0.66 35.64
C ARG B 420 28.40 -0.79 36.23
N LYS B 421 27.84 0.32 36.68
CA LYS B 421 26.51 0.33 37.30
C LYS B 421 25.31 0.29 36.36
N ALA B 422 24.39 -0.65 36.61
CA ALA B 422 23.14 -0.76 35.83
C ALA B 422 22.01 -1.13 36.79
N TYR B 423 21.60 -0.22 37.65
CA TYR B 423 20.60 -0.60 38.60
C TYR B 423 19.18 -0.19 38.34
N GLY B 424 18.25 -1.07 38.67
CA GLY B 424 16.84 -0.79 38.52
C GLY B 424 16.31 -0.08 37.27
N GLY B 425 15.26 0.71 37.46
CA GLY B 425 14.63 1.44 36.38
C GLY B 425 15.61 1.97 35.37
N ALA B 426 16.60 2.73 35.83
CA ALA B 426 17.59 3.28 34.91
C ALA B 426 18.16 2.17 34.02
N TYR B 427 18.56 1.07 34.65
CA TYR B 427 19.11 -0.05 33.90
C TYR B 427 18.25 -0.37 32.67
N VAL B 428 16.95 -0.44 32.91
CA VAL B 428 15.98 -0.73 31.89
C VAL B 428 15.99 0.37 30.83
N VAL B 429 15.86 1.63 31.25
CA VAL B 429 15.82 2.75 30.30
C VAL B 429 17.03 2.78 29.39
N MET B 430 18.23 2.64 29.95
CA MET B 430 19.43 2.67 29.13
C MET B 430 19.53 1.55 28.08
N SER B 431 18.79 1.70 26.99
CA SER B 431 18.84 0.75 25.89
C SER B 431 18.97 -0.70 26.37
N SER B 432 18.12 -1.12 27.29
CA SER B 432 18.21 -2.49 27.82
C SER B 432 17.78 -3.48 26.78
N LYS B 433 17.95 -4.77 27.04
CA LYS B 433 17.54 -5.77 26.03
C LYS B 433 16.04 -5.90 25.91
N HIS B 434 15.33 -5.35 26.88
CA HIS B 434 13.90 -5.40 26.89
C HIS B 434 13.35 -4.30 25.99
N LEU B 435 14.24 -3.43 25.53
CA LEU B 435 13.81 -2.34 24.66
C LEU B 435 14.16 -2.74 23.23
N ARG B 436 14.51 -4.02 23.15
CA ARG B 436 14.90 -4.76 21.95
C ARG B 436 16.18 -4.30 21.27
N ALA B 437 17.17 -3.93 22.09
CA ALA B 437 18.48 -3.53 21.58
C ALA B 437 19.03 -4.80 20.97
N ASP B 438 20.01 -4.64 20.09
CA ASP B 438 20.57 -5.79 19.44
C ASP B 438 21.67 -6.45 20.28
N PHE B 439 22.70 -5.70 20.63
CA PHE B 439 23.76 -6.29 21.41
C PHE B 439 23.83 -5.71 22.79
N ASN B 440 23.79 -6.58 23.79
CA ASN B 440 23.87 -6.08 25.14
C ASN B 440 25.09 -6.66 25.80
N TYR B 441 26.23 -5.99 25.56
CA TYR B 441 27.58 -6.31 26.05
C TYR B 441 27.76 -5.82 27.45
N ALA B 442 28.69 -6.43 28.16
CA ALA B 442 28.98 -6.04 29.54
C ALA B 442 30.43 -6.24 29.91
N TRP B 443 31.00 -5.28 30.62
CA TRP B 443 32.37 -5.41 31.07
C TRP B 443 32.25 -6.24 32.33
N PRO B 444 33.32 -6.96 32.70
CA PRO B 444 33.22 -7.78 33.91
C PRO B 444 32.91 -6.90 35.14
N THR B 445 33.27 -5.63 35.10
CA THR B 445 32.97 -4.75 36.21
C THR B 445 31.48 -4.32 36.25
N ALA B 446 30.68 -4.86 35.35
CA ALA B 446 29.27 -4.51 35.32
C ALA B 446 28.55 -5.11 36.53
N GLU B 447 27.46 -4.45 36.93
CA GLU B 447 26.65 -4.88 38.06
C GLU B 447 25.22 -4.51 37.73
N VAL B 448 24.46 -5.47 37.26
CA VAL B 448 23.07 -5.18 36.95
C VAL B 448 22.19 -5.81 38.03
N ALA B 449 21.35 -5.00 38.67
CA ALA B 449 20.49 -5.53 39.71
C ALA B 449 19.36 -4.59 40.12
N VAL B 450 18.31 -5.18 40.69
CA VAL B 450 17.13 -4.46 41.13
C VAL B 450 17.42 -3.14 41.84
N MET B 451 18.44 -3.14 42.70
CA MET B 451 18.90 -1.95 43.44
C MET B 451 20.16 -2.38 44.15
N GLY B 452 20.82 -1.46 44.84
CA GLY B 452 22.06 -1.80 45.54
C GLY B 452 21.88 -2.89 46.58
N ALA B 453 22.97 -3.59 46.87
CA ALA B 453 22.97 -4.67 47.86
C ALA B 453 22.39 -4.21 49.20
N LYS B 454 22.77 -3.02 49.64
CA LYS B 454 22.27 -2.50 50.89
C LYS B 454 20.75 -2.44 50.90
N GLY B 455 20.21 -1.48 50.15
CA GLY B 455 18.77 -1.29 50.09
C GLY B 455 18.03 -2.58 49.82
N ALA B 456 18.54 -3.34 48.88
CA ALA B 456 17.91 -4.61 48.54
C ALA B 456 17.71 -5.40 49.83
N THR B 457 18.80 -5.55 50.59
CA THR B 457 18.78 -6.31 51.84
C THR B 457 17.76 -5.84 52.88
N GLU B 458 17.70 -4.52 53.10
CA GLU B 458 16.77 -3.98 54.09
C GLU B 458 15.33 -4.32 53.74
N ILE B 459 15.03 -4.50 52.46
CA ILE B 459 13.67 -4.81 52.04
C ILE B 459 13.47 -6.32 52.17
N ILE B 460 14.39 -7.08 51.61
CA ILE B 460 14.30 -8.54 51.65
C ILE B 460 14.36 -9.11 53.06
N HIS B 461 15.14 -8.49 53.92
CA HIS B 461 15.30 -8.95 55.30
C HIS B 461 14.94 -7.90 56.31
N ARG B 462 13.67 -7.79 56.66
CA ARG B 462 13.24 -6.81 57.65
C ARG B 462 13.62 -7.24 59.05
N GLY B 463 13.03 -8.36 59.47
CA GLY B 463 13.31 -8.90 60.78
C GLY B 463 14.75 -9.40 60.82
N ASP B 464 15.69 -8.47 60.83
CA ASP B 464 17.13 -8.80 60.88
C ASP B 464 17.93 -7.51 61.03
N LEU B 465 17.24 -6.37 61.02
CA LEU B 465 17.91 -5.07 61.15
C LEU B 465 18.43 -4.85 62.58
N GLY B 466 17.69 -5.37 63.55
CA GLY B 466 18.10 -5.24 64.93
C GLY B 466 19.31 -6.11 65.23
N ASP B 467 19.90 -6.68 64.20
CA ASP B 467 21.08 -7.54 64.34
C ASP B 467 22.14 -7.10 63.31
N PRO B 468 22.67 -5.87 63.45
CA PRO B 468 23.68 -5.28 62.58
C PRO B 468 24.78 -6.18 62.01
N GLU B 469 24.75 -7.46 62.36
CA GLU B 469 25.72 -8.40 61.82
C GLU B 469 25.02 -9.26 60.82
N LYS B 470 23.70 -9.41 60.98
CA LYS B 470 22.89 -10.18 60.07
C LYS B 470 22.85 -9.36 58.80
N ILE B 471 22.35 -8.13 58.89
CA ILE B 471 22.26 -7.25 57.74
C ILE B 471 23.62 -6.88 57.19
N ALA B 472 24.64 -6.94 58.02
CA ALA B 472 25.97 -6.62 57.55
C ALA B 472 26.42 -7.80 56.68
N GLN B 473 25.90 -8.97 57.01
CA GLN B 473 26.22 -10.19 56.29
C GLN B 473 25.27 -10.42 55.14
N HIS B 474 24.01 -10.03 55.32
CA HIS B 474 23.01 -10.19 54.29
C HIS B 474 23.39 -9.32 53.09
N THR B 475 23.93 -8.15 53.38
CA THR B 475 24.34 -7.27 52.33
C THR B 475 25.52 -7.88 51.63
N ALA B 476 26.51 -8.27 52.41
CA ALA B 476 27.70 -8.86 51.86
C ALA B 476 27.40 -10.04 50.94
N ASP B 477 26.24 -10.67 51.11
CA ASP B 477 25.89 -11.79 50.25
C ASP B 477 25.19 -11.33 48.99
N TYR B 478 24.29 -10.35 49.15
CA TYR B 478 23.58 -9.81 48.00
C TYR B 478 24.64 -9.24 47.07
N GLU B 479 25.59 -8.54 47.67
CA GLU B 479 26.71 -7.94 46.96
C GLU B 479 27.46 -9.04 46.20
N GLU B 480 27.92 -10.06 46.91
CA GLU B 480 28.67 -11.16 46.29
C GLU B 480 27.91 -12.04 45.32
N ARG B 481 26.59 -12.02 45.41
CA ARG B 481 25.76 -12.87 44.57
C ARG B 481 25.02 -12.17 43.44
N PHE B 482 24.75 -10.87 43.59
CA PHE B 482 23.99 -10.13 42.57
C PHE B 482 24.60 -8.92 41.90
N ALA B 483 25.58 -8.30 42.55
CA ALA B 483 26.23 -7.15 41.94
C ALA B 483 27.31 -7.59 40.97
N ASN B 484 26.88 -7.89 39.76
CA ASN B 484 27.77 -8.34 38.70
C ASN B 484 26.95 -8.48 37.43
N PRO B 485 27.57 -8.98 36.36
CA PRO B 485 26.78 -9.11 35.14
C PRO B 485 26.29 -10.53 34.89
N PHE B 486 26.73 -11.47 35.71
CA PHE B 486 26.40 -12.86 35.46
C PHE B 486 25.00 -13.36 35.70
N VAL B 487 24.27 -12.82 36.66
CA VAL B 487 22.91 -13.29 36.85
C VAL B 487 22.14 -12.86 35.61
N ALA B 488 22.46 -11.67 35.11
CA ALA B 488 21.82 -11.15 33.91
C ALA B 488 22.23 -11.97 32.69
N SER B 489 23.43 -12.54 32.72
CA SER B 489 23.89 -13.37 31.63
C SER B 489 23.16 -14.70 31.64
N GLU B 490 22.99 -15.31 32.80
CA GLU B 490 22.28 -16.56 32.86
C GLU B 490 20.92 -16.40 32.22
N ARG B 491 20.38 -15.18 32.31
CA ARG B 491 19.07 -14.88 31.73
C ARG B 491 19.06 -14.50 30.25
N GLY B 492 20.22 -14.19 29.68
CA GLY B 492 20.27 -13.81 28.29
C GLY B 492 20.20 -12.29 28.10
N PHE B 493 19.95 -11.58 29.18
CA PHE B 493 19.88 -10.14 29.12
C PHE B 493 21.15 -9.44 28.66
N VAL B 494 22.29 -10.09 28.88
CA VAL B 494 23.54 -9.54 28.44
C VAL B 494 24.02 -10.60 27.46
N ASP B 495 24.10 -10.26 26.19
CA ASP B 495 24.53 -11.23 25.20
C ASP B 495 25.93 -11.78 25.45
N GLU B 496 26.76 -10.99 26.12
CA GLU B 496 28.11 -11.42 26.43
C GLU B 496 28.83 -10.42 27.32
N VAL B 497 29.79 -10.94 28.09
CA VAL B 497 30.63 -10.14 28.98
C VAL B 497 31.99 -10.17 28.29
N ILE B 498 32.53 -9.00 28.02
CA ILE B 498 33.78 -8.90 27.31
C ILE B 498 34.92 -8.24 28.06
N GLN B 499 36.12 -8.41 27.49
CA GLN B 499 37.32 -7.84 28.03
C GLN B 499 37.31 -6.38 27.58
N PRO B 500 37.36 -5.44 28.52
CA PRO B 500 37.33 -4.02 28.12
C PRO B 500 38.17 -3.60 26.90
N ARG B 501 39.41 -4.06 26.81
CA ARG B 501 40.28 -3.70 25.70
C ARG B 501 39.69 -3.99 24.31
N SER B 502 38.83 -5.02 24.22
CA SER B 502 38.27 -5.39 22.93
C SER B 502 36.97 -4.72 22.51
N THR B 503 36.42 -3.87 23.37
CA THR B 503 35.18 -3.18 23.07
C THR B 503 35.13 -2.64 21.64
N ARG B 504 36.12 -1.84 21.24
CA ARG B 504 36.17 -1.28 19.87
C ARG B 504 35.97 -2.40 18.87
N LYS B 505 36.68 -3.51 19.06
CA LYS B 505 36.50 -4.60 18.11
C LYS B 505 35.09 -5.22 18.18
N ARG B 506 34.59 -5.50 19.37
CA ARG B 506 33.24 -6.12 19.53
C ARG B 506 32.11 -5.29 18.90
N VAL B 507 32.07 -4.03 19.28
CA VAL B 507 31.10 -3.04 18.84
C VAL B 507 31.12 -2.75 17.34
N ALA B 508 32.32 -2.63 16.77
CA ALA B 508 32.45 -2.33 15.34
C ALA B 508 31.78 -3.39 14.48
N ARG B 509 32.13 -4.65 14.74
CA ARG B 509 31.55 -5.69 13.91
C ARG B 509 30.10 -5.94 14.30
N ALA B 510 29.75 -5.61 15.54
CA ALA B 510 28.37 -5.80 15.94
C ALA B 510 27.50 -4.92 15.02
N PHE B 511 27.93 -3.69 14.82
CA PHE B 511 27.17 -2.79 13.98
C PHE B 511 27.26 -3.25 12.56
N ALA B 512 28.45 -3.63 12.12
CA ALA B 512 28.67 -4.09 10.75
C ALA B 512 27.61 -5.09 10.39
N SER B 513 27.41 -6.08 11.26
CA SER B 513 26.42 -7.13 11.07
C SER B 513 24.94 -6.68 11.13
N LEU B 514 24.72 -5.45 11.52
CA LEU B 514 23.36 -4.98 11.64
C LEU B 514 23.01 -4.01 10.53
N ARG B 515 23.91 -3.84 9.57
CA ARG B 515 23.69 -2.86 8.51
C ARG B 515 22.45 -3.09 7.72
N ASN B 516 22.00 -4.33 7.79
CA ASN B 516 20.82 -4.75 7.08
C ASN B 516 19.61 -4.80 7.97
N LYS B 517 19.81 -4.62 9.27
CA LYS B 517 18.68 -4.65 10.20
C LYS B 517 17.46 -3.98 9.64
N SER B 518 16.31 -4.59 9.81
CA SER B 518 15.07 -3.97 9.40
C SER B 518 13.99 -4.44 10.37
N VAL B 519 13.37 -3.49 11.04
CA VAL B 519 12.37 -3.84 12.00
C VAL B 519 11.18 -2.95 11.83
N GLN B 520 10.00 -3.51 12.04
CA GLN B 520 8.78 -2.75 11.85
C GLN B 520 7.97 -2.39 13.11
N MET B 521 7.67 -1.11 13.27
CA MET B 521 6.82 -0.69 14.38
C MET B 521 5.38 -0.71 13.79
N PRO B 522 4.36 -0.93 14.65
CA PRO B 522 2.95 -0.99 14.27
C PRO B 522 2.56 0.28 13.54
N TRP B 523 1.60 0.21 12.62
CA TRP B 523 1.24 1.42 11.92
C TRP B 523 0.48 2.42 12.78
N LYS B 524 0.76 3.71 12.57
CA LYS B 524 0.09 4.77 13.33
C LYS B 524 0.39 6.13 12.64
N LYS B 525 -0.50 7.11 12.78
CA LYS B 525 -0.26 8.43 12.18
C LYS B 525 1.02 8.94 12.79
N HIS B 526 1.09 8.91 14.13
CA HIS B 526 2.28 9.31 14.88
C HIS B 526 2.25 8.84 16.34
N ASP B 527 3.35 9.03 17.05
CA ASP B 527 3.46 8.60 18.44
C ASP B 527 2.75 9.57 19.37
N ASN B 528 2.75 9.29 20.68
CA ASN B 528 2.12 10.17 21.66
C ASN B 528 3.02 10.38 22.87
N ILE B 529 4.32 10.20 22.66
CA ILE B 529 5.31 10.35 23.71
C ILE B 529 4.96 11.50 24.66
N PRO B 530 5.24 11.34 25.97
CA PRO B 530 4.96 12.37 26.98
C PRO B 530 5.70 13.66 26.60
N LEU B 531 5.13 14.79 26.99
CA LEU B 531 5.75 16.06 26.66
C LEU B 531 6.23 16.80 27.89
N PHE C 2 52.37 63.41 -28.85
CA PHE C 2 51.87 62.01 -28.91
C PHE C 2 50.96 61.69 -27.71
N ASN C 3 49.69 61.43 -28.01
CA ASN C 3 48.70 61.10 -26.99
C ASN C 3 47.35 60.75 -27.61
N LYS C 4 46.29 61.45 -27.20
CA LYS C 4 44.94 61.19 -27.70
C LYS C 4 44.79 61.29 -29.22
N ILE C 5 44.93 60.16 -29.89
CA ILE C 5 44.82 60.08 -31.36
C ILE C 5 43.59 59.28 -31.77
N LEU C 6 42.72 59.90 -32.54
CA LEU C 6 41.50 59.25 -32.97
C LEU C 6 41.75 58.41 -34.20
N ILE C 7 40.77 57.59 -34.56
CA ILE C 7 40.80 56.74 -35.75
C ILE C 7 39.53 57.04 -36.52
N ALA C 8 39.68 57.40 -37.79
CA ALA C 8 38.54 57.72 -38.62
C ALA C 8 37.99 56.50 -39.32
N ASN C 9 38.55 55.33 -39.01
CA ASN C 9 38.10 54.10 -39.64
C ASN C 9 37.45 53.12 -38.63
N ARG C 10 37.40 51.83 -39.00
CA ARG C 10 36.80 50.79 -38.18
C ARG C 10 37.37 49.42 -38.50
N GLY C 11 36.50 48.42 -38.61
CA GLY C 11 36.90 47.07 -38.93
C GLY C 11 38.25 46.60 -38.40
N GLU C 12 38.89 45.74 -39.19
CA GLU C 12 40.18 45.18 -38.83
C GLU C 12 41.21 46.29 -38.79
N ILE C 13 41.20 47.12 -39.81
CA ILE C 13 42.16 48.20 -39.91
C ILE C 13 42.23 49.06 -38.66
N ALA C 14 41.07 49.44 -38.13
CA ALA C 14 41.01 50.27 -36.93
C ALA C 14 41.84 49.57 -35.86
N CYS C 15 41.49 48.31 -35.61
CA CYS C 15 42.21 47.55 -34.62
C CYS C 15 43.68 47.63 -35.01
N ARG C 16 43.96 47.34 -36.29
CA ARG C 16 45.34 47.36 -36.80
C ARG C 16 46.15 48.57 -36.31
N VAL C 17 45.56 49.75 -36.38
CA VAL C 17 46.26 50.94 -35.93
C VAL C 17 46.27 50.98 -34.41
N ILE C 18 45.07 50.88 -33.83
CA ILE C 18 44.89 50.92 -32.40
C ILE C 18 45.88 50.03 -31.66
N LYS C 19 46.05 48.81 -32.16
CA LYS C 19 46.96 47.87 -31.53
C LYS C 19 48.39 48.41 -31.59
N THR C 20 48.64 49.35 -32.49
CA THR C 20 49.97 49.93 -32.63
C THR C 20 50.10 51.16 -31.75
N ALA C 21 49.08 52.02 -31.78
CA ALA C 21 49.10 53.24 -30.97
C ALA C 21 49.41 52.95 -29.50
N ARG C 22 48.53 52.14 -28.90
CA ARG C 22 48.64 51.78 -27.50
C ARG C 22 49.89 50.94 -27.19
N LYS C 23 50.50 50.32 -28.19
CA LYS C 23 51.71 49.51 -27.96
C LYS C 23 52.89 50.47 -27.69
N MET C 24 52.69 51.72 -28.09
CA MET C 24 53.67 52.79 -27.91
C MET C 24 53.04 53.80 -26.97
N GLY C 25 52.37 53.31 -25.94
CA GLY C 25 51.72 54.19 -24.98
C GLY C 25 51.19 55.44 -25.63
N ILE C 26 50.05 55.32 -26.28
CA ILE C 26 49.44 56.46 -26.93
C ILE C 26 47.93 56.40 -26.70
N SER C 27 47.40 57.40 -26.00
CA SER C 27 45.96 57.44 -25.69
C SER C 27 45.10 57.14 -26.90
N THR C 28 44.62 55.92 -27.00
CA THR C 28 43.80 55.54 -28.14
C THR C 28 42.38 56.07 -28.02
N VAL C 29 41.74 56.28 -29.16
CA VAL C 29 40.36 56.76 -29.22
C VAL C 29 39.71 56.25 -30.49
N ALA C 30 38.39 56.07 -30.48
CA ALA C 30 37.70 55.55 -31.66
C ALA C 30 36.33 56.17 -31.86
N ILE C 31 35.69 55.80 -32.96
CA ILE C 31 34.35 56.26 -33.31
C ILE C 31 33.60 55.02 -33.78
N TYR C 32 32.28 55.10 -33.89
CA TYR C 32 31.50 53.94 -34.34
C TYR C 32 30.05 54.29 -34.64
N SER C 33 29.51 53.74 -35.72
CA SER C 33 28.11 54.02 -36.08
C SER C 33 27.22 53.31 -35.07
N ASP C 34 25.98 53.04 -35.48
CA ASP C 34 25.03 52.33 -34.61
C ASP C 34 25.29 50.82 -34.65
N ALA C 35 25.17 50.24 -35.85
CA ALA C 35 25.41 48.82 -36.04
C ALA C 35 26.91 48.55 -35.98
N ASP C 36 27.54 49.04 -34.92
CA ASP C 36 28.97 48.90 -34.74
C ASP C 36 29.35 49.21 -33.29
N LYS C 37 28.37 49.16 -32.39
CA LYS C 37 28.63 49.42 -30.98
C LYS C 37 29.40 48.23 -30.43
N GLN C 38 29.19 47.10 -31.08
CA GLN C 38 29.83 45.83 -30.75
C GLN C 38 31.29 45.79 -31.19
N ALA C 39 31.50 46.05 -32.49
CA ALA C 39 32.82 46.04 -33.13
C ALA C 39 34.03 46.01 -32.20
N LEU C 40 34.91 45.07 -32.51
CA LEU C 40 36.11 44.86 -31.73
C LEU C 40 36.98 46.08 -31.58
N HIS C 41 36.95 46.99 -32.55
CA HIS C 41 37.79 48.18 -32.44
C HIS C 41 37.30 49.07 -31.33
N VAL C 42 35.98 49.21 -31.25
CA VAL C 42 35.36 50.02 -30.22
C VAL C 42 36.04 49.66 -28.89
N GLN C 43 35.87 48.41 -28.50
CA GLN C 43 36.43 47.93 -27.24
C GLN C 43 37.95 47.91 -27.14
N MET C 44 38.65 48.05 -28.26
CA MET C 44 40.11 48.04 -28.20
C MET C 44 40.70 49.39 -27.81
N ALA C 45 39.94 50.46 -28.08
CA ALA C 45 40.37 51.81 -27.77
C ALA C 45 40.10 52.24 -26.33
N ASP C 46 40.81 53.29 -25.88
CA ASP C 46 40.66 53.83 -24.52
C ASP C 46 39.47 54.79 -24.41
N GLU C 47 38.77 54.99 -25.51
CA GLU C 47 37.61 55.89 -25.57
C GLU C 47 36.83 55.52 -26.81
N ALA C 48 35.66 56.11 -26.98
CA ALA C 48 34.86 55.83 -28.15
C ALA C 48 33.67 56.76 -28.18
N VAL C 49 33.37 57.27 -29.36
CA VAL C 49 32.25 58.20 -29.54
C VAL C 49 31.34 57.74 -30.66
N HIS C 50 30.03 57.87 -30.47
CA HIS C 50 29.09 57.48 -31.51
C HIS C 50 29.41 58.41 -32.67
N ILE C 51 28.76 58.20 -33.80
CA ILE C 51 28.94 59.05 -34.97
C ILE C 51 27.74 58.93 -35.91
N GLY C 52 26.58 58.58 -35.34
CA GLY C 52 25.38 58.47 -36.15
C GLY C 52 24.98 57.05 -36.49
N PRO C 53 24.17 56.88 -37.55
CA PRO C 53 23.62 55.62 -38.07
C PRO C 53 24.63 54.66 -38.70
N PRO C 54 24.15 53.48 -39.11
CA PRO C 54 25.03 52.48 -39.72
C PRO C 54 25.75 52.87 -41.00
N PRO C 55 25.04 53.51 -41.96
CA PRO C 55 25.76 53.88 -43.19
C PRO C 55 26.82 54.93 -42.86
N ALA C 56 27.99 54.79 -43.47
CA ALA C 56 29.11 55.71 -43.23
C ALA C 56 28.90 57.05 -43.92
N ASN C 57 28.02 57.07 -44.93
CA ASN C 57 27.69 58.29 -45.63
C ASN C 57 26.77 59.04 -44.68
N GLN C 58 26.89 58.72 -43.39
CA GLN C 58 26.09 59.32 -42.32
C GLN C 58 26.77 59.10 -40.99
N SER C 59 28.00 58.62 -41.01
CA SER C 59 28.70 58.35 -39.76
C SER C 59 30.21 58.33 -39.86
N TYR C 60 30.74 57.57 -40.79
CA TYR C 60 32.19 57.46 -40.94
C TYR C 60 32.78 58.41 -41.97
N ILE C 61 31.94 58.89 -42.88
CA ILE C 61 32.40 59.82 -43.90
C ILE C 61 32.10 61.26 -43.48
N VAL C 62 30.95 61.48 -42.84
CA VAL C 62 30.55 62.81 -42.38
C VAL C 62 31.68 63.49 -41.61
N ILE C 63 32.29 64.51 -42.23
CA ILE C 63 33.43 65.21 -41.63
C ILE C 63 33.06 66.05 -40.41
N ASP C 64 31.81 66.50 -40.38
CA ASP C 64 31.31 67.31 -39.27
C ASP C 64 31.33 66.40 -38.03
N LYS C 65 30.64 65.28 -38.16
CA LYS C 65 30.54 64.26 -37.12
C LYS C 65 31.92 63.94 -36.58
N VAL C 66 32.78 63.42 -37.45
CA VAL C 66 34.14 63.06 -37.08
C VAL C 66 34.80 64.17 -36.28
N MET C 67 34.94 65.33 -36.92
CA MET C 67 35.53 66.52 -36.31
C MET C 67 35.01 66.75 -34.88
N ALA C 68 33.70 67.01 -34.77
CA ALA C 68 33.04 67.26 -33.49
C ALA C 68 33.59 66.36 -32.38
N ALA C 69 33.87 65.12 -32.73
CA ALA C 69 34.39 64.13 -31.81
C ALA C 69 35.90 64.24 -31.66
N ILE C 70 36.59 64.56 -32.76
CA ILE C 70 38.04 64.69 -32.75
C ILE C 70 38.49 65.71 -31.72
N ARG C 71 37.68 66.75 -31.57
CA ARG C 71 37.95 67.78 -30.59
C ARG C 71 37.25 67.30 -29.32
N ALA C 72 36.01 66.82 -29.47
CA ALA C 72 35.24 66.31 -28.34
C ALA C 72 36.11 65.41 -27.46
N THR C 73 37.13 64.79 -28.07
CA THR C 73 38.05 63.91 -27.34
C THR C 73 39.47 64.47 -27.36
N GLY C 74 39.62 65.62 -28.01
CA GLY C 74 40.92 66.25 -28.12
C GLY C 74 41.86 65.46 -29.01
N ALA C 75 42.11 65.97 -30.21
CA ALA C 75 42.99 65.31 -31.17
C ALA C 75 44.47 65.36 -30.79
N GLN C 76 45.34 65.09 -31.75
CA GLN C 76 46.81 65.07 -31.55
C GLN C 76 47.42 64.36 -32.76
N ALA C 77 46.58 63.61 -33.46
CA ALA C 77 46.98 62.86 -34.65
C ALA C 77 45.91 61.82 -35.02
N VAL C 78 44.94 62.24 -35.83
CA VAL C 78 43.89 61.33 -36.28
C VAL C 78 44.45 60.44 -37.40
N HIS C 79 43.95 59.20 -37.49
CA HIS C 79 44.39 58.30 -38.54
C HIS C 79 43.16 57.86 -39.31
N PRO C 80 43.24 57.85 -40.66
CA PRO C 80 42.09 57.44 -41.49
C PRO C 80 42.07 55.98 -41.92
N GLY C 81 43.13 55.24 -41.60
CA GLY C 81 43.20 53.86 -41.99
C GLY C 81 43.31 53.79 -43.50
N TYR C 82 42.18 53.61 -44.16
CA TYR C 82 42.15 53.58 -45.62
C TYR C 82 40.74 53.45 -46.17
N GLY C 83 40.61 53.56 -47.48
CA GLY C 83 39.32 53.44 -48.13
C GLY C 83 38.17 54.34 -47.67
N PHE C 84 38.42 55.29 -46.75
CA PHE C 84 37.36 56.20 -46.29
C PHE C 84 37.72 57.66 -46.56
N LEU C 85 38.25 58.33 -45.55
CA LEU C 85 38.66 59.71 -45.70
C LEU C 85 40.18 59.74 -45.76
N SER C 86 40.76 58.57 -45.92
CA SER C 86 42.20 58.45 -46.01
C SER C 86 42.70 59.26 -47.20
N GLU C 87 41.78 59.53 -48.12
CA GLU C 87 42.09 60.31 -49.32
C GLU C 87 40.93 61.19 -49.76
N ASN C 88 40.56 62.13 -48.91
CA ASN C 88 39.50 63.09 -49.22
C ASN C 88 39.92 64.43 -48.64
N SER C 89 40.51 65.26 -49.49
CA SER C 89 41.01 66.58 -49.11
C SER C 89 40.16 67.36 -48.11
N LYS C 90 38.86 67.49 -48.36
CA LYS C 90 38.01 68.23 -47.43
C LYS C 90 38.40 67.95 -45.99
N PHE C 91 38.40 66.67 -45.62
CA PHE C 91 38.77 66.24 -44.28
C PHE C 91 40.24 66.60 -44.00
N ALA C 92 41.10 66.44 -45.01
CA ALA C 92 42.53 66.71 -44.87
C ALA C 92 42.86 68.15 -44.43
N GLU C 93 42.03 69.09 -44.85
CA GLU C 93 42.25 70.50 -44.50
C GLU C 93 41.60 70.85 -43.16
N ALA C 94 40.39 70.34 -42.94
CA ALA C 94 39.66 70.60 -41.72
C ALA C 94 40.52 70.22 -40.53
N LEU C 95 41.44 69.27 -40.74
CA LEU C 95 42.36 68.79 -39.69
C LEU C 95 43.46 69.80 -39.39
N GLU C 96 44.02 70.38 -40.45
CA GLU C 96 45.09 71.39 -40.34
C GLU C 96 44.45 72.65 -39.77
N ALA C 97 43.16 72.80 -40.06
CA ALA C 97 42.37 73.92 -39.57
C ALA C 97 42.18 73.68 -38.07
N GLU C 98 42.97 72.77 -37.50
CA GLU C 98 42.91 72.43 -36.07
C GLU C 98 44.30 72.07 -35.54
N GLY C 99 45.14 71.50 -36.40
CA GLY C 99 46.47 71.11 -35.96
C GLY C 99 46.53 69.60 -35.80
N VAL C 100 45.40 68.95 -36.09
CA VAL C 100 45.30 67.49 -35.98
C VAL C 100 46.11 66.86 -37.11
N ILE C 101 47.32 66.41 -36.80
CA ILE C 101 48.20 65.80 -37.80
C ILE C 101 47.63 64.58 -38.55
N PHE C 102 46.93 64.82 -39.65
CA PHE C 102 46.40 63.72 -40.45
C PHE C 102 47.60 62.82 -40.82
N VAL C 103 47.90 61.82 -39.99
CA VAL C 103 49.04 60.93 -40.26
C VAL C 103 48.89 60.23 -41.62
N GLY C 104 49.76 60.60 -42.56
CA GLY C 104 49.70 60.02 -43.90
C GLY C 104 50.36 60.90 -44.96
N PRO C 105 49.66 61.21 -46.06
CA PRO C 105 50.25 62.06 -47.10
C PRO C 105 49.61 63.44 -47.09
N PRO C 106 50.34 64.46 -47.59
CA PRO C 106 49.85 65.85 -47.64
C PRO C 106 48.74 65.99 -48.68
N LYS C 107 47.64 66.64 -48.30
CA LYS C 107 46.49 66.80 -49.20
C LYS C 107 46.82 67.18 -50.63
N GLY C 108 48.05 67.64 -50.85
CA GLY C 108 48.49 68.01 -52.17
C GLY C 108 48.84 66.78 -52.98
N ALA C 109 49.91 66.11 -52.57
CA ALA C 109 50.35 64.88 -53.22
C ALA C 109 49.17 63.93 -53.41
N ILE C 110 48.16 64.03 -52.55
CA ILE C 110 46.97 63.18 -52.64
C ILE C 110 46.17 63.46 -53.90
N GLU C 111 45.90 64.73 -54.17
CA GLU C 111 45.15 65.09 -55.37
C GLU C 111 46.05 64.93 -56.59
N ALA C 112 47.36 64.94 -56.33
CA ALA C 112 48.35 64.77 -57.39
C ALA C 112 48.10 63.44 -58.08
N MET C 113 48.40 62.35 -57.38
CA MET C 113 48.22 61.00 -57.92
C MET C 113 46.75 60.58 -57.91
N GLY C 114 45.87 61.54 -57.66
CA GLY C 114 44.45 61.25 -57.64
C GLY C 114 43.92 61.19 -59.05
N ASP C 115 44.51 62.01 -59.94
CA ASP C 115 44.11 62.06 -61.35
C ASP C 115 45.13 61.35 -62.23
N LYS C 116 44.63 60.49 -63.11
CA LYS C 116 45.47 59.71 -64.02
C LYS C 116 46.42 60.58 -64.85
N ILE C 117 45.83 61.47 -65.64
CA ILE C 117 46.58 62.38 -66.51
C ILE C 117 47.78 62.98 -65.79
N THR C 118 47.47 63.70 -64.72
CA THR C 118 48.49 64.36 -63.91
C THR C 118 49.60 63.40 -63.54
N SER C 119 49.22 62.26 -62.95
CA SER C 119 50.15 61.23 -62.51
C SER C 119 51.08 60.77 -63.64
N LYS C 120 50.49 60.58 -64.82
CA LYS C 120 51.25 60.16 -66.00
C LYS C 120 52.47 61.06 -66.11
N LYS C 121 52.23 62.35 -66.19
CA LYS C 121 53.31 63.31 -66.32
C LYS C 121 54.27 63.29 -65.14
N ILE C 122 53.74 63.49 -63.93
CA ILE C 122 54.57 63.52 -62.72
C ILE C 122 55.57 62.36 -62.57
N ALA C 123 55.38 61.30 -63.37
CA ALA C 123 56.30 60.16 -63.32
C ALA C 123 57.29 60.27 -64.49
N GLN C 124 56.81 60.81 -65.60
CA GLN C 124 57.63 60.98 -66.78
C GLN C 124 58.97 61.60 -66.45
N GLU C 125 59.00 62.92 -66.28
CA GLU C 125 60.25 63.63 -65.96
C GLU C 125 60.89 63.04 -64.72
N ALA C 126 60.06 62.43 -63.87
CA ALA C 126 60.55 61.80 -62.67
C ALA C 126 61.33 60.59 -63.15
N ASN C 127 61.43 60.47 -64.47
CA ASN C 127 62.10 59.38 -65.16
C ASN C 127 61.59 58.03 -64.68
N VAL C 128 60.28 57.97 -64.46
CA VAL C 128 59.64 56.74 -64.01
C VAL C 128 59.12 55.95 -65.20
N SER C 129 59.60 54.71 -65.32
CA SER C 129 59.20 53.84 -66.39
C SER C 129 57.69 53.92 -66.59
N THR C 130 57.24 53.61 -67.79
CA THR C 130 55.82 53.63 -68.11
C THR C 130 55.56 52.87 -69.41
N VAL C 131 54.40 52.25 -69.50
CA VAL C 131 54.04 51.53 -70.69
C VAL C 131 54.03 52.49 -71.86
N PRO C 132 54.86 52.23 -72.87
CA PRO C 132 54.83 53.16 -74.00
C PRO C 132 53.39 53.42 -74.44
N GLY C 133 53.13 54.61 -74.99
CA GLY C 133 51.80 54.95 -75.45
C GLY C 133 51.77 56.03 -76.52
N VAL C 203 51.23 43.67 -72.75
CA VAL C 203 52.28 43.18 -71.86
C VAL C 203 52.33 41.67 -71.85
N THR C 204 53.53 41.12 -71.87
CA THR C 204 53.74 39.67 -71.88
C THR C 204 53.00 38.93 -70.73
N GLN C 205 53.63 38.77 -69.58
CA GLN C 205 52.99 38.08 -68.44
C GLN C 205 52.58 39.14 -67.47
N PRO C 206 51.39 39.72 -67.64
CA PRO C 206 51.10 40.74 -66.63
C PRO C 206 51.13 40.25 -65.17
N ARG C 207 52.06 40.81 -64.40
CA ARG C 207 52.18 40.47 -63.00
C ARG C 207 52.07 41.79 -62.28
N HIS C 208 51.09 41.89 -61.39
CA HIS C 208 50.88 43.10 -60.59
C HIS C 208 51.89 43.03 -59.41
N ILE C 209 52.96 43.81 -59.49
CA ILE C 209 53.97 43.82 -58.43
C ILE C 209 54.11 45.25 -57.92
N GLU C 210 53.85 45.45 -56.63
CA GLU C 210 53.92 46.78 -56.03
C GLU C 210 55.07 46.99 -55.02
N ILE C 211 55.39 48.28 -54.79
CA ILE C 211 56.46 48.69 -53.88
C ILE C 211 55.97 49.60 -52.74
N GLN C 212 56.36 49.24 -51.51
CA GLN C 212 56.01 49.98 -50.31
C GLN C 212 57.14 50.93 -50.00
N VAL C 213 56.83 52.21 -50.05
CA VAL C 213 57.78 53.27 -49.78
C VAL C 213 57.30 54.13 -48.63
N LEU C 214 58.25 54.70 -47.89
CA LEU C 214 57.94 55.57 -46.76
C LEU C 214 58.98 56.69 -46.69
N CYS C 215 58.50 57.92 -46.53
CA CYS C 215 59.38 59.08 -46.47
C CYS C 215 59.35 59.74 -45.08
N ASP C 216 58.81 60.96 -45.07
CA ASP C 216 58.62 61.85 -43.92
C ASP C 216 58.65 63.27 -44.51
N SER C 217 58.20 64.26 -43.76
CA SER C 217 58.21 65.63 -44.26
C SER C 217 59.60 66.27 -44.19
N HIS C 218 60.61 65.41 -44.04
CA HIS C 218 62.00 65.84 -43.93
C HIS C 218 62.88 65.33 -45.09
N GLY C 219 62.31 65.35 -46.29
CA GLY C 219 63.04 64.94 -47.49
C GLY C 219 63.47 63.50 -47.62
N ASN C 220 63.75 62.83 -46.50
CA ASN C 220 64.17 61.44 -46.52
C ASN C 220 63.04 60.52 -47.02
N GLY C 221 63.41 59.29 -47.40
CA GLY C 221 62.42 58.34 -47.88
C GLY C 221 63.07 57.06 -48.40
N ILE C 222 62.46 55.91 -48.10
CA ILE C 222 63.01 54.64 -48.55
C ILE C 222 61.92 53.62 -48.86
N TYR C 223 62.28 52.58 -49.60
CA TYR C 223 61.33 51.53 -49.94
C TYR C 223 61.62 50.31 -49.08
N LEU C 224 60.59 49.49 -48.85
CA LEU C 224 60.75 48.28 -48.03
C LEU C 224 60.26 47.04 -48.76
N GLY C 225 60.87 46.73 -49.91
CA GLY C 225 60.49 45.57 -50.71
C GLY C 225 59.25 45.72 -51.59
N GLU C 226 58.88 44.64 -52.27
CA GLU C 226 57.72 44.68 -53.13
C GLU C 226 56.74 43.54 -52.80
N ARG C 227 55.48 43.74 -53.13
CA ARG C 227 54.47 42.73 -52.89
C ARG C 227 53.78 42.38 -54.20
N GLU C 228 53.64 41.09 -54.47
CA GLU C 228 52.97 40.69 -55.69
C GLU C 228 51.51 40.35 -55.37
N CYS C 229 50.61 41.08 -56.00
CA CYS C 229 49.20 40.87 -55.80
C CYS C 229 48.59 40.49 -57.14
N SER C 230 49.23 39.57 -57.86
CA SER C 230 48.76 39.17 -59.18
C SER C 230 47.45 38.39 -59.10
N ILE C 231 47.36 37.56 -58.06
CA ILE C 231 46.19 36.70 -57.88
C ILE C 231 44.97 37.44 -57.33
N GLN C 232 44.24 38.11 -58.22
CA GLN C 232 43.05 38.84 -57.80
C GLN C 232 41.88 38.55 -58.72
N ARG C 233 40.69 38.48 -58.12
CA ARG C 233 39.45 38.20 -58.84
C ARG C 233 38.59 39.44 -58.99
N ARG C 234 38.11 39.68 -60.21
CA ARG C 234 37.28 40.84 -60.48
C ARG C 234 38.01 42.06 -59.96
N ASN C 235 39.32 42.03 -60.03
CA ASN C 235 40.15 43.13 -59.57
C ASN C 235 40.22 43.27 -58.06
N GLN C 236 39.41 42.52 -57.33
CA GLN C 236 39.47 42.59 -55.87
C GLN C 236 40.60 41.62 -55.49
N LYS C 237 41.62 42.12 -54.81
CA LYS C 237 42.76 41.29 -54.42
C LYS C 237 42.37 40.14 -53.50
N VAL C 238 42.89 38.95 -53.80
CA VAL C 238 42.60 37.74 -53.02
C VAL C 238 43.79 37.26 -52.22
N VAL C 239 44.94 37.19 -52.88
CA VAL C 239 46.17 36.73 -52.27
C VAL C 239 47.36 37.62 -52.59
N GLU C 240 48.03 38.06 -51.54
CA GLU C 240 49.21 38.89 -51.69
C GLU C 240 50.39 38.13 -51.08
N GLU C 241 51.59 38.37 -51.62
CA GLU C 241 52.80 37.74 -51.08
C GLU C 241 53.97 38.72 -51.20
N ALA C 242 54.97 38.53 -50.35
CA ALA C 242 56.18 39.35 -50.34
C ALA C 242 57.37 38.51 -49.85
N PRO C 243 58.51 38.58 -50.57
CA PRO C 243 58.73 39.37 -51.78
C PRO C 243 58.01 38.75 -52.99
N SER C 244 58.46 39.06 -54.20
CA SER C 244 57.84 38.51 -55.39
C SER C 244 58.71 37.36 -55.86
N PRO C 245 58.10 36.19 -56.12
CA PRO C 245 58.80 34.99 -56.57
C PRO C 245 59.33 35.09 -57.99
N PHE C 246 59.16 36.27 -58.58
CA PHE C 246 59.60 36.54 -59.95
C PHE C 246 60.85 37.40 -60.03
N LEU C 247 60.67 38.71 -59.87
CA LEU C 247 61.80 39.62 -59.95
C LEU C 247 62.92 39.34 -58.95
N ASP C 248 64.14 39.36 -59.48
CA ASP C 248 65.37 39.13 -58.73
C ASP C 248 65.92 40.43 -58.15
N GLU C 249 67.04 40.31 -57.42
CA GLU C 249 67.70 41.43 -56.74
C GLU C 249 67.89 42.76 -57.46
N ALA C 250 68.48 42.71 -58.65
CA ALA C 250 68.72 43.91 -59.44
C ALA C 250 67.43 44.60 -59.84
N THR C 251 66.61 43.88 -60.61
CA THR C 251 65.34 44.43 -61.07
C THR C 251 64.48 44.89 -59.87
N ARG C 252 64.67 44.26 -58.72
CA ARG C 252 63.95 44.62 -57.51
C ARG C 252 64.37 46.04 -57.10
N ARG C 253 65.68 46.21 -56.85
CA ARG C 253 66.21 47.52 -56.48
C ARG C 253 65.87 48.51 -57.57
N ALA C 254 65.83 48.01 -58.80
CA ALA C 254 65.49 48.83 -59.96
C ALA C 254 64.12 49.47 -59.72
N MET C 255 63.13 48.62 -59.46
CA MET C 255 61.78 49.07 -59.20
C MET C 255 61.82 49.88 -57.92
N GLY C 256 62.54 49.34 -56.93
CA GLY C 256 62.67 49.97 -55.63
C GLY C 256 63.30 51.36 -55.61
N GLU C 257 64.46 51.50 -56.26
CA GLU C 257 65.19 52.77 -56.33
C GLU C 257 64.34 53.81 -57.06
N GLN C 258 63.77 53.36 -58.17
CA GLN C 258 62.93 54.23 -58.98
C GLN C 258 61.61 54.53 -58.29
N ALA C 259 61.14 53.58 -57.50
CA ALA C 259 59.90 53.75 -56.77
C ALA C 259 60.05 54.96 -55.86
N VAL C 260 60.93 54.82 -54.87
CA VAL C 260 61.19 55.88 -53.89
C VAL C 260 61.55 57.20 -54.56
N ALA C 261 62.26 57.10 -55.69
CA ALA C 261 62.64 58.30 -56.42
C ALA C 261 61.33 59.01 -56.77
N LEU C 262 60.44 58.30 -57.45
CA LEU C 262 59.15 58.86 -57.81
C LEU C 262 58.52 59.48 -56.57
N ALA C 263 58.77 58.84 -55.43
CA ALA C 263 58.22 59.29 -54.16
C ALA C 263 58.43 60.77 -53.93
N LYS C 264 59.64 61.12 -53.49
CA LYS C 264 60.01 62.51 -53.22
C LYS C 264 59.44 63.41 -54.31
N ALA C 265 59.69 63.04 -55.55
CA ALA C 265 59.25 63.78 -56.72
C ALA C 265 57.84 64.39 -56.62
N VAL C 266 57.01 63.90 -55.72
CA VAL C 266 55.66 64.45 -55.59
C VAL C 266 55.43 65.03 -54.19
N GLY C 267 56.43 64.87 -53.33
CA GLY C 267 56.34 65.37 -51.98
C GLY C 267 55.46 64.50 -51.10
N TYR C 268 55.72 63.19 -51.12
CA TYR C 268 54.95 62.25 -50.31
C TYR C 268 55.61 62.16 -48.93
N ALA C 269 54.75 62.16 -47.91
CA ALA C 269 55.21 62.11 -46.52
C ALA C 269 55.26 60.73 -45.88
N SER C 270 54.10 60.23 -45.45
CA SER C 270 54.02 58.93 -44.78
C SER C 270 54.52 57.74 -45.60
N ALA C 271 53.76 56.66 -45.54
CA ALA C 271 54.09 55.46 -46.28
C ALA C 271 53.08 55.45 -47.41
N GLY C 272 53.49 54.96 -48.58
CA GLY C 272 52.61 54.90 -49.74
C GLY C 272 53.02 53.73 -50.62
N THR C 273 52.16 53.38 -51.56
CA THR C 273 52.47 52.26 -52.43
C THR C 273 52.51 52.65 -53.92
N VAL C 274 53.52 52.15 -54.62
CA VAL C 274 53.68 52.40 -56.06
C VAL C 274 53.48 51.09 -56.82
N GLU C 275 52.37 51.01 -57.55
CA GLU C 275 52.05 49.81 -58.30
C GLU C 275 52.65 49.75 -59.71
N PHE C 276 53.33 48.65 -59.99
CA PHE C 276 53.97 48.40 -61.29
C PHE C 276 53.28 47.21 -62.01
N ILE C 277 53.58 47.06 -63.31
CA ILE C 277 53.03 45.94 -64.09
C ILE C 277 54.18 45.24 -64.80
N VAL C 278 54.97 44.49 -64.04
CA VAL C 278 56.09 43.76 -64.62
C VAL C 278 55.57 42.80 -65.69
N ASP C 279 56.40 42.48 -66.69
CA ASP C 279 55.96 41.55 -67.74
C ASP C 279 56.79 40.27 -67.72
N GLY C 280 56.86 39.61 -68.88
CA GLY C 280 57.58 38.36 -69.00
C GLY C 280 59.10 38.47 -68.93
N GLN C 281 59.61 39.65 -69.25
CA GLN C 281 61.06 39.87 -69.26
C GLN C 281 61.53 40.74 -68.09
N LYS C 282 60.75 40.79 -67.01
CA LYS C 282 61.11 41.63 -65.87
C LYS C 282 61.04 43.10 -66.24
N ASN C 283 60.42 43.36 -67.39
CA ASN C 283 60.26 44.72 -67.84
C ASN C 283 59.18 45.34 -66.99
N PHE C 284 59.53 46.26 -66.11
CA PHE C 284 58.50 46.84 -65.28
C PHE C 284 58.04 48.19 -65.74
N TYR C 285 56.80 48.52 -65.41
CA TYR C 285 56.25 49.81 -65.78
C TYR C 285 55.64 50.47 -64.55
N PHE C 286 54.57 51.22 -64.72
CA PHE C 286 53.97 51.90 -63.58
C PHE C 286 52.51 52.21 -63.87
N LEU C 287 51.61 51.63 -63.09
CA LEU C 287 50.19 51.90 -63.31
C LEU C 287 49.76 53.08 -62.46
N GLU C 288 50.13 53.09 -61.18
CA GLU C 288 49.77 54.21 -60.30
C GLU C 288 50.26 54.14 -58.87
N MET C 289 50.01 55.22 -58.15
CA MET C 289 50.40 55.29 -56.75
C MET C 289 49.19 55.56 -55.86
N ASN C 290 49.15 54.84 -54.74
CA ASN C 290 48.07 54.97 -53.77
C ASN C 290 48.65 55.66 -52.54
N THR C 291 48.11 56.84 -52.27
CA THR C 291 48.55 57.65 -51.14
C THR C 291 47.81 57.28 -49.87
N ARG C 292 48.22 56.16 -49.28
CA ARG C 292 47.60 55.65 -48.05
C ARG C 292 48.25 54.35 -47.61
N LEU C 293 47.73 53.76 -46.55
CA LEU C 293 48.28 52.51 -46.09
C LEU C 293 47.54 51.41 -46.83
N GLN C 294 48.30 50.45 -47.34
CA GLN C 294 47.72 49.35 -48.10
C GLN C 294 47.25 48.20 -47.22
N VAL C 295 46.07 47.67 -47.54
CA VAL C 295 45.50 46.54 -46.82
C VAL C 295 46.51 45.41 -46.71
N GLU C 296 47.17 45.13 -47.82
CA GLU C 296 48.15 44.05 -47.88
C GLU C 296 49.49 44.36 -47.29
N HIS C 297 49.61 45.39 -46.48
CA HIS C 297 50.92 45.70 -45.93
C HIS C 297 51.53 44.66 -44.99
N PRO C 298 50.69 43.93 -44.23
CA PRO C 298 51.22 42.91 -43.30
C PRO C 298 52.33 42.07 -43.93
N VAL C 299 52.19 41.81 -45.23
CA VAL C 299 53.16 41.00 -45.95
C VAL C 299 54.54 41.67 -45.90
N THR C 300 54.55 42.95 -46.19
CA THR C 300 55.78 43.73 -46.16
C THR C 300 56.41 43.60 -44.77
N GLU C 301 55.60 43.90 -43.76
CA GLU C 301 56.04 43.86 -42.37
C GLU C 301 56.63 42.54 -41.89
N LEU C 302 56.17 41.41 -42.41
CA LEU C 302 56.70 40.13 -41.93
C LEU C 302 58.05 39.68 -42.53
N ILE C 303 58.67 40.55 -43.31
CA ILE C 303 59.95 40.22 -43.94
C ILE C 303 60.91 41.40 -43.77
N THR C 304 60.32 42.58 -43.63
CA THR C 304 61.12 43.78 -43.44
C THR C 304 61.48 43.95 -41.95
N GLY C 305 60.52 43.69 -41.07
CA GLY C 305 60.75 43.87 -39.63
C GLY C 305 60.38 45.31 -39.30
N VAL C 306 59.28 45.77 -39.86
CA VAL C 306 58.81 47.14 -39.67
C VAL C 306 57.29 47.25 -39.46
N ASP C 307 56.87 48.28 -38.73
CA ASP C 307 55.45 48.52 -38.49
C ASP C 307 55.08 49.79 -39.22
N LEU C 308 54.56 49.63 -40.42
CA LEU C 308 54.16 50.79 -41.20
C LEU C 308 53.27 51.74 -40.40
N VAL C 309 52.45 51.21 -39.50
CA VAL C 309 51.57 52.10 -38.75
C VAL C 309 52.43 52.87 -37.73
N GLU C 310 53.46 52.21 -37.20
CA GLU C 310 54.35 52.89 -36.25
C GLU C 310 55.00 54.06 -36.98
N GLN C 311 55.93 53.74 -37.88
CA GLN C 311 56.64 54.75 -38.66
C GLN C 311 55.67 55.80 -39.20
N MET C 312 54.45 55.37 -39.54
CA MET C 312 53.45 56.29 -40.06
C MET C 312 53.17 57.46 -39.12
N ILE C 313 52.99 57.18 -37.83
CA ILE C 313 52.74 58.24 -36.86
C ILE C 313 54.04 58.99 -36.54
N ARG C 314 55.11 58.23 -36.28
CA ARG C 314 56.42 58.82 -35.98
C ARG C 314 56.69 60.01 -36.91
N VAL C 315 56.70 59.72 -38.21
CA VAL C 315 56.94 60.73 -39.25
C VAL C 315 55.83 61.78 -39.35
N ALA C 316 54.57 61.35 -39.24
CA ALA C 316 53.47 62.29 -39.30
C ALA C 316 53.67 63.26 -38.14
N ALA C 317 54.65 62.92 -37.30
CA ALA C 317 55.02 63.73 -36.15
C ALA C 317 56.48 64.16 -36.33
N GLY C 318 56.74 65.01 -37.34
CA GLY C 318 58.08 65.50 -37.62
C GLY C 318 59.16 64.58 -37.07
N GLU C 319 59.59 63.59 -37.84
CA GLU C 319 60.59 62.65 -37.36
C GLU C 319 61.41 62.05 -38.51
N PRO C 320 62.65 61.61 -38.22
CA PRO C 320 63.52 61.01 -39.23
C PRO C 320 63.22 59.52 -39.32
N LEU C 321 64.03 58.79 -40.08
CA LEU C 321 63.82 57.36 -40.19
C LEU C 321 64.98 56.67 -39.48
N SER C 322 64.67 55.90 -38.43
CA SER C 322 65.71 55.22 -37.68
C SER C 322 66.63 54.34 -38.52
N ILE C 323 66.16 53.95 -39.71
CA ILE C 323 66.97 53.11 -40.61
C ILE C 323 67.05 53.63 -42.04
N THR C 324 68.21 53.39 -42.66
CA THR C 324 68.48 53.79 -44.03
C THR C 324 68.23 52.61 -44.96
N GLN C 325 68.39 52.83 -46.27
CA GLN C 325 68.21 51.78 -47.27
C GLN C 325 69.18 50.60 -47.10
N GLY C 326 70.39 50.86 -46.60
CA GLY C 326 71.36 49.79 -46.43
C GLY C 326 70.96 48.87 -45.29
N ASP C 327 70.12 49.40 -44.42
CA ASP C 327 69.61 48.68 -43.25
C ASP C 327 68.39 47.84 -43.61
N VAL C 328 67.35 48.48 -44.19
CA VAL C 328 66.11 47.81 -44.58
C VAL C 328 66.34 46.45 -45.25
N LYS C 329 66.38 45.39 -44.44
CA LYS C 329 66.60 44.05 -44.96
C LYS C 329 65.27 43.30 -45.07
N LEU C 330 65.17 42.44 -46.07
CA LEU C 330 63.96 41.67 -46.29
C LEU C 330 64.31 40.22 -46.06
N THR C 331 63.96 39.70 -44.89
CA THR C 331 64.25 38.30 -44.55
C THR C 331 63.06 37.37 -44.81
N GLY C 332 63.35 36.12 -45.21
CA GLY C 332 62.32 35.12 -45.48
C GLY C 332 61.06 35.51 -46.25
N TRP C 333 60.08 34.62 -46.26
CA TRP C 333 58.83 34.86 -47.00
C TRP C 333 57.54 35.08 -46.20
N ALA C 334 56.57 35.72 -46.84
CA ALA C 334 55.26 36.03 -46.24
C ALA C 334 54.09 35.92 -47.22
N ILE C 335 53.02 35.26 -46.82
CA ILE C 335 51.83 35.15 -47.65
C ILE C 335 50.63 35.67 -46.88
N GLU C 336 49.75 36.42 -47.57
CA GLU C 336 48.55 36.93 -46.91
C GLU C 336 47.26 36.66 -47.68
N ASN C 337 46.35 35.91 -47.06
CA ASN C 337 45.06 35.62 -47.67
C ASN C 337 43.96 36.49 -47.04
N ARG C 338 42.90 36.72 -47.77
CA ARG C 338 41.82 37.53 -47.23
C ARG C 338 40.61 36.65 -47.02
N LEU C 339 40.13 36.63 -45.79
CA LEU C 339 38.97 35.85 -45.48
C LEU C 339 37.76 36.72 -45.75
N TYR C 340 37.12 36.49 -46.88
CA TYR C 340 35.97 37.26 -47.26
C TYR C 340 34.67 36.50 -46.99
N ALA C 341 33.70 37.21 -46.42
CA ALA C 341 32.39 36.62 -46.16
C ALA C 341 31.67 36.56 -47.50
N GLU C 342 32.18 35.73 -48.39
CA GLU C 342 31.59 35.57 -49.72
C GLU C 342 31.54 34.07 -49.95
N ASP C 343 30.53 33.61 -50.66
CA ASP C 343 30.37 32.19 -50.90
C ASP C 343 30.83 31.76 -52.27
N PRO C 344 32.01 31.13 -52.32
CA PRO C 344 32.65 30.62 -53.55
C PRO C 344 31.72 29.73 -54.33
N TYR C 345 30.99 28.90 -53.60
CA TYR C 345 30.07 27.93 -54.19
C TYR C 345 28.91 28.54 -54.95
N ARG C 346 28.56 29.78 -54.61
CA ARG C 346 27.47 30.47 -55.25
C ARG C 346 27.97 31.80 -55.78
N GLY C 347 28.76 31.74 -56.85
CA GLY C 347 29.31 32.94 -57.47
C GLY C 347 29.73 34.04 -56.51
N PHE C 348 30.56 33.70 -55.53
CA PHE C 348 31.03 34.66 -54.55
C PHE C 348 30.03 35.72 -54.10
N LEU C 349 28.78 35.29 -53.92
CA LEU C 349 27.71 36.17 -53.46
C LEU C 349 28.10 36.60 -52.05
N PRO C 350 27.99 37.90 -51.73
CA PRO C 350 28.39 38.24 -50.35
C PRO C 350 27.52 37.45 -49.38
N SER C 351 27.96 37.36 -48.14
CA SER C 351 27.19 36.65 -47.14
C SER C 351 26.84 37.63 -46.04
N ILE C 352 25.64 37.52 -45.48
CA ILE C 352 25.23 38.42 -44.42
C ILE C 352 24.70 37.61 -43.25
N GLY C 353 25.15 37.93 -42.04
CA GLY C 353 24.68 37.18 -40.89
C GLY C 353 25.61 37.19 -39.71
N ARG C 354 25.23 36.47 -38.64
CA ARG C 354 26.02 36.43 -37.43
C ARG C 354 27.05 35.33 -37.44
N LEU C 355 28.10 35.54 -36.66
CA LEU C 355 29.15 34.55 -36.61
C LEU C 355 29.03 33.63 -35.42
N THR C 356 28.54 32.43 -35.71
CA THR C 356 28.35 31.36 -34.72
C THR C 356 29.67 30.88 -34.16
N ARG C 357 30.47 30.19 -34.99
CA ARG C 357 31.81 29.73 -34.59
C ARG C 357 32.71 30.70 -35.33
N TYR C 358 33.78 31.11 -34.67
CA TYR C 358 34.78 31.98 -35.27
C TYR C 358 36.01 31.62 -34.46
N ARG C 359 36.83 30.75 -35.03
CA ARG C 359 38.02 30.28 -34.36
C ARG C 359 39.26 30.27 -35.26
N PRO C 360 40.13 31.30 -35.10
CA PRO C 360 41.35 31.36 -35.92
C PRO C 360 42.52 30.74 -35.14
N PRO C 361 43.68 30.55 -35.80
CA PRO C 361 44.94 29.99 -35.26
C PRO C 361 45.65 30.97 -34.30
N ALA C 362 46.99 30.94 -34.16
CA ALA C 362 47.57 31.92 -33.22
C ALA C 362 49.06 32.38 -33.21
N GLU C 363 49.99 31.42 -33.36
CA GLU C 363 51.45 31.67 -33.35
C GLU C 363 51.94 32.99 -33.92
N ALA C 384 58.18 29.56 -37.80
CA ALA C 384 57.15 29.80 -38.83
C ALA C 384 55.91 30.48 -38.24
N ALA C 385 55.82 31.81 -38.39
CA ALA C 385 54.72 32.64 -37.86
C ALA C 385 53.31 32.55 -38.46
N VAL C 386 52.33 33.01 -37.67
CA VAL C 386 50.93 33.06 -38.09
C VAL C 386 50.33 34.33 -37.52
N ARG C 387 49.83 35.18 -38.39
CA ARG C 387 49.26 36.43 -37.95
C ARG C 387 47.86 36.60 -38.49
N ASN C 388 46.96 37.06 -37.64
CA ASN C 388 45.58 37.23 -38.06
C ASN C 388 45.02 38.62 -37.68
N ASP C 389 44.86 39.48 -38.68
CA ASP C 389 44.30 40.78 -38.41
C ASP C 389 42.82 40.61 -38.63
N THR C 390 42.02 40.83 -37.59
CA THR C 390 40.57 40.68 -37.70
C THR C 390 39.88 41.81 -37.04
N GLY C 391 38.71 42.13 -37.58
CA GLY C 391 37.92 43.20 -37.01
C GLY C 391 36.63 42.58 -36.51
N VAL C 392 36.66 41.26 -36.36
CA VAL C 392 35.48 40.53 -35.92
C VAL C 392 35.78 39.55 -34.78
N TYR C 393 34.71 39.04 -34.17
CA TYR C 393 34.83 38.05 -33.10
C TYR C 393 33.65 37.06 -33.18
N GLU C 394 33.71 36.01 -32.37
CA GLU C 394 32.63 35.03 -32.37
C GLU C 394 31.47 35.67 -31.68
N GLY C 395 30.32 35.68 -32.34
CA GLY C 395 29.15 36.30 -31.74
C GLY C 395 28.84 37.60 -32.45
N GLY C 396 29.84 38.11 -33.17
CA GLY C 396 29.66 39.33 -33.94
C GLY C 396 28.85 39.07 -35.22
N GLU C 397 28.42 40.14 -35.87
CA GLU C 397 27.65 40.01 -37.09
C GLU C 397 28.27 40.82 -38.20
N ILE C 398 28.09 40.33 -39.42
CA ILE C 398 28.61 40.98 -40.60
C ILE C 398 27.41 41.66 -41.27
N SER C 399 27.29 42.98 -41.04
CA SER C 399 26.18 43.81 -41.55
C SER C 399 26.37 44.26 -42.96
N MET C 400 25.25 44.46 -43.65
CA MET C 400 25.26 44.88 -45.05
C MET C 400 25.92 46.24 -45.28
N TYR C 401 26.09 46.97 -44.18
CA TYR C 401 26.68 48.32 -44.18
C TYR C 401 28.19 48.46 -44.27
N TYR C 402 28.93 47.42 -44.66
CA TYR C 402 30.38 47.53 -44.74
C TYR C 402 31.02 46.46 -45.62
N ASP C 403 32.36 46.42 -45.58
CA ASP C 403 33.18 45.50 -46.36
C ASP C 403 33.13 44.07 -45.84
N PRO C 404 32.83 43.10 -46.73
CA PRO C 404 32.73 41.65 -46.47
C PRO C 404 34.01 40.96 -46.00
N MET C 405 35.05 41.73 -45.74
CA MET C 405 36.29 41.14 -45.27
C MET C 405 36.13 40.84 -43.79
N ILE C 406 36.49 39.63 -43.40
CA ILE C 406 36.38 39.26 -42.00
C ILE C 406 37.77 39.16 -41.37
N ALA C 407 38.78 38.84 -42.19
CA ALA C 407 40.15 38.71 -41.70
C ALA C 407 41.25 38.68 -42.75
N LYS C 408 42.47 38.90 -42.32
CA LYS C 408 43.65 38.86 -43.16
C LYS C 408 44.51 37.81 -42.47
N LEU C 409 44.65 36.64 -43.07
CA LEU C 409 45.41 35.56 -42.47
C LEU C 409 46.81 35.52 -43.04
N CYS C 410 47.73 36.16 -42.36
CA CYS C 410 49.09 36.20 -42.84
C CYS C 410 49.98 35.16 -42.21
N THR C 411 50.97 34.70 -42.95
CA THR C 411 51.92 33.76 -42.41
C THR C 411 53.26 34.20 -42.92
N TRP C 412 54.32 33.56 -42.43
CA TRP C 412 55.68 33.90 -42.82
C TRP C 412 56.63 32.77 -42.38
N ALA C 413 57.84 32.77 -42.92
CA ALA C 413 58.80 31.73 -42.57
C ALA C 413 60.15 32.04 -43.24
N PRO C 414 61.05 31.05 -43.34
CA PRO C 414 62.32 31.38 -44.00
C PRO C 414 62.08 31.38 -45.51
N THR C 415 61.89 30.17 -46.04
CA THR C 415 61.62 29.92 -47.46
C THR C 415 60.15 30.16 -47.80
N ARG C 416 59.86 30.37 -49.08
CA ARG C 416 58.47 30.60 -49.50
C ARG C 416 57.66 29.30 -49.33
N ALA C 417 58.20 28.19 -49.78
CA ALA C 417 57.50 26.93 -49.64
C ALA C 417 57.01 26.77 -48.21
N ALA C 418 57.81 27.28 -47.27
CA ALA C 418 57.51 27.22 -45.84
C ALA C 418 56.23 27.96 -45.52
N ALA C 419 56.26 29.27 -45.79
CA ALA C 419 55.13 30.17 -45.56
C ALA C 419 53.83 29.68 -46.22
N ILE C 420 53.95 29.11 -47.42
CA ILE C 420 52.77 28.59 -48.11
C ILE C 420 52.31 27.43 -47.28
N GLU C 421 53.22 26.81 -46.55
CA GLU C 421 52.82 25.68 -45.74
C GLU C 421 52.16 26.12 -44.49
N ALA C 422 52.79 27.04 -43.77
CA ALA C 422 52.19 27.53 -42.53
C ALA C 422 50.75 27.94 -42.84
N MET C 423 50.58 28.60 -43.98
CA MET C 423 49.29 29.06 -44.45
C MET C 423 48.34 27.90 -44.61
N ARG C 424 48.72 26.93 -45.44
CA ARG C 424 47.87 25.76 -45.67
C ARG C 424 47.43 25.15 -44.34
N ILE C 425 48.34 25.03 -43.38
CA ILE C 425 47.97 24.47 -42.09
C ILE C 425 47.00 25.45 -41.45
N ALA C 426 47.45 26.71 -41.34
CA ALA C 426 46.70 27.82 -40.75
C ALA C 426 45.25 27.79 -41.15
N LEU C 427 44.98 27.75 -42.45
CA LEU C 427 43.61 27.71 -42.98
C LEU C 427 42.88 26.50 -42.41
N ASP C 428 43.51 25.35 -42.48
CA ASP C 428 42.91 24.12 -41.99
C ASP C 428 42.32 24.24 -40.60
N SER C 429 42.83 25.16 -39.81
CA SER C 429 42.32 25.32 -38.46
C SER C 429 41.39 26.49 -38.27
N PHE C 430 41.29 27.33 -39.28
CA PHE C 430 40.42 28.47 -39.16
C PHE C 430 39.00 27.91 -39.26
N GLU C 431 38.23 28.15 -38.21
CA GLU C 431 36.83 27.69 -38.13
C GLU C 431 35.85 28.86 -38.30
N VAL C 432 34.93 28.76 -39.26
CA VAL C 432 33.96 29.81 -39.45
C VAL C 432 32.60 29.22 -39.66
N GLU C 433 31.64 29.69 -38.86
CA GLU C 433 30.27 29.20 -38.99
C GLU C 433 29.24 30.32 -38.90
N GLY C 434 28.18 30.22 -39.72
CA GLY C 434 27.14 31.23 -39.68
C GLY C 434 27.04 32.10 -40.92
N ILE C 435 28.11 32.14 -41.70
CA ILE C 435 28.13 32.93 -42.91
C ILE C 435 28.85 32.12 -43.95
N GLY C 436 28.66 32.50 -45.21
CA GLY C 436 29.34 31.82 -46.30
C GLY C 436 30.68 32.52 -46.38
N HIS C 437 31.73 31.76 -46.70
CA HIS C 437 33.05 32.36 -46.77
C HIS C 437 33.93 31.63 -47.76
N ASN C 438 35.01 32.30 -48.14
CA ASN C 438 35.92 31.77 -49.12
C ASN C 438 37.01 30.87 -48.57
N LEU C 439 36.93 30.52 -47.29
CA LEU C 439 37.96 29.66 -46.70
C LEU C 439 38.34 28.45 -47.59
N PRO C 440 37.35 27.71 -48.11
CA PRO C 440 37.72 26.56 -48.96
C PRO C 440 38.39 27.03 -50.26
N PHE C 441 37.90 28.13 -50.83
CA PHE C 441 38.47 28.65 -52.05
C PHE C 441 39.92 29.00 -51.80
N LEU C 442 40.19 29.76 -50.74
CA LEU C 442 41.57 30.13 -50.46
C LEU C 442 42.41 28.85 -50.41
N SER C 443 42.02 27.90 -49.56
CA SER C 443 42.76 26.65 -49.44
C SER C 443 43.05 26.08 -50.82
N ALA C 444 42.04 26.11 -51.68
CA ALA C 444 42.18 25.54 -53.00
C ALA C 444 43.35 26.13 -53.79
N VAL C 445 43.47 27.47 -53.81
CA VAL C 445 44.54 28.12 -54.59
C VAL C 445 45.91 27.89 -53.97
N MET C 446 45.99 27.87 -52.64
CA MET C 446 47.25 27.60 -51.94
C MET C 446 47.79 26.24 -52.38
N ASP C 447 46.88 25.41 -52.90
CA ASP C 447 47.21 24.07 -53.37
C ASP C 447 47.33 24.03 -54.90
N HIS C 448 46.93 25.13 -55.55
CA HIS C 448 47.01 25.18 -56.99
C HIS C 448 48.48 25.26 -57.45
N PRO C 449 48.94 24.25 -58.22
CA PRO C 449 50.32 24.18 -58.74
C PRO C 449 50.89 25.50 -59.24
N LYS C 450 50.19 26.15 -60.16
CA LYS C 450 50.69 27.43 -60.66
C LYS C 450 51.01 28.39 -59.51
N PHE C 451 50.27 28.32 -58.41
CA PHE C 451 50.56 29.24 -57.31
C PHE C 451 51.85 28.79 -56.66
N ILE C 452 51.99 27.48 -56.62
CA ILE C 452 53.12 26.81 -56.01
C ILE C 452 54.40 27.10 -56.78
N SER C 453 54.31 27.03 -58.10
CA SER C 453 55.45 27.28 -58.97
C SER C 453 55.77 28.77 -59.05
N GLY C 454 54.80 29.62 -58.79
CA GLY C 454 55.04 31.05 -58.86
C GLY C 454 54.69 31.58 -60.24
N ASP C 455 54.55 30.67 -61.20
CA ASP C 455 54.22 31.07 -62.56
C ASP C 455 52.76 31.51 -62.57
N MET C 456 52.51 32.75 -62.22
CA MET C 456 51.15 33.25 -62.16
C MET C 456 51.08 34.63 -62.81
N THR C 457 49.95 34.91 -63.46
CA THR C 457 49.74 36.20 -64.12
C THR C 457 48.62 36.96 -63.43
N THR C 458 48.17 38.05 -64.00
CA THR C 458 47.08 38.78 -63.35
C THR C 458 45.75 38.22 -63.82
N ALA C 459 45.83 37.24 -64.73
CA ALA C 459 44.63 36.60 -65.27
C ALA C 459 44.42 35.24 -64.58
N PHE C 460 45.43 34.82 -63.83
CA PHE C 460 45.42 33.54 -63.10
C PHE C 460 44.04 33.11 -62.58
N ILE C 461 43.43 34.00 -61.80
CA ILE C 461 42.13 33.76 -61.21
C ILE C 461 41.11 33.43 -62.30
N ALA C 462 41.14 34.24 -63.34
CA ALA C 462 40.24 34.11 -64.48
C ALA C 462 40.48 32.87 -65.33
N GLU C 463 41.75 32.51 -65.49
CA GLU C 463 42.17 31.34 -66.28
C GLU C 463 41.88 30.05 -65.56
N GLU C 464 42.36 29.95 -64.33
CA GLU C 464 42.20 28.75 -63.51
C GLU C 464 40.82 28.49 -62.93
N TYR C 465 40.03 29.54 -62.73
CA TYR C 465 38.70 29.36 -62.18
C TYR C 465 37.66 30.07 -63.07
N PRO C 466 37.57 29.66 -64.34
CA PRO C 466 36.62 30.24 -65.29
C PRO C 466 35.17 29.99 -64.92
N GLU C 467 34.95 28.90 -64.20
CA GLU C 467 33.60 28.52 -63.79
C GLU C 467 33.32 28.74 -62.30
N GLY C 468 33.92 29.78 -61.71
CA GLY C 468 33.70 30.00 -60.29
C GLY C 468 34.46 28.91 -59.55
N PHE C 469 34.17 28.70 -58.27
CA PHE C 469 34.87 27.68 -57.51
C PHE C 469 34.17 26.34 -57.61
N GLU C 470 34.70 25.46 -58.45
CA GLU C 470 34.13 24.13 -58.66
C GLU C 470 34.42 23.09 -57.57
N GLY C 471 34.77 23.54 -56.37
CA GLY C 471 35.06 22.61 -55.30
C GLY C 471 36.40 21.94 -55.50
N VAL C 472 36.90 21.32 -54.45
CA VAL C 472 38.19 20.64 -54.49
C VAL C 472 38.01 19.17 -54.19
N ASN C 473 38.79 18.31 -54.84
CA ASN C 473 38.66 16.90 -54.54
C ASN C 473 40.04 16.19 -54.39
N LEU C 474 40.19 15.53 -53.25
CA LEU C 474 41.41 14.87 -52.86
C LEU C 474 41.85 13.72 -53.70
N PRO C 475 43.19 13.56 -53.83
CA PRO C 475 43.88 12.52 -54.57
C PRO C 475 43.94 11.30 -53.68
N GLU C 476 44.05 10.14 -54.30
CA GLU C 476 44.13 8.88 -53.56
C GLU C 476 44.82 8.93 -52.21
N THR C 477 46.14 9.17 -52.21
CA THR C 477 46.90 9.22 -50.97
C THR C 477 46.33 10.18 -49.94
N ASP C 478 45.41 11.04 -50.39
CA ASP C 478 44.75 11.96 -49.48
C ASP C 478 43.49 11.26 -49.01
N LEU C 479 42.67 10.77 -49.92
CA LEU C 479 41.47 10.05 -49.53
C LEU C 479 41.87 8.98 -48.53
N ARG C 480 42.91 8.23 -48.86
CA ARG C 480 43.43 7.19 -47.98
C ARG C 480 43.70 7.69 -46.56
N ARG C 481 44.55 8.70 -46.40
CA ARG C 481 44.83 9.20 -45.06
C ARG C 481 43.53 9.54 -44.35
N VAL C 482 42.72 10.41 -44.96
CA VAL C 482 41.42 10.77 -44.39
C VAL C 482 40.59 9.52 -44.02
N ALA C 483 40.36 8.64 -44.97
CA ALA C 483 39.60 7.43 -44.70
C ALA C 483 40.05 6.84 -43.34
N ALA C 484 41.34 6.55 -43.24
CA ALA C 484 41.95 5.98 -42.03
C ALA C 484 41.57 6.77 -40.77
N ALA C 485 41.70 8.10 -40.86
CA ALA C 485 41.38 8.99 -39.76
C ALA C 485 39.92 8.86 -39.33
N ALA C 486 39.00 9.08 -40.27
CA ALA C 486 37.59 8.97 -39.93
C ALA C 486 37.33 7.60 -39.33
N ALA C 487 37.82 6.56 -39.99
CA ALA C 487 37.65 5.21 -39.49
C ALA C 487 38.16 5.11 -38.05
N ALA C 488 39.34 5.67 -37.77
CA ALA C 488 39.89 5.62 -36.41
C ALA C 488 38.96 6.35 -35.38
N MET C 489 38.54 7.57 -35.75
CA MET C 489 37.64 8.40 -34.91
C MET C 489 36.33 7.69 -34.69
N HIS C 490 35.68 7.30 -35.78
CA HIS C 490 34.42 6.62 -35.69
C HIS C 490 34.45 5.51 -34.61
N ARG C 491 35.47 4.67 -34.64
CA ARG C 491 35.58 3.59 -33.65
C ARG C 491 35.53 4.17 -32.24
N VAL C 492 36.38 5.17 -32.01
CA VAL C 492 36.44 5.85 -30.73
C VAL C 492 35.07 6.17 -30.19
N ALA C 493 34.29 6.85 -31.03
CA ALA C 493 32.93 7.25 -30.72
C ALA C 493 32.02 6.05 -30.53
N GLU C 494 32.18 5.08 -31.42
CA GLU C 494 31.35 3.89 -31.36
C GLU C 494 31.54 3.15 -30.04
N ILE C 495 32.79 3.02 -29.58
CA ILE C 495 33.10 2.33 -28.33
C ILE C 495 32.40 2.99 -27.14
N ARG C 496 32.29 4.30 -27.23
CA ARG C 496 31.65 5.11 -26.20
C ARG C 496 30.18 4.76 -26.06
N ARG C 497 29.54 4.42 -27.17
CA ARG C 497 28.11 4.09 -27.20
C ARG C 497 27.93 2.86 -26.35
N THR C 498 28.98 2.06 -26.39
CA THR C 498 29.08 0.80 -25.69
C THR C 498 29.09 0.85 -24.18
N ARG C 499 29.58 1.95 -23.64
CA ARG C 499 29.66 2.13 -22.21
C ARG C 499 28.36 2.70 -21.61
N VAL C 500 27.23 2.45 -22.25
CA VAL C 500 25.95 2.94 -21.74
C VAL C 500 25.63 2.21 -20.47
N SER C 501 24.97 2.87 -19.54
CA SER C 501 24.65 2.16 -18.32
C SER C 501 23.53 1.20 -18.62
N GLY C 502 23.31 0.24 -17.73
CA GLY C 502 22.19 -0.68 -17.92
C GLY C 502 22.28 -1.76 -18.96
N ARG C 503 23.50 -2.12 -19.37
CA ARG C 503 23.72 -3.16 -20.36
C ARG C 503 23.74 -4.52 -19.70
N MET C 504 23.41 -5.58 -20.46
CA MET C 504 23.42 -6.95 -19.92
C MET C 504 24.78 -7.24 -19.34
N ASP C 505 24.83 -7.62 -18.08
CA ASP C 505 26.12 -7.80 -17.51
C ASP C 505 27.15 -8.48 -18.37
N ASN C 506 26.97 -9.74 -18.71
CA ASN C 506 28.01 -10.39 -19.49
C ASN C 506 27.78 -10.39 -20.98
N HIS C 507 26.94 -9.49 -21.47
CA HIS C 507 26.69 -9.45 -22.91
C HIS C 507 26.70 -8.05 -23.52
N GLU C 508 27.76 -7.28 -23.28
CA GLU C 508 27.85 -5.91 -23.82
C GLU C 508 28.00 -5.95 -25.32
N ARG C 509 27.90 -4.80 -25.96
CA ARG C 509 28.09 -4.76 -27.39
C ARG C 509 29.60 -4.71 -27.51
N ARG C 510 30.11 -5.37 -28.52
CA ARG C 510 31.54 -5.47 -28.78
C ARG C 510 31.79 -4.75 -30.13
N VAL C 511 32.64 -3.73 -30.15
CA VAL C 511 32.89 -2.98 -31.40
C VAL C 511 33.74 -3.73 -32.45
N GLY C 512 33.25 -3.75 -33.69
CA GLY C 512 33.90 -4.45 -34.81
C GLY C 512 35.28 -3.96 -35.18
N THR C 513 35.97 -4.71 -36.00
CA THR C 513 37.31 -4.29 -36.38
C THR C 513 37.33 -3.93 -37.83
N GLU C 514 36.42 -4.56 -38.57
CA GLU C 514 36.32 -4.33 -39.99
C GLU C 514 35.33 -3.23 -40.33
N TRP C 515 35.73 -2.35 -41.22
CA TRP C 515 34.85 -1.28 -41.64
C TRP C 515 35.05 -0.99 -43.12
N VAL C 516 34.21 -0.12 -43.65
CA VAL C 516 34.28 0.29 -45.04
C VAL C 516 34.04 1.79 -45.04
N VAL C 517 35.11 2.53 -45.25
CA VAL C 517 35.03 3.96 -45.26
C VAL C 517 34.67 4.38 -46.67
N THR C 518 33.56 5.12 -46.83
CA THR C 518 33.17 5.57 -48.16
C THR C 518 33.24 7.07 -48.37
N LEU C 519 34.34 7.45 -49.01
CA LEU C 519 34.69 8.81 -49.32
C LEU C 519 34.13 9.32 -50.64
N GLN C 520 34.98 10.06 -51.31
CA GLN C 520 34.74 10.68 -52.61
C GLN C 520 34.39 9.60 -53.61
N GLY C 521 33.19 9.04 -53.51
CA GLY C 521 32.77 7.98 -54.42
C GLY C 521 33.69 6.76 -54.42
N ALA C 522 34.58 6.69 -53.43
CA ALA C 522 35.53 5.58 -53.36
C ALA C 522 35.37 4.80 -52.07
N ASP C 523 35.43 3.48 -52.16
CA ASP C 523 35.29 2.64 -50.97
C ASP C 523 36.63 2.20 -50.46
N PHE C 524 36.76 2.14 -49.14
CA PHE C 524 38.00 1.71 -48.51
C PHE C 524 37.78 0.69 -47.39
N PRO C 525 37.73 -0.60 -47.76
CA PRO C 525 37.55 -1.73 -46.84
C PRO C 525 38.74 -1.62 -45.90
N VAL C 526 38.50 -1.48 -44.61
CA VAL C 526 39.65 -1.30 -43.76
C VAL C 526 39.62 -2.09 -42.45
N THR C 527 40.79 -2.33 -41.83
CA THR C 527 40.74 -2.99 -40.55
C THR C 527 41.44 -2.22 -39.45
N ILE C 528 40.80 -2.16 -38.30
CA ILE C 528 41.34 -1.41 -37.18
C ILE C 528 41.87 -2.21 -36.02
N ALA C 529 42.94 -1.72 -35.43
CA ALA C 529 43.55 -2.37 -34.30
C ALA C 529 44.10 -1.21 -33.54
N ALA C 530 43.67 -1.04 -32.31
CA ALA C 530 44.16 0.09 -31.55
C ALA C 530 44.50 -0.31 -30.13
N ASP C 531 45.43 0.42 -29.52
CA ASP C 531 45.75 0.11 -28.15
C ASP C 531 45.51 1.33 -27.28
N HIS C 532 46.57 1.97 -26.81
CA HIS C 532 46.38 3.11 -25.94
C HIS C 532 46.94 4.36 -26.56
N ASP C 533 48.02 4.19 -27.30
CA ASP C 533 48.67 5.32 -27.94
C ASP C 533 47.79 5.93 -29.03
N GLY C 534 47.45 5.11 -30.00
CA GLY C 534 46.62 5.58 -31.10
C GLY C 534 45.92 4.39 -31.69
N SER C 535 45.84 4.38 -33.02
CA SER C 535 45.18 3.29 -33.72
C SER C 535 45.89 2.99 -35.04
N THR C 536 45.87 1.72 -35.44
CA THR C 536 46.51 1.30 -36.71
C THR C 536 45.49 0.77 -37.75
N VAL C 537 45.22 1.60 -38.77
CA VAL C 537 44.28 1.20 -39.80
C VAL C 537 45.03 0.51 -40.94
N SER C 538 44.50 -0.61 -41.38
CA SER C 538 45.13 -1.38 -42.44
C SER C 538 44.15 -1.54 -43.59
N PHE C 539 44.62 -1.25 -44.80
CA PHE C 539 43.79 -1.37 -46.01
C PHE C 539 44.06 -2.67 -46.74
N ASP C 540 43.26 -2.95 -47.77
CA ASP C 540 43.36 -4.18 -48.58
C ASP C 540 44.73 -4.50 -49.18
N ASP C 541 45.37 -3.49 -49.76
CA ASP C 541 46.67 -3.69 -50.36
C ASP C 541 47.80 -4.05 -49.38
N GLY C 542 47.46 -4.34 -48.12
CA GLY C 542 48.47 -4.68 -47.13
C GLY C 542 49.07 -3.47 -46.41
N SER C 543 48.82 -2.28 -46.95
CA SER C 543 49.35 -1.03 -46.38
C SER C 543 48.62 -0.68 -45.10
N SER C 544 49.31 0.02 -44.21
CA SER C 544 48.71 0.39 -42.94
C SER C 544 49.20 1.73 -42.47
N MET C 545 48.25 2.57 -42.05
CA MET C 545 48.54 3.90 -41.54
C MET C 545 48.34 3.89 -40.03
N ARG C 546 49.04 4.78 -39.35
CA ARG C 546 48.91 4.86 -37.90
C ARG C 546 48.25 6.18 -37.56
N VAL C 547 47.06 6.07 -36.97
CA VAL C 547 46.33 7.26 -36.60
C VAL C 547 46.52 7.52 -35.12
N THR C 548 46.80 8.78 -34.80
CA THR C 548 47.03 9.21 -33.44
C THR C 548 46.19 10.45 -33.26
N SER C 549 45.49 10.56 -32.13
CA SER C 549 44.71 11.79 -31.94
C SER C 549 44.20 12.17 -30.57
N ASP C 550 44.00 13.47 -30.45
CA ASP C 550 43.53 14.11 -29.26
C ASP C 550 42.01 14.05 -29.30
N TRP C 551 41.51 14.11 -30.54
CA TRP C 551 40.08 14.11 -30.83
C TRP C 551 39.23 13.24 -29.96
N THR C 552 38.01 13.71 -29.78
CA THR C 552 37.00 13.04 -28.99
C THR C 552 35.64 13.58 -29.51
N PRO C 553 34.57 12.77 -29.45
CA PRO C 553 33.28 13.28 -29.94
C PRO C 553 32.94 14.71 -29.50
N GLY C 554 32.34 15.43 -30.44
CA GLY C 554 31.94 16.79 -30.18
C GLY C 554 32.94 17.84 -30.59
N ASP C 555 34.22 17.49 -30.67
CA ASP C 555 35.20 18.49 -31.04
C ASP C 555 34.85 18.83 -32.48
N GLN C 556 34.72 20.10 -32.83
CA GLN C 556 34.34 20.42 -34.23
C GLN C 556 35.56 20.28 -35.15
N LEU C 557 36.74 20.31 -34.55
CA LEU C 557 38.02 20.24 -35.25
C LEU C 557 38.91 19.10 -34.73
N ALA C 558 39.49 18.31 -35.63
CA ALA C 558 40.35 17.21 -35.19
C ALA C 558 41.79 17.31 -35.67
N ASN C 559 42.71 17.34 -34.70
CA ASN C 559 44.14 17.40 -35.02
C ASN C 559 44.65 15.99 -34.88
N LEU C 560 44.85 15.33 -36.01
CA LEU C 560 45.33 13.97 -36.02
C LEU C 560 46.73 13.95 -36.54
N MET C 561 47.33 12.77 -36.38
CA MET C 561 48.69 12.48 -36.81
C MET C 561 48.59 11.11 -37.49
N VAL C 562 48.48 11.13 -38.82
CA VAL C 562 48.38 9.89 -39.59
C VAL C 562 49.68 9.67 -40.33
N ASP C 563 50.35 8.56 -40.00
CA ASP C 563 51.65 8.23 -40.57
C ASP C 563 52.59 9.38 -40.24
N GLY C 564 52.68 9.72 -38.95
CA GLY C 564 53.57 10.79 -38.53
C GLY C 564 53.32 12.19 -39.10
N ALA C 565 52.50 12.27 -40.14
CA ALA C 565 52.17 13.56 -40.78
C ALA C 565 50.83 14.14 -40.32
N PRO C 566 50.85 15.41 -39.89
CA PRO C 566 49.69 16.16 -39.41
C PRO C 566 48.56 16.21 -40.43
N LEU C 567 47.36 16.04 -39.91
CA LEU C 567 46.16 16.05 -40.71
C LEU C 567 45.08 16.76 -39.92
N VAL C 568 44.78 18.00 -40.27
CA VAL C 568 43.75 18.70 -39.53
C VAL C 568 42.42 18.70 -40.30
N LEU C 569 41.41 18.10 -39.64
CA LEU C 569 40.05 17.97 -40.18
C LEU C 569 38.95 18.75 -39.41
N LYS C 570 37.89 19.10 -40.14
CA LYS C 570 36.73 19.77 -39.57
C LYS C 570 35.67 18.66 -39.52
N VAL C 571 35.17 18.34 -38.32
CA VAL C 571 34.19 17.27 -38.23
C VAL C 571 32.75 17.66 -37.92
N GLY C 572 31.83 16.90 -38.48
CA GLY C 572 30.42 17.11 -38.26
C GLY C 572 29.81 15.71 -38.21
N LYS C 573 28.72 15.53 -37.46
CA LYS C 573 28.07 14.23 -37.38
C LYS C 573 27.17 14.01 -38.61
N ILE C 574 26.98 12.76 -38.95
CA ILE C 574 26.16 12.35 -40.08
C ILE C 574 25.73 10.95 -39.69
N SER C 575 24.61 10.49 -40.24
CA SER C 575 24.10 9.17 -39.89
C SER C 575 25.21 8.11 -39.94
N GLY C 576 25.77 7.84 -41.11
CA GLY C 576 26.80 6.80 -41.16
C GLY C 576 28.28 7.14 -40.96
N GLY C 577 28.54 8.31 -40.40
CA GLY C 577 29.91 8.74 -40.22
C GLY C 577 29.91 10.25 -40.03
N PHE C 578 30.81 10.95 -40.70
CA PHE C 578 30.83 12.39 -40.54
C PHE C 578 31.08 13.11 -41.82
N ARG C 579 30.97 14.42 -41.73
CA ARG C 579 31.22 15.31 -42.83
C ARG C 579 32.60 15.86 -42.53
N ILE C 580 33.58 15.45 -43.33
CA ILE C 580 34.93 15.91 -43.13
C ILE C 580 35.28 16.96 -44.15
N ARG C 581 36.11 17.92 -43.76
CA ARG C 581 36.55 19.01 -44.63
C ARG C 581 38.04 19.20 -44.46
N THR C 582 38.85 18.94 -45.50
CA THR C 582 40.28 19.15 -45.34
C THR C 582 40.71 20.34 -46.12
N ARG C 583 41.17 20.15 -47.36
CA ARG C 583 41.55 21.36 -48.09
C ARG C 583 40.30 21.94 -48.68
N GLY C 584 40.27 22.18 -49.97
CA GLY C 584 39.04 22.71 -50.51
C GLY C 584 37.99 21.63 -50.34
N ALA C 585 38.46 20.52 -49.80
CA ALA C 585 37.66 19.34 -49.54
C ALA C 585 36.45 19.59 -48.62
N ASP C 586 35.42 18.78 -48.80
CA ASP C 586 34.22 18.88 -47.99
C ASP C 586 33.32 17.77 -48.47
N LEU C 587 33.42 16.61 -47.82
CA LEU C 587 32.64 15.44 -48.25
C LEU C 587 32.16 14.50 -47.15
N LYS C 588 31.02 13.90 -47.38
CA LYS C 588 30.48 12.98 -46.40
C LYS C 588 31.34 11.74 -46.40
N VAL C 589 31.89 11.41 -45.24
CA VAL C 589 32.74 10.23 -45.08
C VAL C 589 31.91 9.18 -44.31
N HIS C 590 31.44 8.15 -45.00
CA HIS C 590 30.63 7.16 -44.32
C HIS C 590 31.46 6.06 -43.74
N VAL C 591 31.39 5.86 -42.44
CA VAL C 591 32.16 4.76 -41.84
C VAL C 591 31.19 3.68 -41.39
N ARG C 592 30.95 2.71 -42.26
CA ARG C 592 30.03 1.64 -41.93
C ARG C 592 30.70 0.30 -41.76
N THR C 593 29.92 -0.71 -41.40
CA THR C 593 30.45 -2.04 -41.24
C THR C 593 30.19 -2.72 -42.56
N PRO C 594 30.90 -3.82 -42.83
CA PRO C 594 30.69 -4.54 -44.10
C PRO C 594 29.23 -4.84 -44.48
N ARG C 595 28.39 -5.32 -43.55
CA ARG C 595 26.99 -5.61 -43.92
C ARG C 595 26.22 -4.32 -44.04
N GLN C 596 26.55 -3.34 -43.21
CA GLN C 596 25.88 -2.05 -43.26
C GLN C 596 26.08 -1.48 -44.66
N ALA C 597 27.36 -1.44 -45.04
CA ALA C 597 27.80 -0.94 -46.31
C ALA C 597 27.20 -1.75 -47.44
N GLU C 598 27.17 -3.07 -47.25
CA GLU C 598 26.63 -3.97 -48.24
C GLU C 598 25.19 -3.59 -48.60
N LEU C 599 24.38 -3.41 -47.56
CA LEU C 599 22.98 -3.05 -47.75
C LEU C 599 22.78 -1.63 -48.25
N ALA C 600 23.51 -0.70 -47.64
CA ALA C 600 23.41 0.71 -48.01
C ALA C 600 23.56 0.87 -49.53
N ARG C 601 24.18 -0.12 -50.16
CA ARG C 601 24.43 -0.14 -51.58
C ARG C 601 23.14 -0.44 -52.35
N LEU C 602 22.14 -0.98 -51.67
CA LEU C 602 20.84 -1.30 -52.27
C LEU C 602 19.90 -0.11 -52.12
N MET C 603 20.36 0.90 -51.41
CA MET C 603 19.57 2.10 -51.19
C MET C 603 19.48 2.99 -52.44
N PRO C 604 18.26 3.43 -52.80
CA PRO C 604 17.99 4.28 -53.94
C PRO C 604 18.75 5.58 -53.83
N GLU C 605 19.14 6.15 -54.97
CA GLU C 605 19.89 7.40 -54.95
C GLU C 605 18.92 8.58 -54.94
N LYS C 606 18.97 9.33 -53.84
CA LYS C 606 18.12 10.49 -53.60
C LYS C 606 18.23 11.62 -54.64
N LEU C 607 17.07 12.02 -55.18
CA LEU C 607 16.99 13.10 -56.15
C LEU C 607 16.22 14.27 -55.56
N PRO C 608 16.90 15.41 -55.35
CA PRO C 608 16.27 16.60 -54.78
C PRO C 608 14.82 16.86 -55.24
N PRO C 609 14.08 17.71 -54.52
CA PRO C 609 12.70 18.00 -54.91
C PRO C 609 12.67 18.91 -56.13
N ASP C 610 11.47 19.25 -56.62
CA ASP C 610 11.34 20.13 -57.77
C ASP C 610 11.08 21.55 -57.26
N THR C 611 11.38 22.55 -58.06
CA THR C 611 11.16 23.93 -57.65
C THR C 611 10.26 24.68 -58.60
N SER C 612 9.33 25.46 -58.04
CA SER C 612 8.45 26.24 -58.89
C SER C 612 9.26 27.50 -59.16
N LYS C 613 9.01 28.13 -60.30
CA LYS C 613 9.72 29.34 -60.64
C LYS C 613 8.90 30.51 -60.11
N MET C 614 7.94 30.18 -59.24
CA MET C 614 7.09 31.20 -58.65
C MET C 614 7.26 31.23 -57.15
N LEU C 615 7.69 32.37 -56.62
CA LEU C 615 7.86 32.51 -55.17
C LEU C 615 6.53 32.89 -54.52
N LEU C 616 5.86 31.90 -53.95
CA LEU C 616 4.58 32.14 -53.30
C LEU C 616 4.82 32.68 -51.89
N CYS C 617 3.88 33.46 -51.41
CA CYS C 617 3.98 34.02 -50.07
C CYS C 617 3.41 33.01 -49.11
N PRO C 618 4.26 32.46 -48.21
CA PRO C 618 3.77 31.46 -47.24
C PRO C 618 3.14 31.98 -45.95
N MET C 619 3.33 33.25 -45.62
CA MET C 619 2.72 33.75 -44.41
C MET C 619 1.88 34.97 -44.70
N PRO C 620 0.64 34.96 -44.24
CA PRO C 620 -0.21 36.11 -44.51
C PRO C 620 0.32 37.35 -43.83
N GLY C 621 1.26 38.03 -44.44
CA GLY C 621 1.79 39.22 -43.80
C GLY C 621 1.86 40.48 -44.63
N LEU C 622 2.83 41.34 -44.30
CA LEU C 622 3.04 42.60 -44.99
C LEU C 622 4.47 42.64 -45.55
N ILE C 623 4.61 42.93 -46.84
CA ILE C 623 5.93 42.97 -47.45
C ILE C 623 6.66 44.20 -46.98
N VAL C 624 7.71 43.98 -46.20
CA VAL C 624 8.52 45.05 -45.65
C VAL C 624 9.53 45.57 -46.63
N LYS C 625 10.05 44.67 -47.45
CA LYS C 625 11.05 45.07 -48.43
C LYS C 625 11.41 43.98 -49.43
N VAL C 626 11.71 44.42 -50.65
CA VAL C 626 12.13 43.53 -51.71
C VAL C 626 13.53 44.02 -52.05
N ASP C 627 14.50 43.11 -52.02
CA ASP C 627 15.89 43.46 -52.28
C ASP C 627 16.43 42.82 -53.55
N VAL C 628 15.53 42.63 -54.52
CA VAL C 628 15.88 42.03 -55.80
C VAL C 628 15.14 42.80 -56.90
N GLU C 629 15.83 43.04 -58.02
CA GLU C 629 15.25 43.75 -59.15
C GLU C 629 14.91 42.78 -60.26
N VAL C 630 14.05 43.22 -61.16
CA VAL C 630 13.65 42.38 -62.28
C VAL C 630 14.88 42.10 -63.13
N GLY C 631 14.92 40.95 -63.77
CA GLY C 631 16.08 40.64 -64.57
C GLY C 631 17.37 40.55 -63.74
N GLN C 632 17.26 40.39 -62.42
CA GLN C 632 18.45 40.22 -61.57
C GLN C 632 18.73 38.72 -61.50
N GLU C 633 19.96 38.33 -61.15
CA GLU C 633 20.27 36.91 -61.06
C GLU C 633 20.42 36.59 -59.57
N VAL C 634 19.79 35.51 -59.12
CA VAL C 634 19.84 35.10 -57.72
C VAL C 634 20.48 33.74 -57.43
N GLN C 635 21.21 33.72 -56.33
CA GLN C 635 21.90 32.52 -55.87
C GLN C 635 20.98 31.67 -55.02
N GLU C 636 21.18 30.37 -55.05
CA GLU C 636 20.35 29.48 -54.26
C GLU C 636 20.45 29.87 -52.80
N GLY C 637 19.33 30.32 -52.24
CA GLY C 637 19.30 30.72 -50.83
C GLY C 637 19.45 32.20 -50.61
N GLN C 638 19.45 32.97 -51.67
CA GLN C 638 19.60 34.40 -51.51
C GLN C 638 18.34 35.13 -51.08
N ALA C 639 18.48 36.06 -50.15
CA ALA C 639 17.34 36.81 -49.66
C ALA C 639 16.60 37.48 -50.80
N LEU C 640 15.30 37.20 -50.92
CA LEU C 640 14.50 37.82 -51.95
C LEU C 640 13.73 38.99 -51.36
N CYS C 641 12.74 38.70 -50.52
CA CYS C 641 11.97 39.78 -49.90
C CYS C 641 11.89 39.56 -48.40
N THR C 642 11.00 40.28 -47.73
CA THR C 642 10.87 40.16 -46.29
C THR C 642 9.46 40.53 -45.88
N ILE C 643 8.70 39.56 -45.41
CA ILE C 643 7.33 39.77 -44.96
C ILE C 643 7.25 39.95 -43.45
N GLU C 644 6.51 40.94 -42.95
CA GLU C 644 6.39 41.12 -41.51
C GLU C 644 5.13 40.38 -41.05
N ALA C 645 5.35 39.34 -40.24
CA ALA C 645 4.32 38.45 -39.71
C ALA C 645 3.45 39.01 -38.61
N MET C 646 3.95 38.93 -37.38
CA MET C 646 3.24 39.43 -36.23
C MET C 646 4.28 40.19 -35.44
N LYS C 647 4.78 41.26 -36.06
CA LYS C 647 5.82 42.11 -35.48
C LYS C 647 7.10 41.28 -35.51
N MET C 648 7.21 40.40 -36.48
CA MET C 648 8.38 39.57 -36.61
C MET C 648 8.67 39.55 -38.07
N GLU C 649 9.91 39.76 -38.44
CA GLU C 649 10.32 39.77 -39.84
C GLU C 649 10.72 38.38 -40.33
N ASN C 650 10.25 37.99 -41.51
CA ASN C 650 10.58 36.70 -42.12
C ASN C 650 11.22 36.86 -43.50
N ILE C 651 12.46 36.42 -43.65
CA ILE C 651 13.17 36.57 -44.90
C ILE C 651 12.95 35.41 -45.86
N LEU C 652 12.32 35.69 -47.01
CA LEU C 652 12.09 34.64 -48.00
C LEU C 652 13.26 34.60 -48.95
N ARG C 653 13.66 33.41 -49.37
CA ARG C 653 14.82 33.32 -50.23
C ARG C 653 14.78 32.33 -51.39
N ALA C 654 15.60 32.63 -52.40
CA ALA C 654 15.70 31.81 -53.59
C ALA C 654 15.85 30.34 -53.27
N GLU C 655 15.04 29.52 -53.93
CA GLU C 655 15.04 28.08 -53.74
C GLU C 655 16.23 27.46 -54.46
N LYS C 656 16.48 27.92 -55.70
CA LYS C 656 17.58 27.46 -56.53
C LYS C 656 18.07 28.68 -57.28
N LYS C 657 19.29 28.63 -57.79
CA LYS C 657 19.86 29.75 -58.53
C LYS C 657 19.01 29.97 -59.77
N GLY C 658 18.75 31.23 -60.10
CA GLY C 658 17.93 31.52 -61.27
C GLY C 658 17.84 33.01 -61.51
N VAL C 659 16.96 33.44 -62.40
CA VAL C 659 16.80 34.86 -62.69
C VAL C 659 15.36 35.37 -62.62
N VAL C 660 15.21 36.52 -61.98
CA VAL C 660 13.92 37.16 -61.80
C VAL C 660 13.25 37.54 -63.11
N ALA C 661 12.09 36.94 -63.37
CA ALA C 661 11.34 37.28 -64.58
C ALA C 661 10.58 38.56 -64.21
N LYS C 662 9.61 38.45 -63.32
CA LYS C 662 8.85 39.62 -62.90
C LYS C 662 8.54 39.61 -61.41
N ILE C 663 8.30 40.80 -60.89
CA ILE C 663 7.94 41.01 -59.49
C ILE C 663 6.54 41.58 -59.55
N ASN C 664 5.76 41.39 -58.50
CA ASN C 664 4.43 41.97 -58.50
C ASN C 664 3.97 42.21 -57.10
N ALA C 665 4.72 43.07 -56.41
CA ALA C 665 4.43 43.44 -55.03
C ALA C 665 5.63 44.26 -54.60
N SER C 666 5.43 45.16 -53.65
CA SER C 666 6.54 45.98 -53.18
C SER C 666 6.32 46.40 -51.74
N ALA C 667 7.18 47.27 -51.24
CA ALA C 667 7.05 47.73 -49.87
C ALA C 667 5.61 48.07 -49.55
N GLY C 668 5.21 47.95 -48.29
CA GLY C 668 3.85 48.27 -47.88
C GLY C 668 2.75 47.34 -48.35
N ASN C 669 3.01 46.51 -49.35
CA ASN C 669 1.99 45.58 -49.86
C ASN C 669 1.58 44.61 -48.76
N SER C 670 0.41 44.01 -48.89
CA SER C 670 -0.08 43.07 -47.90
C SER C 670 -0.69 41.88 -48.59
N LEU C 671 0.03 40.76 -48.63
CA LEU C 671 -0.47 39.57 -49.30
C LEU C 671 -0.80 38.37 -48.42
N ALA C 672 -1.77 37.59 -48.86
CA ALA C 672 -2.21 36.40 -48.15
C ALA C 672 -1.36 35.23 -48.60
N VAL C 673 -1.69 34.03 -48.17
CA VAL C 673 -0.90 32.90 -48.58
C VAL C 673 -0.99 32.73 -50.09
N ASP C 674 -0.11 31.89 -50.62
CA ASP C 674 -0.04 31.57 -52.04
C ASP C 674 0.14 32.73 -53.04
N ASP C 675 -0.21 33.95 -52.67
CA ASP C 675 -0.04 35.09 -53.59
C ASP C 675 1.36 35.09 -54.16
N VAL C 676 1.49 34.95 -55.47
CA VAL C 676 2.80 34.98 -56.11
C VAL C 676 3.48 36.32 -55.86
N ILE C 677 4.68 36.30 -55.28
CA ILE C 677 5.41 37.52 -54.98
C ILE C 677 6.32 37.91 -56.14
N MET C 678 6.89 36.91 -56.78
CA MET C 678 7.77 37.12 -57.91
C MET C 678 7.67 35.92 -58.82
N GLU C 679 8.24 36.04 -60.02
CA GLU C 679 8.21 34.95 -60.95
C GLU C 679 9.62 34.84 -61.45
N PHE C 680 10.02 33.62 -61.80
CA PHE C 680 11.36 33.40 -62.32
C PHE C 680 11.26 32.79 -63.71
N GLU C 681 12.13 33.22 -64.61
CA GLU C 681 12.09 32.71 -65.98
C GLU C 681 12.56 31.27 -66.03
N LEU D 26 20.81 -32.36 -36.33
CA LEU D 26 20.34 -32.58 -37.73
C LEU D 26 20.63 -31.41 -38.65
N GLU D 27 21.08 -31.71 -39.88
CA GLU D 27 21.34 -30.65 -40.82
C GLU D 27 20.00 -30.38 -41.47
N GLN D 28 19.01 -31.16 -41.05
CA GLN D 28 17.65 -31.00 -41.55
C GLN D 28 17.15 -29.73 -40.89
N LEU D 29 17.51 -29.55 -39.63
CA LEU D 29 17.14 -28.33 -38.90
C LEU D 29 17.73 -27.14 -39.70
N GLU D 30 19.02 -27.21 -39.99
CA GLU D 30 19.68 -26.13 -40.73
C GLU D 30 18.94 -25.77 -42.02
N ASP D 31 18.34 -26.78 -42.64
CA ASP D 31 17.61 -26.62 -43.90
C ASP D 31 16.33 -25.85 -43.66
N ARG D 32 15.51 -26.38 -42.74
CA ARG D 32 14.24 -25.73 -42.37
C ARG D 32 14.54 -24.26 -42.09
N ARG D 33 15.51 -24.03 -41.23
CA ARG D 33 15.98 -22.70 -40.86
C ARG D 33 16.22 -21.84 -42.11
N ALA D 34 17.16 -22.30 -42.93
CA ALA D 34 17.50 -21.58 -44.14
C ALA D 34 16.27 -21.35 -45.00
N ALA D 35 15.42 -22.39 -45.05
CA ALA D 35 14.20 -22.37 -45.82
C ALA D 35 13.35 -21.18 -45.41
N ALA D 36 13.11 -21.10 -44.11
CA ALA D 36 12.32 -20.04 -43.50
C ALA D 36 12.88 -18.68 -43.85
N ARG D 37 14.18 -18.53 -43.61
CA ARG D 37 14.91 -17.30 -43.86
C ARG D 37 14.68 -16.73 -45.26
N LEU D 38 14.13 -17.54 -46.16
CA LEU D 38 13.91 -17.08 -47.52
C LEU D 38 12.69 -16.22 -47.81
N GLY D 39 11.79 -16.17 -46.82
CA GLY D 39 10.59 -15.38 -46.95
C GLY D 39 9.81 -15.77 -48.17
N GLY D 40 9.06 -14.83 -48.70
CA GLY D 40 8.28 -15.12 -49.89
C GLY D 40 9.19 -15.50 -51.05
N GLY D 41 10.42 -15.90 -50.74
CA GLY D 41 11.33 -16.29 -51.79
C GLY D 41 12.10 -15.21 -52.51
N GLN D 42 13.22 -15.65 -53.06
CA GLN D 42 14.18 -14.85 -53.78
C GLN D 42 13.62 -13.90 -54.85
N LYS D 43 12.58 -14.31 -55.55
CA LYS D 43 12.01 -13.45 -56.60
C LYS D 43 11.32 -12.24 -55.97
N ARG D 44 10.60 -12.49 -54.88
CA ARG D 44 9.92 -11.44 -54.12
C ARG D 44 10.94 -10.56 -53.38
N ILE D 45 11.98 -11.22 -52.85
CA ILE D 45 13.03 -10.50 -52.16
C ILE D 45 13.60 -9.46 -53.11
N ASP D 46 13.67 -9.82 -54.38
CA ASP D 46 14.19 -8.89 -55.37
C ASP D 46 13.19 -7.77 -55.56
N ALA D 47 11.93 -8.17 -55.71
CA ALA D 47 10.87 -7.20 -55.88
C ALA D 47 11.04 -6.10 -54.82
N GLN D 48 11.09 -6.54 -53.56
CA GLN D 48 11.23 -5.66 -52.39
C GLN D 48 12.40 -4.71 -52.55
N HIS D 49 13.58 -5.29 -52.74
CA HIS D 49 14.81 -4.53 -52.94
C HIS D 49 14.59 -3.54 -54.06
N GLY D 50 13.80 -3.98 -55.04
CA GLY D 50 13.48 -3.12 -56.16
C GLY D 50 12.85 -1.81 -55.73
N ARG D 51 12.05 -1.83 -54.66
CA ARG D 51 11.40 -0.63 -54.19
C ARG D 51 12.32 0.10 -53.24
N GLY D 52 13.60 -0.27 -53.27
CA GLY D 52 14.56 0.36 -52.39
C GLY D 52 14.27 -0.05 -50.96
N LYS D 53 13.46 -1.07 -50.79
CA LYS D 53 13.14 -1.51 -49.46
C LYS D 53 13.95 -2.74 -49.08
N LEU D 54 14.47 -2.76 -47.85
CA LEU D 54 15.23 -3.91 -47.38
C LEU D 54 14.22 -4.98 -46.99
N THR D 55 14.69 -6.17 -46.62
CA THR D 55 13.78 -7.24 -46.23
C THR D 55 13.57 -7.18 -44.72
N ALA D 56 12.53 -7.87 -44.25
CA ALA D 56 12.24 -7.86 -42.81
C ALA D 56 13.49 -8.16 -42.04
N ARG D 57 14.09 -9.29 -42.39
CA ARG D 57 15.29 -9.77 -41.73
C ARG D 57 16.50 -8.86 -41.84
N GLU D 58 16.72 -8.24 -43.00
CA GLU D 58 17.88 -7.36 -43.16
C GLU D 58 17.73 -6.13 -42.27
N ARG D 59 16.48 -5.66 -42.11
CA ARG D 59 16.17 -4.49 -41.28
C ARG D 59 16.51 -4.84 -39.84
N VAL D 60 16.06 -6.01 -39.39
CA VAL D 60 16.34 -6.49 -38.05
C VAL D 60 17.86 -6.50 -37.91
N ASP D 61 18.54 -7.09 -38.89
CA ASP D 61 20.01 -7.21 -38.91
C ASP D 61 20.77 -5.93 -38.69
N LEU D 62 20.23 -4.82 -39.16
CA LEU D 62 20.94 -3.58 -39.02
C LEU D 62 20.54 -2.89 -37.73
N LEU D 63 19.40 -3.29 -37.17
CA LEU D 63 18.90 -2.68 -35.94
C LEU D 63 19.63 -3.14 -34.69
N LEU D 64 19.72 -4.46 -34.55
CA LEU D 64 20.35 -5.03 -33.38
C LEU D 64 21.85 -5.18 -33.42
N ASP D 65 22.46 -5.10 -32.23
CA ASP D 65 23.90 -5.28 -32.07
C ASP D 65 24.32 -6.54 -32.82
N GLU D 66 25.31 -6.36 -33.70
CA GLU D 66 25.79 -7.44 -34.54
C GLU D 66 25.78 -8.83 -33.92
N GLY D 67 24.85 -9.64 -34.38
CA GLY D 67 24.75 -11.00 -33.86
C GLY D 67 24.40 -10.90 -32.40
N SER D 68 23.12 -10.74 -32.15
CA SER D 68 22.62 -10.61 -30.79
C SER D 68 21.15 -10.85 -30.95
N PHE D 69 20.76 -11.18 -32.16
CA PHE D 69 19.36 -11.42 -32.41
C PHE D 69 18.99 -12.85 -32.09
N GLU D 70 17.93 -13.04 -31.34
CA GLU D 70 17.49 -14.39 -31.08
C GLU D 70 16.11 -14.32 -31.68
N GLU D 71 15.77 -15.27 -32.53
CA GLU D 71 14.46 -15.23 -33.15
C GLU D 71 13.50 -16.15 -32.45
N PHE D 72 12.23 -15.82 -32.48
CA PHE D 72 11.23 -16.67 -31.87
C PHE D 72 10.17 -16.99 -32.93
N ASP D 73 9.46 -18.11 -32.73
CA ASP D 73 8.37 -18.55 -33.60
C ASP D 73 8.68 -18.53 -35.09
N MET D 74 9.89 -18.93 -35.42
CA MET D 74 10.33 -18.94 -36.79
C MET D 74 9.55 -19.82 -37.69
N PHE D 75 9.01 -20.92 -37.15
CA PHE D 75 8.26 -21.84 -37.99
C PHE D 75 6.76 -21.79 -37.76
N VAL D 76 6.28 -20.75 -37.09
CA VAL D 76 4.84 -20.59 -36.86
C VAL D 76 4.09 -20.50 -38.20
N THR D 77 2.93 -21.16 -38.25
CA THR D 77 2.11 -21.15 -39.45
C THR D 77 0.70 -20.71 -39.05
N HIS D 78 -0.06 -20.11 -39.96
CA HIS D 78 -1.41 -19.66 -39.64
C HIS D 78 -2.37 -20.86 -39.50
N ARG D 79 -3.56 -20.59 -38.96
CA ARG D 79 -4.60 -21.61 -38.73
C ARG D 79 -5.87 -21.29 -39.51
N CYS D 80 -5.69 -20.72 -40.69
CA CYS D 80 -6.82 -20.35 -41.52
C CYS D 80 -7.18 -21.56 -42.35
N THR D 81 -8.47 -21.69 -42.66
CA THR D 81 -8.98 -22.78 -43.48
C THR D 81 -9.95 -22.32 -44.55
N ASP D 82 -10.36 -21.06 -44.47
CA ASP D 82 -11.27 -20.54 -45.48
C ASP D 82 -10.49 -20.28 -46.74
N PHE D 83 -11.21 -20.00 -47.82
CA PHE D 83 -10.60 -19.65 -49.08
C PHE D 83 -9.28 -20.33 -49.43
N ASN D 84 -9.22 -21.64 -49.19
CA ASN D 84 -8.03 -22.41 -49.53
C ASN D 84 -6.78 -21.78 -48.97
N MET D 85 -6.95 -21.01 -47.90
CA MET D 85 -5.83 -20.38 -47.26
C MET D 85 -4.88 -21.41 -46.70
N GLN D 86 -5.39 -22.59 -46.38
CA GLN D 86 -4.54 -23.62 -45.80
C GLN D 86 -3.59 -24.31 -46.76
N ASP D 87 -3.59 -23.89 -48.02
CA ASP D 87 -2.69 -24.50 -48.98
C ASP D 87 -1.45 -23.69 -49.09
N GLN D 88 -1.45 -22.56 -48.41
CA GLN D 88 -0.31 -21.67 -48.41
C GLN D 88 0.02 -21.34 -46.93
N LYS D 89 0.77 -22.23 -46.28
CA LYS D 89 1.15 -22.04 -44.90
C LYS D 89 2.65 -21.74 -44.72
N PRO D 90 3.12 -20.57 -45.18
CA PRO D 90 4.53 -20.19 -45.07
C PRO D 90 5.00 -20.19 -43.64
N ALA D 91 6.30 -20.36 -43.44
CA ALA D 91 6.86 -20.35 -42.10
C ALA D 91 7.04 -18.91 -41.63
N GLY D 92 6.74 -18.69 -40.36
CA GLY D 92 6.85 -17.36 -39.75
C GLY D 92 5.55 -16.58 -39.89
N ASP D 93 4.75 -17.00 -40.87
CA ASP D 93 3.47 -16.37 -41.14
C ASP D 93 3.50 -14.85 -41.36
N GLY D 94 4.53 -14.31 -42.00
CA GLY D 94 4.50 -12.88 -42.25
C GLY D 94 5.22 -11.87 -41.36
N VAL D 95 5.78 -12.31 -40.23
CA VAL D 95 6.49 -11.38 -39.35
C VAL D 95 7.69 -12.02 -38.66
N VAL D 96 8.77 -11.27 -38.47
CA VAL D 96 9.94 -11.79 -37.76
C VAL D 96 9.91 -11.14 -36.37
N THR D 97 9.82 -11.96 -35.32
CA THR D 97 9.83 -11.42 -33.97
C THR D 97 11.00 -12.00 -33.19
N GLY D 98 11.38 -11.32 -32.11
CA GLY D 98 12.47 -11.80 -31.27
C GLY D 98 13.05 -10.71 -30.38
N TRP D 99 14.27 -10.92 -29.91
CA TRP D 99 14.89 -9.91 -29.09
C TRP D 99 16.37 -9.80 -29.45
N GLY D 100 17.03 -8.82 -28.86
CA GLY D 100 18.45 -8.60 -29.11
C GLY D 100 18.87 -7.39 -28.29
N THR D 101 20.01 -6.78 -28.59
CA THR D 101 20.42 -5.63 -27.82
C THR D 101 20.85 -4.47 -28.67
N ILE D 102 20.79 -3.27 -28.08
CA ILE D 102 21.26 -2.07 -28.78
C ILE D 102 22.27 -1.39 -27.84
N ASN D 103 23.52 -1.65 -28.19
CA ASN D 103 24.65 -1.17 -27.44
C ASN D 103 24.69 -1.98 -26.14
N GLY D 104 24.26 -3.21 -26.23
CA GLY D 104 24.33 -4.07 -25.07
C GLY D 104 23.10 -4.04 -24.22
N ARG D 105 22.13 -3.20 -24.57
CA ARG D 105 20.90 -3.11 -23.78
C ARG D 105 19.77 -3.83 -24.47
N VAL D 106 19.10 -4.72 -23.73
CA VAL D 106 17.98 -5.49 -24.29
C VAL D 106 16.83 -4.71 -24.93
N VAL D 107 16.41 -5.20 -26.08
CA VAL D 107 15.34 -4.58 -26.81
C VAL D 107 14.56 -5.67 -27.50
N TYR D 108 13.23 -5.50 -27.55
CA TYR D 108 12.38 -6.51 -28.20
C TYR D 108 11.91 -5.98 -29.52
N VAL D 109 11.85 -6.85 -30.51
CA VAL D 109 11.51 -6.42 -31.85
C VAL D 109 10.65 -7.33 -32.72
N PHE D 110 10.05 -6.74 -33.74
CA PHE D 110 9.28 -7.48 -34.72
C PHE D 110 9.39 -6.67 -36.00
N SER D 111 9.69 -7.37 -37.09
CA SER D 111 9.82 -6.76 -38.38
C SER D 111 8.81 -7.47 -39.27
N GLN D 112 7.87 -6.74 -39.88
CA GLN D 112 6.90 -7.41 -40.76
C GLN D 112 7.54 -7.77 -42.09
N ASP D 113 7.34 -9.01 -42.53
CA ASP D 113 7.89 -9.46 -43.81
C ASP D 113 6.89 -9.36 -44.97
N PHE D 114 6.92 -8.22 -45.62
CA PHE D 114 6.06 -7.91 -46.74
C PHE D 114 6.04 -8.98 -47.84
N THR D 115 7.14 -9.72 -48.03
CA THR D 115 7.21 -10.74 -49.08
C THR D 115 6.41 -11.98 -48.76
N VAL D 116 5.89 -12.04 -47.54
CA VAL D 116 5.15 -13.21 -47.11
C VAL D 116 3.67 -12.91 -46.88
N LEU D 117 2.85 -13.24 -47.86
CA LEU D 117 1.43 -12.95 -47.72
C LEU D 117 1.34 -11.47 -47.43
N GLY D 118 2.17 -10.71 -48.12
CA GLY D 118 2.20 -9.26 -47.98
C GLY D 118 2.43 -8.76 -46.58
N GLY D 119 2.86 -9.66 -45.70
CA GLY D 119 3.06 -9.31 -44.32
C GLY D 119 1.67 -8.94 -43.79
N SER D 120 0.64 -9.62 -44.31
CA SER D 120 -0.75 -9.38 -43.91
C SER D 120 -0.97 -9.89 -42.49
N VAL D 121 -1.73 -9.12 -41.70
CA VAL D 121 -1.97 -9.44 -40.29
C VAL D 121 -3.01 -10.50 -40.05
N SER D 122 -2.58 -11.60 -39.43
CA SER D 122 -3.46 -12.72 -39.10
C SER D 122 -3.50 -12.95 -37.58
N GLU D 123 -4.28 -13.95 -37.18
CA GLU D 123 -4.38 -14.27 -35.77
C GLU D 123 -2.98 -14.59 -35.28
N THR D 124 -2.29 -15.47 -35.99
CA THR D 124 -0.96 -15.91 -35.66
C THR D 124 0.17 -14.89 -35.82
N HIS D 125 0.02 -13.96 -36.75
CA HIS D 125 1.03 -12.92 -36.93
C HIS D 125 1.02 -12.05 -35.66
N SER D 126 -0.19 -11.63 -35.24
CA SER D 126 -0.36 -10.78 -34.06
C SER D 126 0.21 -11.51 -32.88
N LYS D 127 -0.29 -12.72 -32.67
CA LYS D 127 0.15 -13.53 -31.57
C LYS D 127 1.64 -13.44 -31.44
N LYS D 128 2.34 -13.52 -32.57
CA LYS D 128 3.79 -13.44 -32.56
C LYS D 128 4.24 -12.11 -32.04
N ILE D 129 3.57 -11.07 -32.47
CA ILE D 129 3.96 -9.77 -31.98
C ILE D 129 3.64 -9.66 -30.49
N CYS D 130 2.51 -10.24 -30.07
CA CYS D 130 2.12 -10.16 -28.67
C CYS D 130 3.12 -10.81 -27.80
N LYS D 131 3.63 -11.96 -28.22
CA LYS D 131 4.64 -12.67 -27.44
C LYS D 131 5.83 -11.80 -27.06
N ILE D 132 6.36 -11.05 -28.00
CA ILE D 132 7.50 -10.23 -27.64
C ILE D 132 7.09 -8.96 -26.89
N MET D 133 5.85 -8.50 -27.08
CA MET D 133 5.38 -7.31 -26.36
C MET D 133 5.22 -7.73 -24.89
N ASP D 134 4.58 -8.87 -24.70
CA ASP D 134 4.36 -9.41 -23.37
C ASP D 134 5.72 -9.63 -22.74
N MET D 135 6.69 -10.03 -23.52
CA MET D 135 8.00 -10.25 -22.96
C MET D 135 8.71 -8.93 -22.67
N ALA D 136 8.50 -7.94 -23.51
CA ALA D 136 9.14 -6.65 -23.29
C ALA D 136 8.62 -6.08 -21.98
N MET D 137 7.33 -6.26 -21.73
CA MET D 137 6.77 -5.72 -20.51
C MET D 137 7.20 -6.46 -19.27
N GLN D 138 7.23 -7.78 -19.29
CA GLN D 138 7.64 -8.55 -18.12
C GLN D 138 9.09 -8.35 -17.79
N ASN D 139 9.88 -7.84 -18.74
CA ASN D 139 11.30 -7.65 -18.49
C ASN D 139 11.78 -6.20 -18.57
N GLY D 140 10.86 -5.28 -18.84
CA GLY D 140 11.20 -3.88 -18.88
C GLY D 140 12.20 -3.44 -19.92
N ALA D 141 11.83 -3.69 -21.17
CA ALA D 141 12.63 -3.36 -22.34
C ALA D 141 11.75 -2.80 -23.48
N PRO D 142 12.27 -1.79 -24.18
CA PRO D 142 11.50 -1.20 -25.29
C PRO D 142 11.06 -2.23 -26.34
N VAL D 143 10.19 -1.79 -27.25
CA VAL D 143 9.71 -2.66 -28.31
C VAL D 143 9.84 -1.86 -29.57
N ILE D 144 10.60 -2.34 -30.56
CA ILE D 144 10.72 -1.64 -31.85
C ILE D 144 9.85 -2.34 -32.88
N GLY D 145 8.87 -1.63 -33.43
CA GLY D 145 7.97 -2.27 -34.39
C GLY D 145 8.29 -1.83 -35.77
N ILE D 146 8.57 -2.78 -36.64
CA ILE D 146 8.90 -2.43 -38.01
C ILE D 146 7.73 -2.87 -38.87
N ASN D 147 6.87 -1.90 -39.19
CA ASN D 147 5.69 -2.17 -39.97
C ASN D 147 5.99 -1.98 -41.42
N ASP D 148 5.56 -2.96 -42.21
CA ASP D 148 5.73 -2.99 -43.64
C ASP D 148 4.74 -4.09 -44.02
N SER D 149 3.46 -3.73 -44.00
CA SER D 149 2.41 -4.69 -44.31
C SER D 149 1.33 -4.18 -45.25
N GLY D 150 0.74 -5.13 -45.97
CA GLY D 150 -0.31 -4.81 -46.90
C GLY D 150 -1.57 -4.52 -46.12
N GLY D 151 -1.59 -4.95 -44.86
CA GLY D 151 -2.74 -4.75 -44.01
C GLY D 151 -3.29 -6.07 -43.49
N ALA D 152 -4.58 -6.09 -43.16
CA ALA D 152 -5.21 -7.30 -42.62
C ALA D 152 -5.26 -8.43 -43.63
N ARG D 153 -5.29 -9.66 -43.10
CA ARG D 153 -5.38 -10.89 -43.88
C ARG D 153 -6.86 -11.23 -44.03
N ILE D 154 -7.51 -10.58 -44.99
CA ILE D 154 -8.96 -10.70 -45.28
C ILE D 154 -9.62 -12.05 -45.14
N GLN D 155 -8.92 -13.09 -45.55
CA GLN D 155 -9.43 -14.45 -45.48
C GLN D 155 -9.71 -14.94 -44.06
N GLU D 156 -9.04 -14.32 -43.09
CA GLU D 156 -9.20 -14.72 -41.69
C GLU D 156 -10.46 -14.11 -41.05
N GLY D 157 -11.17 -13.27 -41.78
CA GLY D 157 -12.38 -12.68 -41.22
C GLY D 157 -12.10 -11.97 -39.93
N VAL D 158 -12.97 -12.15 -38.93
CA VAL D 158 -12.77 -11.49 -37.64
C VAL D 158 -11.50 -11.89 -36.90
N ASP D 159 -10.88 -13.00 -37.29
CA ASP D 159 -9.66 -13.40 -36.62
C ASP D 159 -8.53 -12.45 -36.89
N SER D 160 -8.66 -11.69 -37.96
CA SER D 160 -7.69 -10.70 -38.35
C SER D 160 -7.95 -9.51 -37.45
N LEU D 161 -9.24 -9.25 -37.22
CA LEU D 161 -9.61 -8.15 -36.36
C LEU D 161 -9.13 -8.46 -34.97
N ALA D 162 -9.49 -9.62 -34.45
CA ALA D 162 -9.06 -9.98 -33.12
C ALA D 162 -7.53 -9.83 -33.02
N GLY D 163 -6.81 -10.35 -34.02
CA GLY D 163 -5.37 -10.24 -34.00
C GLY D 163 -4.92 -8.82 -33.67
N TYR D 164 -5.51 -7.86 -34.37
CA TYR D 164 -5.19 -6.48 -34.14
C TYR D 164 -5.52 -6.09 -32.70
N GLY D 165 -6.65 -6.57 -32.23
CA GLY D 165 -7.09 -6.26 -30.88
C GLY D 165 -6.03 -6.54 -29.85
N GLU D 166 -5.53 -7.76 -29.80
CA GLU D 166 -4.52 -8.10 -28.81
C GLU D 166 -3.28 -7.25 -28.93
N VAL D 167 -2.92 -6.84 -30.14
CA VAL D 167 -1.75 -5.98 -30.27
C VAL D 167 -2.12 -4.65 -29.59
N PHE D 168 -3.23 -4.02 -30.03
CA PHE D 168 -3.73 -2.74 -29.48
C PHE D 168 -3.74 -2.70 -27.95
N GLN D 169 -4.51 -3.59 -27.35
CA GLN D 169 -4.58 -3.74 -25.90
C GLN D 169 -3.18 -3.68 -25.25
N ARG D 170 -2.25 -4.45 -25.81
CA ARG D 170 -0.90 -4.48 -25.31
C ARG D 170 -0.25 -3.13 -25.53
N ASN D 171 -0.44 -2.59 -26.72
CA ASN D 171 0.11 -1.28 -27.00
C ASN D 171 -0.35 -0.34 -25.92
N ILE D 172 -1.64 -0.40 -25.62
CA ILE D 172 -2.20 0.49 -24.64
C ILE D 172 -1.67 0.28 -23.24
N MET D 173 -1.62 -0.98 -22.80
CA MET D 173 -1.13 -1.30 -21.46
C MET D 173 0.30 -0.87 -21.19
N ALA D 174 1.14 -0.86 -22.22
CA ALA D 174 2.55 -0.49 -22.08
C ALA D 174 2.80 0.99 -22.29
N SER D 175 1.75 1.73 -22.59
CA SER D 175 1.98 3.13 -22.84
C SER D 175 2.55 3.76 -21.58
N GLY D 176 3.73 4.38 -21.72
CA GLY D 176 4.36 5.02 -20.58
C GLY D 176 4.93 4.05 -19.55
N VAL D 177 5.15 2.80 -19.99
CA VAL D 177 5.69 1.80 -19.11
C VAL D 177 6.97 1.19 -19.65
N VAL D 178 7.10 1.25 -20.96
CA VAL D 178 8.28 0.76 -21.64
C VAL D 178 8.15 1.54 -22.97
N PRO D 179 9.30 2.00 -23.54
CA PRO D 179 9.22 2.76 -24.80
C PRO D 179 8.79 1.92 -25.98
N GLN D 180 7.95 2.50 -26.84
CA GLN D 180 7.46 1.82 -28.03
C GLN D 180 7.75 2.70 -29.24
N ILE D 181 8.82 2.35 -29.95
CA ILE D 181 9.25 3.09 -31.14
C ILE D 181 8.71 2.41 -32.40
N SER D 182 7.89 3.12 -33.16
CA SER D 182 7.34 2.52 -34.38
C SER D 182 8.08 2.92 -35.64
N MET D 183 8.48 1.94 -36.45
CA MET D 183 9.16 2.21 -37.72
C MET D 183 8.29 1.77 -38.90
N ILE D 184 7.86 2.71 -39.73
CA ILE D 184 7.06 2.35 -40.89
C ILE D 184 8.02 2.35 -42.09
N MET D 185 8.14 1.19 -42.74
CA MET D 185 9.05 1.07 -43.85
C MET D 185 8.39 0.50 -45.11
N GLY D 186 7.06 0.49 -45.09
CA GLY D 186 6.30 0.00 -46.20
C GLY D 186 4.88 0.56 -46.09
N PRO D 187 3.88 -0.24 -46.42
CA PRO D 187 2.53 0.28 -46.31
C PRO D 187 1.88 0.00 -44.93
N CYS D 188 1.03 0.89 -44.47
CA CYS D 188 0.35 0.65 -43.21
C CYS D 188 -1.07 1.14 -43.41
N ALA D 189 -1.99 0.22 -43.70
CA ALA D 189 -3.37 0.62 -43.97
C ALA D 189 -4.48 0.08 -43.11
N GLY D 190 -5.44 0.93 -42.81
CA GLY D 190 -6.56 0.46 -42.03
C GLY D 190 -6.37 0.46 -40.54
N GLY D 191 -7.01 -0.51 -39.88
CA GLY D 191 -6.92 -0.62 -38.44
C GLY D 191 -5.50 -0.52 -37.98
N ALA D 192 -4.62 -1.15 -38.73
CA ALA D 192 -3.21 -1.16 -38.42
C ALA D 192 -2.63 0.20 -38.02
N VAL D 193 -2.94 1.24 -38.77
CA VAL D 193 -2.38 2.52 -38.42
C VAL D 193 -2.52 2.81 -36.92
N TYR D 194 -3.63 2.41 -36.32
CA TYR D 194 -3.87 2.69 -34.91
C TYR D 194 -2.88 2.16 -33.93
N SER D 195 -2.15 1.12 -34.25
CA SER D 195 -1.17 0.62 -33.31
C SER D 195 -0.03 1.63 -33.24
N PRO D 196 0.75 1.80 -34.34
CA PRO D 196 1.85 2.78 -34.28
C PRO D 196 1.33 4.08 -33.67
N ALA D 197 0.09 4.41 -33.98
CA ALA D 197 -0.55 5.61 -33.50
C ALA D 197 -0.38 5.76 -32.01
N MET D 198 -0.49 4.64 -31.30
CA MET D 198 -0.37 4.61 -29.85
C MET D 198 1.03 4.39 -29.31
N THR D 199 1.98 4.17 -30.19
CA THR D 199 3.35 3.99 -29.70
C THR D 199 3.98 5.37 -29.46
N ASP D 200 5.07 5.41 -28.71
CA ASP D 200 5.66 6.71 -28.37
C ASP D 200 6.31 7.52 -29.47
N PHE D 201 6.64 6.86 -30.58
CA PHE D 201 7.28 7.52 -31.74
C PHE D 201 6.94 6.78 -33.03
N ILE D 202 6.90 7.56 -34.12
CA ILE D 202 6.60 7.02 -35.41
C ILE D 202 7.55 7.61 -36.42
N PHE D 203 8.46 6.79 -36.92
CA PHE D 203 9.36 7.27 -37.94
C PHE D 203 8.99 6.60 -39.27
N MET D 204 9.12 7.33 -40.36
CA MET D 204 8.80 6.77 -41.67
C MET D 204 10.00 6.89 -42.58
N VAL D 205 9.99 6.12 -43.66
CA VAL D 205 11.08 6.15 -44.63
C VAL D 205 10.65 6.94 -45.86
N LYS D 206 11.30 8.09 -46.02
CA LYS D 206 11.02 9.05 -47.07
C LYS D 206 10.10 8.69 -48.22
N ASP D 207 10.46 7.72 -49.04
CA ASP D 207 9.54 7.49 -50.14
C ASP D 207 8.84 6.15 -50.26
N SER D 208 9.38 5.13 -49.61
CA SER D 208 8.87 3.76 -49.69
C SER D 208 7.82 3.35 -48.66
N SER D 209 7.41 4.30 -47.83
CA SER D 209 6.43 4.04 -46.78
C SER D 209 5.22 4.96 -46.78
N TYR D 210 4.12 4.46 -46.23
CA TYR D 210 2.91 5.28 -46.11
C TYR D 210 1.87 4.64 -45.20
N MET D 211 0.91 5.46 -44.76
CA MET D 211 -0.13 4.96 -43.88
C MET D 211 -1.37 5.84 -43.86
N PHE D 212 -2.53 5.19 -43.85
CA PHE D 212 -3.82 5.87 -43.82
C PHE D 212 -4.91 4.87 -43.39
N VAL D 213 -5.92 5.38 -42.70
CA VAL D 213 -7.02 4.54 -42.22
C VAL D 213 -7.80 3.94 -43.38
N THR D 214 -8.12 4.77 -44.38
CA THR D 214 -8.88 4.36 -45.59
C THR D 214 -8.09 4.55 -46.88
N GLY D 215 -8.18 3.59 -47.80
CA GLY D 215 -7.44 3.64 -49.06
C GLY D 215 -7.82 4.68 -50.09
N PRO D 216 -6.87 5.15 -50.92
CA PRO D 216 -7.08 6.17 -51.97
C PRO D 216 -8.25 5.88 -52.92
N ASP D 217 -8.49 4.59 -53.13
CA ASP D 217 -9.55 4.16 -54.00
C ASP D 217 -10.89 4.34 -53.33
N VAL D 218 -10.97 4.10 -52.03
CA VAL D 218 -12.23 4.29 -51.36
C VAL D 218 -12.42 5.80 -51.20
N VAL D 219 -11.32 6.52 -51.05
CA VAL D 219 -11.43 7.96 -50.94
C VAL D 219 -12.07 8.47 -52.22
N LYS D 220 -11.85 7.74 -53.32
CA LYS D 220 -12.44 8.13 -54.59
C LYS D 220 -13.93 7.83 -54.63
N THR D 221 -14.27 6.55 -54.55
CA THR D 221 -15.66 6.12 -54.60
C THR D 221 -16.58 6.78 -53.56
N VAL D 222 -16.01 7.52 -52.62
CA VAL D 222 -16.80 8.14 -51.57
C VAL D 222 -16.68 9.67 -51.55
N THR D 223 -15.56 10.18 -52.03
CA THR D 223 -15.33 11.61 -52.07
C THR D 223 -15.21 12.09 -53.51
N ASN D 224 -15.03 11.13 -54.41
CA ASN D 224 -14.85 11.42 -55.82
C ASN D 224 -13.53 12.17 -56.00
N GLU D 225 -12.76 12.18 -54.92
CA GLU D 225 -11.48 12.83 -54.94
C GLU D 225 -10.51 11.75 -55.35
N GLN D 226 -9.58 12.13 -56.19
CA GLN D 226 -8.59 11.21 -56.73
C GLN D 226 -7.25 11.63 -56.10
N VAL D 227 -6.58 10.70 -55.43
CA VAL D 227 -5.31 11.03 -54.81
C VAL D 227 -4.45 9.77 -54.71
N SER D 228 -3.13 9.93 -54.87
CA SER D 228 -2.21 8.81 -54.83
C SER D 228 -1.82 8.49 -53.41
N ALA D 229 -1.56 7.20 -53.17
CA ALA D 229 -1.16 6.78 -51.84
C ALA D 229 -0.07 7.70 -51.26
N GLU D 230 0.96 8.02 -52.03
CA GLU D 230 1.99 8.89 -51.50
C GLU D 230 1.43 10.23 -51.09
N GLU D 231 0.46 10.74 -51.82
CA GLU D 231 -0.15 12.03 -51.49
C GLU D 231 -0.99 11.87 -50.25
N LEU D 232 -1.78 10.82 -50.25
CA LEU D 232 -2.65 10.57 -49.13
C LEU D 232 -1.88 10.42 -47.81
N GLY D 233 -1.08 9.39 -47.67
CA GLY D 233 -0.35 9.22 -46.43
C GLY D 233 1.13 8.86 -46.58
N GLY D 234 1.86 9.61 -47.39
CA GLY D 234 3.26 9.33 -47.56
C GLY D 234 4.07 10.03 -46.48
N ALA D 235 5.35 9.66 -46.36
CA ALA D 235 6.25 10.25 -45.36
C ALA D 235 6.15 11.76 -45.22
N THR D 236 6.10 12.47 -46.33
CA THR D 236 6.05 13.91 -46.22
C THR D 236 4.74 14.42 -45.66
N THR D 237 3.64 13.89 -46.19
CA THR D 237 2.32 14.29 -45.75
C THR D 237 2.19 14.18 -44.25
N HIS D 238 2.75 13.09 -43.70
CA HIS D 238 2.68 12.83 -42.28
C HIS D 238 3.69 13.51 -41.39
N THR D 239 4.89 13.77 -41.90
CA THR D 239 5.91 14.44 -41.10
C THR D 239 5.72 15.96 -41.12
N ARG D 240 4.72 16.43 -41.84
CA ARG D 240 4.56 17.86 -42.07
C ARG D 240 3.15 18.45 -42.10
N LYS D 241 2.16 17.60 -42.32
CA LYS D 241 0.79 18.07 -42.47
C LYS D 241 -0.20 17.47 -41.47
N SER D 242 -0.12 16.16 -41.26
CA SER D 242 -1.05 15.45 -40.38
C SER D 242 -0.71 15.37 -38.92
N SER D 243 0.56 15.59 -38.59
CA SER D 243 1.04 15.55 -37.20
C SER D 243 1.18 14.12 -36.69
N VAL D 244 1.27 13.16 -37.61
CA VAL D 244 1.37 11.77 -37.27
C VAL D 244 2.76 11.18 -37.10
N ALA D 245 3.67 11.49 -38.01
CA ALA D 245 5.02 10.94 -37.90
C ALA D 245 5.98 11.94 -37.25
N ASP D 246 7.03 11.41 -36.61
CA ASP D 246 8.01 12.21 -35.91
C ASP D 246 9.21 12.58 -36.74
N ALA D 247 9.35 11.91 -37.88
CA ALA D 247 10.48 12.20 -38.77
C ALA D 247 10.42 11.30 -40.00
N ALA D 248 10.93 11.80 -41.12
CA ALA D 248 10.97 10.97 -42.33
C ALA D 248 12.43 10.75 -42.69
N PHE D 249 12.86 9.49 -42.63
CA PHE D 249 14.23 9.16 -42.92
C PHE D 249 14.44 8.91 -44.39
N GLU D 250 15.63 9.28 -44.86
CA GLU D 250 15.98 9.15 -46.27
C GLU D 250 15.82 7.73 -46.88
N ASN D 251 16.10 6.70 -46.09
CA ASN D 251 15.98 5.32 -46.57
C ASN D 251 16.10 4.28 -45.46
N ASP D 252 15.82 3.04 -45.81
CA ASP D 252 15.90 1.98 -44.85
C ASP D 252 17.17 1.90 -44.00
N VAL D 253 18.34 2.27 -44.54
CA VAL D 253 19.54 2.18 -43.70
C VAL D 253 19.71 3.23 -42.65
N GLU D 254 19.53 4.49 -42.99
CA GLU D 254 19.67 5.54 -41.98
C GLU D 254 18.48 5.45 -41.01
N ALA D 255 17.33 5.08 -41.55
CA ALA D 255 16.16 4.95 -40.72
C ALA D 255 16.58 4.04 -39.57
N LEU D 256 17.13 2.89 -39.89
CA LEU D 256 17.55 2.00 -38.82
C LEU D 256 18.69 2.56 -37.94
N ALA D 257 19.70 3.18 -38.54
CA ALA D 257 20.81 3.76 -37.77
C ALA D 257 20.31 4.80 -36.74
N GLU D 258 19.41 5.66 -37.22
CA GLU D 258 18.81 6.72 -36.41
C GLU D 258 17.93 6.18 -35.27
N VAL D 259 17.33 5.01 -35.49
CA VAL D 259 16.47 4.49 -34.45
C VAL D 259 17.33 4.04 -33.31
N ARG D 260 18.45 3.38 -33.62
CA ARG D 260 19.33 2.98 -32.53
C ARG D 260 19.77 4.27 -31.79
N ARG D 261 20.12 5.31 -32.54
CA ARG D 261 20.54 6.55 -31.93
C ARG D 261 19.52 7.00 -30.91
N LEU D 262 18.26 6.96 -31.32
CA LEU D 262 17.18 7.33 -30.45
C LEU D 262 17.27 6.45 -29.20
N VAL D 263 17.10 5.14 -29.37
CA VAL D 263 17.16 4.22 -28.24
C VAL D 263 18.29 4.53 -27.24
N ASP D 264 19.48 4.88 -27.73
CA ASP D 264 20.60 5.17 -26.82
C ASP D 264 20.29 6.23 -25.76
N PHE D 265 19.34 7.11 -26.05
CA PHE D 265 18.92 8.18 -25.14
C PHE D 265 17.87 7.66 -24.16
N LEU D 266 16.96 6.85 -24.65
CA LEU D 266 15.86 6.35 -23.84
C LEU D 266 16.20 5.43 -22.71
N PRO D 267 15.36 5.43 -21.69
CA PRO D 267 15.53 4.58 -20.51
C PRO D 267 14.85 3.31 -20.96
N LEU D 268 15.20 2.17 -20.39
CA LEU D 268 14.60 0.93 -20.84
C LEU D 268 13.15 0.72 -20.42
N ASN D 269 12.70 1.48 -19.43
CA ASN D 269 11.32 1.38 -18.90
C ASN D 269 11.05 2.45 -17.85
N ASN D 270 9.82 2.50 -17.33
CA ASN D 270 9.50 3.57 -16.37
C ASN D 270 10.05 3.47 -14.97
N ARG D 271 10.79 2.40 -14.68
CA ARG D 271 11.36 2.24 -13.36
C ARG D 271 12.75 2.86 -13.27
N GLU D 272 13.65 2.50 -14.16
CA GLU D 272 14.98 3.09 -14.12
C GLU D 272 14.91 4.49 -14.66
N LYS D 273 15.94 5.29 -14.40
CA LYS D 273 15.95 6.65 -14.92
C LYS D 273 16.81 6.68 -16.15
N PRO D 274 16.71 7.76 -16.96
CA PRO D 274 17.48 7.92 -18.18
C PRO D 274 18.91 7.37 -18.01
N PRO D 275 19.41 6.67 -19.04
CA PRO D 275 20.75 6.06 -19.07
C PRO D 275 21.86 7.08 -19.00
N VAL D 276 23.01 6.62 -18.52
CA VAL D 276 24.16 7.52 -18.44
C VAL D 276 25.27 6.95 -19.29
N ARG D 277 26.16 7.83 -19.75
CA ARG D 277 27.27 7.36 -20.53
C ARG D 277 28.36 8.44 -20.54
N PRO D 278 29.57 8.07 -20.94
CA PRO D 278 30.64 9.06 -20.96
C PRO D 278 30.32 10.28 -21.81
N PHE D 279 30.95 11.41 -21.49
CA PHE D 279 30.70 12.63 -22.25
C PHE D 279 31.92 13.52 -22.32
N PHE D 280 32.34 13.80 -23.52
CA PHE D 280 33.51 14.62 -23.69
C PHE D 280 33.16 16.08 -23.89
N ASP D 281 32.65 16.66 -22.82
CA ASP D 281 32.23 18.06 -22.79
C ASP D 281 32.27 18.56 -21.33
N ASP D 282 32.28 19.87 -21.10
CA ASP D 282 32.31 20.38 -19.73
C ASP D 282 31.01 21.09 -19.26
N PRO D 283 30.47 20.69 -18.08
CA PRO D 283 29.26 21.29 -17.54
C PRO D 283 29.39 22.76 -17.26
N ASP D 284 30.63 23.24 -17.26
CA ASP D 284 30.86 24.66 -17.02
C ASP D 284 31.17 25.41 -18.30
N ARG D 285 31.00 24.79 -19.47
CA ARG D 285 31.32 25.46 -20.72
C ARG D 285 30.53 26.76 -20.93
N ILE D 286 31.26 27.81 -21.33
CA ILE D 286 30.64 29.12 -21.58
C ILE D 286 30.59 29.42 -23.08
N GLU D 287 29.47 29.95 -23.52
CA GLU D 287 29.29 30.30 -24.91
C GLU D 287 29.00 31.80 -24.94
N PRO D 288 30.05 32.62 -25.07
CA PRO D 288 29.91 34.07 -25.10
C PRO D 288 29.07 34.52 -26.27
N SER D 289 29.14 33.74 -27.34
CA SER D 289 28.40 33.96 -28.55
C SER D 289 26.94 34.19 -28.17
N LEU D 290 26.48 33.44 -27.17
CA LEU D 290 25.09 33.56 -26.72
C LEU D 290 24.73 34.98 -26.34
N ASP D 291 25.69 35.69 -25.77
CA ASP D 291 25.46 37.06 -25.35
C ASP D 291 24.92 38.02 -26.39
N THR D 292 24.87 37.62 -27.64
CA THR D 292 24.37 38.53 -28.67
C THR D 292 23.36 37.81 -29.53
N LEU D 293 22.90 36.67 -29.06
CA LEU D 293 21.94 35.88 -29.82
C LEU D 293 20.59 36.59 -29.94
N VAL D 294 20.14 37.24 -28.88
CA VAL D 294 18.86 37.93 -29.00
C VAL D 294 19.18 39.23 -29.71
N PRO D 295 18.58 39.45 -30.89
CA PRO D 295 18.82 40.67 -31.65
C PRO D 295 18.30 41.86 -30.91
N ASP D 296 18.85 43.04 -31.22
CA ASP D 296 18.47 44.30 -30.59
C ASP D 296 17.09 44.70 -31.01
N ASN D 297 16.85 44.60 -32.31
CA ASN D 297 15.54 44.92 -32.84
C ASN D 297 14.64 43.76 -32.48
N PRO D 298 13.51 44.04 -31.80
CA PRO D 298 12.56 43.00 -31.40
C PRO D 298 11.75 42.35 -32.52
N ASN D 299 11.83 42.91 -33.72
CA ASN D 299 11.09 42.36 -34.85
C ASN D 299 11.94 41.35 -35.66
N THR D 300 13.22 41.29 -35.29
CA THR D 300 14.20 40.41 -35.91
C THR D 300 14.29 39.06 -35.19
N PRO D 301 14.07 37.96 -35.92
CA PRO D 301 14.16 36.68 -35.23
C PRO D 301 15.59 36.37 -34.97
N TYR D 302 15.81 35.09 -34.64
CA TYR D 302 17.11 34.47 -34.39
C TYR D 302 16.73 33.00 -34.31
N ASP D 303 17.67 32.11 -34.54
CA ASP D 303 17.31 30.71 -34.49
C ASP D 303 17.50 30.05 -33.12
N MET D 304 16.39 29.82 -32.42
CA MET D 304 16.41 29.19 -31.11
C MET D 304 17.31 27.95 -31.10
N LYS D 305 17.38 27.24 -32.21
CA LYS D 305 18.20 26.06 -32.27
C LYS D 305 19.67 26.33 -32.03
N GLU D 306 20.11 27.56 -32.27
CA GLU D 306 21.51 27.85 -32.01
C GLU D 306 21.74 27.60 -30.52
N LEU D 307 20.88 28.20 -29.71
CA LEU D 307 20.96 28.05 -28.26
C LEU D 307 21.00 26.58 -27.88
N ILE D 308 20.02 25.82 -28.37
CA ILE D 308 19.92 24.42 -28.05
C ILE D 308 21.23 23.76 -28.28
N HIS D 309 21.77 23.87 -29.48
CA HIS D 309 23.03 23.20 -29.75
C HIS D 309 24.13 23.57 -28.79
N LYS D 310 24.32 24.87 -28.56
CA LYS D 310 25.40 25.30 -27.67
C LYS D 310 25.22 24.78 -26.26
N LEU D 311 23.99 24.61 -25.82
CA LEU D 311 23.75 24.09 -24.49
C LEU D 311 23.94 22.60 -24.47
N ALA D 312 23.36 21.94 -25.48
CA ALA D 312 23.44 20.49 -25.59
C ALA D 312 24.87 20.08 -25.34
N ASP D 313 25.05 18.85 -24.87
CA ASP D 313 26.35 18.30 -24.55
C ASP D 313 27.33 18.37 -25.72
N GLU D 314 27.51 17.30 -26.46
CA GLU D 314 28.49 17.41 -27.51
C GLU D 314 27.90 18.09 -28.71
N GLY D 315 26.98 19.00 -28.45
CA GLY D 315 26.30 19.73 -29.52
C GLY D 315 25.26 18.85 -30.20
N ASP D 316 25.11 17.63 -29.70
CA ASP D 316 24.18 16.66 -30.26
C ASP D 316 22.73 16.92 -29.86
N PHE D 317 21.88 17.03 -30.87
CA PHE D 317 20.48 17.28 -30.64
C PHE D 317 19.65 16.44 -31.54
N TYR D 318 19.00 15.44 -30.98
CA TYR D 318 18.14 14.55 -31.76
C TYR D 318 16.72 15.17 -31.77
N GLU D 319 16.37 15.86 -32.85
CA GLU D 319 15.07 16.52 -32.92
C GLU D 319 13.87 15.62 -33.22
N ILE D 320 12.74 15.92 -32.59
CA ILE D 320 11.53 15.15 -32.83
C ILE D 320 10.53 16.08 -33.51
N GLN D 321 9.84 15.55 -34.52
CA GLN D 321 8.85 16.29 -35.32
C GLN D 321 9.36 17.64 -35.79
N GLU D 322 10.53 17.60 -36.41
CA GLU D 322 11.19 18.79 -36.86
C GLU D 322 10.41 19.58 -37.92
N GLU D 323 9.86 18.84 -38.88
CA GLU D 323 9.16 19.42 -39.99
C GLU D 323 7.70 19.70 -39.75
N PHE D 324 7.28 19.66 -38.49
CA PHE D 324 5.88 19.92 -38.15
C PHE D 324 5.84 20.94 -37.01
N ALA D 325 4.73 21.67 -36.92
CA ALA D 325 4.57 22.72 -35.92
C ALA D 325 5.91 23.44 -35.68
N LYS D 326 6.56 23.80 -36.78
CA LYS D 326 7.85 24.47 -36.71
C LYS D 326 7.95 25.72 -35.81
N ASN D 327 6.82 26.22 -35.32
CA ASN D 327 6.89 27.38 -34.45
C ASN D 327 7.31 26.92 -33.01
N ILE D 328 7.59 25.64 -32.87
CA ILE D 328 8.05 25.08 -31.59
C ILE D 328 9.01 23.92 -31.84
N ILE D 329 10.04 23.81 -31.00
CA ILE D 329 11.02 22.76 -31.18
C ILE D 329 10.98 21.78 -30.02
N THR D 330 11.06 20.49 -30.32
CA THR D 330 11.09 19.44 -29.29
C THR D 330 12.19 18.46 -29.64
N GLY D 331 13.07 18.19 -28.67
CA GLY D 331 14.11 17.24 -28.97
C GLY D 331 14.77 16.71 -27.72
N PHE D 332 15.80 15.91 -27.96
CA PHE D 332 16.58 15.28 -26.92
C PHE D 332 18.00 15.76 -27.04
N ILE D 333 18.65 15.90 -25.89
CA ILE D 333 20.05 16.30 -25.83
C ILE D 333 20.48 15.59 -24.57
N ARG D 334 21.76 15.69 -24.23
CA ARG D 334 22.28 15.10 -23.01
C ARG D 334 23.03 16.22 -22.35
N LEU D 335 23.20 16.12 -21.04
CA LEU D 335 23.95 17.10 -20.25
C LEU D 335 24.75 16.22 -19.31
N GLU D 336 26.04 16.47 -19.22
CA GLU D 336 26.86 15.63 -18.35
C GLU D 336 26.48 14.19 -18.66
N GLY D 337 26.33 13.88 -19.94
CA GLY D 337 26.03 12.52 -20.34
C GLY D 337 24.71 11.90 -19.96
N ARG D 338 23.73 12.73 -19.58
CA ARG D 338 22.41 12.21 -19.22
C ARG D 338 21.36 12.82 -20.14
N THR D 339 20.32 12.06 -20.45
CA THR D 339 19.30 12.57 -21.34
C THR D 339 18.45 13.67 -20.75
N VAL D 340 18.22 14.68 -21.57
CA VAL D 340 17.39 15.81 -21.21
C VAL D 340 16.50 16.21 -22.38
N GLY D 341 15.18 16.13 -22.18
CA GLY D 341 14.25 16.50 -23.23
C GLY D 341 14.16 18.01 -23.27
N VAL D 342 13.93 18.56 -24.45
CA VAL D 342 13.86 20.02 -24.58
C VAL D 342 12.72 20.53 -25.45
N VAL D 343 12.03 21.54 -24.93
CA VAL D 343 10.92 22.18 -25.61
C VAL D 343 11.34 23.64 -25.72
N ALA D 344 11.28 24.18 -26.93
CA ALA D 344 11.64 25.58 -27.12
C ALA D 344 10.84 26.27 -28.26
N ASN D 345 10.62 27.57 -28.09
CA ASN D 345 9.90 28.41 -29.06
C ASN D 345 10.78 28.88 -30.21
N GLN D 346 10.30 28.76 -31.44
CA GLN D 346 11.08 29.17 -32.61
C GLN D 346 10.61 30.51 -33.16
N PRO D 347 11.36 31.61 -32.90
CA PRO D 347 10.98 32.93 -33.41
C PRO D 347 10.85 32.89 -34.93
N LEU D 348 11.70 32.10 -35.57
CA LEU D 348 11.72 31.99 -37.03
C LEU D 348 10.41 31.63 -37.66
N VAL D 349 9.52 31.02 -36.90
CA VAL D 349 8.24 30.62 -37.44
C VAL D 349 7.04 31.13 -36.65
N LEU D 350 6.09 31.74 -37.35
CA LEU D 350 4.90 32.28 -36.69
C LEU D 350 5.27 33.10 -35.48
N ALA D 351 6.50 33.61 -35.49
CA ALA D 351 7.01 34.41 -34.39
C ALA D 351 6.86 33.73 -33.06
N GLY D 352 7.37 32.50 -32.95
CA GLY D 352 7.31 31.77 -31.70
C GLY D 352 5.97 31.62 -31.01
N CYS D 353 4.90 31.80 -31.78
CA CYS D 353 3.55 31.69 -31.26
C CYS D 353 3.26 30.26 -30.88
N LEU D 354 2.29 30.11 -30.00
CA LEU D 354 1.81 28.82 -29.58
C LEU D 354 0.54 28.72 -30.43
N ASP D 355 0.23 27.52 -30.90
CA ASP D 355 -0.97 27.30 -31.68
C ASP D 355 -1.45 25.85 -31.49
N ILE D 356 -2.67 25.56 -31.90
CA ILE D 356 -3.16 24.21 -31.74
C ILE D 356 -2.03 23.20 -31.98
N ASP D 357 -1.53 23.13 -33.22
CA ASP D 357 -0.49 22.19 -33.56
C ASP D 357 0.79 22.27 -32.73
N SER D 358 1.38 23.45 -32.60
CA SER D 358 2.61 23.51 -31.82
C SER D 358 2.34 22.95 -30.45
N SER D 359 1.14 23.21 -29.95
CA SER D 359 0.71 22.74 -28.64
C SER D 359 0.61 21.22 -28.57
N ARG D 360 -0.09 20.64 -29.53
CA ARG D 360 -0.24 19.20 -29.55
C ARG D 360 1.14 18.60 -29.71
N LYS D 361 2.00 19.26 -30.49
CA LYS D 361 3.33 18.73 -30.72
C LYS D 361 4.17 18.68 -29.46
N ALA D 362 4.26 19.78 -28.73
CA ALA D 362 5.06 19.78 -27.52
C ALA D 362 4.42 18.96 -26.41
N ALA D 363 3.11 19.13 -26.23
CA ALA D 363 2.33 18.45 -25.19
C ALA D 363 2.69 16.99 -25.08
N ARG D 364 2.56 16.27 -26.18
CA ARG D 364 2.91 14.87 -26.07
C ARG D 364 4.38 14.66 -25.72
N PHE D 365 5.27 15.45 -26.33
CA PHE D 365 6.69 15.28 -26.04
C PHE D 365 6.89 15.33 -24.52
N VAL D 366 6.37 16.40 -23.91
CA VAL D 366 6.49 16.58 -22.46
C VAL D 366 6.00 15.35 -21.69
N ARG D 367 4.75 14.96 -21.91
CA ARG D 367 4.21 13.79 -21.21
C ARG D 367 5.08 12.53 -21.36
N PHE D 368 5.59 12.23 -22.55
CA PHE D 368 6.45 11.06 -22.72
C PHE D 368 7.71 11.17 -21.87
N CYS D 369 8.36 12.32 -21.95
CA CYS D 369 9.58 12.54 -21.18
C CYS D 369 9.29 12.40 -19.69
N ASP D 370 8.13 12.86 -19.24
CA ASP D 370 7.77 12.77 -17.82
C ASP D 370 7.40 11.35 -17.42
N ALA D 371 6.58 10.69 -18.23
CA ALA D 371 6.19 9.34 -17.94
C ALA D 371 7.43 8.48 -17.78
N PHE D 372 8.54 8.88 -18.42
CA PHE D 372 9.78 8.15 -18.39
C PHE D 372 10.95 8.83 -17.63
N GLU D 373 10.64 9.61 -16.60
CA GLU D 373 11.70 10.26 -15.81
C GLU D 373 12.81 11.09 -16.52
N ILE D 374 12.55 11.51 -17.77
CA ILE D 374 13.48 12.35 -18.51
C ILE D 374 13.19 13.81 -18.11
N PRO D 375 14.20 14.56 -17.66
CA PRO D 375 13.97 15.94 -17.27
C PRO D 375 13.63 16.80 -18.47
N LEU D 376 13.16 18.00 -18.19
CA LEU D 376 12.78 18.95 -19.22
C LEU D 376 13.52 20.28 -19.12
N LEU D 377 13.94 20.78 -20.28
CA LEU D 377 14.59 22.09 -20.36
C LEU D 377 13.65 22.79 -21.30
N THR D 378 13.14 23.94 -20.89
CA THR D 378 12.20 24.66 -21.74
C THR D 378 12.81 26.05 -22.05
N LEU D 379 13.10 26.31 -23.32
CA LEU D 379 13.65 27.59 -23.74
C LEU D 379 12.52 28.45 -24.30
N ILE D 380 12.25 29.56 -23.63
CA ILE D 380 11.15 30.44 -23.96
C ILE D 380 11.40 31.77 -24.66
N ASP D 381 10.48 32.11 -25.58
CA ASP D 381 10.44 33.37 -26.32
C ASP D 381 9.11 33.35 -27.08
N VAL D 382 8.02 33.32 -26.34
CA VAL D 382 6.72 33.29 -26.97
C VAL D 382 5.99 34.65 -26.79
N PRO D 383 5.31 35.11 -27.86
CA PRO D 383 4.57 36.37 -27.82
C PRO D 383 3.18 36.17 -27.19
N GLY D 384 2.53 35.08 -27.58
CA GLY D 384 1.22 34.74 -27.07
C GLY D 384 0.75 33.59 -27.96
N PHE D 385 -0.54 33.47 -28.19
CA PHE D 385 -1.01 32.40 -29.06
C PHE D 385 -1.29 33.04 -30.43
N LEU D 386 -1.40 32.19 -31.44
CA LEU D 386 -1.70 32.64 -32.80
C LEU D 386 -3.19 32.96 -32.94
N PRO D 387 -3.54 34.23 -33.21
CA PRO D 387 -4.93 34.72 -33.38
C PRO D 387 -5.64 34.11 -34.57
N GLY D 388 -6.96 34.15 -34.59
CA GLY D 388 -7.63 33.59 -35.74
C GLY D 388 -8.94 32.88 -35.51
N THR D 389 -9.79 32.95 -36.53
CA THR D 389 -11.07 32.29 -36.45
C THR D 389 -10.74 30.79 -36.55
N SER D 390 -9.76 30.50 -37.40
CA SER D 390 -9.26 29.15 -37.67
C SER D 390 -8.86 28.44 -36.36
N GLN D 391 -8.14 29.16 -35.51
CA GLN D 391 -7.71 28.61 -34.24
C GLN D 391 -8.88 28.36 -33.30
N GLU D 392 -9.69 29.39 -33.02
CA GLU D 392 -10.84 29.23 -32.13
C GLU D 392 -11.83 28.20 -32.58
N TYR D 393 -12.17 28.23 -33.86
CA TYR D 393 -13.12 27.26 -34.37
C TYR D 393 -12.48 25.90 -34.38
N GLY D 394 -11.14 25.89 -34.41
CA GLY D 394 -10.39 24.64 -34.40
C GLY D 394 -10.23 24.04 -33.01
N GLY D 395 -10.59 24.83 -31.99
CA GLY D 395 -10.52 24.37 -30.61
C GLY D 395 -9.26 24.65 -29.81
N VAL D 396 -8.60 25.78 -30.03
CA VAL D 396 -7.39 26.03 -29.23
C VAL D 396 -7.72 25.95 -27.75
N ILE D 397 -8.94 26.29 -27.38
CA ILE D 397 -9.22 26.24 -25.98
C ILE D 397 -8.83 24.85 -25.46
N LYS D 398 -9.09 23.82 -26.25
CA LYS D 398 -8.75 22.50 -25.76
C LYS D 398 -7.31 22.11 -26.07
N HIS D 399 -6.89 22.20 -27.33
CA HIS D 399 -5.52 21.84 -27.70
C HIS D 399 -4.47 22.69 -26.99
N GLY D 400 -4.74 24.00 -26.87
CA GLY D 400 -3.82 24.91 -26.23
C GLY D 400 -3.54 24.39 -24.84
N ALA D 401 -4.60 24.00 -24.16
CA ALA D 401 -4.54 23.47 -22.80
C ALA D 401 -3.63 22.28 -22.65
N LYS D 402 -3.63 21.43 -23.66
CA LYS D 402 -2.82 20.23 -23.57
C LYS D 402 -1.39 20.50 -23.09
N LEU D 403 -0.70 21.45 -23.71
CA LEU D 403 0.67 21.67 -23.28
C LEU D 403 0.69 22.17 -21.84
N LEU D 404 -0.31 22.97 -21.50
CA LEU D 404 -0.39 23.50 -20.14
C LEU D 404 -0.55 22.28 -19.24
N TYR D 405 -1.56 21.47 -19.55
CA TYR D 405 -1.81 20.28 -18.78
C TYR D 405 -0.53 19.48 -18.60
N ALA D 406 0.20 19.30 -19.69
CA ALA D 406 1.42 18.52 -19.65
C ALA D 406 2.42 19.01 -18.61
N TYR D 407 2.71 20.29 -18.59
CA TYR D 407 3.66 20.80 -17.64
C TYR D 407 3.13 20.74 -16.20
N GLY D 408 1.82 20.97 -16.06
CA GLY D 408 1.16 20.97 -14.77
C GLY D 408 1.28 19.61 -14.12
N GLU D 409 1.12 18.58 -14.94
CA GLU D 409 1.20 17.19 -14.53
C GLU D 409 2.63 16.66 -14.31
N ALA D 410 3.56 17.08 -15.18
CA ALA D 410 4.96 16.66 -15.12
C ALA D 410 5.55 16.89 -13.77
N THR D 411 6.33 15.90 -13.33
CA THR D 411 7.03 15.93 -12.05
C THR D 411 8.53 15.66 -12.18
N VAL D 412 9.04 15.50 -13.40
CA VAL D 412 10.48 15.28 -13.54
C VAL D 412 11.10 16.64 -13.21
N PRO D 413 12.45 16.76 -13.22
CA PRO D 413 13.02 18.07 -12.91
C PRO D 413 12.76 19.06 -14.05
N MET D 414 12.23 20.23 -13.75
CA MET D 414 12.00 21.18 -14.83
C MET D 414 12.81 22.46 -14.66
N VAL D 415 13.66 22.73 -15.65
CA VAL D 415 14.46 23.93 -15.66
C VAL D 415 13.96 24.80 -16.84
N THR D 416 13.94 26.11 -16.65
CA THR D 416 13.45 27.02 -17.71
C THR D 416 14.38 28.23 -17.91
N VAL D 417 14.48 28.70 -19.14
CA VAL D 417 15.30 29.86 -19.42
C VAL D 417 14.49 30.66 -20.41
N ILE D 418 14.08 31.85 -20.03
CA ILE D 418 13.33 32.70 -20.92
C ILE D 418 14.41 33.58 -21.55
N THR D 419 14.52 33.50 -22.87
CA THR D 419 15.51 34.29 -23.60
C THR D 419 15.02 35.72 -23.93
N ARG D 420 13.73 35.86 -24.25
CA ARG D 420 13.18 37.16 -24.59
C ARG D 420 11.73 37.37 -24.13
N LYS D 421 10.78 37.10 -25.03
CA LYS D 421 9.36 37.30 -24.76
C LYS D 421 8.66 36.26 -23.87
N ALA D 422 7.88 36.74 -22.90
CA ALA D 422 7.09 35.86 -22.07
C ALA D 422 5.80 36.59 -21.75
N TYR D 423 4.87 36.65 -22.70
CA TYR D 423 3.65 37.38 -22.43
C TYR D 423 2.38 36.63 -22.18
N GLY D 424 1.69 37.01 -21.11
CA GLY D 424 0.43 36.40 -20.74
C GLY D 424 0.27 34.87 -20.64
N GLY D 425 -0.95 34.40 -20.93
CA GLY D 425 -1.28 32.98 -20.90
C GLY D 425 -0.17 32.08 -21.40
N ALA D 426 0.41 32.38 -22.55
CA ALA D 426 1.51 31.56 -23.06
C ALA D 426 2.64 31.52 -22.03
N TYR D 427 2.98 32.69 -21.46
CA TYR D 427 4.02 32.76 -20.44
C TYR D 427 3.79 31.70 -19.37
N VAL D 428 2.56 31.66 -18.87
CA VAL D 428 2.18 30.70 -17.86
C VAL D 428 2.36 29.27 -18.40
N VAL D 429 1.86 29.01 -19.60
CA VAL D 429 1.96 27.67 -20.15
C VAL D 429 3.36 27.16 -20.30
N MET D 430 4.30 27.99 -20.75
CA MET D 430 5.69 27.53 -20.95
C MET D 430 6.43 27.21 -19.65
N SER D 431 6.14 26.07 -19.05
CA SER D 431 6.81 25.69 -17.81
C SER D 431 7.05 26.87 -16.83
N SER D 432 6.01 27.65 -16.54
CA SER D 432 6.15 28.80 -15.65
C SER D 432 6.39 28.31 -14.25
N LYS D 433 6.67 29.21 -13.30
CA LYS D 433 6.90 28.72 -11.93
C LYS D 433 5.61 28.33 -11.24
N HIS D 434 4.50 28.74 -11.83
CA HIS D 434 3.19 28.40 -11.30
C HIS D 434 2.81 26.95 -11.64
N LEU D 435 3.57 26.33 -12.54
CA LEU D 435 3.30 24.95 -12.92
C LEU D 435 4.27 24.06 -12.12
N ARG D 436 4.92 24.74 -11.19
CA ARG D 436 5.85 24.11 -10.28
C ARG D 436 7.17 23.67 -10.88
N ALA D 437 7.66 24.41 -11.86
CA ALA D 437 8.95 24.10 -12.43
C ALA D 437 9.95 24.41 -11.31
N ASP D 438 11.12 23.82 -11.41
CA ASP D 438 12.12 23.99 -10.38
C ASP D 438 12.92 25.27 -10.53
N PHE D 439 13.54 25.46 -11.69
CA PHE D 439 14.37 26.64 -11.93
C PHE D 439 13.81 27.51 -13.01
N ASN D 440 13.49 28.75 -12.67
CA ASN D 440 13.00 29.67 -13.66
C ASN D 440 13.99 30.80 -13.85
N TYR D 441 14.92 30.55 -14.78
CA TYR D 441 16.00 31.44 -15.18
C TYR D 441 15.53 32.41 -16.22
N ALA D 442 16.21 33.56 -16.30
CA ALA D 442 15.89 34.58 -17.28
C ALA D 442 17.11 35.32 -17.83
N TRP D 443 17.07 35.63 -19.12
CA TRP D 443 18.13 36.39 -19.76
C TRP D 443 17.73 37.83 -19.48
N PRO D 444 18.68 38.77 -19.48
CA PRO D 444 18.32 40.15 -19.20
C PRO D 444 17.35 40.66 -20.25
N THR D 445 17.49 40.14 -21.46
CA THR D 445 16.58 40.54 -22.52
C THR D 445 15.15 40.00 -22.34
N ALA D 446 14.88 39.30 -21.24
CA ALA D 446 13.56 38.74 -21.00
C ALA D 446 12.57 39.86 -20.71
N GLU D 447 11.33 39.60 -21.09
CA GLU D 447 10.23 40.52 -20.91
C GLU D 447 9.03 39.68 -20.48
N VAL D 448 8.70 39.70 -19.20
CA VAL D 448 7.53 38.94 -18.76
C VAL D 448 6.43 39.94 -18.33
N ALA D 449 5.26 39.83 -18.96
CA ALA D 449 4.15 40.72 -18.64
C ALA D 449 2.79 40.24 -19.16
N VAL D 450 1.72 40.83 -18.60
CA VAL D 450 0.32 40.52 -18.93
C VAL D 450 0.04 40.55 -20.43
N MET D 451 0.68 41.50 -21.12
CA MET D 451 0.57 41.64 -22.56
C MET D 451 1.56 42.71 -22.99
N GLY D 452 1.61 43.03 -24.27
CA GLY D 452 2.53 44.03 -24.72
C GLY D 452 2.14 45.39 -24.19
N ALA D 453 3.16 46.22 -24.01
CA ALA D 453 2.99 47.57 -23.50
C ALA D 453 1.83 48.27 -24.20
N LYS D 454 1.82 48.20 -25.53
CA LYS D 454 0.76 48.84 -26.32
C LYS D 454 -0.64 48.45 -25.89
N GLY D 455 -1.01 47.21 -26.15
CA GLY D 455 -2.33 46.74 -25.79
C GLY D 455 -2.63 46.98 -24.32
N ALA D 456 -1.62 46.74 -23.48
CA ALA D 456 -1.77 46.94 -22.04
C ALA D 456 -2.30 48.35 -21.79
N THR D 457 -1.59 49.32 -22.36
CA THR D 457 -1.90 50.75 -22.24
C THR D 457 -3.32 51.11 -22.65
N GLU D 458 -3.75 50.64 -23.83
CA GLU D 458 -5.08 50.94 -24.32
C GLU D 458 -6.16 50.45 -23.36
N ILE D 459 -5.87 49.39 -22.61
CA ILE D 459 -6.84 48.86 -21.64
C ILE D 459 -6.80 49.67 -20.34
N ILE D 460 -5.58 49.87 -19.82
CA ILE D 460 -5.41 50.62 -18.56
C ILE D 460 -5.74 52.11 -18.68
N HIS D 461 -5.50 52.69 -19.85
CA HIS D 461 -5.76 54.11 -20.06
C HIS D 461 -6.72 54.36 -21.22
N ARG D 462 -8.02 54.23 -20.94
CA ARG D 462 -9.05 54.45 -21.97
C ARG D 462 -9.15 55.93 -22.31
N GLY D 463 -9.66 56.70 -21.36
CA GLY D 463 -9.79 58.13 -21.56
C GLY D 463 -8.40 58.72 -21.67
N ASP D 464 -7.74 58.49 -22.80
CA ASP D 464 -6.40 59.02 -23.04
C ASP D 464 -5.98 58.71 -24.49
N LEU D 465 -6.84 58.01 -25.23
CA LEU D 465 -6.57 57.66 -26.63
C LEU D 465 -6.66 58.88 -27.58
N GLY D 466 -7.65 59.73 -27.32
CA GLY D 466 -7.83 60.91 -28.15
C GLY D 466 -6.67 61.87 -27.98
N ASP D 467 -5.63 61.45 -27.26
CA ASP D 467 -4.47 62.30 -27.03
C ASP D 467 -3.18 61.55 -27.38
N PRO D 468 -3.03 61.13 -28.64
CA PRO D 468 -1.90 60.38 -29.20
C PRO D 468 -0.50 60.61 -28.64
N GLU D 469 -0.39 61.50 -27.66
CA GLU D 469 0.87 61.75 -27.00
C GLU D 469 0.80 61.17 -25.60
N LYS D 470 -0.42 61.11 -25.04
CA LYS D 470 -0.63 60.54 -23.73
C LYS D 470 -0.31 59.06 -23.87
N ILE D 471 -1.03 58.41 -24.78
CA ILE D 471 -0.86 56.98 -25.04
C ILE D 471 0.51 56.67 -25.61
N ALA D 472 1.12 57.63 -26.29
CA ALA D 472 2.43 57.39 -26.83
C ALA D 472 3.37 57.38 -25.64
N GLN D 473 3.01 58.12 -24.61
CA GLN D 473 3.83 58.20 -23.42
C GLN D 473 3.46 57.12 -22.43
N HIS D 474 2.17 56.83 -22.34
CA HIS D 474 1.69 55.78 -21.45
C HIS D 474 2.30 54.44 -21.83
N THR D 475 2.48 54.24 -23.12
CA THR D 475 3.07 53.02 -23.61
C THR D 475 4.55 53.06 -23.32
N ALA D 476 5.21 54.17 -23.65
CA ALA D 476 6.63 54.30 -23.39
C ALA D 476 6.99 54.03 -21.94
N ASP D 477 6.03 54.16 -21.02
CA ASP D 477 6.27 53.89 -19.60
C ASP D 477 6.06 52.43 -19.29
N TYR D 478 4.93 51.88 -19.73
CA TYR D 478 4.65 50.47 -19.49
C TYR D 478 5.86 49.71 -20.01
N GLU D 479 6.31 50.10 -21.19
CA GLU D 479 7.46 49.47 -21.81
C GLU D 479 8.64 49.56 -20.84
N GLU D 480 8.99 50.77 -20.43
CA GLU D 480 10.11 50.97 -19.53
C GLU D 480 9.99 50.37 -18.15
N ARG D 481 8.77 50.18 -17.68
CA ARG D 481 8.54 49.66 -16.34
C ARG D 481 8.18 48.20 -16.22
N PHE D 482 7.60 47.64 -17.27
CA PHE D 482 7.16 46.26 -17.21
C PHE D 482 7.72 45.27 -18.18
N ALA D 483 8.12 45.70 -19.37
CA ALA D 483 8.69 44.74 -20.30
C ALA D 483 10.15 44.45 -19.95
N ASN D 484 10.35 43.47 -19.07
CA ASN D 484 11.65 43.05 -18.62
C ASN D 484 11.44 41.85 -17.69
N PRO D 485 12.52 41.37 -17.07
CA PRO D 485 12.36 40.22 -16.17
C PRO D 485 12.33 40.61 -14.71
N PHE D 486 12.56 41.89 -14.41
CA PHE D 486 12.66 42.30 -13.03
C PHE D 486 11.45 42.42 -12.17
N VAL D 487 10.29 42.65 -12.74
CA VAL D 487 9.10 42.72 -11.91
C VAL D 487 8.78 41.30 -11.46
N ALA D 488 9.08 40.34 -12.33
CA ALA D 488 8.85 38.95 -12.03
C ALA D 488 9.88 38.50 -11.02
N SER D 489 11.01 39.19 -11.00
CA SER D 489 12.08 38.85 -10.07
C SER D 489 11.68 39.29 -8.69
N GLU D 490 11.15 40.48 -8.59
CA GLU D 490 10.75 40.95 -7.30
C GLU D 490 9.77 40.00 -6.68
N ARG D 491 8.95 39.39 -7.54
CA ARG D 491 7.94 38.44 -7.08
C ARG D 491 8.46 37.04 -6.79
N GLY D 492 9.60 36.68 -7.36
CA GLY D 492 10.15 35.37 -7.13
C GLY D 492 9.85 34.43 -8.29
N PHE D 493 9.04 34.86 -9.24
CA PHE D 493 8.70 34.00 -10.37
C PHE D 493 9.86 33.65 -11.28
N VAL D 494 10.96 34.39 -11.17
CA VAL D 494 12.15 34.08 -11.97
C VAL D 494 13.17 33.95 -10.87
N ASP D 495 13.65 32.74 -10.65
CA ASP D 495 14.61 32.46 -9.59
C ASP D 495 15.89 33.30 -9.78
N GLU D 496 16.21 33.61 -11.02
CA GLU D 496 17.37 34.43 -11.29
C GLU D 496 17.46 34.91 -12.75
N VAL D 497 18.18 36.02 -12.91
CA VAL D 497 18.46 36.61 -14.20
C VAL D 497 19.93 36.35 -14.43
N ILE D 498 20.23 35.65 -15.52
CA ILE D 498 21.57 35.27 -15.80
C ILE D 498 22.13 35.79 -17.12
N GLN D 499 23.47 35.81 -17.13
CA GLN D 499 24.27 36.24 -18.26
C GLN D 499 24.13 35.12 -19.29
N PRO D 500 23.64 35.45 -20.49
CA PRO D 500 23.46 34.44 -21.54
C PRO D 500 24.57 33.39 -21.72
N ARG D 501 25.83 33.83 -21.70
CA ARG D 501 26.98 32.93 -21.89
C ARG D 501 27.04 31.75 -20.91
N SER D 502 26.57 31.99 -19.68
CA SER D 502 26.64 30.97 -18.66
C SER D 502 25.53 29.96 -18.61
N THR D 503 24.49 30.15 -19.42
CA THR D 503 23.35 29.23 -19.45
C THR D 503 23.74 27.74 -19.29
N ARG D 504 24.57 27.24 -20.20
CA ARG D 504 25.03 25.85 -20.12
C ARG D 504 25.46 25.57 -18.69
N LYS D 505 26.36 26.39 -18.14
CA LYS D 505 26.78 26.15 -16.77
C LYS D 505 25.63 26.13 -15.75
N ARG D 506 24.76 27.15 -15.79
CA ARG D 506 23.61 27.29 -14.87
C ARG D 506 22.66 26.07 -14.87
N VAL D 507 22.20 25.77 -16.07
CA VAL D 507 21.26 24.69 -16.35
C VAL D 507 21.79 23.31 -15.99
N ALA D 508 23.04 23.06 -16.37
CA ALA D 508 23.68 21.77 -16.11
C ALA D 508 23.68 21.41 -14.63
N ARG D 509 24.14 22.34 -13.79
CA ARG D 509 24.17 22.06 -12.38
C ARG D 509 22.79 22.11 -11.79
N ALA D 510 21.92 22.94 -12.37
CA ALA D 510 20.55 22.99 -11.87
C ALA D 510 19.91 21.57 -11.95
N PHE D 511 20.11 20.92 -13.09
CA PHE D 511 19.58 19.58 -13.27
C PHE D 511 20.30 18.63 -12.34
N ALA D 512 21.59 18.85 -12.18
CA ALA D 512 22.42 17.99 -11.34
C ALA D 512 21.85 17.87 -9.94
N SER D 513 21.49 19.01 -9.38
CA SER D 513 20.95 19.10 -8.03
C SER D 513 19.51 18.59 -7.96
N LEU D 514 18.92 18.29 -9.10
CA LEU D 514 17.55 17.81 -9.11
C LEU D 514 17.44 16.33 -9.37
N ARG D 515 18.59 15.67 -9.48
CA ARG D 515 18.60 14.23 -9.77
C ARG D 515 17.85 13.45 -8.75
N ASN D 516 17.69 14.01 -7.56
CA ASN D 516 17.01 13.30 -6.53
C ASN D 516 15.58 13.74 -6.38
N LYS D 517 15.16 14.72 -7.17
CA LYS D 517 13.80 15.22 -7.06
C LYS D 517 12.78 14.12 -6.92
N SER D 518 11.76 14.35 -6.12
CA SER D 518 10.71 13.37 -5.96
C SER D 518 9.43 14.07 -5.54
N VAL D 519 8.47 14.10 -6.46
CA VAL D 519 7.26 14.81 -6.20
C VAL D 519 6.05 13.95 -6.42
N GLN D 520 5.06 14.12 -5.56
CA GLN D 520 3.86 13.31 -5.65
C GLN D 520 2.58 14.01 -6.13
N MET D 521 1.99 13.45 -7.19
CA MET D 521 0.72 13.94 -7.66
C MET D 521 -0.30 13.09 -6.87
N PRO D 522 -1.52 13.62 -6.64
CA PRO D 522 -2.61 12.98 -5.90
C PRO D 522 -2.96 11.64 -6.53
N TRP D 523 -3.42 10.68 -5.74
CA TRP D 523 -3.75 9.41 -6.36
C TRP D 523 -4.94 9.47 -7.30
N LYS D 524 -4.83 8.75 -8.42
CA LYS D 524 -5.92 8.69 -9.37
C LYS D 524 -5.71 7.54 -10.38
N LYS D 525 -6.79 6.91 -10.86
CA LYS D 525 -6.64 5.84 -11.85
C LYS D 525 -5.81 6.44 -12.96
N HIS D 526 -6.28 7.56 -13.50
CA HIS D 526 -5.57 8.27 -14.57
C HIS D 526 -6.11 9.67 -14.77
N ASP D 527 -5.43 10.44 -15.60
CA ASP D 527 -5.82 11.82 -15.85
C ASP D 527 -7.01 11.90 -16.81
N ASN D 528 -7.53 13.13 -17.00
CA ASN D 528 -8.65 13.39 -17.92
C ASN D 528 -8.35 14.51 -18.91
N ILE D 529 -7.06 14.68 -19.20
CA ILE D 529 -6.57 15.68 -20.14
C ILE D 529 -7.50 15.82 -21.33
N PRO D 530 -7.67 17.06 -21.81
CA PRO D 530 -8.53 17.36 -22.96
C PRO D 530 -8.01 16.59 -24.20
N LEU D 531 -8.91 16.25 -25.10
CA LEU D 531 -8.50 15.48 -26.28
C LEU D 531 -8.76 16.23 -27.59
N PHE E 2 44.97 -43.42 -60.93
CA PHE E 2 44.83 -42.85 -59.55
C PHE E 2 43.63 -41.91 -59.43
N ASN E 3 42.66 -42.31 -58.61
CA ASN E 3 41.45 -41.52 -58.36
C ASN E 3 40.55 -42.18 -57.33
N LYS E 4 39.29 -42.43 -57.69
CA LYS E 4 38.31 -43.04 -56.78
C LYS E 4 38.74 -44.39 -56.20
N ILE E 5 39.37 -44.34 -55.03
CA ILE E 5 39.85 -45.54 -54.35
C ILE E 5 39.06 -45.77 -53.06
N LEU E 6 38.40 -46.91 -52.99
CA LEU E 6 37.60 -47.24 -51.83
C LEU E 6 38.48 -47.77 -50.70
N ILE E 7 37.89 -47.96 -49.52
CA ILE E 7 38.55 -48.50 -48.34
C ILE E 7 37.64 -49.60 -47.79
N ALA E 8 38.21 -50.79 -47.59
CA ALA E 8 37.45 -51.93 -47.10
C ALA E 8 37.46 -52.02 -45.59
N ASN E 9 38.08 -51.04 -44.94
CA ASN E 9 38.17 -51.04 -43.48
C ASN E 9 37.42 -49.85 -42.85
N ARG E 10 37.79 -49.53 -41.61
CA ARG E 10 37.16 -48.43 -40.87
C ARG E 10 38.12 -47.87 -39.82
N GLY E 11 37.58 -47.64 -38.63
CA GLY E 11 38.37 -47.13 -37.53
C GLY E 11 39.50 -46.17 -37.87
N GLU E 12 40.53 -46.20 -37.03
CA GLU E 12 41.70 -45.33 -37.17
C GLU E 12 42.41 -45.63 -38.45
N ILE E 13 42.53 -46.91 -38.78
CA ILE E 13 43.21 -47.34 -39.98
C ILE E 13 42.63 -46.72 -41.25
N ALA E 14 41.29 -46.73 -41.36
CA ALA E 14 40.62 -46.14 -42.52
C ALA E 14 41.05 -44.69 -42.67
N CYS E 15 40.96 -43.96 -41.57
CA CYS E 15 41.36 -42.57 -41.59
C CYS E 15 42.82 -42.56 -42.03
N ARG E 16 43.62 -43.42 -41.40
CA ARG E 16 45.05 -43.53 -41.69
C ARG E 16 45.33 -43.51 -43.18
N VAL E 17 44.58 -44.30 -43.93
CA VAL E 17 44.77 -44.36 -45.37
C VAL E 17 44.16 -43.12 -46.03
N ILE E 18 42.88 -42.89 -45.74
CA ILE E 18 42.18 -41.76 -46.31
C ILE E 18 43.00 -40.49 -46.20
N LYS E 19 43.56 -40.25 -45.03
CA LYS E 19 44.37 -39.06 -44.83
C LYS E 19 45.55 -39.01 -45.78
N THR E 20 45.94 -40.18 -46.31
CA THR E 20 47.07 -40.25 -47.23
C THR E 20 46.59 -40.10 -48.68
N ALA E 21 45.55 -40.85 -49.03
CA ALA E 21 44.98 -40.79 -50.38
C ALA E 21 44.76 -39.35 -50.82
N ARG E 22 43.89 -38.67 -50.08
CA ARG E 22 43.54 -37.30 -50.36
C ARG E 22 44.72 -36.34 -50.22
N LYS E 23 45.79 -36.76 -49.54
CA LYS E 23 46.96 -35.89 -49.40
C LYS E 23 47.70 -35.86 -50.73
N MET E 24 47.40 -36.86 -51.56
CA MET E 24 48.01 -36.96 -52.88
C MET E 24 46.89 -36.82 -53.91
N GLY E 25 45.98 -35.88 -53.66
CA GLY E 25 44.87 -35.64 -54.56
C GLY E 25 44.35 -36.94 -55.16
N ILE E 26 43.61 -37.71 -54.38
CA ILE E 26 43.07 -38.97 -54.85
C ILE E 26 41.64 -39.14 -54.33
N SER E 27 40.66 -39.13 -55.23
CA SER E 27 39.24 -39.26 -54.86
C SER E 27 38.95 -40.32 -53.80
N THR E 28 38.86 -39.90 -52.55
CA THR E 28 38.62 -40.85 -51.47
C THR E 28 37.17 -41.32 -51.42
N VAL E 29 36.98 -42.54 -50.91
CA VAL E 29 35.66 -43.15 -50.79
C VAL E 29 35.69 -44.10 -49.59
N ALA E 30 34.55 -44.31 -48.94
CA ALA E 30 34.49 -45.20 -47.78
C ALA E 30 33.20 -45.99 -47.72
N ILE E 31 33.14 -46.91 -46.76
CA ILE E 31 31.96 -47.76 -46.54
C ILE E 31 31.76 -47.74 -45.04
N TYR E 32 30.57 -48.15 -44.59
CA TYR E 32 30.30 -48.13 -43.15
C TYR E 32 29.05 -48.92 -42.79
N SER E 33 29.10 -49.64 -41.68
CA SER E 33 27.93 -50.43 -41.27
C SER E 33 26.90 -49.45 -40.71
N ASP E 34 25.96 -49.95 -39.90
CA ASP E 34 24.94 -49.07 -39.32
C ASP E 34 25.51 -48.31 -38.12
N ALA E 35 25.95 -49.04 -37.11
CA ALA E 35 26.53 -48.45 -35.91
C ALA E 35 27.91 -47.88 -36.28
N ASP E 36 27.94 -47.10 -37.35
CA ASP E 36 29.18 -46.53 -37.83
C ASP E 36 28.91 -45.36 -38.78
N LYS E 37 27.68 -44.84 -38.74
CA LYS E 37 27.30 -43.71 -39.59
C LYS E 37 28.01 -42.46 -39.09
N GLN E 38 28.37 -42.51 -37.82
CA GLN E 38 29.08 -41.44 -37.14
C GLN E 38 30.58 -41.46 -37.45
N ALA E 39 31.20 -42.61 -37.20
CA ALA E 39 32.64 -42.84 -37.42
C ALA E 39 33.38 -41.75 -38.19
N LEU E 40 34.50 -41.36 -37.61
CA LEU E 40 35.33 -40.32 -38.19
C LEU E 40 35.80 -40.59 -39.63
N HIS E 41 35.97 -41.86 -40.01
CA HIS E 41 36.44 -42.16 -41.36
C HIS E 41 35.38 -41.79 -42.38
N VAL E 42 34.13 -42.12 -42.05
CA VAL E 42 33.00 -41.82 -42.93
C VAL E 42 33.17 -40.38 -43.41
N GLN E 43 33.14 -39.46 -42.46
CA GLN E 43 33.24 -38.03 -42.79
C GLN E 43 34.56 -37.57 -43.39
N MET E 44 35.62 -38.37 -43.30
CA MET E 44 36.90 -37.96 -43.85
C MET E 44 37.02 -38.19 -45.36
N ALA E 45 36.20 -39.12 -45.86
CA ALA E 45 36.19 -39.49 -47.27
C ALA E 45 35.28 -38.59 -48.10
N ASP E 46 35.54 -38.57 -49.43
CA ASP E 46 34.77 -37.75 -50.37
C ASP E 46 33.47 -38.43 -50.79
N GLU E 47 33.20 -39.58 -50.21
CA GLU E 47 31.99 -40.34 -50.51
C GLU E 47 31.87 -41.40 -49.43
N ALA E 48 30.77 -42.13 -49.43
CA ALA E 48 30.57 -43.16 -48.43
C ALA E 48 29.30 -43.91 -48.77
N VAL E 49 29.33 -45.22 -48.57
CA VAL E 49 28.20 -46.08 -48.89
C VAL E 49 27.91 -47.02 -47.73
N HIS E 50 26.64 -47.19 -47.39
CA HIS E 50 26.28 -48.09 -46.30
C HIS E 50 26.80 -49.45 -46.76
N ILE E 51 26.68 -50.45 -45.89
CA ILE E 51 27.13 -51.80 -46.22
C ILE E 51 26.43 -52.80 -45.31
N GLY E 52 25.25 -52.43 -44.81
CA GLY E 52 24.51 -53.32 -43.94
C GLY E 52 24.58 -52.99 -42.46
N PRO E 53 24.25 -53.97 -41.59
CA PRO E 53 24.23 -53.89 -40.11
C PRO E 53 25.58 -53.67 -39.42
N PRO E 54 25.58 -53.51 -38.10
CA PRO E 54 26.84 -53.30 -37.37
C PRO E 54 27.90 -54.42 -37.46
N PRO E 55 27.50 -55.71 -37.34
CA PRO E 55 28.52 -56.76 -37.43
C PRO E 55 29.14 -56.81 -38.83
N ALA E 56 30.47 -56.91 -38.90
CA ALA E 56 31.20 -56.92 -40.16
C ALA E 56 30.96 -58.22 -40.92
N ASN E 57 30.56 -59.26 -40.20
CA ASN E 57 30.26 -60.55 -40.81
C ASN E 57 28.89 -60.37 -41.46
N GLN E 58 28.57 -59.11 -41.75
CA GLN E 58 27.32 -58.72 -42.38
C GLN E 58 27.46 -57.33 -42.99
N SER E 59 28.70 -56.82 -43.05
CA SER E 59 28.89 -55.50 -43.60
C SER E 59 30.29 -55.22 -44.09
N TYR E 60 31.29 -55.46 -43.24
CA TYR E 60 32.66 -55.18 -43.63
C TYR E 60 33.39 -56.36 -44.25
N ILE E 61 32.92 -57.58 -43.96
CA ILE E 61 33.55 -58.75 -44.52
C ILE E 61 32.83 -59.20 -45.80
N VAL E 62 31.50 -59.04 -45.84
CA VAL E 62 30.67 -59.42 -47.01
C VAL E 62 31.24 -58.87 -48.31
N ILE E 63 31.82 -59.75 -49.12
CA ILE E 63 32.46 -59.35 -50.36
C ILE E 63 31.49 -58.86 -51.43
N ASP E 64 30.26 -59.35 -51.35
CA ASP E 64 29.21 -58.96 -52.30
C ASP E 64 28.96 -57.47 -52.05
N LYS E 65 28.60 -57.18 -50.80
CA LYS E 65 28.33 -55.84 -50.32
C LYS E 65 29.41 -54.88 -50.80
N VAL E 66 30.62 -55.11 -50.30
CA VAL E 66 31.79 -54.30 -50.64
C VAL E 66 31.81 -54.05 -52.15
N MET E 67 32.00 -55.12 -52.90
CA MET E 67 32.06 -55.08 -54.37
C MET E 67 30.98 -54.15 -54.95
N ALA E 68 29.72 -54.50 -54.71
CA ALA E 68 28.57 -53.73 -55.19
C ALA E 68 28.82 -52.22 -55.12
N ALA E 69 29.46 -51.81 -54.03
CA ALA E 69 29.79 -50.42 -53.77
C ALA E 69 31.06 -49.98 -54.47
N ILE E 70 32.04 -50.88 -54.53
CA ILE E 70 33.33 -50.59 -55.16
C ILE E 70 33.12 -50.14 -56.61
N ARG E 71 32.12 -50.74 -57.24
CA ARG E 71 31.76 -50.39 -58.60
C ARG E 71 30.74 -49.28 -58.46
N ALA E 72 29.79 -49.47 -57.55
CA ALA E 72 28.75 -48.47 -57.31
C ALA E 72 29.40 -47.09 -57.21
N THR E 73 30.66 -47.04 -56.80
CA THR E 73 31.38 -45.78 -56.68
C THR E 73 32.54 -45.74 -57.67
N GLY E 74 32.71 -46.82 -58.41
CA GLY E 74 33.78 -46.91 -59.39
C GLY E 74 35.14 -47.02 -58.73
N ALA E 75 35.71 -48.23 -58.74
CA ALA E 75 37.02 -48.47 -58.12
C ALA E 75 38.19 -47.81 -58.87
N GLN E 76 39.41 -48.28 -58.58
CA GLN E 76 40.64 -47.75 -59.18
C GLN E 76 41.81 -48.23 -58.32
N ALA E 77 41.47 -48.64 -57.11
CA ALA E 77 42.45 -49.13 -56.14
C ALA E 77 41.84 -49.19 -54.76
N VAL E 78 41.23 -50.32 -54.42
CA VAL E 78 40.64 -50.48 -53.11
C VAL E 78 41.77 -50.86 -52.13
N HIS E 79 41.60 -50.47 -50.87
CA HIS E 79 42.59 -50.79 -49.83
C HIS E 79 41.86 -51.50 -48.73
N PRO E 80 42.46 -52.54 -48.14
CA PRO E 80 41.80 -53.28 -47.06
C PRO E 80 42.23 -52.89 -45.65
N GLY E 81 43.22 -52.01 -45.54
CA GLY E 81 43.72 -51.62 -44.23
C GLY E 81 44.43 -52.79 -43.62
N TYR E 82 43.70 -53.58 -42.82
CA TYR E 82 44.27 -54.77 -42.20
C TYR E 82 43.24 -55.51 -41.36
N GLY E 83 43.62 -56.67 -40.86
CA GLY E 83 42.73 -57.45 -40.03
C GLY E 83 41.32 -57.75 -40.54
N PHE E 84 41.02 -57.45 -41.80
CA PHE E 84 39.69 -57.74 -42.36
C PHE E 84 39.79 -58.62 -43.60
N LEU E 85 39.75 -58.00 -44.77
CA LEU E 85 39.88 -58.72 -46.03
C LEU E 85 41.26 -58.43 -46.59
N SER E 86 42.12 -57.88 -45.74
CA SER E 86 43.48 -57.56 -46.14
C SER E 86 44.20 -58.84 -46.52
N GLU E 87 43.68 -59.95 -46.01
CA GLU E 87 44.24 -61.26 -46.30
C GLU E 87 43.18 -62.34 -46.41
N ASN E 88 42.34 -62.20 -47.44
CA ASN E 88 41.29 -63.17 -47.73
C ASN E 88 41.16 -63.25 -49.26
N SER E 89 41.83 -64.26 -49.83
CA SER E 89 41.85 -64.49 -51.27
C SER E 89 40.54 -64.23 -51.99
N LYS E 90 39.46 -64.86 -51.56
CA LYS E 90 38.18 -64.65 -52.23
C LYS E 90 38.03 -63.21 -52.72
N PHE E 91 38.20 -62.27 -51.80
CA PHE E 91 38.10 -60.84 -52.10
C PHE E 91 39.24 -60.42 -53.03
N ALA E 92 40.44 -60.97 -52.80
CA ALA E 92 41.61 -60.65 -53.61
C ALA E 92 41.42 -60.89 -55.12
N GLU E 93 40.66 -61.93 -55.45
CA GLU E 93 40.41 -62.28 -56.85
C GLU E 93 39.22 -61.51 -57.43
N ALA E 94 38.16 -61.40 -56.65
CA ALA E 94 36.97 -60.68 -57.10
C ALA E 94 37.36 -59.28 -57.54
N LEU E 95 38.49 -58.77 -57.04
CA LEU E 95 38.99 -57.44 -57.39
C LEU E 95 39.66 -57.42 -58.77
N GLU E 96 40.47 -58.47 -59.03
CA GLU E 96 41.16 -58.62 -60.32
C GLU E 96 40.13 -58.94 -61.38
N ALA E 97 39.04 -59.56 -60.94
CA ALA E 97 37.91 -59.90 -61.81
C ALA E 97 37.18 -58.59 -62.10
N GLU E 98 37.87 -57.47 -61.86
CA GLU E 98 37.33 -56.12 -62.07
C GLU E 98 38.43 -55.14 -62.49
N GLY E 99 39.65 -55.35 -62.03
CA GLY E 99 40.72 -54.45 -62.38
C GLY E 99 41.03 -53.53 -61.21
N VAL E 100 40.31 -53.73 -60.12
CA VAL E 100 40.51 -52.94 -58.92
C VAL E 100 41.79 -53.40 -58.24
N ILE E 101 42.86 -52.61 -58.40
CA ILE E 101 44.15 -52.95 -57.81
C ILE E 101 44.16 -53.09 -56.26
N PHE E 102 43.92 -54.30 -55.75
CA PHE E 102 43.97 -54.56 -54.31
C PHE E 102 45.36 -54.15 -53.85
N VAL E 103 45.52 -52.88 -53.45
CA VAL E 103 46.84 -52.39 -53.01
C VAL E 103 47.37 -53.19 -51.83
N GLY E 104 48.44 -53.95 -52.06
CA GLY E 104 49.02 -54.79 -51.03
C GLY E 104 49.82 -55.94 -51.61
N PRO E 105 49.57 -57.18 -51.14
CA PRO E 105 50.30 -58.35 -51.67
C PRO E 105 49.42 -59.19 -52.61
N PRO E 106 50.07 -59.93 -53.55
CA PRO E 106 49.38 -60.79 -54.52
C PRO E 106 48.75 -61.99 -53.81
N LYS E 107 47.47 -62.25 -54.08
CA LYS E 107 46.74 -63.35 -53.43
C LYS E 107 47.53 -64.65 -53.34
N GLY E 108 48.64 -64.73 -54.06
CA GLY E 108 49.47 -65.92 -54.04
C GLY E 108 50.33 -65.88 -52.80
N ALA E 109 51.30 -64.97 -52.78
CA ALA E 109 52.20 -64.81 -51.65
C ALA E 109 51.41 -64.79 -50.34
N ILE E 110 50.15 -64.35 -50.41
CA ILE E 110 49.30 -64.29 -49.22
C ILE E 110 49.01 -65.67 -48.65
N GLU E 111 48.56 -66.60 -49.49
CA GLU E 111 48.28 -67.95 -49.00
C GLU E 111 49.59 -68.67 -48.71
N ALA E 112 50.67 -68.11 -49.26
CA ALA E 112 52.01 -68.65 -49.08
C ALA E 112 52.34 -68.62 -47.59
N MET E 113 52.56 -67.42 -47.06
CA MET E 113 52.88 -67.26 -45.66
C MET E 113 51.64 -67.39 -44.79
N GLY E 114 50.58 -67.93 -45.35
CA GLY E 114 49.35 -68.10 -44.60
C GLY E 114 49.39 -69.37 -43.77
N ASP E 115 50.09 -70.38 -44.30
CA ASP E 115 50.24 -71.66 -43.63
C ASP E 115 51.65 -71.80 -43.05
N LYS E 116 51.73 -72.20 -41.78
CA LYS E 116 53.01 -72.35 -41.10
C LYS E 116 54.02 -73.21 -41.86
N ILE E 117 53.64 -74.47 -42.08
CA ILE E 117 54.48 -75.46 -42.78
C ILE E 117 55.14 -74.88 -44.02
N THR E 118 54.29 -74.46 -44.96
CA THR E 118 54.73 -73.89 -46.21
C THR E 118 55.79 -72.83 -45.95
N SER E 119 55.46 -71.89 -45.07
CA SER E 119 56.33 -70.78 -44.70
C SER E 119 57.70 -71.26 -44.27
N LYS E 120 57.70 -72.27 -43.39
CA LYS E 120 58.92 -72.85 -42.86
C LYS E 120 59.89 -73.12 -43.99
N LYS E 121 59.42 -73.89 -44.97
CA LYS E 121 60.24 -74.22 -46.11
C LYS E 121 60.66 -72.98 -46.92
N ILE E 122 59.68 -72.21 -47.35
CA ILE E 122 59.93 -71.01 -48.14
C ILE E 122 61.02 -70.10 -47.60
N ALA E 123 61.36 -70.24 -46.32
CA ALA E 123 62.40 -69.42 -45.71
C ALA E 123 63.72 -70.19 -45.67
N GLN E 124 63.61 -71.52 -45.58
CA GLN E 124 64.79 -72.37 -45.52
C GLN E 124 65.73 -72.09 -46.69
N GLU E 125 65.40 -72.59 -47.88
CA GLU E 125 66.24 -72.40 -49.07
C GLU E 125 66.47 -70.91 -49.30
N ALA E 126 65.53 -70.10 -48.85
CA ALA E 126 65.65 -68.67 -48.97
C ALA E 126 66.79 -68.28 -48.04
N ASN E 127 67.42 -69.29 -47.46
CA ASN E 127 68.53 -69.13 -46.52
C ASN E 127 68.16 -68.18 -45.39
N VAL E 128 66.90 -68.26 -44.95
CA VAL E 128 66.42 -67.42 -43.87
C VAL E 128 66.55 -68.13 -42.54
N SER E 129 67.31 -67.52 -41.63
CA SER E 129 67.54 -68.08 -40.30
C SER E 129 66.24 -68.67 -39.72
N THR E 130 66.38 -69.63 -38.82
CA THR E 130 65.21 -70.26 -38.20
C THR E 130 65.63 -71.05 -36.98
N VAL E 131 64.79 -71.03 -35.97
CA VAL E 131 65.07 -71.76 -34.73
C VAL E 131 65.35 -73.22 -35.07
N PRO E 132 66.59 -73.68 -34.80
CA PRO E 132 67.07 -75.04 -35.05
C PRO E 132 66.13 -76.18 -34.62
N GLY E 133 66.60 -77.42 -34.80
CA GLY E 133 65.84 -78.60 -34.42
C GLY E 133 64.58 -78.84 -35.24
N VAL E 203 65.28 -70.06 -26.37
CA VAL E 203 65.74 -68.72 -26.77
C VAL E 203 65.97 -67.78 -25.58
N THR E 204 67.23 -67.71 -25.14
CA THR E 204 67.68 -66.89 -24.02
C THR E 204 66.72 -65.76 -23.54
N GLN E 205 66.81 -64.60 -24.19
CA GLN E 205 65.98 -63.44 -23.83
C GLN E 205 65.10 -63.12 -25.01
N PRO E 206 63.97 -63.85 -25.15
CA PRO E 206 63.11 -63.58 -26.30
C PRO E 206 62.67 -62.13 -26.44
N ARG E 207 63.08 -61.53 -27.56
CA ARG E 207 62.72 -60.17 -27.87
C ARG E 207 62.02 -60.28 -29.22
N HIS E 208 60.82 -59.73 -29.32
CA HIS E 208 60.07 -59.76 -30.58
C HIS E 208 60.56 -58.54 -31.37
N ILE E 209 61.32 -58.78 -32.43
CA ILE E 209 61.83 -57.69 -33.25
C ILE E 209 61.46 -57.96 -34.69
N GLU E 210 60.69 -57.06 -35.29
CA GLU E 210 60.25 -57.24 -36.66
C GLU E 210 60.88 -56.23 -37.64
N ILE E 211 60.81 -56.57 -38.93
CA ILE E 211 61.34 -55.75 -40.02
C ILE E 211 60.26 -55.39 -41.06
N GLN E 212 60.22 -54.09 -41.41
CA GLN E 212 59.27 -53.56 -42.37
C GLN E 212 59.95 -53.47 -43.72
N VAL E 213 59.45 -54.26 -44.66
CA VAL E 213 59.99 -54.31 -46.00
C VAL E 213 58.93 -53.89 -47.00
N LEU E 214 59.38 -53.37 -48.13
CA LEU E 214 58.48 -52.96 -49.19
C LEU E 214 59.16 -53.24 -50.52
N CYS E 215 58.39 -53.82 -51.45
CA CYS E 215 58.91 -54.18 -52.77
C CYS E 215 58.23 -53.37 -53.89
N ASP E 216 57.47 -54.10 -54.71
CA ASP E 216 56.68 -53.65 -55.85
C ASP E 216 56.67 -54.83 -56.81
N SER E 217 55.74 -54.84 -57.77
CA SER E 217 55.66 -55.93 -58.72
C SER E 217 56.72 -55.84 -59.80
N HIS E 218 57.76 -55.03 -59.52
CA HIS E 218 58.87 -54.82 -60.45
C HIS E 218 60.19 -55.32 -59.86
N GLY E 219 60.13 -56.45 -59.18
CA GLY E 219 61.32 -57.05 -58.60
C GLY E 219 62.07 -56.31 -57.50
N ASN E 220 62.06 -54.98 -57.53
CA ASN E 220 62.77 -54.21 -56.51
C ASN E 220 62.14 -54.43 -55.13
N GLY E 221 62.88 -54.04 -54.08
CA GLY E 221 62.37 -54.20 -52.73
C GLY E 221 63.43 -53.84 -51.70
N ILE E 222 63.01 -53.17 -50.63
CA ILE E 222 63.94 -52.77 -49.58
C ILE E 222 63.29 -52.79 -48.19
N TYR E 223 64.12 -52.76 -47.15
CA TYR E 223 63.61 -52.75 -45.79
C TYR E 223 63.77 -51.35 -45.19
N LEU E 224 62.92 -51.01 -44.23
CA LEU E 224 62.98 -49.69 -43.60
C LEU E 224 63.13 -49.77 -42.08
N GLY E 225 64.19 -50.43 -41.60
CA GLY E 225 64.41 -50.59 -40.17
C GLY E 225 63.57 -51.67 -39.48
N GLU E 226 63.75 -51.81 -38.17
CA GLU E 226 63.00 -52.78 -37.37
C GLU E 226 62.27 -52.14 -36.20
N ARG E 227 61.21 -52.82 -35.76
CA ARG E 227 60.38 -52.36 -34.66
C ARG E 227 60.33 -53.45 -33.61
N GLU E 228 60.61 -53.09 -32.36
CA GLU E 228 60.55 -54.07 -31.27
C GLU E 228 59.23 -53.95 -30.52
N CYS E 229 58.45 -55.02 -30.60
CA CYS E 229 57.16 -55.09 -29.94
C CYS E 229 57.25 -56.19 -28.91
N SER E 230 58.30 -56.20 -28.12
CA SER E 230 58.43 -57.23 -27.11
C SER E 230 57.36 -57.07 -26.05
N ILE E 231 57.16 -55.83 -25.60
CA ILE E 231 56.18 -55.51 -24.57
C ILE E 231 54.72 -55.69 -25.01
N GLN E 232 54.22 -56.92 -24.95
CA GLN E 232 52.84 -57.21 -25.31
C GLN E 232 52.17 -58.10 -24.27
N ARG E 233 50.90 -57.84 -23.98
CA ARG E 233 50.16 -58.61 -22.98
C ARG E 233 49.19 -59.59 -23.64
N ARG E 234 49.16 -60.82 -23.14
CA ARG E 234 48.28 -61.82 -23.73
C ARG E 234 48.46 -61.84 -25.24
N ASN E 235 49.67 -61.56 -25.69
CA ASN E 235 49.97 -61.54 -27.11
C ASN E 235 49.41 -60.35 -27.88
N GLN E 236 48.56 -59.55 -27.23
CA GLN E 236 48.02 -58.37 -27.88
C GLN E 236 49.09 -57.30 -27.63
N LYS E 237 49.66 -56.75 -28.69
CA LYS E 237 50.72 -55.76 -28.55
C LYS E 237 50.27 -54.51 -27.80
N VAL E 238 51.16 -54.01 -26.96
CA VAL E 238 50.86 -52.84 -26.15
C VAL E 238 51.73 -51.68 -26.53
N VAL E 239 53.03 -51.94 -26.52
CA VAL E 239 54.01 -50.92 -26.83
C VAL E 239 55.02 -51.30 -27.90
N GLU E 240 55.07 -50.50 -28.96
CA GLU E 240 56.02 -50.71 -30.04
C GLU E 240 56.99 -49.54 -30.10
N GLU E 241 58.23 -49.81 -30.49
CA GLU E 241 59.24 -48.78 -30.63
C GLU E 241 60.08 -49.11 -31.86
N ALA E 242 60.77 -48.10 -32.39
CA ALA E 242 61.67 -48.22 -33.55
C ALA E 242 62.72 -47.09 -33.45
N PRO E 243 64.01 -47.44 -33.59
CA PRO E 243 64.53 -48.80 -33.82
C PRO E 243 64.47 -49.65 -32.56
N SER E 244 65.26 -50.71 -32.51
CA SER E 244 65.29 -51.60 -31.36
C SER E 244 66.50 -51.23 -30.50
N PRO E 245 66.27 -51.00 -29.20
CA PRO E 245 67.31 -50.61 -28.24
C PRO E 245 68.34 -51.69 -28.02
N PHE E 246 68.16 -52.78 -28.74
CA PHE E 246 69.03 -53.94 -28.59
C PHE E 246 70.01 -54.13 -29.74
N LEU E 247 69.50 -54.74 -30.80
CA LEU E 247 70.34 -55.02 -31.94
C LEU E 247 71.01 -53.77 -32.52
N ASP E 248 72.29 -53.93 -32.81
CA ASP E 248 73.16 -52.90 -33.38
C ASP E 248 73.14 -52.93 -34.91
N GLU E 249 73.88 -51.99 -35.50
CA GLU E 249 73.99 -51.83 -36.96
C GLU E 249 74.14 -53.09 -37.82
N ALA E 250 75.20 -53.84 -37.54
CA ALA E 250 75.50 -55.06 -38.29
C ALA E 250 74.36 -56.06 -38.23
N THR E 251 74.04 -56.50 -37.02
CA THR E 251 72.98 -57.48 -36.83
C THR E 251 71.66 -56.93 -37.37
N ARG E 252 71.55 -55.60 -37.41
CA ARG E 252 70.36 -54.93 -37.92
C ARG E 252 70.28 -55.22 -39.41
N ARG E 253 71.31 -54.78 -40.15
CA ARG E 253 71.35 -55.01 -41.59
C ARG E 253 71.25 -56.50 -41.82
N ALA E 254 71.79 -57.27 -40.88
CA ALA E 254 71.75 -58.73 -40.97
C ALA E 254 70.29 -59.19 -41.13
N MET E 255 69.47 -58.78 -40.16
CA MET E 255 68.05 -59.10 -40.14
C MET E 255 67.40 -58.44 -41.36
N GLY E 256 67.80 -57.18 -41.60
CA GLY E 256 67.28 -56.40 -42.70
C GLY E 256 67.55 -56.97 -44.09
N GLU E 257 68.82 -57.19 -44.39
CA GLU E 257 69.22 -57.73 -45.70
C GLU E 257 68.52 -59.07 -45.91
N GLN E 258 68.56 -59.90 -44.88
CA GLN E 258 67.94 -61.22 -44.96
C GLN E 258 66.44 -61.09 -45.02
N ALA E 259 65.92 -60.06 -44.37
CA ALA E 259 64.50 -59.83 -44.33
C ALA E 259 64.01 -59.66 -45.76
N VAL E 260 64.46 -58.58 -46.40
CA VAL E 260 64.09 -58.25 -47.77
C VAL E 260 64.40 -59.39 -48.74
N ALA E 261 65.49 -60.10 -48.46
CA ALA E 261 65.88 -61.23 -49.28
C ALA E 261 64.68 -62.19 -49.28
N LEU E 262 64.32 -62.66 -48.09
CA LEU E 262 63.18 -63.56 -47.95
C LEU E 262 62.00 -63.01 -48.74
N ALA E 263 61.90 -61.68 -48.76
CA ALA E 263 60.81 -60.99 -49.44
C ALA E 263 60.62 -61.49 -50.86
N LYS E 264 61.47 -61.02 -51.76
CA LYS E 264 61.42 -61.36 -53.17
C LYS E 264 61.12 -62.85 -53.28
N ALA E 265 61.87 -63.63 -52.51
CA ALA E 265 61.76 -65.08 -52.46
C ALA E 265 60.33 -65.62 -52.53
N VAL E 266 59.36 -64.79 -52.17
CA VAL E 266 57.98 -65.26 -52.21
C VAL E 266 57.15 -64.44 -53.19
N GLY E 267 57.78 -63.41 -53.75
CA GLY E 267 57.11 -62.55 -54.70
C GLY E 267 56.13 -61.62 -54.03
N TYR E 268 56.61 -60.91 -53.03
CA TYR E 268 55.77 -59.95 -52.29
C TYR E 268 55.84 -58.59 -53.00
N ALA E 269 54.69 -57.94 -53.13
CA ALA E 269 54.59 -56.65 -53.80
C ALA E 269 54.69 -55.43 -52.89
N SER E 270 53.57 -55.08 -52.24
CA SER E 270 53.49 -53.92 -51.36
C SER E 270 54.50 -53.86 -50.22
N ALA E 271 54.00 -53.48 -49.06
CA ALA E 271 54.82 -53.42 -47.86
C ALA E 271 54.32 -54.58 -47.01
N GLY E 272 55.24 -55.20 -46.28
CA GLY E 272 54.90 -56.33 -45.43
C GLY E 272 55.89 -56.40 -44.29
N THR E 273 55.58 -57.22 -43.29
CA THR E 273 56.44 -57.33 -42.13
C THR E 273 56.95 -58.73 -41.84
N VAL E 274 58.26 -58.83 -41.54
CA VAL E 274 58.90 -60.10 -41.20
C VAL E 274 59.30 -60.12 -39.72
N GLU E 275 58.58 -60.94 -38.95
CA GLU E 275 58.80 -61.06 -37.52
C GLU E 275 59.89 -62.06 -37.13
N PHE E 276 60.84 -61.58 -36.34
CA PHE E 276 61.96 -62.41 -35.87
C PHE E 276 61.88 -62.57 -34.35
N ILE E 277 62.70 -63.48 -33.80
CA ILE E 277 62.76 -63.69 -32.34
C ILE E 277 64.22 -63.68 -31.92
N VAL E 278 64.80 -62.49 -31.82
CA VAL E 278 66.19 -62.35 -31.39
C VAL E 278 66.30 -62.88 -29.97
N ASP E 279 67.49 -63.32 -29.57
CA ASP E 279 67.68 -63.80 -28.21
C ASP E 279 68.69 -62.94 -27.46
N GLY E 280 69.34 -63.52 -26.45
CA GLY E 280 70.30 -62.78 -25.65
C GLY E 280 71.61 -62.48 -26.35
N GLN E 281 71.91 -63.20 -27.43
CA GLN E 281 73.17 -62.98 -28.12
C GLN E 281 72.97 -62.37 -29.50
N LYS E 282 71.87 -61.64 -29.70
CA LYS E 282 71.57 -61.04 -31.01
C LYS E 282 71.38 -62.12 -32.08
N ASN E 283 71.17 -63.34 -31.61
CA ASN E 283 70.94 -64.47 -32.49
C ASN E 283 69.51 -64.35 -32.95
N PHE E 284 69.28 -63.86 -34.15
CA PHE E 284 67.90 -63.72 -34.58
C PHE E 284 67.38 -64.92 -35.35
N TYR E 285 66.08 -65.13 -35.28
CA TYR E 285 65.48 -66.23 -36.01
C TYR E 285 64.33 -65.69 -36.83
N PHE E 286 63.26 -66.45 -36.99
CA PHE E 286 62.13 -65.99 -37.81
C PHE E 286 60.88 -66.73 -37.41
N LEU E 287 59.87 -66.01 -36.95
CA LEU E 287 58.62 -66.65 -36.57
C LEU E 287 57.70 -66.67 -37.77
N GLU E 288 57.51 -65.52 -38.41
CA GLU E 288 56.65 -65.46 -39.59
C GLU E 288 56.53 -64.11 -40.30
N MET E 289 55.82 -64.12 -41.42
CA MET E 289 55.61 -62.91 -42.19
C MET E 289 54.12 -62.60 -42.33
N ASN E 290 53.80 -61.32 -42.14
CA ASN E 290 52.44 -60.83 -42.23
C ASN E 290 52.36 -60.05 -43.52
N THR E 291 51.50 -60.53 -44.41
CA THR E 291 51.31 -59.90 -45.69
C THR E 291 50.20 -58.83 -45.59
N ARG E 292 50.59 -57.65 -45.11
CA ARG E 292 49.67 -56.54 -44.94
C ARG E 292 50.37 -55.39 -44.26
N LEU E 293 49.62 -54.32 -43.99
CA LEU E 293 50.18 -53.17 -43.32
C LEU E 293 50.00 -53.40 -41.83
N GLN E 294 51.08 -53.16 -41.09
CA GLN E 294 51.08 -53.36 -39.65
C GLN E 294 50.57 -52.15 -38.88
N VAL E 295 49.75 -52.43 -37.88
CA VAL E 295 49.20 -51.39 -37.03
C VAL E 295 50.33 -50.51 -36.53
N GLU E 296 51.39 -51.15 -36.07
CA GLU E 296 52.54 -50.45 -35.52
C GLU E 296 53.49 -49.80 -36.51
N HIS E 297 53.06 -49.60 -37.75
CA HIS E 297 53.97 -48.99 -38.71
C HIS E 297 54.36 -47.55 -38.41
N PRO E 298 53.45 -46.73 -37.86
CA PRO E 298 53.79 -45.34 -37.56
C PRO E 298 55.19 -45.17 -37.00
N VAL E 299 55.63 -46.13 -36.20
CA VAL E 299 56.95 -46.05 -35.59
C VAL E 299 58.03 -46.06 -36.66
N THR E 300 57.84 -46.92 -37.64
CA THR E 300 58.78 -47.03 -38.74
C THR E 300 58.85 -45.67 -39.42
N GLU E 301 57.68 -45.14 -39.78
CA GLU E 301 57.54 -43.86 -40.46
C GLU E 301 58.13 -42.62 -39.78
N LEU E 302 58.22 -42.59 -38.46
CA LEU E 302 58.77 -41.42 -37.78
C LEU E 302 60.31 -41.36 -37.67
N ILE E 303 60.98 -42.34 -38.26
CA ILE E 303 62.43 -42.41 -38.22
C ILE E 303 62.96 -42.65 -39.61
N THR E 304 62.13 -43.23 -40.47
CA THR E 304 62.52 -43.49 -41.85
C THR E 304 62.23 -42.29 -42.75
N GLY E 305 61.12 -41.61 -42.48
CA GLY E 305 60.72 -40.47 -43.30
C GLY E 305 59.95 -41.00 -44.50
N VAL E 306 59.06 -41.97 -44.24
CA VAL E 306 58.27 -42.61 -45.29
C VAL E 306 56.81 -42.83 -44.94
N ASP E 307 55.95 -42.87 -45.96
CA ASP E 307 54.54 -43.12 -45.73
C ASP E 307 54.22 -44.44 -46.37
N LEU E 308 54.25 -45.49 -45.57
CA LEU E 308 53.95 -46.82 -46.09
C LEU E 308 52.63 -46.87 -46.83
N VAL E 309 51.68 -46.01 -46.49
CA VAL E 309 50.42 -46.04 -47.19
C VAL E 309 50.62 -45.39 -48.57
N GLU E 310 51.48 -44.38 -48.63
CA GLU E 310 51.78 -43.73 -49.89
C GLU E 310 52.40 -44.79 -50.79
N GLN E 311 53.67 -45.12 -50.55
CA GLN E 311 54.39 -46.13 -51.35
C GLN E 311 53.50 -47.34 -51.61
N MET E 312 52.62 -47.65 -50.68
CA MET E 312 51.73 -48.80 -50.85
C MET E 312 50.86 -48.69 -52.10
N ILE E 313 50.26 -47.53 -52.31
CA ILE E 313 49.43 -47.32 -53.49
C ILE E 313 50.32 -47.10 -54.73
N ARG E 314 51.36 -46.28 -54.59
CA ARG E 314 52.29 -46.00 -55.69
C ARG E 314 52.66 -47.31 -56.41
N VAL E 315 53.19 -48.27 -55.66
CA VAL E 315 53.61 -49.58 -56.19
C VAL E 315 52.43 -50.45 -56.62
N ALA E 316 51.33 -50.40 -55.87
CA ALA E 316 50.14 -51.17 -56.23
C ALA E 316 49.67 -50.63 -57.56
N ALA E 317 50.32 -49.56 -58.00
CA ALA E 317 50.05 -48.91 -59.27
C ALA E 317 51.35 -48.94 -60.08
N GLY E 318 51.78 -50.15 -60.48
CA GLY E 318 53.02 -50.34 -61.23
C GLY E 318 53.96 -49.18 -61.07
N GLU E 319 54.86 -49.23 -60.10
CA GLU E 319 55.77 -48.12 -59.87
C GLU E 319 57.08 -48.54 -59.21
N PRO E 320 58.15 -47.75 -59.38
CA PRO E 320 59.46 -48.06 -58.79
C PRO E 320 59.55 -47.45 -57.39
N LEU E 321 60.71 -47.55 -56.77
CA LEU E 321 60.89 -46.97 -55.44
C LEU E 321 61.81 -45.77 -55.58
N SER E 322 61.30 -44.57 -55.34
CA SER E 322 62.08 -43.35 -55.45
C SER E 322 63.41 -43.41 -54.70
N ILE E 323 63.52 -44.30 -53.72
CA ILE E 323 64.75 -44.44 -52.94
C ILE E 323 65.27 -45.89 -52.84
N THR E 324 66.60 -45.99 -52.81
CA THR E 324 67.29 -47.27 -52.72
C THR E 324 67.68 -47.51 -51.27
N GLN E 325 68.27 -48.66 -51.00
CA GLN E 325 68.71 -49.01 -49.66
C GLN E 325 69.76 -48.06 -49.08
N GLY E 326 70.60 -47.49 -49.94
CA GLY E 326 71.64 -46.58 -49.47
C GLY E 326 71.03 -45.28 -49.00
N ASP E 327 69.81 -45.01 -49.47
CA ASP E 327 69.07 -43.80 -49.13
C ASP E 327 68.27 -43.95 -47.82
N VAL E 328 67.46 -45.01 -47.73
CA VAL E 328 66.62 -45.28 -46.55
C VAL E 328 67.39 -45.14 -45.25
N LYS E 329 67.36 -43.95 -44.68
CA LYS E 329 68.06 -43.68 -43.44
C LYS E 329 67.04 -43.75 -42.31
N LEU E 330 67.52 -44.08 -41.12
CA LEU E 330 66.67 -44.19 -39.94
C LEU E 330 67.16 -43.18 -38.92
N THR E 331 66.51 -42.02 -38.86
CA THR E 331 66.93 -40.98 -37.92
C THR E 331 66.14 -41.00 -36.61
N GLY E 332 66.79 -40.58 -35.53
CA GLY E 332 66.17 -40.53 -34.22
C GLY E 332 65.27 -41.68 -33.78
N TRP E 333 64.59 -41.49 -32.65
CA TRP E 333 63.71 -42.54 -32.10
C TRP E 333 62.21 -42.28 -32.16
N ALA E 334 61.43 -43.37 -32.08
CA ALA E 334 59.96 -43.32 -32.10
C ALA E 334 59.29 -44.35 -31.17
N ILE E 335 58.34 -43.92 -30.35
CA ILE E 335 57.61 -44.83 -29.46
C ILE E 335 56.13 -44.78 -29.83
N GLU E 336 55.42 -45.90 -29.72
CA GLU E 336 53.99 -45.90 -30.01
C GLU E 336 53.17 -46.71 -29.01
N ASN E 337 52.28 -46.05 -28.28
CA ASN E 337 51.42 -46.71 -27.31
C ASN E 337 50.03 -46.90 -27.88
N ARG E 338 49.31 -47.90 -27.41
CA ARG E 338 47.97 -48.10 -27.92
C ARG E 338 46.94 -47.78 -26.87
N LEU E 339 46.09 -46.82 -27.16
CA LEU E 339 45.06 -46.47 -26.23
C LEU E 339 43.92 -47.47 -26.41
N TYR E 340 43.80 -48.40 -25.49
CA TYR E 340 42.77 -49.40 -25.56
C TYR E 340 41.64 -49.11 -24.57
N ALA E 341 40.40 -49.18 -25.04
CA ALA E 341 39.27 -48.95 -24.14
C ALA E 341 39.10 -50.20 -23.25
N GLU E 342 40.12 -50.50 -22.47
CA GLU E 342 40.11 -51.64 -21.57
C GLU E 342 40.43 -51.09 -20.18
N ASP E 343 39.88 -51.70 -19.14
CA ASP E 343 40.11 -51.20 -17.79
C ASP E 343 41.17 -51.99 -17.05
N PRO E 344 42.40 -51.44 -16.98
CA PRO E 344 43.55 -52.05 -16.32
C PRO E 344 43.27 -52.43 -14.88
N TYR E 345 42.46 -51.61 -14.21
CA TYR E 345 42.11 -51.84 -12.81
C TYR E 345 41.25 -53.07 -12.56
N ARG E 346 40.52 -53.50 -13.60
CA ARG E 346 39.63 -54.66 -13.52
C ARG E 346 39.99 -55.67 -14.59
N GLY E 347 41.17 -56.26 -14.47
CA GLY E 347 41.64 -57.26 -15.41
C GLY E 347 41.39 -56.96 -16.86
N PHE E 348 41.83 -55.78 -17.30
CA PHE E 348 41.68 -55.33 -18.67
C PHE E 348 40.38 -55.73 -19.37
N LEU E 349 39.28 -55.65 -18.64
CA LEU E 349 37.96 -55.97 -19.16
C LEU E 349 37.68 -54.91 -20.23
N PRO E 350 37.15 -55.31 -21.41
CA PRO E 350 36.88 -54.29 -22.42
C PRO E 350 35.85 -53.33 -21.86
N SER E 351 35.85 -52.12 -22.39
CA SER E 351 34.92 -51.12 -21.92
C SER E 351 34.01 -50.76 -23.07
N ILE E 352 32.74 -50.52 -22.75
CA ILE E 352 31.80 -50.18 -23.78
C ILE E 352 31.05 -48.90 -23.39
N GLY E 353 30.92 -47.96 -24.33
CA GLY E 353 30.24 -46.74 -23.99
C GLY E 353 30.60 -45.54 -24.82
N ARG E 354 29.99 -44.39 -24.48
CA ARG E 354 30.23 -43.14 -25.19
C ARG E 354 31.37 -42.34 -24.62
N LEU E 355 32.04 -41.61 -25.50
CA LEU E 355 33.16 -40.81 -25.07
C LEU E 355 32.71 -39.41 -24.71
N THR E 356 32.67 -39.16 -23.41
CA THR E 356 32.27 -37.87 -22.88
C THR E 356 33.32 -36.82 -23.24
N ARG E 357 34.50 -36.92 -22.62
CA ARG E 357 35.62 -36.01 -22.92
C ARG E 357 36.65 -36.90 -23.64
N TYR E 358 37.17 -36.39 -24.74
CA TYR E 358 38.17 -37.06 -25.54
C TYR E 358 39.02 -35.92 -26.06
N ARG E 359 40.16 -35.74 -25.40
CA ARG E 359 41.09 -34.66 -25.69
C ARG E 359 42.55 -35.12 -25.80
N PRO E 360 43.06 -35.32 -27.03
CA PRO E 360 44.46 -35.76 -27.21
C PRO E 360 45.37 -34.54 -27.47
N PRO E 361 46.71 -34.71 -27.37
CA PRO E 361 47.75 -33.68 -27.60
C PRO E 361 47.79 -33.20 -29.09
N ALA E 362 48.94 -32.75 -29.63
CA ALA E 362 48.89 -32.32 -31.05
C ALA E 362 50.13 -32.19 -31.98
N GLU E 363 51.26 -31.71 -31.44
CA GLU E 363 52.51 -31.45 -32.20
C GLU E 363 52.91 -32.48 -33.26
N ALA E 384 60.83 -32.71 -31.18
CA ALA E 384 60.14 -33.87 -30.58
C ALA E 384 58.65 -33.91 -30.93
N ALA E 385 58.32 -34.68 -31.96
CA ALA E 385 56.95 -34.83 -32.45
C ALA E 385 55.96 -35.61 -31.57
N VAL E 386 54.68 -35.46 -31.91
CA VAL E 386 53.58 -36.15 -31.24
C VAL E 386 52.57 -36.45 -32.33
N ARG E 387 52.20 -37.69 -32.48
CA ARG E 387 51.26 -38.07 -33.51
C ARG E 387 50.18 -38.95 -32.92
N ASN E 388 48.94 -38.75 -33.35
CA ASN E 388 47.82 -39.50 -32.81
C ASN E 388 46.93 -40.00 -33.92
N ASP E 389 46.96 -41.30 -34.18
CA ASP E 389 46.07 -41.84 -35.19
C ASP E 389 44.86 -42.29 -34.41
N THR E 390 43.70 -41.69 -34.70
CA THR E 390 42.46 -42.07 -34.00
C THR E 390 41.33 -42.30 -34.96
N GLY E 391 40.42 -43.18 -34.58
CA GLY E 391 39.28 -43.41 -35.44
C GLY E 391 38.05 -42.97 -34.69
N VAL E 392 38.31 -42.23 -33.61
CA VAL E 392 37.27 -41.76 -32.74
C VAL E 392 37.30 -40.24 -32.50
N TYR E 393 36.27 -39.74 -31.83
CA TYR E 393 36.15 -38.32 -31.50
C TYR E 393 35.34 -38.12 -30.21
N GLU E 394 35.24 -36.90 -29.73
CA GLU E 394 34.48 -36.66 -28.51
C GLU E 394 33.02 -36.69 -28.87
N GLY E 395 32.26 -37.51 -28.17
CA GLY E 395 30.84 -37.62 -28.49
C GLY E 395 30.54 -38.93 -29.17
N GLY E 396 31.59 -39.56 -29.70
CA GLY E 396 31.44 -40.85 -30.37
C GLY E 396 31.26 -41.94 -29.34
N GLU E 397 31.01 -43.15 -29.81
CA GLU E 397 30.82 -44.28 -28.90
C GLU E 397 31.65 -45.47 -29.34
N ILE E 398 32.03 -46.28 -28.37
CA ILE E 398 32.81 -47.46 -28.65
C ILE E 398 31.85 -48.62 -28.52
N SER E 399 31.41 -49.13 -29.68
CA SER E 399 30.43 -50.22 -29.80
C SER E 399 31.04 -51.59 -29.68
N MET E 400 30.25 -52.53 -29.15
CA MET E 400 30.69 -53.91 -28.96
C MET E 400 31.08 -54.60 -30.25
N TYR E 401 30.66 -54.01 -31.37
CA TYR E 401 30.89 -54.54 -32.71
C TYR E 401 32.27 -54.34 -33.34
N TYR E 402 33.27 -53.92 -32.57
CA TYR E 402 34.61 -53.71 -33.14
C TYR E 402 35.77 -53.75 -32.15
N ASP E 403 36.96 -53.40 -32.64
CA ASP E 403 38.19 -53.40 -31.85
C ASP E 403 38.28 -52.28 -30.83
N PRO E 404 38.49 -52.63 -29.56
CA PRO E 404 38.60 -51.71 -28.42
C PRO E 404 39.72 -50.67 -28.51
N MET E 405 40.38 -50.59 -29.65
CA MET E 405 41.45 -49.62 -29.79
C MET E 405 40.80 -48.27 -30.06
N ILE E 406 41.26 -47.24 -29.37
CA ILE E 406 40.71 -45.91 -29.55
C ILE E 406 41.74 -45.02 -30.24
N ALA E 407 43.02 -45.29 -30.02
CA ALA E 407 44.04 -44.46 -30.64
C ALA E 407 45.43 -45.03 -30.53
N LYS E 408 46.30 -44.55 -31.39
CA LYS E 408 47.70 -44.93 -31.39
C LYS E 408 48.33 -43.59 -31.08
N LEU E 409 49.10 -43.52 -30.01
CA LEU E 409 49.74 -42.27 -29.60
C LEU E 409 51.22 -42.41 -29.84
N CYS E 410 51.69 -41.89 -30.96
CA CYS E 410 53.10 -41.98 -31.28
C CYS E 410 53.90 -40.72 -30.99
N THR E 411 55.17 -40.87 -30.70
CA THR E 411 56.00 -39.71 -30.49
C THR E 411 57.27 -40.07 -31.19
N TRP E 412 58.21 -39.14 -31.19
CA TRP E 412 59.51 -39.32 -31.82
C TRP E 412 60.43 -38.16 -31.43
N ALA E 413 61.72 -38.32 -31.67
CA ALA E 413 62.67 -37.28 -31.32
C ALA E 413 64.09 -37.66 -31.78
N PRO E 414 65.13 -37.00 -31.23
CA PRO E 414 66.44 -37.43 -31.71
C PRO E 414 66.76 -38.71 -30.96
N THR E 415 67.06 -38.55 -29.66
CA THR E 415 67.40 -39.65 -28.75
C THR E 415 66.15 -40.45 -28.31
N ARG E 416 66.35 -41.69 -27.87
CA ARG E 416 65.23 -42.52 -27.41
C ARG E 416 64.72 -41.97 -26.08
N ALA E 417 65.63 -41.60 -25.19
CA ALA E 417 65.20 -41.07 -23.92
C ALA E 417 64.29 -39.87 -24.17
N ALA E 418 64.49 -39.24 -25.33
CA ALA E 418 63.71 -38.07 -25.72
C ALA E 418 62.28 -38.46 -26.01
N ALA E 419 62.10 -39.31 -27.01
CA ALA E 419 60.80 -39.80 -27.42
C ALA E 419 60.00 -40.38 -26.23
N ILE E 420 60.68 -41.13 -25.36
CA ILE E 420 60.03 -41.70 -24.19
C ILE E 420 59.50 -40.54 -23.37
N GLU E 421 60.18 -39.41 -23.43
CA GLU E 421 59.74 -38.25 -22.65
C GLU E 421 58.55 -37.59 -23.32
N ALA E 422 58.65 -37.31 -24.62
CA ALA E 422 57.55 -36.69 -25.34
C ALA E 422 56.28 -37.45 -25.01
N MET E 423 56.41 -38.78 -25.04
CA MET E 423 55.33 -39.71 -24.76
C MET E 423 54.79 -39.52 -23.36
N ARG E 424 55.68 -39.56 -22.37
CA ARG E 424 55.26 -39.40 -20.98
C ARG E 424 54.48 -38.11 -20.80
N ILE E 425 54.93 -37.05 -21.46
CA ILE E 425 54.23 -35.77 -21.38
C ILE E 425 52.93 -35.96 -22.13
N ALA E 426 53.05 -36.43 -23.38
CA ALA E 426 51.92 -36.68 -24.26
C ALA E 426 50.76 -37.30 -23.51
N LEU E 427 51.00 -38.46 -22.91
CA LEU E 427 49.99 -39.18 -22.16
C LEU E 427 49.38 -38.27 -21.10
N ASP E 428 50.22 -37.59 -20.34
CA ASP E 428 49.75 -36.72 -19.26
C ASP E 428 48.63 -35.77 -19.65
N SER E 429 48.56 -35.45 -20.94
CA SER E 429 47.54 -34.53 -21.41
C SER E 429 46.41 -35.20 -22.13
N PHE E 430 46.55 -36.47 -22.43
CA PHE E 430 45.47 -37.16 -23.11
C PHE E 430 44.31 -37.31 -22.11
N GLU E 431 43.19 -36.68 -22.45
CA GLU E 431 41.98 -36.70 -21.62
C GLU E 431 40.94 -37.68 -22.18
N VAL E 432 40.48 -38.60 -21.35
CA VAL E 432 39.46 -39.55 -21.81
C VAL E 432 38.46 -39.80 -20.71
N GLU E 433 37.19 -39.57 -21.03
CA GLU E 433 36.12 -39.80 -20.07
C GLU E 433 34.92 -40.51 -20.71
N GLY E 434 34.32 -41.42 -19.95
CA GLY E 434 33.16 -42.12 -20.45
C GLY E 434 33.35 -43.59 -20.55
N ILE E 435 34.60 -44.01 -20.73
CA ILE E 435 34.92 -45.43 -20.85
C ILE E 435 36.08 -45.75 -19.95
N GLY E 436 36.35 -47.04 -19.81
CA GLY E 436 37.50 -47.50 -19.05
C GLY E 436 38.60 -47.56 -20.10
N HIS E 437 39.81 -47.17 -19.71
CA HIS E 437 40.96 -47.16 -20.63
C HIS E 437 42.28 -47.41 -19.94
N ASN E 438 43.25 -47.81 -20.74
CA ASN E 438 44.56 -48.14 -20.24
C ASN E 438 45.52 -46.98 -20.13
N LEU E 439 45.04 -45.75 -20.27
CA LEU E 439 45.95 -44.59 -20.18
C LEU E 439 46.86 -44.63 -18.96
N PRO E 440 46.32 -44.89 -17.76
CA PRO E 440 47.23 -44.92 -16.62
C PRO E 440 48.23 -46.06 -16.74
N PHE E 441 47.77 -47.23 -17.20
CA PHE E 441 48.64 -48.38 -17.36
C PHE E 441 49.82 -48.02 -18.24
N LEU E 442 49.52 -47.47 -19.42
CA LEU E 442 50.58 -47.09 -20.34
C LEU E 442 51.55 -46.19 -19.58
N SER E 443 51.08 -45.07 -19.05
CA SER E 443 51.95 -44.18 -18.30
C SER E 443 52.84 -45.00 -17.37
N ALA E 444 52.25 -45.98 -16.72
CA ALA E 444 52.98 -46.81 -15.78
C ALA E 444 54.23 -47.48 -16.36
N VAL E 445 54.10 -48.12 -17.51
CA VAL E 445 55.22 -48.83 -18.14
C VAL E 445 56.28 -47.85 -18.66
N MET E 446 55.85 -46.72 -19.23
CA MET E 446 56.79 -45.71 -19.72
C MET E 446 57.73 -45.30 -18.59
N ASP E 447 57.25 -45.42 -17.36
CA ASP E 447 58.02 -45.06 -16.17
C ASP E 447 58.74 -46.27 -15.59
N HIS E 448 58.37 -47.45 -16.05
CA HIS E 448 58.99 -48.68 -15.58
C HIS E 448 60.48 -48.78 -15.98
N PRO E 449 61.38 -48.79 -14.99
CA PRO E 449 62.82 -48.86 -15.26
C PRO E 449 63.25 -49.84 -16.35
N LYS E 450 62.75 -51.07 -16.31
CA LYS E 450 63.16 -52.02 -17.33
C LYS E 450 62.88 -51.51 -18.75
N PHE E 451 61.81 -50.73 -18.91
CA PHE E 451 61.46 -50.21 -20.23
C PHE E 451 62.48 -49.14 -20.58
N ILE E 452 62.81 -48.38 -19.55
CA ILE E 452 63.74 -47.29 -19.65
C ILE E 452 65.12 -47.82 -20.04
N SER E 453 65.60 -48.87 -19.36
CA SER E 453 66.91 -49.45 -19.65
C SER E 453 66.90 -50.20 -20.96
N GLY E 454 65.73 -50.59 -21.45
CA GLY E 454 65.66 -51.32 -22.69
C GLY E 454 65.79 -52.82 -22.51
N ASP E 455 66.18 -53.20 -21.30
CA ASP E 455 66.34 -54.61 -20.98
C ASP E 455 64.94 -55.15 -20.80
N MET E 456 64.37 -55.65 -21.87
CA MET E 456 63.02 -56.16 -21.79
C MET E 456 62.91 -57.43 -22.61
N THR E 457 62.01 -58.32 -22.25
CA THR E 457 61.84 -59.57 -22.98
C THR E 457 60.40 -59.61 -23.50
N THR E 458 59.93 -60.78 -23.94
CA THR E 458 58.55 -60.87 -24.42
C THR E 458 57.66 -61.32 -23.27
N ALA E 459 58.27 -61.54 -22.11
CA ALA E 459 57.53 -61.96 -20.92
C ALA E 459 57.40 -60.78 -19.97
N PHE E 460 58.07 -59.67 -20.32
CA PHE E 460 58.08 -58.42 -19.54
C PHE E 460 56.74 -58.07 -18.89
N ILE E 461 55.74 -57.97 -19.75
CA ILE E 461 54.40 -57.65 -19.31
C ILE E 461 53.96 -58.62 -18.22
N ALA E 462 54.18 -59.90 -18.50
CA ALA E 462 53.82 -60.98 -17.60
C ALA E 462 54.63 -60.96 -16.31
N GLU E 463 55.91 -60.65 -16.42
CA GLU E 463 56.81 -60.63 -15.27
C GLU E 463 56.57 -59.47 -14.34
N GLU E 464 56.54 -58.27 -14.92
CA GLU E 464 56.37 -57.04 -14.15
C GLU E 464 54.96 -56.74 -13.68
N TYR E 465 53.97 -57.32 -14.35
CA TYR E 465 52.59 -57.10 -13.95
C TYR E 465 51.85 -58.44 -13.81
N PRO E 466 52.35 -59.32 -12.91
CA PRO E 466 51.77 -60.64 -12.66
C PRO E 466 50.38 -60.58 -12.05
N GLU E 467 50.10 -59.47 -11.37
CA GLU E 467 48.82 -59.27 -10.70
C GLU E 467 47.91 -58.25 -11.39
N GLY E 468 48.10 -58.05 -12.69
CA GLY E 468 47.28 -57.07 -13.40
C GLY E 468 47.91 -55.72 -13.07
N PHE E 469 47.21 -54.62 -13.35
CA PHE E 469 47.75 -53.30 -13.06
C PHE E 469 47.47 -52.86 -11.64
N GLU E 470 48.44 -53.03 -10.75
CA GLU E 470 48.28 -52.66 -9.34
C GLU E 470 48.31 -51.16 -9.02
N GLY E 471 48.02 -50.32 -10.00
CA GLY E 471 48.05 -48.90 -9.77
C GLY E 471 49.48 -48.44 -9.63
N VAL E 472 49.70 -47.13 -9.68
CA VAL E 472 51.03 -46.52 -9.58
C VAL E 472 51.07 -45.57 -8.38
N ASN E 473 52.19 -45.50 -7.66
CA ASN E 473 52.24 -44.55 -6.56
C ASN E 473 53.53 -43.75 -6.52
N LEU E 474 53.36 -42.43 -6.49
CA LEU E 474 54.45 -41.48 -6.54
C LEU E 474 55.43 -41.47 -5.39
N PRO E 475 56.69 -41.15 -5.72
CA PRO E 475 57.85 -41.05 -4.84
C PRO E 475 57.85 -39.67 -4.21
N GLU E 476 58.33 -39.61 -2.97
CA GLU E 476 58.42 -38.37 -2.24
C GLU E 476 58.52 -37.13 -3.12
N THR E 477 59.68 -36.92 -3.75
CA THR E 477 59.87 -35.74 -4.60
C THR E 477 58.73 -35.51 -5.60
N ASP E 478 57.90 -36.53 -5.80
CA ASP E 478 56.78 -36.37 -6.70
C ASP E 478 55.58 -35.90 -5.87
N LEU E 479 55.31 -36.63 -4.79
CA LEU E 479 54.22 -36.23 -3.90
C LEU E 479 54.45 -34.77 -3.63
N ARG E 480 55.63 -34.44 -3.14
CA ARG E 480 56.01 -33.07 -2.84
C ARG E 480 55.63 -32.05 -3.92
N ARG E 481 56.08 -32.27 -5.15
CA ARG E 481 55.76 -31.33 -6.22
C ARG E 481 54.25 -31.23 -6.37
N VAL E 482 53.58 -32.38 -6.37
CA VAL E 482 52.13 -32.41 -6.48
C VAL E 482 51.48 -31.65 -5.31
N ALA E 483 51.80 -31.99 -4.06
CA ALA E 483 51.23 -31.30 -2.90
C ALA E 483 51.26 -29.80 -3.14
N ALA E 484 52.46 -29.27 -3.41
CA ALA E 484 52.64 -27.83 -3.65
C ALA E 484 51.64 -27.34 -4.68
N ALA E 485 51.60 -27.99 -5.84
CA ALA E 485 50.67 -27.62 -6.90
C ALA E 485 49.21 -27.55 -6.40
N ALA E 486 48.69 -28.63 -5.84
CA ALA E 486 47.32 -28.63 -5.34
C ALA E 486 47.14 -27.48 -4.37
N ALA E 487 48.05 -27.36 -3.41
CA ALA E 487 47.96 -26.26 -2.44
C ALA E 487 47.94 -24.89 -3.15
N ALA E 488 48.77 -24.72 -4.15
CA ALA E 488 48.78 -23.45 -4.85
C ALA E 488 47.39 -23.21 -5.46
N MET E 489 46.89 -24.22 -6.19
CA MET E 489 45.59 -24.17 -6.90
C MET E 489 44.45 -23.95 -5.95
N HIS E 490 44.39 -24.77 -4.91
CA HIS E 490 43.34 -24.67 -3.95
C HIS E 490 43.18 -23.21 -3.46
N ARG E 491 44.28 -22.55 -3.12
CA ARG E 491 44.21 -21.16 -2.67
C ARG E 491 43.49 -20.29 -3.71
N VAL E 492 43.96 -20.37 -4.94
CA VAL E 492 43.40 -19.63 -6.05
C VAL E 492 41.87 -19.67 -6.03
N ALA E 493 41.36 -20.91 -5.98
CA ALA E 493 39.93 -21.15 -5.98
C ALA E 493 39.30 -20.68 -4.68
N GLU E 494 40.03 -20.85 -3.58
CA GLU E 494 39.50 -20.44 -2.27
C GLU E 494 39.32 -18.94 -2.21
N ILE E 495 40.23 -18.21 -2.83
CA ILE E 495 40.18 -16.75 -2.86
C ILE E 495 38.95 -16.31 -3.61
N ARG E 496 38.66 -17.01 -4.70
CA ARG E 496 37.50 -16.67 -5.52
C ARG E 496 36.22 -16.76 -4.72
N ARG E 497 36.13 -17.72 -3.81
CA ARG E 497 34.92 -17.88 -3.00
C ARG E 497 34.69 -16.60 -2.22
N THR E 498 35.81 -15.97 -1.89
CA THR E 498 35.85 -14.75 -1.10
C THR E 498 35.25 -13.52 -1.76
N ARG E 499 35.34 -13.48 -3.07
CA ARG E 499 34.82 -12.36 -3.83
C ARG E 499 33.32 -12.49 -4.04
N VAL E 500 32.60 -13.21 -3.18
CA VAL E 500 31.15 -13.38 -3.34
C VAL E 500 30.53 -12.03 -3.13
N SER E 501 29.45 -11.72 -3.82
CA SER E 501 28.87 -10.41 -3.61
C SER E 501 28.12 -10.48 -2.30
N GLY E 502 27.83 -9.34 -1.69
CA GLY E 502 27.06 -9.40 -0.47
C GLY E 502 27.77 -9.62 0.83
N ARG E 503 29.09 -9.51 0.82
CA ARG E 503 29.88 -9.72 2.01
C ARG E 503 29.92 -8.45 2.85
N MET E 504 30.12 -8.61 4.16
CA MET E 504 30.20 -7.48 5.09
C MET E 504 31.25 -6.52 4.59
N ASP E 505 30.88 -5.27 4.41
CA ASP E 505 31.84 -4.37 3.85
C ASP E 505 33.25 -4.52 4.37
N ASN E 506 33.51 -4.17 5.62
CA ASN E 506 34.88 -4.27 6.10
C ASN E 506 35.26 -5.56 6.78
N HIS E 507 34.50 -6.61 6.55
CA HIS E 507 34.85 -7.85 7.20
C HIS E 507 34.83 -9.05 6.30
N GLU E 508 35.49 -8.97 5.14
CA GLU E 508 35.49 -10.11 4.22
C GLU E 508 36.23 -11.29 4.83
N ARG E 509 36.12 -12.43 4.17
CA ARG E 509 36.85 -13.60 4.61
C ARG E 509 38.25 -13.37 4.06
N ARG E 510 39.26 -13.76 4.85
CA ARG E 510 40.65 -13.59 4.50
C ARG E 510 41.28 -14.98 4.34
N VAL E 511 41.73 -15.33 3.15
CA VAL E 511 42.29 -16.66 2.93
C VAL E 511 43.61 -16.93 3.67
N GLY E 512 43.69 -18.10 4.31
CA GLY E 512 44.87 -18.51 5.06
C GLY E 512 46.13 -18.75 4.26
N THR E 513 47.23 -18.93 4.97
CA THR E 513 48.52 -19.13 4.32
C THR E 513 49.07 -20.50 4.63
N GLU E 514 48.62 -21.02 5.76
CA GLU E 514 49.05 -22.32 6.22
C GLU E 514 48.06 -23.41 5.81
N TRP E 515 48.56 -24.49 5.22
CA TRP E 515 47.68 -25.57 4.84
C TRP E 515 48.34 -26.91 5.13
N VAL E 516 47.60 -27.97 4.90
CA VAL E 516 48.14 -29.30 5.12
C VAL E 516 47.62 -30.12 3.95
N VAL E 517 48.51 -30.42 3.03
CA VAL E 517 48.16 -31.20 1.86
C VAL E 517 48.30 -32.67 2.25
N THR E 518 47.23 -33.46 2.06
CA THR E 518 47.28 -34.86 2.40
C THR E 518 47.11 -35.71 1.17
N LEU E 519 48.23 -36.29 0.78
CA LEU E 519 48.37 -37.11 -0.38
C LEU E 519 48.28 -38.55 -0.05
N GLN E 520 49.09 -39.31 -0.78
CA GLN E 520 49.25 -40.76 -0.68
C GLN E 520 49.58 -41.07 0.75
N GLY E 521 48.58 -41.08 1.62
CA GLY E 521 48.80 -41.35 3.03
C GLY E 521 49.87 -40.52 3.70
N ALA E 522 50.33 -39.46 3.04
CA ALA E 522 51.38 -38.62 3.61
C ALA E 522 50.89 -37.19 3.79
N ASP E 523 51.24 -36.60 4.94
CA ASP E 523 50.84 -35.22 5.24
C ASP E 523 51.93 -34.21 4.91
N PHE E 524 51.53 -33.08 4.36
CA PHE E 524 52.50 -32.06 4.02
C PHE E 524 52.07 -30.69 4.48
N PRO E 525 52.45 -30.33 5.70
CA PRO E 525 52.15 -29.04 6.33
C PRO E 525 52.88 -28.02 5.45
N VAL E 526 52.15 -27.12 4.84
CA VAL E 526 52.81 -26.21 3.93
C VAL E 526 52.36 -24.76 4.15
N THR E 527 53.16 -23.79 3.66
CA THR E 527 52.78 -22.39 3.76
C THR E 527 52.82 -21.74 2.41
N ILE E 528 51.85 -20.88 2.14
CA ILE E 528 51.80 -20.22 0.85
C ILE E 528 52.03 -18.72 0.83
N ALA E 529 52.72 -18.27 -0.18
CA ALA E 529 52.95 -16.86 -0.33
C ALA E 529 52.82 -16.71 -1.82
N ALA E 530 52.00 -15.78 -2.27
CA ALA E 530 51.84 -15.64 -3.71
C ALA E 530 51.70 -14.20 -4.12
N ASP E 531 52.19 -13.85 -5.30
CA ASP E 531 52.02 -12.50 -5.73
C ASP E 531 51.19 -12.44 -7.00
N HIS E 532 51.81 -12.10 -8.13
CA HIS E 532 51.06 -11.98 -9.37
C HIS E 532 51.52 -12.97 -10.38
N ASP E 533 52.80 -13.28 -10.31
CA ASP E 533 53.40 -14.21 -11.24
C ASP E 533 52.90 -15.62 -10.97
N GLY E 534 53.14 -16.08 -9.75
CA GLY E 534 52.72 -17.41 -9.37
C GLY E 534 52.60 -17.50 -7.87
N SER E 535 53.00 -18.64 -7.32
CA SER E 535 52.90 -18.85 -5.91
C SER E 535 54.13 -19.60 -5.37
N THR E 536 54.54 -19.26 -4.14
CA THR E 536 55.69 -19.90 -3.48
C THR E 536 55.30 -20.76 -2.26
N VAL E 537 55.28 -22.08 -2.46
CA VAL E 537 54.91 -23.03 -1.41
C VAL E 537 56.13 -23.47 -0.62
N SER E 538 56.03 -23.37 0.69
CA SER E 538 57.13 -23.72 1.55
C SER E 538 56.75 -24.86 2.49
N PHE E 539 57.63 -25.86 2.56
CA PHE E 539 57.43 -27.04 3.40
C PHE E 539 58.24 -26.93 4.67
N ASP E 540 57.94 -27.80 5.63
CA ASP E 540 58.57 -27.86 6.95
C ASP E 540 60.08 -27.89 7.01
N ASP E 541 60.69 -28.67 6.15
CA ASP E 541 62.13 -28.80 6.11
C ASP E 541 62.85 -27.54 5.60
N GLY E 542 62.12 -26.44 5.45
CA GLY E 542 62.70 -25.20 4.97
C GLY E 542 62.72 -25.07 3.45
N SER E 543 62.42 -26.17 2.77
CA SER E 543 62.44 -26.19 1.31
C SER E 543 61.22 -25.46 0.77
N SER E 544 61.32 -24.98 -0.47
CA SER E 544 60.24 -24.25 -1.10
C SER E 544 60.23 -24.43 -2.57
N MET E 545 59.04 -24.66 -3.11
CA MET E 545 58.86 -24.83 -4.54
C MET E 545 58.11 -23.62 -5.05
N ARG E 546 58.28 -23.30 -6.32
CA ARG E 546 57.58 -22.17 -6.90
C ARG E 546 56.56 -22.72 -7.90
N VAL E 547 55.29 -22.43 -7.65
CA VAL E 547 54.26 -22.92 -8.55
C VAL E 547 53.81 -21.80 -9.45
N THR E 548 53.70 -22.13 -10.73
CA THR E 548 53.27 -21.19 -11.74
C THR E 548 52.20 -21.86 -12.57
N SER E 549 51.07 -21.19 -12.76
CA SER E 549 50.04 -21.79 -13.59
C SER E 549 48.93 -20.97 -14.20
N ASP E 550 48.47 -21.50 -15.31
CA ASP E 550 47.44 -20.93 -16.14
C ASP E 550 46.10 -21.34 -15.55
N TRP E 551 46.11 -22.50 -14.91
CA TRP E 551 44.92 -23.10 -14.30
C TRP E 551 43.98 -22.13 -13.64
N THR E 552 42.72 -22.53 -13.62
CA THR E 552 41.66 -21.76 -12.99
C THR E 552 40.55 -22.76 -12.74
N PRO E 553 39.74 -22.58 -11.69
CA PRO E 553 38.66 -23.52 -11.44
C PRO E 553 37.91 -23.96 -12.67
N GLY E 554 37.54 -25.22 -12.70
CA GLY E 554 36.79 -25.72 -13.83
C GLY E 554 37.61 -26.36 -14.93
N ASP E 555 38.90 -26.07 -14.97
CA ASP E 555 39.75 -26.66 -15.99
C ASP E 555 39.95 -28.12 -15.57
N GLN E 556 39.68 -29.07 -16.46
CA GLN E 556 39.84 -30.48 -16.04
C GLN E 556 41.32 -30.91 -16.07
N LEU E 557 42.16 -30.12 -16.72
CA LEU E 557 43.58 -30.43 -16.88
C LEU E 557 44.42 -29.24 -16.47
N ALA E 558 45.42 -29.44 -15.63
CA ALA E 558 46.24 -28.30 -15.19
C ALA E 558 47.71 -28.34 -15.62
N ASN E 559 48.13 -27.33 -16.39
CA ASN E 559 49.50 -27.24 -16.85
C ASN E 559 50.20 -26.29 -15.95
N LEU E 560 50.92 -26.82 -14.97
CA LEU E 560 51.67 -25.98 -14.05
C LEU E 560 53.15 -26.06 -14.36
N MET E 561 53.90 -25.28 -13.58
CA MET E 561 55.36 -25.22 -13.66
C MET E 561 55.82 -25.09 -12.21
N VAL E 562 56.26 -26.21 -11.65
CA VAL E 562 56.72 -26.26 -10.27
C VAL E 562 58.23 -26.44 -10.28
N ASP E 563 58.93 -25.46 -9.69
CA ASP E 563 60.38 -25.48 -9.68
C ASP E 563 60.86 -25.56 -11.10
N GLY E 564 60.37 -24.66 -11.95
CA GLY E 564 60.79 -24.65 -13.35
C GLY E 564 60.51 -25.90 -14.20
N ALA E 565 60.04 -26.97 -13.56
CA ALA E 565 59.76 -28.20 -14.28
C ALA E 565 58.27 -28.46 -14.47
N PRO E 566 57.86 -28.66 -15.73
CA PRO E 566 56.49 -28.93 -16.11
C PRO E 566 55.88 -30.02 -15.26
N LEU E 567 54.62 -29.83 -14.90
CA LEU E 567 53.88 -30.79 -14.13
C LEU E 567 52.47 -30.76 -14.66
N VAL E 568 52.06 -31.75 -15.45
CA VAL E 568 50.69 -31.75 -15.94
C VAL E 568 49.78 -32.69 -15.11
N LEU E 569 48.70 -32.12 -14.60
CA LEU E 569 47.74 -32.83 -13.78
C LEU E 569 46.28 -32.83 -14.32
N LYS E 570 45.53 -33.87 -13.97
CA LYS E 570 44.14 -33.96 -14.36
C LYS E 570 43.42 -33.63 -13.05
N VAL E 571 42.65 -32.54 -13.04
CA VAL E 571 41.97 -32.14 -11.82
C VAL E 571 40.46 -32.36 -11.75
N GLY E 572 40.01 -32.70 -10.54
CA GLY E 572 38.60 -32.92 -10.29
C GLY E 572 38.30 -32.38 -8.90
N LYS E 573 37.07 -31.91 -8.66
CA LYS E 573 36.68 -31.39 -7.35
C LYS E 573 36.32 -32.52 -6.38
N ILE E 574 36.62 -32.26 -5.11
CA ILE E 574 36.41 -33.21 -4.02
C ILE E 574 36.13 -32.31 -2.84
N SER E 575 35.43 -32.81 -1.84
CA SER E 575 35.13 -31.99 -0.69
C SER E 575 36.35 -31.19 -0.19
N GLY E 576 37.37 -31.85 0.36
CA GLY E 576 38.49 -31.08 0.86
C GLY E 576 39.66 -30.79 -0.07
N GLY E 577 39.45 -30.89 -1.37
CA GLY E 577 40.53 -30.64 -2.31
C GLY E 577 40.17 -31.25 -3.64
N PHE E 578 41.13 -31.90 -4.29
CA PHE E 578 40.80 -32.51 -5.55
C PHE E 578 41.38 -33.87 -5.75
N ARG E 579 40.93 -34.49 -6.83
CA ARG E 579 41.42 -35.79 -7.24
C ARG E 579 42.40 -35.44 -8.31
N ILE E 580 43.67 -35.71 -8.03
CA ILE E 580 44.73 -35.43 -8.97
C ILE E 580 45.24 -36.71 -9.59
N ARG E 581 45.55 -36.64 -10.88
CA ARG E 581 46.06 -37.80 -11.59
C ARG E 581 47.30 -37.38 -12.35
N THR E 582 48.47 -37.96 -12.04
CA THR E 582 49.65 -37.58 -12.77
C THR E 582 50.14 -38.72 -13.62
N ARG E 583 50.94 -39.63 -13.06
CA ARG E 583 51.36 -40.73 -13.91
C ARG E 583 50.35 -41.82 -13.71
N GLY E 584 50.79 -43.03 -13.40
CA GLY E 584 49.79 -44.05 -13.16
C GLY E 584 49.01 -43.63 -11.93
N ALA E 585 49.43 -42.49 -11.40
CA ALA E 585 48.83 -41.87 -10.23
C ALA E 585 47.36 -41.46 -10.42
N ASP E 586 46.65 -41.38 -9.29
CA ASP E 586 45.25 -41.01 -9.27
C ASP E 586 44.91 -41.06 -7.82
N LEU E 587 45.07 -39.94 -7.12
CA LEU E 587 44.79 -39.94 -5.69
C LEU E 587 44.10 -38.72 -5.16
N LYS E 588 43.32 -38.91 -4.11
CA LYS E 588 42.61 -37.79 -3.49
C LYS E 588 43.65 -36.94 -2.78
N VAL E 589 43.72 -35.67 -3.19
CA VAL E 589 44.68 -34.74 -2.60
C VAL E 589 43.88 -33.77 -1.75
N HIS E 590 43.92 -33.94 -0.43
CA HIS E 590 43.17 -33.05 0.44
C HIS E 590 43.94 -31.81 0.83
N VAL E 591 43.41 -30.63 0.53
CA VAL E 591 44.07 -29.39 0.92
C VAL E 591 43.21 -28.72 1.98
N ARG E 592 43.52 -28.97 3.24
CA ARG E 592 42.79 -28.41 4.36
C ARG E 592 43.66 -27.49 5.19
N THR E 593 43.04 -26.82 6.14
CA THR E 593 43.77 -25.92 7.03
C THR E 593 44.13 -26.71 8.25
N PRO E 594 45.17 -26.26 8.96
CA PRO E 594 45.58 -26.96 10.17
C PRO E 594 44.45 -27.49 11.04
N ARG E 595 43.53 -26.63 11.52
CA ARG E 595 42.43 -27.16 12.36
C ARG E 595 41.48 -28.05 11.57
N GLN E 596 41.33 -27.79 10.27
CA GLN E 596 40.46 -28.60 9.41
C GLN E 596 41.06 -29.99 9.43
N ALA E 597 42.36 -30.03 9.17
CA ALA E 597 43.15 -31.25 9.14
C ALA E 597 43.12 -31.95 10.51
N GLU E 598 43.42 -31.16 11.54
CA GLU E 598 43.43 -31.65 12.90
C GLU E 598 42.16 -32.45 13.20
N LEU E 599 41.00 -31.87 12.89
CA LEU E 599 39.76 -32.57 13.16
C LEU E 599 39.42 -33.71 12.17
N ALA E 600 39.74 -33.53 10.91
CA ALA E 600 39.45 -34.57 9.93
C ALA E 600 40.10 -35.86 10.38
N ARG E 601 41.14 -35.73 11.19
CA ARG E 601 41.88 -36.87 11.71
C ARG E 601 41.07 -37.68 12.73
N LEU E 602 40.05 -37.07 13.33
CA LEU E 602 39.18 -37.74 14.31
C LEU E 602 38.04 -38.46 13.60
N MET E 603 37.94 -38.26 12.29
CA MET E 603 36.88 -38.87 11.51
C MET E 603 37.10 -40.37 11.31
N PRO E 604 36.05 -41.18 11.52
CA PRO E 604 36.09 -42.64 11.36
C PRO E 604 36.55 -42.98 9.97
N GLU E 605 37.04 -44.19 9.81
CA GLU E 605 37.49 -44.61 8.49
C GLU E 605 36.38 -45.42 7.83
N LYS E 606 35.82 -44.83 6.79
CA LYS E 606 34.73 -45.40 6.02
C LYS E 606 34.98 -46.80 5.48
N LEU E 607 34.04 -47.73 5.73
CA LEU E 607 34.14 -49.10 5.22
C LEU E 607 33.00 -49.37 4.27
N PRO E 608 33.30 -49.70 3.00
CA PRO E 608 32.28 -49.97 1.98
C PRO E 608 31.10 -50.81 2.49
N PRO E 609 29.99 -50.83 1.72
CA PRO E 609 28.83 -51.61 2.16
C PRO E 609 29.07 -53.09 1.89
N ASP E 610 28.11 -53.92 2.29
CA ASP E 610 28.21 -55.36 2.07
C ASP E 610 27.45 -55.70 0.79
N THR E 611 27.85 -56.78 0.12
CA THR E 611 27.19 -57.17 -1.11
C THR E 611 26.57 -58.54 -0.99
N SER E 612 25.39 -58.71 -1.58
CA SER E 612 24.75 -60.02 -1.55
C SER E 612 25.31 -60.71 -2.78
N LYS E 613 25.41 -62.03 -2.73
CA LYS E 613 25.92 -62.78 -3.85
C LYS E 613 24.73 -63.10 -4.74
N MET E 614 23.62 -62.42 -4.49
CA MET E 614 22.40 -62.64 -5.27
C MET E 614 21.97 -61.38 -6.02
N LEU E 615 21.90 -61.45 -7.34
CA LEU E 615 21.48 -60.30 -8.14
C LEU E 615 19.96 -60.22 -8.22
N LEU E 616 19.37 -59.42 -7.35
CA LEU E 616 17.94 -59.28 -7.32
C LEU E 616 17.53 -58.29 -8.39
N CYS E 617 16.36 -58.54 -8.99
CA CYS E 617 15.83 -57.67 -10.01
C CYS E 617 15.13 -56.50 -9.35
N PRO E 618 15.64 -55.27 -9.56
CA PRO E 618 15.03 -54.06 -8.94
C PRO E 618 13.86 -53.41 -9.66
N MET E 619 13.65 -53.71 -10.93
CA MET E 619 12.52 -53.12 -11.60
C MET E 619 11.65 -54.21 -12.18
N PRO E 620 10.35 -54.18 -11.88
CA PRO E 620 9.47 -55.21 -12.41
C PRO E 620 9.39 -55.08 -13.91
N GLY E 621 10.30 -55.73 -14.62
CA GLY E 621 10.29 -55.62 -16.07
C GLY E 621 10.40 -56.95 -16.79
N LEU E 622 10.90 -56.90 -18.03
CA LEU E 622 11.11 -58.07 -18.87
C LEU E 622 12.59 -58.21 -19.21
N ILE E 623 13.18 -59.39 -18.98
CA ILE E 623 14.60 -59.59 -19.26
C ILE E 623 14.85 -59.64 -20.75
N VAL E 624 15.52 -58.61 -21.26
CA VAL E 624 15.84 -58.48 -22.67
C VAL E 624 17.05 -59.30 -23.04
N LYS E 625 18.02 -59.37 -22.15
CA LYS E 625 19.21 -60.15 -22.46
C LYS E 625 20.17 -60.36 -21.32
N VAL E 626 20.76 -61.55 -21.29
CA VAL E 626 21.75 -61.91 -20.28
C VAL E 626 23.04 -62.07 -21.07
N ASP E 627 24.10 -61.37 -20.66
CA ASP E 627 25.38 -61.44 -21.38
C ASP E 627 26.48 -62.08 -20.54
N VAL E 628 26.06 -62.95 -19.63
CA VAL E 628 26.99 -63.65 -18.77
C VAL E 628 26.61 -65.14 -18.69
N GLU E 629 27.63 -66.00 -18.67
CA GLU E 629 27.43 -67.44 -18.61
C GLU E 629 27.73 -67.98 -17.22
N VAL E 630 27.17 -69.14 -16.92
CA VAL E 630 27.39 -69.79 -15.63
C VAL E 630 28.88 -70.06 -15.54
N GLY E 631 29.44 -69.93 -14.35
CA GLY E 631 30.86 -70.16 -14.19
C GLY E 631 31.72 -69.11 -14.88
N GLN E 632 31.13 -68.00 -15.32
CA GLN E 632 31.90 -66.93 -15.95
C GLN E 632 32.44 -66.04 -14.82
N GLU E 633 33.50 -65.27 -15.07
CA GLU E 633 34.02 -64.40 -14.02
C GLU E 633 33.65 -62.96 -14.39
N VAL E 634 33.18 -62.18 -13.42
CA VAL E 634 32.76 -60.79 -13.68
C VAL E 634 33.51 -59.73 -12.88
N GLN E 635 33.76 -58.61 -13.56
CA GLN E 635 34.44 -57.45 -12.99
C GLN E 635 33.46 -56.52 -12.28
N GLU E 636 33.93 -55.91 -11.20
CA GLU E 636 33.07 -54.99 -10.44
C GLU E 636 32.47 -53.92 -11.35
N GLY E 637 31.18 -54.04 -11.62
CA GLY E 637 30.51 -53.07 -12.47
C GLY E 637 30.27 -53.58 -13.88
N GLN E 638 30.46 -54.86 -14.10
CA GLN E 638 30.27 -55.40 -15.42
C GLN E 638 28.81 -55.72 -15.77
N ALA E 639 28.38 -55.36 -16.97
CA ALA E 639 27.00 -55.62 -17.39
C ALA E 639 26.61 -57.09 -17.23
N LEU E 640 25.56 -57.36 -16.47
CA LEU E 640 25.11 -58.76 -16.30
C LEU E 640 23.94 -59.05 -17.23
N CYS E 641 22.79 -58.43 -16.97
CA CYS E 641 21.62 -58.63 -17.83
C CYS E 641 21.05 -57.27 -18.18
N THR E 642 19.88 -57.26 -18.80
CA THR E 642 19.25 -56.02 -19.22
C THR E 642 17.73 -56.14 -19.17
N ILE E 643 17.08 -55.45 -18.25
CA ILE E 643 15.63 -55.50 -18.12
C ILE E 643 14.96 -54.33 -18.86
N GLU E 644 13.88 -54.59 -19.58
CA GLU E 644 13.15 -53.53 -20.29
C GLU E 644 12.01 -53.08 -19.38
N ALA E 645 12.08 -51.82 -18.96
CA ALA E 645 11.12 -51.21 -18.03
C ALA E 645 9.83 -50.77 -18.64
N MET E 646 9.83 -49.60 -19.24
CA MET E 646 8.63 -49.07 -19.84
C MET E 646 9.04 -48.54 -21.18
N LYS E 647 9.58 -49.46 -21.98
CA LYS E 647 10.09 -49.16 -23.32
C LYS E 647 11.42 -48.47 -23.10
N MET E 648 12.11 -48.87 -22.04
CA MET E 648 13.40 -48.28 -21.75
C MET E 648 14.20 -49.44 -21.23
N GLU E 649 15.46 -49.47 -21.64
CA GLU E 649 16.38 -50.53 -21.25
C GLU E 649 17.28 -50.17 -20.06
N ASN E 650 17.29 -51.04 -19.05
CA ASN E 650 18.09 -50.85 -17.87
C ASN E 650 19.17 -51.93 -17.72
N ILE E 651 20.43 -51.53 -17.75
CA ILE E 651 21.51 -52.47 -17.62
C ILE E 651 21.90 -52.75 -16.18
N LEU E 652 21.77 -54.01 -15.74
CA LEU E 652 22.16 -54.36 -14.38
C LEU E 652 23.60 -54.84 -14.37
N ARG E 653 24.33 -54.50 -13.31
CA ARG E 653 25.74 -54.87 -13.28
C ARG E 653 26.34 -55.37 -11.98
N ALA E 654 27.40 -56.16 -12.12
CA ALA E 654 28.11 -56.75 -11.00
C ALA E 654 28.47 -55.74 -9.94
N GLU E 655 28.07 -56.03 -8.71
CA GLU E 655 28.32 -55.17 -7.57
C GLU E 655 29.82 -55.18 -7.25
N LYS E 656 30.38 -56.37 -7.13
CA LYS E 656 31.80 -56.56 -6.85
C LYS E 656 32.27 -57.70 -7.74
N LYS E 657 33.57 -57.76 -8.01
CA LYS E 657 34.13 -58.79 -8.88
C LYS E 657 33.76 -60.13 -8.26
N GLY E 658 33.38 -61.09 -9.08
CA GLY E 658 33.00 -62.38 -8.54
C GLY E 658 32.76 -63.35 -9.68
N VAL E 659 32.28 -64.56 -9.36
CA VAL E 659 32.00 -65.58 -10.38
C VAL E 659 30.57 -66.10 -10.32
N VAL E 660 29.95 -66.19 -11.48
CA VAL E 660 28.57 -66.66 -11.58
C VAL E 660 28.36 -68.09 -11.09
N ALA E 661 27.52 -68.25 -10.08
CA ALA E 661 27.21 -69.57 -9.56
C ALA E 661 26.15 -70.11 -10.50
N LYS E 662 24.94 -69.58 -10.40
CA LYS E 662 23.89 -70.03 -11.28
C LYS E 662 23.04 -68.87 -11.79
N ILE E 663 22.38 -69.12 -12.92
CA ILE E 663 21.48 -68.16 -13.55
C ILE E 663 20.12 -68.83 -13.51
N ASN E 664 19.05 -68.05 -13.46
CA ASN E 664 17.74 -68.64 -13.45
C ASN E 664 16.72 -67.71 -14.08
N ALA E 665 16.98 -67.34 -15.32
CA ALA E 665 16.11 -66.46 -16.08
C ALA E 665 16.85 -66.25 -17.37
N SER E 666 16.12 -65.99 -18.43
CA SER E 666 16.75 -65.77 -19.73
C SER E 666 15.91 -64.84 -20.57
N ALA E 667 16.32 -64.61 -21.81
CA ALA E 667 15.58 -63.72 -22.69
C ALA E 667 14.07 -63.99 -22.57
N GLY E 668 13.25 -62.96 -22.82
CA GLY E 668 11.81 -63.13 -22.76
C GLY E 668 11.21 -63.25 -21.39
N ASN E 669 12.00 -63.62 -20.38
CA ASN E 669 11.50 -63.76 -19.01
C ASN E 669 10.91 -62.46 -18.47
N SER E 670 9.97 -62.57 -17.54
CA SER E 670 9.32 -61.40 -16.95
C SER E 670 9.34 -61.54 -15.45
N LEU E 671 10.15 -60.74 -14.78
CA LEU E 671 10.23 -60.86 -13.34
C LEU E 671 9.78 -59.62 -12.58
N ALA E 672 9.30 -59.84 -11.35
CA ALA E 672 8.87 -58.74 -10.50
C ALA E 672 10.05 -58.35 -9.65
N VAL E 673 9.83 -57.50 -8.66
CA VAL E 673 10.95 -57.08 -7.83
C VAL E 673 11.52 -58.25 -7.03
N ASP E 674 12.72 -58.05 -6.51
CA ASP E 674 13.42 -59.04 -5.70
C ASP E 674 13.72 -60.40 -6.34
N ASP E 675 12.99 -60.80 -7.38
CA ASP E 675 13.27 -62.09 -8.01
C ASP E 675 14.75 -62.25 -8.28
N VAL E 676 15.36 -63.28 -7.71
CA VAL E 676 16.78 -63.51 -7.91
C VAL E 676 17.03 -63.82 -9.39
N ILE E 677 17.85 -62.98 -10.04
CA ILE E 677 18.19 -63.15 -11.46
C ILE E 677 19.36 -64.12 -11.67
N MET E 678 20.35 -64.02 -10.79
CA MET E 678 21.52 -64.87 -10.86
C MET E 678 22.03 -65.07 -9.45
N GLU E 679 22.98 -66.00 -9.31
CA GLU E 679 23.56 -66.24 -8.01
C GLU E 679 25.05 -66.29 -8.24
N PHE E 680 25.81 -65.86 -7.24
CA PHE E 680 27.26 -65.86 -7.33
C PHE E 680 27.80 -66.73 -6.22
N GLU E 681 28.94 -67.37 -6.46
CA GLU E 681 29.53 -68.25 -5.46
C GLU E 681 30.30 -67.54 -4.35
N LEU F 26 39.48 -8.98 33.94
CA LEU F 26 39.67 -10.14 34.87
C LEU F 26 40.02 -11.48 34.19
N GLU F 27 41.01 -12.16 34.72
CA GLU F 27 41.40 -13.46 34.15
C GLU F 27 40.39 -14.46 34.68
N GLN F 28 39.49 -13.95 35.53
CA GLN F 28 38.42 -14.76 36.08
C GLN F 28 37.40 -14.95 34.96
N LEU F 29 37.21 -13.88 34.17
CA LEU F 29 36.32 -13.98 33.02
C LEU F 29 36.88 -15.08 32.13
N GLU F 30 38.18 -14.98 31.81
CA GLU F 30 38.82 -15.99 30.97
C GLU F 30 38.61 -17.43 31.45
N ASP F 31 38.56 -17.62 32.78
CA ASP F 31 38.34 -18.94 33.37
C ASP F 31 36.92 -19.39 33.15
N ARG F 32 35.96 -18.50 33.45
CA ARG F 32 34.55 -18.81 33.25
C ARG F 32 34.42 -19.28 31.80
N ARG F 33 34.86 -18.44 30.88
CA ARG F 33 34.86 -18.74 29.46
C ARG F 33 35.36 -20.18 29.21
N ALA F 34 36.65 -20.40 29.51
CA ALA F 34 37.29 -21.70 29.31
C ALA F 34 36.49 -22.82 29.96
N ALA F 35 35.93 -22.53 31.13
CA ALA F 35 35.13 -23.49 31.83
C ALA F 35 34.03 -23.94 30.89
N ALA F 36 33.18 -22.98 30.53
CA ALA F 36 32.05 -23.18 29.63
C ALA F 36 32.42 -23.97 28.38
N ARG F 37 33.50 -23.57 27.76
CA ARG F 37 33.97 -24.23 26.55
C ARG F 37 34.12 -25.73 26.71
N LEU F 38 34.22 -26.19 27.95
CA LEU F 38 34.43 -27.61 28.19
C LEU F 38 33.24 -28.54 28.06
N GLY F 39 32.06 -27.96 27.86
CA GLY F 39 30.87 -28.76 27.69
C GLY F 39 30.71 -29.77 28.80
N GLY F 40 30.11 -30.90 28.48
CA GLY F 40 29.92 -31.91 29.50
C GLY F 40 31.22 -32.50 30.01
N GLY F 41 32.31 -31.77 29.84
CA GLY F 41 33.57 -32.29 30.33
C GLY F 41 34.34 -33.19 29.38
N GLN F 42 35.65 -33.07 29.53
CA GLN F 42 36.64 -33.79 28.74
C GLN F 42 36.37 -35.30 28.61
N LYS F 43 35.78 -35.93 29.62
CA LYS F 43 35.50 -37.36 29.53
C LYS F 43 34.41 -37.61 28.49
N ARG F 44 33.33 -36.84 28.57
CA ARG F 44 32.23 -36.96 27.63
C ARG F 44 32.70 -36.53 26.24
N ILE F 45 33.53 -35.48 26.17
CA ILE F 45 34.01 -35.02 24.89
C ILE F 45 34.62 -36.19 24.16
N ASP F 46 35.36 -37.01 24.89
CA ASP F 46 35.99 -38.17 24.28
C ASP F 46 34.95 -39.13 23.84
N ALA F 47 33.94 -39.28 24.68
CA ALA F 47 32.83 -40.17 24.39
C ALA F 47 32.34 -39.88 22.98
N GLN F 48 31.96 -38.61 22.80
CA GLN F 48 31.46 -38.05 21.54
C GLN F 48 32.39 -38.36 20.38
N HIS F 49 33.64 -37.91 20.51
CA HIS F 49 34.64 -38.18 19.49
C HIS F 49 34.64 -39.68 19.26
N GLY F 50 34.44 -40.44 20.32
CA GLY F 50 34.39 -41.89 20.19
C GLY F 50 33.45 -42.33 19.07
N ARG F 51 32.28 -41.71 18.99
CA ARG F 51 31.29 -42.04 17.98
C ARG F 51 31.62 -41.39 16.65
N GLY F 52 32.85 -40.92 16.51
CA GLY F 52 33.24 -40.28 15.27
C GLY F 52 32.58 -38.92 15.12
N LYS F 53 31.93 -38.48 16.18
CA LYS F 53 31.24 -37.21 16.14
C LYS F 53 32.09 -36.09 16.72
N LEU F 54 32.05 -34.92 16.08
CA LEU F 54 32.78 -33.76 16.57
C LEU F 54 31.92 -33.11 17.66
N THR F 55 32.50 -32.19 18.43
CA THR F 55 31.77 -31.52 19.49
C THR F 55 31.01 -30.34 18.88
N ALA F 56 30.01 -29.86 19.62
CA ALA F 56 29.19 -28.74 19.14
C ALA F 56 30.08 -27.61 18.67
N ARG F 57 31.01 -27.20 19.55
CA ARG F 57 31.90 -26.12 19.21
C ARG F 57 32.83 -26.43 18.04
N GLU F 58 33.33 -27.67 17.95
CA GLU F 58 34.22 -28.01 16.84
C GLU F 58 33.51 -27.90 15.51
N ARG F 59 32.23 -28.27 15.51
CA ARG F 59 31.40 -28.19 14.32
C ARG F 59 31.24 -26.72 13.91
N VAL F 60 30.93 -25.88 14.89
CA VAL F 60 30.77 -24.46 14.63
C VAL F 60 32.07 -23.96 14.03
N ASP F 61 33.16 -24.32 14.69
CA ASP F 61 34.49 -23.92 14.27
C ASP F 61 34.84 -24.17 12.83
N LEU F 62 34.36 -25.29 12.30
CA LEU F 62 34.66 -25.58 10.94
C LEU F 62 33.66 -24.91 10.01
N LEU F 63 32.46 -24.61 10.51
CA LEU F 63 31.42 -24.02 9.67
C LEU F 63 31.66 -22.57 9.29
N LEU F 64 32.03 -21.76 10.28
CA LEU F 64 32.25 -20.34 10.06
C LEU F 64 33.64 -19.90 9.65
N ASP F 65 33.70 -18.79 8.91
CA ASP F 65 34.96 -18.20 8.47
C ASP F 65 35.92 -18.07 9.63
N GLU F 66 37.06 -18.75 9.53
CA GLU F 66 38.07 -18.78 10.58
C GLU F 66 38.12 -17.57 11.50
N GLY F 67 37.67 -17.78 12.73
CA GLY F 67 37.62 -16.73 13.74
C GLY F 67 36.74 -15.62 13.25
N SER F 68 35.43 -15.88 13.28
CA SER F 68 34.43 -14.93 12.81
C SER F 68 33.19 -15.24 13.59
N PHE F 69 33.35 -16.19 14.50
CA PHE F 69 32.25 -16.60 15.34
C PHE F 69 32.17 -15.70 16.55
N GLU F 70 30.96 -15.24 16.87
CA GLU F 70 30.73 -14.45 18.06
C GLU F 70 29.66 -15.30 18.71
N GLU F 71 29.88 -15.69 19.95
CA GLU F 71 28.92 -16.54 20.64
C GLU F 71 28.02 -15.70 21.50
N PHE F 72 26.80 -16.19 21.74
CA PHE F 72 25.87 -15.47 22.60
C PHE F 72 25.42 -16.44 23.67
N ASP F 73 24.87 -15.87 24.75
CA ASP F 73 24.32 -16.66 25.85
C ASP F 73 25.18 -17.80 26.31
N MET F 74 26.49 -17.58 26.36
CA MET F 74 27.44 -18.61 26.77
C MET F 74 27.28 -19.11 28.18
N PHE F 75 26.78 -18.26 29.07
CA PHE F 75 26.61 -18.68 30.47
C PHE F 75 25.15 -18.80 30.84
N VAL F 76 24.29 -19.10 29.88
CA VAL F 76 22.89 -19.27 30.18
C VAL F 76 22.73 -20.57 30.95
N THR F 77 21.82 -20.57 31.94
CA THR F 77 21.54 -21.75 32.76
C THR F 77 20.02 -21.97 32.75
N HIS F 78 19.58 -23.23 32.78
CA HIS F 78 18.13 -23.54 32.78
C HIS F 78 17.41 -23.01 34.04
N ARG F 79 16.08 -23.03 34.00
CA ARG F 79 15.27 -22.55 35.11
C ARG F 79 14.39 -23.63 35.70
N CYS F 80 14.86 -24.87 35.62
CA CYS F 80 14.11 -26.00 36.16
C CYS F 80 14.37 -26.17 37.67
N THR F 81 13.33 -26.62 38.38
CA THR F 81 13.42 -26.88 39.81
C THR F 81 12.84 -28.24 40.21
N ASP F 82 12.26 -28.96 39.23
CA ASP F 82 11.71 -30.28 39.49
C ASP F 82 12.84 -31.30 39.49
N PHE F 83 12.55 -32.50 39.98
CA PHE F 83 13.52 -33.57 39.98
C PHE F 83 14.98 -33.22 40.17
N ASN F 84 15.23 -32.35 41.14
CA ASN F 84 16.60 -31.94 41.48
C ASN F 84 17.38 -31.41 40.27
N MET F 85 16.66 -31.05 39.23
CA MET F 85 17.32 -30.54 38.06
C MET F 85 18.13 -29.30 38.37
N GLN F 86 17.78 -28.61 39.44
CA GLN F 86 18.50 -27.39 39.77
C GLN F 86 19.88 -27.62 40.35
N ASP F 87 20.25 -28.86 40.56
CA ASP F 87 21.56 -29.18 41.11
C ASP F 87 22.53 -29.42 39.99
N GLN F 88 22.06 -29.26 38.77
CA GLN F 88 22.91 -29.48 37.62
C GLN F 88 22.58 -28.36 36.62
N LYS F 89 23.18 -27.18 36.86
CA LYS F 89 22.97 -26.03 36.01
C LYS F 89 24.19 -25.67 35.15
N PRO F 90 24.52 -26.51 34.16
CA PRO F 90 25.67 -26.26 33.26
C PRO F 90 25.52 -24.98 32.47
N ALA F 91 26.65 -24.38 32.11
CA ALA F 91 26.67 -23.16 31.32
C ALA F 91 26.33 -23.46 29.88
N GLY F 92 25.49 -22.60 29.30
CA GLY F 92 25.09 -22.77 27.91
C GLY F 92 23.82 -23.58 27.80
N ASP F 93 23.57 -24.42 28.80
CA ASP F 93 22.38 -25.25 28.86
C ASP F 93 22.17 -26.18 27.65
N GLY F 94 23.27 -26.65 27.05
CA GLY F 94 23.14 -27.60 25.96
C GLY F 94 23.18 -27.19 24.50
N VAL F 95 23.39 -25.92 24.19
CA VAL F 95 23.44 -25.52 22.79
C VAL F 95 24.35 -24.32 22.64
N VAL F 96 25.11 -24.30 21.56
CA VAL F 96 26.01 -23.16 21.27
C VAL F 96 25.30 -22.28 20.22
N THR F 97 25.00 -21.04 20.59
CA THR F 97 24.35 -20.15 19.63
C THR F 97 25.20 -18.90 19.32
N GLY F 98 24.96 -18.29 18.15
CA GLY F 98 25.70 -17.09 17.81
C GLY F 98 25.72 -16.80 16.32
N TRP F 99 26.64 -15.93 15.88
CA TRP F 99 26.73 -15.62 14.47
C TRP F 99 28.16 -15.60 13.96
N GLY F 100 28.30 -15.36 12.67
CA GLY F 100 29.62 -15.35 12.05
C GLY F 100 29.44 -15.17 10.55
N THR F 101 30.43 -15.54 9.75
CA THR F 101 30.28 -15.37 8.30
C THR F 101 30.76 -16.57 7.51
N ILE F 102 30.24 -16.73 6.30
CA ILE F 102 30.70 -17.81 5.45
C ILE F 102 31.04 -17.14 4.14
N ASN F 103 32.35 -17.04 3.97
CA ASN F 103 32.98 -16.38 2.86
C ASN F 103 32.68 -14.89 3.01
N GLY F 104 32.61 -14.45 4.27
CA GLY F 104 32.38 -13.06 4.54
C GLY F 104 30.93 -12.70 4.61
N ARG F 105 30.01 -13.63 4.36
CA ARG F 105 28.59 -13.28 4.44
C ARG F 105 28.00 -13.75 5.77
N VAL F 106 27.30 -12.85 6.44
CA VAL F 106 26.72 -13.19 7.72
C VAL F 106 25.74 -14.33 7.68
N VAL F 107 25.88 -15.17 8.70
CA VAL F 107 25.07 -16.34 8.86
C VAL F 107 24.84 -16.53 10.35
N TYR F 108 23.65 -17.02 10.72
CA TYR F 108 23.37 -17.23 12.13
C TYR F 108 23.41 -18.73 12.41
N VAL F 109 23.84 -19.11 13.59
CA VAL F 109 23.98 -20.54 13.86
C VAL F 109 23.74 -21.03 15.29
N PHE F 110 23.39 -22.31 15.41
CA PHE F 110 23.25 -22.93 16.70
C PHE F 110 23.68 -24.37 16.54
N SER F 111 24.55 -24.82 17.42
CA SER F 111 25.04 -26.17 17.35
C SER F 111 24.67 -26.80 18.68
N GLN F 112 23.95 -27.93 18.65
CA GLN F 112 23.58 -28.59 19.90
C GLN F 112 24.76 -29.37 20.45
N ASP F 113 24.99 -29.17 21.77
CA ASP F 113 26.05 -29.84 22.51
C ASP F 113 25.52 -31.08 23.22
N PHE F 114 25.65 -32.20 22.53
CA PHE F 114 25.20 -33.48 23.02
C PHE F 114 25.78 -33.87 24.39
N THR F 115 26.98 -33.39 24.71
CA THR F 115 27.63 -33.74 25.98
C THR F 115 27.01 -33.02 27.15
N VAL F 116 26.14 -32.07 26.90
CA VAL F 116 25.53 -31.34 28.00
C VAL F 116 24.06 -31.67 28.19
N LEU F 117 23.77 -32.51 29.17
CA LEU F 117 22.40 -32.91 29.41
C LEU F 117 21.89 -33.37 28.07
N GLY F 118 22.72 -34.18 27.40
CA GLY F 118 22.40 -34.75 26.09
C GLY F 118 22.00 -33.76 25.01
N GLY F 119 22.26 -32.48 25.29
CA GLY F 119 21.87 -31.44 24.36
C GLY F 119 20.35 -31.50 24.34
N SER F 120 19.75 -31.84 25.48
CA SER F 120 18.30 -31.96 25.60
C SER F 120 17.67 -30.57 25.56
N VAL F 121 16.54 -30.46 24.86
CA VAL F 121 15.84 -29.20 24.71
C VAL F 121 15.01 -28.78 25.91
N SER F 122 15.35 -27.62 26.44
CA SER F 122 14.66 -27.05 27.59
C SER F 122 14.05 -25.70 27.19
N GLU F 123 13.44 -25.02 28.17
CA GLU F 123 12.86 -23.72 27.87
C GLU F 123 13.96 -22.79 27.40
N THR F 124 15.03 -22.75 28.19
CA THR F 124 16.19 -21.92 27.93
C THR F 124 17.05 -22.30 26.72
N HIS F 125 17.11 -23.58 26.37
CA HIS F 125 17.87 -24.03 25.19
C HIS F 125 17.15 -23.44 23.99
N SER F 126 15.83 -23.60 23.94
CA SER F 126 15.08 -23.06 22.82
C SER F 126 15.29 -21.54 22.73
N LYS F 127 15.01 -20.86 23.84
CA LYS F 127 15.14 -19.42 23.85
C LYS F 127 16.41 -19.01 23.18
N LYS F 128 17.49 -19.75 23.44
CA LYS F 128 18.78 -19.40 22.84
C LYS F 128 18.74 -19.46 21.35
N ILE F 129 18.08 -20.49 20.85
CA ILE F 129 17.96 -20.68 19.43
C ILE F 129 17.04 -19.60 18.86
N CYS F 130 15.99 -19.24 19.60
CA CYS F 130 15.06 -18.25 19.11
C CYS F 130 15.74 -16.91 18.98
N LYS F 131 16.65 -16.60 19.91
CA LYS F 131 17.36 -15.32 19.84
C LYS F 131 18.08 -15.18 18.50
N ILE F 132 18.87 -16.18 18.13
CA ILE F 132 19.55 -16.05 16.85
C ILE F 132 18.62 -16.20 15.66
N MET F 133 17.47 -16.86 15.84
CA MET F 133 16.53 -16.99 14.74
C MET F 133 15.93 -15.59 14.53
N ASP F 134 15.46 -14.99 15.62
CA ASP F 134 14.91 -13.66 15.56
C ASP F 134 15.96 -12.71 15.02
N MET F 135 17.22 -12.93 15.35
CA MET F 135 18.22 -12.02 14.84
C MET F 135 18.45 -12.25 13.35
N ALA F 136 18.37 -13.51 12.92
CA ALA F 136 18.58 -13.86 11.53
C ALA F 136 17.49 -13.19 10.67
N MET F 137 16.26 -13.20 11.17
CA MET F 137 15.21 -12.58 10.41
C MET F 137 15.21 -11.07 10.42
N GLN F 138 15.70 -10.45 11.49
CA GLN F 138 15.72 -8.97 11.55
C GLN F 138 16.83 -8.40 10.72
N ASN F 139 17.81 -9.24 10.36
CA ASN F 139 18.93 -8.80 9.54
C ASN F 139 19.04 -9.46 8.18
N GLY F 140 18.15 -10.40 7.90
CA GLY F 140 18.13 -11.10 6.61
C GLY F 140 19.37 -11.91 6.29
N ALA F 141 19.60 -12.94 7.10
CA ALA F 141 20.73 -13.85 6.99
C ALA F 141 20.26 -15.27 7.35
N PRO F 142 20.74 -16.26 6.60
CA PRO F 142 20.36 -17.64 6.85
C PRO F 142 20.58 -18.10 8.33
N VAL F 143 20.14 -19.32 8.59
CA VAL F 143 20.27 -19.92 9.92
C VAL F 143 20.66 -21.37 9.75
N ILE F 144 21.86 -21.75 10.19
CA ILE F 144 22.29 -23.14 10.10
C ILE F 144 22.04 -23.80 11.45
N GLY F 145 21.23 -24.86 11.45
CA GLY F 145 20.90 -25.54 12.69
C GLY F 145 21.63 -26.84 12.77
N ILE F 146 22.40 -27.02 13.82
CA ILE F 146 23.14 -28.27 13.95
C ILE F 146 22.53 -29.08 15.06
N ASN F 147 21.64 -29.98 14.68
CA ASN F 147 20.95 -30.81 15.65
C ASN F 147 21.72 -32.06 15.97
N ASP F 148 21.92 -32.27 17.27
CA ASP F 148 22.64 -33.40 17.84
C ASP F 148 22.16 -33.38 19.27
N SER F 149 20.94 -33.87 19.44
CA SER F 149 20.28 -33.89 20.74
C SER F 149 19.58 -35.19 21.06
N GLY F 150 19.53 -35.49 22.35
CA GLY F 150 18.86 -36.69 22.79
C GLY F 150 17.36 -36.51 22.78
N GLY F 151 16.90 -35.26 22.58
CA GLY F 151 15.47 -34.98 22.57
C GLY F 151 15.07 -34.04 23.69
N ALA F 152 13.77 -33.99 24.00
CA ALA F 152 13.29 -33.08 25.02
C ALA F 152 13.89 -33.35 26.35
N ARG F 153 13.88 -32.30 27.18
CA ARG F 153 14.37 -32.35 28.56
C ARG F 153 13.14 -32.66 29.45
N ILE F 154 12.83 -33.95 29.56
CA ILE F 154 11.71 -34.47 30.33
C ILE F 154 11.34 -33.79 31.66
N GLN F 155 12.36 -33.46 32.45
CA GLN F 155 12.12 -32.86 33.75
C GLN F 155 11.45 -31.50 33.70
N GLU F 156 11.51 -30.85 32.53
CA GLU F 156 10.94 -29.53 32.33
C GLU F 156 9.46 -29.58 32.02
N GLY F 157 8.91 -30.78 31.84
CA GLY F 157 7.48 -30.89 31.56
C GLY F 157 7.04 -30.09 30.36
N VAL F 158 5.90 -29.40 30.47
CA VAL F 158 5.41 -28.62 29.33
C VAL F 158 6.39 -27.53 28.88
N ASP F 159 7.31 -27.17 29.76
CA ASP F 159 8.27 -26.15 29.39
C ASP F 159 9.19 -26.60 28.31
N SER F 160 9.33 -27.89 28.13
CA SER F 160 10.17 -28.39 27.08
C SER F 160 9.32 -28.26 25.81
N LEU F 161 8.03 -28.56 25.94
CA LEU F 161 7.10 -28.48 24.83
C LEU F 161 7.03 -27.07 24.33
N ALA F 162 6.79 -26.13 25.25
CA ALA F 162 6.71 -24.71 24.90
C ALA F 162 8.02 -24.33 24.19
N GLY F 163 9.16 -24.77 24.74
CA GLY F 163 10.45 -24.50 24.14
C GLY F 163 10.47 -24.84 22.65
N TYR F 164 9.95 -26.01 22.33
CA TYR F 164 9.87 -26.44 20.95
C TYR F 164 8.97 -25.48 20.15
N GLY F 165 7.81 -25.18 20.74
CA GLY F 165 6.85 -24.29 20.13
C GLY F 165 7.42 -23.00 19.61
N GLU F 166 8.23 -22.30 20.41
CA GLU F 166 8.77 -21.04 19.94
C GLU F 166 9.73 -21.24 18.78
N VAL F 167 10.41 -22.36 18.74
CA VAL F 167 11.33 -22.61 17.64
C VAL F 167 10.47 -22.84 16.42
N PHE F 168 9.50 -23.77 16.52
CA PHE F 168 8.57 -24.10 15.42
C PHE F 168 8.01 -22.84 14.76
N GLN F 169 7.27 -22.07 15.52
CA GLN F 169 6.70 -20.81 15.08
C GLN F 169 7.71 -19.97 14.28
N ARG F 170 8.90 -19.81 14.84
CA ARG F 170 9.95 -19.07 14.19
C ARG F 170 10.37 -19.74 12.91
N ASN F 171 10.46 -21.07 12.95
CA ASN F 171 10.79 -21.81 11.74
C ASN F 171 9.77 -21.45 10.68
N ILE F 172 8.51 -21.51 11.08
CA ILE F 172 7.45 -21.22 10.16
C ILE F 172 7.49 -19.81 9.62
N MET F 173 7.55 -18.82 10.50
CA MET F 173 7.55 -17.44 10.05
C MET F 173 8.65 -17.11 9.09
N ALA F 174 9.76 -17.82 9.21
CA ALA F 174 10.93 -17.59 8.37
C ALA F 174 10.93 -18.37 7.05
N SER F 175 10.02 -19.33 6.93
CA SER F 175 9.95 -20.14 5.74
C SER F 175 9.86 -19.21 4.54
N GLY F 176 10.79 -19.35 3.60
CA GLY F 176 10.81 -18.54 2.40
C GLY F 176 11.12 -17.06 2.61
N VAL F 177 11.79 -16.76 3.71
CA VAL F 177 12.14 -15.40 4.00
C VAL F 177 13.63 -15.28 4.24
N VAL F 178 14.20 -16.34 4.77
CA VAL F 178 15.62 -16.37 5.02
C VAL F 178 15.89 -17.88 4.95
N PRO F 179 16.98 -18.32 4.29
CA PRO F 179 17.29 -19.75 4.18
C PRO F 179 17.53 -20.42 5.50
N GLN F 180 16.96 -21.61 5.67
CA GLN F 180 17.09 -22.39 6.90
C GLN F 180 17.67 -23.75 6.62
N ILE F 181 18.99 -23.90 6.75
CA ILE F 181 19.68 -25.17 6.49
C ILE F 181 19.81 -26.01 7.76
N SER F 182 19.34 -27.26 7.72
CA SER F 182 19.42 -28.11 8.89
C SER F 182 20.45 -29.22 8.78
N MET F 183 21.34 -29.29 9.76
CA MET F 183 22.36 -30.33 9.79
C MET F 183 22.09 -31.30 10.96
N ILE F 184 21.81 -32.57 10.65
CA ILE F 184 21.60 -33.55 11.70
C ILE F 184 22.95 -34.26 11.83
N MET F 185 23.52 -34.19 13.03
CA MET F 185 24.82 -34.79 13.25
C MET F 185 24.81 -35.65 14.50
N GLY F 186 23.60 -35.96 14.95
CA GLY F 186 23.43 -36.79 16.12
C GLY F 186 22.03 -37.33 16.11
N PRO F 187 21.44 -37.52 17.28
CA PRO F 187 20.08 -38.05 17.29
C PRO F 187 19.07 -36.91 17.20
N CYS F 188 17.88 -37.18 16.71
CA CYS F 188 16.86 -36.16 16.62
C CYS F 188 15.54 -36.90 16.79
N ALA F 189 14.99 -36.87 18.01
CA ALA F 189 13.78 -37.64 18.26
C ALA F 189 12.53 -36.93 18.78
N GLY F 190 11.38 -37.37 18.30
CA GLY F 190 10.15 -36.75 18.76
C GLY F 190 9.77 -35.46 18.05
N GLY F 191 9.06 -34.59 18.77
CA GLY F 191 8.64 -33.33 18.18
C GLY F 191 9.81 -32.68 17.45
N ALA F 192 11.01 -32.83 18.03
CA ALA F 192 12.22 -32.26 17.47
C ALA F 192 12.32 -32.43 15.95
N VAL F 193 12.09 -33.63 15.47
CA VAL F 193 12.19 -33.87 14.05
C VAL F 193 11.44 -32.81 13.25
N TYR F 194 10.29 -32.35 13.77
CA TYR F 194 9.45 -31.34 13.08
C TYR F 194 10.07 -30.03 12.79
N SER F 195 11.10 -29.66 13.53
CA SER F 195 11.74 -28.39 13.24
C SER F 195 12.49 -28.54 11.92
N PRO F 196 13.56 -29.37 11.91
CA PRO F 196 14.32 -29.52 10.65
C PRO F 196 13.35 -29.81 9.49
N ALA F 197 12.23 -30.46 9.83
CA ALA F 197 11.21 -30.81 8.85
C ALA F 197 10.80 -29.59 8.05
N MET F 198 10.64 -28.48 8.74
CA MET F 198 10.19 -27.27 8.10
C MET F 198 11.29 -26.38 7.55
N THR F 199 12.54 -26.79 7.74
CA THR F 199 13.61 -25.95 7.22
C THR F 199 13.79 -26.27 5.74
N ASP F 200 14.54 -25.44 5.03
CA ASP F 200 14.69 -25.64 3.59
C ASP F 200 15.54 -26.83 3.16
N PHE F 201 16.39 -27.32 4.06
CA PHE F 201 17.23 -28.46 3.72
C PHE F 201 17.55 -29.28 4.94
N ILE F 202 17.75 -30.57 4.72
CA ILE F 202 18.09 -31.50 5.78
C ILE F 202 19.25 -32.38 5.37
N PHE F 203 20.42 -32.15 5.95
CA PHE F 203 21.55 -32.98 5.64
C PHE F 203 21.92 -33.82 6.84
N MET F 204 22.26 -35.08 6.61
CA MET F 204 22.62 -35.96 7.72
C MET F 204 24.01 -36.50 7.50
N VAL F 205 24.59 -36.98 8.59
CA VAL F 205 25.94 -37.54 8.55
C VAL F 205 25.87 -39.08 8.54
N LYS F 206 26.20 -39.63 7.37
CA LYS F 206 26.16 -41.05 7.09
C LYS F 206 25.85 -42.03 8.20
N ASP F 207 26.71 -42.16 9.19
CA ASP F 207 26.36 -43.16 10.17
C ASP F 207 26.10 -42.74 11.60
N SER F 208 26.53 -41.55 11.98
CA SER F 208 26.38 -41.10 13.34
C SER F 208 25.10 -40.35 13.66
N SER F 209 24.23 -40.18 12.68
CA SER F 209 22.99 -39.42 12.89
C SER F 209 21.71 -40.19 12.58
N TYR F 210 20.60 -39.70 13.12
CA TYR F 210 19.30 -40.29 12.86
C TYR F 210 18.15 -39.44 13.38
N MET F 211 16.94 -39.75 12.91
CA MET F 211 15.78 -39.01 13.34
C MET F 211 14.47 -39.74 13.08
N PHE F 212 13.58 -39.67 14.05
CA PHE F 212 12.27 -40.30 13.94
C PHE F 212 11.34 -39.74 15.01
N VAL F 213 10.04 -39.68 14.70
CA VAL F 213 9.04 -39.14 15.62
C VAL F 213 8.91 -40.01 16.84
N THR F 214 8.84 -41.33 16.64
CA THR F 214 8.74 -42.28 17.74
C THR F 214 9.92 -43.24 17.76
N GLY F 215 10.41 -43.54 18.97
CA GLY F 215 11.56 -44.43 19.13
C GLY F 215 11.35 -45.90 18.81
N PRO F 216 12.45 -46.63 18.49
CA PRO F 216 12.45 -48.05 18.13
C PRO F 216 11.84 -48.97 19.21
N ASP F 217 11.96 -48.54 20.46
CA ASP F 217 11.44 -49.30 21.58
C ASP F 217 9.93 -49.14 21.64
N VAL F 218 9.40 -47.96 21.30
CA VAL F 218 7.95 -47.83 21.33
C VAL F 218 7.45 -48.51 20.07
N VAL F 219 8.21 -48.44 18.99
CA VAL F 219 7.77 -49.10 17.77
C VAL F 219 7.56 -50.58 18.08
N LYS F 220 8.29 -51.10 19.06
CA LYS F 220 8.14 -52.51 19.42
C LYS F 220 6.91 -52.73 20.28
N THR F 221 6.88 -52.08 21.43
CA THR F 221 5.76 -52.23 22.35
C THR F 221 4.39 -51.92 21.74
N VAL F 222 4.38 -51.37 20.52
CA VAL F 222 3.12 -51.01 19.88
C VAL F 222 2.92 -51.69 18.54
N THR F 223 4.02 -52.09 17.92
CA THR F 223 3.96 -52.76 16.61
C THR F 223 4.52 -54.16 16.72
N ASN F 224 5.19 -54.43 17.84
CA ASN F 224 5.82 -55.72 18.09
C ASN F 224 6.91 -55.94 17.07
N GLU F 225 7.23 -54.88 16.35
CA GLU F 225 8.27 -54.94 15.34
C GLU F 225 9.51 -54.45 16.03
N GLN F 226 10.62 -55.13 15.80
CA GLN F 226 11.82 -54.66 16.44
C GLN F 226 12.75 -54.22 15.34
N VAL F 227 13.27 -53.00 15.49
CA VAL F 227 14.15 -52.39 14.52
C VAL F 227 15.14 -51.48 15.28
N SER F 228 16.35 -51.36 14.73
CA SER F 228 17.41 -50.54 15.32
C SER F 228 17.27 -49.10 14.89
N ALA F 229 17.72 -48.19 15.75
CA ALA F 229 17.63 -46.79 15.44
C ALA F 229 18.14 -46.50 14.02
N GLU F 230 19.30 -47.05 13.66
CA GLU F 230 19.86 -46.82 12.33
C GLU F 230 18.92 -47.30 11.24
N GLU F 231 18.23 -48.40 11.48
CA GLU F 231 17.29 -48.93 10.51
C GLU F 231 16.08 -48.02 10.40
N LEU F 232 15.56 -47.65 11.57
CA LEU F 232 14.39 -46.81 11.67
C LEU F 232 14.54 -45.43 11.00
N GLY F 233 15.55 -44.67 11.37
CA GLY F 233 15.72 -43.35 10.77
C GLY F 233 17.16 -42.91 10.62
N GLY F 234 17.98 -43.81 10.08
CA GLY F 234 19.39 -43.52 9.88
C GLY F 234 19.61 -42.78 8.59
N ALA F 235 20.79 -42.19 8.41
CA ALA F 235 21.07 -41.43 7.20
C ALA F 235 20.55 -42.03 5.92
N THR F 236 20.82 -43.31 5.69
CA THR F 236 20.38 -43.94 4.47
C THR F 236 18.87 -44.02 4.32
N THR F 237 18.20 -44.51 5.35
CA THR F 237 16.74 -44.65 5.35
C THR F 237 16.12 -43.34 4.88
N HIS F 238 16.62 -42.24 5.43
CA HIS F 238 16.09 -40.93 5.11
C HIS F 238 16.53 -40.32 3.79
N THR F 239 17.73 -40.63 3.34
CA THR F 239 18.18 -40.06 2.08
C THR F 239 17.67 -40.83 0.87
N ARG F 240 17.03 -41.97 1.06
CA ARG F 240 16.50 -42.70 -0.09
C ARG F 240 15.21 -43.49 0.07
N LYS F 241 14.62 -43.47 1.25
CA LYS F 241 13.39 -44.21 1.42
C LYS F 241 12.23 -43.28 1.84
N SER F 242 12.46 -42.46 2.87
CA SER F 242 11.42 -41.58 3.45
C SER F 242 11.16 -40.27 2.78
N SER F 243 12.16 -39.75 2.07
CA SER F 243 12.11 -38.47 1.34
C SER F 243 12.36 -37.28 2.26
N VAL F 244 12.88 -37.58 3.45
CA VAL F 244 13.17 -36.59 4.48
C VAL F 244 14.47 -35.83 4.37
N ALA F 245 15.58 -36.53 4.14
CA ALA F 245 16.88 -35.86 4.04
C ALA F 245 17.28 -35.52 2.61
N ASP F 246 18.14 -34.52 2.46
CA ASP F 246 18.59 -34.07 1.14
C ASP F 246 19.91 -34.62 0.71
N ALA F 247 20.57 -35.31 1.65
CA ALA F 247 21.86 -35.91 1.37
C ALA F 247 22.43 -36.47 2.64
N ALA F 248 23.28 -37.49 2.51
CA ALA F 248 23.95 -38.04 3.71
C ALA F 248 25.43 -37.86 3.48
N PHE F 249 26.09 -37.06 4.31
CA PHE F 249 27.52 -36.85 4.11
C PHE F 249 28.29 -37.90 4.85
N GLU F 250 29.45 -38.24 4.30
CA GLU F 250 30.34 -39.25 4.88
C GLU F 250 30.68 -39.11 6.37
N ASN F 251 30.93 -37.87 6.82
CA ASN F 251 31.25 -37.61 8.22
C ASN F 251 31.16 -36.14 8.57
N ASP F 252 31.28 -35.86 9.85
CA ASP F 252 31.17 -34.48 10.30
C ASP F 252 31.97 -33.45 9.53
N VAL F 253 33.21 -33.77 9.14
CA VAL F 253 34.00 -32.74 8.46
C VAL F 253 33.51 -32.35 7.08
N GLU F 254 33.16 -33.34 6.28
CA GLU F 254 32.67 -33.05 4.95
C GLU F 254 31.27 -32.44 5.00
N ALA F 255 30.48 -32.90 5.95
CA ALA F 255 29.13 -32.35 6.12
C ALA F 255 29.28 -30.83 6.27
N LEU F 256 30.08 -30.40 7.23
CA LEU F 256 30.30 -28.98 7.41
C LEU F 256 30.89 -28.28 6.18
N ALA F 257 31.84 -28.91 5.49
CA ALA F 257 32.45 -28.32 4.30
C ALA F 257 31.41 -28.13 3.18
N GLU F 258 30.62 -29.18 2.97
CA GLU F 258 29.57 -29.18 1.97
C GLU F 258 28.46 -28.17 2.28
N VAL F 259 28.18 -27.94 3.55
CA VAL F 259 27.15 -26.98 3.88
C VAL F 259 27.60 -25.59 3.48
N ARG F 260 28.84 -25.24 3.78
CA ARG F 260 29.31 -23.92 3.35
C ARG F 260 29.11 -23.83 1.80
N ARG F 261 29.56 -24.86 1.08
CA ARG F 261 29.45 -24.91 -0.37
C ARG F 261 28.05 -24.57 -0.80
N LEU F 262 27.08 -25.16 -0.11
CA LEU F 262 25.69 -24.87 -0.41
C LEU F 262 25.46 -23.37 -0.17
N VAL F 263 25.71 -22.91 1.05
CA VAL F 263 25.50 -21.50 1.37
C VAL F 263 26.08 -20.54 0.30
N ASP F 264 27.19 -20.93 -0.34
CA ASP F 264 27.78 -20.03 -1.34
C ASP F 264 26.89 -19.77 -2.54
N PHE F 265 25.91 -20.63 -2.77
CA PHE F 265 24.97 -20.49 -3.89
C PHE F 265 23.75 -19.69 -3.42
N LEU F 266 23.35 -19.93 -2.18
CA LEU F 266 22.16 -19.28 -1.66
C LEU F 266 22.23 -17.81 -1.45
N PRO F 267 21.08 -17.14 -1.63
CA PRO F 267 20.95 -15.68 -1.44
C PRO F 267 20.77 -15.54 0.08
N LEU F 268 21.14 -14.43 0.68
CA LEU F 268 21.03 -14.30 2.12
C LEU F 268 19.64 -14.15 2.65
N ASN F 269 18.68 -13.80 1.79
CA ASN F 269 17.27 -13.64 2.19
C ASN F 269 16.38 -13.37 0.98
N ASN F 270 15.07 -13.25 1.19
CA ASN F 270 14.17 -13.09 0.02
C ASN F 270 14.12 -11.74 -0.66
N ARG F 271 14.89 -10.79 -0.15
CA ARG F 271 14.92 -9.48 -0.74
C ARG F 271 16.01 -9.42 -1.82
N GLU F 272 17.24 -9.73 -1.47
CA GLU F 272 18.29 -9.70 -2.47
C GLU F 272 18.08 -10.84 -3.45
N LYS F 273 18.81 -10.84 -4.56
CA LYS F 273 18.70 -11.92 -5.51
C LYS F 273 19.95 -12.75 -5.35
N PRO F 274 19.97 -13.97 -5.90
CA PRO F 274 21.13 -14.86 -5.83
C PRO F 274 22.44 -14.07 -5.93
N PRO F 275 23.45 -14.48 -5.15
CA PRO F 275 24.76 -13.86 -5.12
C PRO F 275 25.52 -14.02 -6.42
N VAL F 276 26.43 -13.09 -6.69
CA VAL F 276 27.24 -13.19 -7.88
C VAL F 276 28.71 -13.36 -7.49
N ARG F 277 29.48 -13.98 -8.36
CA ARG F 277 30.88 -14.17 -8.04
C ARG F 277 31.62 -14.47 -9.33
N PRO F 278 32.95 -14.36 -9.30
CA PRO F 278 33.76 -14.63 -10.50
C PRO F 278 33.47 -16.03 -11.02
N PHE F 279 33.63 -16.22 -12.33
CA PHE F 279 33.43 -17.51 -12.94
C PHE F 279 34.41 -17.70 -14.09
N PHE F 280 35.21 -18.74 -14.01
CA PHE F 280 36.16 -18.96 -15.08
C PHE F 280 35.64 -19.97 -16.09
N ASP F 281 34.69 -19.50 -16.91
CA ASP F 281 34.05 -20.31 -17.94
C ASP F 281 33.43 -19.33 -18.94
N ASP F 282 33.01 -19.80 -20.11
CA ASP F 282 32.40 -18.88 -21.08
C ASP F 282 30.92 -19.16 -21.45
N PRO F 283 30.06 -18.11 -21.35
CA PRO F 283 28.65 -18.25 -21.68
C PRO F 283 28.43 -18.74 -23.09
N ASP F 284 29.46 -18.64 -23.92
CA ASP F 284 29.33 -19.12 -25.30
C ASP F 284 29.99 -20.48 -25.52
N ARG F 285 30.29 -21.19 -24.45
CA ARG F 285 30.90 -22.50 -24.60
C ARG F 285 29.99 -23.52 -25.33
N ILE F 286 30.59 -24.18 -26.33
CA ILE F 286 29.88 -25.17 -27.13
C ILE F 286 30.34 -26.59 -26.82
N GLU F 287 29.38 -27.46 -26.56
CA GLU F 287 29.66 -28.85 -26.27
C GLU F 287 29.08 -29.66 -27.42
N PRO F 288 29.94 -30.02 -28.40
CA PRO F 288 29.56 -30.80 -29.57
C PRO F 288 29.17 -32.24 -29.20
N SER F 289 29.76 -32.69 -28.11
CA SER F 289 29.51 -34.01 -27.57
C SER F 289 28.00 -34.15 -27.40
N LEU F 290 27.34 -33.05 -27.08
CA LEU F 290 25.90 -33.02 -26.83
C LEU F 290 25.06 -33.46 -28.01
N ASP F 291 25.57 -33.15 -29.20
CA ASP F 291 24.87 -33.47 -30.42
C ASP F 291 24.56 -34.92 -30.60
N THR F 292 25.14 -35.77 -29.77
CA THR F 292 24.92 -37.20 -29.92
C THR F 292 24.47 -37.84 -28.60
N LEU F 293 24.17 -37.00 -27.62
CA LEU F 293 23.76 -37.49 -26.31
C LEU F 293 22.48 -38.26 -26.38
N VAL F 294 21.55 -37.82 -27.22
CA VAL F 294 20.29 -38.58 -27.29
C VAL F 294 20.54 -39.78 -28.21
N PRO F 295 20.50 -41.00 -27.64
CA PRO F 295 20.72 -42.21 -28.43
C PRO F 295 19.73 -42.31 -29.55
N ASP F 296 20.11 -42.99 -30.62
CA ASP F 296 19.24 -43.14 -31.78
C ASP F 296 18.08 -44.02 -31.39
N ASN F 297 18.41 -45.16 -30.80
CA ASN F 297 17.36 -46.05 -30.39
C ASN F 297 16.63 -45.38 -29.23
N PRO F 298 15.29 -45.24 -29.34
CA PRO F 298 14.49 -44.63 -28.29
C PRO F 298 14.33 -45.43 -26.99
N ASN F 299 14.73 -46.71 -27.02
CA ASN F 299 14.61 -47.54 -25.83
C ASN F 299 15.89 -47.53 -25.01
N THR F 300 16.89 -46.86 -25.53
CA THR F 300 18.15 -46.73 -24.84
C THR F 300 18.22 -45.42 -24.05
N PRO F 301 18.54 -45.50 -22.76
CA PRO F 301 18.64 -44.29 -21.96
C PRO F 301 19.89 -43.51 -22.30
N TYR F 302 20.27 -42.60 -21.41
CA TYR F 302 21.47 -41.78 -21.48
C TYR F 302 21.45 -41.07 -20.13
N ASP F 303 22.56 -40.56 -19.65
CA ASP F 303 22.47 -39.90 -18.35
C ASP F 303 22.23 -38.40 -18.47
N MET F 304 21.02 -37.98 -18.09
CA MET F 304 20.65 -36.59 -18.14
C MET F 304 21.71 -35.72 -17.45
N LYS F 305 22.38 -36.29 -16.47
CA LYS F 305 23.40 -35.56 -15.72
C LYS F 305 24.59 -35.11 -16.56
N GLU F 306 24.83 -35.78 -17.69
CA GLU F 306 25.96 -35.36 -18.53
C GLU F 306 25.65 -33.96 -18.99
N LEU F 307 24.42 -33.80 -19.52
CA LEU F 307 23.94 -32.51 -20.02
C LEU F 307 24.16 -31.44 -18.97
N ILE F 308 23.63 -31.68 -17.77
CA ILE F 308 23.73 -30.75 -16.66
C ILE F 308 25.14 -30.27 -16.46
N HIS F 309 26.07 -31.20 -16.25
CA HIS F 309 27.45 -30.80 -16.05
C HIS F 309 28.02 -29.91 -17.17
N LYS F 310 27.76 -30.29 -18.42
CA LYS F 310 28.28 -29.52 -19.54
C LYS F 310 27.68 -28.15 -19.65
N LEU F 311 26.45 -28.01 -19.18
CA LEU F 311 25.77 -26.72 -19.21
C LEU F 311 26.25 -25.92 -18.03
N ALA F 312 26.28 -26.58 -16.87
CA ALA F 312 26.69 -25.96 -15.63
C ALA F 312 27.98 -25.21 -15.89
N ASP F 313 28.19 -24.10 -15.17
CA ASP F 313 29.40 -23.27 -15.31
C ASP F 313 30.70 -24.04 -15.29
N GLU F 314 31.39 -24.07 -14.18
CA GLU F 314 32.65 -24.78 -14.22
C GLU F 314 32.43 -26.27 -14.12
N GLY F 315 31.29 -26.73 -14.63
CA GLY F 315 30.93 -28.14 -14.55
C GLY F 315 30.45 -28.50 -13.15
N ASP F 316 30.36 -27.53 -12.24
CA ASP F 316 29.94 -27.77 -10.85
C ASP F 316 28.46 -27.87 -10.61
N PHE F 317 28.04 -29.00 -10.07
CA PHE F 317 26.64 -29.24 -9.82
C PHE F 317 26.44 -29.78 -8.43
N TYR F 318 25.85 -28.96 -7.58
CA TYR F 318 25.56 -29.38 -6.22
C TYR F 318 24.16 -29.98 -6.24
N GLU F 319 24.09 -31.30 -6.33
CA GLU F 319 22.82 -32.00 -6.38
C GLU F 319 22.06 -32.07 -5.06
N ILE F 320 20.74 -32.01 -5.17
CA ILE F 320 19.90 -32.14 -3.98
C ILE F 320 19.06 -33.42 -4.11
N GLN F 321 18.91 -34.11 -2.98
CA GLN F 321 18.19 -35.38 -2.89
C GLN F 321 18.57 -36.33 -4.02
N GLU F 322 19.88 -36.55 -4.15
CA GLU F 322 20.43 -37.40 -5.19
C GLU F 322 19.97 -38.83 -5.16
N GLU F 323 19.98 -39.41 -3.97
CA GLU F 323 19.62 -40.80 -3.76
C GLU F 323 18.13 -41.08 -3.59
N PHE F 324 17.31 -40.09 -3.84
CA PHE F 324 15.86 -40.25 -3.72
C PHE F 324 15.19 -39.83 -5.00
N ALA F 325 14.05 -40.47 -5.28
CA ALA F 325 13.28 -40.18 -6.48
C ALA F 325 14.24 -40.05 -7.65
N LYS F 326 15.18 -41.00 -7.71
CA LYS F 326 16.20 -41.02 -8.74
C LYS F 326 15.72 -40.81 -10.16
N ASN F 327 14.40 -40.83 -10.37
CA ASN F 327 13.90 -40.66 -11.72
C ASN F 327 13.81 -39.21 -12.10
N ILE F 328 14.23 -38.36 -11.18
CA ILE F 328 14.23 -36.91 -11.43
C ILE F 328 15.41 -36.30 -10.71
N ILE F 329 16.03 -35.31 -11.33
CA ILE F 329 17.18 -34.66 -10.72
C ILE F 329 16.94 -33.22 -10.34
N THR F 330 17.32 -32.86 -9.11
CA THR F 330 17.18 -31.47 -8.67
C THR F 330 18.52 -31.02 -8.10
N GLY F 331 18.98 -29.85 -8.55
CA GLY F 331 20.24 -29.35 -8.04
C GLY F 331 20.51 -27.91 -8.40
N PHE F 332 21.66 -27.43 -7.95
CA PHE F 332 22.09 -26.08 -8.19
C PHE F 332 23.32 -26.02 -9.05
N ILE F 333 23.39 -25.02 -9.92
CA ILE F 333 24.57 -24.82 -10.73
C ILE F 333 24.64 -23.30 -10.79
N ARG F 334 25.67 -22.78 -11.44
CA ARG F 334 25.79 -21.35 -11.63
C ARG F 334 25.91 -21.17 -13.15
N LEU F 335 25.63 -19.97 -13.63
CA LEU F 335 25.78 -19.66 -15.04
C LEU F 335 26.30 -18.25 -14.97
N GLU F 336 27.37 -17.98 -15.71
CA GLU F 336 27.96 -16.66 -15.69
C GLU F 336 28.05 -16.24 -14.22
N GLY F 337 28.47 -17.19 -13.38
CA GLY F 337 28.64 -16.87 -11.98
C GLY F 337 27.42 -16.59 -11.15
N ARG F 338 26.23 -16.94 -11.63
CA ARG F 338 25.02 -16.72 -10.80
C ARG F 338 24.29 -18.06 -10.52
N THR F 339 23.57 -18.16 -9.40
CA THR F 339 22.91 -19.41 -9.09
C THR F 339 21.69 -19.70 -9.96
N VAL F 340 21.61 -20.94 -10.42
CA VAL F 340 20.52 -21.41 -11.23
C VAL F 340 20.13 -22.81 -10.78
N GLY F 341 18.87 -22.97 -10.38
CA GLY F 341 18.38 -24.25 -9.92
C GLY F 341 17.99 -25.03 -11.15
N VAL F 342 18.13 -26.34 -11.07
CA VAL F 342 17.81 -27.19 -12.19
C VAL F 342 17.01 -28.42 -11.78
N VAL F 343 15.98 -28.70 -12.58
CA VAL F 343 15.07 -29.84 -12.41
C VAL F 343 15.19 -30.51 -13.75
N ALA F 344 15.40 -31.82 -13.74
CA ALA F 344 15.54 -32.60 -14.99
C ALA F 344 15.15 -34.08 -14.81
N ASN F 345 14.60 -34.66 -15.86
CA ASN F 345 14.18 -36.08 -15.87
C ASN F 345 15.37 -37.02 -16.13
N GLN F 346 15.39 -38.16 -15.44
CA GLN F 346 16.49 -39.15 -15.60
C GLN F 346 16.03 -40.40 -16.34
N PRO F 347 16.32 -40.51 -17.65
CA PRO F 347 15.93 -41.71 -18.41
C PRO F 347 16.42 -43.00 -17.72
N LEU F 348 17.57 -42.88 -17.08
CA LEU F 348 18.19 -43.99 -16.40
C LEU F 348 17.34 -44.65 -15.33
N VAL F 349 16.33 -43.93 -14.86
CA VAL F 349 15.50 -44.50 -13.82
C VAL F 349 14.01 -44.39 -14.12
N LEU F 350 13.30 -45.50 -13.97
CA LEU F 350 11.87 -45.50 -14.26
C LEU F 350 11.60 -44.83 -15.60
N ALA F 351 12.60 -44.82 -16.46
CA ALA F 351 12.42 -44.22 -17.76
C ALA F 351 12.01 -42.79 -17.71
N GLY F 352 12.58 -42.02 -16.78
CA GLY F 352 12.23 -40.61 -16.67
C GLY F 352 10.76 -40.33 -16.38
N CYS F 353 10.07 -41.30 -15.81
CA CYS F 353 8.67 -41.09 -15.48
C CYS F 353 8.56 -40.06 -14.38
N LEU F 354 7.35 -39.55 -14.22
CA LEU F 354 7.03 -38.62 -13.16
C LEU F 354 6.26 -39.56 -12.24
N ASP F 355 6.41 -39.41 -10.93
CA ASP F 355 5.69 -40.26 -10.00
C ASP F 355 5.50 -39.49 -8.69
N ILE F 356 4.62 -39.98 -7.84
CA ILE F 356 4.42 -39.29 -6.58
C ILE F 356 5.73 -38.76 -6.03
N ASP F 357 6.65 -39.64 -5.64
CA ASP F 357 7.94 -39.20 -5.08
C ASP F 357 8.75 -38.26 -5.94
N SER F 358 8.92 -38.56 -7.21
CA SER F 358 9.70 -37.63 -8.05
C SER F 358 9.06 -36.25 -8.00
N SER F 359 7.72 -36.23 -8.06
CA SER F 359 6.93 -35.00 -8.00
C SER F 359 7.14 -34.25 -6.70
N ARG F 360 6.97 -34.92 -5.57
CA ARG F 360 7.18 -34.26 -4.32
C ARG F 360 8.61 -33.77 -4.25
N LYS F 361 9.56 -34.56 -4.74
CA LYS F 361 10.95 -34.14 -4.67
C LYS F 361 11.21 -32.81 -5.39
N ALA F 362 10.83 -32.74 -6.66
CA ALA F 362 11.05 -31.53 -7.44
C ALA F 362 10.16 -30.42 -6.99
N ALA F 363 8.89 -30.70 -6.78
CA ALA F 363 7.93 -29.67 -6.38
C ALA F 363 8.52 -28.74 -5.37
N ARG F 364 9.01 -29.33 -4.27
CA ARG F 364 9.57 -28.48 -3.24
C ARG F 364 10.81 -27.72 -3.74
N PHE F 365 11.71 -28.39 -4.43
CA PHE F 365 12.89 -27.70 -4.94
C PHE F 365 12.47 -26.45 -5.70
N VAL F 366 11.48 -26.59 -6.58
CA VAL F 366 11.00 -25.46 -7.40
C VAL F 366 10.55 -24.34 -6.48
N ARG F 367 9.58 -24.64 -5.61
CA ARG F 367 9.08 -23.61 -4.68
C ARG F 367 10.16 -22.85 -3.87
N PHE F 368 11.17 -23.55 -3.35
CA PHE F 368 12.23 -22.88 -2.61
C PHE F 368 12.99 -21.92 -3.50
N CYS F 369 13.39 -22.40 -4.69
CA CYS F 369 14.12 -21.56 -5.62
C CYS F 369 13.34 -20.31 -6.04
N ASP F 370 12.02 -20.44 -6.10
CA ASP F 370 11.20 -19.31 -6.48
C ASP F 370 11.08 -18.32 -5.32
N ALA F 371 10.68 -18.85 -4.17
CA ALA F 371 10.53 -18.02 -2.98
C ALA F 371 11.75 -17.11 -2.83
N PHE F 372 12.91 -17.65 -3.21
CA PHE F 372 14.18 -16.96 -3.08
C PHE F 372 14.78 -16.38 -4.37
N GLU F 373 13.94 -16.05 -5.36
CA GLU F 373 14.45 -15.47 -6.60
C GLU F 373 15.57 -16.20 -7.42
N ILE F 374 15.71 -17.51 -7.21
CA ILE F 374 16.70 -18.29 -7.96
C ILE F 374 16.00 -18.76 -9.26
N PRO F 375 16.60 -18.52 -10.44
CA PRO F 375 15.96 -18.96 -11.67
C PRO F 375 15.91 -20.48 -11.79
N LEU F 376 15.13 -20.94 -12.75
CA LEU F 376 14.99 -22.35 -13.00
C LEU F 376 15.32 -22.80 -14.45
N LEU F 377 16.06 -23.89 -14.55
CA LEU F 377 16.39 -24.47 -15.84
C LEU F 377 15.80 -25.85 -15.72
N THR F 378 14.86 -26.19 -16.59
CA THR F 378 14.26 -27.51 -16.52
C THR F 378 14.61 -28.27 -17.80
N LEU F 379 15.32 -29.39 -17.62
CA LEU F 379 15.71 -30.23 -18.75
C LEU F 379 14.72 -31.39 -18.82
N ILE F 380 14.05 -31.47 -19.98
CA ILE F 380 12.98 -32.46 -20.17
C ILE F 380 13.18 -33.63 -21.09
N ASP F 381 12.60 -34.77 -20.68
CA ASP F 381 12.56 -36.05 -21.42
C ASP F 381 11.68 -37.05 -20.62
N VAL F 382 10.42 -36.70 -20.45
CA VAL F 382 9.52 -37.56 -19.71
C VAL F 382 8.50 -38.21 -20.64
N PRO F 383 8.20 -39.51 -20.41
CA PRO F 383 7.25 -40.26 -21.22
C PRO F 383 5.83 -39.99 -20.71
N GLY F 384 5.67 -39.96 -19.39
CA GLY F 384 4.37 -39.70 -18.80
C GLY F 384 4.48 -40.02 -17.32
N PHE F 385 3.37 -40.33 -16.67
CA PHE F 385 3.47 -40.66 -15.27
C PHE F 385 3.58 -42.18 -15.15
N LEU F 386 4.14 -42.63 -14.03
CA LEU F 386 4.31 -44.06 -13.74
C LEU F 386 2.97 -44.70 -13.41
N PRO F 387 2.53 -45.68 -14.23
CA PRO F 387 1.26 -46.41 -14.07
C PRO F 387 1.24 -47.25 -12.82
N GLY F 388 0.05 -47.62 -12.37
CA GLY F 388 0.00 -48.43 -11.18
C GLY F 388 -1.08 -48.14 -10.18
N THR F 389 -1.54 -49.23 -9.56
CA THR F 389 -2.56 -49.14 -8.54
C THR F 389 -1.90 -48.43 -7.37
N SER F 390 -0.64 -48.77 -7.16
CA SER F 390 0.16 -48.20 -6.11
C SER F 390 0.16 -46.68 -6.19
N GLN F 391 0.29 -46.16 -7.40
CA GLN F 391 0.30 -44.73 -7.59
C GLN F 391 -1.06 -44.07 -7.34
N GLU F 392 -2.11 -44.57 -7.99
CA GLU F 392 -3.46 -44.02 -7.83
C GLU F 392 -3.96 -44.05 -6.42
N TYR F 393 -3.77 -45.19 -5.76
CA TYR F 393 -4.22 -45.33 -4.38
C TYR F 393 -3.37 -44.50 -3.47
N GLY F 394 -2.15 -44.24 -3.89
CA GLY F 394 -1.26 -43.41 -3.09
C GLY F 394 -1.56 -41.93 -3.25
N GLY F 395 -2.36 -41.59 -4.27
CA GLY F 395 -2.72 -40.20 -4.49
C GLY F 395 -1.90 -39.36 -5.46
N VAL F 396 -1.55 -39.91 -6.62
CA VAL F 396 -0.78 -39.12 -7.60
C VAL F 396 -1.60 -37.91 -8.01
N ILE F 397 -2.92 -38.03 -7.91
CA ILE F 397 -3.73 -36.92 -8.31
C ILE F 397 -3.28 -35.71 -7.50
N LYS F 398 -3.00 -35.90 -6.22
CA LYS F 398 -2.58 -34.78 -5.40
C LYS F 398 -1.07 -34.52 -5.47
N HIS F 399 -0.26 -35.51 -5.13
CA HIS F 399 1.20 -35.37 -5.20
C HIS F 399 1.67 -34.92 -6.58
N GLY F 400 1.17 -35.58 -7.63
CA GLY F 400 1.53 -35.25 -8.99
C GLY F 400 1.33 -33.77 -9.26
N ALA F 401 0.18 -33.25 -8.83
CA ALA F 401 -0.16 -31.83 -9.02
C ALA F 401 0.88 -30.90 -8.40
N LYS F 402 1.41 -31.28 -7.23
CA LYS F 402 2.39 -30.42 -6.56
C LYS F 402 3.46 -29.80 -7.48
N LEU F 403 4.09 -30.61 -8.33
CA LEU F 403 5.11 -30.08 -9.24
C LEU F 403 4.48 -29.12 -10.28
N LEU F 404 3.23 -29.43 -10.67
CA LEU F 404 2.50 -28.59 -11.63
C LEU F 404 2.30 -27.28 -10.90
N TYR F 405 1.73 -27.39 -9.71
CA TYR F 405 1.49 -26.22 -8.91
C TYR F 405 2.74 -25.40 -8.80
N ALA F 406 3.85 -26.05 -8.46
CA ALA F 406 5.13 -25.36 -8.30
C ALA F 406 5.55 -24.47 -9.48
N TYR F 407 5.49 -25.00 -10.69
CA TYR F 407 5.84 -24.23 -11.88
C TYR F 407 4.76 -23.18 -12.26
N GLY F 408 3.50 -23.49 -11.91
CA GLY F 408 2.41 -22.57 -12.19
C GLY F 408 2.61 -21.31 -11.40
N GLU F 409 2.89 -21.48 -10.11
CA GLU F 409 3.11 -20.40 -9.16
C GLU F 409 4.45 -19.65 -9.29
N ALA F 410 5.50 -20.33 -9.73
CA ALA F 410 6.80 -19.69 -9.88
C ALA F 410 6.77 -18.50 -10.79
N THR F 411 7.54 -17.50 -10.40
CA THR F 411 7.67 -16.29 -11.18
C THR F 411 9.13 -15.89 -11.45
N VAL F 412 10.09 -16.70 -11.00
CA VAL F 412 11.47 -16.36 -11.30
C VAL F 412 11.61 -16.61 -12.82
N PRO F 413 12.82 -16.46 -13.39
CA PRO F 413 12.94 -16.70 -14.82
C PRO F 413 12.91 -18.19 -15.04
N MET F 414 12.13 -18.67 -16.00
CA MET F 414 12.10 -20.09 -16.29
C MET F 414 12.48 -20.42 -17.74
N VAL F 415 13.60 -21.13 -17.90
CA VAL F 415 14.07 -21.57 -19.20
C VAL F 415 13.92 -23.10 -19.24
N THR F 416 13.50 -23.61 -20.39
CA THR F 416 13.30 -25.05 -20.57
C THR F 416 13.91 -25.57 -21.87
N VAL F 417 14.46 -26.78 -21.80
CA VAL F 417 15.04 -27.44 -22.97
C VAL F 417 14.54 -28.85 -22.94
N ILE F 418 13.80 -29.23 -23.97
CA ILE F 418 13.26 -30.59 -24.09
C ILE F 418 14.27 -31.32 -24.96
N THR F 419 14.90 -32.36 -24.41
CA THR F 419 15.89 -33.12 -25.16
C THR F 419 15.25 -34.22 -26.05
N ARG F 420 14.21 -34.87 -25.54
CA ARG F 420 13.55 -35.93 -26.29
C ARG F 420 12.02 -36.04 -26.11
N LYS F 421 11.61 -36.86 -25.16
CA LYS F 421 10.19 -37.10 -24.90
C LYS F 421 9.42 -36.02 -24.12
N ALA F 422 8.31 -35.58 -24.65
CA ALA F 422 7.50 -34.62 -23.89
C ALA F 422 6.05 -35.01 -24.17
N TYR F 423 5.51 -35.99 -23.46
CA TYR F 423 4.16 -36.44 -23.78
C TYR F 423 3.04 -36.22 -22.79
N GLY F 424 1.92 -35.72 -23.30
CA GLY F 424 0.75 -35.47 -22.46
C GLY F 424 0.92 -34.64 -21.17
N GLY F 425 0.11 -34.97 -20.18
CA GLY F 425 0.13 -34.27 -18.91
C GLY F 425 1.51 -33.91 -18.41
N ALA F 426 2.43 -34.87 -18.39
CA ALA F 426 3.78 -34.60 -17.92
C ALA F 426 4.37 -33.44 -18.71
N TYR F 427 4.19 -33.48 -20.02
CA TYR F 427 4.70 -32.43 -20.88
C TYR F 427 4.32 -31.07 -20.32
N VAL F 428 3.05 -30.94 -20.00
CA VAL F 428 2.48 -29.72 -19.46
C VAL F 428 3.14 -29.38 -18.13
N VAL F 429 3.23 -30.36 -17.23
CA VAL F 429 3.80 -30.14 -15.91
C VAL F 429 5.24 -29.71 -15.93
N MET F 430 6.05 -30.22 -16.85
CA MET F 430 7.46 -29.82 -16.87
C MET F 430 7.64 -28.41 -17.41
N SER F 431 7.43 -27.41 -16.55
CA SER F 431 7.62 -26.04 -16.96
C SER F 431 7.18 -25.76 -18.41
N SER F 432 5.97 -26.17 -18.77
CA SER F 432 5.50 -25.95 -20.13
C SER F 432 5.29 -24.46 -20.41
N LYS F 433 5.07 -24.07 -21.66
CA LYS F 433 4.86 -22.65 -21.92
C LYS F 433 3.53 -22.19 -21.38
N HIS F 434 2.68 -23.15 -21.05
CA HIS F 434 1.35 -22.87 -20.51
C HIS F 434 1.37 -22.49 -19.04
N LEU F 435 2.51 -22.79 -18.41
CA LEU F 435 2.74 -22.48 -17.02
C LEU F 435 3.50 -21.18 -16.97
N ARG F 436 3.61 -20.58 -18.16
CA ARG F 436 4.24 -19.30 -18.33
C ARG F 436 5.76 -19.26 -18.20
N ALA F 437 6.43 -20.33 -18.62
CA ALA F 437 7.90 -20.32 -18.58
C ALA F 437 8.30 -19.33 -19.67
N ASP F 438 9.47 -18.74 -19.51
CA ASP F 438 9.92 -17.76 -20.48
C ASP F 438 10.44 -18.35 -21.80
N PHE F 439 11.41 -19.26 -21.71
CA PHE F 439 12.00 -19.86 -22.90
C PHE F 439 11.74 -21.32 -22.96
N ASN F 440 11.10 -21.77 -24.03
CA ASN F 440 10.84 -23.18 -24.23
C ASN F 440 11.55 -23.64 -25.49
N TYR F 441 12.80 -24.06 -25.26
CA TYR F 441 13.71 -24.55 -26.29
C TYR F 441 13.48 -26.01 -26.52
N ALA F 442 13.89 -26.49 -27.70
CA ALA F 442 13.76 -27.92 -28.00
C ALA F 442 14.91 -28.43 -28.83
N TRP F 443 15.31 -29.65 -28.54
CA TRP F 443 16.35 -30.28 -29.33
C TRP F 443 15.58 -30.86 -30.53
N PRO F 444 16.26 -31.06 -31.65
CA PRO F 444 15.50 -31.60 -32.78
C PRO F 444 14.95 -32.98 -32.43
N THR F 445 15.63 -33.68 -31.52
CA THR F 445 15.16 -35.01 -31.15
C THR F 445 13.92 -34.93 -30.24
N ALA F 446 13.43 -33.72 -29.99
CA ALA F 446 12.26 -33.59 -29.14
C ALA F 446 11.05 -34.16 -29.84
N GLU F 447 10.10 -34.62 -29.02
CA GLU F 447 8.83 -35.21 -29.45
C GLU F 447 7.76 -34.76 -28.50
N VAL F 448 7.01 -33.74 -28.87
CA VAL F 448 5.92 -33.29 -28.02
C VAL F 448 4.56 -33.69 -28.65
N ALA F 449 3.76 -34.43 -27.88
CA ALA F 449 2.45 -34.91 -28.34
C ALA F 449 1.58 -35.51 -27.23
N VAL F 450 0.26 -35.49 -27.52
CA VAL F 450 -0.81 -35.98 -26.65
C VAL F 450 -0.47 -37.28 -25.97
N MET F 451 0.09 -38.20 -26.76
CA MET F 451 0.53 -39.51 -26.27
C MET F 451 1.36 -40.18 -27.37
N GLY F 452 1.88 -41.36 -27.10
CA GLY F 452 2.69 -42.03 -28.11
C GLY F 452 1.87 -42.36 -29.34
N ALA F 453 2.54 -42.37 -30.51
CA ALA F 453 1.88 -42.67 -31.78
C ALA F 453 0.98 -43.90 -31.65
N LYS F 454 1.50 -44.96 -31.05
CA LYS F 454 0.73 -46.18 -30.88
C LYS F 454 -0.63 -45.94 -30.24
N GLY F 455 -0.62 -45.59 -28.96
CA GLY F 455 -1.84 -45.37 -28.23
C GLY F 455 -2.72 -44.32 -28.88
N ALA F 456 -2.07 -43.30 -29.41
CA ALA F 456 -2.80 -42.23 -30.07
C ALA F 456 -3.68 -42.85 -31.14
N THR F 457 -3.04 -43.68 -31.98
CA THR F 457 -3.69 -44.37 -33.10
C THR F 457 -4.90 -45.22 -32.70
N GLU F 458 -4.70 -46.08 -31.70
CA GLU F 458 -5.76 -46.97 -31.24
C GLU F 458 -7.00 -46.20 -30.85
N ILE F 459 -6.82 -44.99 -30.36
CA ILE F 459 -7.96 -44.18 -29.97
C ILE F 459 -8.57 -43.51 -31.20
N ILE F 460 -7.73 -42.84 -32.00
CA ILE F 460 -8.19 -42.15 -33.19
C ILE F 460 -8.73 -43.06 -34.29
N HIS F 461 -8.25 -44.29 -34.35
CA HIS F 461 -8.70 -45.22 -35.38
C HIS F 461 -9.18 -46.55 -34.80
N ARG F 462 -10.43 -46.58 -34.32
CA ARG F 462 -10.99 -47.80 -33.72
C ARG F 462 -11.27 -48.87 -34.75
N GLY F 463 -12.20 -48.55 -35.65
CA GLY F 463 -12.53 -49.47 -36.71
C GLY F 463 -11.37 -49.53 -37.70
N ASP F 464 -10.28 -50.18 -37.28
CA ASP F 464 -9.09 -50.32 -38.13
C ASP F 464 -8.08 -51.26 -37.47
N LEU F 465 -8.40 -51.70 -36.26
CA LEU F 465 -7.53 -52.62 -35.50
C LEU F 465 -7.55 -54.04 -36.09
N GLY F 466 -8.73 -54.47 -36.55
CA GLY F 466 -8.86 -55.78 -37.15
C GLY F 466 -8.09 -55.85 -38.45
N ASP F 467 -7.32 -54.81 -38.73
CA ASP F 467 -6.53 -54.75 -39.95
C ASP F 467 -5.09 -54.35 -39.62
N PRO F 468 -4.37 -55.17 -38.82
CA PRO F 468 -2.99 -54.97 -38.39
C PRO F 468 -2.01 -54.29 -39.35
N GLU F 469 -2.51 -53.91 -40.52
CA GLU F 469 -1.67 -53.19 -41.48
C GLU F 469 -2.15 -51.75 -41.52
N LYS F 470 -3.43 -51.54 -41.24
CA LYS F 470 -4.00 -50.20 -41.20
C LYS F 470 -3.38 -49.53 -39.99
N ILE F 471 -3.56 -50.15 -38.83
CA ILE F 471 -3.01 -49.62 -37.58
C ILE F 471 -1.48 -49.62 -37.60
N ALA F 472 -0.89 -50.52 -38.36
CA ALA F 472 0.56 -50.54 -38.44
C ALA F 472 0.97 -49.29 -39.21
N GLN F 473 0.11 -48.89 -40.16
CA GLN F 473 0.38 -47.74 -40.98
C GLN F 473 -0.12 -46.47 -40.33
N HIS F 474 -1.24 -46.55 -39.65
CA HIS F 474 -1.77 -45.39 -38.98
C HIS F 474 -0.79 -44.89 -37.95
N THR F 475 -0.12 -45.83 -37.29
CA THR F 475 0.86 -45.46 -36.30
C THR F 475 2.05 -44.85 -36.97
N ALA F 476 2.53 -45.52 -38.01
CA ALA F 476 3.69 -45.03 -38.75
C ALA F 476 3.49 -43.60 -39.26
N ASP F 477 2.25 -43.13 -39.37
CA ASP F 477 2.00 -41.77 -39.84
C ASP F 477 2.01 -40.84 -38.65
N TYR F 478 1.29 -41.22 -37.59
CA TYR F 478 1.25 -40.40 -36.37
C TYR F 478 2.69 -40.16 -35.97
N GLU F 479 3.46 -41.23 -35.98
CA GLU F 479 4.86 -41.16 -35.65
C GLU F 479 5.50 -40.08 -36.54
N GLU F 480 5.47 -40.30 -37.84
CA GLU F 480 6.07 -39.36 -38.78
C GLU F 480 5.53 -37.94 -38.77
N ARG F 481 4.30 -37.77 -38.34
CA ARG F 481 3.66 -36.47 -38.38
C ARG F 481 3.57 -35.68 -37.08
N PHE F 482 3.65 -36.38 -35.96
CA PHE F 482 3.50 -35.69 -34.69
C PHE F 482 4.59 -35.85 -33.67
N ALA F 483 5.28 -36.99 -33.69
CA ALA F 483 6.35 -37.20 -32.75
C ALA F 483 7.57 -36.41 -33.17
N ASN F 484 7.59 -35.14 -32.77
CA ASN F 484 8.70 -34.24 -33.06
C ASN F 484 8.45 -32.93 -32.34
N PRO F 485 9.25 -31.89 -32.64
CA PRO F 485 8.99 -30.65 -31.93
C PRO F 485 8.31 -29.61 -32.83
N PHE F 486 8.17 -29.93 -34.11
CA PHE F 486 7.63 -28.94 -35.03
C PHE F 486 6.17 -28.58 -35.01
N VAL F 487 5.31 -29.47 -34.57
CA VAL F 487 3.91 -29.09 -34.52
C VAL F 487 3.78 -28.08 -33.38
N ALA F 488 4.54 -28.32 -32.31
CA ALA F 488 4.55 -27.46 -31.16
C ALA F 488 5.16 -26.14 -31.55
N SER F 489 6.01 -26.15 -32.57
CA SER F 489 6.67 -24.93 -33.04
C SER F 489 5.68 -24.11 -33.84
N GLU F 490 4.87 -24.79 -34.63
CA GLU F 490 3.91 -24.08 -35.44
C GLU F 490 2.99 -23.29 -34.54
N ARG F 491 2.74 -23.84 -33.37
CA ARG F 491 1.87 -23.22 -32.38
C ARG F 491 2.52 -22.20 -31.48
N GLY F 492 3.85 -22.11 -31.48
CA GLY F 492 4.55 -21.17 -30.61
C GLY F 492 4.97 -21.74 -29.25
N PHE F 493 4.46 -22.92 -28.92
CA PHE F 493 4.75 -23.59 -27.66
C PHE F 493 6.22 -23.87 -27.42
N VAL F 494 7.01 -23.88 -28.49
CA VAL F 494 8.46 -24.08 -28.39
C VAL F 494 8.99 -22.86 -29.10
N ASP F 495 9.57 -21.93 -28.35
CA ASP F 495 10.06 -20.71 -28.94
C ASP F 495 11.12 -20.98 -30.00
N GLU F 496 11.87 -22.05 -29.83
CA GLU F 496 12.89 -22.42 -30.80
C GLU F 496 13.42 -23.83 -30.63
N VAL F 497 13.89 -24.39 -31.76
CA VAL F 497 14.51 -25.71 -31.84
C VAL F 497 15.99 -25.44 -32.08
N ILE F 498 16.82 -25.89 -31.15
CA ILE F 498 18.23 -25.61 -31.23
C ILE F 498 19.13 -26.80 -31.41
N GLN F 499 20.34 -26.49 -31.86
CA GLN F 499 21.37 -27.48 -32.10
C GLN F 499 21.88 -27.81 -30.70
N PRO F 500 21.80 -29.09 -30.31
CA PRO F 500 22.25 -29.46 -28.97
C PRO F 500 23.55 -28.86 -28.43
N ARG F 501 24.59 -28.80 -29.27
CA ARG F 501 25.88 -28.26 -28.87
C ARG F 501 25.77 -26.83 -28.34
N SER F 502 24.80 -26.06 -28.86
CA SER F 502 24.66 -24.66 -28.44
C SER F 502 23.78 -24.35 -27.21
N THR F 503 23.26 -25.38 -26.55
CA THR F 503 22.42 -25.25 -25.36
C THR F 503 23.03 -24.29 -24.31
N ARG F 504 24.27 -24.54 -23.90
CA ARG F 504 24.95 -23.67 -22.93
C ARG F 504 24.83 -22.23 -23.42
N LYS F 505 25.19 -21.98 -24.67
CA LYS F 505 25.09 -20.64 -25.17
C LYS F 505 23.67 -20.09 -25.09
N ARG F 506 22.70 -20.81 -25.68
CA ARG F 506 21.28 -20.41 -25.71
C ARG F 506 20.64 -20.03 -24.36
N VAL F 507 20.80 -20.96 -23.44
CA VAL F 507 20.31 -20.87 -22.07
C VAL F 507 20.95 -19.71 -21.27
N ALA F 508 22.27 -19.61 -21.28
CA ALA F 508 22.97 -18.58 -20.53
C ALA F 508 22.48 -17.16 -20.85
N ARG F 509 22.35 -16.84 -22.14
CA ARG F 509 21.92 -15.49 -22.47
C ARG F 509 20.42 -15.40 -22.29
N ALA F 510 19.74 -16.52 -22.36
CA ALA F 510 18.30 -16.49 -22.16
C ALA F 510 18.02 -15.95 -20.76
N PHE F 511 18.77 -16.47 -19.77
CA PHE F 511 18.61 -16.06 -18.39
C PHE F 511 19.14 -14.68 -18.24
N ALA F 512 20.24 -14.40 -18.95
CA ALA F 512 20.84 -13.07 -18.84
C ALA F 512 19.80 -11.99 -19.09
N SER F 513 19.02 -12.18 -20.13
CA SER F 513 17.95 -11.26 -20.54
C SER F 513 16.74 -11.26 -19.60
N LEU F 514 16.71 -12.17 -18.66
CA LEU F 514 15.59 -12.26 -17.75
C LEU F 514 15.93 -11.77 -16.35
N ARG F 515 17.13 -11.24 -16.18
CA ARG F 515 17.54 -10.79 -14.84
C ARG F 515 16.65 -9.72 -14.28
N ASN F 516 15.95 -9.04 -15.18
CA ASN F 516 15.05 -7.98 -14.79
C ASN F 516 13.59 -8.42 -14.78
N LYS F 517 13.31 -9.69 -15.08
CA LYS F 517 11.93 -10.13 -15.11
C LYS F 517 11.24 -9.77 -13.85
N SER F 518 9.98 -9.41 -13.96
CA SER F 518 9.15 -9.07 -12.81
C SER F 518 7.71 -9.42 -13.18
N VAL F 519 7.12 -10.29 -12.40
CA VAL F 519 5.80 -10.73 -12.74
C VAL F 519 5.03 -10.85 -11.47
N GLN F 520 3.76 -10.43 -11.54
CA GLN F 520 2.91 -10.45 -10.37
C GLN F 520 1.82 -11.53 -10.31
N MET F 521 1.78 -12.26 -9.19
CA MET F 521 0.73 -13.24 -8.95
C MET F 521 -0.35 -12.41 -8.21
N PRO F 522 -1.62 -12.85 -8.26
CA PRO F 522 -2.72 -12.17 -7.61
C PRO F 522 -2.50 -12.07 -6.12
N TRP F 523 -3.13 -11.10 -5.45
CA TRP F 523 -2.90 -11.02 -4.02
C TRP F 523 -3.69 -12.05 -3.26
N LYS F 524 -3.03 -12.59 -2.24
CA LYS F 524 -3.62 -13.61 -1.39
C LYS F 524 -2.77 -13.79 -0.12
N LYS F 525 -3.39 -14.15 1.00
CA LYS F 525 -2.64 -14.37 2.23
C LYS F 525 -1.57 -15.42 1.91
N HIS F 526 -2.01 -16.51 1.29
CA HIS F 526 -1.09 -17.57 0.90
C HIS F 526 -1.78 -18.56 -0.04
N ASP F 527 -1.04 -19.53 -0.56
CA ASP F 527 -1.59 -20.50 -1.48
C ASP F 527 -2.33 -21.59 -0.74
N ASN F 528 -2.89 -22.55 -1.49
CA ASN F 528 -3.59 -23.71 -0.92
C ASN F 528 -3.17 -25.02 -1.58
N ILE F 529 -1.91 -25.07 -2.04
CA ILE F 529 -1.34 -26.23 -2.73
C ILE F 529 -1.77 -27.56 -2.09
N PRO F 530 -2.04 -28.59 -2.90
CA PRO F 530 -2.47 -29.89 -2.37
C PRO F 530 -1.36 -30.40 -1.45
N LEU F 531 -1.72 -31.16 -0.40
CA LEU F 531 -0.72 -31.67 0.57
C LEU F 531 -0.64 -33.19 0.56
N PHE G 2 -40.21 -40.69 62.55
CA PHE G 2 -40.13 -40.21 61.14
C PHE G 2 -38.95 -39.27 60.96
N ASN G 3 -37.94 -39.72 60.22
CA ASN G 3 -36.75 -38.92 59.95
C ASN G 3 -35.81 -39.64 58.97
N LYS G 4 -34.54 -39.79 59.35
CA LYS G 4 -33.54 -40.42 58.49
C LYS G 4 -33.92 -41.82 58.02
N ILE G 5 -34.57 -41.89 56.85
CA ILE G 5 -35.00 -43.14 56.24
C ILE G 5 -34.18 -43.44 54.99
N LEU G 6 -33.53 -44.59 54.98
CA LEU G 6 -32.71 -44.96 53.85
C LEU G 6 -33.52 -45.64 52.78
N ILE G 7 -32.94 -45.80 51.59
CA ILE G 7 -33.55 -46.46 50.43
C ILE G 7 -32.60 -47.57 49.96
N ALA G 8 -33.10 -48.79 49.91
CA ALA G 8 -32.30 -49.93 49.50
C ALA G 8 -32.32 -50.14 48.00
N ASN G 9 -33.00 -49.23 47.29
CA ASN G 9 -33.11 -49.35 45.84
C ASN G 9 -32.43 -48.18 45.11
N ARG G 10 -32.78 -48.00 43.84
CA ARG G 10 -32.19 -46.96 43.02
C ARG G 10 -33.13 -46.48 41.92
N GLY G 11 -32.57 -46.35 40.73
CA GLY G 11 -33.33 -45.92 39.57
C GLY G 11 -34.46 -44.94 39.81
N GLU G 12 -35.50 -45.10 39.01
CA GLU G 12 -36.67 -44.26 39.06
C GLU G 12 -37.38 -44.46 40.37
N ILE G 13 -37.49 -45.71 40.79
CA ILE G 13 -38.19 -46.03 42.03
C ILE G 13 -37.61 -45.27 43.22
N ALA G 14 -36.29 -45.28 43.34
CA ALA G 14 -35.62 -44.59 44.44
C ALA G 14 -36.12 -43.17 44.48
N CYS G 15 -36.06 -42.50 43.33
CA CYS G 15 -36.53 -41.13 43.26
C CYS G 15 -37.99 -41.15 43.68
N ARG G 16 -38.74 -42.12 43.15
CA ARG G 16 -40.17 -42.26 43.47
C ARG G 16 -40.47 -42.15 44.94
N VAL G 17 -39.69 -42.84 45.76
CA VAL G 17 -39.90 -42.78 47.21
C VAL G 17 -39.32 -41.48 47.78
N ILE G 18 -38.05 -41.19 47.46
CA ILE G 18 -37.38 -40.00 47.95
C ILE G 18 -38.24 -38.78 47.77
N LYS G 19 -38.80 -38.63 46.59
CA LYS G 19 -39.65 -37.47 46.27
C LYS G 19 -40.84 -37.37 47.21
N THR G 20 -41.23 -38.51 47.79
CA THR G 20 -42.34 -38.55 48.72
C THR G 20 -41.84 -38.30 50.14
N ALA G 21 -40.78 -39.00 50.52
CA ALA G 21 -40.20 -38.86 51.85
C ALA G 21 -40.02 -37.38 52.20
N ARG G 22 -39.21 -36.72 51.41
CA ARG G 22 -38.91 -35.30 51.61
C ARG G 22 -40.14 -34.41 51.42
N LYS G 23 -41.18 -34.88 50.74
CA LYS G 23 -42.38 -34.06 50.55
C LYS G 23 -43.17 -33.98 51.84
N MET G 24 -42.81 -34.84 52.80
CA MET G 24 -43.43 -34.87 54.12
C MET G 24 -42.31 -34.62 55.13
N GLY G 25 -41.42 -33.71 54.79
CA GLY G 25 -40.31 -33.39 55.68
C GLY G 25 -39.78 -34.60 56.39
N ILE G 26 -39.02 -35.43 55.68
CA ILE G 26 -38.45 -36.64 56.25
C ILE G 26 -37.00 -36.77 55.77
N SER G 27 -36.05 -36.71 56.68
CA SER G 27 -34.62 -36.80 56.32
C SER G 27 -34.33 -37.94 55.33
N THR G 28 -34.11 -37.58 54.07
CA THR G 28 -33.85 -38.59 53.06
C THR G 28 -32.38 -39.04 53.02
N VAL G 29 -32.18 -40.31 52.66
CA VAL G 29 -30.85 -40.90 52.57
C VAL G 29 -30.85 -41.95 51.45
N ALA G 30 -29.70 -42.13 50.79
CA ALA G 30 -29.63 -43.11 49.70
C ALA G 30 -28.32 -43.85 49.72
N ILE G 31 -28.17 -44.79 48.79
CA ILE G 31 -26.97 -45.59 48.65
C ILE G 31 -26.71 -45.64 47.17
N TYR G 32 -25.55 -46.13 46.75
CA TYR G 32 -25.23 -46.19 45.33
C TYR G 32 -23.95 -46.96 45.01
N SER G 33 -23.97 -47.76 43.95
CA SER G 33 -22.77 -48.50 43.60
C SER G 33 -21.77 -47.52 43.01
N ASP G 34 -20.81 -48.04 42.24
CA ASP G 34 -19.81 -47.19 41.61
C ASP G 34 -20.42 -46.54 40.38
N ALA G 35 -20.83 -47.39 39.42
CA ALA G 35 -21.46 -46.91 38.19
C ALA G 35 -22.85 -46.38 38.51
N ASP G 36 -22.93 -45.51 39.51
CA ASP G 36 -24.19 -44.95 39.96
C ASP G 36 -23.97 -43.73 40.86
N LYS G 37 -22.79 -43.13 40.76
CA LYS G 37 -22.45 -41.94 41.56
C LYS G 37 -23.20 -40.76 40.96
N GLN G 38 -23.50 -40.88 39.68
CA GLN G 38 -24.22 -39.88 38.91
C GLN G 38 -25.72 -39.92 39.23
N ALA G 39 -26.30 -41.10 39.05
CA ALA G 39 -27.72 -41.38 39.29
C ALA G 39 -28.52 -40.26 39.93
N LEU G 40 -29.68 -40.00 39.35
CA LEU G 40 -30.57 -38.95 39.80
C LEU G 40 -31.05 -39.11 41.24
N HIS G 41 -31.15 -40.36 41.71
CA HIS G 41 -31.61 -40.57 43.08
C HIS G 41 -30.56 -40.08 44.07
N VAL G 42 -29.30 -40.39 43.78
CA VAL G 42 -28.17 -39.97 44.63
C VAL G 42 -28.38 -38.51 45.00
N GLN G 43 -28.35 -37.66 43.99
CA GLN G 43 -28.49 -36.23 44.21
C GLN G 43 -29.85 -35.76 44.77
N MET G 44 -30.86 -36.62 44.76
CA MET G 44 -32.17 -36.20 45.27
C MET G 44 -32.27 -36.34 46.79
N ALA G 45 -31.49 -37.25 47.32
CA ALA G 45 -31.49 -37.51 48.75
C ALA G 45 -30.66 -36.49 49.53
N ASP G 46 -30.90 -36.41 50.85
CA ASP G 46 -30.17 -35.49 51.72
C ASP G 46 -28.85 -36.08 52.18
N GLU G 47 -28.57 -37.31 51.73
CA GLU G 47 -27.33 -37.99 52.08
C GLU G 47 -27.15 -39.09 51.07
N ALA G 48 -26.01 -39.77 51.15
CA ALA G 48 -25.75 -40.86 50.22
C ALA G 48 -24.48 -41.57 50.65
N VAL G 49 -24.46 -42.89 50.50
CA VAL G 49 -23.30 -43.67 50.89
C VAL G 49 -22.98 -44.69 49.82
N HIS G 50 -21.70 -44.87 49.52
CA HIS G 50 -21.29 -45.84 48.51
C HIS G 50 -21.75 -47.18 49.04
N ILE G 51 -21.63 -48.20 48.22
CA ILE G 51 -22.03 -49.55 48.62
C ILE G 51 -21.30 -50.56 47.76
N GLY G 52 -20.14 -50.19 47.25
CA GLY G 52 -19.39 -51.14 46.45
C GLY G 52 -19.44 -50.94 44.96
N PRO G 53 -19.07 -51.98 44.18
CA PRO G 53 -19.04 -52.00 42.72
C PRO G 53 -20.38 -51.86 42.03
N PRO G 54 -20.38 -51.81 40.70
CA PRO G 54 -21.63 -51.67 39.96
C PRO G 54 -22.61 -52.83 40.09
N PRO G 55 -22.13 -54.11 40.09
CA PRO G 55 -23.12 -55.18 40.22
C PRO G 55 -23.76 -55.11 41.59
N ALA G 56 -25.07 -55.29 41.65
CA ALA G 56 -25.82 -55.21 42.91
C ALA G 56 -25.60 -56.44 43.77
N ASN G 57 -25.10 -57.51 43.16
CA ASN G 57 -24.79 -58.73 43.89
C ASN G 57 -23.47 -58.46 44.61
N GLN G 58 -23.17 -57.17 44.78
CA GLN G 58 -21.93 -56.71 45.42
C GLN G 58 -22.12 -55.28 45.91
N SER G 59 -23.36 -54.79 45.90
CA SER G 59 -23.62 -53.42 46.33
C SER G 59 -25.04 -53.11 46.76
N TYR G 60 -26.02 -53.54 45.96
CA TYR G 60 -27.41 -53.26 46.29
C TYR G 60 -28.13 -54.42 46.98
N ILE G 61 -27.62 -55.62 46.79
CA ILE G 61 -28.20 -56.80 47.43
C ILE G 61 -27.45 -57.15 48.72
N VAL G 62 -26.13 -56.93 48.75
CA VAL G 62 -25.31 -57.21 49.92
C VAL G 62 -25.91 -56.56 51.17
N ILE G 63 -26.46 -57.40 52.05
CA ILE G 63 -27.13 -56.92 53.26
C ILE G 63 -26.19 -56.31 54.28
N ASP G 64 -24.95 -56.79 54.30
CA ASP G 64 -23.93 -56.27 55.22
C ASP G 64 -23.71 -54.80 54.85
N LYS G 65 -23.33 -54.61 53.58
CA LYS G 65 -23.08 -53.30 53.01
C LYS G 65 -24.23 -52.35 53.39
N VAL G 66 -25.43 -52.71 52.96
CA VAL G 66 -26.62 -51.91 53.23
C VAL G 66 -26.65 -51.52 54.70
N MET G 67 -26.81 -52.53 55.54
CA MET G 67 -26.86 -52.36 56.99
C MET G 67 -25.81 -51.37 57.48
N ALA G 68 -24.54 -51.72 57.30
CA ALA G 68 -23.41 -50.88 57.72
C ALA G 68 -23.71 -49.39 57.52
N ALA G 69 -24.45 -49.12 56.45
CA ALA G 69 -24.83 -47.75 56.09
C ALA G 69 -26.11 -47.31 56.76
N ILE G 70 -27.06 -48.25 56.88
CA ILE G 70 -28.35 -47.94 57.49
C ILE G 70 -28.15 -47.40 58.89
N ARG G 71 -27.12 -47.90 59.54
CA ARG G 71 -26.79 -47.45 60.88
C ARG G 71 -25.81 -46.30 60.67
N ALA G 72 -24.85 -46.50 59.77
CA ALA G 72 -23.85 -45.49 59.46
C ALA G 72 -24.54 -44.14 59.28
N THR G 73 -25.79 -44.15 58.80
CA THR G 73 -26.56 -42.93 58.59
C THR G 73 -27.73 -42.85 59.57
N GLY G 74 -27.84 -43.87 60.42
CA GLY G 74 -28.90 -43.92 61.39
C GLY G 74 -30.26 -44.14 60.73
N ALA G 75 -30.79 -45.36 60.84
CA ALA G 75 -32.07 -45.69 60.23
C ALA G 75 -33.28 -45.01 60.91
N GLN G 76 -34.46 -45.56 60.68
CA GLN G 76 -35.72 -45.03 61.23
C GLN G 76 -36.85 -45.63 60.41
N ALA G 77 -36.51 -46.08 59.21
CA ALA G 77 -37.47 -46.67 58.29
C ALA G 77 -36.86 -46.82 56.90
N VAL G 78 -36.23 -47.95 56.63
CA VAL G 78 -35.65 -48.19 55.32
C VAL G 78 -36.76 -48.66 54.38
N HIS G 79 -36.61 -48.34 53.08
CA HIS G 79 -37.58 -48.75 52.07
C HIS G 79 -36.82 -49.50 50.99
N PRO G 80 -37.35 -50.64 50.53
CA PRO G 80 -36.65 -51.41 49.49
C PRO G 80 -37.11 -51.14 48.07
N GLY G 81 -38.14 -50.31 47.93
CA GLY G 81 -38.63 -50.04 46.60
C GLY G 81 -39.23 -51.33 46.11
N TYR G 82 -38.50 -52.07 45.29
CA TYR G 82 -38.99 -53.34 44.77
C TYR G 82 -37.95 -54.12 43.99
N GLY G 83 -38.29 -55.35 43.62
CA GLY G 83 -37.38 -56.18 42.85
C GLY G 83 -35.96 -56.40 43.35
N PHE G 84 -35.67 -56.02 44.59
CA PHE G 84 -34.32 -56.21 45.15
C PHE G 84 -34.46 -57.00 46.45
N LEU G 85 -34.37 -56.29 47.57
CA LEU G 85 -34.51 -56.91 48.87
C LEU G 85 -35.91 -56.64 49.39
N SER G 86 -36.76 -56.10 48.52
CA SER G 86 -38.14 -55.80 48.89
C SER G 86 -38.82 -57.06 49.40
N GLU G 87 -38.28 -58.21 48.99
CA GLU G 87 -38.82 -59.49 49.39
C GLU G 87 -37.74 -60.54 49.63
N ASN G 88 -36.83 -60.26 50.56
CA ASN G 88 -35.78 -61.20 50.92
C ASN G 88 -35.65 -61.19 52.45
N SER G 89 -36.34 -62.14 53.07
CA SER G 89 -36.36 -62.31 54.52
C SER G 89 -35.06 -61.94 55.24
N LYS G 90 -33.95 -62.56 54.85
CA LYS G 90 -32.67 -62.26 55.49
C LYS G 90 -32.57 -60.79 55.86
N PHE G 91 -32.77 -59.92 54.87
CA PHE G 91 -32.70 -58.48 55.08
C PHE G 91 -33.88 -58.02 55.96
N ALA G 92 -35.03 -58.67 55.81
CA ALA G 92 -36.24 -58.33 56.58
C ALA G 92 -36.08 -58.47 58.09
N GLU G 93 -35.26 -59.43 58.49
CA GLU G 93 -35.03 -59.71 59.91
C GLU G 93 -33.89 -58.86 60.46
N ALA G 94 -32.81 -58.76 59.71
CA ALA G 94 -31.66 -57.98 60.12
C ALA G 94 -32.10 -56.55 60.48
N LEU G 95 -33.22 -56.10 59.89
CA LEU G 95 -33.74 -54.75 60.15
C LEU G 95 -34.43 -54.68 61.50
N GLU G 96 -35.20 -55.72 61.81
CA GLU G 96 -35.91 -55.81 63.08
C GLU G 96 -34.88 -56.00 64.20
N ALA G 97 -33.77 -56.64 63.83
CA ALA G 97 -32.67 -56.87 64.75
C ALA G 97 -32.00 -55.54 65.01
N GLU G 98 -32.67 -54.45 64.61
CA GLU G 98 -32.17 -53.09 64.77
C GLU G 98 -33.31 -52.14 65.13
N GLY G 99 -34.51 -52.43 64.63
CA GLY G 99 -35.65 -51.56 64.89
C GLY G 99 -36.00 -50.76 63.65
N VAL G 100 -35.22 -50.95 62.59
CA VAL G 100 -35.45 -50.26 61.33
C VAL G 100 -36.73 -50.81 60.70
N ILE G 101 -37.79 -50.02 60.75
CA ILE G 101 -39.08 -50.42 60.20
C ILE G 101 -39.12 -50.67 58.68
N PHE G 102 -38.79 -51.88 58.25
CA PHE G 102 -38.84 -52.23 56.82
C PHE G 102 -40.25 -51.91 56.32
N VAL G 103 -40.46 -50.68 55.86
CA VAL G 103 -41.77 -50.26 55.38
C VAL G 103 -42.24 -51.18 54.25
N GLY G 104 -43.27 -51.99 54.55
CA GLY G 104 -43.79 -52.91 53.56
C GLY G 104 -44.57 -54.05 54.21
N PRO G 105 -44.31 -55.31 53.82
CA PRO G 105 -45.02 -56.45 54.41
C PRO G 105 -44.12 -57.19 55.41
N PRO G 106 -44.73 -57.89 56.39
CA PRO G 106 -44.02 -58.65 57.42
C PRO G 106 -43.33 -59.90 56.85
N LYS G 107 -42.04 -60.09 57.14
CA LYS G 107 -41.28 -61.22 56.59
C LYS G 107 -42.02 -62.55 56.58
N GLY G 108 -43.16 -62.59 57.26
CA GLY G 108 -43.94 -63.81 57.29
C GLY G 108 -44.78 -63.91 56.03
N ALA G 109 -45.77 -63.04 55.93
CA ALA G 109 -46.67 -62.98 54.78
C ALA G 109 -45.88 -63.03 53.47
N ILE G 110 -44.67 -62.49 53.49
CA ILE G 110 -43.82 -62.48 52.30
C ILE G 110 -43.49 -63.91 51.87
N GLU G 111 -42.99 -64.72 52.79
CA GLU G 111 -42.65 -66.11 52.49
C GLU G 111 -43.93 -66.88 52.22
N ALA G 112 -45.03 -66.35 52.76
CA ALA G 112 -46.35 -66.93 52.59
C ALA G 112 -46.68 -67.01 51.12
N MET G 113 -46.88 -65.86 50.49
CA MET G 113 -47.21 -65.84 49.08
C MET G 113 -45.97 -66.01 48.22
N GLY G 114 -44.88 -66.44 48.84
CA GLY G 114 -43.64 -66.64 48.10
C GLY G 114 -43.64 -67.96 47.37
N ASP G 115 -44.33 -68.94 47.94
CA ASP G 115 -44.44 -70.29 47.36
C ASP G 115 -45.83 -70.53 46.78
N LYS G 116 -45.88 -70.98 45.54
CA LYS G 116 -47.15 -71.24 44.85
C LYS G 116 -48.12 -72.09 45.65
N ILE G 117 -47.71 -73.33 45.94
CA ILE G 117 -48.53 -74.29 46.68
C ILE G 117 -49.20 -73.65 47.88
N THR G 118 -48.38 -73.17 48.82
CA THR G 118 -48.87 -72.56 50.02
C THR G 118 -49.94 -71.53 49.71
N SER G 119 -49.63 -70.63 48.77
CA SER G 119 -50.54 -69.56 48.35
C SER G 119 -51.89 -70.10 47.90
N LYS G 120 -51.83 -71.15 47.08
CA LYS G 120 -53.02 -71.80 46.56
C LYS G 120 -53.99 -72.03 47.70
N LYS G 121 -53.50 -72.67 48.76
CA LYS G 121 -54.33 -72.97 49.93
C LYS G 121 -54.79 -71.72 50.67
N ILE G 122 -53.85 -70.85 51.02
CA ILE G 122 -54.15 -69.63 51.77
C ILE G 122 -55.27 -68.80 51.14
N ALA G 123 -55.58 -69.07 49.88
CA ALA G 123 -56.64 -68.34 49.19
C ALA G 123 -57.93 -69.15 49.22
N GLN G 124 -57.79 -70.47 49.21
CA GLN G 124 -58.92 -71.37 49.24
C GLN G 124 -59.89 -71.07 50.37
N GLU G 125 -59.54 -71.46 51.59
CA GLU G 125 -60.41 -71.21 52.75
C GLU G 125 -60.70 -69.72 52.88
N ALA G 126 -59.79 -68.91 52.35
CA ALA G 126 -59.96 -67.47 52.39
C ALA G 126 -61.08 -67.16 51.42
N ASN G 127 -61.68 -68.22 50.89
CA ASN G 127 -62.77 -68.13 49.92
C ASN G 127 -62.41 -67.23 48.74
N VAL G 128 -61.18 -67.36 48.28
CA VAL G 128 -60.70 -66.58 47.15
C VAL G 128 -60.84 -67.41 45.88
N SER G 129 -61.65 -66.92 44.95
CA SER G 129 -61.86 -67.59 43.68
C SER G 129 -60.54 -68.11 43.12
N THR G 130 -60.61 -69.19 42.35
CA THR G 130 -59.42 -69.79 41.74
C THR G 130 -59.84 -70.61 40.55
N VAL G 131 -59.00 -70.64 39.53
CA VAL G 131 -59.33 -71.38 38.34
C VAL G 131 -59.83 -72.75 38.74
N PRO G 132 -61.15 -72.99 38.58
CA PRO G 132 -61.88 -74.24 38.88
C PRO G 132 -61.49 -75.45 38.05
N GLY G 133 -61.61 -76.63 38.65
CA GLY G 133 -61.27 -77.86 37.95
C GLY G 133 -61.59 -79.08 38.79
N TYR G 134 -61.60 -80.23 38.13
CA TYR G 134 -61.88 -81.49 38.81
C TYR G 134 -60.83 -82.54 38.47
N MET G 135 -60.17 -83.04 39.50
CA MET G 135 -59.15 -84.07 39.35
C MET G 135 -59.65 -85.29 40.10
N GLY G 136 -59.97 -86.35 39.38
CA GLY G 136 -60.46 -87.53 40.04
C GLY G 136 -61.09 -88.46 39.04
N LEU G 137 -61.87 -89.42 39.53
CA LEU G 137 -62.50 -90.37 38.65
C LEU G 137 -64.01 -90.12 38.41
N ILE G 138 -64.41 -90.09 37.14
CA ILE G 138 -65.81 -89.86 36.77
C ILE G 138 -66.47 -91.17 36.41
N GLU G 139 -67.63 -91.45 36.99
CA GLU G 139 -68.30 -92.70 36.70
C GLU G 139 -68.69 -92.78 35.25
N ASP G 140 -69.75 -92.08 34.89
CA ASP G 140 -70.26 -92.07 33.52
C ASP G 140 -70.25 -90.69 32.86
N ALA G 141 -70.69 -90.65 31.61
CA ALA G 141 -70.75 -89.39 30.87
C ALA G 141 -71.68 -88.43 31.58
N ASP G 142 -72.68 -88.96 32.27
CA ASP G 142 -73.62 -88.09 32.97
C ASP G 142 -72.97 -87.30 34.09
N GLU G 143 -72.04 -87.90 34.81
CA GLU G 143 -71.37 -87.15 35.86
C GLU G 143 -70.37 -86.21 35.20
N ALA G 144 -69.74 -86.66 34.11
CA ALA G 144 -68.79 -85.82 33.39
C ALA G 144 -69.49 -84.49 33.21
N VAL G 145 -70.62 -84.55 32.51
CA VAL G 145 -71.45 -83.39 32.25
C VAL G 145 -71.95 -82.68 33.50
N LYS G 146 -72.25 -83.44 34.54
CA LYS G 146 -72.75 -82.85 35.77
C LYS G 146 -71.69 -81.91 36.39
N ILE G 147 -70.43 -82.30 36.27
CA ILE G 147 -69.27 -81.55 36.79
C ILE G 147 -68.95 -80.38 35.87
N SER G 148 -68.89 -80.66 34.57
CA SER G 148 -68.59 -79.64 33.57
C SER G 148 -69.56 -78.50 33.76
N ASN G 149 -70.84 -78.80 33.66
CA ASN G 149 -71.85 -77.76 33.84
C ASN G 149 -71.68 -77.12 35.19
N GLN G 150 -71.30 -77.91 36.18
CA GLN G 150 -71.08 -77.41 37.53
C GLN G 150 -69.90 -76.45 37.52
N ILE G 151 -68.95 -76.68 36.61
CA ILE G 151 -67.75 -75.85 36.46
C ILE G 151 -68.05 -74.61 35.60
N GLY G 152 -68.83 -74.80 34.54
CA GLY G 152 -69.15 -73.68 33.68
C GLY G 152 -68.29 -73.76 32.45
N TYR G 153 -68.88 -74.21 31.35
CA TYR G 153 -68.15 -74.35 30.11
C TYR G 153 -67.67 -72.96 29.72
N PRO G 154 -66.63 -72.88 28.86
CA PRO G 154 -65.94 -74.04 28.29
C PRO G 154 -64.97 -74.66 29.28
N VAL G 155 -64.78 -75.97 29.13
CA VAL G 155 -63.88 -76.73 29.98
C VAL G 155 -63.06 -77.64 29.06
N MET G 156 -61.96 -78.16 29.55
CA MET G 156 -61.12 -79.07 28.77
C MET G 156 -61.06 -80.40 29.51
N ILE G 157 -61.65 -81.46 28.94
CA ILE G 157 -61.64 -82.75 29.61
C ILE G 157 -60.43 -83.58 29.18
N LYS G 158 -59.50 -83.80 30.11
CA LYS G 158 -58.29 -84.55 29.82
C LYS G 158 -58.12 -85.74 30.73
N ALA G 159 -57.55 -86.81 30.20
CA ALA G 159 -57.28 -87.98 31.00
C ALA G 159 -56.11 -87.52 31.86
N SER G 160 -56.16 -87.72 33.16
CA SER G 160 -55.08 -87.28 34.04
C SER G 160 -53.68 -87.83 33.70
N ALA G 161 -53.64 -88.99 33.04
CA ALA G 161 -52.38 -89.60 32.65
C ALA G 161 -51.89 -89.07 31.31
N MET G 168 -55.74 -79.78 25.95
CA MET G 168 -55.75 -79.02 24.71
C MET G 168 -56.82 -79.49 23.74
N ARG G 169 -58.05 -79.09 24.04
CA ARG G 169 -59.23 -79.41 23.25
C ARG G 169 -60.41 -78.96 24.14
N ILE G 170 -61.09 -77.91 23.70
CA ILE G 170 -62.17 -77.32 24.49
C ILE G 170 -63.52 -77.99 24.30
N ALA G 171 -64.32 -77.94 25.35
CA ALA G 171 -65.66 -78.50 25.34
C ALA G 171 -66.59 -77.32 25.55
N TRP G 172 -67.42 -77.03 24.57
CA TRP G 172 -68.32 -75.89 24.64
C TRP G 172 -69.74 -76.19 25.11
N ASN G 173 -70.16 -77.44 24.95
CA ASN G 173 -71.50 -77.84 25.35
C ASN G 173 -71.40 -79.24 25.91
N ASP G 174 -72.32 -79.58 26.82
CA ASP G 174 -72.26 -80.91 27.41
C ASP G 174 -72.43 -82.00 26.37
N GLN G 175 -72.86 -81.63 25.16
CA GLN G 175 -73.00 -82.63 24.10
C GLN G 175 -71.61 -82.85 23.54
N GLU G 176 -70.71 -81.95 23.90
CA GLU G 176 -69.32 -82.00 23.48
C GLU G 176 -68.50 -82.62 24.60
N ALA G 177 -68.87 -82.28 25.83
CA ALA G 177 -68.18 -82.82 26.99
C ALA G 177 -68.32 -84.34 26.94
N ARG G 178 -69.45 -84.82 26.43
CA ARG G 178 -69.69 -86.25 26.30
C ARG G 178 -68.51 -86.95 25.62
N GLU G 179 -68.21 -86.57 24.38
CA GLU G 179 -67.11 -87.16 23.62
C GLU G 179 -65.76 -86.87 24.26
N GLY G 180 -65.62 -85.69 24.86
CA GLY G 180 -64.38 -85.35 25.52
C GLY G 180 -64.15 -86.43 26.57
N PHE G 181 -65.21 -86.74 27.32
CA PHE G 181 -65.16 -87.75 28.38
C PHE G 181 -64.91 -89.18 27.91
N GLN G 182 -65.62 -89.59 26.86
CA GLN G 182 -65.47 -90.94 26.32
C GLN G 182 -64.04 -91.22 25.94
N SER G 183 -63.45 -90.32 25.16
CA SER G 183 -62.06 -90.47 24.72
C SER G 183 -61.11 -90.39 25.90
N SER G 184 -61.52 -89.66 26.94
CA SER G 184 -60.70 -89.51 28.12
C SER G 184 -60.59 -90.80 28.93
N LYS G 185 -61.66 -91.58 29.00
CA LYS G 185 -61.57 -92.83 29.76
C LYS G 185 -60.42 -93.70 29.28
N ASN G 186 -59.75 -93.27 28.21
CA ASN G 186 -58.61 -94.03 27.66
C ASN G 186 -57.35 -93.15 27.58
N ASP G 195 -56.92 -94.73 36.89
CA ASP G 195 -57.76 -94.16 35.84
C ASP G 195 -58.46 -92.86 36.23
N ARG G 196 -57.70 -91.79 36.35
CA ARG G 196 -58.24 -90.51 36.73
C ARG G 196 -58.45 -89.55 35.57
N ILE G 197 -59.54 -88.80 35.62
CA ILE G 197 -59.85 -87.81 34.59
C ILE G 197 -59.80 -86.41 35.20
N PHE G 198 -59.50 -85.42 34.36
CA PHE G 198 -59.39 -84.04 34.78
C PHE G 198 -60.27 -83.11 33.95
N ILE G 199 -61.06 -82.29 34.63
CA ILE G 199 -61.92 -81.33 33.96
C ILE G 199 -61.50 -79.94 34.43
N GLU G 200 -60.91 -79.22 33.51
CA GLU G 200 -60.39 -77.87 33.75
C GLU G 200 -61.29 -76.80 33.10
N LYS G 201 -61.44 -75.68 33.80
CA LYS G 201 -62.23 -74.57 33.28
C LYS G 201 -61.37 -73.82 32.29
N PHE G 202 -61.81 -73.70 31.04
CA PHE G 202 -61.04 -72.96 30.03
C PHE G 202 -61.30 -71.45 30.16
N VAL G 203 -60.28 -70.62 30.03
CA VAL G 203 -60.53 -69.20 30.14
C VAL G 203 -60.70 -68.49 28.79
N THR G 204 -61.93 -68.06 28.54
CA THR G 204 -62.34 -67.37 27.33
C THR G 204 -61.31 -66.42 26.76
N GLN G 205 -61.20 -65.21 27.33
CA GLN G 205 -60.23 -64.25 26.83
C GLN G 205 -59.49 -63.68 27.99
N PRO G 206 -58.30 -64.23 28.27
CA PRO G 206 -57.47 -63.79 29.40
C PRO G 206 -57.11 -62.32 29.45
N ARG G 207 -57.49 -61.68 30.54
CA ARG G 207 -57.16 -60.29 30.74
C ARG G 207 -56.49 -60.24 32.09
N HIS G 208 -55.28 -59.71 32.15
CA HIS G 208 -54.53 -59.63 33.40
C HIS G 208 -55.05 -58.39 34.10
N ILE G 209 -55.88 -58.56 35.12
CA ILE G 209 -56.41 -57.41 35.85
C ILE G 209 -56.07 -57.53 37.33
N GLU G 210 -55.28 -56.58 37.86
CA GLU G 210 -54.86 -56.65 39.25
C GLU G 210 -55.52 -55.63 40.19
N ILE G 211 -55.45 -55.88 41.50
CA ILE G 211 -56.03 -54.99 42.51
C ILE G 211 -54.98 -54.52 43.52
N GLN G 212 -54.99 -53.21 43.80
CA GLN G 212 -54.04 -52.58 44.74
C GLN G 212 -54.74 -52.41 46.07
N VAL G 213 -54.22 -53.11 47.07
CA VAL G 213 -54.77 -53.09 48.40
C VAL G 213 -53.73 -52.59 49.37
N LEU G 214 -54.21 -52.01 50.46
CA LEU G 214 -53.35 -51.49 51.51
C LEU G 214 -54.01 -51.70 52.88
N CYS G 215 -53.23 -52.19 53.84
CA CYS G 215 -53.73 -52.46 55.16
C CYS G 215 -53.04 -51.56 56.19
N ASP G 216 -52.32 -52.22 57.12
CA ASP G 216 -51.53 -51.66 58.22
C ASP G 216 -51.46 -52.77 59.27
N SER G 217 -50.55 -52.68 60.24
CA SER G 217 -50.45 -53.74 61.26
C SER G 217 -51.54 -53.61 62.32
N HIS G 218 -52.60 -52.88 61.98
CA HIS G 218 -53.72 -52.64 62.88
C HIS G 218 -55.04 -53.23 62.34
N GLY G 219 -54.95 -54.41 61.73
CA GLY G 219 -56.13 -55.06 61.20
C GLY G 219 -56.90 -54.45 60.03
N ASN G 220 -56.91 -53.12 59.92
CA ASN G 220 -57.63 -52.45 58.83
C ASN G 220 -56.98 -52.73 57.47
N GLY G 221 -57.75 -52.51 56.41
CA GLY G 221 -57.22 -52.73 55.08
C GLY G 221 -58.26 -52.44 54.01
N ILE G 222 -57.83 -51.83 52.92
CA ILE G 222 -58.75 -51.52 51.83
C ILE G 222 -58.08 -51.57 50.46
N TYR G 223 -58.91 -51.65 49.42
CA TYR G 223 -58.41 -51.70 48.05
C TYR G 223 -58.65 -50.33 47.39
N LEU G 224 -57.85 -50.01 46.36
CA LEU G 224 -57.98 -48.72 45.66
C LEU G 224 -58.07 -48.93 44.15
N GLY G 225 -59.08 -49.67 43.70
CA GLY G 225 -59.25 -49.92 42.27
C GLY G 225 -58.39 -51.03 41.66
N GLU G 226 -58.57 -51.27 40.36
CA GLU G 226 -57.80 -52.29 39.65
C GLU G 226 -57.07 -51.76 38.41
N ARG G 227 -55.98 -52.42 38.07
CA ARG G 227 -55.18 -52.01 36.92
C ARG G 227 -55.12 -53.15 35.93
N GLU G 228 -55.30 -52.84 34.65
CA GLU G 228 -55.22 -53.88 33.65
C GLU G 228 -53.91 -53.82 32.88
N CYS G 229 -53.07 -54.82 33.09
CA CYS G 229 -51.79 -54.89 32.43
C CYS G 229 -51.81 -56.06 31.47
N SER G 230 -52.88 -56.22 30.70
CA SER G 230 -52.95 -57.33 29.75
C SER G 230 -51.88 -57.21 28.69
N ILE G 231 -51.66 -55.97 28.26
CA ILE G 231 -50.72 -55.69 27.20
C ILE G 231 -49.27 -55.83 27.66
N GLN G 232 -48.73 -57.04 27.56
CA GLN G 232 -47.35 -57.25 27.96
C GLN G 232 -46.65 -58.14 26.97
N ARG G 233 -45.37 -57.89 26.75
CA ARG G 233 -44.55 -58.66 25.83
C ARG G 233 -43.55 -59.57 26.57
N ARG G 234 -43.50 -60.83 26.16
CA ARG G 234 -42.61 -61.79 26.79
C ARG G 234 -42.77 -61.75 28.31
N ASN G 235 -44.00 -61.47 28.73
CA ASN G 235 -44.34 -61.39 30.15
C ASN G 235 -43.84 -60.13 30.84
N GLN G 236 -43.07 -59.31 30.13
CA GLN G 236 -42.60 -58.06 30.72
C GLN G 236 -43.74 -57.06 30.39
N LYS G 237 -44.27 -56.38 31.40
CA LYS G 237 -45.36 -55.42 31.19
C LYS G 237 -44.91 -54.23 30.37
N VAL G 238 -45.76 -53.83 29.43
CA VAL G 238 -45.46 -52.70 28.55
C VAL G 238 -46.38 -51.52 28.85
N VAL G 239 -47.68 -51.80 28.85
CA VAL G 239 -48.72 -50.79 29.07
C VAL G 239 -49.71 -51.17 30.17
N GLU G 240 -49.83 -50.30 31.16
CA GLU G 240 -50.76 -50.52 32.26
C GLU G 240 -51.78 -49.38 32.25
N GLU G 241 -53.03 -49.70 32.61
CA GLU G 241 -54.09 -48.70 32.69
C GLU G 241 -54.98 -48.94 33.91
N ALA G 242 -55.61 -47.89 34.38
CA ALA G 242 -56.51 -47.96 35.52
C ALA G 242 -57.63 -46.90 35.36
N PRO G 243 -58.89 -47.32 35.54
CA PRO G 243 -59.36 -48.66 35.88
C PRO G 243 -59.26 -49.58 34.67
N SER G 244 -60.06 -50.64 34.66
CA SER G 244 -60.00 -51.54 33.54
C SER G 244 -61.24 -51.28 32.71
N PRO G 245 -61.05 -51.16 31.40
CA PRO G 245 -62.09 -50.90 30.40
C PRO G 245 -63.09 -52.03 30.27
N PHE G 246 -62.82 -53.12 30.98
CA PHE G 246 -63.66 -54.29 30.90
C PHE G 246 -64.61 -54.49 32.06
N LEU G 247 -64.07 -54.87 33.20
CA LEU G 247 -64.91 -55.13 34.34
C LEU G 247 -65.66 -53.89 34.82
N ASP G 248 -66.95 -54.10 35.12
CA ASP G 248 -67.87 -53.09 35.61
C ASP G 248 -67.85 -52.94 37.14
N GLU G 249 -68.74 -52.09 37.66
CA GLU G 249 -68.83 -51.82 39.09
C GLU G 249 -68.97 -52.97 40.07
N ALA G 250 -69.97 -53.82 39.84
CA ALA G 250 -70.21 -54.97 40.70
C ALA G 250 -68.99 -55.88 40.68
N THR G 251 -68.68 -56.41 39.50
CA THR G 251 -67.54 -57.31 39.35
C THR G 251 -66.24 -56.69 39.87
N ARG G 252 -66.17 -55.36 39.85
CA ARG G 252 -65.01 -54.65 40.33
C ARG G 252 -64.97 -54.84 41.85
N ARG G 253 -66.01 -54.37 42.54
CA ARG G 253 -66.07 -54.53 43.98
C ARG G 253 -65.89 -56.01 44.32
N ALA G 254 -66.42 -56.85 43.46
CA ALA G 254 -66.30 -58.28 43.67
C ALA G 254 -64.82 -58.61 43.88
N MET G 255 -64.03 -58.31 42.85
CA MET G 255 -62.60 -58.56 42.88
C MET G 255 -61.99 -57.79 44.03
N GLY G 256 -62.43 -56.55 44.18
CA GLY G 256 -61.90 -55.71 45.23
C GLY G 256 -62.17 -56.21 46.62
N GLU G 257 -63.45 -56.46 46.92
CA GLU G 257 -63.87 -56.93 48.24
C GLU G 257 -63.13 -58.21 48.57
N GLN G 258 -63.13 -59.13 47.62
CA GLN G 258 -62.47 -60.40 47.82
C GLN G 258 -60.96 -60.22 47.89
N ALA G 259 -60.47 -59.20 47.21
CA ALA G 259 -59.05 -58.93 47.18
C ALA G 259 -58.60 -58.66 48.60
N VAL G 260 -59.06 -57.53 49.12
CA VAL G 260 -58.73 -57.10 50.47
C VAL G 260 -59.01 -58.18 51.51
N ALA G 261 -60.08 -58.94 51.29
CA ALA G 261 -60.41 -60.01 52.20
C ALA G 261 -59.18 -60.91 52.24
N LEU G 262 -58.78 -61.40 51.07
CA LEU G 262 -57.60 -62.25 50.99
C LEU G 262 -56.46 -61.58 51.72
N ALA G 263 -56.44 -60.25 51.67
CA ALA G 263 -55.38 -59.47 52.32
C ALA G 263 -55.18 -59.90 53.76
N LYS G 264 -56.04 -59.40 54.64
CA LYS G 264 -55.98 -59.70 56.05
C LYS G 264 -55.65 -61.18 56.28
N ALA G 265 -56.39 -62.04 55.62
CA ALA G 265 -56.21 -63.48 55.72
C ALA G 265 -54.76 -63.95 55.81
N VAL G 266 -53.81 -63.15 55.35
CA VAL G 266 -52.43 -63.57 55.40
C VAL G 266 -51.63 -62.66 56.32
N GLY G 267 -52.30 -61.63 56.82
CA GLY G 267 -51.63 -60.68 57.71
C GLY G 267 -50.73 -59.75 56.95
N TYR G 268 -51.27 -59.14 55.90
CA TYR G 268 -50.50 -58.19 55.08
C TYR G 268 -50.60 -56.81 55.71
N ALA G 269 -49.46 -56.14 55.75
CA ALA G 269 -49.35 -54.82 56.35
C ALA G 269 -49.46 -53.65 55.36
N SER G 270 -48.35 -53.28 54.73
CA SER G 270 -48.31 -52.16 53.79
C SER G 270 -49.30 -52.20 52.62
N ALA G 271 -48.82 -51.87 51.44
CA ALA G 271 -49.64 -51.91 50.25
C ALA G 271 -49.11 -53.08 49.45
N GLY G 272 -50.00 -53.77 48.75
CA GLY G 272 -49.61 -54.92 47.98
C GLY G 272 -50.59 -55.11 46.85
N THR G 273 -50.28 -56.03 45.93
CA THR G 273 -51.15 -56.25 44.80
C THR G 273 -51.61 -57.71 44.61
N VAL G 274 -52.89 -57.88 44.29
CA VAL G 274 -53.47 -59.20 44.06
C VAL G 274 -53.86 -59.36 42.58
N GLU G 275 -53.07 -60.14 41.84
CA GLU G 275 -53.31 -60.33 40.42
C GLU G 275 -54.38 -61.39 40.14
N PHE G 276 -55.34 -61.03 39.29
CA PHE G 276 -56.43 -61.94 38.89
C PHE G 276 -56.35 -62.21 37.38
N ILE G 277 -57.10 -63.20 36.90
CA ILE G 277 -57.12 -63.48 35.47
C ILE G 277 -58.58 -63.52 35.08
N VAL G 278 -59.15 -62.36 34.78
CA VAL G 278 -60.54 -62.27 34.37
C VAL G 278 -60.66 -62.82 32.96
N ASP G 279 -61.78 -63.46 32.64
CA ASP G 279 -61.98 -64.04 31.31
C ASP G 279 -63.05 -63.30 30.53
N GLY G 280 -63.58 -63.96 29.51
CA GLY G 280 -64.60 -63.36 28.66
C GLY G 280 -65.95 -63.09 29.30
N GLN G 281 -66.23 -63.70 30.45
CA GLN G 281 -67.52 -63.51 31.10
C GLN G 281 -67.38 -62.76 32.41
N LYS G 282 -66.25 -62.09 32.59
CA LYS G 282 -65.99 -61.34 33.81
C LYS G 282 -65.75 -62.30 34.95
N ASN G 283 -65.50 -63.55 34.59
CA ASN G 283 -65.22 -64.58 35.57
C ASN G 283 -63.80 -64.32 36.04
N PHE G 284 -63.63 -63.88 37.27
CA PHE G 284 -62.29 -63.61 37.73
C PHE G 284 -61.69 -64.70 38.61
N TYR G 285 -60.38 -64.90 38.50
CA TYR G 285 -59.72 -65.89 39.29
C TYR G 285 -58.58 -65.27 40.06
N PHE G 286 -57.54 -66.02 40.36
CA PHE G 286 -56.45 -65.47 41.15
C PHE G 286 -55.15 -66.16 40.83
N LEU G 287 -54.19 -65.43 40.27
CA LEU G 287 -52.90 -66.04 39.95
C LEU G 287 -51.97 -65.95 41.14
N GLU G 288 -51.85 -64.77 41.72
CA GLU G 288 -50.99 -64.60 42.88
C GLU G 288 -50.95 -63.21 43.47
N MET G 289 -50.22 -63.08 44.57
CA MET G 289 -50.08 -61.81 45.26
C MET G 289 -48.61 -61.43 45.34
N ASN G 290 -48.34 -60.16 45.08
CA ASN G 290 -46.99 -59.62 45.14
C ASN G 290 -46.91 -58.74 46.37
N THR G 291 -46.09 -59.16 47.32
CA THR G 291 -45.92 -58.45 48.55
C THR G 291 -44.89 -57.34 48.39
N ARG G 292 -45.28 -56.25 47.74
CA ARG G 292 -44.39 -55.12 47.53
C ARG G 292 -45.12 -54.04 46.78
N LEU G 293 -44.41 -52.97 46.45
CA LEU G 293 -45.00 -51.87 45.71
C LEU G 293 -44.81 -52.17 44.24
N GLN G 294 -45.90 -52.07 43.48
CA GLN G 294 -45.85 -52.35 42.05
C GLN G 294 -45.36 -51.18 41.21
N VAL G 295 -44.55 -51.50 40.21
CA VAL G 295 -44.02 -50.50 39.30
C VAL G 295 -45.15 -49.66 38.74
N GLU G 296 -46.20 -50.35 38.29
CA GLU G 296 -47.37 -49.74 37.68
C GLU G 296 -48.35 -49.07 38.64
N HIS G 297 -47.95 -48.79 39.87
CA HIS G 297 -48.87 -48.17 40.80
C HIS G 297 -49.28 -46.74 40.42
N PRO G 298 -48.40 -45.99 39.72
CA PRO G 298 -48.78 -44.62 39.37
C PRO G 298 -50.19 -44.55 38.83
N VAL G 299 -50.57 -45.54 38.04
CA VAL G 299 -51.90 -45.56 37.42
C VAL G 299 -52.98 -45.48 38.48
N THR G 300 -52.80 -46.26 39.54
CA THR G 300 -53.75 -46.29 40.64
C THR G 300 -53.83 -44.90 41.25
N GLU G 301 -52.66 -44.34 41.55
CA GLU G 301 -52.56 -43.01 42.16
C GLU G 301 -53.22 -41.88 41.39
N LEU G 302 -53.27 -41.94 40.07
CA LEU G 302 -53.87 -40.84 39.32
C LEU G 302 -55.38 -40.86 39.19
N ILE G 303 -56.05 -41.80 39.84
CA ILE G 303 -57.49 -41.85 39.77
C ILE G 303 -58.03 -41.97 41.19
N THR G 304 -57.22 -42.56 42.05
CA THR G 304 -57.61 -42.73 43.44
C THR G 304 -57.33 -41.44 44.22
N GLY G 305 -56.20 -40.80 43.93
CA GLY G 305 -55.83 -39.59 44.62
C GLY G 305 -55.11 -39.95 45.90
N VAL G 306 -54.19 -40.91 45.79
CA VAL G 306 -53.44 -41.40 46.95
C VAL G 306 -51.98 -41.62 46.63
N ASP G 307 -51.12 -41.53 47.64
CA ASP G 307 -49.71 -41.77 47.42
C ASP G 307 -49.35 -43.05 48.15
N LEU G 308 -49.37 -44.16 47.43
CA LEU G 308 -49.02 -45.43 48.04
C LEU G 308 -47.71 -45.36 48.81
N VAL G 309 -46.76 -44.55 48.35
CA VAL G 309 -45.49 -44.47 49.06
C VAL G 309 -45.71 -43.73 50.35
N GLU G 310 -46.67 -42.81 50.33
CA GLU G 310 -46.98 -42.08 51.53
C GLU G 310 -47.58 -43.09 52.51
N GLN G 311 -48.84 -43.44 52.31
CA GLN G 311 -49.51 -44.40 53.18
C GLN G 311 -48.56 -45.52 53.56
N MET G 312 -47.70 -45.93 52.64
CA MET G 312 -46.78 -47.01 52.92
C MET G 312 -45.91 -46.78 54.14
N ILE G 313 -45.34 -45.59 54.27
CA ILE G 313 -44.52 -45.28 55.43
C ILE G 313 -45.41 -45.01 56.66
N ARG G 314 -46.50 -44.27 56.45
CA ARG G 314 -47.45 -43.95 57.51
C ARG G 314 -47.74 -45.22 58.32
N VAL G 315 -48.29 -46.22 57.64
CA VAL G 315 -48.64 -47.50 58.25
C VAL G 315 -47.42 -48.25 58.77
N ALA G 316 -46.33 -48.24 58.01
CA ALA G 316 -45.10 -48.90 58.43
C ALA G 316 -44.68 -48.23 59.72
N ALA G 317 -45.40 -47.18 60.07
CA ALA G 317 -45.16 -46.43 61.29
C ALA G 317 -46.44 -46.48 62.11
N GLY G 318 -46.85 -47.68 62.50
CA GLY G 318 -48.06 -47.87 63.27
C GLY G 318 -49.02 -46.72 63.07
N GLU G 319 -49.92 -46.86 62.10
CA GLU G 319 -50.86 -45.78 61.82
C GLU G 319 -52.15 -46.32 61.19
N PRO G 320 -53.28 -45.61 61.36
CA PRO G 320 -54.56 -46.01 60.80
C PRO G 320 -54.66 -45.49 59.38
N LEU G 321 -55.79 -45.73 58.71
CA LEU G 321 -55.96 -45.24 57.36
C LEU G 321 -56.93 -44.06 57.39
N SER G 322 -56.45 -42.88 57.00
CA SER G 322 -57.26 -41.67 57.00
C SER G 322 -58.58 -41.82 56.25
N ILE G 323 -58.66 -42.77 55.33
CA ILE G 323 -59.91 -42.97 54.59
C ILE G 323 -60.40 -44.42 54.55
N THR G 324 -61.72 -44.57 54.52
CA THR G 324 -62.35 -45.87 54.50
C THR G 324 -62.72 -46.22 53.08
N GLN G 325 -63.22 -47.42 52.87
CA GLN G 325 -63.62 -47.89 51.56
C GLN G 325 -64.70 -47.00 50.93
N GLY G 326 -65.57 -46.43 51.76
CA GLY G 326 -66.63 -45.58 51.23
C GLY G 326 -66.05 -44.30 50.65
N ASP G 327 -64.86 -43.97 51.13
CA ASP G 327 -64.15 -42.78 50.70
C ASP G 327 -63.35 -43.00 49.42
N VAL G 328 -62.45 -43.99 49.44
CA VAL G 328 -61.61 -44.34 48.30
C VAL G 328 -62.37 -44.29 46.97
N LYS G 329 -62.43 -43.13 46.35
CA LYS G 329 -63.14 -42.98 45.08
C LYS G 329 -62.14 -43.05 43.92
N LEU G 330 -62.61 -43.55 42.77
CA LEU G 330 -61.77 -43.67 41.58
C LEU G 330 -62.31 -42.74 40.50
N THR G 331 -61.67 -41.59 40.34
CA THR G 331 -62.09 -40.61 39.35
C THR G 331 -61.29 -40.69 38.04
N GLY G 332 -61.96 -40.40 36.92
CA GLY G 332 -61.34 -40.42 35.60
C GLY G 332 -60.38 -41.55 35.25
N TRP G 333 -59.71 -41.46 34.10
CA TRP G 333 -58.76 -42.50 33.66
C TRP G 333 -57.26 -42.20 33.71
N ALA G 334 -56.44 -43.26 33.60
CA ALA G 334 -54.98 -43.14 33.64
C ALA G 334 -54.29 -44.19 32.79
N ILE G 335 -53.27 -43.81 32.02
CA ILE G 335 -52.53 -44.77 31.21
C ILE G 335 -51.04 -44.62 31.54
N GLU G 336 -50.30 -45.73 31.54
CA GLU G 336 -48.86 -45.68 31.84
C GLU G 336 -47.99 -46.51 30.91
N ASN G 337 -47.11 -45.85 30.18
CA ASN G 337 -46.22 -46.57 29.30
C ASN G 337 -44.84 -46.67 29.92
N ARG G 338 -44.10 -47.69 29.52
CA ARG G 338 -42.76 -47.85 30.06
C ARG G 338 -41.76 -47.58 28.98
N LEU G 339 -40.93 -46.57 29.21
CA LEU G 339 -39.91 -46.26 28.25
C LEU G 339 -38.74 -47.18 28.52
N TYR G 340 -38.59 -48.17 27.65
CA TYR G 340 -37.51 -49.14 27.80
C TYR G 340 -36.42 -48.92 26.79
N ALA G 341 -35.18 -48.92 27.28
CA ALA G 341 -34.01 -48.77 26.44
C ALA G 341 -33.83 -50.11 25.69
N GLU G 342 -34.78 -50.42 24.83
CA GLU G 342 -34.78 -51.63 24.03
C GLU G 342 -35.11 -51.20 22.59
N ASP G 343 -34.50 -51.86 21.60
CA ASP G 343 -34.72 -51.48 20.22
C ASP G 343 -35.76 -52.32 19.50
N PRO G 344 -37.00 -51.79 19.38
CA PRO G 344 -38.10 -52.48 18.70
C PRO G 344 -37.77 -52.97 17.30
N TYR G 345 -37.04 -52.16 16.56
CA TYR G 345 -36.67 -52.51 15.19
C TYR G 345 -35.79 -53.75 15.04
N ARG G 346 -35.01 -54.08 16.07
CA ARG G 346 -34.10 -55.22 16.05
C ARG G 346 -34.41 -56.14 17.20
N GLY G 347 -35.56 -56.79 17.14
CA GLY G 347 -35.96 -57.70 18.19
C GLY G 347 -35.72 -57.21 19.60
N PHE G 348 -36.33 -56.11 19.98
CA PHE G 348 -36.18 -55.55 21.32
C PHE G 348 -34.87 -55.87 22.08
N LEU G 349 -33.76 -55.78 21.35
CA LEU G 349 -32.43 -56.01 21.92
C LEU G 349 -32.20 -54.87 22.89
N PRO G 350 -31.63 -55.16 24.07
CA PRO G 350 -31.40 -54.03 24.98
C PRO G 350 -30.47 -53.04 24.31
N SER G 351 -30.43 -51.83 24.82
CA SER G 351 -29.56 -50.81 24.25
C SER G 351 -28.70 -50.32 25.39
N ILE G 352 -27.44 -50.08 25.09
CA ILE G 352 -26.52 -49.64 26.13
C ILE G 352 -25.81 -48.40 25.63
N GLY G 353 -25.67 -47.39 26.49
CA GLY G 353 -25.02 -46.17 26.07
C GLY G 353 -25.41 -44.90 26.79
N ARG G 354 -24.87 -43.77 26.34
CA ARG G 354 -25.16 -42.49 26.97
C ARG G 354 -26.37 -41.80 26.42
N LEU G 355 -27.00 -41.01 27.26
CA LEU G 355 -28.17 -40.29 26.80
C LEU G 355 -27.81 -38.88 26.37
N THR G 356 -27.76 -38.72 25.04
CA THR G 356 -27.47 -37.46 24.36
C THR G 356 -28.60 -36.45 24.58
N ARG G 357 -29.76 -36.66 23.95
CA ARG G 357 -30.90 -35.77 24.15
C ARG G 357 -31.76 -36.67 25.07
N TYR G 358 -32.38 -36.06 26.07
CA TYR G 358 -33.31 -36.73 26.96
C TYR G 358 -34.26 -35.59 27.32
N ARG G 359 -35.39 -35.54 26.62
CA ARG G 359 -36.37 -34.48 26.81
C ARG G 359 -37.81 -34.96 26.93
N PRO G 360 -38.35 -35.02 28.14
CA PRO G 360 -39.74 -35.45 28.36
C PRO G 360 -40.66 -34.22 28.51
N PRO G 361 -41.99 -34.40 28.49
CA PRO G 361 -43.06 -33.39 28.62
C PRO G 361 -43.15 -32.82 30.06
N ALA G 362 -44.33 -32.41 30.58
CA ALA G 362 -44.30 -31.92 31.99
C ALA G 362 -45.54 -31.74 32.90
N GLU G 363 -46.68 -31.36 32.32
CA GLU G 363 -47.93 -31.11 33.05
C GLU G 363 -48.32 -32.05 34.16
N ALA G 384 -55.91 -32.25 31.82
CA ALA G 384 -55.35 -33.56 31.47
C ALA G 384 -53.88 -33.60 31.89
N ALA G 385 -53.57 -34.35 32.95
CA ALA G 385 -52.21 -34.44 33.49
C ALA G 385 -51.17 -35.24 32.72
N VAL G 386 -49.91 -34.99 33.07
CA VAL G 386 -48.78 -35.72 32.48
C VAL G 386 -47.73 -35.93 33.54
N ARG G 387 -47.41 -37.19 33.80
CA ARG G 387 -46.48 -37.55 34.82
C ARG G 387 -45.37 -38.44 34.26
N ASN G 388 -44.14 -38.12 34.65
CA ASN G 388 -42.99 -38.88 34.19
C ASN G 388 -42.08 -39.25 35.36
N ASP G 389 -42.08 -40.54 35.72
CA ASP G 389 -41.23 -41.04 36.80
C ASP G 389 -39.96 -41.51 36.11
N THR G 390 -38.84 -40.82 36.33
CA THR G 390 -37.59 -41.21 35.68
C THR G 390 -36.48 -41.33 36.68
N GLY G 391 -35.51 -42.15 36.34
CA GLY G 391 -34.36 -42.29 37.21
C GLY G 391 -33.13 -41.94 36.40
N VAL G 392 -33.38 -41.22 35.32
CA VAL G 392 -32.32 -40.84 34.42
C VAL G 392 -32.42 -39.37 33.98
N TYR G 393 -31.33 -38.85 33.44
CA TYR G 393 -31.30 -37.46 32.95
C TYR G 393 -30.48 -37.40 31.67
N GLU G 394 -30.45 -36.23 31.05
CA GLU G 394 -29.68 -36.05 29.82
C GLU G 394 -28.21 -36.02 30.19
N GLY G 395 -27.41 -36.80 29.50
CA GLY G 395 -26.00 -36.81 29.81
C GLY G 395 -25.69 -38.06 30.60
N GLY G 396 -26.72 -38.63 31.22
CA GLY G 396 -26.56 -39.85 31.97
C GLY G 396 -26.31 -41.02 31.04
N GLU G 397 -25.98 -42.19 31.62
CA GLU G 397 -25.73 -43.36 30.80
C GLU G 397 -26.48 -44.54 31.32
N ILE G 398 -26.85 -45.43 30.40
CA ILE G 398 -27.59 -46.64 30.74
C ILE G 398 -26.63 -47.83 30.71
N SER G 399 -26.18 -48.19 31.91
CA SER G 399 -25.21 -49.27 32.14
C SER G 399 -25.78 -50.66 32.13
N MET G 400 -24.96 -51.60 31.69
CA MET G 400 -25.35 -53.00 31.60
C MET G 400 -25.67 -53.62 32.96
N TYR G 401 -25.35 -52.89 34.02
CA TYR G 401 -25.56 -53.35 35.40
C TYR G 401 -26.93 -53.14 36.01
N TYR G 402 -27.96 -52.87 35.21
CA TYR G 402 -29.30 -52.64 35.73
C TYR G 402 -30.44 -52.83 34.72
N ASP G 403 -31.65 -52.47 35.16
CA ASP G 403 -32.87 -52.58 34.37
C ASP G 403 -32.97 -51.53 33.27
N PRO G 404 -33.22 -51.96 32.03
CA PRO G 404 -33.35 -51.12 30.85
C PRO G 404 -34.49 -50.10 30.85
N MET G 405 -35.20 -49.99 31.97
CA MET G 405 -36.28 -49.02 32.03
C MET G 405 -35.69 -47.65 32.16
N ILE G 406 -36.16 -46.68 31.39
CA ILE G 406 -35.62 -45.34 31.48
C ILE G 406 -36.70 -44.42 32.11
N ALA G 407 -37.96 -44.77 31.90
CA ALA G 407 -39.04 -43.95 32.44
C ALA G 407 -40.43 -44.56 32.33
N LYS G 408 -41.29 -44.04 33.17
CA LYS G 408 -42.67 -44.45 33.22
C LYS G 408 -43.38 -43.17 32.80
N LEU G 409 -44.05 -43.23 31.66
CA LEU G 409 -44.78 -42.07 31.14
C LEU G 409 -46.27 -42.25 31.47
N CYS G 410 -46.73 -41.52 32.47
CA CYS G 410 -48.11 -41.63 32.88
C CYS G 410 -48.98 -40.43 32.51
N THR G 411 -50.23 -40.69 32.18
CA THR G 411 -51.11 -39.60 31.87
C THR G 411 -52.38 -39.94 32.61
N TRP G 412 -53.36 -39.06 32.50
CA TRP G 412 -54.66 -39.22 33.16
C TRP G 412 -55.59 -38.12 32.67
N ALA G 413 -56.88 -38.27 32.91
CA ALA G 413 -57.81 -37.26 32.43
C ALA G 413 -59.20 -37.62 32.96
N PRO G 414 -60.26 -37.15 32.29
CA PRO G 414 -61.55 -37.54 32.84
C PRO G 414 -61.88 -38.88 32.18
N THR G 415 -62.15 -38.83 30.88
CA THR G 415 -62.46 -40.02 30.12
C THR G 415 -61.17 -40.74 29.75
N ARG G 416 -61.30 -42.01 29.34
CA ARG G 416 -60.17 -42.85 28.95
C ARG G 416 -59.69 -42.36 27.59
N ALA G 417 -60.61 -42.14 26.67
CA ALA G 417 -60.21 -41.67 25.35
C ALA G 417 -59.30 -40.45 25.51
N ALA G 418 -59.54 -39.71 26.60
CA ALA G 418 -58.80 -38.50 26.96
C ALA G 418 -57.35 -38.80 27.25
N ALA G 419 -57.15 -39.59 28.32
CA ALA G 419 -55.84 -40.03 28.78
C ALA G 419 -55.04 -40.72 27.67
N ILE G 420 -55.72 -41.46 26.81
CA ILE G 420 -55.00 -42.11 25.73
C ILE G 420 -54.52 -41.00 24.84
N GLU G 421 -55.23 -39.88 24.85
CA GLU G 421 -54.83 -38.76 24.01
C GLU G 421 -53.67 -38.01 24.62
N ALA G 422 -53.80 -37.62 25.87
CA ALA G 422 -52.71 -36.92 26.51
C ALA G 422 -51.42 -37.71 26.25
N MET G 423 -51.53 -39.03 26.42
CA MET G 423 -50.41 -39.95 26.24
C MET G 423 -49.84 -39.88 24.84
N ARG G 424 -50.71 -40.07 23.84
CA ARG G 424 -50.26 -40.03 22.47
C ARG G 424 -49.50 -38.72 22.20
N ILE G 425 -50.02 -37.59 22.70
CA ILE G 425 -49.36 -36.29 22.51
C ILE G 425 -48.07 -36.36 23.26
N ALA G 426 -48.17 -36.72 24.54
CA ALA G 426 -47.04 -36.85 25.47
C ALA G 426 -45.86 -37.51 24.81
N LEU G 427 -46.07 -38.70 24.26
CA LEU G 427 -45.03 -39.45 23.58
C LEU G 427 -44.41 -38.63 22.45
N ASP G 428 -45.25 -38.08 21.58
CA ASP G 428 -44.78 -37.28 20.44
C ASP G 428 -43.73 -36.25 20.81
N SER G 429 -43.77 -35.79 22.05
CA SER G 429 -42.83 -34.79 22.50
C SER G 429 -41.64 -35.39 23.24
N PHE G 430 -41.72 -36.66 23.62
CA PHE G 430 -40.62 -37.28 24.34
C PHE G 430 -39.43 -37.45 23.40
N GLU G 431 -38.35 -36.73 23.67
CA GLU G 431 -37.13 -36.77 22.85
C GLU G 431 -36.02 -37.58 23.50
N VAL G 432 -35.55 -38.62 22.80
CA VAL G 432 -34.48 -39.47 23.34
C VAL G 432 -33.47 -39.74 22.26
N GLU G 433 -32.21 -39.45 22.56
CA GLU G 433 -31.14 -39.69 21.60
C GLU G 433 -29.91 -40.31 22.25
N GLY G 434 -29.32 -41.31 21.60
CA GLY G 434 -28.15 -41.94 22.17
C GLY G 434 -28.29 -43.45 22.43
N ILE G 435 -29.53 -43.88 22.63
CA ILE G 435 -29.83 -45.30 22.87
C ILE G 435 -31.00 -45.72 22.02
N GLY G 436 -31.19 -47.02 21.92
CA GLY G 436 -32.32 -47.53 21.17
C GLY G 436 -33.41 -47.53 22.21
N HIS G 437 -34.64 -47.26 21.79
CA HIS G 437 -35.75 -47.23 22.73
C HIS G 437 -37.04 -47.55 22.04
N ASN G 438 -38.01 -47.94 22.86
CA ASN G 438 -39.31 -48.33 22.35
C ASN G 438 -40.30 -47.20 22.13
N LEU G 439 -39.85 -45.95 22.22
CA LEU G 439 -40.79 -44.86 22.04
C LEU G 439 -41.72 -45.07 20.82
N PRO G 440 -41.17 -45.33 19.62
CA PRO G 440 -42.04 -45.54 18.46
C PRO G 440 -43.04 -46.68 18.65
N PHE G 441 -42.55 -47.79 19.20
CA PHE G 441 -43.40 -48.94 19.47
C PHE G 441 -44.58 -48.57 20.39
N LEU G 442 -44.28 -47.92 21.51
CA LEU G 442 -45.35 -47.54 22.40
C LEU G 442 -46.34 -46.74 21.58
N SER G 443 -45.85 -45.71 20.90
CA SER G 443 -46.74 -44.89 20.06
C SER G 443 -47.60 -45.83 19.27
N ALA G 444 -46.97 -46.72 18.55
CA ALA G 444 -47.72 -47.66 17.72
C ALA G 444 -48.98 -48.28 18.35
N VAL G 445 -48.85 -48.88 19.54
CA VAL G 445 -49.98 -49.57 20.21
C VAL G 445 -51.02 -48.57 20.72
N MET G 446 -50.57 -47.41 21.18
CA MET G 446 -51.49 -46.38 21.65
C MET G 446 -52.47 -46.05 20.52
N ASP G 447 -52.04 -46.35 19.30
CA ASP G 447 -52.80 -46.08 18.09
C ASP G 447 -53.46 -47.34 17.54
N HIS G 448 -53.11 -48.48 18.11
CA HIS G 448 -53.68 -49.76 17.67
C HIS G 448 -55.16 -49.92 18.07
N PRO G 449 -56.05 -50.01 17.08
CA PRO G 449 -57.48 -50.17 17.31
C PRO G 449 -57.88 -50.98 18.51
N LYS G 450 -57.40 -52.20 18.58
CA LYS G 450 -57.73 -53.07 19.70
C LYS G 450 -57.40 -52.46 21.06
N PHE G 451 -56.39 -51.59 21.10
CA PHE G 451 -56.06 -50.94 22.36
C PHE G 451 -57.13 -49.90 22.63
N ILE G 452 -57.55 -49.31 21.52
CA ILE G 452 -58.55 -48.26 21.49
C ILE G 452 -59.92 -48.76 21.89
N SER G 453 -60.31 -49.90 21.34
CA SER G 453 -61.58 -50.51 21.67
C SER G 453 -61.55 -51.09 23.08
N GLY G 454 -60.38 -51.47 23.57
CA GLY G 454 -60.32 -52.05 24.90
C GLY G 454 -60.39 -53.55 24.80
N ASP G 455 -60.82 -54.04 23.65
CA ASP G 455 -60.93 -55.47 23.41
C ASP G 455 -59.51 -56.01 23.25
N MET G 456 -58.86 -56.29 24.37
CA MET G 456 -57.50 -56.79 24.36
C MET G 456 -57.37 -58.00 25.29
N THR G 457 -56.49 -58.92 24.96
CA THR G 457 -56.26 -60.11 25.77
C THR G 457 -54.84 -60.06 26.31
N THR G 458 -54.34 -61.15 26.90
CA THR G 458 -52.97 -61.13 27.38
C THR G 458 -52.04 -61.65 26.30
N ALA G 459 -52.60 -61.98 25.14
CA ALA G 459 -51.81 -62.46 24.02
C ALA G 459 -51.76 -61.37 22.96
N PHE G 460 -52.43 -60.25 23.25
CA PHE G 460 -52.50 -59.08 22.35
C PHE G 460 -51.19 -58.78 21.66
N ILE G 461 -50.17 -58.56 22.48
CA ILE G 461 -48.83 -58.24 22.00
C ILE G 461 -48.33 -59.29 21.01
N ALA G 462 -48.56 -60.55 21.36
CA ALA G 462 -48.14 -61.69 20.56
C ALA G 462 -48.92 -61.84 19.26
N GLU G 463 -50.21 -61.57 19.33
CA GLU G 463 -51.08 -61.67 18.18
C GLU G 463 -50.88 -60.52 17.23
N GLU G 464 -50.95 -59.31 17.77
CA GLU G 464 -50.82 -58.09 16.99
C GLU G 464 -49.43 -57.77 16.46
N TYR G 465 -48.40 -58.21 17.17
CA TYR G 465 -47.03 -57.98 16.73
C TYR G 465 -46.24 -59.30 16.68
N PRO G 466 -46.67 -60.26 15.82
CA PRO G 466 -46.03 -61.56 15.66
C PRO G 466 -44.62 -61.48 15.08
N GLU G 467 -44.37 -60.41 14.32
CA GLU G 467 -43.08 -60.22 13.68
C GLU G 467 -42.26 -59.08 14.30
N GLY G 468 -42.36 -58.88 15.60
CA GLY G 468 -41.62 -57.79 16.21
C GLY G 468 -42.31 -56.52 15.78
N PHE G 469 -41.66 -55.37 15.96
CA PHE G 469 -42.27 -54.11 15.56
C PHE G 469 -41.94 -53.78 14.11
N GLU G 470 -42.92 -53.97 13.24
CA GLU G 470 -42.77 -53.72 11.81
C GLU G 470 -42.90 -52.24 11.40
N GLY G 471 -42.69 -51.35 12.37
CA GLY G 471 -42.77 -49.94 12.06
C GLY G 471 -44.19 -49.50 11.85
N VAL G 472 -44.39 -48.19 11.78
CA VAL G 472 -45.72 -47.65 11.59
C VAL G 472 -45.76 -46.83 10.31
N ASN G 473 -46.90 -46.81 9.61
CA ASN G 473 -47.00 -45.98 8.42
C ASN G 473 -48.36 -45.22 8.35
N LEU G 474 -48.24 -43.90 8.25
CA LEU G 474 -49.36 -42.97 8.25
C LEU G 474 -50.32 -43.06 7.10
N PRO G 475 -51.60 -42.78 7.38
CA PRO G 475 -52.78 -42.77 6.51
C PRO G 475 -52.82 -41.45 5.74
N GLU G 476 -53.31 -41.50 4.51
CA GLU G 476 -53.41 -40.32 3.66
C GLU G 476 -53.56 -39.01 4.43
N THR G 477 -54.68 -38.85 5.14
CA THR G 477 -54.93 -37.63 5.90
C THR G 477 -53.81 -37.31 6.88
N ASP G 478 -52.97 -38.28 7.16
CA ASP G 478 -51.84 -38.04 8.03
C ASP G 478 -50.68 -37.57 7.16
N LEU G 479 -50.35 -38.33 6.12
CA LEU G 479 -49.29 -37.90 5.22
C LEU G 479 -49.57 -36.47 4.79
N ARG G 480 -50.79 -36.22 4.34
CA ARG G 480 -51.20 -34.90 3.93
C ARG G 480 -50.83 -33.82 4.92
N ARG G 481 -51.29 -33.95 6.18
CA ARG G 481 -50.96 -32.94 7.20
C ARG G 481 -49.46 -32.76 7.32
N VAL G 482 -48.74 -33.87 7.42
CA VAL G 482 -47.29 -33.83 7.52
C VAL G 482 -46.67 -33.18 6.28
N ALA G 483 -47.10 -33.57 5.08
CA ALA G 483 -46.54 -32.97 3.86
C ALA G 483 -46.56 -31.46 4.00
N ALA G 484 -47.77 -30.94 4.33
CA ALA G 484 -48.03 -29.51 4.51
C ALA G 484 -47.06 -28.82 5.49
N ALA G 485 -46.87 -29.43 6.66
CA ALA G 485 -45.98 -28.87 7.67
C ALA G 485 -44.55 -28.84 7.16
N ALA G 486 -44.03 -29.99 6.73
CA ALA G 486 -42.67 -30.03 6.25
C ALA G 486 -42.48 -28.99 5.15
N ALA G 487 -43.46 -28.87 4.26
CA ALA G 487 -43.39 -27.89 3.17
C ALA G 487 -43.44 -26.48 3.73
N ALA G 488 -44.25 -26.29 4.77
CA ALA G 488 -44.34 -24.98 5.39
C ALA G 488 -42.98 -24.62 5.99
N MET G 489 -42.40 -25.56 6.74
CA MET G 489 -41.08 -25.39 7.41
C MET G 489 -39.92 -25.22 6.44
N HIS G 490 -39.85 -26.11 5.47
CA HIS G 490 -38.80 -26.04 4.49
C HIS G 490 -38.68 -24.62 3.93
N ARG G 491 -39.79 -24.02 3.54
CA ARG G 491 -39.77 -22.65 2.99
C ARG G 491 -39.07 -21.72 3.97
N VAL G 492 -39.58 -21.72 5.20
CA VAL G 492 -39.06 -20.93 6.28
C VAL G 492 -37.55 -20.92 6.28
N ALA G 493 -36.98 -22.13 6.30
CA ALA G 493 -35.55 -22.31 6.31
C ALA G 493 -34.97 -21.82 5.02
N GLU G 494 -35.63 -22.15 3.91
CA GLU G 494 -35.14 -21.76 2.59
C GLU G 494 -35.05 -20.26 2.44
N ILE G 495 -35.96 -19.53 3.07
CA ILE G 495 -35.99 -18.06 2.99
C ILE G 495 -34.80 -17.47 3.72
N ARG G 496 -34.38 -18.15 4.77
CA ARG G 496 -33.26 -17.70 5.56
C ARG G 496 -31.95 -17.82 4.82
N ARG G 497 -31.81 -18.82 3.94
CA ARG G 497 -30.58 -19.02 3.19
C ARG G 497 -30.44 -17.81 2.33
N THR G 498 -31.59 -17.29 1.94
CA THR G 498 -31.73 -16.12 1.09
C THR G 498 -31.21 -14.82 1.64
N ARG G 499 -31.20 -14.72 2.96
CA ARG G 499 -30.73 -13.52 3.62
C ARG G 499 -29.22 -13.57 3.87
N VAL G 500 -28.46 -14.22 3.01
CA VAL G 500 -27.00 -14.28 3.22
C VAL G 500 -26.42 -12.93 2.93
N SER G 501 -25.35 -12.56 3.60
CA SER G 501 -24.78 -11.27 3.30
C SER G 501 -24.07 -11.40 1.97
N GLY G 502 -23.76 -10.28 1.34
CA GLY G 502 -23.02 -10.34 0.10
C GLY G 502 -23.76 -10.66 -1.18
N ARG G 503 -25.09 -10.52 -1.17
CA ARG G 503 -25.86 -10.84 -2.37
C ARG G 503 -25.92 -9.72 -3.33
N MET G 504 -26.11 -10.02 -4.63
CA MET G 504 -26.23 -8.98 -5.66
C MET G 504 -27.29 -8.06 -5.20
N ASP G 505 -27.02 -6.77 -5.19
CA ASP G 505 -28.03 -5.88 -4.67
C ASP G 505 -29.44 -6.09 -5.16
N ASN G 506 -29.71 -5.88 -6.42
CA ASN G 506 -31.09 -6.05 -6.87
C ASN G 506 -31.40 -7.41 -7.44
N HIS G 507 -30.58 -8.41 -7.15
CA HIS G 507 -30.82 -9.73 -7.71
C HIS G 507 -30.75 -10.87 -6.73
N GLU G 508 -31.39 -10.71 -5.57
CA GLU G 508 -31.39 -11.76 -4.56
C GLU G 508 -32.10 -12.98 -5.06
N ARG G 509 -31.97 -14.10 -4.33
CA ARG G 509 -32.65 -15.31 -4.71
C ARG G 509 -34.05 -15.13 -4.18
N ARG G 510 -35.02 -15.58 -4.96
CA ARG G 510 -36.43 -15.44 -4.65
C ARG G 510 -36.98 -16.84 -4.40
N VAL G 511 -37.51 -17.12 -3.21
CA VAL G 511 -38.03 -18.45 -2.88
C VAL G 511 -39.33 -18.87 -3.57
N GLY G 512 -39.36 -20.09 -4.09
CA GLY G 512 -40.52 -20.62 -4.80
C GLY G 512 -41.78 -20.80 -4.00
N THR G 513 -42.88 -21.00 -4.70
CA THR G 513 -44.17 -21.18 -4.06
C THR G 513 -44.65 -22.60 -4.28
N GLU G 514 -44.19 -23.17 -5.40
CA GLU G 514 -44.53 -24.52 -5.78
C GLU G 514 -43.50 -25.51 -5.30
N TRP G 515 -43.97 -26.58 -4.68
CA TRP G 515 -43.07 -27.60 -4.21
C TRP G 515 -43.72 -28.96 -4.39
N VAL G 516 -42.93 -29.99 -4.14
CA VAL G 516 -43.42 -31.35 -4.23
C VAL G 516 -42.86 -32.06 -3.01
N VAL G 517 -43.74 -32.40 -2.07
CA VAL G 517 -43.34 -33.07 -0.86
C VAL G 517 -43.41 -34.58 -1.08
N THR G 518 -42.29 -35.27 -0.95
CA THR G 518 -42.30 -36.70 -1.13
C THR G 518 -42.06 -37.45 0.16
N LEU G 519 -43.16 -38.01 0.62
CA LEU G 519 -43.29 -38.78 1.84
C LEU G 519 -43.16 -40.26 1.62
N GLN G 520 -44.00 -40.97 2.35
CA GLN G 520 -44.11 -42.41 2.36
C GLN G 520 -44.41 -42.86 0.97
N GLY G 521 -43.42 -42.81 0.08
CA GLY G 521 -43.61 -43.20 -1.30
C GLY G 521 -44.77 -42.50 -2.00
N ALA G 522 -45.21 -41.38 -1.46
CA ALA G 522 -46.31 -40.64 -2.05
C ALA G 522 -45.90 -39.24 -2.33
N ASP G 523 -46.24 -38.76 -3.53
CA ASP G 523 -45.88 -37.40 -3.93
C ASP G 523 -47.02 -36.41 -3.68
N PHE G 524 -46.67 -35.25 -3.15
CA PHE G 524 -47.66 -34.22 -2.90
C PHE G 524 -47.29 -32.87 -3.49
N PRO G 525 -47.71 -32.63 -4.74
CA PRO G 525 -47.46 -31.38 -5.45
C PRO G 525 -48.21 -30.37 -4.63
N VAL G 526 -47.51 -29.37 -4.11
CA VAL G 526 -48.20 -28.43 -3.23
C VAL G 526 -47.83 -26.96 -3.51
N THR G 527 -48.71 -26.02 -3.15
CA THR G 527 -48.36 -24.62 -3.34
C THR G 527 -48.41 -23.91 -2.00
N ILE G 528 -47.47 -22.99 -1.78
CA ILE G 528 -47.42 -22.26 -0.53
C ILE G 528 -47.63 -20.78 -0.62
N ALA G 529 -48.38 -20.27 0.33
CA ALA G 529 -48.62 -18.86 0.38
C ALA G 529 -48.59 -18.61 1.86
N ALA G 530 -47.80 -17.64 2.28
CA ALA G 530 -47.68 -17.36 3.70
C ALA G 530 -47.57 -15.89 3.94
N ASP G 531 -48.03 -15.45 5.10
CA ASP G 531 -47.89 -14.04 5.38
C ASP G 531 -47.07 -13.84 6.63
N HIS G 532 -47.72 -13.53 7.73
CA HIS G 532 -46.99 -13.28 8.95
C HIS G 532 -47.42 -14.24 10.01
N ASP G 533 -48.70 -14.56 9.98
CA ASP G 533 -49.29 -15.45 10.97
C ASP G 533 -48.75 -16.86 10.84
N GLY G 534 -48.96 -17.44 9.67
CA GLY G 534 -48.49 -18.79 9.42
C GLY G 534 -48.31 -18.95 7.95
N SER G 535 -48.75 -20.08 7.43
CA SER G 535 -48.59 -20.37 6.01
C SER G 535 -49.80 -21.18 5.51
N THR G 536 -50.21 -20.97 4.26
CA THR G 536 -51.33 -21.73 3.69
C THR G 536 -50.89 -22.67 2.54
N VAL G 537 -50.85 -23.98 2.82
CA VAL G 537 -50.43 -24.98 1.84
C VAL G 537 -51.63 -25.53 1.11
N SER G 538 -51.57 -25.49 -0.21
CA SER G 538 -52.68 -25.96 -1.01
C SER G 538 -52.23 -27.15 -1.84
N PHE G 539 -53.11 -28.16 -1.95
CA PHE G 539 -52.83 -29.37 -2.71
C PHE G 539 -53.61 -29.41 -4.01
N ASP G 540 -53.23 -30.31 -4.92
CA ASP G 540 -53.86 -30.46 -6.23
C ASP G 540 -55.37 -30.49 -6.26
N ASP G 541 -55.94 -31.29 -5.39
CA ASP G 541 -57.38 -31.44 -5.33
C ASP G 541 -58.13 -30.20 -4.85
N GLY G 542 -57.48 -29.04 -4.87
CA GLY G 542 -58.14 -27.82 -4.43
C GLY G 542 -58.19 -27.60 -2.92
N SER G 543 -57.88 -28.65 -2.14
CA SER G 543 -57.89 -28.57 -0.68
C SER G 543 -56.68 -27.79 -0.18
N SER G 544 -56.85 -27.14 0.98
CA SER G 544 -55.77 -26.35 1.55
C SER G 544 -55.72 -26.42 3.06
N MET G 545 -54.51 -26.63 3.57
CA MET G 545 -54.28 -26.70 5.02
C MET G 545 -53.57 -25.44 5.49
N ARG G 546 -53.85 -25.03 6.72
CA ARG G 546 -53.19 -23.85 7.25
C ARG G 546 -52.18 -24.29 8.30
N VAL G 547 -50.93 -23.99 8.04
CA VAL G 547 -49.88 -24.35 8.98
C VAL G 547 -49.47 -23.14 9.78
N THR G 548 -49.37 -23.33 11.08
CA THR G 548 -48.97 -22.29 12.00
C THR G 548 -47.85 -22.84 12.85
N SER G 549 -46.79 -22.08 13.07
CA SER G 549 -45.75 -22.64 13.89
C SER G 549 -44.73 -21.73 14.50
N ASP G 550 -44.18 -22.22 15.59
CA ASP G 550 -43.19 -21.55 16.39
C ASP G 550 -41.81 -21.89 15.85
N TRP G 551 -41.76 -23.07 15.24
CA TRP G 551 -40.56 -23.67 14.68
C TRP G 551 -39.61 -22.78 13.95
N THR G 552 -38.36 -23.16 14.03
CA THR G 552 -37.30 -22.44 13.38
C THR G 552 -36.15 -23.45 13.17
N PRO G 553 -35.35 -23.26 12.12
CA PRO G 553 -34.26 -24.21 11.92
C PRO G 553 -33.48 -24.53 13.18
N GLY G 554 -33.09 -25.77 13.30
CA GLY G 554 -32.31 -26.19 14.44
C GLY G 554 -33.12 -26.86 15.53
N ASP G 555 -34.37 -26.45 15.66
CA ASP G 555 -35.22 -27.01 16.69
C ASP G 555 -35.32 -28.48 16.33
N GLN G 556 -35.10 -29.38 17.29
CA GLN G 556 -35.18 -30.80 16.97
C GLN G 556 -36.63 -31.28 17.00
N LEU G 557 -37.49 -30.54 17.70
CA LEU G 557 -38.89 -30.90 17.82
C LEU G 557 -39.74 -29.73 17.33
N ALA G 558 -40.78 -30.00 16.54
CA ALA G 558 -41.64 -28.93 16.00
C ALA G 558 -43.11 -28.99 16.38
N ASN G 559 -43.59 -28.00 17.11
CA ASN G 559 -44.99 -27.96 17.51
C ASN G 559 -45.75 -27.10 16.54
N LEU G 560 -46.43 -27.72 15.61
CA LEU G 560 -47.18 -26.95 14.65
C LEU G 560 -48.64 -27.06 14.98
N MET G 561 -49.42 -26.36 14.17
CA MET G 561 -50.87 -26.32 14.28
C MET G 561 -51.36 -26.36 12.83
N VAL G 562 -51.67 -27.55 12.34
CA VAL G 562 -52.14 -27.68 10.97
C VAL G 562 -53.64 -27.91 10.93
N ASP G 563 -54.35 -27.01 10.25
CA ASP G 563 -55.80 -27.07 10.16
C ASP G 563 -56.33 -27.03 11.59
N GLY G 564 -55.83 -26.10 12.39
CA GLY G 564 -56.27 -25.98 13.77
C GLY G 564 -55.97 -27.15 14.71
N ALA G 565 -55.51 -28.27 14.16
CA ALA G 565 -55.20 -29.44 14.98
C ALA G 565 -53.71 -29.65 15.19
N PRO G 566 -53.30 -29.72 16.47
CA PRO G 566 -51.90 -29.91 16.90
C PRO G 566 -51.24 -31.06 16.20
N LEU G 567 -50.01 -30.84 15.79
CA LEU G 567 -49.21 -31.85 15.11
C LEU G 567 -47.79 -31.71 15.59
N VAL G 568 -47.36 -32.58 16.49
CA VAL G 568 -45.98 -32.50 16.96
C VAL G 568 -45.06 -33.44 16.20
N LEU G 569 -43.97 -32.88 15.72
CA LEU G 569 -42.97 -33.60 14.93
C LEU G 569 -41.53 -33.56 15.48
N LYS G 570 -40.74 -34.55 15.11
CA LYS G 570 -39.35 -34.62 15.48
C LYS G 570 -38.63 -34.35 14.15
N VAL G 571 -37.87 -33.27 14.09
CA VAL G 571 -37.20 -32.94 12.86
C VAL G 571 -35.67 -33.08 12.87
N GLY G 572 -35.13 -33.36 11.69
CA GLY G 572 -33.70 -33.48 11.50
C GLY G 572 -33.43 -33.15 10.05
N LYS G 573 -32.29 -32.55 9.75
CA LYS G 573 -31.91 -32.20 8.37
C LYS G 573 -31.64 -33.42 7.48
N ILE G 574 -31.73 -33.21 6.18
CA ILE G 574 -31.50 -34.24 5.18
C ILE G 574 -31.27 -33.40 3.94
N SER G 575 -30.58 -33.96 2.95
CA SER G 575 -30.30 -33.21 1.75
C SER G 575 -31.57 -32.53 1.21
N GLY G 576 -32.55 -33.29 0.74
CA GLY G 576 -33.71 -32.62 0.18
C GLY G 576 -34.91 -32.34 1.05
N GLY G 577 -34.71 -32.22 2.34
CA GLY G 577 -35.82 -31.96 3.25
C GLY G 577 -35.40 -32.41 4.64
N PHE G 578 -36.29 -33.09 5.36
CA PHE G 578 -35.94 -33.56 6.69
C PHE G 578 -36.40 -34.93 6.92
N ARG G 579 -36.05 -35.43 8.10
CA ARG G 579 -36.46 -36.75 8.53
C ARG G 579 -37.50 -36.42 9.58
N ILE G 580 -38.74 -36.78 9.32
CA ILE G 580 -39.83 -36.49 10.24
C ILE G 580 -40.29 -37.77 10.90
N ARG G 581 -40.63 -37.65 12.19
CA ARG G 581 -41.11 -38.76 12.98
C ARG G 581 -42.35 -38.33 13.74
N THR G 582 -43.52 -38.89 13.42
CA THR G 582 -44.70 -38.51 14.18
C THR G 582 -45.12 -39.63 15.08
N ARG G 583 -46.03 -40.50 14.66
CA ARG G 583 -46.37 -41.56 15.59
C ARG G 583 -45.30 -42.62 15.47
N GLY G 584 -45.66 -43.86 15.23
CA GLY G 584 -44.59 -44.83 15.10
C GLY G 584 -43.81 -44.48 13.84
N ALA G 585 -44.29 -43.45 13.17
CA ALA G 585 -43.71 -42.97 11.94
C ALA G 585 -42.24 -42.50 12.09
N ASP G 586 -41.53 -42.57 10.98
CA ASP G 586 -40.14 -42.16 10.90
C ASP G 586 -39.78 -42.22 9.44
N LEU G 587 -39.99 -41.13 8.70
CA LEU G 587 -39.69 -41.16 7.28
C LEU G 587 -39.03 -39.93 6.68
N LYS G 588 -38.24 -40.15 5.64
CA LYS G 588 -37.59 -39.06 4.98
C LYS G 588 -38.66 -38.33 4.21
N VAL G 589 -38.83 -37.04 4.52
CA VAL G 589 -39.80 -36.22 3.85
C VAL G 589 -38.98 -35.31 2.97
N HIS G 590 -39.00 -35.50 1.66
CA HIS G 590 -38.23 -34.65 0.76
C HIS G 590 -39.07 -33.46 0.30
N VAL G 591 -38.56 -32.25 0.43
CA VAL G 591 -39.31 -31.08 -0.04
C VAL G 591 -38.52 -30.44 -1.16
N ARG G 592 -38.83 -30.82 -2.39
CA ARG G 592 -38.16 -30.31 -3.58
C ARG G 592 -39.05 -29.46 -4.48
N THR G 593 -38.41 -28.76 -5.40
CA THR G 593 -39.16 -27.94 -6.32
C THR G 593 -39.54 -28.88 -7.44
N PRO G 594 -40.51 -28.50 -8.27
CA PRO G 594 -40.89 -29.37 -9.39
C PRO G 594 -39.74 -29.85 -10.28
N ARG G 595 -38.78 -28.99 -10.66
CA ARG G 595 -37.68 -29.48 -11.51
C ARG G 595 -36.75 -30.35 -10.69
N GLN G 596 -36.59 -30.01 -9.42
CA GLN G 596 -35.73 -30.79 -8.54
C GLN G 596 -36.31 -32.18 -8.49
N ALA G 597 -37.58 -32.24 -8.13
CA ALA G 597 -38.30 -33.49 -8.03
C ALA G 597 -38.24 -34.24 -9.36
N GLU G 598 -38.57 -33.52 -10.43
CA GLU G 598 -38.57 -34.11 -11.75
C GLU G 598 -37.31 -34.91 -12.01
N LEU G 599 -36.16 -34.28 -11.74
CA LEU G 599 -34.89 -34.93 -11.98
C LEU G 599 -34.54 -36.02 -10.97
N ALA G 600 -34.77 -35.74 -9.70
CA ALA G 600 -34.46 -36.73 -8.67
C ALA G 600 -35.10 -38.07 -9.01
N ARG G 601 -36.09 -38.02 -9.88
CA ARG G 601 -36.79 -39.22 -10.29
C ARG G 601 -35.91 -40.01 -11.26
N LEU G 602 -34.89 -39.39 -11.84
CA LEU G 602 -33.98 -40.06 -12.77
C LEU G 602 -32.80 -40.63 -12.00
N MET G 603 -32.81 -40.44 -10.69
CA MET G 603 -31.74 -40.95 -9.86
C MET G 603 -31.92 -42.44 -9.58
N PRO G 604 -30.84 -43.23 -9.73
CA PRO G 604 -30.82 -44.68 -9.50
C PRO G 604 -31.22 -44.97 -8.09
N GLU G 605 -31.74 -46.16 -7.85
CA GLU G 605 -32.14 -46.53 -6.52
C GLU G 605 -31.00 -47.26 -5.81
N LYS G 606 -30.50 -46.63 -4.77
CA LYS G 606 -29.40 -47.12 -3.95
C LYS G 606 -29.64 -48.48 -3.33
N LEU G 607 -28.67 -49.36 -3.50
CA LEU G 607 -28.73 -50.70 -2.91
C LEU G 607 -27.57 -50.86 -1.94
N PRO G 608 -27.86 -51.06 -0.66
CA PRO G 608 -26.83 -51.23 0.38
C PRO G 608 -25.59 -52.02 -0.06
N PRO G 609 -24.50 -52.00 0.74
CA PRO G 609 -23.32 -52.75 0.34
C PRO G 609 -23.50 -54.23 0.70
N ASP G 610 -22.50 -55.05 0.39
CA ASP G 610 -22.58 -56.46 0.71
C ASP G 610 -21.80 -56.71 2.01
N THR G 611 -22.19 -57.75 2.75
CA THR G 611 -21.51 -58.05 4.00
C THR G 611 -20.87 -59.43 3.99
N SER G 612 -19.66 -59.51 4.55
CA SER G 612 -18.97 -60.80 4.63
C SER G 612 -19.52 -61.40 5.90
N LYS G 613 -19.56 -62.73 5.95
CA LYS G 613 -20.04 -63.41 7.13
C LYS G 613 -18.85 -63.65 8.03
N MET G 614 -17.76 -62.93 7.75
CA MET G 614 -16.52 -63.04 8.51
C MET G 614 -16.14 -61.69 9.15
N LEU G 615 -16.12 -61.62 10.48
CA LEU G 615 -15.74 -60.38 11.16
C LEU G 615 -14.24 -60.26 11.28
N LEU G 616 -13.65 -59.53 10.35
CA LEU G 616 -12.21 -59.35 10.35
C LEU G 616 -11.82 -58.26 11.35
N CYS G 617 -10.64 -58.42 11.92
CA CYS G 617 -10.13 -57.48 12.89
C CYS G 617 -9.49 -56.35 12.11
N PRO G 618 -10.02 -55.12 12.25
CA PRO G 618 -9.50 -53.93 11.56
C PRO G 618 -8.35 -53.18 12.27
N MET G 619 -8.14 -53.42 13.55
CA MET G 619 -7.04 -52.75 14.25
C MET G 619 -6.12 -53.79 14.90
N PRO G 620 -4.83 -53.75 14.59
CA PRO G 620 -3.93 -54.72 15.18
C PRO G 620 -3.85 -54.52 16.68
N GLY G 621 -4.76 -55.10 17.43
CA GLY G 621 -4.72 -54.90 18.88
C GLY G 621 -4.82 -56.16 19.71
N LEU G 622 -5.34 -56.00 20.93
CA LEU G 622 -5.54 -57.10 21.87
C LEU G 622 -7.03 -57.24 22.22
N ILE G 623 -7.56 -58.44 22.06
CA ILE G 623 -8.96 -58.69 22.37
C ILE G 623 -9.19 -58.63 23.86
N VAL G 624 -9.91 -57.59 24.29
CA VAL G 624 -10.24 -57.40 25.69
C VAL G 624 -11.41 -58.27 26.09
N LYS G 625 -12.41 -58.39 25.23
CA LYS G 625 -13.56 -59.20 25.57
C LYS G 625 -14.49 -59.54 24.41
N VAL G 626 -15.05 -60.76 24.45
CA VAL G 626 -15.99 -61.24 23.44
C VAL G 626 -17.30 -61.39 24.21
N ASP G 627 -18.36 -60.73 23.76
CA ASP G 627 -19.63 -60.78 24.45
C ASP G 627 -20.68 -61.52 23.67
N VAL G 628 -20.21 -62.46 22.85
CA VAL G 628 -21.09 -63.27 22.02
C VAL G 628 -20.65 -64.76 22.07
N GLU G 629 -21.63 -65.66 22.17
CA GLU G 629 -21.34 -67.11 22.22
C GLU G 629 -21.58 -67.75 20.87
N VAL G 630 -21.14 -68.99 20.72
CA VAL G 630 -21.33 -69.70 19.46
C VAL G 630 -22.79 -70.03 19.31
N GLY G 631 -23.30 -69.89 18.08
CA GLY G 631 -24.70 -70.15 17.83
C GLY G 631 -25.62 -69.14 18.50
N GLN G 632 -25.11 -67.94 18.78
CA GLN G 632 -25.95 -66.90 19.38
C GLN G 632 -26.47 -66.11 18.19
N GLU G 633 -27.57 -65.41 18.34
CA GLU G 633 -28.10 -64.61 17.23
C GLU G 633 -27.79 -63.15 17.54
N VAL G 634 -27.34 -62.39 16.54
CA VAL G 634 -27.00 -60.97 16.76
C VAL G 634 -27.78 -59.98 15.92
N GLN G 635 -28.03 -58.83 16.52
CA GLN G 635 -28.77 -57.76 15.88
C GLN G 635 -27.83 -56.85 15.08
N GLU G 636 -28.32 -56.31 13.97
CA GLU G 636 -27.51 -55.43 13.15
C GLU G 636 -26.93 -54.30 13.98
N GLY G 637 -25.62 -54.35 14.23
CA GLY G 637 -24.94 -53.33 14.99
C GLY G 637 -24.69 -53.71 16.44
N GLN G 638 -24.88 -54.97 16.75
CA GLN G 638 -24.68 -55.40 18.12
C GLN G 638 -23.22 -55.60 18.49
N ALA G 639 -22.88 -55.26 19.74
CA ALA G 639 -21.51 -55.40 20.20
C ALA G 639 -21.10 -56.85 20.13
N LEU G 640 -20.02 -57.10 19.41
CA LEU G 640 -19.49 -58.44 19.26
C LEU G 640 -18.30 -58.61 20.23
N CYS G 641 -17.18 -57.97 19.92
CA CYS G 641 -16.02 -58.05 20.79
C CYS G 641 -15.52 -56.66 21.13
N THR G 642 -14.28 -56.57 21.59
CA THR G 642 -13.69 -55.29 21.96
C THR G 642 -12.17 -55.37 21.97
N ILE G 643 -11.53 -54.81 20.95
CA ILE G 643 -10.08 -54.81 20.82
C ILE G 643 -9.45 -53.58 21.46
N GLU G 644 -8.37 -53.75 22.24
CA GLU G 644 -7.70 -52.58 22.84
C GLU G 644 -6.53 -52.14 21.93
N ALA G 645 -6.70 -50.95 21.36
CA ALA G 645 -5.77 -50.33 20.40
C ALA G 645 -4.49 -49.80 20.98
N MET G 646 -4.57 -48.61 21.56
CA MET G 646 -3.39 -48.00 22.14
C MET G 646 -3.86 -47.40 23.45
N LYS G 647 -4.30 -48.29 24.33
CA LYS G 647 -4.84 -47.88 25.63
C LYS G 647 -6.19 -47.22 25.37
N MET G 648 -6.85 -47.69 24.30
CA MET G 648 -8.15 -47.20 23.90
C MET G 648 -8.95 -48.41 23.44
N GLU G 649 -10.17 -48.58 23.97
CA GLU G 649 -11.04 -49.71 23.64
C GLU G 649 -11.91 -49.43 22.42
N ASN G 650 -12.00 -50.43 21.55
CA ASN G 650 -12.80 -50.33 20.33
C ASN G 650 -13.80 -51.48 20.24
N ILE G 651 -15.08 -51.13 20.21
CA ILE G 651 -16.14 -52.12 20.13
C ILE G 651 -16.47 -52.42 18.66
N LEU G 652 -16.29 -53.68 18.24
CA LEU G 652 -16.64 -54.11 16.89
C LEU G 652 -18.07 -54.62 16.93
N ARG G 653 -18.86 -54.35 15.91
CA ARG G 653 -20.21 -54.83 16.00
C ARG G 653 -20.76 -55.50 14.76
N ALA G 654 -21.83 -56.28 14.95
CA ALA G 654 -22.46 -57.00 13.86
C ALA G 654 -22.83 -56.08 12.72
N GLU G 655 -22.43 -56.46 11.52
CA GLU G 655 -22.71 -55.69 10.32
C GLU G 655 -24.20 -55.72 10.01
N LYS G 656 -24.75 -56.93 9.97
CA LYS G 656 -26.17 -57.18 9.71
C LYS G 656 -26.59 -58.27 10.68
N LYS G 657 -27.89 -58.35 10.95
CA LYS G 657 -28.40 -59.35 11.86
C LYS G 657 -28.00 -60.73 11.31
N GLY G 658 -27.47 -61.58 12.17
CA GLY G 658 -27.05 -62.92 11.74
C GLY G 658 -26.82 -63.82 12.93
N VAL G 659 -26.32 -65.03 12.67
CA VAL G 659 -26.05 -65.99 13.75
C VAL G 659 -24.61 -66.48 13.72
N VAL G 660 -23.97 -66.38 14.88
CA VAL G 660 -22.58 -66.78 15.06
C VAL G 660 -22.35 -68.26 14.72
N ALA G 661 -21.55 -68.48 13.68
CA ALA G 661 -21.22 -69.85 13.29
C ALA G 661 -20.13 -70.25 14.28
N LYS G 662 -18.94 -69.68 14.13
CA LYS G 662 -17.83 -70.01 15.03
C LYS G 662 -16.98 -68.80 15.41
N ILE G 663 -16.40 -68.89 16.62
CA ILE G 663 -15.53 -67.85 17.14
C ILE G 663 -14.14 -68.47 17.13
N ASN G 664 -13.10 -67.65 17.05
CA ASN G 664 -11.75 -68.18 17.08
C ASN G 664 -10.77 -67.17 17.63
N ALA G 665 -11.02 -66.73 18.86
CA ALA G 665 -10.19 -65.77 19.56
C ALA G 665 -10.94 -65.50 20.84
N SER G 666 -10.22 -65.18 21.91
CA SER G 666 -10.87 -64.91 23.18
C SER G 666 -10.07 -63.88 23.95
N ALA G 667 -10.54 -63.53 25.14
CA ALA G 667 -9.85 -62.55 25.97
C ALA G 667 -8.33 -62.79 25.90
N GLY G 668 -7.55 -61.72 26.06
CA GLY G 668 -6.11 -61.85 26.03
C GLY G 668 -5.47 -62.14 24.69
N ASN G 669 -6.26 -62.60 23.71
CA ASN G 669 -5.72 -62.88 22.38
C ASN G 669 -5.16 -61.61 21.73
N SER G 670 -4.19 -61.76 20.85
CA SER G 670 -3.59 -60.62 20.18
C SER G 670 -3.54 -60.86 18.69
N LEU G 671 -4.42 -60.17 17.97
CA LEU G 671 -4.52 -60.32 16.51
C LEU G 671 -4.15 -59.09 15.69
N ALA G 672 -3.61 -59.35 14.51
CA ALA G 672 -3.22 -58.32 13.55
C ALA G 672 -4.45 -57.99 12.70
N VAL G 673 -4.27 -57.26 11.62
CA VAL G 673 -5.41 -56.92 10.78
C VAL G 673 -5.93 -58.16 10.07
N ASP G 674 -7.12 -58.03 9.50
CA ASP G 674 -7.75 -59.10 8.76
C ASP G 674 -7.95 -60.43 9.44
N ASP G 675 -7.24 -60.71 10.53
CA ASP G 675 -7.46 -61.97 11.22
C ASP G 675 -8.95 -62.17 11.50
N VAL G 676 -9.53 -63.28 11.06
CA VAL G 676 -10.95 -63.54 11.30
C VAL G 676 -11.22 -63.74 12.80
N ILE G 677 -12.06 -62.89 13.38
CA ILE G 677 -12.39 -62.98 14.80
C ILE G 677 -13.53 -63.97 15.02
N MET G 678 -14.51 -63.93 14.11
CA MET G 678 -15.66 -64.81 14.21
C MET G 678 -16.15 -65.11 12.82
N GLU G 679 -17.03 -66.09 12.73
CA GLU G 679 -17.60 -66.46 11.47
C GLU G 679 -19.09 -66.53 11.68
N PHE G 680 -19.85 -66.20 10.66
CA PHE G 680 -21.29 -66.23 10.78
C PHE G 680 -21.80 -67.20 9.72
N GLU G 681 -22.85 -67.94 10.06
CA GLU G 681 -23.41 -68.91 9.13
C GLU G 681 -24.21 -68.23 8.03
N LEU H 26 -35.54 -12.71 -34.14
CA LEU H 26 -35.64 -13.90 -35.04
C LEU H 26 -35.92 -15.19 -34.29
N GLU H 27 -36.94 -15.91 -34.74
CA GLU H 27 -37.28 -17.17 -34.09
C GLU H 27 -36.24 -18.14 -34.55
N GLN H 28 -35.38 -17.68 -35.45
CA GLN H 28 -34.30 -18.52 -35.94
C GLN H 28 -33.32 -18.60 -34.78
N LEU H 29 -33.10 -17.49 -34.10
CA LEU H 29 -32.22 -17.48 -32.94
C LEU H 29 -32.76 -18.53 -31.94
N GLU H 30 -34.05 -18.48 -31.65
CA GLU H 30 -34.62 -19.46 -30.73
C GLU H 30 -34.35 -20.90 -31.14
N ASP H 31 -34.25 -21.13 -32.45
CA ASP H 31 -34.01 -22.46 -32.99
C ASP H 31 -32.60 -22.88 -32.73
N ARG H 32 -31.66 -22.04 -33.14
CA ARG H 32 -30.22 -22.28 -32.94
C ARG H 32 -30.01 -22.62 -31.48
N ARG H 33 -30.58 -21.78 -30.61
CA ARG H 33 -30.53 -21.95 -29.15
C ARG H 33 -31.02 -23.37 -28.78
N ALA H 34 -32.27 -23.64 -29.10
CA ALA H 34 -32.91 -24.92 -28.83
C ALA H 34 -32.08 -26.08 -29.34
N ALA H 35 -31.46 -25.86 -30.49
CA ALA H 35 -30.62 -26.85 -31.15
C ALA H 35 -29.43 -27.17 -30.29
N ALA H 36 -28.75 -26.11 -29.88
CA ALA H 36 -27.58 -26.20 -29.03
C ALA H 36 -27.88 -26.89 -27.71
N ARG H 37 -28.99 -26.52 -27.08
CA ARG H 37 -29.37 -27.11 -25.79
C ARG H 37 -29.56 -28.62 -25.86
N LEU H 38 -29.55 -29.19 -27.06
CA LEU H 38 -29.74 -30.63 -27.21
C LEU H 38 -28.50 -31.47 -27.06
N GLY H 39 -27.35 -30.82 -26.98
CA GLY H 39 -26.10 -31.54 -26.81
C GLY H 39 -25.93 -32.61 -27.85
N GLY H 40 -25.30 -33.72 -27.46
CA GLY H 40 -25.09 -34.81 -28.39
C GLY H 40 -26.36 -35.54 -28.80
N GLY H 41 -27.49 -34.88 -28.68
CA GLY H 41 -28.70 -35.52 -29.09
C GLY H 41 -29.43 -36.35 -28.06
N GLN H 42 -30.74 -36.27 -28.20
CA GLN H 42 -31.72 -36.92 -27.36
C GLN H 42 -31.41 -38.39 -27.14
N LYS H 43 -30.74 -39.02 -28.10
CA LYS H 43 -30.42 -40.42 -27.93
C LYS H 43 -29.28 -40.55 -26.93
N ARG H 44 -28.30 -39.64 -27.00
CA ARG H 44 -27.18 -39.66 -26.07
C ARG H 44 -27.65 -39.16 -24.71
N ILE H 45 -28.58 -38.22 -24.71
CA ILE H 45 -29.09 -37.73 -23.45
C ILE H 45 -29.65 -38.91 -22.69
N ASP H 46 -30.39 -39.76 -23.37
CA ASP H 46 -30.96 -40.91 -22.72
C ASP H 46 -29.86 -41.76 -22.19
N ALA H 47 -28.90 -42.03 -23.06
CA ALA H 47 -27.75 -42.83 -22.67
C ALA H 47 -27.22 -42.36 -21.30
N GLN H 48 -26.95 -41.06 -21.22
CA GLN H 48 -26.45 -40.43 -20.00
C GLN H 48 -27.34 -40.76 -18.83
N HIS H 49 -28.63 -40.44 -18.99
CA HIS H 49 -29.63 -40.68 -17.96
C HIS H 49 -29.63 -42.16 -17.60
N GLY H 50 -29.31 -42.99 -18.58
CA GLY H 50 -29.26 -44.41 -18.34
C GLY H 50 -28.27 -44.73 -17.24
N ARG H 51 -27.16 -44.00 -17.21
CA ARG H 51 -26.14 -44.21 -16.20
C ARG H 51 -26.47 -43.44 -14.93
N GLY H 52 -27.73 -43.07 -14.76
CA GLY H 52 -28.15 -42.34 -13.56
C GLY H 52 -27.50 -40.97 -13.49
N LYS H 53 -26.88 -40.58 -14.60
CA LYS H 53 -26.20 -39.31 -14.64
C LYS H 53 -27.08 -38.22 -15.26
N LEU H 54 -27.10 -37.03 -14.68
CA LEU H 54 -27.87 -35.94 -15.27
C LEU H 54 -27.03 -35.39 -16.41
N THR H 55 -27.62 -34.46 -17.17
CA THR H 55 -26.92 -33.83 -18.30
C THR H 55 -26.20 -32.58 -17.81
N ALA H 56 -25.27 -32.08 -18.62
CA ALA H 56 -24.49 -30.90 -18.23
C ALA H 56 -25.42 -29.79 -17.80
N ARG H 57 -26.32 -29.44 -18.71
CA ARG H 57 -27.27 -28.38 -18.45
C ARG H 57 -28.20 -28.63 -17.26
N GLU H 58 -28.66 -29.87 -17.11
CA GLU H 58 -29.56 -30.19 -16.01
C GLU H 58 -28.86 -29.95 -14.68
N ARG H 59 -27.56 -30.34 -14.62
CA ARG H 59 -26.73 -30.17 -13.43
C ARG H 59 -26.63 -28.68 -13.07
N VAL H 60 -26.31 -27.86 -14.07
CA VAL H 60 -26.21 -26.41 -13.90
C VAL H 60 -27.55 -25.91 -13.41
N ASP H 61 -28.63 -26.47 -13.95
CA ASP H 61 -29.95 -26.06 -13.56
C ASP H 61 -30.30 -26.26 -12.10
N LEU H 62 -29.75 -27.31 -11.51
CA LEU H 62 -30.04 -27.54 -10.12
C LEU H 62 -29.05 -26.79 -9.22
N LEU H 63 -27.90 -26.41 -9.77
CA LEU H 63 -26.90 -25.71 -8.98
C LEU H 63 -27.24 -24.24 -8.71
N LEU H 64 -27.56 -23.52 -9.77
CA LEU H 64 -27.84 -22.10 -9.65
C LEU H 64 -29.26 -21.72 -9.29
N ASP H 65 -29.39 -20.63 -8.53
CA ASP H 65 -30.70 -20.07 -8.14
C ASP H 65 -31.63 -20.10 -9.36
N GLU H 66 -32.82 -20.66 -9.16
CA GLU H 66 -33.79 -20.83 -10.20
C GLU H 66 -33.85 -19.71 -11.19
N GLY H 67 -33.34 -19.97 -12.39
CA GLY H 67 -33.35 -18.94 -13.41
C GLY H 67 -32.51 -17.77 -12.99
N SER H 68 -31.21 -17.93 -13.11
CA SER H 68 -30.25 -16.90 -12.73
C SER H 68 -28.98 -17.22 -13.47
N PHE H 69 -29.09 -18.23 -14.33
CA PHE H 69 -27.99 -18.69 -15.13
C PHE H 69 -27.98 -17.92 -16.41
N GLU H 70 -26.81 -17.43 -16.76
CA GLU H 70 -26.61 -16.73 -18.02
C GLU H 70 -25.51 -17.60 -18.62
N GLU H 71 -25.68 -17.99 -19.87
CA GLU H 71 -24.70 -18.84 -20.49
C GLU H 71 -23.84 -18.01 -21.38
N PHE H 72 -22.60 -18.46 -21.58
CA PHE H 72 -21.70 -17.77 -22.48
C PHE H 72 -21.19 -18.79 -23.48
N ASP H 73 -20.65 -18.27 -24.58
CA ASP H 73 -20.08 -19.11 -25.63
C ASP H 73 -20.92 -20.32 -26.07
N MET H 74 -22.24 -20.17 -26.09
CA MET H 74 -23.12 -21.27 -26.46
C MET H 74 -22.91 -21.83 -27.83
N PHE H 75 -22.47 -21.00 -28.78
CA PHE H 75 -22.28 -21.48 -30.13
C PHE H 75 -20.84 -21.68 -30.52
N VAL H 76 -19.97 -21.71 -29.54
CA VAL H 76 -18.55 -21.90 -29.82
C VAL H 76 -18.33 -23.23 -30.49
N THR H 77 -17.45 -23.25 -31.49
CA THR H 77 -17.15 -24.48 -32.22
C THR H 77 -15.62 -24.68 -32.15
N HIS H 78 -15.15 -25.93 -32.24
CA HIS H 78 -13.69 -26.15 -32.20
C HIS H 78 -12.99 -25.72 -33.51
N ARG H 79 -11.65 -25.64 -33.47
CA ARG H 79 -10.85 -25.21 -34.61
C ARG H 79 -9.94 -26.31 -35.14
N CYS H 80 -10.36 -27.55 -34.94
CA CYS H 80 -9.57 -28.69 -35.37
C CYS H 80 -9.83 -29.02 -36.83
N THR H 81 -8.77 -29.44 -37.53
CA THR H 81 -8.88 -29.83 -38.93
C THR H 81 -8.26 -31.19 -39.20
N ASP H 82 -7.53 -31.74 -38.23
CA ASP H 82 -6.93 -33.06 -38.43
C ASP H 82 -8.02 -34.12 -38.34
N PHE H 83 -7.69 -35.35 -38.73
CA PHE H 83 -8.62 -36.46 -38.64
C PHE H 83 -10.08 -36.18 -38.90
N ASN H 84 -10.35 -35.41 -39.94
CA ASN H 84 -11.71 -35.09 -40.32
C ASN H 84 -12.52 -34.57 -39.15
N MET H 85 -11.84 -34.07 -38.13
CA MET H 85 -12.53 -33.54 -36.98
C MET H 85 -13.41 -32.38 -37.35
N GLN H 86 -13.08 -31.70 -38.45
CA GLN H 86 -13.85 -30.54 -38.85
C GLN H 86 -15.21 -30.80 -39.43
N ASP H 87 -15.58 -32.08 -39.55
CA ASP H 87 -16.89 -32.43 -40.09
C ASP H 87 -17.88 -32.60 -38.96
N GLN H 88 -17.36 -32.53 -37.75
CA GLN H 88 -18.18 -32.68 -36.56
C GLN H 88 -17.91 -31.47 -35.65
N LYS H 89 -18.56 -30.36 -35.93
CA LYS H 89 -18.37 -29.14 -35.16
C LYS H 89 -19.61 -28.78 -34.32
N PRO H 90 -19.87 -29.54 -33.24
CA PRO H 90 -21.02 -29.33 -32.34
C PRO H 90 -20.95 -27.98 -31.66
N ALA H 91 -22.10 -27.42 -31.32
CA ALA H 91 -22.12 -26.13 -30.65
C ALA H 91 -21.82 -26.30 -29.19
N GLY H 92 -21.01 -25.38 -28.67
CA GLY H 92 -20.63 -25.44 -27.28
C GLY H 92 -19.33 -26.20 -27.10
N ASP H 93 -18.99 -27.02 -28.08
CA ASP H 93 -17.76 -27.79 -28.06
C ASP H 93 -17.51 -28.64 -26.81
N GLY H 94 -18.61 -29.11 -26.21
CA GLY H 94 -18.46 -29.99 -25.07
C GLY H 94 -18.57 -29.49 -23.66
N VAL H 95 -18.69 -28.20 -23.43
CA VAL H 95 -18.80 -27.73 -22.04
C VAL H 95 -19.78 -26.59 -21.93
N VAL H 96 -20.56 -26.54 -20.86
CA VAL H 96 -21.51 -25.44 -20.66
C VAL H 96 -20.89 -24.44 -19.66
N THR H 97 -20.67 -23.21 -20.09
CA THR H 97 -20.08 -22.21 -19.20
C THR H 97 -20.95 -20.99 -18.99
N GLY H 98 -20.71 -20.27 -17.89
CA GLY H 98 -21.48 -19.09 -17.58
C GLY H 98 -21.47 -18.75 -16.10
N TRP H 99 -22.43 -17.94 -15.66
CA TRP H 99 -22.51 -17.55 -14.26
C TRP H 99 -23.97 -17.56 -13.81
N GLY H 100 -24.18 -17.27 -12.54
CA GLY H 100 -25.51 -17.24 -11.96
C GLY H 100 -25.38 -16.96 -10.47
N THR H 101 -26.37 -17.30 -9.66
CA THR H 101 -26.22 -17.05 -8.23
C THR H 101 -26.62 -18.24 -7.37
N ILE H 102 -26.05 -18.34 -6.16
CA ILE H 102 -26.43 -19.39 -5.22
C ILE H 102 -26.86 -18.62 -3.98
N ASN H 103 -28.17 -18.56 -3.82
CA ASN H 103 -28.79 -17.80 -2.76
C ASN H 103 -28.52 -16.33 -2.97
N GLY H 104 -28.44 -15.93 -4.24
CA GLY H 104 -28.27 -14.53 -4.54
C GLY H 104 -26.86 -14.07 -4.64
N ARG H 105 -25.88 -14.93 -4.32
CA ARG H 105 -24.47 -14.55 -4.40
C ARG H 105 -23.89 -15.08 -5.71
N VAL H 106 -23.18 -14.23 -6.44
CA VAL H 106 -22.62 -14.64 -7.74
C VAL H 106 -21.64 -15.77 -7.72
N VAL H 107 -21.82 -16.64 -8.69
CA VAL H 107 -20.95 -17.77 -8.80
C VAL H 107 -20.70 -18.06 -10.26
N TYR H 108 -19.47 -18.49 -10.57
CA TYR H 108 -19.14 -18.79 -11.96
C TYR H 108 -19.09 -20.29 -12.12
N VAL H 109 -19.54 -20.77 -13.26
CA VAL H 109 -19.57 -22.21 -13.44
C VAL H 109 -19.31 -22.76 -14.84
N PHE H 110 -18.98 -24.05 -14.88
CA PHE H 110 -18.80 -24.74 -16.13
C PHE H 110 -19.16 -26.18 -15.82
N SER H 111 -19.97 -26.75 -16.70
CA SER H 111 -20.39 -28.12 -16.56
C SER H 111 -19.98 -28.80 -17.87
N GLN H 112 -19.20 -29.87 -17.79
CA GLN H 112 -18.79 -30.58 -19.00
C GLN H 112 -19.93 -31.47 -19.53
N ASP H 113 -20.23 -31.32 -20.83
CA ASP H 113 -21.27 -32.08 -21.48
C ASP H 113 -20.73 -33.36 -22.09
N PHE H 114 -20.83 -34.44 -21.33
CA PHE H 114 -20.35 -35.75 -21.74
C PHE H 114 -20.94 -36.26 -23.07
N THR H 115 -22.15 -35.82 -23.41
CA THR H 115 -22.81 -36.25 -24.65
C THR H 115 -22.23 -35.58 -25.88
N VAL H 116 -21.33 -34.65 -25.69
CA VAL H 116 -20.78 -34.00 -26.86
C VAL H 116 -19.32 -34.29 -27.05
N LEU H 117 -19.03 -35.27 -27.91
CA LEU H 117 -17.64 -35.67 -28.16
C LEU H 117 -17.08 -36.07 -26.81
N GLY H 118 -17.91 -36.76 -26.03
CA GLY H 118 -17.51 -37.21 -24.70
C GLY H 118 -17.11 -36.11 -23.75
N GLY H 119 -17.42 -34.87 -24.11
CA GLY H 119 -17.00 -33.77 -23.28
C GLY H 119 -15.49 -33.81 -23.22
N SER H 120 -14.85 -34.14 -24.34
CA SER H 120 -13.41 -34.22 -24.46
C SER H 120 -12.83 -32.83 -24.51
N VAL H 121 -11.72 -32.64 -23.80
CA VAL H 121 -11.06 -31.34 -23.71
C VAL H 121 -10.29 -30.93 -24.97
N SER H 122 -10.69 -29.81 -25.56
CA SER H 122 -10.02 -29.27 -26.73
C SER H 122 -9.46 -27.86 -26.44
N GLU H 123 -8.89 -27.22 -27.45
CA GLU H 123 -8.36 -25.89 -27.23
C GLU H 123 -9.46 -24.94 -26.83
N THR H 124 -10.56 -24.98 -27.57
CA THR H 124 -11.73 -24.14 -27.33
C THR H 124 -12.56 -24.50 -26.06
N HIS H 125 -12.69 -25.78 -25.74
CA HIS H 125 -13.41 -26.18 -24.53
C HIS H 125 -12.71 -25.42 -23.37
N SER H 126 -11.40 -25.63 -23.24
CA SER H 126 -10.62 -25.01 -22.20
C SER H 126 -10.87 -23.54 -22.21
N LYS H 127 -10.70 -22.93 -23.37
CA LYS H 127 -10.89 -21.49 -23.52
C LYS H 127 -12.15 -21.01 -22.85
N LYS H 128 -13.22 -21.79 -23.03
CA LYS H 128 -14.51 -21.47 -22.44
C LYS H 128 -14.42 -21.50 -20.93
N ILE H 129 -13.69 -22.49 -20.41
CA ILE H 129 -13.53 -22.60 -18.99
C ILE H 129 -12.68 -21.44 -18.51
N CYS H 130 -11.68 -21.06 -19.30
CA CYS H 130 -10.83 -19.96 -18.86
C CYS H 130 -11.55 -18.65 -18.77
N LYS H 131 -12.41 -18.37 -19.73
CA LYS H 131 -13.17 -17.12 -19.72
C LYS H 131 -13.91 -16.94 -18.38
N ILE H 132 -14.67 -17.93 -17.97
CA ILE H 132 -15.38 -17.76 -16.70
C ILE H 132 -14.43 -17.78 -15.50
N MET H 133 -13.26 -18.41 -15.64
CA MET H 133 -12.31 -18.44 -14.54
C MET H 133 -11.74 -17.03 -14.42
N ASP H 134 -11.40 -16.49 -15.57
CA ASP H 134 -10.86 -15.15 -15.63
C ASP H 134 -11.92 -14.19 -15.14
N MET H 135 -13.17 -14.52 -15.35
CA MET H 135 -14.23 -13.64 -14.90
C MET H 135 -14.45 -13.78 -13.40
N ALA H 136 -14.35 -15.00 -12.91
CA ALA H 136 -14.54 -15.19 -11.49
C ALA H 136 -13.46 -14.40 -10.75
N MET H 137 -12.24 -14.42 -11.25
CA MET H 137 -11.18 -13.71 -10.57
C MET H 137 -11.24 -12.19 -10.63
N GLN H 138 -11.64 -11.62 -11.76
CA GLN H 138 -11.74 -10.17 -11.89
C GLN H 138 -12.89 -9.63 -11.05
N ASN H 139 -13.82 -10.49 -10.65
CA ASN H 139 -14.97 -10.05 -9.88
C ASN H 139 -15.08 -10.65 -8.48
N GLY H 140 -14.10 -11.49 -8.12
CA GLY H 140 -14.07 -12.10 -6.80
C GLY H 140 -15.29 -12.94 -6.47
N ALA H 141 -15.42 -14.05 -7.21
CA ALA H 141 -16.52 -15.01 -7.07
C ALA H 141 -16.01 -16.42 -7.32
N PRO H 142 -16.44 -17.39 -6.49
CA PRO H 142 -15.99 -18.77 -6.68
C PRO H 142 -16.26 -19.31 -8.11
N VAL H 143 -15.75 -20.52 -8.36
CA VAL H 143 -15.91 -21.20 -9.64
C VAL H 143 -16.26 -22.65 -9.30
N ILE H 144 -17.43 -23.12 -9.73
CA ILE H 144 -17.77 -24.52 -9.49
C ILE H 144 -17.50 -25.30 -10.79
N GLY H 145 -16.61 -26.29 -10.71
CA GLY H 145 -16.30 -27.05 -11.90
C GLY H 145 -16.98 -28.38 -11.85
N ILE H 146 -17.82 -28.66 -12.85
CA ILE H 146 -18.50 -29.95 -12.91
C ILE H 146 -17.84 -30.77 -14.01
N ASN H 147 -16.94 -31.65 -13.60
CA ASN H 147 -16.20 -32.47 -14.54
C ASN H 147 -16.91 -33.75 -14.78
N ASP H 148 -17.09 -34.06 -16.06
CA ASP H 148 -17.75 -35.27 -16.55
C ASP H 148 -17.24 -35.33 -17.98
N SER H 149 -16.03 -35.81 -18.13
CA SER H 149 -15.40 -35.90 -19.44
C SER H 149 -14.54 -37.13 -19.63
N GLY H 150 -14.50 -37.60 -20.86
CA GLY H 150 -13.71 -38.78 -21.14
C GLY H 150 -12.23 -38.48 -21.12
N GLY H 151 -11.85 -37.20 -21.04
CA GLY H 151 -10.45 -36.85 -21.06
C GLY H 151 -10.14 -35.97 -22.26
N ALA H 152 -8.89 -35.96 -22.67
CA ALA H 152 -8.47 -35.08 -23.77
C ALA H 152 -9.03 -35.47 -25.12
N ARG H 153 -9.08 -34.47 -26.01
CA ARG H 153 -9.58 -34.64 -27.39
C ARG H 153 -8.35 -34.95 -28.25
N ILE H 154 -7.98 -36.24 -28.28
CA ILE H 154 -6.82 -36.75 -28.98
C ILE H 154 -6.48 -36.15 -30.35
N GLN H 155 -7.50 -35.88 -31.16
CA GLN H 155 -7.29 -35.33 -32.49
C GLN H 155 -6.63 -33.99 -32.50
N GLU H 156 -6.75 -33.26 -31.40
CA GLU H 156 -6.19 -31.93 -31.32
C GLU H 156 -4.69 -31.91 -31.00
N GLY H 157 -4.11 -33.08 -30.77
CA GLY H 157 -2.70 -33.12 -30.48
C GLY H 157 -2.27 -32.28 -29.30
N VAL H 158 -1.21 -31.48 -29.48
CA VAL H 158 -0.74 -30.64 -28.39
C VAL H 158 -1.75 -29.56 -28.01
N ASP H 159 -2.65 -29.22 -28.93
CA ASP H 159 -3.64 -28.21 -28.60
C ASP H 159 -4.54 -28.62 -27.44
N SER H 160 -4.64 -29.91 -27.22
CA SER H 160 -5.44 -30.39 -26.11
C SER H 160 -4.58 -30.16 -24.87
N LEU H 161 -3.29 -30.43 -24.99
CA LEU H 161 -2.40 -30.23 -23.87
C LEU H 161 -2.45 -28.81 -23.46
N ALA H 162 -2.23 -27.91 -24.41
CA ALA H 162 -2.24 -26.49 -24.11
C ALA H 162 -3.59 -26.13 -23.46
N GLY H 163 -4.67 -26.70 -24.00
CA GLY H 163 -5.99 -26.42 -23.46
C GLY H 163 -6.01 -26.63 -21.96
N TYR H 164 -5.41 -27.73 -21.54
CA TYR H 164 -5.32 -28.05 -20.12
C TYR H 164 -4.48 -27.02 -19.40
N GLY H 165 -3.32 -26.73 -19.97
CA GLY H 165 -2.42 -25.75 -19.38
C GLY H 165 -3.06 -24.43 -18.99
N GLU H 166 -3.75 -23.78 -19.91
CA GLU H 166 -4.35 -22.52 -19.56
C GLU H 166 -5.28 -22.73 -18.36
N VAL H 167 -5.98 -23.86 -18.31
CA VAL H 167 -6.85 -24.07 -17.16
C VAL H 167 -5.98 -24.18 -15.91
N PHE H 168 -5.02 -25.11 -15.91
CA PHE H 168 -4.12 -25.31 -14.77
C PHE H 168 -3.61 -23.99 -14.23
N GLN H 169 -2.93 -23.25 -15.09
CA GLN H 169 -2.35 -21.96 -14.71
C GLN H 169 -3.34 -21.06 -13.95
N ARG H 170 -4.57 -21.01 -14.47
CA ARG H 170 -5.62 -20.24 -13.87
C ARG H 170 -5.97 -20.87 -12.54
N ASN H 171 -6.11 -22.19 -12.51
CA ASN H 171 -6.39 -22.89 -11.27
C ASN H 171 -5.39 -22.46 -10.22
N ILE H 172 -4.14 -22.42 -10.65
CA ILE H 172 -3.06 -22.05 -9.75
C ILE H 172 -3.18 -20.62 -9.27
N MET H 173 -3.25 -19.67 -10.21
CA MET H 173 -3.34 -18.27 -9.84
C MET H 173 -4.46 -17.91 -8.89
N ALA H 174 -5.57 -18.66 -8.96
CA ALA H 174 -6.72 -18.39 -8.10
C ALA H 174 -6.69 -19.15 -6.79
N SER H 175 -5.63 -19.94 -6.58
CA SER H 175 -5.62 -20.70 -5.36
C SER H 175 -5.54 -19.80 -4.15
N GLY H 176 -6.57 -19.92 -3.29
CA GLY H 176 -6.65 -19.16 -2.06
C GLY H 176 -7.03 -17.73 -2.31
N VAL H 177 -7.56 -17.48 -3.51
CA VAL H 177 -7.98 -16.14 -3.91
C VAL H 177 -9.48 -16.05 -4.13
N VAL H 178 -10.06 -17.16 -4.55
CA VAL H 178 -11.48 -17.23 -4.80
C VAL H 178 -11.69 -18.74 -4.66
N PRO H 179 -12.78 -19.17 -4.01
CA PRO H 179 -13.08 -20.59 -3.80
C PRO H 179 -13.29 -21.35 -5.08
N GLN H 180 -12.64 -22.52 -5.21
CA GLN H 180 -12.75 -23.40 -6.38
C GLN H 180 -13.20 -24.80 -5.96
N ILE H 181 -14.49 -25.07 -6.09
CA ILE H 181 -15.12 -26.35 -5.75
C ILE H 181 -15.23 -27.26 -6.98
N SER H 182 -14.63 -28.44 -6.92
CA SER H 182 -14.71 -29.35 -8.05
C SER H 182 -15.71 -30.48 -7.83
N MET H 183 -16.60 -30.63 -8.79
CA MET H 183 -17.61 -31.67 -8.74
C MET H 183 -17.37 -32.70 -9.84
N ILE H 184 -16.97 -33.92 -9.46
CA ILE H 184 -16.74 -34.96 -10.46
C ILE H 184 -18.04 -35.74 -10.57
N MET H 185 -18.60 -35.80 -11.76
CA MET H 185 -19.86 -36.47 -11.92
C MET H 185 -19.83 -37.42 -13.10
N GLY H 186 -18.61 -37.76 -13.49
CA GLY H 186 -18.45 -38.66 -14.59
C GLY H 186 -17.01 -39.12 -14.61
N PRO H 187 -16.44 -39.26 -15.79
CA PRO H 187 -15.06 -39.70 -15.80
C PRO H 187 -14.09 -38.50 -15.76
N CYS H 188 -12.91 -38.71 -15.19
CA CYS H 188 -11.92 -37.66 -15.18
C CYS H 188 -10.59 -38.39 -15.31
N ALA H 189 -10.04 -38.44 -16.52
CA ALA H 189 -8.78 -39.18 -16.65
C ALA H 189 -7.59 -38.47 -17.25
N GLY H 190 -6.40 -38.82 -16.77
CA GLY H 190 -5.22 -38.18 -17.33
C GLY H 190 -4.86 -36.84 -16.74
N GLY H 191 -4.30 -35.97 -17.57
CA GLY H 191 -3.91 -34.67 -17.08
C GLY H 191 -5.05 -34.04 -16.32
N ALA H 192 -6.25 -34.15 -16.89
CA ALA H 192 -7.42 -33.53 -16.26
C ALA H 192 -7.53 -33.66 -14.73
N VAL H 193 -7.19 -34.82 -14.18
CA VAL H 193 -7.29 -34.97 -12.75
C VAL H 193 -6.57 -33.86 -12.03
N TYR H 194 -5.48 -33.37 -12.63
CA TYR H 194 -4.67 -32.32 -11.99
C TYR H 194 -5.35 -31.02 -11.75
N SER H 195 -6.36 -30.71 -12.55
CA SER H 195 -7.09 -29.48 -12.33
C SER H 195 -7.84 -29.56 -10.98
N PRO H 196 -8.86 -30.47 -10.88
CA PRO H 196 -9.61 -30.60 -9.63
C PRO H 196 -8.65 -30.77 -8.45
N ALA H 197 -7.53 -31.42 -8.74
CA ALA H 197 -6.51 -31.70 -7.76
C ALA H 197 -6.07 -30.44 -7.07
N MET H 198 -6.03 -29.34 -7.84
CA MET H 198 -5.60 -28.04 -7.36
C MET H 198 -6.72 -27.13 -6.88
N THR H 199 -7.96 -27.55 -7.06
CA THR H 199 -9.06 -26.74 -6.56
C THR H 199 -9.17 -27.02 -5.06
N ASP H 200 -9.93 -26.19 -4.34
CA ASP H 200 -10.07 -26.32 -2.90
C ASP H 200 -10.88 -27.51 -2.34
N PHE H 201 -11.77 -28.07 -3.16
CA PHE H 201 -12.60 -29.21 -2.79
C PHE H 201 -12.87 -30.15 -3.97
N ILE H 202 -13.06 -31.43 -3.66
CA ILE H 202 -13.33 -32.40 -4.70
C ILE H 202 -14.44 -33.31 -4.25
N PHE H 203 -15.63 -33.14 -4.81
CA PHE H 203 -16.73 -34.01 -4.45
C PHE H 203 -17.01 -34.95 -5.60
N MET H 204 -17.33 -36.20 -5.26
CA MET H 204 -17.63 -37.20 -6.27
C MET H 204 -19.02 -37.80 -6.05
N VAL H 205 -19.56 -38.39 -7.11
CA VAL H 205 -20.87 -38.99 -7.03
C VAL H 205 -20.72 -40.52 -6.93
N LYS H 206 -21.05 -40.99 -5.74
CA LYS H 206 -20.94 -42.38 -5.37
C LYS H 206 -20.60 -43.38 -6.44
N ASP H 207 -21.46 -43.59 -7.42
CA ASP H 207 -21.10 -44.67 -8.34
C ASP H 207 -20.81 -44.35 -9.77
N SER H 208 -21.31 -43.22 -10.24
CA SER H 208 -21.18 -42.85 -11.62
C SER H 208 -19.95 -42.07 -11.99
N SER H 209 -19.06 -41.86 -11.05
CA SER H 209 -17.88 -41.05 -11.32
C SER H 209 -16.56 -41.73 -10.99
N TYR H 210 -15.50 -41.19 -11.55
CA TYR H 210 -14.19 -41.71 -11.21
C TYR H 210 -13.06 -40.88 -11.78
N MET H 211 -11.88 -41.10 -11.24
CA MET H 211 -10.72 -40.37 -11.71
C MET H 211 -9.38 -41.03 -11.43
N PHE H 212 -8.46 -40.88 -12.37
CA PHE H 212 -7.11 -41.42 -12.29
C PHE H 212 -6.24 -40.85 -13.38
N VAL H 213 -4.94 -40.78 -13.12
CA VAL H 213 -3.96 -40.25 -14.07
C VAL H 213 -3.75 -41.21 -15.22
N THR H 214 -3.69 -42.50 -14.92
CA THR H 214 -3.52 -43.52 -15.95
C THR H 214 -4.69 -44.51 -15.88
N GLY H 215 -5.16 -44.97 -17.04
CA GLY H 215 -6.30 -45.89 -17.10
C GLY H 215 -6.07 -47.33 -16.72
N PRO H 216 -7.12 -48.08 -16.38
CA PRO H 216 -7.03 -49.48 -15.97
C PRO H 216 -6.33 -50.39 -16.98
N ASP H 217 -6.51 -50.09 -18.25
CA ASP H 217 -5.91 -50.90 -19.32
C ASP H 217 -4.41 -50.66 -19.44
N VAL H 218 -3.93 -49.46 -19.15
CA VAL H 218 -2.49 -49.30 -19.21
C VAL H 218 -1.90 -49.90 -17.92
N VAL H 219 -2.64 -49.82 -16.84
CA VAL H 219 -2.16 -50.38 -15.57
C VAL H 219 -1.91 -51.86 -15.79
N LYS H 220 -2.71 -52.48 -16.66
CA LYS H 220 -2.52 -53.90 -16.94
C LYS H 220 -1.26 -54.09 -17.78
N THR H 221 -1.28 -53.56 -19.00
CA THR H 221 -0.15 -53.71 -19.91
C THR H 221 1.19 -53.28 -19.33
N VAL H 222 1.18 -52.69 -18.13
CA VAL H 222 2.41 -52.24 -17.53
C VAL H 222 2.65 -52.87 -16.17
N THR H 223 1.56 -53.24 -15.50
CA THR H 223 1.65 -53.84 -14.18
C THR H 223 1.08 -55.24 -14.19
N ASN H 224 0.49 -55.63 -15.31
CA ASN H 224 -0.09 -56.94 -15.43
C ASN H 224 -1.18 -57.09 -14.39
N GLU H 225 -1.52 -55.99 -13.76
CA GLU H 225 -2.56 -55.99 -12.76
C GLU H 225 -3.83 -55.62 -13.47
N GLN H 226 -4.92 -56.31 -13.17
CA GLN H 226 -6.15 -55.93 -13.84
C GLN H 226 -7.12 -55.45 -12.79
N VAL H 227 -7.66 -54.27 -13.06
CA VAL H 227 -8.57 -53.63 -12.15
C VAL H 227 -9.58 -52.82 -12.94
N SER H 228 -10.79 -52.71 -12.41
CA SER H 228 -11.86 -51.97 -13.06
C SER H 228 -11.76 -50.53 -12.67
N ALA H 229 -12.24 -49.65 -13.56
CA ALA H 229 -12.22 -48.21 -13.29
C ALA H 229 -12.77 -47.89 -11.91
N GLU H 230 -13.95 -48.39 -11.59
CA GLU H 230 -14.50 -48.11 -10.27
C GLU H 230 -13.52 -48.51 -9.15
N GLU H 231 -12.79 -49.61 -9.32
CA GLU H 231 -11.82 -50.07 -8.31
C GLU H 231 -10.65 -49.13 -8.24
N LEU H 232 -10.13 -48.79 -9.42
CA LEU H 232 -8.98 -47.92 -9.58
C LEU H 232 -9.19 -46.55 -9.02
N GLY H 233 -10.19 -45.85 -9.52
CA GLY H 233 -10.43 -44.50 -9.02
C GLY H 233 -11.89 -44.15 -8.88
N GLY H 234 -12.65 -45.01 -8.19
CA GLY H 234 -14.06 -44.76 -7.96
C GLY H 234 -14.29 -43.90 -6.72
N ALA H 235 -15.48 -43.31 -6.61
CA ALA H 235 -15.80 -42.45 -5.47
C ALA H 235 -15.31 -42.99 -4.16
N THR H 236 -15.53 -44.27 -3.91
CA THR H 236 -15.11 -44.84 -2.65
C THR H 236 -13.61 -44.90 -2.50
N THR H 237 -12.93 -45.39 -3.53
CA THR H 237 -11.48 -45.51 -3.47
C THR H 237 -10.88 -44.17 -3.07
N HIS H 238 -11.39 -43.09 -3.68
CA HIS H 238 -10.91 -41.75 -3.39
C HIS H 238 -11.39 -41.11 -2.12
N THR H 239 -12.64 -41.35 -1.73
CA THR H 239 -13.13 -40.76 -0.48
C THR H 239 -12.59 -41.42 0.78
N ARG H 240 -11.92 -42.57 0.63
CA ARG H 240 -11.35 -43.21 1.81
C ARG H 240 -10.01 -43.94 1.71
N LYS H 241 -9.37 -43.93 0.56
CA LYS H 241 -8.11 -44.62 0.45
C LYS H 241 -7.00 -43.69 -0.01
N SER H 242 -7.24 -42.99 -1.12
CA SER H 242 -6.27 -42.08 -1.75
C SER H 242 -6.06 -40.71 -1.14
N SER H 243 -7.09 -40.20 -0.47
CA SER H 243 -7.07 -38.87 0.19
C SER H 243 -7.41 -37.76 -0.80
N VAL H 244 -7.85 -38.14 -2.00
CA VAL H 244 -8.18 -37.20 -3.04
C VAL H 244 -9.50 -36.49 -2.97
N ALA H 245 -10.57 -37.22 -2.67
CA ALA H 245 -11.92 -36.64 -2.61
C ALA H 245 -12.35 -36.24 -1.22
N ASP H 246 -13.21 -35.24 -1.13
CA ASP H 246 -13.68 -34.70 0.14
C ASP H 246 -14.97 -35.31 0.61
N ALA H 247 -15.65 -36.01 -0.30
CA ALA H 247 -16.94 -36.67 0.01
C ALA H 247 -17.49 -37.36 -1.22
N ALA H 248 -18.31 -38.38 -1.02
CA ALA H 248 -18.92 -39.07 -2.16
C ALA H 248 -20.43 -38.98 -1.98
N PHE H 249 -21.07 -38.21 -2.84
CA PHE H 249 -22.50 -38.04 -2.73
C PHE H 249 -23.25 -39.21 -3.30
N GLU H 250 -24.45 -39.46 -2.78
CA GLU H 250 -25.28 -40.56 -3.25
C GLU H 250 -25.67 -40.51 -4.72
N ASN H 251 -25.86 -39.32 -5.28
CA ASN H 251 -26.20 -39.15 -6.71
C ASN H 251 -26.13 -37.70 -7.19
N ASP H 252 -26.33 -37.50 -8.49
CA ASP H 252 -26.27 -36.16 -9.04
C ASP H 252 -27.12 -35.13 -8.33
N VAL H 253 -28.34 -35.46 -7.93
CA VAL H 253 -29.16 -34.46 -7.27
C VAL H 253 -28.65 -34.04 -5.90
N GLU H 254 -28.46 -34.96 -4.99
CA GLU H 254 -27.97 -34.55 -3.69
C GLU H 254 -26.61 -33.89 -3.83
N ALA H 255 -25.77 -34.39 -4.72
CA ALA H 255 -24.47 -33.81 -4.88
C ALA H 255 -24.64 -32.31 -5.18
N LEU H 256 -25.49 -31.97 -6.13
CA LEU H 256 -25.68 -30.58 -6.44
C LEU H 256 -26.29 -29.82 -5.25
N ALA H 257 -27.15 -30.47 -4.48
CA ALA H 257 -27.78 -29.84 -3.32
C ALA H 257 -26.75 -29.45 -2.26
N GLU H 258 -25.94 -30.44 -1.90
CA GLU H 258 -24.88 -30.32 -0.92
C GLU H 258 -23.80 -29.34 -1.33
N VAL H 259 -23.64 -29.10 -2.62
CA VAL H 259 -22.62 -28.17 -3.01
C VAL H 259 -23.05 -26.76 -2.69
N ARG H 260 -24.32 -26.47 -2.92
CA ARG H 260 -24.84 -25.13 -2.61
C ARG H 260 -24.68 -24.94 -1.09
N ARG H 261 -25.04 -25.98 -0.35
CA ARG H 261 -24.92 -25.94 1.09
C ARG H 261 -23.54 -25.49 1.43
N LEU H 262 -22.55 -26.11 0.81
CA LEU H 262 -21.18 -25.73 1.08
C LEU H 262 -21.00 -24.26 0.73
N VAL H 263 -21.33 -23.88 -0.49
CA VAL H 263 -21.16 -22.50 -0.89
C VAL H 263 -21.74 -21.51 0.13
N ASP H 264 -22.91 -21.79 0.67
CA ASP H 264 -23.51 -20.87 1.65
C ASP H 264 -22.63 -20.51 2.87
N PHE H 265 -21.60 -21.32 3.12
CA PHE H 265 -20.66 -21.15 4.24
C PHE H 265 -19.47 -20.33 3.79
N LEU H 266 -19.06 -20.52 2.55
CA LEU H 266 -17.88 -19.86 2.01
C LEU H 266 -17.97 -18.39 1.67
N PRO H 267 -16.84 -17.68 1.78
CA PRO H 267 -16.74 -16.27 1.48
C PRO H 267 -16.58 -16.27 -0.02
N LEU H 268 -17.04 -15.23 -0.71
CA LEU H 268 -16.93 -15.20 -2.16
C LEU H 268 -15.53 -15.04 -2.70
N ASN H 269 -14.59 -14.62 -1.86
CA ASN H 269 -13.19 -14.41 -2.25
C ASN H 269 -12.31 -14.04 -1.03
N ASN H 270 -11.00 -13.91 -1.24
CA ASN H 270 -10.09 -13.63 -0.11
C ASN H 270 -10.05 -12.24 0.50
N ARG H 271 -10.92 -11.35 0.01
CA ARG H 271 -10.99 -9.99 0.54
C ARG H 271 -12.08 -9.88 1.59
N GLU H 272 -13.31 -10.26 1.27
CA GLU H 272 -14.37 -10.20 2.24
C GLU H 272 -14.20 -11.29 3.26
N LYS H 273 -14.84 -11.18 4.42
CA LYS H 273 -14.71 -12.24 5.40
C LYS H 273 -15.92 -13.14 5.29
N PRO H 274 -15.89 -14.32 5.92
CA PRO H 274 -17.02 -15.26 5.87
C PRO H 274 -18.35 -14.53 5.91
N PRO H 275 -19.34 -15.04 5.17
CA PRO H 275 -20.67 -14.45 5.09
C PRO H 275 -21.40 -14.55 6.40
N VAL H 276 -22.40 -13.69 6.57
CA VAL H 276 -23.20 -13.72 7.78
C VAL H 276 -24.64 -13.96 7.40
N ARG H 277 -25.38 -14.65 8.26
CA ARG H 277 -26.78 -14.86 7.98
C ARG H 277 -27.48 -15.07 9.32
N PRO H 278 -28.83 -15.01 9.33
CA PRO H 278 -29.59 -15.17 10.55
C PRO H 278 -29.36 -16.53 11.23
N PHE H 279 -29.52 -16.58 12.55
CA PHE H 279 -29.30 -17.83 13.23
C PHE H 279 -30.25 -17.96 14.40
N PHE H 280 -30.97 -19.07 14.41
CA PHE H 280 -31.95 -19.32 15.44
C PHE H 280 -31.41 -20.23 16.51
N ASP H 281 -30.41 -19.70 17.22
CA ASP H 281 -29.70 -20.39 18.30
C ASP H 281 -29.15 -19.29 19.22
N ASP H 282 -28.77 -19.63 20.45
CA ASP H 282 -28.21 -18.64 21.37
C ASP H 282 -26.71 -18.85 21.72
N PRO H 283 -25.88 -17.82 21.51
CA PRO H 283 -24.47 -17.95 21.82
C PRO H 283 -24.18 -18.34 23.26
N ASP H 284 -25.17 -18.17 24.14
CA ASP H 284 -24.98 -18.52 25.54
C ASP H 284 -25.57 -19.86 25.86
N ARG H 285 -25.86 -20.68 24.84
CA ARG H 285 -26.42 -21.99 25.11
C ARG H 285 -25.51 -22.88 25.99
N ILE H 286 -26.14 -23.63 26.89
CA ILE H 286 -25.39 -24.54 27.77
C ILE H 286 -25.80 -25.99 27.49
N GLU H 287 -24.80 -26.87 27.43
CA GLU H 287 -25.04 -28.28 27.20
C GLU H 287 -24.42 -29.01 28.39
N PRO H 288 -25.26 -29.33 29.37
CA PRO H 288 -24.84 -30.02 30.59
C PRO H 288 -24.36 -31.40 30.26
N SER H 289 -24.97 -31.96 29.23
CA SER H 289 -24.64 -33.27 28.74
C SER H 289 -23.12 -33.33 28.56
N LEU H 290 -22.53 -32.24 28.11
CA LEU H 290 -21.10 -32.22 27.89
C LEU H 290 -20.34 -32.59 29.13
N ASP H 291 -20.82 -32.14 30.28
CA ASP H 291 -20.13 -32.40 31.55
C ASP H 291 -19.78 -33.84 31.85
N THR H 292 -20.23 -34.77 31.02
CA THR H 292 -19.97 -36.17 31.28
C THR H 292 -19.51 -36.84 30.01
N LEU H 293 -19.19 -36.04 28.99
CA LEU H 293 -18.77 -36.59 27.72
C LEU H 293 -17.49 -37.37 27.83
N VAL H 294 -16.51 -36.82 28.56
CA VAL H 294 -15.26 -37.54 28.70
C VAL H 294 -15.51 -38.64 29.71
N PRO H 295 -15.38 -39.90 29.28
CA PRO H 295 -15.59 -41.02 30.18
C PRO H 295 -14.57 -41.02 31.30
N ASP H 296 -14.91 -41.63 32.42
CA ASP H 296 -14.01 -41.68 33.55
C ASP H 296 -12.82 -42.55 33.24
N ASN H 297 -13.10 -43.71 32.68
CA ASN H 297 -12.03 -44.62 32.32
C ASN H 297 -11.32 -44.06 31.10
N PRO H 298 -10.01 -43.81 31.21
CA PRO H 298 -9.21 -43.27 30.11
C PRO H 298 -9.01 -44.18 28.89
N ASN H 299 -9.40 -45.45 29.01
CA ASN H 299 -9.25 -46.34 27.88
C ASN H 299 -10.57 -46.41 27.08
N THR H 300 -11.56 -45.67 27.55
CA THR H 300 -12.83 -45.64 26.85
C THR H 300 -12.96 -44.41 25.99
N PRO H 301 -13.32 -44.61 24.73
CA PRO H 301 -13.46 -43.45 23.86
C PRO H 301 -14.76 -42.75 24.16
N TYR H 302 -15.11 -41.86 23.24
CA TYR H 302 -16.34 -41.09 23.25
C TYR H 302 -16.31 -40.51 21.86
N ASP H 303 -17.44 -40.03 21.34
CA ASP H 303 -17.41 -39.47 19.99
C ASP H 303 -17.23 -37.95 19.93
N MET H 304 -16.01 -37.51 19.65
CA MET H 304 -15.73 -36.09 19.55
C MET H 304 -16.84 -35.35 18.79
N LYS H 305 -17.49 -36.00 17.84
CA LYS H 305 -18.52 -35.32 17.07
C LYS H 305 -19.71 -34.88 17.88
N GLU H 306 -19.94 -35.52 19.02
CA GLU H 306 -21.06 -35.09 19.87
C GLU H 306 -20.80 -33.64 20.32
N LEU H 307 -19.59 -33.40 20.81
CA LEU H 307 -19.17 -32.06 21.23
C LEU H 307 -19.40 -31.07 20.08
N ILE H 308 -18.91 -31.44 18.89
CA ILE H 308 -19.03 -30.58 17.72
C ILE H 308 -20.44 -30.15 17.50
N HIS H 309 -21.34 -31.12 17.39
CA HIS H 309 -22.72 -30.77 17.15
C HIS H 309 -23.29 -29.87 18.22
N LYS H 310 -23.04 -30.20 19.48
CA LYS H 310 -23.59 -29.36 20.53
C LYS H 310 -23.04 -27.96 20.51
N LEU H 311 -21.82 -27.77 20.03
CA LEU H 311 -21.27 -26.42 19.95
C LEU H 311 -21.75 -25.72 18.69
N ALA H 312 -21.66 -26.44 17.57
CA ALA H 312 -22.10 -25.92 16.29
C ALA H 312 -23.40 -25.21 16.53
N ASP H 313 -23.69 -24.19 15.71
CA ASP H 313 -24.92 -23.38 15.81
C ASP H 313 -26.19 -24.21 15.80
N GLU H 314 -26.91 -24.27 14.71
CA GLU H 314 -28.14 -25.02 14.81
C GLU H 314 -27.87 -26.50 14.77
N GLY H 315 -26.72 -26.88 15.34
CA GLY H 315 -26.31 -28.27 15.39
C GLY H 315 -25.87 -28.73 14.02
N ASP H 316 -25.71 -27.77 13.10
CA ASP H 316 -25.31 -28.07 11.74
C ASP H 316 -23.80 -28.21 11.59
N PHE H 317 -23.35 -29.36 11.08
CA PHE H 317 -21.94 -29.57 10.86
C PHE H 317 -21.69 -30.16 9.46
N TYR H 318 -21.16 -29.35 8.57
CA TYR H 318 -20.88 -29.84 7.20
C TYR H 318 -19.46 -30.42 7.25
N GLU H 319 -19.36 -31.74 7.32
CA GLU H 319 -18.05 -32.36 7.41
C GLU H 319 -17.26 -32.49 6.11
N ILE H 320 -15.94 -32.33 6.20
CA ILE H 320 -15.12 -32.53 5.02
C ILE H 320 -14.22 -33.76 5.26
N GLN H 321 -14.08 -34.57 4.20
CA GLN H 321 -13.28 -35.83 4.20
C GLN H 321 -13.60 -36.71 5.38
N GLU H 322 -14.89 -36.92 5.59
CA GLU H 322 -15.40 -37.71 6.68
C GLU H 322 -14.85 -39.13 6.70
N GLU H 323 -14.99 -39.79 5.56
CA GLU H 323 -14.57 -41.16 5.42
C GLU H 323 -13.07 -41.39 5.28
N PHE H 324 -12.26 -40.36 5.47
CA PHE H 324 -10.82 -40.51 5.34
C PHE H 324 -10.12 -39.96 6.60
N ALA H 325 -8.95 -40.54 6.91
CA ALA H 325 -8.16 -40.15 8.08
C ALA H 325 -9.11 -40.02 9.27
N LYS H 326 -10.01 -40.97 9.38
CA LYS H 326 -10.99 -40.93 10.44
C LYS H 326 -10.54 -40.68 11.87
N ASN H 327 -9.23 -40.67 12.10
CA ASN H 327 -8.77 -40.42 13.45
C ASN H 327 -8.79 -38.90 13.74
N ILE H 328 -9.20 -38.12 12.75
CA ILE H 328 -9.29 -36.67 12.91
C ILE H 328 -10.52 -36.14 12.17
N ILE H 329 -11.09 -35.05 12.65
CA ILE H 329 -12.29 -34.51 12.01
C ILE H 329 -12.10 -33.08 11.51
N THR H 330 -12.51 -32.80 10.27
CA THR H 330 -12.44 -31.43 9.79
C THR H 330 -13.79 -31.09 9.22
N GLY H 331 -14.27 -29.90 9.56
CA GLY H 331 -15.56 -29.51 9.04
C GLY H 331 -15.89 -28.04 9.25
N PHE H 332 -17.07 -27.68 8.77
CA PHE H 332 -17.56 -26.34 8.89
C PHE H 332 -18.80 -26.31 9.76
N ILE H 333 -18.88 -25.24 10.55
CA ILE H 333 -20.04 -25.00 11.40
C ILE H 333 -20.21 -23.49 11.38
N ARG H 334 -21.25 -23.00 12.04
CA ARG H 334 -21.45 -21.56 12.14
C ARG H 334 -21.61 -21.31 13.62
N LEU H 335 -21.38 -20.07 14.04
CA LEU H 335 -21.53 -19.67 15.42
C LEU H 335 -22.05 -18.27 15.25
N GLU H 336 -23.17 -17.98 15.91
CA GLU H 336 -23.77 -16.67 15.81
C GLU H 336 -23.90 -16.37 14.32
N GLY H 337 -24.33 -17.37 13.56
CA GLY H 337 -24.53 -17.20 12.14
C GLY H 337 -23.32 -16.92 11.27
N ARG H 338 -22.11 -17.19 11.76
CA ARG H 338 -20.92 -16.97 10.92
C ARG H 338 -20.13 -18.29 10.77
N THR H 339 -19.43 -18.45 9.65
CA THR H 339 -18.69 -19.65 9.42
C THR H 339 -17.47 -19.82 10.30
N VAL H 340 -17.35 -21.02 10.84
CA VAL H 340 -16.20 -21.41 11.65
C VAL H 340 -15.73 -22.81 11.24
N GLY H 341 -14.46 -22.92 10.88
CA GLY H 341 -13.93 -24.21 10.50
C GLY H 341 -13.48 -24.92 11.77
N VAL H 342 -13.54 -26.25 11.79
CA VAL H 342 -13.17 -27.00 12.98
C VAL H 342 -12.34 -28.23 12.68
N VAL H 343 -11.27 -28.38 13.46
CA VAL H 343 -10.34 -29.50 13.37
C VAL H 343 -10.43 -30.10 14.76
N ALA H 344 -10.69 -31.40 14.84
CA ALA H 344 -10.81 -32.06 16.13
C ALA H 344 -10.38 -33.54 16.09
N ASN H 345 -9.76 -34.01 17.17
CA ASN H 345 -9.32 -35.40 17.30
C ASN H 345 -10.45 -36.39 17.61
N GLN H 346 -10.45 -37.54 16.95
CA GLN H 346 -11.46 -38.55 17.16
C GLN H 346 -10.96 -39.77 17.98
N PRO H 347 -11.28 -39.85 19.30
CA PRO H 347 -10.83 -40.99 20.11
C PRO H 347 -11.20 -42.34 19.49
N LEU H 348 -12.40 -42.39 18.93
CA LEU H 348 -12.95 -43.60 18.32
C LEU H 348 -12.07 -44.22 17.26
N VAL H 349 -11.10 -43.49 16.75
CA VAL H 349 -10.25 -44.10 15.75
C VAL H 349 -8.78 -43.92 16.04
N LEU H 350 -8.03 -45.00 15.93
CA LEU H 350 -6.61 -44.94 16.22
C LEU H 350 -6.37 -44.11 17.47
N ALA H 351 -7.37 -44.06 18.34
CA ALA H 351 -7.28 -43.31 19.61
C ALA H 351 -6.86 -41.90 19.44
N GLY H 352 -7.48 -41.19 18.49
CA GLY H 352 -7.16 -39.79 18.25
C GLY H 352 -5.71 -39.48 17.92
N CYS H 353 -4.97 -40.50 17.47
CA CYS H 353 -3.58 -40.30 17.10
C CYS H 353 -3.46 -39.35 15.93
N LEU H 354 -2.26 -38.79 15.78
CA LEU H 354 -1.96 -37.93 14.66
C LEU H 354 -1.14 -38.86 13.82
N ASP H 355 -1.32 -38.81 12.50
CA ASP H 355 -0.56 -39.65 11.59
C ASP H 355 -0.43 -38.96 10.24
N ILE H 356 0.49 -39.42 9.40
CA ILE H 356 0.67 -38.84 8.10
C ILE H 356 -0.65 -38.39 7.49
N ASP H 357 -1.55 -39.33 7.25
CA ASP H 357 -2.83 -39.02 6.64
C ASP H 357 -3.70 -38.03 7.42
N SER H 358 -3.93 -38.27 8.70
CA SER H 358 -4.75 -37.34 9.47
C SER H 358 -4.15 -35.94 9.33
N SER H 359 -2.82 -35.89 9.37
CA SER H 359 -2.10 -34.64 9.24
C SER H 359 -2.32 -34.05 7.86
N ARG H 360 -2.12 -34.83 6.83
CA ARG H 360 -2.33 -34.27 5.52
C ARG H 360 -3.76 -33.78 5.42
N LYS H 361 -4.70 -34.54 5.98
CA LYS H 361 -6.10 -34.16 5.90
C LYS H 361 -6.39 -32.83 6.58
N ALA H 362 -6.06 -32.70 7.86
CA ALA H 362 -6.30 -31.45 8.58
C ALA H 362 -5.49 -30.26 8.05
N ALA H 363 -4.17 -30.47 7.88
CA ALA H 363 -3.28 -29.41 7.40
C ALA H 363 -3.90 -28.56 6.31
N ARG H 364 -4.33 -29.22 5.23
CA ARG H 364 -4.92 -28.46 4.15
C ARG H 364 -6.15 -27.73 4.59
N PHE H 365 -7.02 -28.36 5.38
CA PHE H 365 -8.25 -27.71 5.84
C PHE H 365 -7.93 -26.37 6.47
N VAL H 366 -7.01 -26.41 7.45
CA VAL H 366 -6.57 -25.21 8.17
C VAL H 366 -6.14 -24.15 7.16
N ARG H 367 -5.21 -24.49 6.28
CA ARG H 367 -4.74 -23.52 5.29
C ARG H 367 -5.83 -22.89 4.44
N PHE H 368 -6.79 -23.68 3.97
CA PHE H 368 -7.85 -23.12 3.17
C PHE H 368 -8.67 -22.14 3.99
N CYS H 369 -8.99 -22.53 5.23
CA CYS H 369 -9.78 -21.67 6.11
C CYS H 369 -9.00 -20.40 6.40
N ASP H 370 -7.70 -20.50 6.51
CA ASP H 370 -6.90 -19.32 6.78
C ASP H 370 -6.81 -18.45 5.54
N ALA H 371 -6.47 -19.04 4.41
CA ALA H 371 -6.39 -18.28 3.18
C ALA H 371 -7.68 -17.48 3.00
N PHE H 372 -8.81 -18.00 3.48
CA PHE H 372 -10.09 -17.34 3.32
C PHE H 372 -10.74 -16.71 4.58
N GLU H 373 -9.92 -16.20 5.49
CA GLU H 373 -10.42 -15.57 6.71
C GLU H 373 -11.48 -16.30 7.57
N ILE H 374 -11.60 -17.61 7.42
CA ILE H 374 -12.53 -18.42 8.21
C ILE H 374 -11.81 -18.79 9.51
N PRO H 375 -12.39 -18.47 10.67
CA PRO H 375 -11.71 -18.82 11.92
C PRO H 375 -11.62 -20.32 12.13
N LEU H 376 -10.83 -20.71 13.12
CA LEU H 376 -10.63 -22.10 13.43
C LEU H 376 -10.92 -22.37 14.90
N LEU H 377 -11.61 -23.48 15.12
CA LEU H 377 -11.89 -23.94 16.47
C LEU H 377 -11.24 -25.30 16.42
N THR H 378 -10.31 -25.52 17.34
CA THR H 378 -9.60 -26.80 17.39
C THR H 378 -9.93 -27.60 18.68
N LEU H 379 -10.58 -28.76 18.51
CA LEU H 379 -10.96 -29.59 19.64
C LEU H 379 -9.95 -30.73 19.81
N ILE H 380 -9.23 -30.67 20.92
CA ILE H 380 -8.13 -31.58 21.24
C ILE H 380 -8.29 -32.73 22.25
N ASP H 381 -7.72 -33.88 21.89
CA ASP H 381 -7.66 -35.11 22.69
C ASP H 381 -6.72 -36.12 21.95
N VAL H 382 -5.52 -35.67 21.68
CA VAL H 382 -4.55 -36.50 21.01
C VAL H 382 -3.55 -37.07 22.01
N PRO H 383 -3.18 -38.36 21.84
CA PRO H 383 -2.23 -39.02 22.74
C PRO H 383 -0.77 -38.77 22.30
N GLY H 384 -0.56 -38.74 21.00
CA GLY H 384 0.75 -38.54 20.41
C GLY H 384 0.60 -38.91 18.93
N PHE H 385 1.70 -39.24 18.24
CA PHE H 385 1.57 -39.62 16.86
C PHE H 385 1.50 -41.13 16.85
N LEU H 386 1.07 -41.69 15.73
CA LEU H 386 0.98 -43.14 15.54
C LEU H 386 2.36 -43.77 15.23
N PRO H 387 2.86 -44.67 16.13
CA PRO H 387 4.14 -45.38 16.05
C PRO H 387 4.17 -46.34 14.87
N GLY H 388 5.36 -46.64 14.38
CA GLY H 388 5.40 -47.56 13.25
C GLY H 388 6.49 -47.30 12.24
N THR H 389 6.99 -48.40 11.68
CA THR H 389 8.03 -48.34 10.69
C THR H 389 7.32 -47.76 9.48
N SER H 390 6.05 -48.14 9.37
CA SER H 390 5.22 -47.68 8.27
C SER H 390 5.17 -46.15 8.21
N GLN H 391 4.97 -45.53 9.38
CA GLN H 391 4.92 -44.09 9.50
C GLN H 391 6.27 -43.41 9.22
N GLU H 392 7.32 -43.81 9.92
CA GLU H 392 8.64 -43.22 9.73
C GLU H 392 9.15 -43.31 8.33
N TYR H 393 9.01 -44.48 7.72
CA TYR H 393 9.48 -44.71 6.36
C TYR H 393 8.63 -43.92 5.39
N GLY H 394 7.37 -43.70 5.79
CA GLY H 394 6.47 -42.94 4.95
C GLY H 394 6.69 -41.42 4.99
N GLY H 395 7.53 -40.98 5.91
CA GLY H 395 7.82 -39.58 6.03
C GLY H 395 6.96 -38.79 7.00
N VAL H 396 6.60 -39.31 8.17
CA VAL H 396 5.80 -38.50 9.09
C VAL H 396 6.57 -37.23 9.42
N ILE H 397 7.89 -37.31 9.46
CA ILE H 397 8.65 -36.13 9.76
C ILE H 397 8.19 -35.01 8.84
N LYS H 398 7.94 -35.31 7.59
CA LYS H 398 7.50 -34.23 6.72
C LYS H 398 5.99 -34.00 6.82
N HIS H 399 5.20 -35.04 6.53
CA HIS H 399 3.74 -34.94 6.57
C HIS H 399 3.21 -34.44 7.89
N GLY H 400 3.77 -34.98 8.97
CA GLY H 400 3.36 -34.60 10.31
C GLY H 400 3.52 -33.12 10.52
N ALA H 401 4.63 -32.58 10.00
CA ALA H 401 4.95 -31.17 10.12
C ALA H 401 3.88 -30.33 9.47
N LYS H 402 3.37 -30.81 8.35
CA LYS H 402 2.36 -30.05 7.60
C LYS H 402 1.29 -29.42 8.47
N LEU H 403 0.66 -30.19 9.31
CA LEU H 403 -0.37 -29.63 10.15
C LEU H 403 0.20 -28.59 11.12
N LEU H 404 1.43 -28.80 11.58
CA LEU H 404 2.09 -27.88 12.48
C LEU H 404 2.32 -26.57 11.72
N TYR H 405 2.83 -26.72 10.51
CA TYR H 405 3.10 -25.58 9.65
C TYR H 405 1.84 -24.76 9.41
N ALA H 406 0.73 -25.44 9.15
CA ALA H 406 -0.54 -24.79 8.87
C ALA H 406 -1.00 -23.91 10.03
N TYR H 407 -0.87 -24.40 11.26
CA TYR H 407 -1.27 -23.63 12.42
C TYR H 407 -0.29 -22.49 12.75
N GLY H 408 1.00 -22.74 12.48
CA GLY H 408 2.03 -21.72 12.71
C GLY H 408 1.78 -20.53 11.81
N GLU H 409 1.55 -20.82 10.54
CA GLU H 409 1.27 -19.87 9.47
C GLU H 409 -0.06 -19.12 9.61
N ALA H 410 -1.13 -19.86 9.90
CA ALA H 410 -2.46 -19.26 10.06
C ALA H 410 -2.47 -18.08 11.02
N THR H 411 -3.26 -17.09 10.58
CA THR H 411 -3.50 -15.84 11.28
C THR H 411 -4.97 -15.49 11.51
N VAL H 412 -5.91 -16.34 11.11
CA VAL H 412 -7.31 -16.05 11.36
C VAL H 412 -7.46 -16.19 12.89
N PRO H 413 -8.67 -15.98 13.42
CA PRO H 413 -8.82 -16.13 14.88
C PRO H 413 -8.79 -17.60 15.27
N MET H 414 -7.91 -17.98 16.19
CA MET H 414 -7.85 -19.38 16.59
C MET H 414 -8.26 -19.59 18.04
N VAL H 415 -9.21 -20.51 18.24
CA VAL H 415 -9.71 -20.86 19.56
C VAL H 415 -9.49 -22.37 19.72
N THR H 416 -9.09 -22.79 20.92
CA THR H 416 -8.81 -24.20 21.19
C THR H 416 -9.42 -24.68 22.53
N VAL H 417 -9.92 -25.91 22.53
CA VAL H 417 -10.45 -26.48 23.75
C VAL H 417 -9.91 -27.90 23.83
N ILE H 418 -9.05 -28.15 24.80
CA ILE H 418 -8.51 -29.48 25.01
C ILE H 418 -9.52 -30.20 25.92
N THR H 419 -10.12 -31.27 25.43
CA THR H 419 -11.10 -32.01 26.23
C THR H 419 -10.45 -33.03 27.19
N ARG H 420 -9.37 -33.67 26.76
CA ARG H 420 -8.69 -34.65 27.59
C ARG H 420 -7.15 -34.70 27.44
N LYS H 421 -6.66 -35.57 26.56
CA LYS H 421 -5.23 -35.75 26.35
C LYS H 421 -4.55 -34.69 25.49
N ALA H 422 -3.38 -34.24 25.93
CA ALA H 422 -2.59 -33.30 25.13
C ALA H 422 -1.12 -33.60 25.45
N TYR H 423 -0.57 -34.66 24.89
CA TYR H 423 0.79 -35.00 25.21
C TYR H 423 1.82 -34.73 24.14
N GLY H 424 2.99 -34.27 24.59
CA GLY H 424 4.13 -33.98 23.73
C GLY H 424 4.01 -33.22 22.41
N GLY H 425 4.79 -33.66 21.42
CA GLY H 425 4.78 -33.04 20.11
C GLY H 425 3.38 -32.75 19.59
N ALA H 426 2.50 -33.74 19.63
CA ALA H 426 1.14 -33.52 19.17
C ALA H 426 0.51 -32.30 19.88
N TYR H 427 0.63 -32.27 21.21
CA TYR H 427 0.08 -31.17 21.99
C TYR H 427 0.45 -29.84 21.36
N VAL H 428 1.70 -29.75 20.98
CA VAL H 428 2.21 -28.53 20.38
C VAL H 428 1.52 -28.27 19.07
N VAL H 429 1.45 -29.29 18.22
CA VAL H 429 0.86 -29.17 16.90
C VAL H 429 -0.61 -28.72 16.92
N MET H 430 -1.42 -29.34 17.77
CA MET H 430 -2.84 -28.98 17.82
C MET H 430 -3.08 -27.53 18.28
N SER H 431 -2.92 -26.59 17.37
CA SER H 431 -3.18 -25.19 17.67
C SER H 431 -2.77 -24.80 19.11
N SER H 432 -1.53 -25.09 19.52
CA SER H 432 -1.04 -24.76 20.86
C SER H 432 -0.90 -23.25 21.05
N LYS H 433 -0.54 -22.81 22.25
CA LYS H 433 -0.40 -21.36 22.43
C LYS H 433 0.90 -20.88 21.85
N HIS H 434 1.78 -21.83 21.58
CA HIS H 434 3.08 -21.53 21.00
C HIS H 434 3.00 -21.29 19.49
N LEU H 435 1.84 -21.57 18.91
CA LEU H 435 1.62 -21.38 17.48
C LEU H 435 0.81 -20.11 17.37
N ARG H 436 0.72 -19.47 18.52
CA ARG H 436 0.05 -18.20 18.67
C ARG H 436 -1.44 -18.19 18.54
N ALA H 437 -2.07 -19.26 19.00
CA ALA H 437 -3.53 -19.34 18.98
C ALA H 437 -4.00 -18.25 19.93
N ASP H 438 -5.24 -17.86 19.79
CA ASP H 438 -5.75 -16.82 20.64
C ASP H 438 -6.25 -17.32 21.99
N PHE H 439 -7.25 -18.18 21.99
CA PHE H 439 -7.77 -18.71 23.25
C PHE H 439 -7.39 -20.15 23.45
N ASN H 440 -6.75 -20.47 24.57
CA ASN H 440 -6.39 -21.85 24.84
C ASN H 440 -7.09 -22.34 26.10
N TYR H 441 -8.31 -22.83 25.88
CA TYR H 441 -9.22 -23.33 26.91
C TYR H 441 -8.95 -24.77 27.21
N ALA H 442 -9.33 -25.23 28.39
CA ALA H 442 -9.15 -26.62 28.78
C ALA H 442 -10.26 -27.11 29.69
N TRP H 443 -10.62 -28.36 29.51
CA TRP H 443 -11.64 -28.95 30.37
C TRP H 443 -10.85 -29.43 31.59
N PRO H 444 -11.52 -29.65 32.71
CA PRO H 444 -10.81 -30.10 33.90
C PRO H 444 -10.19 -31.47 33.60
N THR H 445 -10.81 -32.20 32.69
CA THR H 445 -10.30 -33.52 32.32
C THR H 445 -9.06 -33.48 31.41
N ALA H 446 -8.63 -32.29 31.04
CA ALA H 446 -7.45 -32.13 30.21
C ALA H 446 -6.21 -32.58 30.99
N GLU H 447 -5.23 -33.07 30.26
CA GLU H 447 -3.94 -33.52 30.82
C GLU H 447 -2.89 -33.15 29.80
N VAL H 448 -2.14 -32.08 30.06
CA VAL H 448 -1.10 -31.68 29.12
C VAL H 448 0.28 -31.98 29.68
N ALA H 449 1.05 -32.82 29.00
CA ALA H 449 2.37 -33.10 29.50
C ALA H 449 3.30 -33.66 28.46
N VAL H 450 4.59 -33.65 28.78
CA VAL H 450 5.67 -34.13 27.92
C VAL H 450 5.40 -35.48 27.33
N MET H 451 4.83 -36.36 28.15
CA MET H 451 4.45 -37.71 27.74
C MET H 451 3.70 -38.33 28.90
N GLY H 452 3.24 -39.57 28.75
CA GLY H 452 2.51 -40.22 29.81
C GLY H 452 3.34 -40.40 31.06
N ALA H 453 2.66 -40.38 32.21
CA ALA H 453 3.33 -40.55 33.50
C ALA H 453 4.25 -41.76 33.47
N LYS H 454 3.76 -42.89 32.97
CA LYS H 454 4.58 -44.10 32.89
C LYS H 454 5.92 -43.85 32.23
N GLY H 455 5.92 -43.70 30.90
CA GLY H 455 7.15 -43.46 30.16
C GLY H 455 7.98 -42.32 30.74
N ALA H 456 7.30 -41.26 31.16
CA ALA H 456 7.98 -40.12 31.74
C ALA H 456 8.85 -40.61 32.89
N THR H 457 8.27 -41.46 33.74
CA THR H 457 8.93 -42.04 34.92
C THR H 457 10.14 -42.93 34.61
N GLU H 458 10.00 -43.78 33.61
CA GLU H 458 11.08 -44.65 33.23
C GLU H 458 12.28 -43.83 32.82
N ILE H 459 12.03 -42.69 32.20
CA ILE H 459 13.12 -41.82 31.78
C ILE H 459 13.69 -41.07 32.98
N ILE H 460 12.83 -40.36 33.70
CA ILE H 460 13.25 -39.57 34.85
C ILE H 460 13.85 -40.38 35.99
N HIS H 461 13.39 -41.61 36.16
CA HIS H 461 13.90 -42.48 37.20
C HIS H 461 14.42 -43.83 36.69
N ARG H 462 15.66 -43.87 36.23
CA ARG H 462 16.22 -45.12 35.72
C ARG H 462 16.54 -46.07 36.86
N GLY H 463 17.48 -45.64 37.71
CA GLY H 463 17.87 -46.45 38.85
C GLY H 463 16.73 -46.50 39.84
N ASP H 464 15.68 -47.22 39.46
CA ASP H 464 14.51 -47.39 40.31
C ASP H 464 13.56 -48.42 39.68
N LEU H 465 13.94 -48.91 38.50
CA LEU H 465 13.13 -49.91 37.78
C LEU H 465 13.20 -51.29 38.47
N GLY H 466 14.37 -51.63 39.00
CA GLY H 466 14.51 -52.90 39.68
C GLY H 466 13.72 -52.89 40.98
N ASP H 467 12.94 -51.85 41.21
CA ASP H 467 12.14 -51.75 42.42
C ASP H 467 10.70 -51.41 42.04
N PRO H 468 10.03 -52.32 41.31
CA PRO H 468 8.65 -52.20 40.84
C PRO H 468 7.64 -51.47 41.73
N GLU H 469 8.07 -51.06 42.92
CA GLU H 469 7.23 -50.32 43.85
C GLU H 469 7.64 -48.86 43.83
N LYS H 470 8.91 -48.63 43.46
CA LYS H 470 9.43 -47.27 43.35
C LYS H 470 8.79 -46.68 42.12
N ILE H 471 8.96 -47.37 40.99
CA ILE H 471 8.41 -46.89 39.74
C ILE H 471 6.87 -46.92 39.77
N ALA H 472 6.29 -47.83 40.53
CA ALA H 472 4.83 -47.89 40.61
C ALA H 472 4.32 -46.65 41.34
N GLN H 473 5.18 -46.11 42.20
CA GLN H 473 4.88 -44.93 42.99
C GLN H 473 5.35 -43.67 42.29
N HIS H 474 6.46 -43.77 41.58
CA HIS H 474 6.99 -42.63 40.84
C HIS H 474 6.00 -42.21 39.76
N THR H 475 5.35 -43.21 39.18
CA THR H 475 4.36 -42.97 38.15
C THR H 475 3.14 -42.39 38.80
N ALA H 476 2.71 -43.03 39.89
CA ALA H 476 1.54 -42.57 40.60
C ALA H 476 1.67 -41.12 41.05
N ASP H 477 2.89 -40.59 41.06
CA ASP H 477 3.10 -39.20 41.46
C ASP H 477 3.07 -38.32 40.23
N TYR H 478 3.81 -38.72 39.19
CA TYR H 478 3.85 -37.96 37.93
C TYR H 478 2.42 -37.80 37.47
N GLU H 479 1.67 -38.89 37.58
CA GLU H 479 0.27 -38.89 37.22
C GLU H 479 -0.43 -37.81 38.06
N GLU H 480 -0.36 -37.96 39.38
CA GLU H 480 -1.02 -37.01 40.29
C GLU H 480 -0.57 -35.57 40.26
N ARG H 481 0.60 -35.32 39.71
CA ARG H 481 1.15 -33.99 39.69
C ARG H 481 1.24 -33.34 38.31
N PHE H 482 1.24 -34.15 37.26
CA PHE H 482 1.39 -33.57 35.94
C PHE H 482 0.31 -33.81 34.92
N ALA H 483 -0.39 -34.94 35.03
CA ALA H 483 -1.46 -35.22 34.08
C ALA H 483 -2.70 -34.44 34.48
N ASN H 484 -2.81 -33.22 33.98
CA ASN H 484 -3.92 -32.35 34.27
C ASN H 484 -3.67 -31.07 33.49
N PRO H 485 -4.53 -30.08 33.66
CA PRO H 485 -4.31 -28.84 32.92
C PRO H 485 -3.69 -27.69 33.72
N PHE H 486 -3.49 -27.92 35.02
CA PHE H 486 -3.00 -26.87 35.92
C PHE H 486 -1.54 -26.45 35.89
N VAL H 487 -0.66 -27.35 35.49
CA VAL H 487 0.75 -26.98 35.39
C VAL H 487 0.86 -26.03 34.19
N ALA H 488 0.10 -26.33 33.14
CA ALA H 488 0.06 -25.50 31.94
C ALA H 488 -0.62 -24.18 32.25
N SER H 489 -1.52 -24.19 33.22
CA SER H 489 -2.21 -23.00 33.62
C SER H 489 -1.25 -22.08 34.35
N GLU H 490 -0.49 -22.63 35.28
CA GLU H 490 0.44 -21.80 36.02
C GLU H 490 1.34 -21.07 35.06
N ARG H 491 1.65 -21.71 33.94
CA ARG H 491 2.51 -21.13 32.92
C ARG H 491 1.82 -20.12 31.98
N GLY H 492 0.50 -20.24 31.82
CA GLY H 492 -0.21 -19.32 30.95
C GLY H 492 -0.56 -19.94 29.60
N PHE H 493 -0.11 -21.18 29.41
CA PHE H 493 -0.37 -21.87 28.17
C PHE H 493 -1.84 -22.21 27.95
N VAL H 494 -2.61 -22.28 29.02
CA VAL H 494 -4.03 -22.55 28.89
C VAL H 494 -4.58 -21.30 29.52
N ASP H 495 -5.27 -20.48 28.73
CA ASP H 495 -5.79 -19.23 29.24
C ASP H 495 -6.82 -19.47 30.34
N GLU H 496 -7.48 -20.62 30.29
CA GLU H 496 -8.45 -20.92 31.32
C GLU H 496 -8.96 -22.36 31.21
N VAL H 497 -9.43 -22.86 32.35
CA VAL H 497 -9.98 -24.19 32.50
C VAL H 497 -11.45 -23.90 32.72
N ILE H 498 -12.27 -24.51 31.87
CA ILE H 498 -13.69 -24.27 31.91
C ILE H 498 -14.58 -25.48 32.17
N GLN H 499 -15.80 -25.17 32.57
CA GLN H 499 -16.82 -26.15 32.83
C GLN H 499 -17.29 -26.59 31.44
N PRO H 500 -17.19 -27.88 31.13
CA PRO H 500 -17.62 -28.38 29.81
C PRO H 500 -18.93 -27.81 29.28
N ARG H 501 -19.98 -27.82 30.09
CA ARG H 501 -21.29 -27.33 29.68
C ARG H 501 -21.25 -25.92 29.04
N SER H 502 -20.30 -25.10 29.48
CA SER H 502 -20.23 -23.72 28.98
C SER H 502 -19.41 -23.46 27.72
N THR H 503 -18.75 -24.50 27.22
CA THR H 503 -17.94 -24.36 26.03
C THR H 503 -18.56 -23.51 24.94
N ARG H 504 -19.79 -23.86 24.52
CA ARG H 504 -20.47 -23.10 23.48
C ARG H 504 -20.41 -21.63 23.87
N LYS H 505 -20.85 -21.30 25.08
CA LYS H 505 -20.79 -19.92 25.49
C LYS H 505 -19.39 -19.31 25.39
N ARG H 506 -18.40 -19.90 26.09
CA ARG H 506 -16.99 -19.44 26.08
C ARG H 506 -16.42 -19.16 24.67
N VAL H 507 -16.52 -20.18 23.81
CA VAL H 507 -16.05 -20.15 22.44
C VAL H 507 -16.71 -19.12 21.55
N ALA H 508 -18.04 -19.08 21.61
CA ALA H 508 -18.79 -18.12 20.81
C ALA H 508 -18.30 -16.69 21.00
N ARG H 509 -18.25 -16.26 22.26
CA ARG H 509 -17.82 -14.91 22.51
C ARG H 509 -16.35 -14.77 22.28
N ALA H 510 -15.60 -15.84 22.51
CA ALA H 510 -14.16 -15.77 22.29
C ALA H 510 -13.92 -15.33 20.86
N PHE H 511 -14.65 -15.95 19.92
CA PHE H 511 -14.52 -15.61 18.52
C PHE H 511 -15.04 -14.21 18.30
N ALA H 512 -16.20 -13.90 18.88
CA ALA H 512 -16.84 -12.59 18.74
C ALA H 512 -15.86 -11.44 18.93
N SER H 513 -15.05 -11.55 19.97
CA SER H 513 -14.03 -10.56 20.34
C SER H 513 -12.82 -10.56 19.37
N LEU H 514 -12.71 -11.59 18.55
CA LEU H 514 -11.58 -11.67 17.64
C LEU H 514 -11.92 -11.27 16.22
N ARG H 515 -13.14 -10.76 16.03
CA ARG H 515 -13.59 -10.42 14.69
C ARG H 515 -12.73 -9.38 14.06
N ASN H 516 -12.04 -8.62 14.88
CA ASN H 516 -11.18 -7.57 14.37
C ASN H 516 -9.73 -8.00 14.36
N LYS H 517 -9.43 -9.22 14.77
CA LYS H 517 -8.03 -9.64 14.80
C LYS H 517 -7.30 -9.34 13.52
N SER H 518 -6.08 -8.83 13.63
CA SER H 518 -5.27 -8.50 12.45
C SER H 518 -3.79 -8.73 12.75
N VAL H 519 -3.25 -9.78 12.18
CA VAL H 519 -1.88 -10.13 12.45
C VAL H 519 -1.07 -10.23 11.20
N GLN H 520 0.18 -9.77 11.27
CA GLN H 520 1.05 -9.77 10.11
C GLN H 520 2.18 -10.78 10.11
N MET H 521 2.20 -11.60 9.06
CA MET H 521 3.28 -12.53 8.88
C MET H 521 4.33 -11.70 8.07
N PRO H 522 5.61 -12.10 8.14
CA PRO H 522 6.71 -11.43 7.45
C PRO H 522 6.48 -11.46 5.96
N TRP H 523 6.99 -10.48 5.23
CA TRP H 523 6.78 -10.50 3.79
C TRP H 523 7.55 -11.61 3.12
N LYS H 524 6.91 -12.29 2.18
CA LYS H 524 7.56 -13.35 1.43
C LYS H 524 6.82 -13.63 0.11
N LYS H 525 7.50 -14.14 -0.92
CA LYS H 525 6.77 -14.42 -2.17
C LYS H 525 5.72 -15.44 -1.82
N HIS H 526 6.14 -16.49 -1.15
CA HIS H 526 5.27 -17.56 -0.67
C HIS H 526 6.02 -18.45 0.30
N ASP H 527 5.30 -19.36 0.93
CA ASP H 527 5.88 -20.29 1.92
C ASP H 527 6.63 -21.41 1.26
N ASN H 528 7.30 -22.24 2.07
CA ASN H 528 8.04 -23.39 1.55
C ASN H 528 7.63 -24.67 2.26
N ILE H 529 6.39 -24.72 2.72
CA ILE H 529 5.86 -25.87 3.45
C ILE H 529 6.36 -27.18 2.86
N PRO H 530 6.70 -28.15 3.72
CA PRO H 530 7.18 -29.46 3.27
C PRO H 530 6.11 -30.11 2.38
N LEU H 531 6.53 -30.84 1.35
CA LEU H 531 5.56 -31.49 0.44
C LEU H 531 5.48 -33.00 0.54
N PHE I 2 -51.35 62.95 24.20
CA PHE I 2 -50.81 61.57 24.34
C PHE I 2 -49.87 61.20 23.19
N ASN I 3 -48.57 61.05 23.50
CA ASN I 3 -47.57 60.69 22.50
C ASN I 3 -46.21 60.44 23.14
N LYS I 4 -45.18 61.14 22.66
CA LYS I 4 -43.81 60.95 23.17
C LYS I 4 -43.64 61.17 24.67
N ILE I 5 -43.82 60.09 25.43
CA ILE I 5 -43.70 60.11 26.89
C ILE I 5 -42.43 59.41 27.37
N LEU I 6 -41.60 60.11 28.11
CA LEU I 6 -40.38 59.51 28.58
C LEU I 6 -40.63 58.71 29.86
N ILE I 7 -39.58 58.00 30.30
CA ILE I 7 -39.58 57.19 31.52
C ILE I 7 -38.30 57.57 32.24
N ALA I 8 -38.44 57.99 33.49
CA ALA I 8 -37.31 58.41 34.31
C ALA I 8 -36.67 57.24 35.06
N ASN I 9 -37.23 56.05 34.87
CA ASN I 9 -36.73 54.86 35.56
C ASN I 9 -36.11 53.85 34.60
N ARG I 10 -35.94 52.60 35.08
CA ARG I 10 -35.34 51.52 34.31
C ARG I 10 -35.88 50.15 34.70
N GLY I 11 -34.95 49.20 34.87
CA GLY I 11 -35.30 47.85 35.26
C GLY I 11 -36.62 47.29 34.74
N GLU I 12 -37.24 46.47 35.58
CA GLU I 12 -38.51 45.83 35.26
C GLU I 12 -39.63 46.85 35.16
N ILE I 13 -39.63 47.78 36.10
CA ILE I 13 -40.65 48.82 36.15
C ILE I 13 -40.75 49.59 34.83
N ALA I 14 -39.59 49.98 34.28
CA ALA I 14 -39.53 50.71 33.02
C ALA I 14 -40.27 49.93 31.97
N CYS I 15 -39.92 48.65 31.85
CA CYS I 15 -40.57 47.78 30.89
C CYS I 15 -42.05 47.79 31.27
N ARG I 16 -42.33 47.72 32.57
CA ARG I 16 -43.70 47.71 33.08
C ARG I 16 -44.57 48.81 32.50
N VAL I 17 -44.03 50.01 32.46
CA VAL I 17 -44.77 51.16 31.94
C VAL I 17 -44.75 51.15 30.40
N ILE I 18 -43.54 51.06 29.83
CA ILE I 18 -43.35 51.03 28.39
C ILE I 18 -44.33 50.06 27.75
N LYS I 19 -44.43 48.86 28.33
CA LYS I 19 -45.32 47.85 27.78
C LYS I 19 -46.78 48.34 27.78
N THR I 20 -47.08 49.31 28.65
CA THR I 20 -48.44 49.85 28.72
C THR I 20 -48.60 51.02 27.76
N ALA I 21 -47.65 51.95 27.78
CA ALA I 21 -47.67 53.10 26.89
C ALA I 21 -47.97 52.70 25.45
N ARG I 22 -47.05 51.93 24.88
CA ARG I 22 -47.17 51.46 23.52
C ARG I 22 -48.37 50.55 23.27
N LYS I 23 -48.95 49.96 24.31
CA LYS I 23 -50.11 49.09 24.13
C LYS I 23 -51.35 49.94 23.81
N MET I 24 -51.22 51.24 24.08
CA MET I 24 -52.27 52.21 23.80
C MET I 24 -51.69 53.21 22.78
N GLY I 25 -50.92 52.67 21.85
CA GLY I 25 -50.31 53.49 20.83
C GLY I 25 -49.87 54.82 21.38
N ILE I 26 -48.73 54.82 22.06
CA ILE I 26 -48.20 56.04 22.65
C ILE I 26 -46.68 56.05 22.45
N SER I 27 -46.16 57.00 21.66
CA SER I 27 -44.72 57.09 21.39
C SER I 27 -43.86 56.90 22.65
N THR I 28 -43.31 55.70 22.80
CA THR I 28 -42.47 55.41 23.97
C THR I 28 -41.05 55.94 23.82
N VAL I 29 -40.45 56.32 24.95
CA VAL I 29 -39.10 56.85 24.95
C VAL I 29 -38.43 56.40 26.24
N ALA I 30 -37.11 56.31 26.26
CA ALA I 30 -36.41 55.86 27.46
C ALA I 30 -35.07 56.55 27.63
N ILE I 31 -34.41 56.23 28.74
CA ILE I 31 -33.10 56.78 29.06
C ILE I 31 -32.31 55.62 29.61
N TYR I 32 -31.00 55.78 29.75
CA TYR I 32 -30.17 54.68 30.25
C TYR I 32 -28.74 55.10 30.54
N SER I 33 -28.18 54.60 31.64
CA SER I 33 -26.80 54.95 31.96
C SER I 33 -25.88 54.22 31.00
N ASP I 34 -24.62 54.04 31.40
CA ASP I 34 -23.64 53.34 30.58
C ASP I 34 -23.83 51.84 30.77
N ALA I 35 -23.68 51.39 32.01
CA ALA I 35 -23.87 49.98 32.35
C ALA I 35 -25.36 49.66 32.26
N ASP I 36 -25.96 50.02 31.14
CA ASP I 36 -27.40 49.81 30.92
C ASP I 36 -27.80 50.00 29.45
N LYS I 37 -26.82 49.95 28.55
CA LYS I 37 -27.08 50.09 27.11
C LYS I 37 -27.80 48.84 26.62
N GLN I 38 -27.55 47.75 27.34
CA GLN I 38 -28.14 46.44 27.08
C GLN I 38 -29.60 46.38 27.55
N ALA I 39 -29.80 46.68 28.83
CA ALA I 39 -31.10 46.69 29.50
C ALA I 39 -32.33 46.53 28.61
N LEU I 40 -33.19 45.60 29.02
CA LEU I 40 -34.39 45.29 28.27
C LEU I 40 -35.33 46.46 28.05
N HIS I 41 -35.31 47.44 28.95
CA HIS I 41 -36.20 48.58 28.77
C HIS I 41 -35.74 49.42 27.59
N VAL I 42 -34.42 49.56 27.47
CA VAL I 42 -33.83 50.32 26.37
C VAL I 42 -34.49 49.90 25.08
N GLN I 43 -34.24 48.65 24.69
CA GLN I 43 -34.77 48.10 23.45
C GLN I 43 -36.31 48.03 23.34
N MET I 44 -37.03 48.18 24.44
CA MET I 44 -38.48 48.10 24.39
C MET I 44 -39.12 49.40 23.94
N ALA I 45 -38.40 50.50 24.17
CA ALA I 45 -38.87 51.84 23.80
C ALA I 45 -38.63 52.20 22.33
N ASP I 46 -39.39 53.18 21.83
CA ASP I 46 -39.25 53.61 20.44
C ASP I 46 -38.10 54.60 20.31
N GLU I 47 -37.44 54.91 21.42
CA GLU I 47 -36.33 55.83 21.41
C GLU I 47 -35.55 55.58 22.66
N ALA I 48 -34.39 56.21 22.78
CA ALA I 48 -33.57 56.03 23.96
C ALA I 48 -32.41 57.00 23.92
N VAL I 49 -32.07 57.54 25.08
CA VAL I 49 -31.01 58.52 25.18
C VAL I 49 -30.10 58.21 26.35
N HIS I 50 -28.80 58.35 26.15
CA HIS I 50 -27.85 58.11 27.23
C HIS I 50 -28.22 59.09 28.32
N ILE I 51 -27.57 58.96 29.48
CA ILE I 51 -27.81 59.85 30.60
C ILE I 51 -26.62 59.84 31.56
N GLY I 52 -25.45 59.53 31.03
CA GLY I 52 -24.28 59.53 31.88
C GLY I 52 -23.77 58.16 32.24
N PRO I 53 -22.97 58.06 33.32
CA PRO I 53 -22.35 56.85 33.89
C PRO I 53 -23.32 55.85 34.54
N PRO I 54 -22.78 54.73 35.01
CA PRO I 54 -23.65 53.74 35.65
C PRO I 54 -24.37 54.20 36.92
N PRO I 55 -23.68 54.92 37.84
CA PRO I 55 -24.43 55.33 39.04
C PRO I 55 -25.56 56.30 38.68
N ALA I 56 -26.72 56.14 39.30
CA ALA I 56 -27.89 57.00 39.01
C ALA I 56 -27.74 58.39 39.59
N ASN I 57 -26.85 58.53 40.58
CA ASN I 57 -26.59 59.82 41.19
C ASN I 57 -25.71 60.58 40.20
N GLN I 58 -25.79 60.16 38.93
CA GLN I 58 -25.01 60.75 37.86
C GLN I 58 -25.67 60.41 36.53
N SER I 59 -26.87 59.86 36.58
CA SER I 59 -27.56 59.48 35.35
C SER I 59 -29.07 59.35 35.44
N TYR I 60 -29.55 58.69 36.49
CA TYR I 60 -30.99 58.49 36.65
C TYR I 60 -31.66 59.44 37.63
N ILE I 61 -30.85 60.05 38.50
CA ILE I 61 -31.37 61.02 39.47
C ILE I 61 -31.13 62.46 38.96
N VAL I 62 -30.00 62.70 38.29
CA VAL I 62 -29.63 64.02 37.73
C VAL I 62 -30.79 64.61 36.91
N ILE I 63 -31.43 65.63 37.46
CA ILE I 63 -32.59 66.27 36.82
C ILE I 63 -32.27 67.05 35.55
N ASP I 64 -31.03 67.53 35.48
CA ASP I 64 -30.54 68.27 34.33
C ASP I 64 -30.54 67.28 33.16
N LYS I 65 -29.75 66.23 33.33
CA LYS I 65 -29.62 65.16 32.36
C LYS I 65 -30.99 64.80 31.85
N VAL I 66 -31.81 64.25 32.74
CA VAL I 66 -33.17 63.82 32.40
C VAL I 66 -33.83 64.86 31.51
N MET I 67 -34.08 66.02 32.11
CA MET I 67 -34.71 67.14 31.43
C MET I 67 -34.19 67.32 30.00
N ALA I 68 -32.90 67.64 29.87
CA ALA I 68 -32.24 67.86 28.59
C ALA I 68 -32.75 66.88 27.53
N ALA I 69 -33.03 65.65 27.99
CA ALA I 69 -33.51 64.57 27.15
C ALA I 69 -35.03 64.60 26.94
N ILE I 70 -35.74 64.94 28.02
CA ILE I 70 -37.19 65.01 28.00
C ILE I 70 -37.67 65.95 26.92
N ARG I 71 -36.89 67.00 26.71
CA ARG I 71 -37.18 67.97 25.68
C ARG I 71 -36.43 67.46 24.45
N ALA I 72 -35.20 67.00 24.66
CA ALA I 72 -34.39 66.48 23.56
C ALA I 72 -35.21 65.51 22.72
N THR I 73 -36.17 64.84 23.35
CA THR I 73 -37.03 63.88 22.64
C THR I 73 -38.48 64.37 22.63
N GLY I 74 -38.69 65.54 23.23
CA GLY I 74 -40.02 66.13 23.29
C GLY I 74 -40.93 65.39 24.25
N ALA I 75 -41.22 65.99 25.41
CA ALA I 75 -42.10 65.37 26.41
C ALA I 75 -43.59 65.35 26.03
N GLN I 76 -44.45 65.09 27.00
CA GLN I 76 -45.90 65.00 26.80
C GLN I 76 -46.49 64.31 28.03
N ALA I 77 -45.62 63.64 28.77
CA ALA I 77 -46.01 62.93 29.97
C ALA I 77 -44.88 61.98 30.39
N VAL I 78 -43.98 62.48 31.23
CA VAL I 78 -42.89 61.66 31.71
C VAL I 78 -43.39 60.81 32.90
N HIS I 79 -42.82 59.62 33.08
CA HIS I 79 -43.19 58.76 34.20
C HIS I 79 -41.94 58.42 34.99
N PRO I 80 -42.03 58.44 36.32
CA PRO I 80 -40.87 58.14 37.17
C PRO I 80 -40.81 56.72 37.68
N GLY I 81 -41.82 55.91 37.35
CA GLY I 81 -41.84 54.55 37.83
C GLY I 81 -41.94 54.60 39.35
N TYR I 82 -40.82 54.46 40.03
CA TYR I 82 -40.82 54.54 41.48
C TYR I 82 -39.43 54.52 42.06
N GLY I 83 -39.33 54.74 43.37
CA GLY I 83 -38.05 54.74 44.06
C GLY I 83 -36.92 55.64 43.56
N PHE I 84 -37.20 56.52 42.60
CA PHE I 84 -36.16 57.41 42.08
C PHE I 84 -36.60 58.86 42.28
N LEU I 85 -37.11 59.47 41.22
CA LEU I 85 -37.59 60.84 41.25
C LEU I 85 -39.12 60.78 41.30
N SER I 86 -39.63 59.59 41.56
CA SER I 86 -41.07 59.40 41.65
C SER I 86 -41.62 60.29 42.76
N GLU I 87 -40.75 60.64 43.69
CA GLU I 87 -41.12 61.49 44.81
C GLU I 87 -40.00 62.44 45.23
N ASN I 88 -39.61 63.32 44.30
CA ASN I 88 -38.58 64.33 44.56
C ASN I 88 -39.03 65.63 43.90
N SER I 89 -39.66 66.48 44.71
CA SER I 89 -40.21 67.77 44.28
C SER I 89 -39.41 68.47 43.20
N LYS I 90 -38.12 68.70 43.46
CA LYS I 90 -37.28 69.39 42.49
C LYS I 90 -37.63 69.02 41.05
N PHE I 91 -37.66 67.71 40.78
CA PHE I 91 -37.98 67.19 39.45
C PHE I 91 -39.45 67.41 39.12
N ALA I 92 -40.31 67.36 40.15
CA ALA I 92 -41.75 67.54 39.99
C ALA I 92 -42.14 68.93 39.46
N GLU I 93 -41.37 69.94 39.85
CA GLU I 93 -41.63 71.32 39.44
C GLU I 93 -41.01 71.62 38.08
N ALA I 94 -39.77 71.19 37.90
CA ALA I 94 -39.06 71.40 36.66
C ALA I 94 -39.90 70.90 35.48
N LEU I 95 -40.75 69.90 35.74
CA LEU I 95 -41.62 69.33 34.70
C LEU I 95 -42.75 70.28 34.36
N GLU I 96 -43.34 70.87 35.39
CA GLU I 96 -44.44 71.83 35.22
C GLU I 96 -43.87 73.08 34.58
N ALA I 97 -42.59 73.32 34.86
CA ALA I 97 -41.86 74.46 34.30
C ALA I 97 -41.62 74.16 32.82
N GLU I 98 -42.38 73.20 32.30
CA GLU I 98 -42.29 72.77 30.89
C GLU I 98 -43.65 72.33 30.35
N GLY I 99 -44.51 71.80 31.22
CA GLY I 99 -45.81 71.31 30.79
C GLY I 99 -45.80 69.79 30.70
N VAL I 100 -44.67 69.18 31.08
CA VAL I 100 -44.52 67.73 31.06
C VAL I 100 -45.30 67.14 32.24
N ILE I 101 -46.48 66.59 31.93
CA ILE I 101 -47.35 66.00 32.95
C ILE I 101 -46.74 64.85 33.77
N PHE I 102 -46.03 65.17 34.86
CA PHE I 102 -45.45 64.15 35.73
C PHE I 102 -46.61 63.23 36.18
N VAL I 103 -46.86 62.18 35.41
CA VAL I 103 -47.95 61.26 35.73
C VAL I 103 -47.74 60.67 37.13
N GLY I 104 -48.63 61.02 38.06
CA GLY I 104 -48.54 60.54 39.42
C GLY I 104 -49.23 61.46 40.41
N PRO I 105 -48.53 61.85 41.49
CA PRO I 105 -49.15 62.75 42.48
C PRO I 105 -48.61 64.19 42.35
N PRO I 106 -49.40 65.20 42.81
CA PRO I 106 -48.99 66.61 42.75
C PRO I 106 -47.91 66.89 43.79
N LYS I 107 -46.82 67.54 43.39
CA LYS I 107 -45.70 67.81 44.29
C LYS I 107 -46.07 68.26 45.69
N GLY I 108 -47.32 68.64 45.89
CA GLY I 108 -47.76 69.06 47.20
C GLY I 108 -48.01 67.85 48.08
N ALA I 109 -49.07 67.12 47.76
CA ALA I 109 -49.45 65.91 48.50
C ALA I 109 -48.22 65.04 48.73
N ILE I 110 -47.26 65.10 47.81
CA ILE I 110 -46.05 64.31 47.93
C ILE I 110 -45.29 64.68 49.18
N GLU I 111 -45.01 65.97 49.35
CA GLU I 111 -44.28 66.43 50.53
C GLU I 111 -45.19 66.31 51.74
N ALA I 112 -46.50 66.22 51.48
CA ALA I 112 -47.50 66.09 52.52
C ALA I 112 -47.22 64.81 53.32
N MET I 113 -47.43 63.67 52.68
CA MET I 113 -47.20 62.39 53.35
C MET I 113 -45.72 62.05 53.34
N GLY I 114 -44.89 63.05 53.06
CA GLY I 114 -43.46 62.83 53.04
C GLY I 114 -42.90 62.87 54.44
N ASP I 115 -43.55 63.65 55.30
CA ASP I 115 -43.14 63.79 56.71
C ASP I 115 -44.12 63.10 57.64
N LYS I 116 -43.59 62.29 58.55
CA LYS I 116 -44.42 61.55 59.50
C LYS I 116 -45.43 62.42 60.25
N ILE I 117 -44.91 63.35 61.06
CA ILE I 117 -45.71 64.26 61.87
C ILE I 117 -46.91 64.78 61.08
N THR I 118 -46.62 65.49 60.00
CA THR I 118 -47.65 66.08 59.16
C THR I 118 -48.72 65.05 58.84
N SER I 119 -48.28 63.90 58.34
CA SER I 119 -49.18 62.81 57.95
C SER I 119 -50.09 62.39 59.10
N LYS I 120 -49.48 62.26 60.27
CA LYS I 120 -50.24 61.87 61.45
C LYS I 120 -51.50 62.72 61.51
N LYS I 121 -51.31 64.03 61.54
CA LYS I 121 -52.43 64.96 61.60
C LYS I 121 -53.39 64.85 60.41
N ILE I 122 -52.85 64.95 59.21
CA ILE I 122 -53.67 64.90 58.01
C ILE I 122 -54.62 63.71 57.95
N ALA I 123 -54.35 62.70 58.78
CA ALA I 123 -55.21 61.51 58.82
C ALA I 123 -56.24 61.64 59.93
N GLN I 124 -55.81 62.27 61.02
CA GLN I 124 -56.66 62.49 62.18
C GLN I 124 -58.02 63.06 61.78
N GLU I 125 -58.09 64.37 61.56
CA GLU I 125 -59.35 65.02 61.19
C GLU I 125 -59.96 64.31 59.98
N ALA I 126 -59.10 63.70 59.17
CA ALA I 126 -59.58 62.98 58.00
C ALA I 126 -60.31 61.77 58.54
N ASN I 127 -60.41 61.71 59.87
CA ASN I 127 -61.05 60.62 60.58
C ASN I 127 -60.48 59.26 60.14
N VAL I 128 -59.15 59.23 59.99
CA VAL I 128 -58.46 58.01 59.61
C VAL I 128 -57.94 57.31 60.85
N SER I 129 -58.40 56.08 61.07
CA SER I 129 -57.97 55.30 62.21
C SER I 129 -56.46 55.42 62.38
N THR I 130 -56.01 55.28 63.63
CA THR I 130 -54.59 55.36 63.95
C THR I 130 -54.33 54.64 65.26
N VAL I 131 -53.13 54.07 65.40
CA VAL I 131 -52.81 53.34 66.61
C VAL I 131 -53.09 54.23 67.78
N PRO I 132 -54.07 53.85 68.61
CA PRO I 132 -54.55 54.52 69.81
C PRO I 132 -53.59 54.51 70.98
N GLY I 133 -53.60 55.61 71.73
CA GLY I 133 -52.74 55.76 72.89
C GLY I 133 -53.11 56.97 73.73
N TYR I 134 -52.57 57.02 74.95
CA TYR I 134 -52.80 58.12 75.88
C TYR I 134 -51.48 58.57 76.47
N MET I 135 -51.16 59.85 76.26
CA MET I 135 -49.96 60.46 76.77
C MET I 135 -50.40 61.57 77.71
N GLY I 136 -50.15 61.40 78.99
CA GLY I 136 -50.57 62.42 79.94
C GLY I 136 -50.49 61.89 81.35
N LEU I 137 -51.15 62.57 82.27
CA LEU I 137 -51.13 62.16 83.67
C LEU I 137 -52.45 61.52 84.10
N ILE I 138 -52.34 60.38 84.76
CA ILE I 138 -53.53 59.66 85.23
C ILE I 138 -53.67 59.87 86.72
N GLU I 139 -54.88 60.20 87.16
CA GLU I 139 -55.07 60.44 88.57
C GLU I 139 -54.85 59.16 89.33
N ASP I 140 -55.84 58.28 89.30
CA ASP I 140 -55.76 57.01 90.00
C ASP I 140 -55.84 55.77 89.13
N ALA I 141 -55.76 54.61 89.78
CA ALA I 141 -55.82 53.33 89.09
C ALA I 141 -57.16 53.23 88.37
N ASP I 142 -58.19 53.85 88.92
CA ASP I 142 -59.49 53.80 88.29
C ASP I 142 -59.52 54.49 86.93
N GLU I 143 -58.83 55.62 86.78
CA GLU I 143 -58.82 56.26 85.48
C GLU I 143 -57.89 55.50 84.55
N ALA I 144 -56.82 54.91 85.11
CA ALA I 144 -55.88 54.13 84.32
C ALA I 144 -56.75 53.15 83.55
N VAL I 145 -57.47 52.34 84.29
CA VAL I 145 -58.38 51.36 83.74
C VAL I 145 -59.45 51.95 82.84
N LYS I 146 -59.97 53.11 83.22
CA LYS I 146 -61.00 53.77 82.45
C LYS I 146 -60.50 54.00 81.02
N ILE I 147 -59.24 54.44 80.92
CA ILE I 147 -58.59 54.74 79.64
C ILE I 147 -58.23 53.47 78.90
N SER I 148 -57.58 52.56 79.60
CA SER I 148 -57.19 51.29 79.00
C SER I 148 -58.42 50.72 78.33
N ASN I 149 -59.45 50.43 79.11
CA ASN I 149 -60.66 49.87 78.55
C ASN I 149 -61.15 50.74 77.42
N GLN I 150 -61.03 52.04 77.59
CA GLN I 150 -61.46 52.96 76.55
C GLN I 150 -60.61 52.71 75.31
N ILE I 151 -59.38 52.24 75.50
CA ILE I 151 -58.47 51.96 74.39
C ILE I 151 -58.72 50.57 73.82
N GLY I 152 -59.02 49.61 74.68
CA GLY I 152 -59.27 48.26 74.22
C GLY I 152 -58.00 47.45 74.41
N TYR I 153 -57.94 46.68 75.49
CA TYR I 153 -56.77 45.87 75.79
C TYR I 153 -56.50 44.98 74.59
N PRO I 154 -55.28 44.46 74.46
CA PRO I 154 -54.17 44.69 75.39
C PRO I 154 -53.53 46.04 75.13
N VAL I 155 -52.94 46.61 76.18
CA VAL I 155 -52.29 47.91 76.09
C VAL I 155 -51.03 47.76 76.90
N MET I 156 -50.10 48.70 76.73
CA MET I 156 -48.84 48.65 77.50
C MET I 156 -48.75 49.94 78.29
N ILE I 157 -48.80 49.85 79.63
CA ILE I 157 -48.75 51.06 80.47
C ILE I 157 -47.31 51.39 80.84
N LYS I 158 -46.83 52.52 80.36
CA LYS I 158 -45.45 52.91 80.64
C LYS I 158 -45.40 54.31 81.18
N ALA I 159 -44.44 54.55 82.08
CA ALA I 159 -44.23 55.87 82.64
C ALA I 159 -43.57 56.61 81.48
N SER I 160 -44.05 57.78 81.11
CA SER I 160 -43.47 58.49 79.97
C SER I 160 -41.95 58.78 80.01
N ALA I 161 -41.38 58.78 81.21
CA ALA I 161 -39.95 59.03 81.38
C ALA I 161 -39.13 57.76 81.25
N MET I 168 -42.83 47.84 77.09
CA MET I 168 -42.47 46.44 76.96
C MET I 168 -42.98 45.60 78.13
N ARG I 169 -44.29 45.37 78.14
CA ARG I 169 -44.97 44.59 79.18
C ARG I 169 -46.45 44.86 78.93
N ILE I 170 -47.14 43.85 78.43
CA ILE I 170 -48.54 44.00 78.09
C ILE I 170 -49.50 43.87 79.26
N ALA I 171 -50.66 44.49 79.11
CA ALA I 171 -51.71 44.45 80.11
C ALA I 171 -52.91 43.88 79.40
N TRP I 172 -53.35 42.71 79.86
CA TRP I 172 -54.47 42.03 79.23
C TRP I 172 -55.82 42.28 79.85
N ASN I 173 -55.83 42.58 81.15
CA ASN I 173 -57.08 42.86 81.84
C ASN I 173 -56.90 44.05 82.74
N ASP I 174 -57.99 44.76 83.03
CA ASP I 174 -57.88 45.93 83.88
C ASP I 174 -57.36 45.57 85.26
N GLN I 175 -57.40 44.29 85.61
CA GLN I 175 -56.86 43.83 86.90
C GLN I 175 -55.34 43.81 86.77
N GLU I 176 -54.88 43.82 85.53
CA GLU I 176 -53.46 43.81 85.22
C GLU I 176 -53.02 45.23 84.99
N ALA I 177 -53.91 46.01 84.38
CA ALA I 177 -53.62 47.42 84.09
C ALA I 177 -53.38 48.13 85.43
N ARG I 178 -54.04 47.63 86.47
CA ARG I 178 -53.89 48.18 87.81
C ARG I 178 -52.40 48.25 88.16
N GLU I 179 -51.76 47.07 88.26
CA GLU I 179 -50.34 46.97 88.60
C GLU I 179 -49.43 47.67 87.59
N GLY I 180 -49.82 47.62 86.32
CA GLY I 180 -49.04 48.27 85.29
C GLY I 180 -48.99 49.73 85.67
N PHE I 181 -50.12 50.26 86.12
CA PHE I 181 -50.27 51.67 86.53
C PHE I 181 -49.51 52.07 87.79
N GLN I 182 -49.66 51.26 88.84
CA GLN I 182 -49.00 51.52 90.12
C GLN I 182 -47.50 51.66 89.97
N SER I 183 -46.89 50.68 89.31
CA SER I 183 -45.45 50.70 89.07
C SER I 183 -45.09 51.86 88.15
N SER I 184 -46.02 52.25 87.29
CA SER I 184 -45.76 53.34 86.38
C SER I 184 -45.66 54.70 87.06
N LYS I 185 -46.48 54.94 88.09
CA LYS I 185 -46.41 56.23 88.78
C LYS I 185 -44.99 56.53 89.27
N ASN I 186 -44.09 55.56 89.10
CA ASN I 186 -42.70 55.71 89.52
C ASN I 186 -41.75 55.59 88.32
N ASP I 195 -44.47 64.16 85.83
CA ASP I 195 -44.96 62.80 86.10
C ASP I 195 -46.05 62.31 85.14
N ARG I 196 -45.65 62.06 83.90
CA ARG I 196 -46.58 61.62 82.88
C ARG I 196 -46.55 60.12 82.63
N ILE I 197 -47.74 59.55 82.38
CA ILE I 197 -47.87 58.13 82.08
C ILE I 197 -48.38 58.00 80.65
N PHE I 198 -48.00 56.89 80.01
CA PHE I 198 -48.39 56.58 78.63
C PHE I 198 -49.07 55.21 78.53
N ILE I 199 -50.21 55.19 77.87
CA ILE I 199 -50.95 53.97 77.67
C ILE I 199 -51.05 53.77 76.17
N GLU I 200 -50.39 52.73 75.70
CA GLU I 200 -50.33 52.40 74.28
C GLU I 200 -51.14 51.13 73.97
N LYS I 201 -51.82 51.13 72.82
CA LYS I 201 -52.61 49.96 72.40
C LYS I 201 -51.64 48.96 71.78
N PHE I 202 -51.55 47.75 72.34
CA PHE I 202 -50.65 46.73 71.81
C PHE I 202 -51.30 46.01 70.65
N VAL I 203 -50.56 45.71 69.60
CA VAL I 203 -51.17 45.03 68.47
C VAL I 203 -50.98 43.52 68.45
N THR I 204 -52.08 42.81 68.72
CA THR I 204 -52.13 41.35 68.77
C THR I 204 -51.18 40.66 67.79
N GLN I 205 -51.57 40.60 66.51
CA GLN I 205 -50.73 39.95 65.51
C GLN I 205 -50.67 40.81 64.27
N PRO I 206 -49.63 41.65 64.17
CA PRO I 206 -49.40 42.58 63.06
C PRO I 206 -49.39 41.98 61.67
N ARG I 207 -50.34 42.43 60.87
CA ARG I 207 -50.43 41.98 59.50
C ARG I 207 -50.33 43.25 58.69
N HIS I 208 -49.37 43.30 57.77
CA HIS I 208 -49.21 44.47 56.94
C HIS I 208 -50.22 44.34 55.82
N ILE I 209 -51.29 45.12 55.86
CA ILE I 209 -52.30 45.07 54.81
C ILE I 209 -52.48 46.46 54.24
N GLU I 210 -52.24 46.62 52.94
CA GLU I 210 -52.34 47.94 52.29
C GLU I 210 -53.52 48.07 51.31
N ILE I 211 -53.89 49.30 50.96
CA ILE I 211 -54.99 49.59 50.03
C ILE I 211 -54.52 50.45 48.83
N GLN I 212 -54.86 49.99 47.61
CA GLN I 212 -54.50 50.68 46.37
C GLN I 212 -55.67 51.54 45.97
N VAL I 213 -55.43 52.84 45.94
CA VAL I 213 -56.44 53.82 45.58
C VAL I 213 -55.96 54.62 44.39
N LEU I 214 -56.92 55.13 43.64
CA LEU I 214 -56.65 55.96 42.46
C LEU I 214 -57.72 57.03 42.34
N CYS I 215 -57.30 58.27 42.12
CA CYS I 215 -58.22 59.39 42.01
C CYS I 215 -58.22 59.97 40.58
N ASP I 216 -57.74 61.22 40.49
CA ASP I 216 -57.59 62.06 39.29
C ASP I 216 -57.67 63.50 39.79
N SER I 217 -57.25 64.46 38.99
CA SER I 217 -57.31 65.86 39.43
C SER I 217 -58.71 66.44 39.29
N HIS I 218 -59.69 65.54 39.20
CA HIS I 218 -61.09 65.91 39.04
C HIS I 218 -61.93 65.44 40.24
N GLY I 219 -61.34 65.51 41.43
CA GLY I 219 -62.04 65.13 42.65
C GLY I 219 -62.39 63.67 42.89
N ASN I 220 -62.72 62.94 41.81
CA ASN I 220 -63.09 61.53 41.95
C ASN I 220 -61.93 60.70 42.50
N GLY I 221 -62.24 59.51 42.98
CA GLY I 221 -61.21 58.63 43.52
C GLY I 221 -61.82 57.36 44.08
N ILE I 222 -61.19 56.21 43.82
CA ILE I 222 -61.69 54.93 44.33
C ILE I 222 -60.56 53.98 44.68
N TYR I 223 -60.87 52.99 45.52
CA TYR I 223 -59.88 52.00 45.93
C TYR I 223 -60.10 50.73 45.10
N LEU I 224 -59.04 49.92 44.96
CA LEU I 224 -59.15 48.68 44.20
C LEU I 224 -58.63 47.49 44.99
N GLY I 225 -59.25 47.24 46.15
CA GLY I 225 -58.87 46.13 47.00
C GLY I 225 -57.65 46.37 47.86
N GLU I 226 -57.21 45.33 48.58
CA GLU I 226 -56.05 45.40 49.44
C GLU I 226 -55.03 44.29 49.18
N ARG I 227 -53.78 44.53 49.54
CA ARG I 227 -52.71 43.55 49.34
C ARG I 227 -52.05 43.30 50.66
N GLU I 228 -51.81 42.04 51.01
CA GLU I 228 -51.14 41.74 52.27
C GLU I 228 -49.69 41.40 51.99
N CYS I 229 -48.81 42.23 52.51
CA CYS I 229 -47.38 42.01 52.33
C CYS I 229 -46.75 41.77 53.67
N SER I 230 -47.39 40.94 54.50
CA SER I 230 -46.86 40.67 55.82
C SER I 230 -45.51 39.98 55.75
N ILE I 231 -45.42 39.03 54.85
CA ILE I 231 -44.22 38.22 54.66
C ILE I 231 -43.06 38.99 54.07
N GLN I 232 -42.33 39.71 54.91
CA GLN I 232 -41.18 40.47 54.43
C GLN I 232 -39.97 40.22 55.32
N ARG I 233 -38.79 40.23 54.72
CA ARG I 233 -37.55 40.01 55.48
C ARG I 233 -36.70 41.29 55.58
N ARG I 234 -36.30 41.65 56.81
CA ARG I 234 -35.52 42.86 57.02
C ARG I 234 -36.28 44.06 56.44
N ASN I 235 -37.60 43.96 56.51
CA ASN I 235 -38.45 45.02 56.01
C ASN I 235 -38.51 45.08 54.50
N GLN I 236 -37.71 44.28 53.81
CA GLN I 236 -37.76 44.27 52.35
C GLN I 236 -38.85 43.27 52.02
N LYS I 237 -39.88 43.67 51.27
CA LYS I 237 -40.96 42.76 50.92
C LYS I 237 -40.51 41.57 50.08
N VAL I 238 -41.05 40.39 50.40
CA VAL I 238 -40.71 39.14 49.69
C VAL I 238 -41.88 38.52 48.91
N VAL I 239 -43.03 38.46 49.57
CA VAL I 239 -44.24 37.87 49.02
C VAL I 239 -45.45 38.74 49.27
N GLU I 240 -46.12 39.13 48.19
CA GLU I 240 -47.32 39.94 48.31
C GLU I 240 -48.48 39.16 47.69
N GLU I 241 -49.67 39.30 48.29
CA GLU I 241 -50.87 38.65 47.79
C GLU I 241 -52.07 39.59 47.82
N ALA I 242 -53.08 39.27 47.03
CA ALA I 242 -54.30 40.06 46.94
C ALA I 242 -55.47 39.17 46.53
N PRO I 243 -56.58 39.25 47.25
CA PRO I 243 -56.83 40.08 48.44
C PRO I 243 -56.09 39.57 49.69
N SER I 244 -56.61 39.86 50.87
CA SER I 244 -55.96 39.42 52.08
C SER I 244 -56.76 38.27 52.65
N PRO I 245 -56.08 37.16 52.98
CA PRO I 245 -56.69 35.94 53.54
C PRO I 245 -57.32 36.17 54.89
N PHE I 246 -57.17 37.37 55.40
CA PHE I 246 -57.65 37.69 56.73
C PHE I 246 -58.93 38.52 56.76
N LEU I 247 -58.77 39.82 56.55
CA LEU I 247 -59.91 40.70 56.61
C LEU I 247 -60.98 40.35 55.63
N ASP I 248 -62.22 40.41 56.12
CA ASP I 248 -63.45 40.10 55.38
C ASP I 248 -64.05 41.32 54.68
N GLU I 249 -65.17 41.10 54.01
CA GLU I 249 -65.87 42.14 53.26
C GLU I 249 -66.12 43.50 53.92
N ALA I 250 -66.74 43.46 55.09
CA ALA I 250 -67.07 44.66 55.83
C ALA I 250 -65.79 45.40 56.19
N THR I 251 -64.94 44.74 56.97
CA THR I 251 -63.69 45.32 57.38
C THR I 251 -62.84 45.71 56.18
N ARG I 252 -63.11 45.07 55.04
CA ARG I 252 -62.36 45.37 53.83
C ARG I 252 -62.82 46.75 53.34
N ARG I 253 -64.12 46.89 53.08
CA ARG I 253 -64.66 48.17 52.62
C ARG I 253 -64.32 49.24 53.65
N ALA I 254 -64.30 48.82 54.91
CA ALA I 254 -63.97 49.73 55.99
C ALA I 254 -62.63 50.41 55.70
N MET I 255 -61.60 49.59 55.53
CA MET I 255 -60.27 50.10 55.25
C MET I 255 -60.33 50.79 53.92
N GLY I 256 -61.06 50.19 53.00
CA GLY I 256 -61.18 50.74 51.67
C GLY I 256 -61.85 52.10 51.58
N GLU I 257 -63.06 52.20 52.13
CA GLU I 257 -63.81 53.45 52.11
C GLU I 257 -62.99 54.53 52.81
N GLN I 258 -62.41 54.18 53.95
CA GLN I 258 -61.61 55.12 54.71
C GLN I 258 -60.32 55.43 53.99
N ALA I 259 -59.82 54.46 53.26
CA ALA I 259 -58.58 54.64 52.52
C ALA I 259 -58.76 55.80 51.57
N VAL I 260 -59.67 55.60 50.61
CA VAL I 260 -59.99 56.60 49.59
C VAL I 260 -60.40 57.92 50.20
N ALA I 261 -61.11 57.86 51.32
CA ALA I 261 -61.54 59.06 52.00
C ALA I 261 -60.26 59.83 52.32
N LEU I 262 -59.32 59.19 53.03
CA LEU I 262 -58.05 59.83 53.35
C LEU I 262 -57.45 60.37 52.08
N ALA I 263 -57.69 59.66 50.97
CA ALA I 263 -57.15 60.05 49.68
C ALA I 263 -57.44 61.53 49.37
N LYS I 264 -58.66 61.80 48.90
CA LYS I 264 -59.09 63.15 48.56
C LYS I 264 -58.53 64.17 49.57
N ALA I 265 -58.76 63.89 50.86
CA ALA I 265 -58.31 64.74 51.95
C ALA I 265 -56.92 65.36 51.83
N VAL I 266 -56.09 64.84 50.94
CA VAL I 266 -54.74 65.41 50.79
C VAL I 266 -54.53 65.92 49.36
N GLY I 267 -55.53 65.67 48.52
CA GLY I 267 -55.46 66.10 47.13
C GLY I 267 -54.55 65.21 46.33
N TYR I 268 -54.79 63.91 46.39
CA TYR I 268 -53.96 62.95 45.65
C TYR I 268 -54.60 62.75 44.29
N ALA I 269 -53.76 62.72 43.26
CA ALA I 269 -54.20 62.57 41.89
C ALA I 269 -54.20 61.14 41.35
N SER I 270 -53.03 60.67 40.91
CA SER I 270 -52.90 59.33 40.32
C SER I 270 -53.34 58.15 41.19
N ALA I 271 -52.51 57.12 41.21
CA ALA I 271 -52.78 55.94 42.00
C ALA I 271 -51.76 56.00 43.13
N GLY I 272 -52.19 55.59 44.32
CA GLY I 272 -51.30 55.62 45.47
C GLY I 272 -51.72 54.54 46.43
N THR I 273 -50.87 54.26 47.40
CA THR I 273 -51.15 53.20 48.36
C THR I 273 -51.17 53.66 49.83
N VAL I 274 -52.18 53.19 50.59
CA VAL I 274 -52.32 53.51 52.01
C VAL I 274 -52.06 52.25 52.83
N GLU I 275 -50.93 52.21 53.51
CA GLU I 275 -50.57 51.04 54.31
C GLU I 275 -51.20 51.06 55.69
N PHE I 276 -51.82 49.94 56.07
CA PHE I 276 -52.45 49.80 57.38
C PHE I 276 -51.71 48.72 58.18
N ILE I 277 -52.05 48.57 59.46
CA ILE I 277 -51.47 47.50 60.29
C ILE I 277 -52.62 46.88 61.04
N VAL I 278 -53.32 45.95 60.40
CA VAL I 278 -54.42 45.25 61.03
C VAL I 278 -53.87 44.34 62.12
N ASP I 279 -54.66 44.06 63.15
CA ASP I 279 -54.20 43.20 64.22
C ASP I 279 -55.01 41.91 64.28
N GLY I 280 -54.98 41.27 65.45
CA GLY I 280 -55.71 40.02 65.64
C GLY I 280 -57.22 40.12 65.60
N GLN I 281 -57.76 41.32 65.82
CA GLN I 281 -59.20 41.48 65.83
C GLN I 281 -59.71 42.24 64.63
N LYS I 282 -58.93 42.27 63.57
CA LYS I 282 -59.30 42.98 62.35
C LYS I 282 -59.32 44.46 62.61
N ASN I 283 -58.74 44.84 63.74
CA ASN I 283 -58.64 46.24 64.13
C ASN I 283 -57.58 46.85 63.22
N PHE I 284 -57.97 47.69 62.28
CA PHE I 284 -56.96 48.27 61.41
C PHE I 284 -56.54 49.68 61.78
N TYR I 285 -55.28 49.99 61.51
CA TYR I 285 -54.75 51.30 61.81
C TYR I 285 -54.15 51.92 60.57
N PHE I 286 -53.16 52.77 60.72
CA PHE I 286 -52.58 53.40 59.55
C PHE I 286 -51.14 53.78 59.81
N LEU I 287 -50.22 53.20 59.03
CA LEU I 287 -48.80 53.51 59.20
C LEU I 287 -48.43 54.66 58.28
N GLU I 288 -48.82 54.58 57.01
CA GLU I 288 -48.52 55.67 56.10
C GLU I 288 -49.01 55.52 54.67
N MET I 289 -48.77 56.55 53.88
CA MET I 289 -49.16 56.54 52.48
C MET I 289 -47.95 56.78 51.60
N ASN I 290 -47.87 56.01 50.51
CA ASN I 290 -46.78 56.13 49.55
C ASN I 290 -47.37 56.74 48.30
N THR I 291 -46.88 57.92 47.97
CA THR I 291 -47.35 58.64 46.80
C THR I 291 -46.59 58.20 45.55
N ARG I 292 -46.96 57.03 45.04
CA ARG I 292 -46.33 56.47 43.86
C ARG I 292 -46.93 55.13 43.50
N LEU I 293 -46.38 54.51 42.48
CA LEU I 293 -46.87 53.22 42.06
C LEU I 293 -46.10 52.18 42.86
N GLN I 294 -46.82 51.24 43.44
CA GLN I 294 -46.18 50.20 44.24
C GLN I 294 -45.67 49.06 43.38
N VAL I 295 -44.51 48.54 43.78
CA VAL I 295 -43.89 47.43 43.10
C VAL I 295 -44.87 46.27 43.02
N GLU I 296 -45.49 45.95 44.15
CA GLU I 296 -46.45 44.84 44.27
C GLU I 296 -47.82 45.08 43.66
N HIS I 297 -47.96 46.06 42.78
CA HIS I 297 -49.27 46.32 42.23
C HIS I 297 -49.83 45.23 41.34
N PRO I 298 -48.97 44.50 40.63
CA PRO I 298 -49.47 43.43 39.76
C PRO I 298 -50.56 42.59 40.42
N VAL I 299 -50.43 42.35 41.72
CA VAL I 299 -51.38 41.54 42.44
C VAL I 299 -52.76 42.19 42.37
N THR I 300 -52.79 43.49 42.59
CA THR I 300 -54.06 44.22 42.55
C THR I 300 -54.67 43.99 41.17
N GLU I 301 -53.90 44.27 40.13
CA GLU I 301 -54.32 44.13 38.74
C GLU I 301 -54.89 42.78 38.36
N LEU I 302 -54.36 41.68 38.87
CA LEU I 302 -54.86 40.35 38.50
C LEU I 302 -56.18 39.88 39.13
N ILE I 303 -56.85 40.78 39.85
CA ILE I 303 -58.12 40.41 40.49
C ILE I 303 -59.12 41.52 40.24
N THR I 304 -58.60 42.73 40.07
CA THR I 304 -59.43 43.89 39.81
C THR I 304 -59.77 43.99 38.35
N GLY I 305 -58.78 43.70 37.50
CA GLY I 305 -58.97 43.77 36.06
C GLY I 305 -58.66 45.18 35.59
N VAL I 306 -57.57 45.75 36.11
CA VAL I 306 -57.20 47.11 35.76
C VAL I 306 -55.71 47.27 35.56
N ASP I 307 -55.33 48.30 34.82
CA ASP I 307 -53.92 48.57 34.58
C ASP I 307 -53.57 49.89 35.25
N LEU I 308 -53.06 49.81 36.47
CA LEU I 308 -52.70 51.01 37.20
C LEU I 308 -51.83 51.95 36.38
N VAL I 309 -51.00 51.42 35.49
CA VAL I 309 -50.15 52.30 34.70
C VAL I 309 -51.00 52.96 33.60
N GLU I 310 -52.05 52.26 33.18
CA GLU I 310 -52.96 52.82 32.18
C GLU I 310 -53.64 54.01 32.83
N GLN I 311 -54.61 53.71 33.71
CA GLN I 311 -55.35 54.75 34.42
C GLN I 311 -54.41 55.83 34.92
N MET I 312 -53.18 55.47 35.27
CA MET I 312 -52.24 56.47 35.76
C MET I 312 -51.99 57.60 34.76
N ILE I 313 -51.78 57.24 33.49
CA ILE I 313 -51.54 58.26 32.45
C ILE I 313 -52.86 58.93 32.06
N ARG I 314 -53.91 58.12 31.89
CA ARG I 314 -55.24 58.62 31.55
C ARG I 314 -55.59 59.87 32.40
N VAL I 315 -55.56 59.67 33.72
CA VAL I 315 -55.86 60.72 34.70
C VAL I 315 -54.79 61.81 34.73
N ALA I 316 -53.53 61.42 34.62
CA ALA I 316 -52.45 62.40 34.60
C ALA I 316 -52.69 63.27 33.38
N ALA I 317 -53.67 62.84 32.58
CA ALA I 317 -54.07 63.54 31.37
C ALA I 317 -55.55 63.91 31.53
N GLY I 318 -55.82 64.82 32.46
CA GLY I 318 -57.18 65.26 32.75
C GLY I 318 -58.20 64.27 32.27
N GLU I 319 -58.61 63.35 33.13
CA GLU I 319 -59.55 62.35 32.69
C GLU I 319 -60.32 61.75 33.86
N PRO I 320 -61.56 61.27 33.61
CA PRO I 320 -62.42 60.68 34.65
C PRO I 320 -62.06 59.20 34.82
N LEU I 321 -62.84 58.49 35.63
CA LEU I 321 -62.59 57.07 35.82
C LEU I 321 -63.72 56.32 35.16
N SER I 322 -63.40 55.53 34.14
CA SER I 322 -64.41 54.76 33.41
C SER I 322 -65.31 53.89 34.31
N ILE I 323 -64.82 53.56 35.50
CA ILE I 323 -65.59 52.74 36.44
C ILE I 323 -65.72 53.34 37.86
N THR I 324 -66.85 53.05 38.48
CA THR I 324 -67.16 53.54 39.82
C THR I 324 -66.87 52.43 40.81
N GLN I 325 -66.99 52.75 42.09
CA GLN I 325 -66.75 51.78 43.15
C GLN I 325 -67.67 50.55 43.06
N GLY I 326 -68.89 50.74 42.57
CA GLY I 326 -69.82 49.63 42.46
C GLY I 326 -69.34 48.66 41.40
N ASP I 327 -68.54 49.19 40.48
CA ASP I 327 -67.99 48.42 39.38
C ASP I 327 -66.75 47.63 39.80
N VAL I 328 -65.73 48.35 40.27
CA VAL I 328 -64.47 47.74 40.71
C VAL I 328 -64.67 46.43 41.46
N LYS I 329 -64.71 45.33 40.74
CA LYS I 329 -64.90 44.03 41.37
C LYS I 329 -63.54 43.36 41.55
N LEU I 330 -63.44 42.51 42.56
CA LEU I 330 -62.20 41.80 42.85
C LEU I 330 -62.45 40.32 42.68
N THR I 331 -62.07 39.77 41.53
CA THR I 331 -62.28 38.35 41.27
C THR I 331 -61.04 37.51 41.57
N GLY I 332 -61.28 36.28 42.03
CA GLY I 332 -60.22 35.35 42.36
C GLY I 332 -59.00 35.85 43.13
N TRP I 333 -57.97 35.01 43.22
CA TRP I 333 -56.73 35.34 43.93
C TRP I 333 -55.48 35.55 43.11
N ALA I 334 -54.50 36.24 43.70
CA ALA I 334 -53.23 36.52 43.03
C ALA I 334 -52.06 36.48 44.03
N ILE I 335 -50.94 35.90 43.64
CA ILE I 335 -49.77 35.87 44.52
C ILE I 335 -48.59 36.43 43.76
N GLU I 336 -47.71 37.18 44.42
CA GLU I 336 -46.54 37.72 43.75
C GLU I 336 -45.22 37.54 44.49
N ASN I 337 -44.30 36.78 43.91
CA ASN I 337 -42.99 36.57 44.50
C ASN I 337 -41.94 37.45 43.83
N ARG I 338 -40.90 37.83 44.55
CA ARG I 338 -39.88 38.66 43.96
C ARG I 338 -38.63 37.84 43.78
N LEU I 339 -38.12 37.82 42.56
CA LEU I 339 -36.91 37.07 42.33
C LEU I 339 -35.74 37.98 42.60
N TYR I 340 -35.07 37.76 43.73
CA TYR I 340 -33.95 38.59 44.09
C TYR I 340 -32.63 37.88 43.83
N ALA I 341 -31.67 38.61 43.27
CA ALA I 341 -30.34 38.09 43.03
C ALA I 341 -29.64 38.19 44.37
N GLU I 342 -30.10 37.39 45.31
CA GLU I 342 -29.54 37.34 46.65
C GLU I 342 -29.38 35.85 46.96
N ASP I 343 -28.36 35.47 47.71
CA ASP I 343 -28.15 34.06 48.03
C ASP I 343 -28.62 33.61 49.42
N PRO I 344 -29.84 33.01 49.51
CA PRO I 344 -30.44 32.53 50.76
C PRO I 344 -29.52 31.67 51.59
N TYR I 345 -28.73 30.84 50.92
CA TYR I 345 -27.81 29.95 51.62
C TYR I 345 -26.66 30.64 52.37
N ARG I 346 -26.30 31.85 51.94
CA ARG I 346 -25.22 32.62 52.55
C ARG I 346 -25.74 33.97 53.01
N GLY I 347 -26.67 33.93 53.95
CA GLY I 347 -27.25 35.15 54.49
C GLY I 347 -27.65 36.20 53.47
N PHE I 348 -28.54 35.81 52.56
CA PHE I 348 -29.03 36.69 51.52
C PHE I 348 -28.06 37.77 51.03
N LEU I 349 -26.80 37.38 50.85
CA LEU I 349 -25.76 38.27 50.33
C LEU I 349 -26.19 38.60 48.91
N PRO I 350 -26.12 39.86 48.50
CA PRO I 350 -26.54 40.12 47.12
C PRO I 350 -25.63 39.30 46.21
N SER I 351 -26.02 39.15 44.96
CA SER I 351 -25.20 38.39 44.07
C SER I 351 -24.89 39.30 42.91
N ILE I 352 -23.72 39.13 42.33
CA ILE I 352 -23.36 39.98 41.23
C ILE I 352 -22.80 39.10 40.12
N GLY I 353 -23.23 39.38 38.89
CA GLY I 353 -22.74 38.58 37.79
C GLY I 353 -23.65 38.50 36.58
N ARG I 354 -23.26 37.67 35.61
CA ARG I 354 -24.02 37.52 34.39
C ARG I 354 -25.01 36.38 34.47
N LEU I 355 -26.09 36.54 33.72
CA LEU I 355 -27.12 35.52 33.68
C LEU I 355 -26.85 34.55 32.54
N THR I 356 -26.34 33.38 32.93
CA THR I 356 -26.04 32.27 32.03
C THR I 356 -27.36 31.70 31.44
N ARG I 357 -28.17 31.06 32.29
CA ARG I 357 -29.49 30.53 31.88
C ARG I 357 -30.44 31.50 32.58
N TYR I 358 -31.49 31.91 31.87
CA TYR I 358 -32.54 32.76 32.43
C TYR I 358 -33.77 32.32 31.65
N ARG I 359 -34.56 31.44 32.25
CA ARG I 359 -35.72 30.86 31.61
C ARG I 359 -36.96 30.85 32.52
N PRO I 360 -37.90 31.79 32.32
CA PRO I 360 -39.13 31.87 33.13
C PRO I 360 -40.29 31.21 32.38
N PRO I 361 -41.40 30.92 33.08
CA PRO I 361 -42.65 30.28 32.57
C PRO I 361 -43.40 31.15 31.51
N ALA I 362 -44.74 31.11 31.40
CA ALA I 362 -45.33 32.00 30.40
C ALA I 362 -46.82 32.45 30.36
N GLU I 363 -47.75 31.52 30.60
CA GLU I 363 -49.21 31.73 30.53
C GLU I 363 -49.76 33.02 31.07
N ALA I 384 -55.95 29.59 35.10
CA ALA I 384 -54.89 29.92 36.06
C ALA I 384 -53.67 30.59 35.40
N ALA I 385 -53.60 31.91 35.43
CA ALA I 385 -52.53 32.71 34.80
C ALA I 385 -51.13 32.67 35.39
N VAL I 386 -50.19 33.21 34.62
CA VAL I 386 -48.79 33.32 35.04
C VAL I 386 -48.24 34.59 34.43
N ARG I 387 -47.73 35.47 35.27
CA ARG I 387 -47.21 36.72 34.78
C ARG I 387 -45.82 36.96 35.35
N ASN I 388 -44.92 37.39 34.49
CA ASN I 388 -43.55 37.64 34.91
C ASN I 388 -43.06 39.03 34.46
N ASP I 389 -42.94 39.98 35.39
CA ASP I 389 -42.44 41.32 35.07
C ASP I 389 -40.96 41.25 35.30
N THR I 390 -40.18 41.34 34.23
CA THR I 390 -38.72 41.26 34.34
C THR I 390 -38.03 42.41 33.66
N GLY I 391 -36.89 42.79 34.20
CA GLY I 391 -36.10 43.87 33.63
C GLY I 391 -34.78 43.28 33.16
N VAL I 392 -34.77 41.95 33.04
CA VAL I 392 -33.59 41.22 32.65
C VAL I 392 -33.85 40.12 31.60
N TYR I 393 -32.77 39.67 30.96
CA TYR I 393 -32.86 38.62 29.94
C TYR I 393 -31.65 37.71 30.05
N GLU I 394 -31.65 36.62 29.27
CA GLU I 394 -30.54 35.68 29.32
C GLU I 394 -29.35 36.28 28.58
N GLY I 395 -28.23 36.36 29.28
CA GLY I 395 -27.05 36.94 28.70
C GLY I 395 -26.77 38.28 29.34
N GLY I 396 -27.81 38.84 29.96
CA GLY I 396 -27.66 40.11 30.64
C GLY I 396 -26.84 39.95 31.91
N GLU I 397 -26.53 41.07 32.56
CA GLU I 397 -25.75 41.00 33.78
C GLU I 397 -26.38 41.85 34.86
N ILE I 398 -26.15 41.44 36.10
CA ILE I 398 -26.67 42.13 37.27
C ILE I 398 -25.53 42.91 37.92
N SER I 399 -25.46 44.19 37.57
CA SER I 399 -24.44 45.16 38.01
C SER I 399 -24.68 45.72 39.39
N MET I 400 -23.58 45.97 40.12
CA MET I 400 -23.63 46.51 41.47
C MET I 400 -24.33 47.87 41.58
N TYR I 401 -24.54 48.51 40.44
CA TYR I 401 -25.17 49.84 40.37
C TYR I 401 -26.69 49.90 40.43
N TYR I 402 -27.38 48.86 40.92
CA TYR I 402 -28.84 48.91 40.98
C TYR I 402 -29.43 47.89 41.94
N ASP I 403 -30.77 47.81 41.92
CA ASP I 403 -31.55 46.91 42.77
C ASP I 403 -31.48 45.44 42.35
N PRO I 404 -31.14 44.56 43.30
CA PRO I 404 -31.00 43.10 43.14
C PRO I 404 -32.25 42.32 42.67
N MET I 405 -33.35 43.01 42.42
CA MET I 405 -34.56 42.34 41.97
C MET I 405 -34.38 41.98 40.51
N ILE I 406 -34.60 40.72 40.17
CA ILE I 406 -34.45 40.31 38.78
C ILE I 406 -35.85 40.14 38.14
N ALA I 407 -36.87 39.92 38.97
CA ALA I 407 -38.21 39.72 38.45
C ALA I 407 -39.28 39.60 39.52
N LYS I 408 -40.50 39.82 39.08
CA LYS I 408 -41.68 39.70 39.93
C LYS I 408 -42.39 38.53 39.25
N LEU I 409 -42.70 37.48 39.99
CA LEU I 409 -43.37 36.32 39.42
C LEU I 409 -44.76 36.25 39.97
N CYS I 410 -45.71 36.70 39.17
CA CYS I 410 -47.10 36.72 39.62
C CYS I 410 -47.95 35.60 39.06
N THR I 411 -48.91 35.15 39.84
CA THR I 411 -49.82 34.14 39.38
C THR I 411 -51.19 34.60 39.84
N TRP I 412 -52.22 33.90 39.42
CA TRP I 412 -53.58 34.24 39.80
C TRP I 412 -54.49 33.09 39.41
N ALA I 413 -55.71 33.07 39.95
CA ALA I 413 -56.62 31.98 39.64
C ALA I 413 -57.98 32.26 40.27
N PRO I 414 -58.82 31.23 40.46
CA PRO I 414 -60.09 31.56 41.08
C PRO I 414 -59.84 31.57 42.60
N THR I 415 -59.61 30.39 43.16
CA THR I 415 -59.34 30.21 44.58
C THR I 415 -57.89 30.60 44.90
N ARG I 416 -57.61 30.90 46.17
CA ARG I 416 -56.25 31.26 46.59
C ARG I 416 -55.39 29.99 46.54
N ALA I 417 -55.92 28.88 47.04
CA ALA I 417 -55.16 27.65 47.01
C ALA I 417 -54.63 27.41 45.60
N ALA I 418 -55.43 27.85 44.63
CA ALA I 418 -55.14 27.72 43.20
C ALA I 418 -53.88 28.47 42.82
N ALA I 419 -53.97 29.79 42.96
CA ALA I 419 -52.86 30.69 42.67
C ALA I 419 -51.56 30.23 43.36
N ILE I 420 -51.66 29.78 44.61
CA ILE I 420 -50.47 29.31 45.33
C ILE I 420 -49.95 28.14 44.55
N GLU I 421 -50.83 27.44 43.86
CA GLU I 421 -50.37 26.29 43.12
C GLU I 421 -49.69 26.70 41.83
N ALA I 422 -50.39 27.51 41.05
CA ALA I 422 -49.81 27.97 39.79
C ALA I 422 -48.40 28.47 40.09
N MET I 423 -48.29 29.21 41.19
CA MET I 423 -47.02 29.77 41.65
C MET I 423 -46.01 28.66 41.92
N ARG I 424 -46.41 27.71 42.78
CA ARG I 424 -45.52 26.62 43.12
C ARG I 424 -45.01 25.95 41.83
N ILE I 425 -45.90 25.71 40.87
CA ILE I 425 -45.49 25.08 39.62
C ILE I 425 -44.58 26.06 38.92
N ALA I 426 -45.10 27.28 38.76
CA ALA I 426 -44.38 28.39 38.11
C ALA I 426 -42.92 28.40 38.50
N LEU I 427 -42.68 28.49 39.80
CA LEU I 427 -41.32 28.52 40.30
C LEU I 427 -40.51 27.31 39.80
N ASP I 428 -41.08 26.12 39.95
CA ASP I 428 -40.39 24.88 39.54
C ASP I 428 -39.78 24.95 38.16
N SER I 429 -40.34 25.81 37.32
CA SER I 429 -39.85 25.94 35.98
C SER I 429 -39.02 27.17 35.74
N PHE I 430 -38.86 28.00 36.76
CA PHE I 430 -38.04 29.19 36.58
C PHE I 430 -36.59 28.72 36.64
N GLU I 431 -35.87 28.90 35.55
CA GLU I 431 -34.48 28.48 35.46
C GLU I 431 -33.49 29.65 35.57
N VAL I 432 -32.62 29.67 36.58
CA VAL I 432 -31.65 30.76 36.69
C VAL I 432 -30.27 30.24 36.99
N GLU I 433 -29.31 30.70 36.20
CA GLU I 433 -27.93 30.29 36.35
C GLU I 433 -26.96 31.43 36.12
N GLY I 434 -25.91 31.47 36.93
CA GLY I 434 -24.94 32.54 36.78
C GLY I 434 -24.85 33.41 38.03
N ILE I 435 -25.96 33.51 38.78
CA ILE I 435 -25.99 34.31 39.98
C ILE I 435 -26.62 33.50 41.10
N GLY I 436 -26.47 34.00 42.33
CA GLY I 436 -27.08 33.34 43.47
C GLY I 436 -28.45 33.98 43.52
N HIS I 437 -29.49 33.22 43.86
CA HIS I 437 -30.84 33.76 43.92
C HIS I 437 -31.71 33.09 44.95
N ASN I 438 -32.83 33.74 45.22
CA ASN I 438 -33.78 33.24 46.22
C ASN I 438 -34.85 32.26 45.72
N LEU I 439 -34.80 31.86 44.46
CA LEU I 439 -35.81 30.93 43.94
C LEU I 439 -36.12 29.76 44.89
N PRO I 440 -35.09 29.04 45.39
CA PRO I 440 -35.41 27.93 46.31
C PRO I 440 -36.14 28.44 47.56
N PHE I 441 -35.66 29.56 48.11
CA PHE I 441 -36.27 30.15 49.29
C PHE I 441 -37.75 30.44 49.05
N LEU I 442 -38.04 31.16 47.97
CA LEU I 442 -39.44 31.47 47.65
C LEU I 442 -40.24 30.17 47.66
N SER I 443 -39.78 29.18 46.91
CA SER I 443 -40.45 27.90 46.88
C SER I 443 -40.68 27.44 48.32
N ALA I 444 -39.65 27.51 49.13
CA ALA I 444 -39.76 27.06 50.50
C ALA I 444 -40.98 27.60 51.25
N VAL I 445 -41.21 28.92 51.16
CA VAL I 445 -42.33 29.58 51.88
C VAL I 445 -43.69 29.28 51.26
N MET I 446 -43.75 29.21 49.93
CA MET I 446 -44.99 28.86 49.24
C MET I 446 -45.46 27.52 49.77
N ASP I 447 -44.53 26.76 50.32
CA ASP I 447 -44.81 25.42 50.85
C ASP I 447 -44.93 25.45 52.35
N HIS I 448 -44.58 26.58 52.95
CA HIS I 448 -44.67 26.68 54.40
C HIS I 448 -46.13 26.68 54.86
N PRO I 449 -46.49 25.77 55.78
CA PRO I 449 -47.85 25.68 56.30
C PRO I 449 -48.53 26.97 56.68
N LYS I 450 -47.86 27.76 57.53
CA LYS I 450 -48.41 29.02 57.98
C LYS I 450 -48.77 29.94 56.83
N PHE I 451 -48.07 29.81 55.71
CA PHE I 451 -48.36 30.65 54.54
C PHE I 451 -49.62 30.10 53.92
N ILE I 452 -49.69 28.79 53.97
CA ILE I 452 -50.81 28.05 53.41
C ILE I 452 -52.10 28.34 54.17
N SER I 453 -52.01 28.33 55.50
CA SER I 453 -53.15 28.60 56.37
C SER I 453 -53.50 30.08 56.36
N GLY I 454 -52.54 30.92 56.00
CA GLY I 454 -52.80 32.35 56.00
C GLY I 454 -52.57 32.98 57.36
N ASP I 455 -52.38 32.15 58.36
CA ASP I 455 -52.13 32.63 59.71
C ASP I 455 -50.67 33.09 59.73
N MET I 456 -50.45 34.29 59.23
CA MET I 456 -49.10 34.86 59.16
C MET I 456 -49.10 36.26 59.73
N THR I 457 -47.97 36.65 60.32
CA THR I 457 -47.80 37.96 60.93
C THR I 457 -46.69 38.67 60.22
N THR I 458 -46.28 39.84 60.68
CA THR I 458 -45.18 40.54 59.99
C THR I 458 -43.83 40.04 60.49
N ALA I 459 -43.86 39.14 61.46
CA ALA I 459 -42.63 38.58 62.02
C ALA I 459 -42.41 37.19 61.49
N PHE I 460 -43.38 36.72 60.70
CA PHE I 460 -43.35 35.40 60.07
C PHE I 460 -41.93 35.01 59.59
N ILE I 461 -41.41 35.81 58.70
CA ILE I 461 -40.10 35.60 58.13
C ILE I 461 -39.06 35.42 59.24
N ALA I 462 -39.16 36.25 60.26
CA ALA I 462 -38.22 36.24 61.37
C ALA I 462 -38.40 35.02 62.27
N GLU I 463 -39.65 34.64 62.49
CA GLU I 463 -39.97 33.51 63.38
C GLU I 463 -39.70 32.19 62.75
N GLU I 464 -40.11 32.06 61.50
CA GLU I 464 -39.96 30.81 60.76
C GLU I 464 -38.58 30.53 60.18
N TYR I 465 -37.80 31.58 59.93
CA TYR I 465 -36.46 31.40 59.39
C TYR I 465 -35.46 32.21 60.21
N PRO I 466 -35.35 31.89 61.52
CA PRO I 466 -34.45 32.57 62.46
C PRO I 466 -32.99 32.37 62.13
N GLU I 467 -32.68 31.28 61.44
CA GLU I 467 -31.32 30.96 61.08
C GLU I 467 -31.04 31.11 59.58
N GLY I 468 -31.71 32.03 58.92
CA GLY I 468 -31.51 32.19 57.50
C GLY I 468 -32.26 31.05 56.86
N PHE I 469 -32.00 30.76 55.59
CA PHE I 469 -32.67 29.67 54.88
C PHE I 469 -31.91 28.39 55.07
N GLU I 470 -32.39 27.52 55.94
CA GLU I 470 -31.74 26.25 56.23
C GLU I 470 -31.94 25.17 55.17
N GLY I 471 -32.39 25.55 53.99
CA GLY I 471 -32.59 24.57 52.95
C GLY I 471 -33.88 23.82 53.18
N VAL I 472 -34.37 23.16 52.15
CA VAL I 472 -35.62 22.41 52.23
C VAL I 472 -35.40 20.92 52.05
N ASN I 473 -36.15 20.08 52.75
CA ASN I 473 -35.96 18.65 52.55
C ASN I 473 -37.29 17.84 52.44
N LEU I 474 -37.39 17.14 51.33
CA LEU I 474 -38.56 16.38 50.94
C LEU I 474 -38.96 15.26 51.85
N PRO I 475 -40.27 15.02 51.95
CA PRO I 475 -40.99 14.02 52.73
C PRO I 475 -41.02 12.75 51.93
N GLU I 476 -41.08 11.62 52.62
CA GLU I 476 -41.11 10.32 51.97
C GLU I 476 -41.78 10.29 50.61
N THR I 477 -43.09 10.49 50.59
CA THR I 477 -43.83 10.46 49.34
C THR I 477 -43.26 11.41 48.30
N ASP I 478 -42.37 12.29 48.72
CA ASP I 478 -41.75 13.19 47.77
C ASP I 478 -40.46 12.51 47.34
N LEU I 479 -39.66 12.03 48.30
CA LEU I 479 -38.44 11.32 47.95
C LEU I 479 -38.81 10.19 47.01
N ARG I 480 -39.82 9.43 47.37
CA ARG I 480 -40.29 8.36 46.53
C ARG I 480 -40.53 8.81 45.08
N ARG I 481 -41.50 9.68 44.85
CA ARG I 481 -41.76 10.13 43.49
C ARG I 481 -40.49 10.50 42.78
N VAL I 482 -39.64 11.30 43.42
CA VAL I 482 -38.39 11.70 42.80
C VAL I 482 -37.47 10.52 42.49
N ALA I 483 -37.38 9.57 43.42
CA ALA I 483 -36.49 8.44 43.20
C ALA I 483 -36.91 7.78 41.89
N ALA I 484 -38.20 7.52 41.77
CA ALA I 484 -38.77 6.88 40.59
C ALA I 484 -38.40 7.65 39.33
N ALA I 485 -38.65 8.95 39.33
CA ALA I 485 -38.35 9.76 38.16
C ALA I 485 -36.87 9.72 37.78
N ALA I 486 -35.96 9.91 38.73
CA ALA I 486 -34.55 9.89 38.41
C ALA I 486 -34.21 8.50 37.88
N ALA I 487 -34.68 7.44 38.55
CA ALA I 487 -34.40 6.08 38.09
C ALA I 487 -34.92 5.88 36.68
N ALA I 488 -36.11 6.39 36.43
CA ALA I 488 -36.74 6.30 35.12
C ALA I 488 -35.85 6.96 34.06
N MET I 489 -35.40 8.19 34.35
CA MET I 489 -34.55 8.95 33.43
C MET I 489 -33.18 8.30 33.27
N HIS I 490 -32.55 8.01 34.38
CA HIS I 490 -31.23 7.39 34.31
C HIS I 490 -31.16 6.23 33.30
N ARG I 491 -32.17 5.37 33.31
CA ARG I 491 -32.21 4.21 32.39
C ARG I 491 -32.19 4.73 30.97
N VAL I 492 -33.08 5.68 30.71
CA VAL I 492 -33.19 6.29 29.40
C VAL I 492 -31.82 6.67 28.88
N ALA I 493 -31.06 7.39 29.70
CA ALA I 493 -29.73 7.83 29.32
C ALA I 493 -28.77 6.64 29.25
N GLU I 494 -28.94 5.69 30.16
CA GLU I 494 -28.07 4.53 30.20
C GLU I 494 -28.23 3.68 28.93
N ILE I 495 -29.46 3.53 28.47
CA ILE I 495 -29.74 2.78 27.24
C ILE I 495 -29.03 3.39 26.04
N ARG I 496 -28.98 4.71 26.02
CA ARG I 496 -28.36 5.39 24.93
C ARG I 496 -26.88 5.14 24.85
N ARG I 497 -26.23 4.95 25.99
CA ARG I 497 -24.77 4.73 25.97
C ARG I 497 -24.51 3.46 25.22
N THR I 498 -25.52 2.59 25.32
CA THR I 498 -25.57 1.24 24.73
C THR I 498 -25.61 1.16 23.21
N ARG I 499 -26.14 2.20 22.58
CA ARG I 499 -26.23 2.29 21.15
C ARG I 499 -24.95 2.86 20.52
N VAL I 500 -23.80 2.72 21.18
CA VAL I 500 -22.52 3.22 20.63
C VAL I 500 -22.16 2.47 19.37
N SER I 501 -21.50 3.12 18.44
CA SER I 501 -21.17 2.37 17.24
C SER I 501 -19.99 1.53 17.61
N GLY I 502 -19.72 0.48 16.87
CA GLY I 502 -18.56 -0.32 17.20
C GLY I 502 -18.69 -1.42 18.23
N ARG I 503 -19.90 -1.76 18.64
CA ARG I 503 -20.08 -2.80 19.64
C ARG I 503 -20.03 -4.18 19.05
N MET I 504 -19.67 -5.19 19.86
CA MET I 504 -19.60 -6.57 19.37
C MET I 504 -20.96 -6.90 18.81
N ASP I 505 -21.02 -7.47 17.63
CA ASP I 505 -22.32 -7.71 17.05
C ASP I 505 -23.36 -8.36 17.93
N ASN I 506 -23.13 -9.58 18.38
CA ASN I 506 -24.15 -10.22 19.21
C ASN I 506 -23.91 -10.13 20.69
N HIS I 507 -23.09 -9.18 21.11
CA HIS I 507 -22.80 -9.03 22.52
C HIS I 507 -22.85 -7.61 23.05
N GLU I 508 -23.95 -6.92 22.77
CA GLU I 508 -24.10 -5.54 23.22
C GLU I 508 -24.24 -5.53 24.73
N ARG I 509 -24.20 -4.34 25.31
CA ARG I 509 -24.38 -4.21 26.75
C ARG I 509 -25.89 -4.17 26.88
N ARG I 510 -26.38 -4.81 27.92
CA ARG I 510 -27.80 -4.93 28.20
C ARG I 510 -28.11 -4.11 29.45
N VAL I 511 -29.02 -3.15 29.39
CA VAL I 511 -29.29 -2.34 30.59
C VAL I 511 -30.08 -3.05 31.69
N GLY I 512 -29.65 -2.83 32.93
CA GLY I 512 -30.28 -3.46 34.08
C GLY I 512 -31.69 -3.01 34.39
N THR I 513 -32.38 -3.77 35.23
CA THR I 513 -33.76 -3.47 35.60
C THR I 513 -33.84 -3.04 37.06
N GLU I 514 -32.89 -3.57 37.83
CA GLU I 514 -32.77 -3.29 39.24
C GLU I 514 -31.79 -2.16 39.48
N TRP I 515 -32.21 -1.22 40.31
CA TRP I 515 -31.39 -0.09 40.65
C TRP I 515 -31.61 0.31 42.10
N VAL I 516 -30.76 1.19 42.60
CA VAL I 516 -30.88 1.68 43.96
C VAL I 516 -30.72 3.19 43.89
N VAL I 517 -31.83 3.89 44.00
CA VAL I 517 -31.83 5.34 43.99
C VAL I 517 -31.50 5.83 45.41
N THR I 518 -30.40 6.59 45.56
CA THR I 518 -30.01 7.12 46.85
C THR I 518 -30.15 8.63 46.90
N LEU I 519 -31.20 9.01 47.62
CA LEU I 519 -31.62 10.37 47.82
C LEU I 519 -31.07 10.99 49.07
N GLN I 520 -31.95 11.74 49.73
CA GLN I 520 -31.73 12.47 50.96
C GLN I 520 -31.34 11.49 52.04
N GLY I 521 -30.17 10.88 51.89
CA GLY I 521 -29.71 9.91 52.88
C GLY I 521 -30.56 8.68 52.94
N ALA I 522 -31.47 8.51 51.97
CA ALA I 522 -32.34 7.34 51.98
C ALA I 522 -32.19 6.53 50.71
N ASP I 523 -32.12 5.21 50.86
CA ASP I 523 -31.97 4.29 49.74
C ASP I 523 -33.29 3.72 49.26
N PHE I 524 -33.45 3.70 47.95
CA PHE I 524 -34.67 3.16 47.38
C PHE I 524 -34.40 2.12 46.33
N PRO I 525 -34.30 0.85 46.76
CA PRO I 525 -34.07 -0.29 45.89
C PRO I 525 -35.31 -0.29 45.00
N VAL I 526 -35.09 -0.25 43.69
CA VAL I 526 -36.22 -0.14 42.78
C VAL I 526 -36.08 -1.01 41.52
N THR I 527 -37.22 -1.40 40.93
CA THR I 527 -37.14 -2.15 39.70
C THR I 527 -37.83 -1.42 38.55
N ILE I 528 -37.23 -1.44 37.37
CA ILE I 528 -37.83 -0.73 36.26
C ILE I 528 -38.34 -1.59 35.16
N ALA I 529 -39.48 -1.25 34.61
CA ALA I 529 -40.03 -1.99 33.50
C ALA I 529 -40.57 -0.91 32.61
N ALA I 530 -40.08 -0.81 31.39
CA ALA I 530 -40.57 0.26 30.53
C ALA I 530 -40.94 -0.20 29.14
N ASP I 531 -41.90 0.47 28.51
CA ASP I 531 -42.22 0.06 27.16
C ASP I 531 -42.02 1.22 26.23
N HIS I 532 -43.10 1.79 25.72
CA HIS I 532 -42.96 2.89 24.79
C HIS I 532 -43.55 4.16 25.33
N ASP I 533 -44.65 4.00 26.05
CA ASP I 533 -45.36 5.13 26.63
C ASP I 533 -44.52 5.80 27.71
N GLY I 534 -44.12 5.01 28.69
CA GLY I 534 -43.32 5.54 29.76
C GLY I 534 -42.53 4.45 30.41
N SER I 535 -42.47 4.49 31.74
CA SER I 535 -41.71 3.53 32.48
C SER I 535 -42.42 3.21 33.81
N THR I 536 -42.38 1.96 34.26
CA THR I 536 -43.02 1.59 35.53
C THR I 536 -41.99 1.21 36.61
N VAL I 537 -41.81 2.10 37.60
CA VAL I 537 -40.88 1.87 38.70
C VAL I 537 -41.56 1.26 39.88
N SER I 538 -41.03 0.14 40.34
CA SER I 538 -41.60 -0.59 41.45
C SER I 538 -40.65 -0.62 42.64
N PHE I 539 -41.18 -0.33 43.83
CA PHE I 539 -40.41 -0.32 45.07
C PHE I 539 -40.62 -1.61 45.89
N ASP I 540 -39.76 -1.83 46.89
CA ASP I 540 -39.79 -3.00 47.75
C ASP I 540 -41.12 -3.35 48.31
N ASP I 541 -41.78 -2.36 48.88
CA ASP I 541 -43.08 -2.56 49.50
C ASP I 541 -44.18 -2.97 48.51
N GLY I 542 -43.80 -3.28 47.28
CA GLY I 542 -44.79 -3.69 46.30
C GLY I 542 -45.47 -2.55 45.56
N SER I 543 -45.29 -1.33 46.06
CA SER I 543 -45.89 -0.17 45.42
C SER I 543 -45.18 0.12 44.13
N SER I 544 -45.88 0.74 43.19
CA SER I 544 -45.30 1.06 41.89
C SER I 544 -45.82 2.34 41.33
N MET I 545 -44.89 3.17 40.89
CA MET I 545 -45.24 4.45 40.30
C MET I 545 -45.03 4.36 38.80
N ARG I 546 -45.77 5.16 38.05
CA ARG I 546 -45.59 5.16 36.61
C ARG I 546 -45.02 6.52 36.21
N VAL I 547 -43.86 6.47 35.60
CA VAL I 547 -43.21 7.69 35.17
C VAL I 547 -43.41 7.84 33.66
N THR I 548 -43.68 9.07 33.26
CA THR I 548 -43.90 9.39 31.86
C THR I 548 -43.11 10.64 31.60
N SER I 549 -42.42 10.72 30.47
CA SER I 549 -41.70 11.95 30.24
C SER I 549 -41.21 12.24 28.86
N ASP I 550 -41.04 13.54 28.64
CA ASP I 550 -40.58 14.11 27.42
C ASP I 550 -39.05 14.14 27.46
N TRP I 551 -38.54 14.22 28.69
CA TRP I 551 -37.12 14.32 29.01
C TRP I 551 -36.20 13.48 28.16
N THR I 552 -34.98 13.97 28.04
CA THR I 552 -33.95 13.32 27.27
C THR I 552 -32.64 13.95 27.75
N PRO I 553 -31.53 13.20 27.75
CA PRO I 553 -30.27 13.79 28.20
C PRO I 553 -30.00 15.18 27.66
N GLY I 554 -29.44 16.01 28.53
CA GLY I 554 -29.10 17.36 28.16
C GLY I 554 -30.12 18.42 28.53
N ASP I 555 -31.37 18.01 28.69
CA ASP I 555 -32.41 18.95 29.02
C ASP I 555 -32.10 19.35 30.47
N GLN I 556 -31.97 20.64 30.74
CA GLN I 556 -31.64 21.02 32.12
C GLN I 556 -32.88 20.97 33.02
N LEU I 557 -34.06 20.87 32.40
CA LEU I 557 -35.31 20.86 33.13
C LEU I 557 -36.13 19.68 32.68
N ALA I 558 -36.75 18.96 33.61
CA ALA I 558 -37.55 17.78 33.26
C ALA I 558 -39.01 17.84 33.71
N ASN I 559 -39.94 17.78 32.77
CA ASN I 559 -41.37 17.81 33.06
C ASN I 559 -41.86 16.38 32.98
N LEU I 560 -41.94 15.72 34.12
CA LEU I 560 -42.38 14.34 34.17
C LEU I 560 -43.79 14.30 34.70
N MET I 561 -44.36 13.11 34.61
CA MET I 561 -45.71 12.82 35.06
C MET I 561 -45.63 11.51 35.84
N VAL I 562 -45.41 11.61 37.14
CA VAL I 562 -45.30 10.42 37.96
C VAL I 562 -46.63 10.20 38.68
N ASP I 563 -47.19 9.00 38.55
CA ASP I 563 -48.48 8.69 39.15
C ASP I 563 -49.48 9.77 38.75
N GLY I 564 -49.61 10.01 37.45
CA GLY I 564 -50.55 11.02 36.97
C GLY I 564 -50.36 12.46 37.43
N ALA I 565 -49.54 12.64 38.46
CA ALA I 565 -49.28 13.98 38.98
C ALA I 565 -47.96 14.55 38.48
N PRO I 566 -48.01 15.77 37.95
CA PRO I 566 -46.87 16.53 37.43
C PRO I 566 -45.75 16.68 38.44
N LEU I 567 -44.53 16.47 37.97
CA LEU I 567 -43.37 16.63 38.81
C LEU I 567 -42.33 17.34 37.97
N VAL I 568 -42.04 18.60 38.25
CA VAL I 568 -41.04 19.30 37.46
C VAL I 568 -39.73 19.36 38.21
N LEU I 569 -38.67 18.93 37.54
CA LEU I 569 -37.32 18.88 38.11
C LEU I 569 -36.25 19.65 37.30
N LYS I 570 -35.17 20.03 37.97
CA LYS I 570 -34.07 20.71 37.32
C LYS I 570 -32.98 19.67 37.39
N VAL I 571 -32.45 19.27 36.23
CA VAL I 571 -31.45 18.23 36.20
C VAL I 571 -30.02 18.63 35.85
N GLY I 572 -29.09 17.90 36.43
CA GLY I 572 -27.68 18.13 36.18
C GLY I 572 -26.98 16.79 36.27
N LYS I 573 -25.92 16.58 35.48
CA LYS I 573 -25.16 15.33 35.50
C LYS I 573 -24.27 15.27 36.73
N ILE I 574 -24.01 14.03 37.17
CA ILE I 574 -23.21 13.74 38.35
C ILE I 574 -22.72 12.34 38.08
N SER I 575 -21.55 12.00 38.60
CA SER I 575 -21.01 10.67 38.34
C SER I 575 -22.08 9.54 38.45
N GLY I 576 -22.59 9.23 39.64
CA GLY I 576 -23.55 8.16 39.71
C GLY I 576 -25.03 8.49 39.59
N GLY I 577 -25.37 9.58 38.89
CA GLY I 577 -26.76 9.96 38.77
C GLY I 577 -26.84 11.44 38.52
N PHE I 578 -27.84 12.12 39.09
CA PHE I 578 -27.94 13.57 38.87
C PHE I 578 -28.22 14.36 40.09
N ARG I 579 -28.14 15.68 39.89
CA ARG I 579 -28.42 16.65 40.92
C ARG I 579 -29.82 17.12 40.59
N ILE I 580 -30.77 16.74 41.44
CA ILE I 580 -32.15 17.11 41.24
C ILE I 580 -32.56 18.20 42.22
N ARG I 581 -33.39 19.12 41.77
CA ARG I 581 -33.85 20.21 42.61
C ARG I 581 -35.33 20.33 42.36
N THR I 582 -36.16 20.13 43.40
CA THR I 582 -37.60 20.28 43.17
C THR I 582 -38.13 21.50 43.85
N ARG I 583 -38.51 21.37 45.12
CA ARG I 583 -38.98 22.59 45.76
C ARG I 583 -37.73 23.21 46.33
N GLY I 584 -37.74 23.58 47.59
CA GLY I 584 -36.52 24.16 48.12
C GLY I 584 -35.45 23.09 48.01
N ALA I 585 -35.88 21.93 47.53
CA ALA I 585 -35.03 20.78 47.36
C ALA I 585 -33.84 21.03 46.42
N ASP I 586 -32.76 20.28 46.66
CA ASP I 586 -31.56 20.38 45.86
C ASP I 586 -30.65 19.32 46.38
N LEU I 587 -30.76 18.10 45.85
CA LEU I 587 -29.92 17.01 46.33
C LEU I 587 -29.36 16.05 45.29
N LYS I 588 -28.21 15.48 45.63
CA LYS I 588 -27.58 14.54 44.75
C LYS I 588 -28.42 13.27 44.81
N VAL I 589 -28.91 12.84 43.66
CA VAL I 589 -29.72 11.64 43.56
C VAL I 589 -28.80 10.68 42.82
N HIS I 590 -28.40 9.60 43.49
CA HIS I 590 -27.51 8.62 42.87
C HIS I 590 -28.32 7.46 42.36
N VAL I 591 -28.18 7.12 41.09
CA VAL I 591 -28.88 5.97 40.57
C VAL I 591 -27.83 4.91 40.19
N ARG I 592 -27.58 3.98 41.12
CA ARG I 592 -26.60 2.93 40.90
C ARG I 592 -27.21 1.54 40.87
N THR I 593 -26.43 0.58 40.41
CA THR I 593 -26.92 -0.78 40.34
C THR I 593 -26.62 -1.37 41.69
N PRO I 594 -27.35 -2.43 42.08
CA PRO I 594 -27.09 -3.04 43.37
C PRO I 594 -25.63 -3.27 43.74
N ARG I 595 -24.80 -3.81 42.85
CA ARG I 595 -23.38 -4.01 43.22
C ARG I 595 -22.62 -2.70 43.21
N GLN I 596 -23.09 -1.77 42.42
CA GLN I 596 -22.45 -0.46 42.36
C GLN I 596 -22.63 0.14 43.73
N ALA I 597 -23.90 0.23 44.12
CA ALA I 597 -24.31 0.77 45.40
C ALA I 597 -23.61 0.03 46.52
N GLU I 598 -23.69 -1.29 46.47
CA GLU I 598 -23.05 -2.12 47.48
C GLU I 598 -21.65 -1.64 47.79
N LEU I 599 -20.83 -1.46 46.77
CA LEU I 599 -19.45 -1.02 46.95
C LEU I 599 -19.32 0.45 47.35
N ALA I 600 -20.12 1.31 46.75
CA ALA I 600 -20.03 2.73 47.08
C ALA I 600 -20.19 2.95 48.56
N ARG I 601 -20.79 1.97 49.23
CA ARG I 601 -21.01 2.06 50.67
C ARG I 601 -19.69 1.88 51.41
N LEU I 602 -18.71 1.27 50.76
CA LEU I 602 -17.36 1.04 51.33
C LEU I 602 -16.49 2.27 51.10
N MET I 603 -16.98 3.20 50.30
CA MET I 603 -16.23 4.42 50.01
C MET I 603 -16.18 5.38 51.21
N PRO I 604 -14.97 5.87 51.55
CA PRO I 604 -14.76 6.79 52.67
C PRO I 604 -15.62 8.03 52.49
N GLU I 605 -15.96 8.67 53.60
CA GLU I 605 -16.76 9.87 53.52
C GLU I 605 -15.83 11.08 53.44
N LYS I 606 -15.93 11.77 52.32
CA LYS I 606 -15.13 12.95 52.01
C LYS I 606 -15.29 14.11 52.97
N LEU I 607 -14.15 14.63 53.45
CA LEU I 607 -14.15 15.78 54.36
C LEU I 607 -13.43 16.94 53.72
N PRO I 608 -14.13 18.06 53.53
CA PRO I 608 -13.57 19.27 52.91
C PRO I 608 -12.13 19.58 53.32
N PRO I 609 -11.45 20.47 52.56
CA PRO I 609 -10.07 20.79 52.91
C PRO I 609 -10.07 21.79 54.07
N ASP I 610 -8.88 22.16 54.51
CA ASP I 610 -8.72 23.13 55.60
C ASP I 610 -8.46 24.53 55.00
N THR I 611 -8.88 25.56 55.71
CA THR I 611 -8.69 26.91 55.21
C THR I 611 -7.80 27.70 56.14
N SER I 612 -6.91 28.51 55.57
CA SER I 612 -6.05 29.36 56.38
C SER I 612 -6.91 30.60 56.57
N LYS I 613 -6.72 31.29 57.68
CA LYS I 613 -7.47 32.52 57.94
C LYS I 613 -6.69 33.69 57.36
N MET I 614 -5.74 33.35 56.48
CA MET I 614 -4.88 34.34 55.82
C MET I 614 -5.04 34.32 54.30
N LEU I 615 -5.50 35.44 53.71
CA LEU I 615 -5.67 35.50 52.25
C LEU I 615 -4.35 35.83 51.58
N LEU I 616 -3.69 34.81 51.05
CA LEU I 616 -2.42 35.02 50.39
C LEU I 616 -2.67 35.42 48.94
N CYS I 617 -1.79 36.27 48.42
CA CYS I 617 -1.91 36.73 47.04
C CYS I 617 -1.27 35.71 46.14
N PRO I 618 -2.08 35.06 45.28
CA PRO I 618 -1.59 34.04 44.35
C PRO I 618 -0.96 34.53 43.04
N MET I 619 -1.25 35.76 42.63
CA MET I 619 -0.66 36.29 41.39
C MET I 619 0.14 37.55 41.64
N PRO I 620 1.43 37.55 41.27
CA PRO I 620 2.26 38.74 41.48
C PRO I 620 1.72 39.96 40.73
N GLY I 621 0.68 40.60 41.24
CA GLY I 621 0.14 41.74 40.54
C GLY I 621 0.00 43.02 41.34
N LEU I 622 -0.94 43.85 40.90
CA LEU I 622 -1.26 45.14 41.52
C LEU I 622 -2.69 45.16 42.05
N ILE I 623 -2.86 45.48 43.32
CA ILE I 623 -4.18 45.52 43.95
C ILE I 623 -4.98 46.70 43.41
N VAL I 624 -6.00 46.37 42.62
CA VAL I 624 -6.87 47.34 41.99
C VAL I 624 -7.92 47.86 42.96
N LYS I 625 -8.43 46.97 43.82
CA LYS I 625 -9.44 47.41 44.77
C LYS I 625 -9.77 46.40 45.87
N VAL I 626 -10.06 46.93 47.06
CA VAL I 626 -10.45 46.12 48.22
C VAL I 626 -11.87 46.56 48.52
N ASP I 627 -12.80 45.61 48.49
CA ASP I 627 -14.21 45.91 48.73
C ASP I 627 -14.70 45.36 50.08
N VAL I 628 -13.77 45.17 51.00
CA VAL I 628 -14.07 44.67 52.34
C VAL I 628 -13.38 45.53 53.39
N GLU I 629 -14.09 45.83 54.48
CA GLU I 629 -13.54 46.64 55.57
C GLU I 629 -13.13 45.78 56.76
N VAL I 630 -12.35 46.37 57.67
CA VAL I 630 -11.90 45.65 58.86
C VAL I 630 -13.12 45.38 59.72
N GLY I 631 -13.17 44.18 60.31
CA GLY I 631 -14.30 43.80 61.13
C GLY I 631 -15.58 43.55 60.32
N GLN I 632 -15.46 43.36 59.01
CA GLN I 632 -16.64 43.09 58.18
C GLN I 632 -16.80 41.56 58.21
N GLU I 633 -18.01 41.07 57.95
CA GLU I 633 -18.25 39.62 57.90
C GLU I 633 -18.45 39.22 56.43
N VAL I 634 -17.73 38.19 55.97
CA VAL I 634 -17.83 37.74 54.58
C VAL I 634 -18.44 36.37 54.37
N GLN I 635 -19.14 36.25 53.25
CA GLN I 635 -19.78 35.01 52.88
C GLN I 635 -18.79 34.12 52.14
N GLU I 636 -18.93 32.80 52.28
CA GLU I 636 -18.03 31.87 51.59
C GLU I 636 -18.08 32.16 50.08
N GLY I 637 -16.98 32.66 49.54
CA GLY I 637 -16.95 32.95 48.11
C GLY I 637 -17.22 34.40 47.73
N GLN I 638 -17.29 35.25 48.73
CA GLN I 638 -17.55 36.65 48.46
C GLN I 638 -16.30 37.39 47.96
N ALA I 639 -16.50 38.33 47.03
CA ALA I 639 -15.39 39.11 46.49
C ALA I 639 -14.69 39.88 47.59
N LEU I 640 -13.38 39.65 47.71
CA LEU I 640 -12.59 40.33 48.72
C LEU I 640 -11.83 41.48 48.06
N CYS I 641 -10.84 41.17 47.24
CA CYS I 641 -10.11 42.21 46.55
C CYS I 641 -10.02 41.85 45.08
N THR I 642 -9.18 42.57 44.35
CA THR I 642 -9.05 42.36 42.93
C THR I 642 -7.65 42.78 42.49
N ILE I 643 -6.85 41.81 42.06
CA ILE I 643 -5.50 42.07 41.61
C ILE I 643 -5.48 42.14 40.09
N GLU I 644 -4.74 43.09 39.53
CA GLU I 644 -4.62 43.21 38.07
C GLU I 644 -3.32 42.50 37.60
N ALA I 645 -3.53 41.36 36.95
CA ALA I 645 -2.46 40.49 36.47
C ALA I 645 -1.59 41.03 35.36
N MET I 646 -2.09 40.93 34.13
CA MET I 646 -1.35 41.41 32.97
C MET I 646 -2.38 42.13 32.12
N LYS I 647 -3.00 43.13 32.72
CA LYS I 647 -4.06 43.92 32.07
C LYS I 647 -5.33 43.06 32.14
N MET I 648 -5.40 42.22 33.17
CA MET I 648 -6.54 41.36 33.35
C MET I 648 -6.85 41.39 34.82
N GLU I 649 -8.12 41.62 35.14
CA GLU I 649 -8.54 41.70 36.52
C GLU I 649 -8.89 40.35 37.10
N ASN I 650 -8.38 40.07 38.30
CA ASN I 650 -8.65 38.82 38.99
C ASN I 650 -9.30 39.11 40.35
N ILE I 651 -10.48 38.51 40.57
CA ILE I 651 -11.22 38.67 41.82
C ILE I 651 -10.93 37.54 42.83
N LEU I 652 -10.38 37.93 43.98
CA LEU I 652 -10.09 36.99 45.05
C LEU I 652 -11.30 36.97 45.97
N ARG I 653 -11.62 35.81 46.51
CA ARG I 653 -12.81 35.72 47.35
C ARG I 653 -12.72 34.82 48.56
N ALA I 654 -13.51 35.18 49.58
CA ALA I 654 -13.56 34.45 50.81
C ALA I 654 -13.67 32.95 50.56
N GLU I 655 -12.80 32.18 51.22
CA GLU I 655 -12.74 30.72 51.11
C GLU I 655 -13.94 30.10 51.84
N LYS I 656 -14.13 30.56 53.08
CA LYS I 656 -15.23 30.14 53.95
C LYS I 656 -15.75 31.40 54.64
N LYS I 657 -17.02 31.37 55.03
CA LYS I 657 -17.65 32.50 55.70
C LYS I 657 -16.79 32.83 56.92
N GLY I 658 -16.45 34.11 57.08
CA GLY I 658 -15.61 34.50 58.20
C GLY I 658 -15.65 36.01 58.43
N VAL I 659 -14.86 36.49 59.39
CA VAL I 659 -14.83 37.92 59.67
C VAL I 659 -13.43 38.51 59.60
N VAL I 660 -13.33 39.59 58.84
CA VAL I 660 -12.07 40.28 58.64
C VAL I 660 -11.41 40.73 59.94
N ALA I 661 -10.23 40.16 60.21
CA ALA I 661 -9.47 40.56 61.38
C ALA I 661 -8.77 41.87 60.95
N LYS I 662 -7.77 41.75 60.08
CA LYS I 662 -7.04 42.92 59.59
C LYS I 662 -6.70 42.87 58.11
N ILE I 663 -6.55 44.05 57.53
CA ILE I 663 -6.19 44.22 56.12
C ILE I 663 -4.81 44.86 56.17
N ASN I 664 -4.00 44.59 55.15
CA ASN I 664 -2.66 45.20 55.09
C ASN I 664 -2.21 45.36 53.65
N ALA I 665 -3.01 46.14 52.90
CA ALA I 665 -2.77 46.43 51.49
C ALA I 665 -3.99 47.21 51.01
N SER I 666 -3.81 48.06 50.02
CA SER I 666 -4.93 48.87 49.54
C SER I 666 -4.76 49.14 48.06
N ALA I 667 -5.69 49.89 47.47
CA ALA I 667 -5.59 50.23 46.07
C ALA I 667 -4.15 50.60 45.72
N GLY I 668 -3.75 50.43 44.46
CA GLY I 668 -2.41 50.77 44.02
C GLY I 668 -1.24 49.95 44.55
N ASN I 669 -1.46 49.18 45.61
CA ASN I 669 -0.40 48.34 46.19
C ASN I 669 0.07 47.31 45.17
N SER I 670 1.31 46.86 45.31
CA SER I 670 1.89 45.89 44.39
C SER I 670 2.52 44.75 45.18
N LEU I 671 1.84 43.60 45.21
CA LEU I 671 2.32 42.43 45.95
C LEU I 671 2.71 41.19 45.13
N ALA I 672 3.76 40.50 45.58
CA ALA I 672 4.21 39.29 44.92
C ALA I 672 3.37 38.17 45.47
N VAL I 673 3.76 36.94 45.19
CA VAL I 673 3.00 35.80 45.66
C VAL I 673 3.07 35.71 47.19
N ASP I 674 2.19 34.87 47.74
CA ASP I 674 2.10 34.63 49.18
C ASP I 674 1.88 35.82 50.10
N ASP I 675 2.17 37.03 49.63
CA ASP I 675 1.97 38.21 50.46
C ASP I 675 0.58 38.24 51.09
N VAL I 676 0.51 38.20 52.42
CA VAL I 676 -0.78 38.21 53.10
C VAL I 676 -1.51 39.52 52.79
N ILE I 677 -2.68 39.39 52.16
CA ILE I 677 -3.50 40.53 51.78
C ILE I 677 -4.41 40.96 52.94
N MET I 678 -4.96 39.97 53.63
CA MET I 678 -5.83 40.23 54.75
C MET I 678 -5.71 39.08 55.74
N GLU I 679 -6.27 39.29 56.93
CA GLU I 679 -6.24 38.28 57.96
C GLU I 679 -7.67 38.10 58.44
N PHE I 680 -8.00 36.89 58.86
CA PHE I 680 -9.32 36.62 59.37
C PHE I 680 -9.16 36.08 60.80
N GLU I 681 -10.08 36.48 61.68
CA GLU I 681 -10.03 36.07 63.08
C GLU I 681 -10.41 34.61 63.27
N LEU J 26 -16.04 -30.77 37.29
CA LEU J 26 -15.54 -30.92 38.70
C LEU J 26 -15.84 -29.71 39.58
N GLU J 27 -16.41 -29.97 40.75
CA GLU J 27 -16.69 -28.87 41.69
C GLU J 27 -15.36 -28.53 42.33
N GLN J 28 -14.34 -29.29 41.94
CA GLN J 28 -13.00 -29.04 42.43
C GLN J 28 -12.57 -27.76 41.71
N LEU J 29 -12.92 -27.69 40.43
CA LEU J 29 -12.62 -26.50 39.65
C LEU J 29 -13.23 -25.31 40.37
N GLU J 30 -14.53 -25.39 40.67
CA GLU J 30 -15.21 -24.29 41.36
C GLU J 30 -14.50 -23.86 42.64
N ASP J 31 -13.84 -24.80 43.30
CA ASP J 31 -13.10 -24.50 44.52
C ASP J 31 -11.85 -23.71 44.21
N ARG J 32 -11.00 -24.27 43.35
CA ARG J 32 -9.76 -23.60 42.94
C ARG J 32 -10.09 -22.17 42.55
N ARG J 33 -11.13 -22.05 41.73
CA ARG J 33 -11.62 -20.75 41.26
C ARG J 33 -11.92 -19.85 42.46
N ALA J 34 -12.88 -20.26 43.28
CA ALA J 34 -13.27 -19.49 44.46
C ALA J 34 -12.07 -19.15 45.34
N ALA J 35 -11.13 -20.09 45.45
CA ALA J 35 -9.93 -19.91 46.25
C ALA J 35 -9.15 -18.74 45.71
N ALA J 36 -8.86 -18.81 44.43
CA ALA J 36 -8.13 -17.77 43.74
C ALA J 36 -8.76 -16.39 43.93
N ARG J 37 -10.07 -16.33 43.84
CA ARG J 37 -10.81 -15.08 43.98
C ARG J 37 -10.60 -14.43 45.32
N LEU J 38 -10.02 -15.15 46.25
CA LEU J 38 -9.80 -14.58 47.58
C LEU J 38 -8.57 -13.69 47.75
N GLY J 39 -7.69 -13.70 46.75
CA GLY J 39 -6.50 -12.88 46.80
C GLY J 39 -5.74 -13.14 48.06
N GLY J 40 -5.10 -12.11 48.60
CA GLY J 40 -4.33 -12.29 49.83
C GLY J 40 -5.21 -12.62 51.03
N GLY J 41 -6.41 -13.10 50.76
CA GLY J 41 -7.28 -13.44 51.85
C GLY J 41 -8.09 -12.34 52.48
N GLN J 42 -9.22 -12.80 52.99
CA GLN J 42 -10.22 -12.00 53.66
C GLN J 42 -9.70 -11.02 54.69
N LYS J 43 -8.62 -11.35 55.39
CA LYS J 43 -8.10 -10.40 56.37
C LYS J 43 -7.51 -9.19 55.62
N ARG J 44 -6.71 -9.48 54.59
CA ARG J 44 -6.10 -8.43 53.79
C ARG J 44 -7.15 -7.66 53.02
N ILE J 45 -8.15 -8.36 52.51
CA ILE J 45 -9.22 -7.70 51.77
C ILE J 45 -9.79 -6.60 52.64
N ASP J 46 -9.93 -6.90 53.93
CA ASP J 46 -10.45 -5.93 54.87
C ASP J 46 -9.50 -4.75 55.01
N ALA J 47 -8.22 -5.05 55.23
CA ALA J 47 -7.22 -3.99 55.34
C ALA J 47 -7.37 -3.00 54.18
N GLN J 48 -7.49 -3.56 52.98
CA GLN J 48 -7.62 -2.79 51.74
C GLN J 48 -8.83 -1.90 51.86
N HIS J 49 -9.99 -2.52 52.07
CA HIS J 49 -11.22 -1.77 52.22
C HIS J 49 -11.03 -0.74 53.33
N GLY J 50 -10.18 -1.10 54.29
CA GLY J 50 -9.92 -0.20 55.39
C GLY J 50 -9.34 1.10 54.86
N ARG J 51 -8.54 1.02 53.79
CA ARG J 51 -7.96 2.23 53.21
C ARG J 51 -8.92 2.88 52.22
N GLY J 52 -10.19 2.52 52.29
CA GLY J 52 -11.16 3.08 51.37
C GLY J 52 -10.89 2.61 49.95
N LYS J 53 -10.01 1.64 49.80
CA LYS J 53 -9.67 1.15 48.49
C LYS J 53 -10.41 -0.14 48.21
N LEU J 54 -10.96 -0.26 47.00
CA LEU J 54 -11.64 -1.48 46.60
C LEU J 54 -10.57 -2.52 46.27
N THR J 55 -10.98 -3.78 46.06
CA THR J 55 -10.04 -4.84 45.71
C THR J 55 -9.83 -4.87 44.19
N ALA J 56 -8.78 -5.58 43.77
CA ALA J 56 -8.46 -5.68 42.34
C ALA J 56 -9.71 -6.07 41.60
N ARG J 57 -10.21 -7.23 41.96
CA ARG J 57 -11.41 -7.75 41.33
C ARG J 57 -12.62 -6.85 41.38
N GLU J 58 -12.87 -6.19 42.52
CA GLU J 58 -14.04 -5.32 42.65
C GLU J 58 -13.96 -4.17 41.68
N ARG J 59 -12.75 -3.63 41.50
CA ARG J 59 -12.52 -2.53 40.56
C ARG J 59 -12.88 -3.00 39.14
N VAL J 60 -12.38 -4.19 38.77
CA VAL J 60 -12.64 -4.76 37.48
C VAL J 60 -14.15 -4.84 37.33
N ASP J 61 -14.80 -5.35 38.36
CA ASP J 61 -16.25 -5.53 38.37
C ASP J 61 -17.09 -4.36 38.06
N LEU J 62 -16.61 -3.17 38.46
CA LEU J 62 -17.36 -1.96 38.22
C LEU J 62 -16.99 -1.32 36.86
N LEU J 63 -15.82 -1.71 36.34
CA LEU J 63 -15.31 -1.17 35.07
C LEU J 63 -16.00 -1.73 33.86
N LEU J 64 -16.09 -3.05 33.81
CA LEU J 64 -16.69 -3.72 32.68
C LEU J 64 -18.19 -3.99 32.73
N ASP J 65 -18.85 -3.85 31.57
CA ASP J 65 -20.28 -4.16 31.44
C ASP J 65 -20.63 -5.39 32.28
N GLU J 66 -21.58 -5.22 33.17
CA GLU J 66 -22.02 -6.27 34.07
C GLU J 66 -21.99 -7.68 33.49
N GLY J 67 -21.05 -8.47 34.01
CA GLY J 67 -20.89 -9.84 33.56
C GLY J 67 -20.49 -9.85 32.10
N SER J 68 -19.22 -9.59 31.86
CA SER J 68 -18.69 -9.52 30.51
C SER J 68 -17.20 -9.67 30.65
N PHE J 69 -16.79 -9.88 31.88
CA PHE J 69 -15.40 -10.03 32.13
C PHE J 69 -15.02 -11.49 31.94
N GLU J 70 -13.96 -11.72 31.18
CA GLU J 70 -13.43 -13.07 30.99
C GLU J 70 -12.06 -12.88 31.61
N GLU J 71 -11.64 -13.82 32.46
CA GLU J 71 -10.35 -13.66 33.10
C GLU J 71 -9.36 -14.58 32.49
N PHE J 72 -8.11 -14.17 32.44
CA PHE J 72 -7.08 -15.02 31.90
C PHE J 72 -6.02 -15.21 32.95
N ASP J 73 -5.27 -16.31 32.80
CA ASP J 73 -4.16 -16.63 33.69
C ASP J 73 -4.46 -16.57 35.19
N MET J 74 -5.65 -17.03 35.55
CA MET J 74 -6.09 -16.99 36.94
C MET J 74 -5.25 -17.80 37.87
N PHE J 75 -4.69 -18.91 37.39
CA PHE J 75 -3.90 -19.74 38.28
C PHE J 75 -2.41 -19.61 38.05
N VAL J 76 -1.99 -18.52 37.43
CA VAL J 76 -0.59 -18.31 37.17
C VAL J 76 0.13 -18.17 38.51
N THR J 77 1.34 -18.73 38.59
CA THR J 77 2.18 -18.69 39.79
C THR J 77 3.57 -18.23 39.36
N HIS J 78 4.28 -17.48 40.20
CA HIS J 78 5.63 -17.00 39.86
C HIS J 78 6.64 -18.15 39.74
N ARG J 79 7.81 -17.85 39.20
CA ARG J 79 8.90 -18.82 39.00
C ARG J 79 10.16 -18.45 39.79
N CYS J 80 9.96 -17.85 40.94
CA CYS J 80 11.06 -17.43 41.77
C CYS J 80 11.46 -18.52 42.74
N THR J 81 12.76 -18.60 42.98
CA THR J 81 13.28 -19.59 43.89
C THR J 81 14.22 -19.00 44.94
N ASP J 82 14.68 -17.77 44.73
CA ASP J 82 15.56 -17.14 45.72
C ASP J 82 14.76 -16.79 46.97
N PHE J 83 15.47 -16.45 48.02
CA PHE J 83 14.84 -16.04 49.26
C PHE J 83 13.55 -16.75 49.66
N ASN J 84 13.53 -18.07 49.48
CA ASN J 84 12.38 -18.85 49.87
C ASN J 84 11.09 -18.34 49.26
N MET J 85 11.21 -17.58 48.18
CA MET J 85 10.03 -17.06 47.55
C MET J 85 9.12 -18.18 47.08
N GLN J 86 9.70 -19.35 46.81
CA GLN J 86 8.92 -20.50 46.32
C GLN J 86 7.94 -21.05 47.29
N ASP J 87 8.01 -20.64 48.54
CA ASP J 87 7.09 -21.15 49.53
C ASP J 87 5.80 -20.38 49.56
N GLN J 88 5.75 -19.34 48.76
CA GLN J 88 4.59 -18.50 48.71
C GLN J 88 4.24 -18.28 47.23
N LYS J 89 3.57 -19.27 46.64
CA LYS J 89 3.18 -19.19 45.25
C LYS J 89 1.65 -18.97 45.09
N PRO J 90 1.14 -17.77 45.42
CA PRO J 90 -0.28 -17.46 45.29
C PRO J 90 -0.78 -17.52 43.84
N ALA J 91 -2.08 -17.73 43.65
CA ALA J 91 -2.63 -17.79 42.32
C ALA J 91 -2.79 -16.39 41.76
N GLY J 92 -2.55 -16.26 40.46
CA GLY J 92 -2.70 -14.96 39.83
C GLY J 92 -1.42 -14.14 39.94
N ASP J 93 -0.61 -14.47 40.94
CA ASP J 93 0.66 -13.80 41.14
C ASP J 93 0.61 -12.29 41.28
N GLY J 94 -0.49 -11.76 41.77
CA GLY J 94 -0.52 -10.32 41.98
C GLY J 94 -1.28 -9.42 41.05
N VAL J 95 -1.77 -9.93 39.93
CA VAL J 95 -2.53 -9.08 39.03
C VAL J 95 -3.70 -9.84 38.43
N VAL J 96 -4.79 -9.12 38.14
CA VAL J 96 -5.96 -9.72 37.51
C VAL J 96 -6.02 -9.23 36.06
N THR J 97 -5.91 -10.15 35.10
CA THR J 97 -5.95 -9.76 33.69
C THR J 97 -7.10 -10.41 32.92
N GLY J 98 -7.48 -9.79 31.81
CA GLY J 98 -8.56 -10.30 30.98
C GLY J 98 -9.15 -9.25 30.06
N TRP J 99 -10.37 -9.49 29.59
CA TRP J 99 -11.06 -8.55 28.72
C TRP J 99 -12.52 -8.54 29.08
N GLY J 100 -13.31 -7.72 28.40
CA GLY J 100 -14.73 -7.62 28.65
C GLY J 100 -15.23 -6.49 27.79
N THR J 101 -16.36 -5.87 28.12
CA THR J 101 -16.80 -4.75 27.28
C THR J 101 -17.23 -3.54 28.08
N ILE J 102 -17.16 -2.37 27.44
CA ILE J 102 -17.65 -1.14 28.07
C ILE J 102 -18.66 -0.62 27.07
N ASN J 103 -19.91 -0.81 27.44
CA ASN J 103 -21.05 -0.47 26.61
C ASN J 103 -21.09 -1.33 25.34
N GLY J 104 -20.57 -2.53 25.46
CA GLY J 104 -20.62 -3.44 24.35
C GLY J 104 -19.37 -3.42 23.52
N ARG J 105 -18.46 -2.50 23.79
CA ARG J 105 -17.23 -2.44 23.01
C ARG J 105 -16.10 -3.12 23.78
N VAL J 106 -15.36 -3.97 23.08
CA VAL J 106 -14.27 -4.69 23.70
C VAL J 106 -13.18 -3.84 24.26
N VAL J 107 -12.78 -4.20 25.47
CA VAL J 107 -11.74 -3.50 26.16
C VAL J 107 -10.89 -4.52 26.87
N TYR J 108 -9.58 -4.29 26.94
CA TYR J 108 -8.70 -5.24 27.62
C TYR J 108 -8.27 -4.61 28.95
N VAL J 109 -8.12 -5.43 29.99
CA VAL J 109 -7.78 -4.88 31.29
C VAL J 109 -6.86 -5.69 32.20
N PHE J 110 -6.30 -5.02 33.19
CA PHE J 110 -5.47 -5.67 34.19
C PHE J 110 -5.57 -4.80 35.43
N SER J 111 -5.93 -5.41 36.54
CA SER J 111 -6.04 -4.68 37.79
C SER J 111 -5.03 -5.30 38.74
N GLN J 112 -4.14 -4.51 39.33
CA GLN J 112 -3.17 -5.06 40.25
C GLN J 112 -3.83 -5.33 41.60
N ASP J 113 -3.59 -6.53 42.11
CA ASP J 113 -4.13 -6.96 43.40
C ASP J 113 -3.07 -6.75 44.46
N PHE J 114 -3.21 -5.62 45.13
CA PHE J 114 -2.33 -5.17 46.17
C PHE J 114 -2.22 -6.15 47.34
N THR J 115 -3.29 -6.91 47.62
CA THR J 115 -3.30 -7.89 48.74
C THR J 115 -2.48 -9.15 48.47
N VAL J 116 -1.88 -9.25 47.29
CA VAL J 116 -1.11 -10.42 46.95
C VAL J 116 0.35 -10.09 46.73
N LEU J 117 1.17 -10.27 47.75
CA LEU J 117 2.57 -9.92 47.62
C LEU J 117 2.63 -8.45 47.24
N GLY J 118 1.74 -7.67 47.83
CA GLY J 118 1.69 -6.25 47.56
C GLY J 118 1.39 -5.91 46.13
N GLY J 119 1.02 -6.94 45.36
CA GLY J 119 0.75 -6.74 43.95
C GLY J 119 2.07 -6.28 43.36
N SER J 120 3.18 -6.78 43.90
CA SER J 120 4.53 -6.45 43.46
C SER J 120 4.79 -7.05 42.08
N VAL J 121 5.52 -6.32 41.23
CA VAL J 121 5.77 -6.78 39.87
C VAL J 121 6.85 -7.85 39.68
N SER J 122 6.44 -9.01 39.18
CA SER J 122 7.37 -10.11 38.94
C SER J 122 7.48 -10.43 37.45
N GLU J 123 8.29 -11.42 37.11
CA GLU J 123 8.43 -11.78 35.72
C GLU J 123 7.06 -12.18 35.19
N THR J 124 6.41 -13.07 35.90
CA THR J 124 5.09 -13.55 35.53
C THR J 124 3.92 -12.53 35.61
N HIS J 125 4.00 -11.59 36.55
CA HIS J 125 2.97 -10.57 36.69
C HIS J 125 2.95 -9.79 35.37
N SER J 126 4.11 -9.27 34.98
CA SER J 126 4.21 -8.50 33.76
C SER J 126 3.70 -9.34 32.61
N LYS J 127 4.18 -10.59 32.54
CA LYS J 127 3.78 -11.50 31.46
C LYS J 127 2.28 -11.47 31.23
N LYS J 128 1.54 -11.47 32.35
CA LYS J 128 0.10 -11.45 32.29
C LYS J 128 -0.41 -10.15 31.66
N ILE J 129 0.25 -9.06 32.01
CA ILE J 129 -0.14 -7.77 31.50
C ILE J 129 0.18 -7.75 30.04
N CYS J 130 1.34 -8.30 29.68
CA CYS J 130 1.74 -8.29 28.27
C CYS J 130 0.76 -9.06 27.41
N LYS J 131 0.31 -10.22 27.87
CA LYS J 131 -0.64 -11.03 27.12
C LYS J 131 -1.87 -10.23 26.71
N ILE J 132 -2.44 -9.49 27.63
CA ILE J 132 -3.62 -8.73 27.25
C ILE J 132 -3.26 -7.47 26.47
N MET J 133 -2.01 -7.00 26.61
CA MET J 133 -1.60 -5.83 25.83
C MET J 133 -1.45 -6.34 24.39
N ASP J 134 -0.72 -7.42 24.24
CA ASP J 134 -0.51 -8.00 22.93
C ASP J 134 -1.87 -8.35 22.35
N MET J 135 -2.81 -8.71 23.20
CA MET J 135 -4.11 -9.07 22.67
C MET J 135 -4.89 -7.80 22.31
N ALA J 136 -4.64 -6.75 23.07
CA ALA J 136 -5.34 -5.52 22.80
C ALA J 136 -4.89 -5.01 21.46
N MET J 137 -3.62 -5.20 21.16
CA MET J 137 -3.13 -4.70 19.90
C MET J 137 -3.50 -5.52 18.69
N GLN J 138 -3.54 -6.83 18.83
CA GLN J 138 -3.87 -7.67 17.68
C GLN J 138 -5.31 -7.49 17.32
N ASN J 139 -6.11 -6.97 18.24
CA ASN J 139 -7.51 -6.81 17.96
C ASN J 139 -8.02 -5.38 17.91
N GLY J 140 -7.13 -4.42 18.18
CA GLY J 140 -7.50 -3.02 18.13
C GLY J 140 -8.58 -2.70 19.14
N ALA J 141 -8.15 -2.68 20.41
CA ALA J 141 -9.02 -2.37 21.54
C ALA J 141 -8.16 -1.74 22.64
N PRO J 142 -8.70 -0.72 23.30
CA PRO J 142 -7.95 -0.05 24.37
C PRO J 142 -7.51 -1.00 25.49
N VAL J 143 -6.63 -0.51 26.34
CA VAL J 143 -6.11 -1.24 27.48
C VAL J 143 -6.29 -0.36 28.70
N ILE J 144 -7.02 -0.80 29.72
CA ILE J 144 -7.15 0.02 30.94
C ILE J 144 -6.27 -0.61 32.04
N GLY J 145 -5.31 0.18 32.53
CA GLY J 145 -4.39 -0.31 33.53
C GLY J 145 -4.72 0.18 34.92
N ILE J 146 -5.04 -0.74 35.81
CA ILE J 146 -5.37 -0.38 37.16
C ILE J 146 -4.19 -0.67 38.05
N ASN J 147 -3.38 0.37 38.26
CA ASN J 147 -2.18 0.27 39.06
C ASN J 147 -2.48 0.51 40.51
N ASP J 148 -2.04 -0.46 41.33
CA ASP J 148 -2.18 -0.49 42.78
C ASP J 148 -1.15 -1.51 43.18
N SER J 149 0.11 -1.10 43.19
CA SER J 149 1.22 -1.98 43.53
C SER J 149 2.32 -1.34 44.38
N GLY J 150 2.86 -2.15 45.30
CA GLY J 150 3.91 -1.65 46.15
C GLY J 150 5.20 -1.40 45.39
N GLY J 151 5.28 -1.86 44.14
CA GLY J 151 6.49 -1.68 43.37
C GLY J 151 7.00 -3.04 42.93
N ALA J 152 8.29 -3.11 42.59
CA ALA J 152 8.87 -4.36 42.10
C ALA J 152 9.00 -5.43 43.18
N ARG J 153 9.07 -6.66 42.71
CA ARG J 153 9.23 -7.83 43.56
C ARG J 153 10.75 -8.10 43.72
N ILE J 154 11.36 -7.35 44.64
CA ILE J 154 12.80 -7.41 44.92
C ILE J 154 13.51 -8.76 44.84
N GLN J 155 12.88 -9.82 45.34
CA GLN J 155 13.46 -11.14 45.34
C GLN J 155 13.73 -11.69 43.95
N GLU J 156 12.97 -11.19 42.97
CA GLU J 156 13.13 -11.64 41.59
C GLU J 156 14.33 -11.05 40.91
N GLY J 157 15.04 -10.13 41.57
CA GLY J 157 16.22 -9.56 40.94
C GLY J 157 15.98 -8.91 39.60
N VAL J 158 16.87 -9.14 38.63
CA VAL J 158 16.70 -8.53 37.32
C VAL J 158 15.42 -8.97 36.65
N ASP J 159 14.90 -10.12 37.06
CA ASP J 159 13.68 -10.58 36.44
C ASP J 159 12.53 -9.62 36.63
N SER J 160 12.59 -8.85 37.69
CA SER J 160 11.54 -7.89 37.94
C SER J 160 11.79 -6.74 36.93
N LEU J 161 13.05 -6.41 36.75
CA LEU J 161 13.39 -5.36 35.83
C LEU J 161 12.91 -5.76 34.48
N ALA J 162 13.29 -6.97 34.04
CA ALA J 162 12.88 -7.46 32.73
C ALA J 162 11.35 -7.38 32.64
N GLY J 163 10.70 -7.79 33.74
CA GLY J 163 9.25 -7.78 33.79
C GLY J 163 8.73 -6.44 33.34
N TYR J 164 9.30 -5.39 33.89
CA TYR J 164 8.88 -4.05 33.52
C TYR J 164 9.18 -3.76 32.07
N GLY J 165 10.37 -4.16 31.64
CA GLY J 165 10.81 -3.97 30.27
C GLY J 165 9.83 -4.44 29.24
N GLU J 166 9.29 -5.64 29.38
CA GLU J 166 8.32 -6.06 28.38
C GLU J 166 7.06 -5.21 28.40
N VAL J 167 6.64 -4.75 29.57
CA VAL J 167 5.45 -3.92 29.61
C VAL J 167 5.75 -2.62 28.87
N PHE J 168 6.81 -1.92 29.30
CA PHE J 168 7.23 -0.64 28.70
C PHE J 168 7.23 -0.73 27.19
N GLN J 169 7.99 -1.68 26.67
CA GLN J 169 8.10 -1.90 25.23
C GLN J 169 6.73 -1.93 24.56
N ARG J 170 5.83 -2.70 25.15
CA ARG J 170 4.49 -2.80 24.65
C ARG J 170 3.81 -1.44 24.75
N ASN J 171 3.88 -0.81 25.92
CA ASN J 171 3.29 0.52 26.08
C ASN J 171 3.72 1.40 24.92
N ILE J 172 5.01 1.35 24.61
CA ILE J 172 5.58 2.17 23.53
C ILE J 172 5.08 1.81 22.16
N MET J 173 5.08 0.53 21.83
CA MET J 173 4.60 0.12 20.52
C MET J 173 3.15 0.48 20.29
N ALA J 174 2.36 0.50 21.35
CA ALA J 174 0.94 0.79 21.23
C ALA J 174 0.62 2.27 21.28
N SER J 175 1.63 3.11 21.46
CA SER J 175 1.35 4.52 21.59
C SER J 175 0.70 5.10 20.34
N GLY J 176 -0.55 5.57 20.48
CA GLY J 176 -1.26 6.15 19.36
C GLY J 176 -1.73 5.12 18.37
N VAL J 177 -1.85 3.89 18.85
CA VAL J 177 -2.31 2.79 18.03
C VAL J 177 -3.59 2.23 18.61
N VAL J 178 -3.66 2.23 19.93
CA VAL J 178 -4.82 1.73 20.64
C VAL J 178 -4.76 2.56 21.94
N PRO J 179 -5.90 3.11 22.41
CA PRO J 179 -5.92 3.93 23.61
C PRO J 179 -5.45 3.20 24.82
N GLN J 180 -4.60 3.85 25.63
CA GLN J 180 -4.09 3.28 26.87
C GLN J 180 -4.41 4.22 28.05
N ILE J 181 -5.46 3.90 28.79
CA ILE J 181 -5.89 4.70 29.94
C ILE J 181 -5.30 4.11 31.25
N SER J 182 -4.57 4.93 32.00
CA SER J 182 -4.01 4.44 33.24
C SER J 182 -4.73 4.94 34.48
N MET J 183 -5.14 3.99 35.33
CA MET J 183 -5.82 4.28 36.60
C MET J 183 -4.92 3.94 37.78
N ILE J 184 -4.50 4.96 38.55
CA ILE J 184 -3.70 4.72 39.74
C ILE J 184 -4.65 4.73 40.94
N MET J 185 -4.70 3.61 41.65
CA MET J 185 -5.64 3.51 42.76
C MET J 185 -4.96 3.01 44.02
N GLY J 186 -3.64 3.09 44.01
CA GLY J 186 -2.86 2.67 45.15
C GLY J 186 -1.50 3.30 45.01
N PRO J 187 -0.45 2.60 45.39
CA PRO J 187 0.90 3.14 45.28
C PRO J 187 1.53 2.80 43.93
N CYS J 188 2.38 3.67 43.42
CA CYS J 188 3.02 3.35 42.16
C CYS J 188 4.45 3.85 42.30
N ALA J 189 5.38 2.98 42.65
CA ALA J 189 6.73 3.48 42.85
C ALA J 189 7.88 2.93 42.03
N GLY J 190 8.89 3.75 41.79
CA GLY J 190 10.02 3.26 41.02
C GLY J 190 9.80 3.23 39.52
N GLY J 191 10.50 2.33 38.85
CA GLY J 191 10.38 2.24 37.41
C GLY J 191 8.93 2.25 37.01
N ALA J 192 8.11 1.55 37.78
CA ALA J 192 6.67 1.46 37.52
C ALA J 192 6.03 2.72 36.96
N VAL J 193 6.20 3.83 37.67
CA VAL J 193 5.63 5.11 37.26
C VAL J 193 5.76 5.33 35.73
N TYR J 194 6.92 4.93 35.17
CA TYR J 194 7.21 5.10 33.75
C TYR J 194 6.24 4.45 32.81
N SER J 195 5.56 3.42 33.26
CA SER J 195 4.57 2.80 32.38
C SER J 195 3.37 3.76 32.19
N PRO J 196 2.59 4.03 33.28
CA PRO J 196 1.44 4.94 33.16
C PRO J 196 1.90 6.20 32.43
N ALA J 197 3.15 6.54 32.67
CA ALA J 197 3.75 7.72 32.10
C ALA J 197 3.56 7.75 30.60
N MET J 198 3.70 6.60 29.95
CA MET J 198 3.62 6.51 28.51
C MET J 198 2.24 6.23 27.97
N THR J 199 1.29 5.98 28.86
CA THR J 199 -0.07 5.71 28.42
C THR J 199 -0.74 7.04 28.10
N ASP J 200 -1.89 7.00 27.43
CA ASP J 200 -2.56 8.22 27.03
C ASP J 200 -3.23 9.07 28.10
N PHE J 201 -3.56 8.47 29.24
CA PHE J 201 -4.19 9.20 30.34
C PHE J 201 -3.79 8.66 31.69
N ILE J 202 -3.73 9.56 32.68
CA ILE J 202 -3.39 9.15 34.03
C ILE J 202 -4.41 9.71 35.02
N PHE J 203 -5.23 8.83 35.57
CA PHE J 203 -6.20 9.27 36.54
C PHE J 203 -5.81 8.70 37.88
N MET J 204 -6.01 9.49 38.94
CA MET J 204 -5.69 9.05 40.29
C MET J 204 -6.90 9.21 41.17
N VAL J 205 -6.90 8.47 42.28
CA VAL J 205 -7.98 8.52 43.25
C VAL J 205 -7.60 9.38 44.44
N LYS J 206 -8.17 10.58 44.45
CA LYS J 206 -7.94 11.60 45.45
C LYS J 206 -6.98 11.29 46.60
N ASP J 207 -7.36 10.45 47.56
CA ASP J 207 -6.42 10.30 48.65
C ASP J 207 -5.69 8.98 48.89
N SER J 208 -6.16 7.91 48.24
CA SER J 208 -5.62 6.56 48.44
C SER J 208 -4.51 6.14 47.50
N SER J 209 -4.16 7.03 46.59
CA SER J 209 -3.14 6.73 45.60
C SER J 209 -1.95 7.71 45.60
N TYR J 210 -0.88 7.30 44.93
CA TYR J 210 0.29 8.13 44.78
C TYR J 210 1.35 7.48 43.88
N MET J 211 2.22 8.31 43.35
CA MET J 211 3.29 7.82 42.49
C MET J 211 4.54 8.72 42.44
N PHE J 212 5.71 8.08 42.43
CA PHE J 212 6.97 8.79 42.37
C PHE J 212 8.06 7.82 42.01
N VAL J 213 9.13 8.32 41.38
CA VAL J 213 10.24 7.45 40.97
C VAL J 213 11.04 6.97 42.17
N THR J 214 11.34 7.88 43.10
CA THR J 214 12.10 7.55 44.31
C THR J 214 11.27 7.84 45.55
N GLY J 215 11.43 7.00 46.57
CA GLY J 215 10.63 7.13 47.79
C GLY J 215 10.96 8.24 48.76
N PRO J 216 10.00 8.65 49.59
CA PRO J 216 10.19 9.73 50.58
C PRO J 216 11.39 9.49 51.48
N ASP J 217 11.60 8.24 51.86
CA ASP J 217 12.70 7.90 52.75
C ASP J 217 14.05 8.07 52.06
N VAL J 218 14.11 7.83 50.76
CA VAL J 218 15.38 8.05 50.07
C VAL J 218 15.56 9.55 49.85
N VAL J 219 14.46 10.26 49.60
CA VAL J 219 14.52 11.70 49.40
C VAL J 219 15.19 12.30 50.64
N LYS J 220 14.95 11.69 51.80
CA LYS J 220 15.55 12.20 53.03
C LYS J 220 17.05 11.89 53.06
N THR J 221 17.38 10.60 53.04
CA THR J 221 18.77 10.19 53.12
C THR J 221 19.65 10.84 52.06
N VAL J 222 19.04 11.43 51.05
CA VAL J 222 19.81 12.06 49.99
C VAL J 222 19.64 13.57 49.89
N THR J 223 18.47 14.05 50.33
CA THR J 223 18.18 15.48 50.29
C THR J 223 18.04 16.02 51.71
N ASN J 224 17.88 15.11 52.66
CA ASN J 224 17.71 15.49 54.05
C ASN J 224 16.38 16.21 54.18
N GLU J 225 15.59 16.12 53.13
CA GLU J 225 14.29 16.73 53.12
C GLU J 225 13.36 15.64 53.62
N GLN J 226 12.41 16.05 54.43
CA GLN J 226 11.46 15.12 55.01
C GLN J 226 10.10 15.45 54.41
N VAL J 227 9.49 14.45 53.79
CA VAL J 227 8.20 14.63 53.14
C VAL J 227 7.41 13.32 53.10
N SER J 228 6.10 13.44 53.22
CA SER J 228 5.25 12.26 53.21
C SER J 228 4.89 11.85 51.81
N ALA J 229 4.62 10.56 51.64
CA ALA J 229 4.23 10.05 50.33
C ALA J 229 3.15 10.93 49.72
N GLU J 230 2.07 11.16 50.45
CA GLU J 230 1.01 11.98 49.89
C GLU J 230 1.51 13.33 49.41
N GLU J 231 2.47 13.93 50.12
CA GLU J 231 3.03 15.25 49.73
C GLU J 231 3.88 15.09 48.50
N LEU J 232 4.72 14.06 48.53
CA LEU J 232 5.63 13.79 47.44
C LEU J 232 4.92 13.49 46.12
N GLY J 233 4.08 12.47 46.07
CA GLY J 233 3.40 12.18 44.83
C GLY J 233 1.96 11.80 45.06
N GLY J 234 1.20 12.67 45.71
CA GLY J 234 -0.20 12.37 45.96
C GLY J 234 -1.08 12.89 44.85
N ALA J 235 -2.32 12.42 44.77
CA ALA J 235 -3.24 12.86 43.71
C ALA J 235 -3.19 14.36 43.47
N THR J 236 -3.24 15.15 44.53
CA THR J 236 -3.25 16.57 44.29
C THR J 236 -1.93 17.08 43.74
N THR J 237 -0.83 16.59 44.31
CA THR J 237 0.48 17.02 43.87
C THR J 237 0.61 16.87 42.37
N HIS J 238 0.13 15.73 41.88
CA HIS J 238 0.20 15.37 40.46
C HIS J 238 -0.84 15.97 39.55
N THR J 239 -2.04 16.18 40.07
CA THR J 239 -3.09 16.79 39.28
C THR J 239 -2.94 18.31 39.14
N ARG J 240 -2.00 18.90 39.86
CA ARG J 240 -1.81 20.34 39.73
C ARG J 240 -0.43 20.97 39.95
N LYS J 241 0.59 20.15 40.15
CA LYS J 241 1.93 20.68 40.37
C LYS J 241 2.92 20.09 39.38
N SER J 242 2.96 18.76 39.30
CA SER J 242 3.86 18.00 38.43
C SER J 242 3.52 17.88 36.95
N SER J 243 2.22 17.95 36.63
CA SER J 243 1.70 17.83 35.26
C SER J 243 1.61 16.37 34.83
N VAL J 244 1.60 15.47 35.81
CA VAL J 244 1.57 14.04 35.54
C VAL J 244 0.16 13.45 35.41
N ALA J 245 -0.73 13.72 36.36
CA ALA J 245 -2.07 13.15 36.30
C ALA J 245 -3.05 14.00 35.49
N ASP J 246 -4.12 13.37 34.98
CA ASP J 246 -5.12 14.09 34.18
C ASP J 246 -6.36 14.47 34.97
N ALA J 247 -6.49 13.91 36.16
CA ALA J 247 -7.62 14.22 37.03
C ALA J 247 -7.48 13.39 38.29
N ALA J 248 -8.01 13.89 39.39
CA ALA J 248 -7.96 13.12 40.64
C ALA J 248 -9.40 12.85 41.04
N PHE J 249 -9.83 11.59 40.96
CA PHE J 249 -11.20 11.25 41.29
C PHE J 249 -11.41 11.11 42.77
N GLU J 250 -12.62 11.43 43.21
CA GLU J 250 -12.96 11.37 44.63
C GLU J 250 -12.72 10.03 45.36
N ASN J 251 -12.97 8.91 44.70
CA ASN J 251 -12.78 7.58 45.28
C ASN J 251 -12.89 6.46 44.21
N ASP J 252 -12.53 5.27 44.62
CA ASP J 252 -12.57 4.18 43.69
C ASP J 252 -13.82 4.09 42.83
N VAL J 253 -15.00 4.29 43.43
CA VAL J 253 -16.22 4.13 42.64
C VAL J 253 -16.44 5.14 41.56
N GLU J 254 -16.32 6.41 41.88
CA GLU J 254 -16.51 7.41 40.84
C GLU J 254 -15.37 7.31 39.81
N ALA J 255 -14.18 6.96 40.28
CA ALA J 255 -13.03 6.82 39.39
C ALA J 255 -13.39 5.88 38.24
N LEU J 256 -13.84 4.68 38.63
CA LEU J 256 -14.24 3.67 37.67
C LEU J 256 -15.39 4.11 36.75
N ALA J 257 -16.38 4.80 37.30
CA ALA J 257 -17.53 5.32 36.56
C ALA J 257 -17.08 6.28 35.46
N GLU J 258 -16.29 7.28 35.88
CA GLU J 258 -15.72 8.32 35.03
C GLU J 258 -14.80 7.77 33.92
N VAL J 259 -14.10 6.66 34.21
CA VAL J 259 -13.25 6.10 33.18
C VAL J 259 -14.07 5.51 32.04
N ARG J 260 -15.19 4.86 32.37
CA ARG J 260 -16.06 4.32 31.34
C ARG J 260 -16.53 5.50 30.49
N ARG J 261 -16.96 6.54 31.20
CA ARG J 261 -17.43 7.77 30.57
C ARG J 261 -16.44 8.26 29.54
N LEU J 262 -15.16 8.24 29.92
CA LEU J 262 -14.11 8.64 29.02
C LEU J 262 -14.08 7.66 27.85
N VAL J 263 -14.04 6.37 28.15
CA VAL J 263 -13.96 5.39 27.07
C VAL J 263 -15.09 5.58 26.07
N ASP J 264 -16.30 5.91 26.55
CA ASP J 264 -17.40 6.12 25.61
C ASP J 264 -17.14 7.15 24.50
N PHE J 265 -16.12 7.99 24.66
CA PHE J 265 -15.76 9.03 23.72
C PHE J 265 -14.75 8.51 22.74
N LEU J 266 -13.80 7.73 23.25
CA LEU J 266 -12.69 7.21 22.45
C LEU J 266 -12.98 6.18 21.40
N PRO J 267 -12.17 6.20 20.33
CA PRO J 267 -12.30 5.24 19.23
C PRO J 267 -11.52 4.03 19.80
N LEU J 268 -11.89 2.83 19.38
CA LEU J 268 -11.22 1.64 19.90
C LEU J 268 -9.76 1.46 19.45
N ASN J 269 -9.34 2.21 18.44
CA ASN J 269 -7.97 2.11 17.90
C ASN J 269 -7.76 3.13 16.77
N ASN J 270 -6.53 3.23 16.26
CA ASN J 270 -6.24 4.25 15.25
C ASN J 270 -6.75 4.06 13.83
N ARG J 271 -7.49 3.00 13.59
CA ARG J 271 -7.99 2.75 12.25
C ARG J 271 -9.41 3.27 12.11
N GLU J 272 -10.26 2.98 13.07
CA GLU J 272 -11.64 3.47 13.00
C GLU J 272 -11.63 4.91 13.46
N LYS J 273 -12.69 5.65 13.13
CA LYS J 273 -12.75 7.03 13.56
C LYS J 273 -13.58 7.06 14.82
N PRO J 274 -13.61 8.21 15.49
CA PRO J 274 -14.40 8.38 16.72
C PRO J 274 -15.79 7.75 16.59
N PRO J 275 -16.23 7.09 17.66
CA PRO J 275 -17.52 6.43 17.70
C PRO J 275 -18.66 7.40 17.56
N VAL J 276 -19.81 6.89 17.12
CA VAL J 276 -20.98 7.71 16.97
C VAL J 276 -22.10 7.15 17.84
N ARG J 277 -22.98 8.01 18.31
CA ARG J 277 -24.08 7.54 19.11
C ARG J 277 -25.18 8.58 19.02
N PRO J 278 -26.40 8.24 19.45
CA PRO J 278 -27.56 9.15 19.42
C PRO J 278 -27.30 10.43 20.21
N PHE J 279 -27.93 11.52 19.77
CA PHE J 279 -27.72 12.77 20.46
C PHE J 279 -28.97 13.62 20.46
N PHE J 280 -29.40 13.94 21.66
CA PHE J 280 -30.59 14.73 21.81
C PHE J 280 -30.24 16.19 21.96
N ASP J 281 -29.88 16.78 20.83
CA ASP J 281 -29.51 18.19 20.76
C ASP J 281 -29.63 18.60 19.29
N ASP J 282 -29.60 19.88 18.97
CA ASP J 282 -29.67 20.26 17.57
C ASP J 282 -28.42 21.00 17.05
N PRO J 283 -27.83 20.52 15.95
CA PRO J 283 -26.64 21.17 15.39
C PRO J 283 -26.88 22.63 15.04
N ASP J 284 -28.15 23.00 14.94
CA ASP J 284 -28.52 24.37 14.64
C ASP J 284 -28.87 25.16 15.87
N ARG J 285 -28.48 24.69 17.05
CA ARG J 285 -28.82 25.42 18.26
C ARG J 285 -28.16 26.81 18.38
N ILE J 286 -28.98 27.80 18.75
CA ILE J 286 -28.45 29.15 18.94
C ILE J 286 -28.42 29.54 20.43
N GLU J 287 -27.35 30.21 20.83
CA GLU J 287 -27.16 30.64 22.20
C GLU J 287 -26.90 32.15 22.12
N PRO J 288 -27.97 32.93 22.30
CA PRO J 288 -27.94 34.39 22.22
C PRO J 288 -27.13 34.97 23.35
N SER J 289 -27.10 34.23 24.44
CA SER J 289 -26.37 34.58 25.63
C SER J 289 -24.95 34.81 25.21
N LEU J 290 -24.49 34.04 24.23
CA LEU J 290 -23.12 34.14 23.75
C LEU J 290 -22.78 35.53 23.25
N ASP J 291 -23.76 36.16 22.61
CA ASP J 291 -23.56 37.48 22.04
C ASP J 291 -23.05 38.53 23.02
N THR J 292 -23.04 38.20 24.30
CA THR J 292 -22.59 39.18 25.28
C THR J 292 -21.50 38.59 26.18
N LEU J 293 -20.98 37.43 25.80
CA LEU J 293 -19.97 36.79 26.62
C LEU J 293 -18.66 37.59 26.72
N VAL J 294 -18.19 38.14 25.61
CA VAL J 294 -16.96 38.90 25.67
C VAL J 294 -17.32 40.23 26.28
N PRO J 295 -16.83 40.53 27.50
CA PRO J 295 -17.13 41.81 28.16
C PRO J 295 -16.64 42.98 27.33
N ASP J 296 -17.25 44.14 27.55
CA ASP J 296 -16.87 45.34 26.84
C ASP J 296 -15.46 45.74 27.26
N ASN J 297 -15.27 45.89 28.56
CA ASN J 297 -13.97 46.23 29.07
C ASN J 297 -13.02 45.08 28.79
N PRO J 298 -11.90 45.34 28.08
CA PRO J 298 -10.92 44.32 27.75
C PRO J 298 -10.07 43.84 28.93
N ASN J 299 -10.19 44.49 30.07
CA ASN J 299 -9.43 44.07 31.25
C ASN J 299 -10.29 43.15 32.14
N THR J 300 -11.50 42.89 31.67
CA THR J 300 -12.42 42.00 32.38
C THR J 300 -12.50 40.63 31.74
N PRO J 301 -12.19 39.58 32.52
CA PRO J 301 -12.23 38.23 32.01
C PRO J 301 -13.66 37.81 31.78
N TYR J 302 -13.82 36.51 31.52
CA TYR J 302 -15.10 35.85 31.32
C TYR J 302 -14.66 34.40 31.37
N ASP J 303 -15.55 33.47 31.64
CA ASP J 303 -15.11 32.08 31.68
C ASP J 303 -15.22 31.37 30.33
N MET J 304 -14.10 31.15 29.66
CA MET J 304 -14.12 30.50 28.36
C MET J 304 -14.97 29.21 28.36
N LYS J 305 -15.08 28.59 29.52
CA LYS J 305 -15.86 27.37 29.68
C LYS J 305 -17.35 27.56 29.45
N GLU J 306 -17.85 28.77 29.56
CA GLU J 306 -19.26 28.97 29.32
C GLU J 306 -19.48 28.60 27.86
N LEU J 307 -18.66 29.20 27.00
CA LEU J 307 -18.73 28.93 25.57
C LEU J 307 -18.70 27.44 25.30
N ILE J 308 -17.70 26.76 25.87
CA ILE J 308 -17.56 25.33 25.66
C ILE J 308 -18.85 24.57 25.92
N HIS J 309 -19.43 24.78 27.09
CA HIS J 309 -20.62 24.05 27.42
C HIS J 309 -21.75 24.35 26.47
N LYS J 310 -21.84 25.62 26.03
CA LYS J 310 -22.95 25.98 25.13
C LYS J 310 -22.77 25.46 23.75
N LEU J 311 -21.54 25.23 23.33
CA LEU J 311 -21.28 24.65 22.01
C LEU J 311 -21.44 23.14 22.11
N ALA J 312 -20.77 22.58 23.13
CA ALA J 312 -20.80 21.16 23.40
C ALA J 312 -22.22 20.67 23.21
N ASP J 313 -22.34 19.39 22.81
CA ASP J 313 -23.62 18.75 22.54
C ASP J 313 -24.60 18.87 23.67
N GLU J 314 -24.79 17.85 24.48
CA GLU J 314 -25.77 18.01 25.53
C GLU J 314 -25.20 18.79 26.68
N GLY J 315 -24.29 19.70 26.34
CA GLY J 315 -23.63 20.53 27.33
C GLY J 315 -22.61 19.70 28.09
N ASP J 316 -22.34 18.51 27.61
CA ASP J 316 -21.41 17.65 28.27
C ASP J 316 -19.99 17.94 27.87
N PHE J 317 -19.13 18.13 28.85
CA PHE J 317 -17.74 18.40 28.57
C PHE J 317 -16.88 17.63 29.54
N TYR J 318 -16.19 16.60 29.05
CA TYR J 318 -15.32 15.77 29.90
C TYR J 318 -13.95 16.41 29.84
N GLU J 319 -13.62 17.18 30.89
CA GLU J 319 -12.35 17.89 30.91
C GLU J 319 -11.10 17.11 31.29
N ILE J 320 -10.01 17.37 30.57
CA ILE J 320 -8.78 16.72 30.90
C ILE J 320 -7.81 17.75 31.51
N GLN J 321 -7.07 17.31 32.54
CA GLN J 321 -6.10 18.13 33.30
C GLN J 321 -6.66 19.48 33.73
N GLU J 322 -7.85 19.42 34.30
CA GLU J 322 -8.55 20.61 34.73
C GLU J 322 -7.78 21.47 35.72
N GLU J 323 -7.29 20.81 36.76
CA GLU J 323 -6.59 21.50 37.81
C GLU J 323 -5.14 21.85 37.50
N PHE J 324 -4.73 21.71 36.25
CA PHE J 324 -3.35 22.03 35.91
C PHE J 324 -3.30 23.03 34.74
N ALA J 325 -2.26 23.86 34.73
CA ALA J 325 -2.08 24.85 33.70
C ALA J 325 -3.43 25.50 33.39
N LYS J 326 -4.15 25.84 34.45
CA LYS J 326 -5.47 26.44 34.26
C LYS J 326 -5.61 27.64 33.31
N ASN J 327 -4.52 28.11 32.75
CA ASN J 327 -4.64 29.22 31.85
C ASN J 327 -5.10 28.72 30.48
N ILE J 328 -5.24 27.41 30.37
CA ILE J 328 -5.71 26.79 29.14
C ILE J 328 -6.62 25.62 29.46
N ILE J 329 -7.56 25.35 28.57
CA ILE J 329 -8.48 24.24 28.81
C ILE J 329 -8.41 23.14 27.74
N THR J 330 -8.36 21.87 28.17
CA THR J 330 -8.37 20.78 27.20
C THR J 330 -9.44 19.76 27.60
N GLY J 331 -10.22 19.32 26.62
CA GLY J 331 -11.25 18.35 26.95
C GLY J 331 -12.01 17.80 25.77
N PHE J 332 -12.96 16.92 26.05
CA PHE J 332 -13.75 16.27 25.03
C PHE J 332 -15.20 16.61 25.11
N ILE J 333 -15.81 16.75 23.95
CA ILE J 333 -17.23 17.04 23.85
C ILE J 333 -17.64 16.25 22.64
N ARG J 334 -18.95 16.24 22.35
CA ARG J 334 -19.42 15.58 21.14
C ARG J 334 -20.17 16.69 20.39
N LEU J 335 -20.37 16.48 19.11
CA LEU J 335 -21.13 17.39 18.27
C LEU J 335 -21.84 16.41 17.37
N GLU J 336 -23.16 16.57 17.28
CA GLU J 336 -23.97 15.67 16.49
C GLU J 336 -23.58 14.25 16.88
N GLY J 337 -23.36 14.09 18.18
CA GLY J 337 -23.04 12.79 18.68
C GLY J 337 -21.71 12.22 18.28
N ARG J 338 -20.76 13.06 17.85
CA ARG J 338 -19.42 12.53 17.53
C ARG J 338 -18.38 13.23 18.39
N THR J 339 -17.33 12.51 18.76
CA THR J 339 -16.33 13.11 19.61
C THR J 339 -15.60 14.28 18.96
N VAL J 340 -15.39 15.31 19.75
CA VAL J 340 -14.65 16.48 19.30
C VAL J 340 -13.80 16.94 20.46
N GLY J 341 -12.48 17.02 20.22
CA GLY J 341 -11.56 17.47 21.25
C GLY J 341 -11.51 18.98 21.20
N VAL J 342 -11.30 19.64 22.33
CA VAL J 342 -11.25 21.10 22.34
C VAL J 342 -10.14 21.68 23.22
N VAL J 343 -9.44 22.65 22.67
CA VAL J 343 -8.34 23.32 23.34
C VAL J 343 -8.80 24.76 23.30
N ALA J 344 -8.87 25.41 24.47
CA ALA J 344 -9.31 26.81 24.56
C ALA J 344 -8.54 27.59 25.64
N ASN J 345 -8.39 28.89 25.41
CA ASN J 345 -7.70 29.78 26.35
C ASN J 345 -8.63 30.23 27.49
N GLN J 346 -8.10 30.34 28.72
CA GLN J 346 -8.89 30.78 29.88
C GLN J 346 -8.48 32.18 30.33
N PRO J 347 -9.30 33.21 30.04
CA PRO J 347 -8.95 34.56 30.45
C PRO J 347 -8.84 34.65 31.97
N LEU J 348 -9.62 33.83 32.66
CA LEU J 348 -9.65 33.79 34.11
C LEU J 348 -8.34 33.45 34.80
N VAL J 349 -7.42 32.88 34.07
CA VAL J 349 -6.15 32.54 34.64
C VAL J 349 -5.00 33.08 33.81
N LEU J 350 -4.03 33.69 34.48
CA LEU J 350 -2.90 34.28 33.77
C LEU J 350 -3.31 35.04 32.51
N ALA J 351 -4.58 35.47 32.45
CA ALA J 351 -5.11 36.21 31.29
C ALA J 351 -4.96 35.41 30.01
N GLY J 352 -5.33 34.13 30.03
CA GLY J 352 -5.22 33.31 28.85
C GLY J 352 -3.85 33.27 28.20
N CYS J 353 -2.81 33.54 28.97
CA CYS J 353 -1.46 33.48 28.43
C CYS J 353 -1.10 32.05 28.08
N LEU J 354 -0.10 31.91 27.22
CA LEU J 354 0.41 30.61 26.83
C LEU J 354 1.69 30.57 27.63
N ASP J 355 2.02 29.42 28.20
CA ASP J 355 3.26 29.30 28.97
C ASP J 355 3.73 27.85 28.94
N ILE J 356 4.99 27.61 29.27
CA ILE J 356 5.52 26.24 29.23
C ILE J 356 4.49 25.17 29.58
N ASP J 357 3.94 25.24 30.78
CA ASP J 357 2.97 24.27 31.23
C ASP J 357 1.70 24.21 30.41
N SER J 358 1.07 25.35 30.17
CA SER J 358 -0.16 25.38 29.36
C SER J 358 0.17 24.73 28.02
N SER J 359 1.35 25.05 27.49
CA SER J 359 1.80 24.50 26.22
C SER J 359 1.99 23.01 26.30
N ARG J 360 2.67 22.54 27.33
CA ARG J 360 2.87 21.11 27.45
C ARG J 360 1.52 20.43 27.65
N LYS J 361 0.63 21.08 28.37
CA LYS J 361 -0.67 20.47 28.61
C LYS J 361 -1.47 20.27 27.33
N ALA J 362 -1.65 21.33 26.55
CA ALA J 362 -2.41 21.24 25.31
C ALA J 362 -1.69 20.40 24.27
N ALA J 363 -0.41 20.68 24.04
CA ALA J 363 0.36 19.98 23.02
C ALA J 363 0.07 18.46 22.99
N ARG J 364 0.14 17.82 24.15
CA ARG J 364 -0.11 16.40 24.12
C ARG J 364 -1.56 16.10 23.81
N PHE J 365 -2.50 16.86 24.36
CA PHE J 365 -3.92 16.62 24.08
C PHE J 365 -4.17 16.62 22.57
N VAL J 366 -3.67 17.66 21.90
CA VAL J 366 -3.80 17.81 20.45
C VAL J 366 -3.24 16.57 19.77
N ARG J 367 -1.98 16.24 20.05
CA ARG J 367 -1.32 15.06 19.47
C ARG J 367 -2.09 13.74 19.67
N PHE J 368 -2.70 13.52 20.83
CA PHE J 368 -3.46 12.30 21.03
C PHE J 368 -4.71 12.29 20.16
N CYS J 369 -5.41 13.43 20.15
CA CYS J 369 -6.65 13.53 19.39
C CYS J 369 -6.41 13.29 17.93
N ASP J 370 -5.22 13.67 17.47
CA ASP J 370 -4.85 13.54 16.05
C ASP J 370 -4.48 12.10 15.75
N ALA J 371 -3.57 11.57 16.56
CA ALA J 371 -3.15 10.21 16.37
C ALA J 371 -4.39 9.33 16.29
N PHE J 372 -5.47 9.73 16.96
CA PHE J 372 -6.69 8.94 16.97
C PHE J 372 -7.88 9.49 16.17
N GLU J 373 -7.61 10.30 15.16
CA GLU J 373 -8.66 10.86 14.29
C GLU J 373 -9.80 11.61 14.97
N ILE J 374 -9.55 12.17 16.15
CA ILE J 374 -10.56 12.96 16.85
C ILE J 374 -10.30 14.38 16.36
N PRO J 375 -11.35 15.07 15.85
CA PRO J 375 -11.17 16.42 15.36
C PRO J 375 -10.89 17.39 16.51
N LEU J 376 -10.40 18.57 16.14
CA LEU J 376 -10.08 19.60 17.09
C LEU J 376 -10.92 20.87 16.93
N LEU J 377 -11.31 21.44 18.07
CA LEU J 377 -12.03 22.70 18.07
C LEU J 377 -11.12 23.52 18.97
N THR J 378 -10.64 24.66 18.48
CA THR J 378 -9.77 25.49 19.29
C THR J 378 -10.43 26.87 19.46
N LEU J 379 -10.72 27.19 20.72
CA LEU J 379 -11.34 28.46 21.07
C LEU J 379 -10.25 29.42 21.58
N ILE J 380 -10.05 30.50 20.82
CA ILE J 380 -8.99 31.46 21.06
C ILE J 380 -9.28 32.80 21.70
N ASP J 381 -8.36 33.20 22.59
CA ASP J 381 -8.34 34.48 23.31
C ASP J 381 -7.05 34.58 24.14
N VAL J 382 -5.94 34.55 23.44
CA VAL J 382 -4.65 34.63 24.08
C VAL J 382 -4.00 35.96 23.74
N PRO J 383 -3.35 36.61 24.74
CA PRO J 383 -2.67 37.89 24.58
C PRO J 383 -1.26 37.69 24.00
N GLY J 384 -0.59 36.65 24.47
CA GLY J 384 0.75 36.31 24.02
C GLY J 384 1.29 35.22 24.95
N PHE J 385 2.60 35.14 25.12
CA PHE J 385 3.13 34.15 26.03
C PHE J 385 3.42 34.89 27.31
N LEU J 386 3.52 34.16 28.42
CA LEU J 386 3.83 34.75 29.72
C LEU J 386 5.31 35.09 29.85
N PRO J 387 5.64 36.38 30.09
CA PRO J 387 6.99 36.96 30.25
C PRO J 387 7.64 36.52 31.55
N GLY J 388 8.95 36.57 31.59
CA GLY J 388 9.63 36.15 32.79
C GLY J 388 10.94 35.47 32.50
N THR J 389 11.83 35.55 33.49
CA THR J 389 13.14 34.93 33.42
C THR J 389 12.84 33.46 33.66
N SER J 390 11.86 33.24 34.54
CA SER J 390 11.44 31.91 34.91
C SER J 390 11.14 31.07 33.68
N GLN J 391 10.41 31.68 32.75
CA GLN J 391 10.01 31.06 31.50
C GLN J 391 11.20 30.80 30.55
N GLU J 392 11.95 31.84 30.23
CA GLU J 392 13.09 31.72 29.31
C GLU J 392 14.07 30.74 29.81
N TYR J 393 14.41 30.85 31.09
CA TYR J 393 15.38 29.93 31.66
C TYR J 393 14.81 28.53 31.70
N GLY J 394 13.48 28.44 31.77
CA GLY J 394 12.81 27.15 31.80
C GLY J 394 12.69 26.50 30.42
N GLY J 395 13.03 27.27 29.40
CA GLY J 395 12.98 26.75 28.06
C GLY J 395 11.65 26.89 27.37
N VAL J 396 11.00 28.05 27.41
CA VAL J 396 9.73 28.18 26.70
C VAL J 396 10.01 27.98 25.20
N ILE J 397 11.19 28.36 24.74
CA ILE J 397 11.52 28.20 23.33
C ILE J 397 11.23 26.77 22.91
N LYS J 398 11.51 25.81 23.78
CA LYS J 398 11.24 24.42 23.45
C LYS J 398 9.80 24.04 23.78
N HIS J 399 9.46 24.11 25.06
CA HIS J 399 8.11 23.77 25.49
C HIS J 399 7.02 24.52 24.73
N GLY J 400 7.21 25.82 24.52
CA GLY J 400 6.22 26.61 23.79
C GLY J 400 5.98 26.05 22.40
N ALA J 401 7.06 25.66 21.74
CA ALA J 401 6.99 25.11 20.40
C ALA J 401 6.10 23.88 20.34
N LYS J 402 6.15 23.04 21.37
CA LYS J 402 5.37 21.80 21.39
C LYS J 402 3.93 21.99 20.97
N LEU J 403 3.22 22.95 21.55
CA LEU J 403 1.85 23.17 21.12
C LEU J 403 1.80 23.55 19.60
N LEU J 404 2.77 24.35 19.15
CA LEU J 404 2.84 24.76 17.75
C LEU J 404 3.08 23.51 16.88
N TYR J 405 4.06 22.71 17.29
CA TYR J 405 4.40 21.51 16.56
C TYR J 405 3.19 20.63 16.45
N ALA J 406 2.42 20.52 17.52
CA ALA J 406 1.22 19.68 17.51
C ALA J 406 0.22 20.09 16.42
N TYR J 407 -0.13 21.37 16.36
CA TYR J 407 -1.08 21.87 15.36
C TYR J 407 -0.55 21.79 13.91
N GLY J 408 0.76 22.01 13.75
CA GLY J 408 1.38 21.93 12.44
C GLY J 408 1.23 20.51 11.89
N GLU J 409 1.64 19.56 12.72
CA GLU J 409 1.60 18.13 12.46
C GLU J 409 0.18 17.54 12.27
N ALA J 410 -0.75 17.96 13.12
CA ALA J 410 -2.14 17.47 13.06
C ALA J 410 -2.74 17.52 11.68
N THR J 411 -3.53 16.49 11.39
CA THR J 411 -4.24 16.38 10.12
C THR J 411 -5.74 16.05 10.28
N VAL J 412 -6.20 15.89 11.52
CA VAL J 412 -7.62 15.63 11.70
C VAL J 412 -8.29 16.93 11.27
N PRO J 413 -9.63 17.01 11.35
CA PRO J 413 -10.28 18.27 10.95
C PRO J 413 -10.07 19.35 12.04
N MET J 414 -9.63 20.53 11.63
CA MET J 414 -9.38 21.57 12.60
C MET J 414 -10.26 22.78 12.38
N VAL J 415 -11.11 23.06 13.37
CA VAL J 415 -11.97 24.23 13.35
C VAL J 415 -11.50 25.19 14.47
N THR J 416 -11.49 26.50 14.20
CA THR J 416 -11.05 27.50 15.18
C THR J 416 -12.02 28.67 15.26
N VAL J 417 -12.21 29.20 16.46
CA VAL J 417 -13.07 30.38 16.64
C VAL J 417 -12.33 31.28 17.61
N ILE J 418 -11.96 32.47 17.14
CA ILE J 418 -11.26 33.45 17.95
C ILE J 418 -12.32 34.33 18.52
N THR J 419 -12.44 34.33 19.86
CA THR J 419 -13.43 35.15 20.56
C THR J 419 -12.98 36.59 20.83
N ARG J 420 -11.70 36.80 21.10
CA ARG J 420 -11.21 38.15 21.35
C ARG J 420 -9.77 38.45 20.92
N LYS J 421 -8.81 38.17 21.79
CA LYS J 421 -7.41 38.45 21.48
C LYS J 421 -6.66 37.39 20.69
N ALA J 422 -5.90 37.80 19.69
CA ALA J 422 -5.10 36.84 18.94
C ALA J 422 -3.87 37.59 18.54
N TYR J 423 -2.89 37.72 19.46
CA TYR J 423 -1.72 38.52 19.15
C TYR J 423 -0.40 37.80 18.97
N GLY J 424 0.34 38.25 17.96
CA GLY J 424 1.64 37.68 17.67
C GLY J 424 1.84 36.17 17.58
N GLY J 425 3.01 35.71 18.01
CA GLY J 425 3.34 34.30 17.99
C GLY J 425 2.25 33.37 18.52
N ALA J 426 1.69 33.74 19.66
CA ALA J 426 0.62 32.91 20.20
C ALA J 426 -0.51 32.75 19.16
N TYR J 427 -0.86 33.84 18.47
CA TYR J 427 -1.92 33.82 17.46
C TYR J 427 -1.66 32.70 16.47
N VAL J 428 -0.44 32.67 16.00
CA VAL J 428 0.00 31.68 15.04
C VAL J 428 -0.15 30.27 15.63
N VAL J 429 0.40 30.08 16.83
CA VAL J 429 0.34 28.77 17.49
C VAL J 429 -1.05 28.19 17.66
N MET J 430 -1.99 29.01 18.09
CA MET J 430 -3.37 28.57 18.28
C MET J 430 -4.08 28.19 17.00
N SER J 431 -3.77 27.01 16.49
CA SER J 431 -4.42 26.49 15.30
C SER J 431 -4.69 27.57 14.24
N SER J 432 -3.67 28.33 13.89
CA SER J 432 -3.83 29.42 12.89
C SER J 432 -4.04 28.82 11.51
N LYS J 433 -4.42 29.63 10.53
CA LYS J 433 -4.64 29.11 9.18
C LYS J 433 -3.33 28.73 8.53
N HIS J 434 -2.25 29.20 9.13
CA HIS J 434 -0.92 28.92 8.61
C HIS J 434 -0.48 27.52 9.03
N LEU J 435 -1.23 26.93 9.97
CA LEU J 435 -0.94 25.59 10.49
C LEU J 435 -1.83 24.60 9.75
N ARG J 436 -2.49 25.19 8.77
CA ARG J 436 -3.41 24.56 7.85
C ARG J 436 -4.70 24.11 8.50
N ALA J 437 -5.23 24.92 9.39
CA ALA J 437 -6.49 24.58 10.01
C ALA J 437 -7.50 24.68 8.87
N ASP J 438 -8.66 24.06 9.06
CA ASP J 438 -9.67 24.12 8.03
C ASP J 438 -10.55 25.36 8.09
N PHE J 439 -11.19 25.61 9.23
CA PHE J 439 -12.04 26.79 9.34
C PHE J 439 -11.51 27.74 10.39
N ASN J 440 -11.26 28.98 9.97
CA ASN J 440 -10.78 29.99 10.89
C ASN J 440 -11.82 31.11 11.02
N TYR J 441 -12.75 30.87 11.92
CA TYR J 441 -13.86 31.77 12.24
C TYR J 441 -13.38 32.81 13.24
N ALA J 442 -14.12 33.91 13.32
CA ALA J 442 -13.82 34.98 14.25
C ALA J 442 -15.07 35.66 14.74
N TRP J 443 -15.07 36.09 16.00
CA TRP J 443 -16.20 36.82 16.56
C TRP J 443 -15.91 38.29 16.19
N PRO J 444 -16.96 39.14 16.12
CA PRO J 444 -16.65 40.53 15.77
C PRO J 444 -15.66 41.09 16.78
N THR J 445 -15.70 40.56 17.99
CA THR J 445 -14.80 41.03 19.02
C THR J 445 -13.35 40.53 18.88
N ALA J 446 -13.06 39.80 17.82
CA ALA J 446 -11.69 39.34 17.62
C ALA J 446 -10.77 40.51 17.33
N GLU J 447 -9.49 40.32 17.67
CA GLU J 447 -8.44 41.30 17.43
C GLU J 447 -7.19 40.53 17.11
N VAL J 448 -6.88 40.40 15.84
CA VAL J 448 -5.66 39.70 15.48
C VAL J 448 -4.60 40.71 15.00
N ALA J 449 -3.43 40.68 15.61
CA ALA J 449 -2.38 41.58 15.22
C ALA J 449 -1.01 41.20 15.79
N VAL J 450 0.00 41.77 15.15
CA VAL J 450 1.40 41.56 15.50
C VAL J 450 1.67 41.70 16.97
N MET J 451 1.04 42.70 17.58
CA MET J 451 1.13 42.96 19.02
C MET J 451 0.12 44.05 19.34
N GLY J 452 0.01 44.44 20.61
CA GLY J 452 -0.93 45.46 21.00
C GLY J 452 -0.64 46.81 20.38
N ALA J 453 -1.68 47.61 20.19
CA ALA J 453 -1.54 48.93 19.60
C ALA J 453 -0.41 49.74 20.25
N LYS J 454 -0.39 49.77 21.58
CA LYS J 454 0.64 50.50 22.30
C LYS J 454 2.04 50.09 21.85
N GLY J 455 2.48 48.91 22.25
CA GLY J 455 3.81 48.44 21.89
C GLY J 455 4.09 48.58 20.41
N ALA J 456 3.08 48.29 19.60
CA ALA J 456 3.23 48.39 18.16
C ALA J 456 3.63 49.80 17.79
N THR J 457 2.97 50.77 18.42
CA THR J 457 3.22 52.19 18.20
C THR J 457 4.61 52.66 18.62
N GLU J 458 5.07 52.19 19.77
CA GLU J 458 6.37 52.56 20.27
C GLU J 458 7.45 52.11 19.31
N ILE J 459 7.24 50.98 18.67
CA ILE J 459 8.22 50.49 17.71
C ILE J 459 8.10 51.26 16.39
N ILE J 460 6.93 51.22 15.76
CA ILE J 460 6.69 51.92 14.51
C ILE J 460 6.99 53.42 14.54
N HIS J 461 6.73 54.05 15.70
CA HIS J 461 6.95 55.48 15.84
C HIS J 461 7.90 55.87 16.97
N ARG J 462 9.21 55.76 16.74
CA ARG J 462 10.17 56.14 17.77
C ARG J 462 10.19 57.65 17.99
N GLY J 463 10.65 58.36 16.96
CA GLY J 463 10.71 59.81 17.03
C GLY J 463 9.31 60.37 17.10
N ASP J 464 8.67 60.17 18.23
CA ASP J 464 7.32 60.67 18.46
C ASP J 464 6.93 60.44 19.90
N LEU J 465 7.81 59.79 20.66
CA LEU J 465 7.57 59.51 22.07
C LEU J 465 7.66 60.77 22.95
N GLY J 466 8.57 61.67 22.59
CA GLY J 466 8.70 62.90 23.33
C GLY J 466 7.50 63.80 23.11
N ASP J 467 6.49 63.30 22.42
CA ASP J 467 5.28 64.07 22.15
C ASP J 467 4.06 63.25 22.57
N PRO J 468 3.91 62.97 23.88
CA PRO J 468 2.82 62.19 24.47
C PRO J 468 1.43 62.27 23.87
N GLU J 469 1.25 63.16 22.89
CA GLU J 469 -0.03 63.32 22.18
C GLU J 469 0.07 62.67 20.81
N LYS J 470 1.28 62.58 20.28
CA LYS J 470 1.52 61.93 19.00
C LYS J 470 1.33 60.45 19.25
N ILE J 471 2.04 59.93 20.24
CA ILE J 471 1.93 58.51 20.56
C ILE J 471 0.56 58.16 21.14
N ALA J 472 -0.09 59.12 21.79
CA ALA J 472 -1.40 58.87 22.35
C ALA J 472 -2.39 58.77 21.21
N GLN J 473 -2.04 59.41 20.09
CA GLN J 473 -2.85 59.42 18.90
C GLN J 473 -2.45 58.31 17.96
N HIS J 474 -1.15 58.02 17.89
CA HIS J 474 -0.66 56.97 17.03
C HIS J 474 -1.22 55.61 17.47
N THR J 475 -1.30 55.43 18.78
CA THR J 475 -1.83 54.21 19.32
C THR J 475 -3.30 54.15 19.01
N ALA J 476 -4.00 55.24 19.29
CA ALA J 476 -5.43 55.31 19.03
C ALA J 476 -5.77 54.97 17.59
N ASP J 477 -4.81 55.10 16.67
CA ASP J 477 -5.10 54.77 15.28
C ASP J 477 -4.84 53.31 15.08
N TYR J 478 -3.68 52.84 15.57
CA TYR J 478 -3.33 51.43 15.42
C TYR J 478 -4.49 50.64 15.97
N GLU J 479 -4.94 51.05 17.14
CA GLU J 479 -6.06 50.43 17.81
C GLU J 479 -7.25 50.41 16.84
N GLU J 480 -7.63 51.58 16.35
CA GLU J 480 -8.78 51.71 15.44
C GLU J 480 -8.66 51.05 14.09
N ARG J 481 -7.43 50.83 13.64
CA ARG J 481 -7.21 50.27 12.32
C ARG J 481 -6.78 48.82 12.26
N PHE J 482 -6.14 48.34 13.32
CA PHE J 482 -5.63 46.97 13.36
C PHE J 482 -6.14 45.99 14.38
N ALA J 483 -6.65 46.50 15.51
CA ALA J 483 -7.21 45.66 16.56
C ALA J 483 -8.66 45.27 16.21
N ASN J 484 -8.78 44.19 15.45
CA ASN J 484 -10.05 43.68 14.99
C ASN J 484 -9.78 42.43 14.14
N PRO J 485 -10.83 41.89 13.52
CA PRO J 485 -10.60 40.71 12.71
C PRO J 485 -10.58 40.99 11.21
N PHE J 486 -10.90 42.22 10.83
CA PHE J 486 -11.00 42.54 9.43
C PHE J 486 -9.76 42.65 8.55
N VAL J 487 -8.61 42.98 9.12
CA VAL J 487 -7.42 43.01 8.27
C VAL J 487 -7.04 41.56 7.95
N ALA J 488 -7.26 40.68 8.92
CA ALA J 488 -6.99 39.27 8.74
C ALA J 488 -7.96 38.73 7.72
N SER J 489 -9.16 39.30 7.70
CA SER J 489 -10.18 38.87 6.78
C SER J 489 -9.80 39.26 5.37
N GLU J 490 -9.36 40.48 5.17
CA GLU J 490 -9.00 40.89 3.82
C GLU J 490 -7.96 39.94 3.29
N ARG J 491 -7.13 39.43 4.19
CA ARG J 491 -6.07 38.50 3.79
C ARG J 491 -6.52 37.06 3.61
N GLY J 492 -7.65 36.68 4.18
CA GLY J 492 -8.12 35.32 4.02
C GLY J 492 -7.83 34.43 5.22
N PHE J 493 -7.01 34.93 6.14
CA PHE J 493 -6.64 34.18 7.34
C PHE J 493 -7.81 33.82 8.24
N VAL J 494 -8.90 34.56 8.13
CA VAL J 494 -10.08 34.25 8.91
C VAL J 494 -11.07 34.01 7.80
N ASP J 495 -11.61 32.79 7.72
CA ASP J 495 -12.54 32.44 6.66
C ASP J 495 -13.84 33.18 6.78
N GLU J 496 -14.14 33.59 8.00
CA GLU J 496 -15.33 34.38 8.25
C GLU J 496 -15.46 34.92 9.68
N VAL J 497 -16.24 35.99 9.79
CA VAL J 497 -16.54 36.63 11.05
C VAL J 497 -18.00 36.35 11.24
N ILE J 498 -18.28 35.71 12.37
CA ILE J 498 -19.61 35.29 12.70
C ILE J 498 -20.18 35.88 13.99
N GLN J 499 -21.51 35.85 14.06
CA GLN J 499 -22.31 36.32 15.18
C GLN J 499 -22.11 35.25 16.26
N PRO J 500 -21.65 35.66 17.44
CA PRO J 500 -21.43 34.70 18.52
C PRO J 500 -22.51 33.64 18.78
N ARG J 501 -23.78 34.04 18.72
CA ARG J 501 -24.88 33.12 19.00
C ARG J 501 -24.88 31.93 18.05
N SER J 502 -24.45 32.15 16.81
CA SER J 502 -24.47 31.06 15.83
C SER J 502 -23.32 30.04 15.86
N THR J 503 -22.27 30.34 16.61
CA THR J 503 -21.11 29.47 16.72
C THR J 503 -21.43 27.97 16.68
N ARG J 504 -22.33 27.54 17.57
CA ARG J 504 -22.70 26.12 17.61
C ARG J 504 -23.12 25.65 16.22
N LYS J 505 -23.93 26.47 15.53
CA LYS J 505 -24.35 26.06 14.22
C LYS J 505 -23.20 26.06 13.21
N ARG J 506 -22.38 27.11 13.21
CA ARG J 506 -21.24 27.23 12.28
C ARG J 506 -20.25 26.09 12.36
N VAL J 507 -19.80 25.84 13.61
CA VAL J 507 -18.85 24.79 13.96
C VAL J 507 -19.33 23.39 13.65
N ALA J 508 -20.51 23.04 14.14
CA ALA J 508 -21.06 21.73 13.91
C ALA J 508 -21.06 21.34 12.43
N ARG J 509 -21.64 22.19 11.58
CA ARG J 509 -21.67 21.84 10.18
C ARG J 509 -20.29 21.97 9.58
N ALA J 510 -19.46 22.84 10.11
CA ALA J 510 -18.13 22.92 9.54
C ALA J 510 -17.45 21.55 9.67
N PHE J 511 -17.60 20.92 10.82
CA PHE J 511 -16.98 19.62 11.05
C PHE J 511 -17.63 18.62 10.15
N ALA J 512 -18.95 18.66 10.07
CA ALA J 512 -19.72 17.72 9.24
C ALA J 512 -19.15 17.58 7.86
N SER J 513 -18.85 18.72 7.25
CA SER J 513 -18.29 18.78 5.91
C SER J 513 -16.84 18.27 5.88
N LEU J 514 -16.24 18.10 7.04
CA LEU J 514 -14.86 17.65 7.11
C LEU J 514 -14.67 16.19 7.46
N ARG J 515 -15.78 15.46 7.58
CA ARG J 515 -15.71 14.06 7.97
C ARG J 515 -14.90 13.27 7.01
N ASN J 516 -14.81 13.75 5.78
CA ASN J 516 -14.06 13.02 4.78
C ASN J 516 -12.65 13.52 4.63
N LYS J 517 -12.28 14.56 5.36
CA LYS J 517 -10.95 15.11 5.21
C LYS J 517 -9.90 14.05 5.19
N SER J 518 -8.91 14.22 4.31
CA SER J 518 -7.80 13.31 4.18
C SER J 518 -6.57 14.09 3.74
N VAL J 519 -5.56 14.14 4.59
CA VAL J 519 -4.41 14.91 4.26
C VAL J 519 -3.19 14.13 4.57
N GLN J 520 -2.18 14.25 3.71
CA GLN J 520 -0.94 13.49 3.91
C GLN J 520 0.28 14.29 4.37
N MET J 521 0.92 13.80 5.42
CA MET J 521 2.15 14.39 5.89
C MET J 521 3.23 13.59 5.11
N PRO J 522 4.44 14.15 4.95
CA PRO J 522 5.57 13.55 4.23
C PRO J 522 5.95 12.27 4.91
N TRP J 523 6.44 11.27 4.16
CA TRP J 523 6.81 10.03 4.82
C TRP J 523 8.04 10.18 5.70
N LYS J 524 7.97 9.55 6.88
CA LYS J 524 9.06 9.56 7.84
C LYS J 524 8.92 8.44 8.87
N LYS J 525 10.02 7.96 9.45
CA LYS J 525 9.92 6.92 10.47
C LYS J 525 9.08 7.52 11.58
N HIS J 526 9.47 8.68 12.07
CA HIS J 526 8.70 9.39 13.08
C HIS J 526 9.15 10.87 13.18
N ASP J 527 8.39 11.68 13.91
CA ASP J 527 8.69 13.11 14.04
C ASP J 527 9.91 13.29 14.93
N ASN J 528 10.32 14.56 15.14
CA ASN J 528 11.44 14.88 16.04
C ASN J 528 11.08 15.99 17.04
N ILE J 529 9.79 16.16 17.30
CA ILE J 529 9.32 17.20 18.20
C ILE J 529 10.27 17.48 19.36
N PRO J 530 10.36 18.76 19.76
CA PRO J 530 11.22 19.20 20.86
C PRO J 530 10.75 18.52 22.15
N LEU J 531 11.71 18.16 23.01
CA LEU J 531 11.40 17.48 24.26
C LEU J 531 11.61 18.32 25.50
N PHE K 2 -68.85 -23.75 -43.49
CA PHE K 2 -68.15 -22.79 -42.60
C PHE K 2 -66.77 -23.33 -42.20
N ASN K 3 -65.70 -22.68 -42.67
CA ASN K 3 -64.34 -23.10 -42.35
C ASN K 3 -63.30 -22.12 -42.88
N LYS K 4 -62.31 -22.63 -43.61
CA LYS K 4 -61.24 -21.80 -44.15
C LYS K 4 -61.74 -20.63 -45.00
N ILE K 5 -61.94 -19.47 -44.36
CA ILE K 5 -62.41 -18.25 -45.03
C ILE K 5 -61.29 -17.22 -45.10
N LEU K 6 -60.96 -16.76 -46.30
CA LEU K 6 -59.90 -15.79 -46.45
C LEU K 6 -60.41 -14.37 -46.25
N ILE K 7 -59.47 -13.42 -46.20
CA ILE K 7 -59.77 -11.99 -46.04
C ILE K 7 -59.02 -11.26 -47.15
N ALA K 8 -59.73 -10.46 -47.92
CA ALA K 8 -59.12 -9.73 -49.02
C ALA K 8 -58.55 -8.39 -48.56
N ASN K 9 -58.76 -8.08 -47.29
CA ASN K 9 -58.30 -6.82 -46.72
C ASN K 9 -57.12 -6.95 -45.74
N ARG K 10 -56.92 -5.91 -44.92
CA ARG K 10 -55.84 -5.87 -43.93
C ARG K 10 -56.20 -4.97 -42.75
N GLY K 11 -55.24 -4.12 -42.39
CA GLY K 11 -55.43 -3.18 -41.30
C GLY K 11 -56.26 -3.62 -40.12
N GLU K 12 -56.99 -2.64 -39.57
CA GLU K 12 -57.85 -2.87 -38.43
C GLU K 12 -59.01 -3.75 -38.83
N ILE K 13 -59.60 -3.44 -39.99
CA ILE K 13 -60.74 -4.18 -40.48
C ILE K 13 -60.48 -5.68 -40.56
N ALA K 14 -59.32 -6.05 -41.10
CA ALA K 14 -58.96 -7.45 -41.23
C ALA K 14 -59.10 -8.11 -39.88
N CYS K 15 -58.48 -7.52 -38.88
CA CYS K 15 -58.54 -8.06 -37.53
C CYS K 15 -60.01 -8.09 -37.13
N ARG K 16 -60.73 -7.01 -37.46
CA ARG K 16 -62.15 -6.89 -37.14
C ARG K 16 -62.92 -8.13 -37.52
N VAL K 17 -62.72 -8.58 -38.76
CA VAL K 17 -63.41 -9.78 -39.25
C VAL K 17 -62.80 -11.06 -38.62
N ILE K 18 -61.48 -11.20 -38.74
CA ILE K 18 -60.76 -12.34 -38.20
C ILE K 18 -61.16 -12.63 -36.76
N LYS K 19 -61.17 -11.58 -35.94
CA LYS K 19 -61.55 -11.72 -34.54
C LYS K 19 -62.98 -12.28 -34.39
N THR K 20 -63.79 -12.16 -35.43
CA THR K 20 -65.16 -12.66 -35.41
C THR K 20 -65.19 -14.10 -35.94
N ALA K 21 -64.59 -14.32 -37.11
CA ALA K 21 -64.55 -15.64 -37.72
C ALA K 21 -64.14 -16.69 -36.69
N ARG K 22 -62.94 -16.54 -36.16
CA ARG K 22 -62.40 -17.47 -35.19
C ARG K 22 -63.21 -17.52 -33.88
N LYS K 23 -64.02 -16.51 -33.61
CA LYS K 23 -64.81 -16.52 -32.37
C LYS K 23 -65.95 -17.51 -32.53
N MET K 24 -66.22 -17.87 -33.78
CA MET K 24 -67.27 -18.83 -34.12
C MET K 24 -66.59 -20.05 -34.74
N GLY K 25 -65.44 -20.41 -34.17
CA GLY K 25 -64.69 -21.55 -34.66
C GLY K 25 -64.75 -21.63 -36.16
N ILE K 26 -63.98 -20.78 -36.83
CA ILE K 26 -63.94 -20.75 -38.29
C ILE K 26 -62.47 -20.58 -38.74
N SER K 27 -61.92 -21.61 -39.40
CA SER K 27 -60.53 -21.57 -39.89
C SER K 27 -60.19 -20.25 -40.57
N THR K 28 -59.50 -19.37 -39.84
CA THR K 28 -59.15 -18.07 -40.38
C THR K 28 -57.93 -18.13 -41.31
N VAL K 29 -57.89 -17.22 -42.27
CA VAL K 29 -56.79 -17.14 -43.23
C VAL K 29 -56.62 -15.68 -43.63
N ALA K 30 -55.39 -15.30 -43.98
CA ALA K 30 -55.11 -13.91 -44.36
C ALA K 30 -54.13 -13.81 -45.52
N ILE K 31 -53.93 -12.59 -45.99
CA ILE K 31 -52.99 -12.32 -47.07
C ILE K 31 -52.21 -11.11 -46.60
N TYR K 32 -51.13 -10.75 -47.28
CA TYR K 32 -50.35 -9.59 -46.87
C TYR K 32 -49.25 -9.21 -47.87
N SER K 33 -49.05 -7.91 -48.08
CA SER K 33 -48.02 -7.49 -49.01
C SER K 33 -46.68 -7.70 -48.33
N ASP K 34 -45.65 -7.02 -48.83
CA ASP K 34 -44.31 -7.12 -48.25
C ASP K 34 -44.24 -6.26 -46.99
N ALA K 35 -44.46 -4.95 -47.15
CA ALA K 35 -44.44 -4.01 -46.04
C ALA K 35 -45.67 -4.24 -45.17
N ASP K 36 -45.94 -5.51 -44.85
CA ASP K 36 -47.11 -5.90 -44.08
C ASP K 36 -46.94 -7.31 -43.52
N LYS K 37 -45.69 -7.78 -43.46
CA LYS K 37 -45.40 -9.11 -42.93
C LYS K 37 -45.60 -9.07 -41.41
N GLN K 38 -45.44 -7.85 -40.86
CA GLN K 38 -45.59 -7.57 -39.44
C GLN K 38 -47.05 -7.49 -39.01
N ALA K 39 -47.80 -6.62 -39.71
CA ALA K 39 -49.22 -6.36 -39.49
C ALA K 39 -49.93 -7.35 -38.55
N LEU K 40 -50.67 -6.77 -37.62
CA LEU K 40 -51.40 -7.52 -36.61
C LEU K 40 -52.41 -8.53 -37.15
N HIS K 41 -52.96 -8.26 -38.33
CA HIS K 41 -53.94 -9.19 -38.88
C HIS K 41 -53.25 -10.46 -39.30
N VAL K 42 -52.05 -10.31 -39.88
CA VAL K 42 -51.25 -11.45 -40.33
C VAL K 42 -51.22 -12.47 -39.20
N GLN K 43 -50.64 -12.06 -38.09
CA GLN K 43 -50.52 -12.94 -36.94
C GLN K 43 -51.84 -13.40 -36.30
N MET K 44 -52.93 -12.68 -36.53
CA MET K 44 -54.22 -13.05 -35.93
C MET K 44 -54.90 -14.24 -36.61
N ALA K 45 -54.56 -14.43 -37.88
CA ALA K 45 -55.13 -15.51 -38.68
C ALA K 45 -54.43 -16.86 -38.47
N ASP K 46 -55.13 -17.95 -38.79
CA ASP K 46 -54.58 -19.31 -38.65
C ASP K 46 -53.70 -19.65 -39.84
N GLU K 47 -53.61 -18.74 -40.80
CA GLU K 47 -52.79 -18.93 -41.99
C GLU K 47 -52.51 -17.57 -42.58
N ALA K 48 -51.64 -17.52 -43.59
CA ALA K 48 -51.32 -16.26 -44.23
C ALA K 48 -50.50 -16.54 -45.45
N VAL K 49 -50.74 -15.78 -46.51
CA VAL K 49 -50.02 -15.94 -47.78
C VAL K 49 -49.56 -14.60 -48.31
N HIS K 50 -48.32 -14.53 -48.80
CA HIS K 50 -47.81 -13.28 -49.35
C HIS K 50 -48.76 -12.94 -50.50
N ILE K 51 -48.60 -11.77 -51.09
CA ILE K 51 -49.42 -11.36 -52.22
C ILE K 51 -48.69 -10.29 -53.04
N GLY K 52 -47.37 -10.31 -52.98
CA GLY K 52 -46.60 -9.35 -53.76
C GLY K 52 -46.08 -8.21 -52.92
N PRO K 53 -45.71 -7.08 -53.57
CA PRO K 53 -45.16 -5.83 -53.01
C PRO K 53 -46.09 -5.00 -52.10
N PRO K 54 -45.56 -3.90 -51.54
CA PRO K 54 -46.38 -3.07 -50.66
C PRO K 54 -47.61 -2.39 -51.31
N PRO K 55 -47.49 -1.82 -52.53
CA PRO K 55 -48.69 -1.21 -53.12
C PRO K 55 -49.76 -2.27 -53.37
N ALA K 56 -51.01 -1.96 -53.03
CA ALA K 56 -52.12 -2.90 -53.20
C ALA K 56 -52.50 -3.08 -54.67
N ASN K 57 -52.13 -2.10 -55.49
CA ASN K 57 -52.40 -2.17 -56.91
C ASN K 57 -51.41 -3.21 -57.46
N GLN K 58 -50.88 -4.04 -56.56
CA GLN K 58 -49.91 -5.07 -56.89
C GLN K 58 -49.93 -6.18 -55.86
N SER K 59 -50.89 -6.14 -54.95
CA SER K 59 -50.95 -7.15 -53.90
C SER K 59 -52.33 -7.38 -53.29
N TYR K 60 -53.02 -6.30 -52.92
CA TYR K 60 -54.36 -6.40 -52.31
C TYR K 60 -55.53 -6.25 -53.30
N ILE K 61 -55.29 -5.58 -54.41
CA ILE K 61 -56.33 -5.41 -55.42
C ILE K 61 -56.21 -6.51 -56.47
N VAL K 62 -54.97 -6.88 -56.85
CA VAL K 62 -54.70 -7.92 -57.87
C VAL K 62 -55.53 -9.18 -57.61
N ILE K 63 -56.55 -9.38 -58.44
CA ILE K 63 -57.48 -10.50 -58.30
C ILE K 63 -56.87 -11.87 -58.59
N ASP K 64 -55.85 -11.89 -59.44
CA ASP K 64 -55.16 -13.12 -59.78
C ASP K 64 -54.48 -13.56 -58.48
N LYS K 65 -53.65 -12.67 -57.96
CA LYS K 65 -52.92 -12.89 -56.72
C LYS K 65 -53.85 -13.48 -55.67
N VAL K 66 -54.83 -12.68 -55.28
CA VAL K 66 -55.81 -13.07 -54.27
C VAL K 66 -56.30 -14.50 -54.53
N MET K 67 -57.00 -14.66 -55.65
CA MET K 67 -57.56 -15.93 -56.08
C MET K 67 -56.58 -17.09 -55.88
N ALA K 68 -55.44 -17.01 -56.57
CA ALA K 68 -54.40 -18.03 -56.48
C ALA K 68 -54.29 -18.52 -55.04
N ALA K 69 -54.37 -17.57 -54.10
CA ALA K 69 -54.26 -17.83 -52.67
C ALA K 69 -55.55 -18.38 -52.08
N ILE K 70 -56.67 -17.85 -52.53
CA ILE K 70 -57.98 -18.25 -52.03
C ILE K 70 -58.18 -19.74 -52.22
N ARG K 71 -57.64 -20.26 -53.31
CA ARG K 71 -57.73 -21.67 -53.58
C ARG K 71 -56.49 -22.28 -52.91
N ALA K 72 -55.36 -21.60 -53.06
CA ALA K 72 -54.10 -22.06 -52.47
C ALA K 72 -54.32 -22.45 -51.02
N THR K 73 -55.30 -21.82 -50.37
CA THR K 73 -55.60 -22.11 -48.97
C THR K 73 -57.00 -22.70 -48.87
N GLY K 74 -57.66 -22.85 -50.02
CA GLY K 74 -58.99 -23.41 -50.06
C GLY K 74 -60.03 -22.48 -49.47
N ALA K 75 -60.83 -21.84 -50.33
CA ALA K 75 -61.86 -20.92 -49.90
C ALA K 75 -63.02 -21.58 -49.13
N GLN K 76 -64.15 -20.86 -49.04
CA GLN K 76 -65.35 -21.31 -48.32
C GLN K 76 -66.20 -20.07 -48.03
N ALA K 77 -65.56 -18.91 -48.08
CA ALA K 77 -66.22 -17.64 -47.84
C ALA K 77 -65.18 -16.56 -47.64
N VAL K 78 -64.80 -15.88 -48.71
CA VAL K 78 -63.82 -14.81 -48.61
C VAL K 78 -64.57 -13.54 -48.17
N HIS K 79 -63.89 -12.65 -47.45
CA HIS K 79 -64.50 -11.40 -47.02
C HIS K 79 -63.62 -10.26 -47.51
N PRO K 80 -64.23 -9.18 -48.04
CA PRO K 80 -63.43 -8.06 -48.56
C PRO K 80 -63.25 -6.90 -47.60
N GLY K 81 -63.86 -6.98 -46.44
CA GLY K 81 -63.75 -5.91 -45.48
C GLY K 81 -64.42 -4.70 -46.10
N TYR K 82 -63.63 -3.82 -46.70
CA TYR K 82 -64.18 -2.65 -47.36
C TYR K 82 -63.13 -1.85 -48.10
N GLY K 83 -63.56 -0.79 -48.77
CA GLY K 83 -62.63 0.07 -49.50
C GLY K 83 -61.63 -0.56 -50.46
N PHE K 84 -61.75 -1.87 -50.72
CA PHE K 84 -60.82 -2.52 -51.65
C PHE K 84 -61.60 -3.20 -52.79
N LEU K 85 -61.76 -4.51 -52.70
CA LEU K 85 -62.50 -5.25 -53.70
C LEU K 85 -63.87 -5.57 -53.13
N SER K 86 -64.22 -4.86 -52.05
CA SER K 86 -65.52 -5.04 -51.41
C SER K 86 -66.64 -4.68 -52.39
N GLU K 87 -66.28 -3.89 -53.41
CA GLU K 87 -67.22 -3.46 -54.43
C GLU K 87 -66.55 -3.35 -55.80
N ASN K 88 -66.01 -4.46 -56.29
CA ASN K 88 -65.39 -4.51 -57.62
C ASN K 88 -65.82 -5.82 -58.27
N SER K 89 -66.91 -5.74 -59.05
CA SER K 89 -67.50 -6.86 -59.75
C SER K 89 -66.53 -7.92 -60.27
N LYS K 90 -65.48 -7.51 -60.99
CA LYS K 90 -64.51 -8.46 -61.51
C LYS K 90 -64.19 -9.55 -60.48
N PHE K 91 -63.82 -9.13 -59.27
CA PHE K 91 -63.51 -10.03 -58.17
C PHE K 91 -64.76 -10.79 -57.72
N ALA K 92 -65.92 -10.09 -57.74
CA ALA K 92 -67.21 -10.66 -57.32
C ALA K 92 -67.65 -11.89 -58.12
N GLU K 93 -67.32 -11.89 -59.41
CA GLU K 93 -67.67 -12.99 -60.32
C GLU K 93 -66.65 -14.12 -60.25
N ALA K 94 -65.37 -13.74 -60.26
CA ALA K 94 -64.30 -14.71 -60.19
C ALA K 94 -64.51 -15.63 -59.00
N LEU K 95 -65.16 -15.13 -57.96
CA LEU K 95 -65.44 -15.92 -56.75
C LEU K 95 -66.53 -16.94 -57.00
N GLU K 96 -67.60 -16.51 -57.67
CA GLU K 96 -68.72 -17.40 -57.99
C GLU K 96 -68.23 -18.44 -58.99
N ALA K 97 -67.24 -18.03 -59.79
CA ALA K 97 -66.62 -18.90 -60.77
C ALA K 97 -65.80 -19.96 -60.00
N GLU K 98 -66.05 -20.05 -58.69
CA GLU K 98 -65.35 -20.99 -57.81
C GLU K 98 -66.26 -21.53 -56.71
N GLY K 99 -67.23 -20.72 -56.29
CA GLY K 99 -68.14 -21.14 -55.24
C GLY K 99 -67.79 -20.42 -53.93
N VAL K 100 -66.77 -19.57 -53.97
CA VAL K 100 -66.32 -18.81 -52.80
C VAL K 100 -67.35 -17.73 -52.49
N ILE K 101 -68.19 -17.98 -51.49
CA ILE K 101 -69.24 -17.03 -51.11
C ILE K 101 -68.75 -15.63 -50.69
N PHE K 102 -68.68 -14.71 -51.65
CA PHE K 102 -68.27 -13.32 -51.35
C PHE K 102 -69.28 -12.77 -50.34
N VAL K 103 -69.01 -12.96 -49.05
CA VAL K 103 -69.91 -12.48 -48.00
C VAL K 103 -70.13 -10.97 -48.12
N GLY K 104 -71.34 -10.59 -48.53
CA GLY K 104 -71.67 -9.19 -48.70
C GLY K 104 -72.86 -9.00 -49.62
N PRO K 105 -72.77 -8.10 -50.61
CA PRO K 105 -73.88 -7.86 -51.54
C PRO K 105 -73.60 -8.52 -52.90
N PRO K 106 -74.67 -8.88 -53.64
CA PRO K 106 -74.58 -9.52 -54.98
C PRO K 106 -74.07 -8.53 -56.03
N LYS K 107 -73.06 -8.96 -56.78
CA LYS K 107 -72.45 -8.09 -57.79
C LYS K 107 -73.42 -7.24 -58.59
N GLY K 108 -74.71 -7.60 -58.51
CA GLY K 108 -75.72 -6.85 -59.23
C GLY K 108 -76.05 -5.58 -58.47
N ALA K 109 -76.65 -5.75 -57.30
CA ALA K 109 -77.02 -4.64 -56.44
C ALA K 109 -75.84 -3.66 -56.26
N ILE K 110 -74.62 -4.20 -56.32
CA ILE K 110 -73.41 -3.39 -56.18
C ILE K 110 -73.29 -2.38 -57.31
N GLU K 111 -73.42 -2.84 -58.56
CA GLU K 111 -73.33 -1.94 -59.70
C GLU K 111 -74.58 -1.08 -59.76
N ALA K 112 -75.64 -1.55 -59.10
CA ALA K 112 -76.92 -0.83 -59.04
C ALA K 112 -76.71 0.53 -58.40
N MET K 113 -76.36 0.51 -57.10
CA MET K 113 -76.14 1.74 -56.35
C MET K 113 -74.73 2.27 -56.61
N GLY K 114 -74.10 1.80 -57.67
CA GLY K 114 -72.76 2.25 -58.01
C GLY K 114 -72.80 3.53 -58.83
N ASP K 115 -73.85 3.66 -59.64
CA ASP K 115 -74.05 4.85 -60.49
C ASP K 115 -75.15 5.74 -59.91
N LYS K 116 -74.83 7.03 -59.76
CA LYS K 116 -75.77 8.01 -59.21
C LYS K 116 -77.14 7.98 -59.85
N ILE K 117 -77.18 8.25 -61.16
CA ILE K 117 -78.40 8.27 -61.95
C ILE K 117 -79.33 7.09 -61.66
N THR K 118 -78.80 5.89 -61.89
CA THR K 118 -79.55 4.65 -61.67
C THR K 118 -80.17 4.64 -60.27
N SER K 119 -79.32 4.88 -59.27
CA SER K 119 -79.74 4.90 -57.85
C SER K 119 -80.91 5.84 -57.63
N LYS K 120 -80.80 7.04 -58.19
CA LYS K 120 -81.84 8.07 -58.09
C LYS K 120 -83.19 7.42 -58.38
N LYS K 121 -83.29 6.76 -59.53
CA LYS K 121 -84.53 6.13 -59.92
C LYS K 121 -84.91 4.98 -58.98
N ILE K 122 -84.00 4.03 -58.79
CA ILE K 122 -84.26 2.86 -57.94
C ILE K 122 -84.82 3.18 -56.55
N ALA K 123 -84.76 4.45 -56.15
CA ALA K 123 -85.29 4.88 -54.87
C ALA K 123 -86.65 5.52 -55.07
N GLN K 124 -86.82 6.16 -56.22
CA GLN K 124 -88.06 6.84 -56.57
C GLN K 124 -89.26 5.94 -56.38
N GLU K 125 -89.50 5.06 -57.34
CA GLU K 125 -90.65 4.14 -57.27
C GLU K 125 -90.59 3.35 -55.97
N ALA K 126 -89.38 3.18 -55.45
CA ALA K 126 -89.20 2.46 -54.20
C ALA K 126 -89.80 3.33 -53.11
N ASN K 127 -90.37 4.45 -53.54
CA ASN K 127 -90.99 5.46 -52.69
C ASN K 127 -90.03 5.97 -51.62
N VAL K 128 -88.77 6.10 -51.99
CA VAL K 128 -87.74 6.58 -51.09
C VAL K 128 -87.58 8.09 -51.19
N SER K 129 -87.76 8.78 -50.07
CA SER K 129 -87.64 10.21 -50.02
C SER K 129 -86.39 10.65 -50.77
N THR K 130 -86.39 11.87 -51.27
CA THR K 130 -85.25 12.39 -51.99
C THR K 130 -85.37 13.90 -52.06
N VAL K 131 -84.24 14.59 -52.03
CA VAL K 131 -84.26 16.03 -52.08
C VAL K 131 -85.09 16.44 -53.27
N PRO K 132 -86.27 17.01 -52.97
CA PRO K 132 -87.28 17.51 -53.92
C PRO K 132 -86.83 18.73 -54.71
N GLY K 133 -87.38 18.86 -55.92
CA GLY K 133 -87.05 19.99 -56.76
C GLY K 133 -87.85 19.98 -58.04
N TYR K 134 -87.81 21.10 -58.75
CA TYR K 134 -88.52 21.22 -60.00
C TYR K 134 -87.65 21.81 -61.10
N MET K 135 -87.49 21.05 -62.17
CA MET K 135 -86.72 21.48 -63.33
C MET K 135 -87.67 21.53 -64.50
N GLY K 136 -87.94 22.74 -64.97
CA GLY K 136 -88.85 22.90 -66.09
C GLY K 136 -89.22 24.35 -66.26
N LEU K 137 -90.26 24.60 -67.05
CA LEU K 137 -90.70 25.96 -67.30
C LEU K 137 -91.97 26.31 -66.53
N ILE K 138 -91.90 27.41 -65.78
CA ILE K 138 -93.04 27.87 -64.98
C ILE K 138 -93.76 28.99 -65.74
N GLU K 139 -95.08 28.86 -65.88
CA GLU K 139 -95.84 29.88 -66.58
C GLU K 139 -95.70 31.21 -65.85
N ASP K 140 -96.46 31.37 -64.76
CA ASP K 140 -96.44 32.61 -63.98
C ASP K 140 -95.94 32.45 -62.54
N ALA K 141 -95.88 33.58 -61.84
CA ALA K 141 -95.46 33.61 -60.45
C ALA K 141 -96.41 32.74 -59.60
N ASP K 142 -97.66 32.63 -60.03
CA ASP K 142 -98.63 31.82 -59.29
C ASP K 142 -98.27 30.35 -59.29
N GLU K 143 -97.73 29.86 -60.40
CA GLU K 143 -97.34 28.46 -60.45
C GLU K 143 -96.01 28.31 -59.73
N ALA K 144 -95.21 29.37 -59.75
CA ALA K 144 -93.92 29.36 -59.08
C ALA K 144 -94.25 28.96 -57.65
N VAL K 145 -95.00 29.84 -56.98
CA VAL K 145 -95.44 29.64 -55.60
C VAL K 145 -96.17 28.31 -55.38
N LYS K 146 -97.01 27.95 -56.33
CA LYS K 146 -97.77 26.71 -56.26
C LYS K 146 -96.83 25.49 -56.10
N ILE K 147 -95.70 25.52 -56.82
CA ILE K 147 -94.71 24.43 -56.77
C ILE K 147 -93.87 24.56 -55.51
N SER K 148 -93.39 25.78 -55.25
CA SER K 148 -92.56 26.04 -54.09
C SER K 148 -93.29 25.49 -52.89
N ASN K 149 -94.51 25.98 -52.65
CA ASN K 149 -95.28 25.50 -51.52
C ASN K 149 -95.48 24.00 -51.58
N GLN K 150 -95.54 23.50 -52.81
CA GLN K 150 -95.72 22.08 -53.02
C GLN K 150 -94.43 21.38 -52.59
N ILE K 151 -93.30 22.08 -52.72
CA ILE K 151 -91.98 21.54 -52.34
C ILE K 151 -91.77 21.65 -50.84
N GLY K 152 -92.12 22.82 -50.31
CA GLY K 152 -91.95 23.07 -48.89
C GLY K 152 -90.77 24.00 -48.73
N TYR K 153 -91.05 25.27 -48.45
CA TYR K 153 -89.99 26.23 -48.27
C TYR K 153 -89.15 25.78 -47.06
N PRO K 154 -87.91 26.25 -46.95
CA PRO K 154 -87.33 27.17 -47.93
C PRO K 154 -86.91 26.45 -49.20
N VAL K 155 -86.84 27.21 -50.29
CA VAL K 155 -86.42 26.70 -51.58
C VAL K 155 -85.54 27.77 -52.24
N MET K 156 -84.84 27.39 -53.29
CA MET K 156 -83.97 28.32 -54.00
C MET K 156 -84.43 28.30 -55.46
N ILE K 157 -84.98 29.41 -55.93
CA ILE K 157 -85.43 29.49 -57.32
C ILE K 157 -84.30 30.00 -58.20
N LYS K 158 -83.88 29.16 -59.14
CA LYS K 158 -82.78 29.54 -60.02
C LYS K 158 -83.17 29.30 -61.47
N ALA K 159 -82.74 30.20 -62.34
CA ALA K 159 -82.99 30.05 -63.76
C ALA K 159 -82.08 28.86 -64.14
N SER K 160 -82.58 27.88 -64.90
CA SER K 160 -81.80 26.68 -65.27
C SER K 160 -80.49 26.89 -66.05
N ALA K 161 -80.38 28.05 -66.71
CA ALA K 161 -79.19 28.41 -67.48
C ALA K 161 -78.29 29.37 -66.67
N MET K 168 -78.29 29.91 -55.28
CA MET K 168 -77.66 30.55 -54.14
C MET K 168 -78.40 31.84 -53.73
N ARG K 169 -79.52 31.65 -53.06
CA ARG K 169 -80.38 32.73 -52.58
C ARG K 169 -81.65 31.99 -52.14
N ILE K 170 -81.93 31.98 -50.85
CA ILE K 170 -83.08 31.24 -50.35
C ILE K 170 -84.38 32.03 -50.38
N ALA K 171 -85.47 31.30 -50.48
CA ALA K 171 -86.81 31.87 -50.50
C ALA K 171 -87.48 31.27 -49.28
N TRP K 172 -87.93 32.12 -48.36
CA TRP K 172 -88.55 31.65 -47.14
C TRP K 172 -90.08 31.71 -47.11
N ASN K 173 -90.64 32.54 -47.98
CA ASN K 173 -92.10 32.69 -48.06
C ASN K 173 -92.46 32.85 -49.53
N ASP K 174 -93.69 32.48 -49.91
CA ASP K 174 -94.08 32.61 -51.30
C ASP K 174 -94.07 34.08 -51.75
N GLN K 175 -94.07 35.01 -50.79
CA GLN K 175 -94.00 36.45 -51.11
C GLN K 175 -92.57 36.73 -51.54
N GLU K 176 -91.69 35.79 -51.22
CA GLU K 176 -90.27 35.87 -51.56
C GLU K 176 -90.01 35.03 -52.81
N ALA K 177 -90.73 33.91 -52.91
CA ALA K 177 -90.59 33.04 -54.07
C ALA K 177 -90.98 33.88 -55.30
N ARG K 178 -91.90 34.83 -55.11
CA ARG K 178 -92.35 35.70 -56.18
C ARG K 178 -91.19 36.40 -56.89
N GLU K 179 -90.40 37.14 -56.10
CA GLU K 179 -89.25 37.89 -56.60
C GLU K 179 -88.12 36.99 -57.08
N GLY K 180 -88.01 35.81 -56.45
CA GLY K 180 -87.00 34.85 -56.87
C GLY K 180 -87.35 34.42 -58.28
N PHE K 181 -88.64 34.18 -58.51
CA PHE K 181 -89.16 33.77 -59.82
C PHE K 181 -89.04 34.83 -60.93
N GLN K 182 -89.46 36.05 -60.62
CA GLN K 182 -89.41 37.15 -61.58
C GLN K 182 -88.00 37.30 -62.14
N SER K 183 -87.04 37.44 -61.24
CA SER K 183 -85.64 37.60 -61.61
C SER K 183 -85.19 36.36 -62.36
N SER K 184 -85.68 35.20 -61.94
CA SER K 184 -85.31 33.96 -62.60
C SER K 184 -85.70 33.90 -64.08
N LYS K 185 -86.89 34.41 -64.43
CA LYS K 185 -87.31 34.40 -65.84
C LYS K 185 -86.27 35.10 -66.75
N ASN K 186 -85.18 35.58 -66.14
CA ASN K 186 -84.10 36.25 -66.85
C ASN K 186 -82.76 35.59 -66.56
N ASP K 195 -85.75 28.44 -71.92
CA ASP K 195 -86.10 29.27 -70.77
C ASP K 195 -86.69 28.45 -69.63
N ARG K 196 -85.84 27.59 -69.06
CA ARG K 196 -86.20 26.71 -67.94
C ARG K 196 -85.83 27.25 -66.57
N ILE K 197 -86.71 27.02 -65.61
CA ILE K 197 -86.47 27.45 -64.24
C ILE K 197 -86.33 26.22 -63.33
N PHE K 198 -85.58 26.40 -62.24
CA PHE K 198 -85.33 25.34 -61.27
C PHE K 198 -85.68 25.80 -59.84
N ILE K 199 -86.49 24.97 -59.17
CA ILE K 199 -86.90 25.23 -57.78
C ILE K 199 -86.39 24.04 -56.97
N GLU K 200 -85.38 24.32 -56.16
CA GLU K 200 -84.70 23.34 -55.32
C GLU K 200 -85.09 23.48 -53.85
N LYS K 201 -85.26 22.36 -53.16
CA LYS K 201 -85.58 22.40 -51.73
C LYS K 201 -84.27 22.68 -50.96
N PHE K 202 -84.23 23.79 -50.21
CA PHE K 202 -83.03 24.13 -49.45
C PHE K 202 -83.03 23.42 -48.12
N VAL K 203 -81.91 22.81 -47.74
CA VAL K 203 -81.88 22.11 -46.48
C VAL K 203 -81.43 22.93 -45.26
N THR K 204 -82.40 23.18 -44.37
CA THR K 204 -82.23 23.94 -43.14
C THR K 204 -80.88 23.74 -42.44
N GLN K 205 -80.69 22.61 -41.77
CA GLN K 205 -79.42 22.37 -41.08
C GLN K 205 -78.99 20.95 -41.35
N PRO K 206 -78.14 20.75 -42.39
CA PRO K 206 -77.66 19.42 -42.78
C PRO K 206 -76.99 18.58 -41.71
N ARG K 207 -77.57 17.41 -41.49
CA ARG K 207 -77.03 16.45 -40.54
C ARG K 207 -76.94 15.17 -41.33
N HIS K 208 -75.75 14.58 -41.39
CA HIS K 208 -75.54 13.33 -42.11
C HIS K 208 -75.94 12.20 -41.13
N ILE K 209 -77.10 11.59 -41.37
CA ILE K 209 -77.56 10.52 -40.50
C ILE K 209 -77.84 9.28 -41.36
N GLU K 210 -77.12 8.20 -41.09
CA GLU K 210 -77.26 6.96 -41.87
C GLU K 210 -77.97 5.83 -41.14
N ILE K 211 -78.43 4.83 -41.90
CA ILE K 211 -79.12 3.66 -41.32
C ILE K 211 -78.45 2.34 -41.74
N GLN K 212 -78.21 1.48 -40.75
CA GLN K 212 -77.59 0.18 -40.98
C GLN K 212 -78.69 -0.86 -41.13
N VAL K 213 -78.74 -1.46 -42.30
CA VAL K 213 -79.73 -2.48 -42.62
C VAL K 213 -79.04 -3.78 -43.02
N LEU K 214 -79.69 -4.90 -42.75
CA LEU K 214 -79.15 -6.21 -43.11
C LEU K 214 -80.31 -7.08 -43.62
N CYS K 215 -80.07 -7.84 -44.67
CA CYS K 215 -81.10 -8.69 -45.24
C CYS K 215 -80.69 -10.17 -45.15
N ASP K 216 -80.45 -10.74 -46.33
CA ASP K 216 -80.02 -12.14 -46.60
C ASP K 216 -80.60 -12.49 -47.98
N SER K 217 -80.11 -13.55 -48.62
CA SER K 217 -80.64 -13.91 -49.94
C SER K 217 -81.97 -14.66 -49.87
N HIS K 218 -82.66 -14.49 -48.74
CA HIS K 218 -83.95 -15.14 -48.47
C HIS K 218 -85.07 -14.11 -48.26
N GLY K 219 -84.99 -12.98 -48.95
CA GLY K 219 -86.01 -11.95 -48.85
C GLY K 219 -86.14 -11.12 -47.57
N ASN K 220 -85.79 -11.71 -46.43
CA ASN K 220 -85.88 -11.00 -45.16
C ASN K 220 -84.88 -9.85 -45.10
N GLY K 221 -85.11 -8.93 -44.17
CA GLY K 221 -84.22 -7.79 -44.03
C GLY K 221 -84.71 -6.80 -42.98
N ILE K 222 -83.79 -6.32 -42.15
CA ILE K 222 -84.14 -5.36 -41.11
C ILE K 222 -83.04 -4.34 -40.86
N TYR K 223 -83.43 -3.22 -40.25
CA TYR K 223 -82.51 -2.14 -39.92
C TYR K 223 -82.16 -2.18 -38.44
N LEU K 224 -80.95 -1.72 -38.09
CA LEU K 224 -80.49 -1.72 -36.70
C LEU K 224 -80.07 -0.32 -36.25
N GLY K 225 -81.00 0.63 -36.29
CA GLY K 225 -80.72 1.99 -35.86
C GLY K 225 -79.96 2.86 -36.86
N GLU K 226 -79.70 4.11 -36.46
CA GLU K 226 -78.98 5.06 -37.31
C GLU K 226 -77.71 5.65 -36.64
N ARG K 227 -76.77 6.10 -37.47
CA ARG K 227 -75.54 6.68 -36.97
C ARG K 227 -75.36 8.07 -37.57
N GLU K 228 -75.06 9.04 -36.73
CA GLU K 228 -74.86 10.40 -37.22
C GLU K 228 -73.37 10.72 -37.33
N CYS K 229 -72.94 10.89 -38.56
CA CYS K 229 -71.56 11.19 -38.88
C CYS K 229 -71.51 12.58 -39.47
N SER K 230 -72.18 13.52 -38.83
CA SER K 230 -72.19 14.87 -39.34
C SER K 230 -70.79 15.47 -39.24
N ILE K 231 -70.15 15.18 -38.11
CA ILE K 231 -68.82 15.71 -37.80
C ILE K 231 -67.69 15.12 -38.61
N GLN K 232 -67.47 15.66 -39.80
CA GLN K 232 -66.41 15.16 -40.66
C GLN K 232 -65.68 16.32 -41.30
N ARG K 233 -64.38 16.16 -41.45
CA ARG K 233 -63.53 17.18 -42.05
C ARG K 233 -63.12 16.79 -43.49
N ARG K 234 -63.21 17.74 -44.41
CA ARG K 234 -62.87 17.47 -45.80
C ARG K 234 -63.55 16.20 -46.27
N ASN K 235 -64.76 15.98 -45.75
CA ASN K 235 -65.53 14.81 -46.12
C ASN K 235 -65.01 13.49 -45.58
N GLN K 236 -63.89 13.52 -44.87
CA GLN K 236 -63.37 12.31 -44.28
C GLN K 236 -64.02 12.29 -42.88
N LYS K 237 -64.76 11.24 -42.57
CA LYS K 237 -65.45 11.14 -41.27
C LYS K 237 -64.49 11.15 -40.08
N VAL K 238 -64.82 11.94 -39.06
CA VAL K 238 -64.01 12.06 -37.83
C VAL K 238 -64.63 11.44 -36.58
N VAL K 239 -65.89 11.77 -36.36
CA VAL K 239 -66.63 11.28 -35.22
C VAL K 239 -68.00 10.76 -35.63
N GLU K 240 -68.30 9.55 -35.18
CA GLU K 240 -69.57 8.94 -35.47
C GLU K 240 -70.19 8.60 -34.13
N GLU K 241 -71.52 8.66 -34.07
CA GLU K 241 -72.26 8.33 -32.85
C GLU K 241 -73.56 7.63 -33.19
N ALA K 242 -74.08 6.86 -32.25
CA ALA K 242 -75.34 6.13 -32.42
C ALA K 242 -76.03 5.93 -31.06
N PRO K 243 -77.32 6.23 -30.98
CA PRO K 243 -78.17 6.74 -32.06
C PRO K 243 -77.83 8.19 -32.40
N SER K 244 -78.78 8.89 -32.98
CA SER K 244 -78.58 10.28 -33.36
C SER K 244 -79.29 11.15 -32.33
N PRO K 245 -78.59 12.15 -31.79
CA PRO K 245 -79.08 13.10 -30.77
C PRO K 245 -80.26 13.93 -31.26
N PHE K 246 -80.47 13.88 -32.56
CA PHE K 246 -81.52 14.66 -33.21
C PHE K 246 -82.85 13.96 -33.42
N LEU K 247 -82.91 13.15 -34.45
CA LEU K 247 -84.14 12.49 -34.76
C LEU K 247 -84.69 11.62 -33.64
N ASP K 248 -86.01 11.71 -33.45
CA ASP K 248 -86.78 10.98 -32.46
C ASP K 248 -87.32 9.64 -32.98
N GLU K 249 -88.04 8.94 -32.11
CA GLU K 249 -88.60 7.62 -32.41
C GLU K 249 -89.36 7.40 -33.71
N ALA K 250 -90.36 8.24 -33.96
CA ALA K 250 -91.16 8.13 -35.16
C ALA K 250 -90.29 8.37 -36.40
N THR K 251 -89.72 9.56 -36.47
CA THR K 251 -88.90 9.91 -37.61
C THR K 251 -87.79 8.89 -37.79
N ARG K 252 -87.40 8.25 -36.69
CA ARG K 252 -86.34 7.23 -36.74
C ARG K 252 -86.84 5.99 -37.50
N ARG K 253 -87.99 5.44 -37.07
CA ARG K 253 -88.56 4.29 -37.76
C ARG K 253 -88.89 4.72 -39.19
N ALA K 254 -89.22 6.00 -39.33
CA ALA K 254 -89.55 6.57 -40.64
C ALA K 254 -88.38 6.32 -41.60
N MET K 255 -87.19 6.69 -41.15
CA MET K 255 -85.96 6.52 -41.92
C MET K 255 -85.62 5.05 -41.97
N GLY K 256 -85.86 4.37 -40.85
CA GLY K 256 -85.58 2.96 -40.73
C GLY K 256 -86.44 2.08 -41.61
N GLU K 257 -87.75 2.22 -41.47
CA GLU K 257 -88.70 1.43 -42.26
C GLU K 257 -88.45 1.64 -43.75
N GLN K 258 -88.33 2.91 -44.15
CA GLN K 258 -88.10 3.26 -45.53
C GLN K 258 -86.71 2.83 -45.98
N ALA K 259 -85.80 2.74 -45.02
CA ALA K 259 -84.44 2.33 -45.30
C ALA K 259 -84.52 0.92 -45.82
N VAL K 260 -84.84 0.00 -44.91
CA VAL K 260 -84.96 -1.42 -45.24
C VAL K 260 -85.84 -1.67 -46.47
N ALA K 261 -86.91 -0.87 -46.62
CA ALA K 261 -87.80 -1.00 -47.77
C ALA K 261 -86.94 -0.82 -49.01
N LEU K 262 -86.25 0.32 -49.08
CA LEU K 262 -85.37 0.59 -50.21
C LEU K 262 -84.44 -0.60 -50.39
N ALA K 263 -84.08 -1.24 -49.27
CA ALA K 263 -83.19 -2.39 -49.28
C ALA K 263 -83.62 -3.47 -50.27
N LYS K 264 -84.60 -4.27 -49.87
CA LYS K 264 -85.12 -5.33 -50.70
C LYS K 264 -85.24 -4.87 -52.16
N ALA K 265 -85.90 -3.73 -52.36
CA ALA K 265 -86.10 -3.15 -53.67
C ALA K 265 -84.95 -3.28 -54.68
N VAL K 266 -83.73 -3.50 -54.18
CA VAL K 266 -82.58 -3.63 -55.08
C VAL K 266 -81.98 -5.04 -54.99
N GLY K 267 -82.50 -5.83 -54.05
CA GLY K 267 -82.01 -7.18 -53.87
C GLY K 267 -80.69 -7.22 -53.13
N TYR K 268 -80.63 -6.52 -52.00
CA TYR K 268 -79.42 -6.47 -51.19
C TYR K 268 -79.44 -7.66 -50.24
N ALA K 269 -78.28 -8.29 -50.09
CA ALA K 269 -78.13 -9.47 -49.25
C ALA K 269 -77.60 -9.21 -47.82
N SER K 270 -76.27 -9.12 -47.70
CA SER K 270 -75.61 -8.90 -46.39
C SER K 270 -76.08 -7.68 -45.62
N ALA K 271 -75.11 -6.94 -45.09
CA ALA K 271 -75.39 -5.73 -44.36
C ALA K 271 -74.91 -4.57 -45.22
N GLY K 272 -75.65 -3.46 -45.20
CA GLY K 272 -75.29 -2.30 -45.99
C GLY K 272 -75.80 -1.07 -45.31
N THR K 273 -75.39 0.09 -45.79
CA THR K 273 -75.80 1.34 -45.16
C THR K 273 -76.51 2.31 -46.12
N VAL K 274 -77.58 2.94 -45.64
CA VAL K 274 -78.33 3.91 -46.43
C VAL K 274 -78.16 5.31 -45.82
N GLU K 275 -77.42 6.16 -46.50
CA GLU K 275 -77.15 7.50 -46.01
C GLU K 275 -78.27 8.50 -46.34
N PHE K 276 -78.71 9.24 -45.33
CA PHE K 276 -79.74 10.25 -45.47
C PHE K 276 -79.17 11.65 -45.17
N ILE K 277 -79.92 12.70 -45.50
CA ILE K 277 -79.51 14.07 -45.20
C ILE K 277 -80.65 14.76 -44.50
N VAL K 278 -80.86 14.47 -43.22
CA VAL K 278 -81.93 15.09 -42.41
C VAL K 278 -81.67 16.60 -42.27
N ASP K 279 -82.73 17.41 -42.22
CA ASP K 279 -82.53 18.86 -42.09
C ASP K 279 -82.99 19.41 -40.74
N GLY K 280 -83.31 20.70 -40.72
CA GLY K 280 -83.73 21.35 -39.48
C GLY K 280 -85.08 20.92 -38.96
N GLN K 281 -85.93 20.37 -39.84
CA GLN K 281 -87.28 19.94 -39.46
C GLN K 281 -87.45 18.42 -39.44
N LYS K 282 -86.35 17.69 -39.34
CA LYS K 282 -86.39 16.22 -39.34
C LYS K 282 -86.83 15.68 -40.67
N ASN K 283 -86.74 16.54 -41.68
CA ASN K 283 -87.09 16.21 -43.04
C ASN K 283 -85.93 15.42 -43.62
N PHE K 284 -86.07 14.11 -43.67
CA PHE K 284 -84.96 13.33 -44.19
C PHE K 284 -85.06 13.05 -45.68
N TYR K 285 -83.90 12.90 -46.28
CA TYR K 285 -83.84 12.64 -47.71
C TYR K 285 -82.99 11.40 -47.95
N PHE K 286 -82.26 11.36 -49.05
CA PHE K 286 -81.44 10.20 -49.35
C PHE K 286 -80.31 10.57 -50.31
N LEU K 287 -79.06 10.45 -49.85
CA LEU K 287 -77.92 10.75 -50.69
C LEU K 287 -77.47 9.49 -51.41
N GLU K 288 -77.32 8.38 -50.68
CA GLU K 288 -76.92 7.13 -51.30
C GLU K 288 -76.78 5.92 -50.40
N MET K 289 -76.53 4.78 -51.03
CA MET K 289 -76.37 3.54 -50.30
C MET K 289 -75.01 2.95 -50.61
N ASN K 290 -74.33 2.49 -49.56
CA ASN K 290 -73.03 1.88 -49.69
C ASN K 290 -73.20 0.39 -49.48
N THR K 291 -72.88 -0.36 -50.53
CA THR K 291 -73.01 -1.80 -50.51
C THR K 291 -71.75 -2.45 -49.94
N ARG K 292 -71.64 -2.41 -48.61
CA ARG K 292 -70.50 -2.98 -47.91
C ARG K 292 -70.65 -2.77 -46.42
N LEU K 293 -69.60 -3.11 -45.68
CA LEU K 293 -69.58 -2.92 -44.24
C LEU K 293 -68.94 -1.58 -43.96
N GLN K 294 -69.63 -0.76 -43.16
CA GLN K 294 -69.14 0.57 -42.85
C GLN K 294 -68.11 0.56 -41.72
N VAL K 295 -67.11 1.43 -41.87
CA VAL K 295 -66.05 1.58 -40.88
C VAL K 295 -66.66 1.88 -39.51
N GLU K 296 -67.61 2.82 -39.52
CA GLU K 296 -68.27 3.27 -38.32
C GLU K 296 -69.33 2.35 -37.75
N HIS K 297 -69.35 1.09 -38.17
CA HIS K 297 -70.38 0.20 -37.66
C HIS K 297 -70.31 -0.11 -36.16
N PRO K 298 -69.08 -0.16 -35.59
CA PRO K 298 -68.96 -0.46 -34.15
C PRO K 298 -69.99 0.28 -33.32
N VAL K 299 -70.31 1.50 -33.73
CA VAL K 299 -71.26 2.31 -33.01
C VAL K 299 -72.60 1.58 -33.02
N THR K 300 -73.00 1.10 -34.19
CA THR K 300 -74.26 0.38 -34.29
C THR K 300 -74.25 -0.80 -33.31
N GLU K 301 -73.21 -1.62 -33.41
CA GLU K 301 -73.05 -2.79 -32.56
C GLU K 301 -73.13 -2.60 -31.05
N LEU K 302 -72.69 -1.46 -30.53
CA LEU K 302 -72.70 -1.22 -29.08
C LEU K 302 -74.03 -0.77 -28.47
N ILE K 303 -75.10 -0.74 -29.26
CA ILE K 303 -76.39 -0.32 -28.75
C ILE K 303 -77.44 -1.31 -29.22
N THR K 304 -77.13 -1.97 -30.33
CA THR K 304 -78.02 -2.98 -30.90
C THR K 304 -77.77 -4.37 -30.28
N GLY K 305 -76.52 -4.66 -29.95
CA GLY K 305 -76.15 -5.95 -29.38
C GLY K 305 -76.00 -6.97 -30.50
N VAL K 306 -75.33 -6.57 -31.58
CA VAL K 306 -75.17 -7.44 -32.74
C VAL K 306 -73.76 -7.34 -33.33
N ASP K 307 -73.36 -8.36 -34.08
CA ASP K 307 -72.06 -8.39 -34.73
C ASP K 307 -72.30 -8.43 -36.23
N LEU K 308 -72.27 -7.26 -36.86
CA LEU K 308 -72.49 -7.19 -38.30
C LEU K 308 -71.59 -8.15 -39.08
N VAL K 309 -70.40 -8.43 -38.57
CA VAL K 309 -69.51 -9.32 -39.30
C VAL K 309 -70.03 -10.75 -39.15
N GLU K 310 -70.62 -11.04 -37.99
CA GLU K 310 -71.19 -12.36 -37.74
C GLU K 310 -72.35 -12.57 -38.73
N GLN K 311 -73.47 -11.90 -38.46
CA GLN K 311 -74.64 -11.99 -39.32
C GLN K 311 -74.19 -11.98 -40.77
N MET K 312 -73.20 -11.15 -41.09
CA MET K 312 -72.70 -11.04 -42.45
C MET K 312 -72.32 -12.39 -43.06
N ILE K 313 -71.55 -13.17 -42.33
CA ILE K 313 -71.15 -14.48 -42.84
C ILE K 313 -72.34 -15.46 -42.76
N ARG K 314 -73.07 -15.43 -41.63
CA ARG K 314 -74.24 -16.30 -41.44
C ARG K 314 -75.12 -16.30 -42.70
N VAL K 315 -75.58 -15.10 -43.07
CA VAL K 315 -76.44 -14.90 -44.25
C VAL K 315 -75.74 -15.22 -45.58
N ALA K 316 -74.49 -14.77 -45.73
CA ALA K 316 -73.71 -15.05 -46.94
C ALA K 316 -73.61 -16.56 -47.05
N ALA K 317 -74.14 -17.23 -46.02
CA ALA K 317 -74.16 -18.67 -45.95
C ALA K 317 -75.63 -19.08 -45.81
N GLY K 318 -76.43 -18.76 -46.82
CA GLY K 318 -77.84 -19.08 -46.82
C GLY K 318 -78.36 -19.25 -45.41
N GLU K 319 -78.86 -18.18 -44.81
CA GLU K 319 -79.34 -18.25 -43.43
C GLU K 319 -80.39 -17.18 -43.15
N PRO K 320 -81.29 -17.43 -42.19
CA PRO K 320 -82.34 -16.47 -41.82
C PRO K 320 -81.80 -15.51 -40.76
N LEU K 321 -82.65 -14.64 -40.24
CA LEU K 321 -82.20 -13.72 -39.22
C LEU K 321 -82.80 -14.15 -37.88
N SER K 322 -81.94 -14.49 -36.92
CA SER K 322 -82.40 -14.95 -35.61
C SER K 322 -83.31 -13.97 -34.90
N ILE K 323 -83.33 -12.70 -35.33
CA ILE K 323 -84.20 -11.69 -34.72
C ILE K 323 -84.96 -10.84 -35.74
N THR K 324 -86.19 -10.49 -35.37
CA THR K 324 -87.08 -9.69 -36.20
C THR K 324 -86.93 -8.23 -35.80
N GLN K 325 -87.67 -7.37 -36.49
CA GLN K 325 -87.65 -5.94 -36.21
C GLN K 325 -88.18 -5.60 -34.81
N GLY K 326 -89.11 -6.40 -34.31
CA GLY K 326 -89.65 -6.14 -33.00
C GLY K 326 -88.62 -6.40 -31.92
N ASP K 327 -87.66 -7.25 -32.25
CA ASP K 327 -86.58 -7.61 -31.34
C ASP K 327 -85.47 -6.56 -31.31
N VAL K 328 -84.86 -6.31 -32.47
CA VAL K 328 -83.76 -5.35 -32.62
C VAL K 328 -83.91 -4.09 -31.78
N LYS K 329 -83.48 -4.17 -30.53
CA LYS K 329 -83.59 -3.04 -29.62
C LYS K 329 -82.28 -2.24 -29.63
N LEU K 330 -82.39 -0.93 -29.38
CA LEU K 330 -81.23 -0.04 -29.36
C LEU K 330 -81.07 0.54 -27.98
N THR K 331 -80.22 -0.10 -27.15
CA THR K 331 -79.98 0.35 -25.77
C THR K 331 -78.81 1.32 -25.64
N GLY K 332 -78.93 2.26 -24.70
CA GLY K 332 -77.89 3.25 -24.44
C GLY K 332 -77.20 3.96 -25.61
N TRP K 333 -76.11 4.67 -25.31
CA TRP K 333 -75.36 5.41 -26.35
C TRP K 333 -73.94 4.94 -26.67
N ALA K 334 -73.47 5.29 -27.86
CA ALA K 334 -72.14 4.90 -28.31
C ALA K 334 -71.44 5.97 -29.14
N ILE K 335 -70.17 6.23 -28.85
CA ILE K 335 -69.41 7.21 -29.65
C ILE K 335 -68.16 6.54 -30.23
N GLU K 336 -67.76 6.97 -31.43
CA GLU K 336 -66.57 6.41 -32.04
C GLU K 336 -65.71 7.45 -32.71
N ASN K 337 -64.47 7.56 -32.26
CA ASN K 337 -63.52 8.49 -32.84
C ASN K 337 -62.51 7.71 -33.65
N ARG K 338 -61.92 8.37 -34.64
CA ARG K 338 -60.93 7.73 -35.48
C ARG K 338 -59.56 8.30 -35.20
N LEU K 339 -58.65 7.44 -34.77
CA LEU K 339 -57.30 7.89 -34.48
C LEU K 339 -56.54 7.89 -35.78
N TYR K 340 -56.32 9.07 -36.34
CA TYR K 340 -55.62 9.20 -37.60
C TYR K 340 -54.20 9.69 -37.46
N ALA K 341 -53.27 8.98 -38.10
CA ALA K 341 -51.88 9.38 -38.08
C ALA K 341 -51.73 10.66 -38.89
N GLU K 342 -52.40 11.73 -38.47
CA GLU K 342 -52.33 13.01 -39.15
C GLU K 342 -51.98 14.05 -38.11
N ASP K 343 -51.31 15.12 -38.50
CA ASP K 343 -50.92 16.14 -37.54
C ASP K 343 -51.77 17.41 -37.54
N PRO K 344 -52.76 17.49 -36.62
CA PRO K 344 -53.67 18.62 -36.48
C PRO K 344 -52.97 19.95 -36.48
N TYR K 345 -51.85 19.99 -35.79
CA TYR K 345 -51.08 21.23 -35.65
C TYR K 345 -50.50 21.78 -36.95
N ARG K 346 -50.30 20.88 -37.92
CA ARG K 346 -49.74 21.25 -39.22
C ARG K 346 -50.67 20.83 -40.35
N GLY K 347 -51.81 21.51 -40.44
CA GLY K 347 -52.78 21.21 -41.47
C GLY K 347 -52.98 19.73 -41.74
N PHE K 348 -53.35 18.99 -40.71
CA PHE K 348 -53.57 17.56 -40.81
C PHE K 348 -52.73 16.80 -41.85
N LEU K 349 -51.46 17.17 -41.94
CA LEU K 349 -50.51 16.51 -42.85
C LEU K 349 -50.40 15.06 -42.39
N PRO K 350 -50.43 14.10 -43.32
CA PRO K 350 -50.30 12.73 -42.82
C PRO K 350 -48.97 12.57 -42.10
N SER K 351 -48.85 11.52 -41.31
CA SER K 351 -47.62 11.30 -40.59
C SER K 351 -47.12 9.96 -41.03
N ILE K 352 -45.81 9.82 -41.07
CA ILE K 352 -45.22 8.57 -41.49
C ILE K 352 -44.11 8.21 -40.50
N GLY K 353 -44.06 6.94 -40.11
CA GLY K 353 -43.03 6.54 -39.16
C GLY K 353 -43.37 5.33 -38.31
N ARG K 354 -42.52 5.05 -37.33
CA ARG K 354 -42.70 3.91 -36.45
C ARG K 354 -43.40 4.29 -35.16
N LEU K 355 -44.14 3.35 -34.61
CA LEU K 355 -44.84 3.64 -33.39
C LEU K 355 -44.02 3.23 -32.18
N THR K 356 -43.42 4.23 -31.56
CA THR K 356 -42.62 4.04 -30.36
C THR K 356 -43.51 3.59 -29.18
N ARG K 357 -44.30 4.50 -28.62
CA ARG K 357 -45.23 4.11 -27.54
C ARG K 357 -46.56 4.02 -28.30
N TYR K 358 -47.32 2.97 -28.00
CA TYR K 358 -48.66 2.78 -28.54
C TYR K 358 -49.33 2.07 -27.36
N ARG K 359 -50.14 2.81 -26.63
CA ARG K 359 -50.80 2.32 -25.44
C ARG K 359 -52.27 2.76 -25.31
N PRO K 360 -53.22 1.92 -25.72
CA PRO K 360 -54.66 2.26 -25.62
C PRO K 360 -55.27 1.66 -24.33
N PRO K 361 -56.47 2.13 -23.92
CA PRO K 361 -57.23 1.71 -22.71
C PRO K 361 -57.73 0.25 -22.77
N ALA K 362 -58.89 -0.11 -22.19
CA ALA K 362 -59.28 -1.54 -22.30
C ALA K 362 -60.71 -2.09 -22.12
N GLU K 363 -61.41 -1.65 -21.08
CA GLU K 363 -62.77 -2.12 -20.74
C GLU K 363 -63.71 -2.38 -21.89
N ALA K 384 -69.98 1.17 -18.24
CA ALA K 384 -69.55 2.01 -19.38
C ALA K 384 -68.35 1.39 -20.13
N ALA K 385 -68.62 0.75 -21.27
CA ALA K 385 -67.59 0.07 -22.06
C ALA K 385 -66.57 0.91 -22.78
N VAL K 386 -65.49 0.24 -23.22
CA VAL K 386 -64.41 0.88 -24.01
C VAL K 386 -63.92 -0.11 -25.05
N ARG K 387 -64.03 0.26 -26.32
CA ARG K 387 -63.61 -0.66 -27.36
C ARG K 387 -62.64 -0.01 -28.34
N ASN K 388 -61.56 -0.73 -28.64
CA ASN K 388 -60.55 -0.18 -29.53
C ASN K 388 -60.20 -1.16 -30.68
N ASP K 389 -60.65 -0.82 -31.90
CA ASP K 389 -60.37 -1.62 -33.09
C ASP K 389 -59.09 -1.03 -33.64
N THR K 390 -58.02 -1.83 -33.67
CA THR K 390 -56.75 -1.34 -34.19
C THR K 390 -56.10 -2.36 -35.06
N GLY K 391 -55.41 -1.86 -36.08
CA GLY K 391 -54.68 -2.74 -36.97
C GLY K 391 -53.20 -2.49 -36.76
N VAL K 392 -52.88 -1.95 -35.59
CA VAL K 392 -51.50 -1.66 -35.28
C VAL K 392 -51.08 -2.05 -33.84
N TYR K 393 -49.77 -2.05 -33.62
CA TYR K 393 -49.19 -2.38 -32.31
C TYR K 393 -47.93 -1.54 -32.06
N GLU K 394 -47.40 -1.62 -30.84
CA GLU K 394 -46.22 -0.83 -30.50
C GLU K 394 -45.02 -1.45 -31.15
N GLY K 395 -44.23 -0.63 -31.83
CA GLY K 395 -43.08 -1.14 -32.53
C GLY K 395 -43.38 -1.27 -34.02
N GLY K 396 -44.66 -1.28 -34.37
CA GLY K 396 -45.05 -1.36 -35.77
C GLY K 396 -44.83 -0.03 -36.45
N GLU K 397 -45.08 0.03 -37.75
CA GLU K 397 -44.87 1.28 -38.48
C GLU K 397 -46.03 1.59 -39.40
N ILE K 398 -46.22 2.87 -39.65
CA ILE K 398 -47.27 3.35 -40.51
C ILE K 398 -46.61 3.77 -41.82
N SER K 399 -46.79 2.88 -42.81
CA SER K 399 -46.22 3.01 -44.16
C SER K 399 -47.07 3.85 -45.10
N MET K 400 -46.39 4.58 -45.98
CA MET K 400 -47.05 5.45 -46.96
C MET K 400 -48.04 4.68 -47.84
N TYR K 401 -47.85 3.36 -47.90
CA TYR K 401 -48.65 2.44 -48.70
C TYR K 401 -50.07 2.11 -48.23
N TYR K 402 -50.64 2.87 -47.29
CA TYR K 402 -52.00 2.58 -46.81
C TYR K 402 -52.69 3.76 -46.11
N ASP K 403 -53.87 3.47 -45.54
CA ASP K 403 -54.71 4.45 -44.85
C ASP K 403 -54.18 4.85 -43.47
N PRO K 404 -54.00 6.17 -43.24
CA PRO K 404 -53.50 6.80 -42.02
C PRO K 404 -54.26 6.50 -40.72
N MET K 405 -55.30 5.68 -40.83
CA MET K 405 -56.05 5.34 -39.65
C MET K 405 -55.26 4.32 -38.84
N ILE K 406 -55.10 4.60 -37.55
CA ILE K 406 -54.37 3.70 -36.66
C ILE K 406 -55.34 2.95 -35.73
N ALA K 407 -56.48 3.58 -35.42
CA ALA K 407 -57.49 2.97 -34.55
C ALA K 407 -58.85 3.65 -34.55
N LYS K 408 -59.83 2.90 -34.05
CA LYS K 408 -61.19 3.37 -33.92
C LYS K 408 -61.39 3.26 -32.41
N LEU K 409 -61.60 4.38 -31.75
CA LEU K 409 -61.78 4.34 -30.30
C LEU K 409 -63.25 4.46 -29.96
N CYS K 410 -63.89 3.33 -29.71
CA CYS K 410 -65.32 3.36 -29.41
C CYS K 410 -65.66 3.19 -27.93
N THR K 411 -66.70 3.90 -27.52
CA THR K 411 -67.16 3.81 -26.14
C THR K 411 -68.66 3.63 -26.22
N TRP K 412 -69.26 3.41 -25.06
CA TRP K 412 -70.70 3.23 -24.95
C TRP K 412 -71.11 3.24 -23.48
N ALA K 413 -72.39 3.45 -23.21
CA ALA K 413 -72.89 3.51 -21.84
C ALA K 413 -74.42 3.57 -21.81
N PRO K 414 -75.01 4.10 -20.74
CA PRO K 414 -76.48 4.14 -20.80
C PRO K 414 -76.84 5.42 -21.56
N THR K 415 -76.59 6.55 -20.91
CA THR K 415 -76.86 7.87 -21.46
C THR K 415 -75.74 8.30 -22.43
N ARG K 416 -76.02 9.27 -23.30
CA ARG K 416 -75.02 9.75 -24.25
C ARG K 416 -73.96 10.55 -23.51
N ALA K 417 -74.39 11.39 -22.57
CA ALA K 417 -73.45 12.19 -21.82
C ALA K 417 -72.41 11.25 -21.21
N ALA K 418 -72.86 10.04 -20.89
CA ALA K 418 -72.02 9.00 -20.29
C ALA K 418 -70.91 8.60 -21.23
N ALA K 419 -71.31 8.06 -22.38
CA ALA K 419 -70.40 7.62 -23.43
C ALA K 419 -69.43 8.74 -23.86
N ILE K 420 -69.89 9.98 -23.89
CA ILE K 420 -69.01 11.06 -24.28
C ILE K 420 -67.96 11.13 -23.17
N GLU K 421 -68.35 10.75 -21.96
CA GLU K 421 -67.39 10.83 -20.88
C GLU K 421 -66.37 9.73 -20.99
N ALA K 422 -66.85 8.50 -21.04
CA ALA K 422 -65.96 7.34 -21.16
C ALA K 422 -64.90 7.64 -22.21
N MET K 423 -65.36 8.27 -23.30
CA MET K 423 -64.50 8.63 -24.41
C MET K 423 -63.48 9.64 -23.96
N ARG K 424 -63.95 10.71 -23.36
CA ARG K 424 -63.04 11.74 -22.92
C ARG K 424 -61.98 11.12 -22.00
N ILE K 425 -62.38 10.25 -21.09
CA ILE K 425 -61.41 9.60 -20.19
C ILE K 425 -60.52 8.77 -21.07
N ALA K 426 -61.17 7.90 -21.86
CA ALA K 426 -60.51 6.97 -22.77
C ALA K 426 -59.33 7.63 -23.47
N LEU K 427 -59.64 8.67 -24.24
CA LEU K 427 -58.62 9.41 -24.97
C LEU K 427 -57.45 9.79 -24.05
N ASP K 428 -57.76 10.46 -22.95
CA ASP K 428 -56.75 10.92 -22.00
C ASP K 428 -55.70 9.87 -21.70
N SER K 429 -56.09 8.61 -21.82
CA SER K 429 -55.17 7.55 -21.54
C SER K 429 -54.55 6.92 -22.78
N PHE K 430 -55.00 7.31 -23.96
CA PHE K 430 -54.42 6.77 -25.18
C PHE K 430 -53.04 7.38 -25.41
N GLU K 431 -52.02 6.54 -25.33
CA GLU K 431 -50.63 6.97 -25.51
C GLU K 431 -50.08 6.64 -26.91
N VAL K 432 -49.60 7.66 -27.61
CA VAL K 432 -49.03 7.48 -28.94
C VAL K 432 -47.82 8.34 -29.12
N GLU K 433 -46.71 7.69 -29.45
CA GLU K 433 -45.42 8.36 -29.69
C GLU K 433 -44.78 7.86 -30.96
N GLY K 434 -44.14 8.77 -31.69
CA GLY K 434 -43.48 8.34 -32.91
C GLY K 434 -44.05 8.87 -34.20
N ILE K 435 -45.32 9.24 -34.18
CA ILE K 435 -46.00 9.77 -35.36
C ILE K 435 -46.84 10.96 -34.93
N GLY K 436 -47.28 11.74 -35.89
CA GLY K 436 -48.14 12.87 -35.60
C GLY K 436 -49.52 12.22 -35.59
N HIS K 437 -50.42 12.69 -34.72
CA HIS K 437 -51.76 12.12 -34.65
C HIS K 437 -52.76 13.16 -34.19
N ASN K 438 -54.03 12.84 -34.41
CA ASN K 438 -55.10 13.76 -34.08
C ASN K 438 -55.62 13.60 -32.66
N LEU K 439 -54.99 12.74 -31.86
CA LEU K 439 -55.48 12.54 -30.51
C LEU K 439 -55.93 13.84 -29.83
N PRO K 440 -55.06 14.86 -29.77
CA PRO K 440 -55.50 16.10 -29.11
C PRO K 440 -56.72 16.72 -29.79
N PHE K 441 -56.75 16.69 -31.10
CA PHE K 441 -57.87 17.26 -31.83
C PHE K 441 -59.16 16.57 -31.44
N LEU K 442 -59.17 15.23 -31.48
CA LEU K 442 -60.38 14.53 -31.07
C LEU K 442 -60.76 15.06 -29.67
N SER K 443 -59.88 14.90 -28.68
CA SER K 443 -60.14 15.41 -27.34
C SER K 443 -60.82 16.78 -27.39
N ALA K 444 -60.32 17.66 -28.25
CA ALA K 444 -60.86 19.00 -28.37
C ALA K 444 -62.35 19.05 -28.71
N VAL K 445 -62.77 18.29 -29.74
CA VAL K 445 -64.17 18.31 -30.16
C VAL K 445 -65.07 17.63 -29.14
N MET K 446 -64.59 16.55 -28.52
CA MET K 446 -65.39 15.88 -27.50
C MET K 446 -65.74 16.93 -26.42
N ASP K 447 -64.91 17.95 -26.31
CA ASP K 447 -65.08 18.98 -25.30
C ASP K 447 -65.77 20.20 -25.89
N HIS K 448 -65.97 20.20 -27.20
CA HIS K 448 -66.63 21.31 -27.85
C HIS K 448 -68.15 21.36 -27.56
N PRO K 449 -68.63 22.45 -26.92
CA PRO K 449 -70.06 22.59 -26.60
C PRO K 449 -71.04 22.12 -27.67
N LYS K 450 -70.90 22.63 -28.89
CA LYS K 450 -71.83 22.21 -29.91
C LYS K 450 -71.91 20.69 -30.04
N PHE K 451 -70.82 19.99 -29.76
CA PHE K 451 -70.86 18.53 -29.86
C PHE K 451 -71.64 18.03 -28.68
N ILE K 452 -71.45 18.75 -27.59
CA ILE K 452 -72.08 18.41 -26.33
C ILE K 452 -73.59 18.64 -26.35
N SER K 453 -74.02 19.69 -27.03
CA SER K 453 -75.44 19.99 -27.12
C SER K 453 -76.07 19.14 -28.19
N GLY K 454 -75.25 18.61 -29.09
CA GLY K 454 -75.78 17.80 -30.17
C GLY K 454 -76.15 18.68 -31.36
N ASP K 455 -76.27 19.99 -31.12
CA ASP K 455 -76.62 20.93 -32.19
C ASP K 455 -75.42 21.05 -33.14
N MET K 456 -75.28 20.08 -34.03
CA MET K 456 -74.17 20.06 -34.97
C MET K 456 -74.69 19.82 -36.39
N THR K 457 -74.00 20.39 -37.37
CA THR K 457 -74.37 20.25 -38.79
C THR K 457 -73.28 19.48 -39.53
N THR K 458 -73.30 19.52 -40.86
CA THR K 458 -72.25 18.82 -41.60
C THR K 458 -71.16 19.83 -41.93
N ALA K 459 -71.30 21.05 -41.43
CA ALA K 459 -70.30 22.07 -41.66
C ALA K 459 -69.65 22.38 -40.33
N PHE K 460 -70.09 21.68 -39.30
CA PHE K 460 -69.56 21.86 -37.95
C PHE K 460 -68.03 22.04 -37.91
N ILE K 461 -67.35 21.04 -38.45
CA ILE K 461 -65.90 20.99 -38.52
C ILE K 461 -65.30 22.24 -39.19
N ALA K 462 -65.89 22.64 -40.30
CA ALA K 462 -65.45 23.79 -41.07
C ALA K 462 -65.73 25.10 -40.35
N GLU K 463 -66.86 25.18 -39.67
CA GLU K 463 -67.25 26.37 -38.96
C GLU K 463 -66.46 26.59 -37.67
N GLU K 464 -66.40 25.55 -36.86
CA GLU K 464 -65.71 25.59 -35.57
C GLU K 464 -64.19 25.61 -35.63
N TYR K 465 -63.63 24.99 -36.68
CA TYR K 465 -62.18 24.94 -36.83
C TYR K 465 -61.78 25.44 -38.21
N PRO K 466 -62.11 26.72 -38.52
CA PRO K 466 -61.80 27.34 -39.81
C PRO K 466 -60.30 27.54 -40.03
N GLU K 467 -59.55 27.60 -38.95
CA GLU K 467 -58.10 27.80 -39.00
C GLU K 467 -57.31 26.56 -38.62
N GLY K 468 -57.86 25.37 -38.87
CA GLY K 468 -57.16 24.16 -38.50
C GLY K 468 -57.34 24.00 -37.01
N PHE K 469 -56.53 23.16 -36.38
CA PHE K 469 -56.64 22.96 -34.94
C PHE K 469 -55.75 23.92 -34.19
N GLU K 470 -56.34 25.00 -33.68
CA GLU K 470 -55.60 26.02 -32.94
C GLU K 470 -55.19 25.62 -31.51
N GLY K 471 -55.14 24.32 -31.23
CA GLY K 471 -54.76 23.88 -29.91
C GLY K 471 -55.89 24.14 -28.95
N VAL K 472 -55.77 23.61 -27.74
CA VAL K 472 -56.77 23.75 -26.71
C VAL K 472 -56.16 24.42 -25.50
N ASN K 473 -56.94 25.18 -24.75
CA ASN K 473 -56.38 25.76 -23.53
C ASN K 473 -57.38 25.72 -22.35
N LEU K 474 -56.88 25.17 -21.24
CA LEU K 474 -57.66 24.95 -20.04
C LEU K 474 -58.16 26.17 -19.31
N PRO K 475 -59.35 26.04 -18.70
CA PRO K 475 -60.08 27.03 -17.92
C PRO K 475 -59.56 26.99 -16.48
N GLU K 476 -59.50 28.16 -15.84
CA GLU K 476 -59.01 28.27 -14.48
C GLU K 476 -59.14 27.02 -13.63
N THR K 477 -60.38 26.56 -13.39
CA THR K 477 -60.61 25.39 -12.55
C THR K 477 -59.87 24.17 -13.07
N ASP K 478 -59.43 24.26 -14.32
CA ASP K 478 -58.68 23.17 -14.88
C ASP K 478 -57.21 23.42 -14.61
N LEU K 479 -56.73 24.61 -14.98
CA LEU K 479 -55.34 24.92 -14.70
C LEU K 479 -55.12 24.63 -13.23
N ARG K 480 -55.99 25.12 -12.38
CA ARG K 480 -55.87 24.89 -10.95
C ARG K 480 -55.66 23.42 -10.58
N ARG K 481 -56.55 22.54 -11.04
CA ARG K 481 -56.39 21.13 -10.70
C ARG K 481 -55.04 20.63 -11.15
N VAL K 482 -54.67 20.98 -12.39
CA VAL K 482 -53.39 20.58 -12.94
C VAL K 482 -52.21 21.12 -12.11
N ALA K 483 -52.22 22.42 -11.82
CA ALA K 483 -51.16 23.04 -11.03
C ALA K 483 -50.93 22.18 -9.77
N ALA K 484 -52.02 21.88 -9.07
CA ALA K 484 -51.94 21.09 -7.84
C ALA K 484 -51.32 19.73 -8.07
N ALA K 485 -51.67 19.05 -9.15
CA ALA K 485 -51.13 17.74 -9.44
C ALA K 485 -49.65 17.77 -9.77
N ALA K 486 -49.27 18.68 -10.65
CA ALA K 486 -47.88 18.81 -11.04
C ALA K 486 -47.06 19.08 -9.79
N ALA K 487 -47.55 20.02 -8.97
CA ALA K 487 -46.90 20.39 -7.71
C ALA K 487 -46.78 19.19 -6.80
N ALA K 488 -47.85 18.43 -6.64
CA ALA K 488 -47.78 17.26 -5.80
C ALA K 488 -46.75 16.24 -6.33
N MET K 489 -46.79 15.95 -7.63
CA MET K 489 -45.84 14.99 -8.22
C MET K 489 -44.41 15.52 -8.11
N HIS K 490 -44.19 16.75 -8.56
CA HIS K 490 -42.86 17.32 -8.49
C HIS K 490 -42.18 17.08 -7.14
N ARG K 491 -42.89 17.35 -6.05
CA ARG K 491 -42.32 17.14 -4.71
C ARG K 491 -41.87 15.70 -4.57
N VAL K 492 -42.76 14.79 -4.96
CA VAL K 492 -42.50 13.36 -4.90
C VAL K 492 -41.14 13.00 -5.46
N ALA K 493 -40.92 13.48 -6.68
CA ALA K 493 -39.69 13.25 -7.38
C ALA K 493 -38.56 14.05 -6.75
N GLU K 494 -38.87 15.22 -6.18
CA GLU K 494 -37.83 16.05 -5.58
C GLU K 494 -37.29 15.39 -4.31
N ILE K 495 -38.17 14.72 -3.57
CA ILE K 495 -37.82 14.04 -2.31
C ILE K 495 -36.88 12.90 -2.53
N ARG K 496 -37.06 12.27 -3.68
CA ARG K 496 -36.23 11.15 -4.07
C ARG K 496 -34.85 11.62 -4.41
N ARG K 497 -34.70 12.82 -4.94
CA ARG K 497 -33.37 13.29 -5.29
C ARG K 497 -32.60 13.29 -4.00
N THR K 498 -33.33 13.66 -2.96
CA THR K 498 -32.84 13.77 -1.59
C THR K 498 -32.27 12.54 -0.94
N ARG K 499 -32.73 11.39 -1.39
CA ARG K 499 -32.27 10.15 -0.82
C ARG K 499 -30.99 9.64 -1.50
N VAL K 500 -30.18 10.54 -2.05
CA VAL K 500 -28.93 10.12 -2.70
C VAL K 500 -27.99 9.51 -1.69
N SER K 501 -27.16 8.57 -2.10
CA SER K 501 -26.25 8.03 -1.11
C SER K 501 -25.13 9.05 -0.97
N GLY K 502 -24.43 9.02 0.14
CA GLY K 502 -23.30 9.93 0.28
C GLY K 502 -23.53 11.30 0.84
N ARG K 503 -24.73 11.55 1.35
CA ARG K 503 -25.05 12.86 1.89
C ARG K 503 -24.44 13.08 3.24
N MET K 504 -24.29 14.34 3.64
CA MET K 504 -23.73 14.66 4.95
C MET K 504 -24.64 14.02 5.94
N ASP K 505 -24.09 13.37 6.93
CA ASP K 505 -25.00 12.70 7.82
C ASP K 505 -26.14 13.50 8.37
N ASN K 506 -25.88 14.51 9.18
CA ASN K 506 -27.01 15.24 9.74
C ASN K 506 -27.42 16.48 8.96
N HIS K 507 -26.96 16.59 7.72
CA HIS K 507 -27.28 17.76 6.90
C HIS K 507 -27.83 17.48 5.52
N GLU K 508 -28.85 16.63 5.45
CA GLU K 508 -29.49 16.28 4.19
C GLU K 508 -30.23 17.47 3.64
N ARG K 509 -30.63 17.36 2.38
CA ARG K 509 -31.38 18.42 1.77
C ARG K 509 -32.78 18.15 2.31
N ARG K 510 -33.51 19.22 2.54
CA ARG K 510 -34.85 19.17 3.10
C ARG K 510 -35.75 19.80 2.03
N VAL K 511 -36.76 19.07 1.56
CA VAL K 511 -37.65 19.59 0.50
C VAL K 511 -38.67 20.66 0.93
N GLY K 512 -38.75 21.71 0.13
CA GLY K 512 -39.65 22.83 0.41
C GLY K 512 -41.11 22.50 0.38
N THR K 513 -41.90 23.42 0.92
CA THR K 513 -43.34 23.25 1.00
C THR K 513 -44.02 24.24 0.08
N GLU K 514 -43.36 25.37 -0.12
CA GLU K 514 -43.85 26.44 -0.95
C GLU K 514 -43.29 26.31 -2.36
N TRP K 515 -44.17 26.43 -3.33
CA TRP K 515 -43.79 26.34 -4.71
C TRP K 515 -44.63 27.31 -5.51
N VAL K 516 -44.29 27.45 -6.78
CA VAL K 516 -45.01 28.32 -7.66
C VAL K 516 -45.16 27.54 -8.94
N VAL K 517 -46.38 27.11 -9.23
CA VAL K 517 -46.64 26.35 -10.43
C VAL K 517 -46.96 27.33 -11.55
N THR K 518 -46.22 27.25 -12.64
CA THR K 518 -46.47 28.17 -13.73
C THR K 518 -46.94 27.46 -14.98
N LEU K 519 -48.24 27.59 -15.20
CA LEU K 519 -48.98 26.99 -16.30
C LEU K 519 -49.14 27.91 -17.51
N GLN K 520 -50.30 27.80 -18.11
CA GLN K 520 -50.73 28.57 -19.28
C GLN K 520 -50.53 30.02 -18.94
N GLY K 521 -49.29 30.50 -18.97
CA GLY K 521 -49.01 31.88 -18.64
C GLY K 521 -49.59 32.37 -17.31
N ALA K 522 -50.03 31.44 -16.47
CA ALA K 522 -50.61 31.82 -15.17
C ALA K 522 -49.82 31.23 -14.04
N ASP K 523 -49.54 32.04 -13.03
CA ASP K 523 -48.76 31.61 -11.87
C ASP K 523 -49.63 31.18 -10.71
N PHE K 524 -49.30 30.05 -10.12
CA PHE K 524 -50.03 29.57 -8.97
C PHE K 524 -49.14 29.30 -7.78
N PRO K 525 -49.00 30.29 -6.89
CA PRO K 525 -48.20 30.20 -5.68
C PRO K 525 -48.97 29.16 -4.86
N VAL K 526 -48.29 28.09 -4.48
CA VAL K 526 -49.02 27.03 -3.82
C VAL K 526 -48.23 26.45 -2.62
N THR K 527 -48.92 25.84 -1.65
CA THR K 527 -48.21 25.24 -0.54
C THR K 527 -48.58 23.78 -0.42
N ILE K 528 -47.59 22.93 -0.15
CA ILE K 528 -47.81 21.50 -0.05
C ILE K 528 -47.64 20.88 1.31
N ALA K 529 -48.52 19.96 1.62
CA ALA K 529 -48.45 19.27 2.87
C ALA K 529 -48.89 17.88 2.53
N ALA K 530 -48.05 16.91 2.79
CA ALA K 530 -48.41 15.57 2.43
C ALA K 530 -48.04 14.58 3.49
N ASP K 531 -48.83 13.51 3.62
CA ASP K 531 -48.48 12.50 4.59
C ASP K 531 -48.21 11.19 3.91
N HIS K 532 -49.10 10.22 4.05
CA HIS K 532 -48.86 8.92 3.46
C HIS K 532 -49.86 8.62 2.40
N ASP K 533 -51.08 9.07 2.63
CA ASP K 533 -52.15 8.83 1.69
C ASP K 533 -51.93 9.56 0.39
N GLY K 534 -51.87 10.88 0.47
CA GLY K 534 -51.67 11.67 -0.71
C GLY K 534 -51.01 12.94 -0.32
N SER K 535 -51.46 14.03 -0.95
CA SER K 535 -50.90 15.34 -0.67
C SER K 535 -52.00 16.41 -0.69
N THR K 536 -51.84 17.45 0.11
CA THR K 536 -52.82 18.55 0.13
C THR K 536 -52.18 19.87 -0.31
N VAL K 537 -52.53 20.29 -1.52
CA VAL K 537 -52.04 21.52 -2.12
C VAL K 537 -52.98 22.68 -1.83
N SER K 538 -52.45 23.74 -1.26
CA SER K 538 -53.26 24.88 -0.92
C SER K 538 -52.85 26.10 -1.71
N PHE K 539 -53.85 26.83 -2.23
CA PHE K 539 -53.59 28.03 -3.00
C PHE K 539 -53.81 29.30 -2.19
N ASP K 540 -53.36 30.43 -2.74
CA ASP K 540 -53.46 31.76 -2.14
C ASP K 540 -54.80 32.10 -1.57
N ASP K 541 -55.83 31.96 -2.39
CA ASP K 541 -57.18 32.26 -1.97
C ASP K 541 -57.72 31.40 -0.80
N GLY K 542 -56.86 30.63 -0.16
CA GLY K 542 -57.29 29.83 0.96
C GLY K 542 -57.87 28.48 0.56
N SER K 543 -58.11 28.28 -0.75
CA SER K 543 -58.66 27.01 -1.25
C SER K 543 -57.59 25.91 -1.29
N SER K 544 -58.03 24.67 -1.15
CA SER K 544 -57.07 23.58 -1.13
C SER K 544 -57.57 22.33 -1.77
N MET K 545 -56.75 21.76 -2.65
CA MET K 545 -57.11 20.52 -3.33
C MET K 545 -56.33 19.36 -2.70
N ARG K 546 -56.87 18.15 -2.86
CA ARG K 546 -56.21 16.97 -2.31
C ARG K 546 -55.85 16.07 -3.47
N VAL K 547 -54.55 15.91 -3.66
CA VAL K 547 -54.05 15.08 -4.73
C VAL K 547 -53.73 13.70 -4.18
N THR K 548 -54.10 12.70 -4.95
CA THR K 548 -53.86 11.32 -4.59
C THR K 548 -53.29 10.66 -5.81
N SER K 549 -52.21 9.90 -5.67
CA SER K 549 -51.71 9.23 -6.85
C SER K 549 -50.80 8.06 -6.74
N ASP K 550 -50.88 7.27 -7.80
CA ASP K 550 -50.12 6.06 -7.97
C ASP K 550 -48.77 6.43 -8.55
N TRP K 551 -48.80 7.49 -9.35
CA TRP K 551 -47.64 7.99 -10.07
C TRP K 551 -46.32 7.92 -9.36
N THR K 552 -45.26 7.87 -10.16
CA THR K 552 -43.90 7.83 -9.68
C THR K 552 -43.00 8.24 -10.85
N PRO K 553 -41.84 8.87 -10.59
CA PRO K 553 -41.00 9.25 -11.69
C PRO K 553 -40.80 8.19 -12.74
N GLY K 554 -40.91 8.63 -13.98
CA GLY K 554 -40.69 7.77 -15.12
C GLY K 554 -41.95 7.36 -15.83
N ASP K 555 -43.05 7.32 -15.08
CA ASP K 555 -44.33 6.90 -15.61
C ASP K 555 -44.71 7.92 -16.66
N GLN K 556 -44.93 7.51 -17.90
CA GLN K 556 -45.25 8.53 -18.90
C GLN K 556 -46.70 9.02 -18.76
N LEU K 557 -47.54 8.26 -18.05
CA LEU K 557 -48.94 8.63 -17.88
C LEU K 557 -49.25 8.66 -16.40
N ALA K 558 -49.94 9.70 -15.94
CA ALA K 558 -50.27 9.81 -14.52
C ALA K 558 -51.77 9.82 -14.19
N ASN K 559 -52.22 8.82 -13.44
CA ASN K 559 -53.60 8.73 -13.03
C ASN K 559 -53.70 9.25 -11.63
N LEU K 560 -54.22 10.45 -11.49
CA LEU K 560 -54.35 11.05 -10.18
C LEU K 560 -55.81 11.18 -9.82
N MET K 561 -56.02 11.67 -8.61
CA MET K 561 -57.34 11.90 -8.05
C MET K 561 -57.23 13.22 -7.29
N VAL K 562 -57.61 14.30 -7.94
CA VAL K 562 -57.54 15.61 -7.31
C VAL K 562 -58.95 15.97 -6.94
N ASP K 563 -59.15 16.36 -5.67
CA ASP K 563 -60.48 16.70 -5.16
C ASP K 563 -61.44 15.59 -5.55
N GLY K 564 -61.10 14.36 -5.21
CA GLY K 564 -61.99 13.24 -5.52
C GLY K 564 -62.30 12.95 -6.99
N ALA K 565 -62.06 13.92 -7.86
CA ALA K 565 -62.33 13.71 -9.27
C ALA K 565 -61.05 13.32 -10.05
N PRO K 566 -61.15 12.26 -10.88
CA PRO K 566 -60.09 11.70 -11.71
C PRO K 566 -59.49 12.72 -12.65
N LEU K 567 -58.16 12.71 -12.69
CA LEU K 567 -57.41 13.58 -13.55
C LEU K 567 -56.32 12.75 -14.24
N VAL K 568 -56.47 12.44 -15.52
CA VAL K 568 -55.44 11.67 -16.21
C VAL K 568 -54.54 12.55 -17.08
N LEU K 569 -53.24 12.50 -16.80
CA LEU K 569 -52.23 13.31 -17.50
C LEU K 569 -51.13 12.51 -18.21
N LYS K 570 -50.48 13.13 -19.18
CA LYS K 570 -49.37 12.50 -19.87
C LYS K 570 -48.15 13.33 -19.43
N VAL K 571 -47.21 12.67 -18.77
CA VAL K 571 -46.05 13.36 -18.25
C VAL K 571 -44.71 13.21 -18.96
N GLY K 572 -43.94 14.29 -18.95
CA GLY K 572 -42.62 14.29 -19.55
C GLY K 572 -41.75 15.19 -18.67
N LYS K 573 -40.44 14.94 -18.61
CA LYS K 573 -39.55 15.78 -17.81
C LYS K 573 -39.17 17.06 -18.58
N ILE K 574 -38.88 18.12 -17.84
CA ILE K 574 -38.54 19.40 -18.42
C ILE K 574 -37.68 20.00 -17.33
N SER K 575 -36.77 20.91 -17.67
CA SER K 575 -35.92 21.50 -16.67
C SER K 575 -36.65 21.91 -15.37
N GLY K 576 -37.60 22.83 -15.44
CA GLY K 576 -38.26 23.22 -14.21
C GLY K 576 -39.58 22.56 -13.84
N GLY K 577 -39.80 21.36 -14.32
CA GLY K 577 -41.05 20.70 -14.03
C GLY K 577 -41.33 19.74 -15.16
N PHE K 578 -42.57 19.71 -15.65
CA PHE K 578 -42.85 18.80 -16.76
C PHE K 578 -43.73 19.33 -17.84
N ARG K 579 -43.83 18.53 -18.89
CA ARG K 579 -44.72 18.88 -19.96
C ARG K 579 -45.96 18.07 -19.64
N ILE K 580 -47.08 18.75 -19.41
CA ILE K 580 -48.32 18.06 -19.09
C ILE K 580 -49.28 18.19 -20.25
N ARG K 581 -50.05 17.14 -20.48
CA ARG K 581 -51.04 17.09 -21.57
C ARG K 581 -52.33 16.53 -21.05
N THR K 582 -53.39 17.34 -21.01
CA THR K 582 -54.66 16.80 -20.53
C THR K 582 -55.64 16.68 -21.65
N ARG K 583 -56.49 17.68 -21.89
CA ARG K 583 -57.41 17.49 -23.00
C ARG K 583 -56.66 17.91 -24.24
N GLY K 584 -57.20 18.78 -25.05
CA GLY K 584 -56.38 19.16 -26.20
C GLY K 584 -55.12 19.88 -25.70
N ALA K 585 -55.10 20.08 -24.39
CA ALA K 585 -54.00 20.76 -23.72
C ALA K 585 -52.66 20.04 -23.92
N ASP K 586 -51.60 20.83 -23.81
CA ASP K 586 -50.24 20.34 -23.96
C ASP K 586 -49.40 21.51 -23.59
N LEU K 587 -49.01 21.61 -22.33
CA LEU K 587 -48.24 22.77 -21.92
C LEU K 587 -47.18 22.54 -20.89
N LYS K 588 -46.10 23.32 -20.99
CA LYS K 588 -45.02 23.21 -20.04
C LYS K 588 -45.55 23.70 -18.71
N VAL K 589 -45.43 22.87 -17.67
CA VAL K 589 -45.86 23.24 -16.33
C VAL K 589 -44.58 23.33 -15.50
N HIS K 590 -44.17 24.54 -15.15
CA HIS K 590 -42.96 24.72 -14.37
C HIS K 590 -43.28 24.68 -12.90
N VAL K 591 -42.61 23.82 -12.15
CA VAL K 591 -42.84 23.79 -10.72
C VAL K 591 -41.53 24.26 -10.08
N ARG K 592 -41.52 25.52 -9.68
CA ARG K 592 -40.32 26.10 -9.07
C ARG K 592 -40.54 26.57 -7.64
N THR K 593 -39.46 26.96 -6.98
CA THR K 593 -39.57 27.49 -5.65
C THR K 593 -39.69 28.98 -5.84
N PRO K 594 -40.23 29.69 -4.83
CA PRO K 594 -40.37 31.13 -4.94
C PRO K 594 -39.13 31.93 -5.40
N ARG K 595 -37.91 31.59 -4.98
CA ARG K 595 -36.74 32.36 -5.44
C ARG K 595 -36.40 31.90 -6.84
N GLN K 596 -36.64 30.63 -7.13
CA GLN K 596 -36.35 30.10 -8.46
C GLN K 596 -37.23 30.88 -9.40
N ALA K 597 -38.52 30.83 -9.13
CA ALA K 597 -39.53 31.52 -9.90
C ALA K 597 -39.17 32.97 -10.06
N GLU K 598 -38.89 33.61 -8.92
CA GLU K 598 -38.54 35.02 -8.88
C GLU K 598 -37.46 35.36 -9.89
N LEU K 599 -36.38 34.59 -9.86
CA LEU K 599 -35.29 34.82 -10.78
C LEU K 599 -35.65 34.47 -12.21
N ALA K 600 -36.30 33.33 -12.41
CA ALA K 600 -36.67 32.91 -13.76
C ALA K 600 -37.38 34.03 -14.51
N ARG K 601 -38.03 34.90 -13.74
CA ARG K 601 -38.76 36.02 -14.30
C ARG K 601 -37.80 37.06 -14.90
N LEU K 602 -36.52 37.00 -14.53
CA LEU K 602 -35.50 37.92 -15.06
C LEU K 602 -34.87 37.32 -16.29
N MET K 603 -35.25 36.10 -16.64
CA MET K 603 -34.70 35.47 -17.83
C MET K 603 -35.34 35.99 -19.12
N PRO K 604 -34.51 36.29 -20.13
CA PRO K 604 -34.92 36.81 -21.44
C PRO K 604 -35.88 35.86 -22.10
N GLU K 605 -36.70 36.36 -23.00
CA GLU K 605 -37.65 35.51 -23.68
C GLU K 605 -37.03 35.02 -24.98
N LYS K 606 -36.82 33.71 -25.06
CA LYS K 606 -36.22 33.04 -26.20
C LYS K 606 -36.98 33.21 -27.51
N LEU K 607 -36.27 33.65 -28.56
CA LEU K 607 -36.85 33.82 -29.88
C LEU K 607 -36.19 32.84 -30.84
N PRO K 608 -36.96 31.94 -31.45
CA PRO K 608 -36.46 30.94 -32.39
C PRO K 608 -35.41 31.47 -33.36
N PRO K 609 -34.71 30.58 -34.09
CA PRO K 609 -33.69 31.05 -35.03
C PRO K 609 -34.34 31.51 -36.33
N ASP K 610 -33.54 32.05 -37.24
CA ASP K 610 -34.04 32.51 -38.53
C ASP K 610 -33.89 31.37 -39.54
N THR K 611 -34.75 31.33 -40.54
CA THR K 611 -34.67 30.27 -41.54
C THR K 611 -34.43 30.82 -42.93
N SER K 612 -33.59 30.13 -43.69
CA SER K 612 -33.32 30.54 -45.05
C SER K 612 -34.39 29.85 -45.87
N LYS K 613 -34.79 30.47 -46.96
CA LYS K 613 -35.80 29.90 -47.83
C LYS K 613 -35.11 29.05 -48.89
N MET K 614 -33.85 28.69 -48.60
CA MET K 614 -33.03 27.89 -49.51
C MET K 614 -32.56 26.59 -48.82
N LEU K 615 -33.06 25.45 -49.29
CA LEU K 615 -32.64 24.18 -48.69
C LEU K 615 -31.26 23.75 -49.19
N LEU K 616 -30.26 23.99 -48.37
CA LEU K 616 -28.91 23.63 -48.76
C LEU K 616 -28.68 22.18 -48.40
N CYS K 617 -27.89 21.51 -49.24
CA CYS K 617 -27.56 20.11 -49.02
C CYS K 617 -26.42 20.04 -48.01
N PRO K 618 -26.68 19.43 -46.84
CA PRO K 618 -25.66 19.32 -45.80
C PRO K 618 -24.71 18.11 -45.88
N MET K 619 -25.04 17.11 -46.69
CA MET K 619 -24.15 15.96 -46.81
C MET K 619 -23.78 15.73 -48.27
N PRO K 620 -22.49 15.66 -48.57
CA PRO K 620 -22.08 15.45 -49.96
C PRO K 620 -22.50 14.07 -50.44
N GLY K 621 -23.74 13.92 -50.91
CA GLY K 621 -24.16 12.61 -51.34
C GLY K 621 -24.91 12.60 -52.64
N LEU K 622 -25.78 11.60 -52.80
CA LEU K 622 -26.59 11.44 -54.00
C LEU K 622 -28.09 11.55 -53.72
N ILE K 623 -28.80 12.39 -54.47
CA ILE K 623 -30.24 12.55 -54.28
C ILE K 623 -31.00 11.33 -54.75
N VAL K 624 -31.56 10.60 -53.80
CA VAL K 624 -32.32 9.40 -54.06
C VAL K 624 -33.74 9.71 -54.46
N LYS K 625 -34.33 10.74 -53.88
CA LYS K 625 -35.70 11.08 -54.25
C LYS K 625 -36.17 12.43 -53.72
N VAL K 626 -37.04 13.08 -54.50
CA VAL K 626 -37.64 14.35 -54.12
C VAL K 626 -39.12 14.04 -54.10
N ASP K 627 -39.76 14.30 -52.95
CA ASP K 627 -41.18 14.01 -52.78
C ASP K 627 -42.01 15.28 -52.68
N VAL K 628 -41.52 16.34 -53.32
CA VAL K 628 -42.18 17.64 -53.32
C VAL K 628 -42.13 18.25 -54.73
N GLU K 629 -43.24 18.88 -55.13
CA GLU K 629 -43.36 19.52 -56.45
C GLU K 629 -43.26 21.04 -56.34
N VAL K 630 -42.97 21.69 -57.45
CA VAL K 630 -42.87 23.14 -57.47
C VAL K 630 -44.24 23.71 -57.16
N GLY K 631 -44.27 24.78 -56.38
CA GLY K 631 -45.54 25.36 -56.01
C GLY K 631 -46.34 24.50 -55.03
N GLN K 632 -45.70 23.54 -54.36
CA GLN K 632 -46.38 22.71 -53.37
C GLN K 632 -46.27 23.48 -52.05
N GLU K 633 -47.09 23.16 -51.06
CA GLU K 633 -47.03 23.85 -49.77
C GLU K 633 -46.54 22.81 -48.77
N VAL K 634 -45.52 23.16 -47.98
CA VAL K 634 -44.96 22.19 -47.02
C VAL K 634 -45.12 22.54 -45.56
N GLN K 635 -45.29 21.50 -44.76
CA GLN K 635 -45.46 21.66 -43.32
C GLN K 635 -44.10 21.70 -42.65
N GLU K 636 -44.00 22.42 -41.54
CA GLU K 636 -42.75 22.51 -40.79
C GLU K 636 -42.27 21.10 -40.38
N GLY K 637 -41.18 20.65 -40.99
CA GLY K 637 -40.62 19.34 -40.69
C GLY K 637 -41.02 18.28 -41.68
N GLN K 638 -41.62 18.70 -42.79
CA GLN K 638 -42.05 17.72 -43.76
C GLN K 638 -40.93 17.19 -44.62
N ALA K 639 -40.99 15.90 -44.95
CA ALA K 639 -39.96 15.29 -45.78
C ALA K 639 -39.89 16.00 -47.13
N LEU K 640 -38.72 16.52 -47.48
CA LEU K 640 -38.55 17.19 -48.76
C LEU K 640 -37.89 16.21 -49.77
N CYS K 641 -36.62 15.90 -49.55
CA CYS K 641 -35.90 14.96 -50.40
C CYS K 641 -35.18 13.93 -49.54
N THR K 642 -34.31 13.16 -50.16
CA THR K 642 -33.58 12.09 -49.47
C THR K 642 -32.23 11.83 -50.10
N ILE K 643 -31.16 12.26 -49.46
CA ILE K 643 -29.82 12.06 -49.99
C ILE K 643 -29.23 10.76 -49.47
N GLU K 644 -28.55 9.98 -50.31
CA GLU K 644 -27.91 8.72 -49.87
C GLU K 644 -26.43 9.01 -49.57
N ALA K 645 -26.10 8.93 -48.27
CA ALA K 645 -24.77 9.23 -47.74
C ALA K 645 -23.69 8.24 -48.07
N MET K 646 -23.61 7.20 -47.26
CA MET K 646 -22.62 6.16 -47.44
C MET K 646 -23.37 4.86 -47.32
N LYS K 647 -24.39 4.71 -48.17
CA LYS K 647 -25.28 3.54 -48.20
C LYS K 647 -26.23 3.73 -47.04
N MET K 648 -26.52 4.98 -46.75
CA MET K 648 -27.42 5.30 -45.66
C MET K 648 -28.27 6.46 -46.15
N GLU K 649 -29.59 6.34 -45.99
CA GLU K 649 -30.53 7.38 -46.42
C GLU K 649 -30.76 8.49 -45.39
N ASN K 650 -30.69 9.73 -45.86
CA ASN K 650 -30.91 10.88 -45.01
C ASN K 650 -32.08 11.71 -45.53
N ILE K 651 -33.14 11.81 -44.73
CA ILE K 651 -34.31 12.56 -45.10
C ILE K 651 -34.21 14.00 -44.63
N LEU K 652 -34.18 14.93 -45.61
CA LEU K 652 -34.12 16.36 -45.35
C LEU K 652 -35.54 16.88 -45.24
N ARG K 653 -35.77 17.80 -44.32
CA ARG K 653 -37.13 18.29 -44.16
C ARG K 653 -37.31 19.77 -43.96
N ALA K 654 -38.51 20.23 -44.33
CA ALA K 654 -38.90 21.62 -44.24
C ALA K 654 -38.58 22.17 -42.86
N GLU K 655 -37.95 23.33 -42.85
CA GLU K 655 -37.53 24.00 -41.63
C GLU K 655 -38.77 24.58 -40.95
N LYS K 656 -39.54 25.32 -41.74
CA LYS K 656 -40.76 25.97 -41.31
C LYS K 656 -41.77 25.79 -42.44
N LYS K 657 -43.05 25.92 -42.13
CA LYS K 657 -44.09 25.75 -43.14
C LYS K 657 -43.84 26.82 -44.22
N GLY K 658 -43.90 26.41 -45.48
CA GLY K 658 -43.66 27.33 -46.59
C GLY K 658 -44.10 26.72 -47.92
N VAL K 659 -43.85 27.44 -49.01
CA VAL K 659 -44.22 26.96 -50.35
C VAL K 659 -43.03 26.94 -51.30
N VAL K 660 -42.87 25.79 -51.96
CA VAL K 660 -41.78 25.57 -52.90
C VAL K 660 -41.77 26.55 -54.06
N ALA K 661 -40.71 27.36 -54.13
CA ALA K 661 -40.55 28.30 -55.22
C ALA K 661 -40.04 27.48 -56.39
N LYS K 662 -38.80 27.03 -56.31
CA LYS K 662 -38.23 26.21 -57.37
C LYS K 662 -37.33 25.08 -56.85
N ILE K 663 -37.24 24.03 -57.65
CA ILE K 663 -36.42 22.86 -57.36
C ILE K 663 -35.32 22.85 -58.40
N ASN K 664 -34.13 22.37 -58.05
CA ASN K 664 -33.06 22.31 -59.03
C ASN K 664 -32.15 21.14 -58.76
N ALA K 665 -32.72 19.95 -58.79
CA ALA K 665 -32.00 18.69 -58.57
C ALA K 665 -33.06 17.60 -58.59
N SER K 666 -32.71 16.42 -59.04
CA SER K 666 -33.70 15.36 -59.07
C SER K 666 -33.03 14.03 -58.80
N ALA K 667 -33.81 12.96 -58.79
CA ALA K 667 -33.25 11.65 -58.54
C ALA K 667 -31.91 11.53 -59.27
N GLY K 668 -31.05 10.63 -58.79
CA GLY K 668 -29.76 10.43 -59.44
C GLY K 668 -28.75 11.56 -59.35
N ASN K 669 -29.21 12.76 -59.03
CA ASN K 669 -28.31 13.91 -58.92
C ASN K 669 -27.29 13.68 -57.80
N SER K 670 -26.12 14.30 -57.93
CA SER K 670 -25.07 14.15 -56.95
C SER K 670 -24.51 15.52 -56.60
N LEU K 671 -24.91 16.03 -55.44
CA LEU K 671 -24.49 17.35 -54.96
C LEU K 671 -23.56 17.38 -53.75
N ALA K 672 -22.67 18.37 -53.73
CA ALA K 672 -21.74 18.56 -52.63
C ALA K 672 -22.46 19.36 -51.56
N VAL K 673 -21.75 19.79 -50.53
CA VAL K 673 -22.40 20.55 -49.46
C VAL K 673 -22.88 21.88 -50.03
N ASP K 674 -23.70 22.57 -49.23
CA ASP K 674 -24.26 23.87 -49.59
C ASP K 674 -25.04 23.99 -50.91
N ASP K 675 -24.85 23.07 -51.85
CA ASP K 675 -25.58 23.16 -53.11
C ASP K 675 -27.06 23.32 -52.84
N VAL K 676 -27.64 24.44 -53.27
CA VAL K 676 -29.07 24.68 -53.06
C VAL K 676 -29.91 23.59 -53.73
N ILE K 677 -30.69 22.85 -52.94
CA ILE K 677 -31.53 21.78 -53.46
C ILE K 677 -32.87 22.29 -53.96
N MET K 678 -33.44 23.21 -53.19
CA MET K 678 -34.72 23.80 -53.51
C MET K 678 -34.72 25.22 -53.04
N GLU K 679 -35.72 25.97 -53.45
CA GLU K 679 -35.84 27.36 -53.03
C GLU K 679 -37.27 27.54 -52.59
N PHE K 680 -37.50 28.43 -51.64
CA PHE K 680 -38.85 28.66 -51.17
C PHE K 680 -39.18 30.12 -51.33
N GLU K 681 -40.41 30.42 -51.71
CA GLU K 681 -40.83 31.80 -51.94
C GLU K 681 -40.95 32.58 -50.63
N LEU L 26 -22.56 42.44 16.86
CA LEU L 26 -22.56 43.80 16.24
C LEU L 26 -23.39 43.88 14.99
N GLU L 27 -24.31 44.83 14.94
CA GLU L 27 -25.14 45.00 13.76
C GLU L 27 -24.26 45.67 12.73
N GLN L 28 -23.06 46.02 13.17
CA GLN L 28 -22.09 46.62 12.28
C GLN L 28 -21.66 45.49 11.35
N LEU L 29 -21.50 44.29 11.91
CA LEU L 29 -21.15 43.14 11.12
C LEU L 29 -22.24 43.01 10.05
N GLU L 30 -23.50 42.93 10.48
CA GLU L 30 -24.62 42.82 9.55
C GLU L 30 -24.55 43.86 8.44
N ASP L 31 -24.03 45.04 8.75
CA ASP L 31 -23.89 46.07 7.73
C ASP L 31 -22.83 45.72 6.71
N ARG L 32 -21.60 45.48 7.18
CA ARG L 32 -20.46 45.13 6.33
C ARG L 32 -20.87 44.02 5.37
N ARG L 33 -21.52 43.01 5.95
CA ARG L 33 -22.03 41.86 5.25
C ARG L 33 -22.94 42.33 4.12
N ALA L 34 -24.02 42.99 4.49
CA ALA L 34 -25.00 43.46 3.51
C ALA L 34 -24.35 44.33 2.42
N ALA L 35 -23.37 45.13 2.82
CA ALA L 35 -22.64 46.00 1.91
C ALA L 35 -21.97 45.15 0.86
N ALA L 36 -21.15 44.20 1.31
CA ALA L 36 -20.45 43.28 0.42
C ALA L 36 -21.40 42.59 -0.56
N ARG L 37 -22.50 42.07 -0.04
CA ARG L 37 -23.48 41.38 -0.86
C ARG L 37 -23.96 42.22 -2.05
N LEU L 38 -23.69 43.51 -2.01
CA LEU L 38 -24.12 44.39 -3.08
C LEU L 38 -23.29 44.38 -4.35
N GLY L 39 -22.08 43.85 -4.27
CA GLY L 39 -21.23 43.76 -5.44
C GLY L 39 -20.89 45.14 -5.94
N GLY L 40 -20.70 45.26 -7.25
CA GLY L 40 -20.40 46.57 -7.80
C GLY L 40 -21.58 47.54 -7.75
N GLY L 41 -22.54 47.27 -6.88
CA GLY L 41 -23.67 48.16 -6.76
C GLY L 41 -24.91 47.86 -7.56
N GLN L 42 -26.01 48.25 -6.94
CA GLN L 42 -27.36 48.08 -7.46
C GLN L 42 -27.53 48.54 -8.92
N LYS L 43 -26.77 49.55 -9.33
CA LYS L 43 -26.87 50.05 -10.70
C LYS L 43 -26.23 49.02 -11.64
N ARG L 44 -25.12 48.42 -11.22
CA ARG L 44 -24.44 47.40 -12.03
C ARG L 44 -25.23 46.10 -12.00
N ILE L 45 -25.90 45.85 -10.88
CA ILE L 45 -26.68 44.64 -10.77
C ILE L 45 -27.75 44.67 -11.83
N ASP L 46 -28.34 45.85 -12.03
CA ASP L 46 -29.38 46.01 -13.04
C ASP L 46 -28.77 45.77 -14.37
N ALA L 47 -27.64 46.43 -14.63
CA ALA L 47 -26.92 46.27 -15.87
C ALA L 47 -26.84 44.80 -16.26
N GLN L 48 -26.37 44.00 -15.30
CA GLN L 48 -26.19 42.56 -15.43
C GLN L 48 -27.49 41.90 -15.80
N HIS L 49 -28.50 42.12 -14.96
CA HIS L 49 -29.84 41.56 -15.16
C HIS L 49 -30.35 41.94 -16.55
N GLY L 50 -29.95 43.13 -17.00
CA GLY L 50 -30.37 43.61 -18.31
C GLY L 50 -29.91 42.65 -19.35
N ARG L 51 -28.72 42.08 -19.17
CA ARG L 51 -28.18 41.14 -20.14
C ARG L 51 -28.80 39.75 -19.98
N GLY L 52 -29.86 39.66 -19.17
CA GLY L 52 -30.52 38.38 -18.95
C GLY L 52 -29.64 37.48 -18.11
N LYS L 53 -28.62 38.10 -17.53
CA LYS L 53 -27.66 37.40 -16.72
C LYS L 53 -27.96 37.58 -15.24
N LEU L 54 -27.91 36.49 -14.48
CA LEU L 54 -28.13 36.56 -13.04
C LEU L 54 -26.84 37.07 -12.39
N THR L 55 -26.88 37.42 -11.11
CA THR L 55 -25.69 37.92 -10.42
C THR L 55 -24.91 36.71 -9.92
N ALA L 56 -23.64 36.92 -9.58
CA ALA L 56 -22.80 35.82 -9.08
C ALA L 56 -23.53 35.14 -7.94
N ARG L 57 -23.90 35.94 -6.96
CA ARG L 57 -24.59 35.43 -5.80
C ARG L 57 -25.92 34.72 -6.11
N GLU L 58 -26.70 35.27 -7.05
CA GLU L 58 -27.99 34.67 -7.37
C GLU L 58 -27.81 33.30 -8.02
N ARG L 59 -26.68 33.14 -8.73
CA ARG L 59 -26.37 31.86 -9.39
C ARG L 59 -26.03 30.82 -8.31
N VAL L 60 -25.20 31.22 -7.35
CA VAL L 60 -24.81 30.37 -6.24
C VAL L 60 -26.12 29.97 -5.56
N ASP L 61 -26.98 30.95 -5.34
CA ASP L 61 -28.26 30.70 -4.70
C ASP L 61 -29.12 29.63 -5.31
N LEU L 62 -29.13 29.55 -6.63
CA LEU L 62 -29.95 28.54 -7.28
C LEU L 62 -29.21 27.21 -7.41
N LEU L 63 -27.89 27.25 -7.34
CA LEU L 63 -27.11 26.03 -7.46
C LEU L 63 -27.15 25.17 -6.22
N LEU L 64 -27.00 25.82 -5.07
CA LEU L 64 -26.93 25.08 -3.82
C LEU L 64 -28.24 24.86 -3.06
N ASP L 65 -28.30 23.70 -2.38
CA ASP L 65 -29.44 23.31 -1.57
C ASP L 65 -29.86 24.50 -0.74
N GLU L 66 -31.11 24.89 -0.88
CA GLU L 66 -31.63 26.05 -0.21
C GLU L 66 -31.08 26.29 1.19
N GLY L 67 -30.29 27.36 1.31
CA GLY L 67 -29.71 27.73 2.58
C GLY L 67 -28.82 26.60 3.01
N SER L 68 -27.62 26.57 2.46
CA SER L 68 -26.67 25.52 2.76
C SER L 68 -25.34 26.08 2.36
N PHE L 69 -25.38 27.26 1.76
CA PHE L 69 -24.19 27.90 1.30
C PHE L 69 -23.50 28.53 2.48
N GLU L 70 -22.20 28.36 2.55
CA GLU L 70 -21.39 29.01 3.57
C GLU L 70 -20.37 29.75 2.70
N GLU L 71 -20.15 31.04 2.96
CA GLU L 71 -19.23 31.80 2.14
C GLU L 71 -17.92 31.96 2.82
N PHE L 72 -16.86 32.08 2.03
CA PHE L 72 -15.54 32.29 2.55
C PHE L 72 -14.95 33.52 1.90
N ASP L 73 -13.94 34.07 2.56
CA ASP L 73 -13.26 35.26 2.06
C ASP L 73 -14.18 36.38 1.54
N MET L 74 -15.26 36.66 2.25
CA MET L 74 -16.22 37.69 1.82
C MET L 74 -15.70 39.11 1.82
N PHE L 75 -14.74 39.40 2.69
CA PHE L 75 -14.21 40.76 2.76
C PHE L 75 -12.79 40.87 2.22
N VAL L 76 -12.39 39.88 1.45
CA VAL L 76 -11.05 39.89 0.89
C VAL L 76 -10.92 41.07 -0.05
N THR L 77 -9.76 41.69 -0.06
CA THR L 77 -9.51 42.83 -0.91
C THR L 77 -8.24 42.54 -1.67
N HIS L 78 -8.03 43.17 -2.83
CA HIS L 78 -6.81 42.94 -3.60
C HIS L 78 -5.62 43.68 -2.99
N ARG L 79 -4.40 43.32 -3.42
CA ARG L 79 -3.16 43.90 -2.92
C ARG L 79 -2.38 44.71 -3.96
N CYS L 80 -3.10 45.25 -4.93
CA CYS L 80 -2.50 46.02 -6.00
C CYS L 80 -2.28 47.47 -5.60
N THR L 81 -1.19 48.04 -6.07
CA THR L 81 -0.88 49.43 -5.77
C THR L 81 -0.58 50.24 -7.02
N ASP L 82 -0.45 49.57 -8.16
CA ASP L 82 -0.18 50.26 -9.43
C ASP L 82 -1.44 50.96 -9.91
N PHE L 83 -1.28 51.81 -10.90
CA PHE L 83 -2.39 52.49 -11.51
C PHE L 83 -3.54 52.87 -10.58
N ASN L 84 -3.20 53.39 -9.41
CA ASN L 84 -4.22 53.83 -8.46
C ASN L 84 -5.24 52.76 -8.19
N MET L 85 -4.87 51.51 -8.44
CA MET L 85 -5.77 50.40 -8.21
C MET L 85 -6.17 50.33 -6.77
N GLN L 86 -5.31 50.82 -5.89
CA GLN L 86 -5.60 50.73 -4.47
C GLN L 86 -6.68 51.66 -3.98
N ASP L 87 -7.26 52.47 -4.87
CA ASP L 87 -8.31 53.39 -4.45
C ASP L 87 -9.66 52.72 -4.64
N GLN L 88 -9.63 51.55 -5.22
CA GLN L 88 -10.84 50.82 -5.48
C GLN L 88 -10.59 49.40 -4.96
N LYS L 89 -10.84 49.20 -3.66
CA LYS L 89 -10.64 47.90 -3.03
C LYS L 89 -11.95 47.25 -2.59
N PRO L 90 -12.81 46.84 -3.55
CA PRO L 90 -14.12 46.20 -3.28
C PRO L 90 -13.98 44.94 -2.47
N ALA L 91 -15.04 44.59 -1.74
CA ALA L 91 -14.99 43.39 -0.92
C ALA L 91 -15.28 42.17 -1.77
N GLY L 92 -14.52 41.11 -1.54
CA GLY L 92 -14.70 39.89 -2.29
C GLY L 92 -13.75 39.82 -3.47
N ASP L 93 -13.34 41.00 -3.91
CA ASP L 93 -12.43 41.15 -5.03
C ASP L 93 -12.85 40.48 -6.33
N GLY L 94 -14.15 40.42 -6.60
CA GLY L 94 -14.59 39.86 -7.85
C GLY L 94 -15.09 38.44 -7.96
N VAL L 95 -15.03 37.66 -6.89
CA VAL L 95 -15.52 36.28 -7.00
C VAL L 95 -16.17 35.88 -5.70
N VAL L 96 -17.20 35.04 -5.76
CA VAL L 96 -17.87 34.56 -4.55
C VAL L 96 -17.46 33.10 -4.38
N THR L 97 -16.79 32.79 -3.27
CA THR L 97 -16.32 31.42 -3.03
C THR L 97 -16.95 30.81 -1.77
N GLY L 98 -16.91 29.48 -1.66
CA GLY L 98 -17.45 28.79 -0.51
C GLY L 98 -17.92 27.37 -0.79
N TRP L 99 -18.75 26.82 0.09
CA TRP L 99 -19.26 25.48 -0.12
C TRP L 99 -20.76 25.42 0.22
N GLY L 100 -21.35 24.22 0.12
CA GLY L 100 -22.76 24.02 0.40
C GLY L 100 -23.09 22.60 -0.05
N THR L 101 -24.35 22.29 -0.33
CA THR L 101 -24.66 20.92 -0.79
C THR L 101 -25.64 20.87 -1.94
N ILE L 102 -25.65 19.75 -2.66
CA ILE L 102 -26.60 19.53 -3.74
C ILE L 102 -27.20 18.18 -3.42
N ASN L 103 -28.42 18.30 -2.91
CA ASN L 103 -29.17 17.16 -2.47
C ASN L 103 -28.50 16.51 -1.29
N GLY L 104 -27.92 17.36 -0.44
CA GLY L 104 -27.29 16.87 0.76
C GLY L 104 -25.85 16.49 0.61
N ARG L 105 -25.34 16.49 -0.61
CA ARG L 105 -23.94 16.12 -0.82
C ARG L 105 -23.06 17.36 -0.93
N VAL L 106 -21.94 17.36 -0.21
CA VAL L 106 -21.05 18.51 -0.26
C VAL L 106 -20.44 18.81 -1.60
N VAL L 107 -20.44 20.10 -1.91
CA VAL L 107 -19.90 20.57 -3.16
C VAL L 107 -19.21 21.92 -2.92
N TYR L 108 -18.07 22.14 -3.59
CA TYR L 108 -17.35 23.41 -3.43
C TYR L 108 -17.63 24.29 -4.64
N VAL L 109 -17.72 25.59 -4.43
CA VAL L 109 -18.09 26.45 -5.54
C VAL L 109 -17.47 27.84 -5.54
N PHE L 110 -17.49 28.49 -6.70
CA PHE L 110 -17.01 29.87 -6.86
C PHE L 110 -17.79 30.45 -8.02
N SER L 111 -18.32 31.63 -7.82
CA SER L 111 -19.10 32.26 -8.86
C SER L 111 -18.42 33.59 -9.08
N GLN L 112 -17.96 33.87 -10.29
CA GLN L 112 -17.32 35.15 -10.55
C GLN L 112 -18.39 36.26 -10.64
N ASP L 113 -18.12 37.35 -9.93
CA ASP L 113 -19.03 38.49 -9.88
C ASP L 113 -18.65 39.55 -10.91
N PHE L 114 -19.25 39.44 -12.08
CA PHE L 114 -18.98 40.35 -13.18
C PHE L 114 -19.12 41.85 -12.86
N THR L 115 -19.98 42.19 -11.91
CA THR L 115 -20.19 43.58 -11.52
C THR L 115 -19.07 44.18 -10.68
N VAL L 116 -18.10 43.36 -10.26
CA VAL L 116 -17.02 43.89 -9.45
C VAL L 116 -15.71 43.86 -10.19
N LEU L 117 -15.32 45.00 -10.76
CA LEU L 117 -14.09 45.06 -11.56
C LEU L 117 -14.20 44.03 -12.68
N GLY L 118 -15.41 43.95 -13.24
CA GLY L 118 -15.67 43.01 -14.31
C GLY L 118 -15.37 41.57 -13.96
N GLY L 119 -15.28 41.26 -12.68
CA GLY L 119 -14.95 39.92 -12.26
C GLY L 119 -13.59 39.60 -12.86
N SER L 120 -12.69 40.59 -12.86
CA SER L 120 -11.35 40.45 -13.42
C SER L 120 -10.45 39.67 -12.48
N VAL L 121 -9.68 38.76 -13.06
CA VAL L 121 -8.80 37.90 -12.29
C VAL L 121 -7.54 38.57 -11.73
N SER L 122 -7.46 38.62 -10.41
CA SER L 122 -6.31 39.19 -9.73
C SER L 122 -5.62 38.12 -8.90
N GLU L 123 -4.56 38.50 -8.22
CA GLU L 123 -3.83 37.54 -7.41
C GLU L 123 -4.75 36.98 -6.36
N THR L 124 -5.47 37.88 -5.71
CA THR L 124 -6.39 37.52 -4.66
C THR L 124 -7.67 36.84 -5.11
N HIS L 125 -8.14 37.11 -6.32
CA HIS L 125 -9.35 36.45 -6.83
C HIS L 125 -9.01 34.96 -7.00
N SER L 126 -7.86 34.67 -7.62
CA SER L 126 -7.46 33.30 -7.82
C SER L 126 -7.32 32.64 -6.47
N LYS L 127 -6.59 33.31 -5.58
CA LYS L 127 -6.34 32.76 -4.24
C LYS L 127 -7.59 32.24 -3.62
N LYS L 128 -8.69 32.96 -3.81
CA LYS L 128 -9.99 32.58 -3.26
C LYS L 128 -10.51 31.30 -3.90
N ILE L 129 -10.25 31.19 -5.20
CA ILE L 129 -10.68 30.02 -5.95
C ILE L 129 -9.82 28.85 -5.56
N CYS L 130 -8.54 29.12 -5.30
CA CYS L 130 -7.64 28.05 -4.91
C CYS L 130 -7.99 27.48 -3.54
N LYS L 131 -8.41 28.34 -2.62
CA LYS L 131 -8.77 27.90 -1.27
C LYS L 131 -9.88 26.85 -1.29
N ILE L 132 -10.89 27.06 -2.12
CA ILE L 132 -11.96 26.07 -2.14
C ILE L 132 -11.58 24.90 -3.03
N MET L 133 -10.65 25.08 -3.96
CA MET L 133 -10.24 23.94 -4.78
C MET L 133 -9.41 23.03 -3.87
N ASP L 134 -8.50 23.65 -3.13
CA ASP L 134 -7.67 22.90 -2.20
C ASP L 134 -8.57 22.25 -1.18
N MET L 135 -9.70 22.89 -0.88
CA MET L 135 -10.58 22.29 0.10
C MET L 135 -11.37 21.18 -0.52
N ALA L 136 -11.76 21.35 -1.77
CA ALA L 136 -12.52 20.30 -2.42
C ALA L 136 -11.65 19.06 -2.49
N MET L 137 -10.36 19.24 -2.78
CA MET L 137 -9.51 18.09 -2.87
C MET L 137 -9.20 17.37 -1.56
N GLN L 138 -8.99 18.11 -0.47
CA GLN L 138 -8.69 17.47 0.83
C GLN L 138 -9.89 16.75 1.39
N ASN L 139 -11.08 17.10 0.93
CA ASN L 139 -12.30 16.48 1.42
C ASN L 139 -13.03 15.63 0.40
N GLY L 140 -12.51 15.62 -0.82
CA GLY L 140 -13.11 14.81 -1.87
C GLY L 140 -14.54 15.18 -2.21
N ALA L 141 -14.69 16.35 -2.82
CA ALA L 141 -15.98 16.86 -3.27
C ALA L 141 -15.74 17.69 -4.51
N PRO L 142 -16.70 17.65 -5.45
CA PRO L 142 -16.61 18.39 -6.71
C PRO L 142 -16.39 19.90 -6.52
N VAL L 143 -16.11 20.59 -7.59
CA VAL L 143 -15.92 22.02 -7.56
C VAL L 143 -16.74 22.51 -8.74
N ILE L 144 -17.67 23.45 -8.53
CA ILE L 144 -18.42 23.98 -9.67
C ILE L 144 -17.90 25.39 -9.91
N GLY L 145 -17.44 25.65 -11.13
CA GLY L 145 -16.89 26.96 -11.46
C GLY L 145 -17.84 27.75 -12.31
N ILE L 146 -18.21 28.92 -11.82
CA ILE L 146 -19.12 29.73 -12.57
C ILE L 146 -18.31 30.89 -13.08
N ASN L 147 -17.90 30.77 -14.34
CA ASN L 147 -17.09 31.81 -14.95
C ASN L 147 -17.97 32.85 -15.62
N ASP L 148 -17.64 34.11 -15.36
CA ASP L 148 -18.36 35.25 -15.87
C ASP L 148 -17.36 36.35 -15.57
N SER L 149 -16.29 36.37 -16.35
CA SER L 149 -15.25 37.35 -16.14
C SER L 149 -14.80 38.05 -17.41
N GLY L 150 -14.45 39.32 -17.25
CA GLY L 150 -13.97 40.09 -18.38
C GLY L 150 -12.57 39.65 -18.76
N GLY L 151 -11.89 38.97 -17.84
CA GLY L 151 -10.53 38.52 -18.09
C GLY L 151 -9.57 38.94 -16.98
N ALA L 152 -8.27 38.89 -17.29
CA ALA L 152 -7.24 39.23 -16.32
C ALA L 152 -7.34 40.68 -15.92
N ARG L 153 -6.94 40.94 -14.68
CA ARG L 153 -6.90 42.29 -14.13
C ARG L 153 -5.55 42.91 -14.55
N ILE L 154 -5.53 43.53 -15.74
CA ILE L 154 -4.33 44.14 -16.33
C ILE L 154 -3.39 44.89 -15.39
N GLN L 155 -3.93 45.69 -14.49
CA GLN L 155 -3.13 46.47 -13.54
C GLN L 155 -2.23 45.64 -12.63
N GLU L 156 -2.60 44.38 -12.43
CA GLU L 156 -1.82 43.50 -11.56
C GLU L 156 -0.58 42.96 -12.26
N GLY L 157 -0.42 43.21 -13.56
CA GLY L 157 0.76 42.72 -14.25
C GLY L 157 0.92 41.21 -14.17
N VAL L 158 2.13 40.71 -13.88
CA VAL L 158 2.33 39.25 -13.80
C VAL L 158 1.56 38.63 -12.66
N ASP L 159 1.15 39.43 -11.69
CA ASP L 159 0.37 38.88 -10.58
C ASP L 159 -0.94 38.29 -11.06
N SER L 160 -1.46 38.81 -12.15
CA SER L 160 -2.67 38.27 -12.66
C SER L 160 -2.32 36.93 -13.30
N LEU L 161 -1.19 36.89 -13.97
CA LEU L 161 -0.77 35.65 -14.61
C LEU L 161 -0.54 34.57 -13.58
N ALA L 162 0.18 34.92 -12.50
CA ALA L 162 0.47 33.94 -11.45
C ALA L 162 -0.86 33.44 -10.88
N GLY L 163 -1.79 34.35 -10.70
CA GLY L 163 -3.10 34.00 -10.17
C GLY L 163 -3.72 32.92 -11.02
N TYR L 164 -3.57 33.04 -12.32
CA TYR L 164 -4.12 32.03 -13.20
C TYR L 164 -3.38 30.74 -12.96
N GLY L 165 -2.05 30.83 -12.90
CA GLY L 165 -1.22 29.66 -12.68
C GLY L 165 -1.66 28.76 -11.54
N GLU L 166 -1.83 29.35 -10.36
CA GLU L 166 -2.24 28.58 -9.22
C GLU L 166 -3.57 27.90 -9.45
N VAL L 167 -4.48 28.54 -10.17
CA VAL L 167 -5.74 27.88 -10.43
C VAL L 167 -5.42 26.73 -11.37
N PHE L 168 -4.78 27.02 -12.50
CA PHE L 168 -4.42 25.98 -13.47
C PHE L 168 -3.82 24.71 -12.81
N GLN L 169 -2.74 24.90 -12.07
CA GLN L 169 -2.06 23.80 -11.38
C GLN L 169 -3.03 22.92 -10.62
N ARG L 170 -3.87 23.56 -9.83
CA ARG L 170 -4.88 22.87 -9.06
C ARG L 170 -5.81 22.13 -10.00
N ASN L 171 -6.30 22.80 -11.04
CA ASN L 171 -7.17 22.14 -12.02
C ASN L 171 -6.50 20.86 -12.45
N ILE L 172 -5.22 20.96 -12.75
CA ILE L 172 -4.48 19.79 -13.20
C ILE L 172 -4.35 18.68 -12.18
N MET L 173 -3.88 18.99 -10.98
CA MET L 173 -3.75 17.97 -9.96
C MET L 173 -5.10 17.32 -9.63
N ALA L 174 -6.19 18.05 -9.76
CA ALA L 174 -7.49 17.47 -9.44
C ALA L 174 -8.15 16.75 -10.60
N SER L 175 -7.49 16.71 -11.76
CA SER L 175 -8.12 16.04 -12.88
C SER L 175 -8.30 14.54 -12.59
N GLY L 176 -9.52 14.06 -12.68
CA GLY L 176 -9.79 12.65 -12.45
C GLY L 176 -9.66 12.27 -11.00
N VAL L 177 -9.78 13.25 -10.12
CA VAL L 177 -9.68 13.04 -8.69
C VAL L 177 -10.92 13.53 -7.96
N VAL L 178 -11.54 14.55 -8.52
CA VAL L 178 -12.75 15.08 -7.91
C VAL L 178 -13.37 15.79 -9.14
N PRO L 179 -14.68 15.58 -9.40
CA PRO L 179 -15.36 16.19 -10.54
C PRO L 179 -15.25 17.68 -10.55
N GLN L 180 -14.91 18.24 -11.72
CA GLN L 180 -14.77 19.68 -11.93
C GLN L 180 -15.70 20.15 -13.06
N ILE L 181 -16.89 20.64 -12.73
CA ILE L 181 -17.84 21.10 -13.74
C ILE L 181 -17.74 22.63 -13.99
N SER L 182 -17.45 23.04 -15.22
CA SER L 182 -17.36 24.46 -15.52
C SER L 182 -18.63 25.07 -16.10
N MET L 183 -19.07 26.15 -15.48
CA MET L 183 -20.25 26.86 -15.98
C MET L 183 -19.86 28.24 -16.50
N ILE L 184 -19.92 28.46 -17.82
CA ILE L 184 -19.61 29.76 -18.39
C ILE L 184 -20.92 30.52 -18.54
N MET L 185 -21.05 31.62 -17.80
CA MET L 185 -22.29 32.39 -17.82
C MET L 185 -22.09 33.87 -18.16
N GLY L 186 -20.98 34.15 -18.83
CA GLY L 186 -20.66 35.49 -19.24
C GLY L 186 -19.47 35.36 -20.15
N PRO L 187 -18.52 36.27 -20.04
CA PRO L 187 -17.31 36.25 -20.88
C PRO L 187 -16.16 35.43 -20.27
N CYS L 188 -15.38 34.79 -21.12
CA CYS L 188 -14.22 34.05 -20.65
C CYS L 188 -13.18 34.22 -21.76
N ALA L 189 -12.19 35.08 -21.49
CA ALA L 189 -11.20 35.38 -22.51
C ALA L 189 -9.73 35.31 -22.15
N GLY L 190 -8.94 34.78 -23.07
CA GLY L 190 -7.51 34.70 -22.82
C GLY L 190 -7.10 33.46 -22.07
N GLY L 191 -6.03 33.60 -21.27
CA GLY L 191 -5.53 32.47 -20.50
C GLY L 191 -6.66 31.77 -19.82
N ALA L 192 -7.60 32.56 -19.32
CA ALA L 192 -8.78 32.05 -18.61
C ALA L 192 -9.44 30.81 -19.22
N VAL L 193 -9.72 30.86 -20.51
CA VAL L 193 -10.36 29.75 -21.17
C VAL L 193 -9.71 28.42 -20.82
N TYR L 194 -8.38 28.43 -20.62
CA TYR L 194 -7.62 27.21 -20.31
C TYR L 194 -7.98 26.50 -19.03
N SER L 195 -8.58 27.20 -18.09
CA SER L 195 -8.96 26.54 -16.86
C SER L 195 -10.15 25.63 -17.14
N PRO L 196 -11.31 26.20 -17.58
CA PRO L 196 -12.52 25.40 -17.89
C PRO L 196 -12.13 24.28 -18.85
N ALA L 197 -11.17 24.62 -19.72
CA ALA L 197 -10.66 23.68 -20.69
C ALA L 197 -10.29 22.39 -20.03
N MET L 198 -9.57 22.46 -18.91
CA MET L 198 -9.11 21.26 -18.22
C MET L 198 -10.09 20.57 -17.26
N THR L 199 -11.19 21.24 -16.98
CA THR L 199 -12.19 20.67 -16.10
C THR L 199 -12.92 19.59 -16.91
N ASP L 200 -13.68 18.75 -16.23
CA ASP L 200 -14.36 17.62 -16.88
C ASP L 200 -15.58 17.95 -17.76
N PHE L 201 -16.25 19.08 -17.51
CA PHE L 201 -17.40 19.50 -18.32
C PHE L 201 -17.40 21.01 -18.49
N ILE L 202 -17.97 21.46 -19.61
CA ILE L 202 -18.08 22.88 -19.89
C ILE L 202 -19.48 23.17 -20.41
N PHE L 203 -20.29 23.86 -19.62
CA PHE L 203 -21.63 24.23 -20.06
C PHE L 203 -21.67 25.72 -20.26
N MET L 204 -22.40 26.17 -21.27
CA MET L 204 -22.51 27.58 -21.56
C MET L 204 -23.98 27.96 -21.61
N VAL L 205 -24.26 29.25 -21.44
CA VAL L 205 -25.64 29.74 -21.46
C VAL L 205 -25.96 30.43 -22.79
N LYS L 206 -26.73 29.70 -23.59
CA LYS L 206 -27.12 30.08 -24.91
C LYS L 206 -26.67 31.42 -25.44
N ASP L 207 -27.19 32.53 -24.94
CA ASP L 207 -26.73 33.72 -25.61
C ASP L 207 -25.86 34.72 -24.92
N SER L 208 -25.85 34.69 -23.59
CA SER L 208 -25.10 35.66 -22.78
C SER L 208 -23.67 35.32 -22.47
N SER L 209 -23.20 34.19 -22.96
CA SER L 209 -21.84 33.73 -22.68
C SER L 209 -20.95 33.52 -23.89
N TYR L 210 -19.65 33.48 -23.65
CA TYR L 210 -18.71 33.23 -24.72
C TYR L 210 -17.27 33.07 -24.24
N MET L 211 -16.47 32.42 -25.07
CA MET L 211 -15.07 32.22 -24.73
C MET L 211 -14.16 32.05 -25.94
N PHE L 212 -12.94 32.57 -25.81
CA PHE L 212 -11.91 32.47 -26.84
C PHE L 212 -10.55 32.90 -26.29
N VAL L 213 -9.47 32.35 -26.81
CA VAL L 213 -8.13 32.73 -26.33
C VAL L 213 -7.75 34.15 -26.75
N THR L 214 -8.07 34.52 -28.00
CA THR L 214 -7.80 35.88 -28.48
C THR L 214 -9.11 36.57 -28.90
N GLY L 215 -9.24 37.85 -28.53
CA GLY L 215 -10.44 38.63 -28.83
C GLY L 215 -10.70 38.96 -30.28
N PRO L 216 -11.95 39.28 -30.63
CA PRO L 216 -12.37 39.60 -32.01
C PRO L 216 -11.60 40.76 -32.66
N ASP L 217 -11.24 41.74 -31.84
CA ASP L 217 -10.52 42.91 -32.31
C ASP L 217 -9.09 42.56 -32.67
N VAL L 218 -8.45 41.67 -31.94
CA VAL L 218 -7.10 41.30 -32.33
C VAL L 218 -7.16 40.39 -33.55
N VAL L 219 -8.22 39.59 -33.65
CA VAL L 219 -8.37 38.72 -34.80
C VAL L 219 -8.43 39.63 -36.03
N LYS L 220 -8.98 40.83 -35.87
CA LYS L 220 -9.06 41.74 -37.00
C LYS L 220 -7.69 42.29 -37.32
N THR L 221 -7.08 42.98 -36.36
CA THR L 221 -5.77 43.58 -36.59
C THR L 221 -4.72 42.61 -37.10
N VAL L 222 -4.95 41.31 -36.92
CA VAL L 222 -3.99 40.30 -37.32
C VAL L 222 -4.45 39.45 -38.50
N THR L 223 -5.76 39.28 -38.63
CA THR L 223 -6.31 38.46 -39.69
C THR L 223 -7.11 39.30 -40.66
N ASN L 224 -7.35 40.54 -40.28
CA ASN L 224 -8.13 41.44 -41.11
C ASN L 224 -9.55 40.88 -41.27
N GLU L 225 -9.84 39.86 -40.48
CA GLU L 225 -11.14 39.24 -40.49
C GLU L 225 -11.91 39.92 -39.38
N GLN L 226 -13.14 40.32 -39.64
CA GLN L 226 -13.90 40.96 -38.57
C GLN L 226 -15.05 40.03 -38.22
N VAL L 227 -15.15 39.75 -36.93
CA VAL L 227 -16.17 38.83 -36.43
C VAL L 227 -16.62 39.26 -35.03
N SER L 228 -17.88 38.98 -34.70
CA SER L 228 -18.45 39.34 -33.40
C SER L 228 -18.12 38.31 -32.34
N ALA L 229 -18.07 38.74 -31.09
CA ALA L 229 -17.77 37.83 -30.00
C ALA L 229 -18.68 36.62 -30.10
N GLU L 230 -19.97 36.85 -30.29
CA GLU L 230 -20.87 35.72 -30.38
C GLU L 230 -20.52 34.77 -31.53
N GLU L 231 -20.00 35.30 -32.64
CA GLU L 231 -19.64 34.46 -33.78
C GLU L 231 -18.37 33.75 -33.48
N LEU L 232 -17.42 34.47 -32.91
CA LEU L 232 -16.13 33.89 -32.57
C LEU L 232 -16.18 32.77 -31.52
N GLY L 233 -16.79 33.02 -30.37
CA GLY L 233 -16.84 31.99 -29.36
C GLY L 233 -18.12 32.01 -28.58
N GLY L 234 -19.23 32.03 -29.29
CA GLY L 234 -20.54 32.04 -28.66
C GLY L 234 -21.00 30.65 -28.31
N ALA L 235 -22.01 30.56 -27.46
CA ALA L 235 -22.51 29.25 -27.03
C ALA L 235 -22.61 28.27 -28.18
N THR L 236 -23.24 28.69 -29.27
CA THR L 236 -23.42 27.79 -30.38
C THR L 236 -22.13 27.37 -31.05
N THR L 237 -21.27 28.34 -31.35
CA THR L 237 -19.99 28.04 -32.00
C THR L 237 -19.24 26.92 -31.28
N HIS L 238 -19.30 26.94 -29.95
CA HIS L 238 -18.63 25.97 -29.10
C HIS L 238 -19.38 24.70 -28.85
N THR L 239 -20.70 24.75 -28.86
CA THR L 239 -21.46 23.54 -28.62
C THR L 239 -21.59 22.70 -29.87
N ARG L 240 -21.16 23.21 -31.02
CA ARG L 240 -21.24 22.41 -32.24
C ARG L 240 -20.20 22.57 -33.35
N LYS L 241 -19.19 23.40 -33.15
CA LYS L 241 -18.17 23.61 -34.17
C LYS L 241 -16.77 23.30 -33.58
N SER L 242 -16.40 23.99 -32.49
CA SER L 242 -15.10 23.85 -31.83
C SER L 242 -14.83 22.61 -31.01
N SER L 243 -15.90 21.98 -30.50
CA SER L 243 -15.85 20.76 -29.67
C SER L 243 -15.52 21.08 -28.20
N VAL L 244 -15.56 22.36 -27.85
CA VAL L 244 -15.21 22.83 -26.51
C VAL L 244 -16.29 22.69 -25.44
N ALA L 245 -17.53 23.07 -25.74
CA ALA L 245 -18.63 22.99 -24.75
C ALA L 245 -19.39 21.71 -24.82
N ASP L 246 -19.97 21.32 -23.68
CA ASP L 246 -20.73 20.09 -23.61
C ASP L 246 -22.21 20.31 -23.74
N ALA L 247 -22.63 21.57 -23.75
CA ALA L 247 -24.04 21.91 -23.88
C ALA L 247 -24.28 23.42 -23.76
N ALA L 248 -25.31 23.92 -24.40
CA ALA L 248 -25.62 25.34 -24.29
C ALA L 248 -27.03 25.44 -23.74
N PHE L 249 -27.12 25.88 -22.49
CA PHE L 249 -28.42 25.99 -21.83
C PHE L 249 -29.15 27.24 -22.24
N GLU L 250 -30.48 27.17 -22.25
CA GLU L 250 -31.29 28.30 -22.65
C GLU L 250 -31.08 29.60 -21.89
N ASN L 251 -30.79 29.53 -20.60
CA ASN L 251 -30.52 30.70 -19.75
C ASN L 251 -29.96 30.31 -18.38
N ASP L 252 -29.55 31.31 -17.61
CA ASP L 252 -28.99 31.05 -16.30
C ASP L 252 -29.79 30.09 -15.42
N VAL L 253 -31.11 30.25 -15.36
CA VAL L 253 -31.89 29.39 -14.49
C VAL L 253 -31.82 27.91 -14.81
N GLU L 254 -32.14 27.53 -16.04
CA GLU L 254 -32.09 26.13 -16.41
C GLU L 254 -30.64 25.63 -16.35
N ALA L 255 -29.71 26.50 -16.70
CA ALA L 255 -28.30 26.13 -16.68
C ALA L 255 -27.98 25.61 -15.27
N LEU L 256 -28.32 26.42 -14.26
CA LEU L 256 -28.07 26.01 -12.90
C LEU L 256 -28.87 24.76 -12.49
N ALA L 257 -30.08 24.62 -13.01
CA ALA L 257 -30.93 23.46 -12.69
C ALA L 257 -30.32 22.19 -13.25
N GLU L 258 -29.99 22.24 -14.54
CA GLU L 258 -29.38 21.14 -15.27
C GLU L 258 -28.02 20.70 -14.71
N VAL L 259 -27.31 21.60 -14.04
CA VAL L 259 -26.01 21.27 -13.51
C VAL L 259 -26.19 20.43 -12.27
N ARG L 260 -27.19 20.76 -11.44
CA ARG L 260 -27.43 19.95 -10.25
C ARG L 260 -27.79 18.54 -10.75
N ARG L 261 -28.67 18.50 -11.74
CA ARG L 261 -29.11 17.26 -12.35
C ARG L 261 -27.90 16.43 -12.70
N LEU L 262 -26.89 17.06 -13.28
CA LEU L 262 -25.67 16.36 -13.62
C LEU L 262 -25.05 15.90 -12.29
N VAL L 263 -24.71 16.84 -11.41
CA VAL L 263 -24.09 16.46 -10.14
C VAL L 263 -24.78 15.25 -9.46
N ASP L 264 -26.10 15.14 -9.60
CA ASP L 264 -26.76 13.98 -8.99
C ASP L 264 -26.31 12.60 -9.51
N PHE L 265 -25.72 12.55 -10.70
CA PHE L 265 -25.25 11.28 -11.28
C PHE L 265 -23.83 11.01 -10.81
N LEU L 266 -23.02 12.05 -10.77
CA LEU L 266 -21.61 11.94 -10.41
C LEU L 266 -21.24 11.49 -9.01
N PRO L 267 -20.09 10.81 -8.91
CA PRO L 267 -19.55 10.33 -7.65
C PRO L 267 -18.90 11.57 -7.06
N LEU L 268 -18.70 11.63 -5.75
CA LEU L 268 -18.13 12.83 -5.17
C LEU L 268 -16.65 12.95 -5.37
N ASN L 269 -16.00 11.84 -5.70
CA ASN L 269 -14.54 11.83 -5.93
C ASN L 269 -14.11 10.46 -6.44
N ASN L 270 -12.83 10.31 -6.75
CA ASN L 270 -12.37 9.04 -7.33
C ASN L 270 -12.24 7.83 -6.42
N ARG L 271 -12.58 7.98 -5.15
CA ARG L 271 -12.49 6.87 -4.24
C ARG L 271 -13.82 6.16 -4.15
N GLU L 272 -14.89 6.90 -3.89
CA GLU L 272 -16.21 6.26 -3.82
C GLU L 272 -16.70 5.92 -5.21
N LYS L 273 -17.65 5.00 -5.31
CA LYS L 273 -18.17 4.68 -6.62
C LYS L 273 -19.43 5.47 -6.86
N PRO L 274 -19.91 5.49 -8.10
CA PRO L 274 -21.12 6.21 -8.46
C PRO L 274 -22.16 6.09 -7.35
N PRO L 275 -22.91 7.18 -7.11
CA PRO L 275 -23.95 7.24 -6.08
C PRO L 275 -25.15 6.35 -6.40
N VAL L 276 -25.90 6.01 -5.38
CA VAL L 276 -27.07 5.19 -5.57
C VAL L 276 -28.28 5.93 -5.05
N ARG L 277 -29.44 5.65 -5.61
CA ARG L 277 -30.63 6.30 -5.13
C ARG L 277 -31.80 5.43 -5.56
N PRO L 278 -32.98 5.70 -5.04
CA PRO L 278 -34.17 4.92 -5.38
C PRO L 278 -34.49 4.99 -6.87
N PHE L 279 -35.15 3.95 -7.38
CA PHE L 279 -35.50 3.95 -8.80
C PHE L 279 -36.82 3.26 -9.05
N PHE L 280 -37.73 3.98 -9.66
CA PHE L 280 -39.03 3.40 -9.92
C PHE L 280 -39.13 2.87 -11.35
N ASP L 281 -38.43 1.75 -11.56
CA ASP L 281 -38.36 1.04 -12.83
C ASP L 281 -37.92 -0.40 -12.48
N ASP L 282 -38.02 -1.33 -13.43
CA ASP L 282 -37.65 -2.72 -13.16
C ASP L 282 -36.51 -3.28 -14.01
N PRO L 283 -35.45 -3.78 -13.38
CA PRO L 283 -34.33 -4.33 -14.13
C PRO L 283 -34.70 -5.42 -15.15
N ASP L 284 -35.92 -5.95 -15.04
CA ASP L 284 -36.36 -6.96 -15.97
C ASP L 284 -37.37 -6.40 -16.95
N ARG L 285 -37.36 -5.09 -17.18
CA ARG L 285 -38.31 -4.54 -18.13
C ARG L 285 -38.04 -4.96 -19.58
N ILE L 286 -39.09 -5.36 -20.28
CA ILE L 286 -38.96 -5.76 -21.69
C ILE L 286 -39.58 -4.73 -22.65
N GLU L 287 -38.87 -4.40 -23.71
CA GLU L 287 -39.38 -3.45 -24.68
C GLU L 287 -39.44 -4.19 -26.01
N PRO L 288 -40.61 -4.75 -26.30
CA PRO L 288 -40.84 -5.51 -27.53
C PRO L 288 -40.63 -4.63 -28.75
N SER L 289 -40.93 -3.37 -28.58
CA SER L 289 -40.79 -2.37 -29.61
C SER L 289 -39.42 -2.51 -30.23
N LEU L 290 -38.42 -2.79 -29.38
CA LEU L 290 -37.03 -2.92 -29.83
C LEU L 290 -36.83 -3.93 -30.92
N ASP L 291 -37.57 -5.03 -30.81
CA ASP L 291 -37.48 -6.11 -31.78
C ASP L 291 -37.64 -5.66 -33.21
N THR L 292 -38.01 -4.42 -33.44
CA THR L 292 -38.21 -3.96 -34.81
C THR L 292 -37.51 -2.61 -35.07
N LEU L 293 -36.63 -2.24 -34.15
CA LEU L 293 -35.92 -0.97 -34.29
C LEU L 293 -34.91 -1.00 -35.45
N VAL L 294 -34.22 -2.12 -35.64
CA VAL L 294 -33.26 -2.20 -36.76
C VAL L 294 -34.08 -2.46 -38.03
N PRO L 295 -34.21 -1.45 -38.91
CA PRO L 295 -34.98 -1.59 -40.15
C PRO L 295 -34.47 -2.75 -40.98
N ASP L 296 -35.35 -3.31 -41.81
CA ASP L 296 -34.97 -4.45 -42.65
C ASP L 296 -34.00 -4.02 -43.71
N ASN L 297 -34.29 -2.88 -44.33
CA ASN L 297 -33.42 -2.36 -45.33
C ASN L 297 -32.22 -1.77 -44.62
N PRO L 298 -31.01 -2.20 -44.97
CA PRO L 298 -29.79 -1.73 -44.35
C PRO L 298 -29.38 -0.29 -44.71
N ASN L 299 -30.06 0.32 -45.67
CA ASN L 299 -29.71 1.67 -46.03
C ASN L 299 -30.60 2.65 -45.27
N THR L 300 -31.53 2.10 -44.51
CA THR L 300 -32.42 2.93 -43.72
C THR L 300 -31.94 3.06 -42.27
N PRO L 301 -31.74 4.30 -41.82
CA PRO L 301 -31.29 4.53 -40.46
C PRO L 301 -32.40 4.21 -39.51
N TYR L 302 -32.17 4.62 -38.26
CA TYR L 302 -33.08 4.49 -37.14
C TYR L 302 -32.41 5.34 -36.08
N ASP L 303 -33.14 5.88 -35.12
CA ASP L 303 -32.46 6.67 -34.13
C ASP L 303 -31.89 5.85 -32.93
N MET L 304 -30.58 5.73 -32.86
CA MET L 304 -29.99 4.96 -31.78
C MET L 304 -30.53 5.42 -30.42
N LYS L 305 -30.91 6.68 -30.31
CA LYS L 305 -31.41 7.17 -29.04
C LYS L 305 -32.68 6.49 -28.54
N GLU L 306 -33.46 5.90 -29.44
CA GLU L 306 -34.67 5.23 -28.97
C GLU L 306 -34.23 4.14 -28.04
N LEU L 307 -33.27 3.36 -28.51
CA LEU L 307 -32.72 2.28 -27.70
C LEU L 307 -32.30 2.80 -26.33
N ILE L 308 -31.44 3.82 -26.32
CA ILE L 308 -30.94 4.39 -25.08
C ILE L 308 -32.04 4.63 -24.09
N HIS L 309 -33.04 5.39 -24.51
CA HIS L 309 -34.12 5.71 -23.60
C HIS L 309 -34.81 4.46 -23.07
N LYS L 310 -35.10 3.49 -23.93
CA LYS L 310 -35.80 2.33 -23.45
C LYS L 310 -34.95 1.51 -22.52
N LEU L 311 -33.64 1.63 -22.63
CA LEU L 311 -32.75 0.89 -21.73
C LEU L 311 -32.57 1.65 -20.45
N ALA L 312 -32.28 2.94 -20.62
CA ALA L 312 -32.07 3.84 -19.49
C ALA L 312 -33.20 3.63 -18.50
N ASP L 313 -32.91 3.83 -17.20
CA ASP L 313 -33.88 3.66 -16.11
C ASP L 313 -35.20 4.34 -16.33
N GLU L 314 -35.51 5.38 -15.59
CA GLU L 314 -36.83 5.94 -15.85
C GLU L 314 -36.89 6.63 -17.21
N GLY L 315 -36.09 6.13 -18.14
CA GLY L 315 -36.06 6.70 -19.48
C GLY L 315 -35.26 7.98 -19.52
N ASP L 316 -34.64 8.30 -18.40
CA ASP L 316 -33.84 9.53 -18.25
C ASP L 316 -32.47 9.39 -18.86
N PHE L 317 -32.10 10.32 -19.73
CA PHE L 317 -30.80 10.28 -20.37
C PHE L 317 -30.22 11.67 -20.42
N TYR L 318 -29.19 11.90 -19.61
CA TYR L 318 -28.56 13.21 -19.59
C TYR L 318 -27.47 13.19 -20.66
N GLU L 319 -27.77 13.72 -21.84
CA GLU L 319 -26.78 13.67 -22.90
C GLU L 319 -25.65 14.67 -22.78
N ILE L 320 -24.47 14.27 -23.21
CA ILE L 320 -23.34 15.16 -23.21
C ILE L 320 -22.97 15.38 -24.66
N GLN L 321 -22.57 16.62 -24.95
CA GLN L 321 -22.17 17.08 -26.30
C GLN L 321 -23.15 16.59 -27.37
N GLU L 322 -24.41 16.88 -27.13
CA GLU L 322 -25.45 16.47 -28.04
C GLU L 322 -25.29 17.03 -29.43
N GLU L 323 -25.07 18.34 -29.51
CA GLU L 323 -24.94 19.05 -30.78
C GLU L 323 -23.60 18.99 -31.49
N PHE L 324 -22.70 18.13 -31.05
CA PHE L 324 -21.39 18.02 -31.67
C PHE L 324 -21.09 16.56 -31.98
N ALA L 325 -20.42 16.33 -33.11
CA ALA L 325 -20.06 14.99 -33.55
C ALA L 325 -21.29 14.12 -33.45
N LYS L 326 -22.39 14.66 -33.94
CA LYS L 326 -23.64 13.94 -33.85
C LYS L 326 -23.67 12.53 -34.38
N ASN L 327 -22.57 12.09 -34.99
CA ASN L 327 -22.55 10.73 -35.52
C ASN L 327 -22.31 9.74 -34.37
N ILE L 328 -22.16 10.26 -33.17
CA ILE L 328 -21.94 9.42 -32.00
C ILE L 328 -22.62 10.04 -30.79
N ILE L 329 -23.14 9.21 -29.92
CA ILE L 329 -23.81 9.73 -28.74
C ILE L 329 -23.07 9.37 -27.45
N THR L 330 -23.00 10.30 -26.51
CA THR L 330 -22.37 10.04 -25.23
C THR L 330 -23.24 10.64 -24.18
N GLY L 331 -23.51 9.86 -23.14
CA GLY L 331 -24.35 10.39 -22.07
C GLY L 331 -24.44 9.54 -20.83
N PHE L 332 -25.23 10.03 -19.90
CA PHE L 332 -25.44 9.36 -18.62
C PHE L 332 -26.86 8.88 -18.42
N ILE L 333 -27.00 7.68 -17.84
CA ILE L 333 -28.29 7.09 -17.53
C ILE L 333 -28.03 6.35 -16.23
N ARG L 334 -29.09 5.86 -15.59
CA ARG L 334 -28.92 5.07 -14.37
C ARG L 334 -29.57 3.74 -14.68
N LEU L 335 -29.15 2.67 -14.01
CA LEU L 335 -29.77 1.36 -14.18
C LEU L 335 -29.86 0.95 -12.74
N GLU L 336 -31.01 0.40 -12.35
CA GLU L 336 -31.23 0.00 -10.98
C GLU L 336 -30.73 1.14 -10.09
N GLY L 337 -31.00 2.37 -10.51
CA GLY L 337 -30.60 3.50 -9.72
C GLY L 337 -29.12 3.82 -9.59
N ARG L 338 -28.28 3.23 -10.44
CA ARG L 338 -26.85 3.58 -10.39
C ARG L 338 -26.41 4.19 -11.73
N THR L 339 -25.47 5.12 -11.68
CA THR L 339 -25.03 5.76 -12.89
C THR L 339 -24.26 4.87 -13.84
N VAL L 340 -24.64 4.93 -15.10
CA VAL L 340 -23.98 4.18 -16.16
C VAL L 340 -23.76 5.15 -17.31
N GLY L 341 -22.53 5.22 -17.80
CA GLY L 341 -22.21 6.09 -18.92
C GLY L 341 -22.52 5.32 -20.18
N VAL L 342 -22.84 6.02 -21.27
CA VAL L 342 -23.17 5.34 -22.52
C VAL L 342 -22.61 6.02 -23.75
N VAL L 343 -21.98 5.22 -24.60
CA VAL L 343 -21.37 5.68 -25.83
C VAL L 343 -22.07 4.82 -26.87
N ALA L 344 -22.63 5.49 -27.88
CA ALA L 344 -23.36 4.80 -28.95
C ALA L 344 -23.29 5.50 -30.31
N ASN L 345 -23.30 4.69 -31.36
CA ASN L 345 -23.25 5.19 -32.73
C ASN L 345 -24.64 5.64 -33.22
N GLN L 346 -24.67 6.75 -33.96
CA GLN L 346 -25.91 7.29 -34.50
C GLN L 346 -26.03 7.08 -36.03
N PRO L 347 -26.85 6.11 -36.49
CA PRO L 347 -27.01 5.87 -37.94
C PRO L 347 -27.52 7.11 -38.66
N LEU L 348 -28.29 7.91 -37.94
CA LEU L 348 -28.86 9.13 -38.50
C LEU L 348 -27.88 10.18 -38.96
N VAL L 349 -26.62 10.04 -38.62
CA VAL L 349 -25.65 11.04 -39.00
C VAL L 349 -24.38 10.39 -39.53
N LEU L 350 -23.96 10.81 -40.72
CA LEU L 350 -22.75 10.22 -41.30
C LEU L 350 -22.78 8.69 -41.28
N ALA L 351 -23.98 8.14 -41.14
CA ALA L 351 -24.17 6.68 -41.10
C ALA L 351 -23.42 5.99 -39.97
N GLY L 352 -23.41 6.58 -38.78
CA GLY L 352 -22.71 5.97 -37.67
C GLY L 352 -21.22 5.80 -37.88
N CYS L 353 -20.63 6.60 -38.76
CA CYS L 353 -19.22 6.50 -38.99
C CYS L 353 -18.47 6.97 -37.76
N LEU L 354 -17.20 6.56 -37.68
CA LEU L 354 -16.31 7.00 -36.62
C LEU L 354 -15.44 8.01 -37.34
N ASP L 355 -15.21 9.17 -36.75
CA ASP L 355 -14.37 10.18 -37.37
C ASP L 355 -13.59 10.98 -36.31
N ILE L 356 -12.57 11.72 -36.74
CA ILE L 356 -11.78 12.50 -35.80
C ILE L 356 -12.63 13.01 -34.66
N ASP L 357 -13.56 13.90 -34.99
CA ASP L 357 -14.43 14.54 -34.00
C ASP L 357 -15.24 13.59 -33.15
N SER L 358 -15.92 12.63 -33.75
CA SER L 358 -16.71 11.69 -32.94
C SER L 358 -15.78 10.98 -31.97
N SER L 359 -14.59 10.64 -32.45
CA SER L 359 -13.58 9.97 -31.64
C SER L 359 -13.17 10.83 -30.48
N ARG L 360 -12.76 12.05 -30.76
CA ARG L 360 -12.40 12.96 -29.68
C ARG L 360 -13.58 13.11 -28.74
N LYS L 361 -14.79 13.20 -29.27
CA LYS L 361 -15.92 13.38 -28.40
C LYS L 361 -16.11 12.22 -27.43
N ALA L 362 -16.20 10.99 -27.93
CA ALA L 362 -16.42 9.84 -27.03
C ALA L 362 -15.20 9.52 -26.19
N ALA L 363 -14.02 9.51 -26.80
CA ALA L 363 -12.82 9.16 -26.09
C ALA L 363 -12.76 9.86 -24.76
N ARG L 364 -12.95 11.17 -24.72
CA ARG L 364 -12.85 11.82 -23.42
C ARG L 364 -13.93 11.31 -22.48
N PHE L 365 -15.18 11.22 -22.96
CA PHE L 365 -16.29 10.74 -22.15
C PHE L 365 -15.93 9.43 -21.47
N VAL L 366 -15.36 8.51 -22.25
CA VAL L 366 -14.97 7.19 -21.75
C VAL L 366 -13.99 7.34 -20.59
N ARG L 367 -12.88 8.02 -20.86
CA ARG L 367 -11.86 8.23 -19.85
C ARG L 367 -12.37 8.86 -18.54
N PHE L 368 -13.27 9.84 -18.64
CA PHE L 368 -13.80 10.47 -17.45
C PHE L 368 -14.60 9.45 -16.63
N CYS L 369 -15.41 8.68 -17.34
CA CYS L 369 -16.25 7.71 -16.66
C CYS L 369 -15.39 6.73 -15.96
N ASP L 370 -14.31 6.34 -16.62
CA ASP L 370 -13.39 5.36 -16.05
C ASP L 370 -12.64 5.87 -14.86
N ALA L 371 -12.04 7.04 -15.01
CA ALA L 371 -11.29 7.64 -13.92
C ALA L 371 -12.17 7.71 -12.65
N PHE L 372 -13.47 7.80 -12.84
CA PHE L 372 -14.39 7.92 -11.73
C PHE L 372 -15.25 6.68 -11.45
N GLU L 373 -14.77 5.50 -11.84
CA GLU L 373 -15.52 4.29 -11.57
C GLU L 373 -16.99 4.17 -12.05
N ILE L 374 -17.35 4.93 -13.10
CA ILE L 374 -18.69 4.89 -13.70
C ILE L 374 -18.59 3.83 -14.79
N PRO L 375 -19.51 2.84 -14.83
CA PRO L 375 -19.45 1.81 -15.85
C PRO L 375 -19.78 2.34 -17.23
N LEU L 376 -19.51 1.55 -18.23
CA LEU L 376 -19.80 1.94 -19.59
C LEU L 376 -20.71 0.93 -20.28
N LEU L 377 -21.64 1.45 -21.07
CA LEU L 377 -22.54 0.64 -21.89
C LEU L 377 -22.22 1.20 -23.25
N THR L 378 -21.80 0.36 -24.19
CA THR L 378 -21.50 0.86 -25.53
C THR L 378 -22.48 0.19 -26.52
N LEU L 379 -23.29 1.01 -27.22
CA LEU L 379 -24.24 0.50 -28.17
C LEU L 379 -23.67 0.68 -29.56
N ILE L 380 -23.45 -0.42 -30.24
CA ILE L 380 -22.78 -0.39 -31.54
C ILE L 380 -23.57 -0.58 -32.84
N ASP L 381 -23.15 0.17 -33.86
CA ASP L 381 -23.66 0.13 -35.25
C ASP L 381 -22.81 1.06 -36.14
N VAL L 382 -21.53 0.75 -36.23
CA VAL L 382 -20.62 1.56 -37.02
C VAL L 382 -20.22 0.79 -38.26
N PRO L 383 -20.12 1.48 -39.42
CA PRO L 383 -19.75 0.86 -40.68
C PRO L 383 -18.23 0.80 -40.86
N GLY L 384 -17.56 1.85 -40.40
CA GLY L 384 -16.12 1.95 -40.47
C GLY L 384 -15.81 3.40 -40.12
N PHE L 385 -14.66 3.91 -40.53
CA PHE L 385 -14.36 5.30 -40.26
C PHE L 385 -14.79 6.07 -41.51
N LEU L 386 -14.96 7.39 -41.38
CA LEU L 386 -15.31 8.28 -42.48
C LEU L 386 -14.12 8.56 -43.41
N PRO L 387 -14.18 8.18 -44.71
CA PRO L 387 -13.13 8.35 -45.74
C PRO L 387 -12.91 9.78 -46.10
N GLY L 388 -11.70 10.10 -46.54
CA GLY L 388 -11.48 11.46 -46.91
C GLY L 388 -10.07 11.97 -46.69
N THR L 389 -9.65 12.86 -47.59
CA THR L 389 -8.35 13.46 -47.51
C THR L 389 -8.40 14.34 -46.27
N SER L 390 -9.59 14.92 -46.05
CA SER L 390 -9.83 15.78 -44.92
C SER L 390 -9.48 15.08 -43.61
N GLN L 391 -9.93 13.83 -43.49
CA GLN L 391 -9.68 13.04 -42.31
C GLN L 391 -8.20 12.65 -42.15
N GLU L 392 -7.62 12.07 -43.20
CA GLU L 392 -6.23 11.67 -43.17
C GLU L 392 -5.29 12.81 -42.91
N TYR L 393 -5.51 13.94 -43.57
CA TYR L 393 -4.62 15.08 -43.36
C TYR L 393 -4.87 15.70 -42.02
N GLY L 394 -6.06 15.45 -41.49
CA GLY L 394 -6.43 15.97 -40.19
C GLY L 394 -5.91 15.13 -39.02
N GLY L 395 -5.33 13.99 -39.34
CA GLY L 395 -4.79 13.11 -38.32
C GLY L 395 -5.72 12.07 -37.72
N VAL L 396 -6.57 11.41 -38.49
CA VAL L 396 -7.41 10.41 -37.87
C VAL L 396 -6.53 9.36 -37.24
N ILE L 397 -5.36 9.11 -37.82
CA ILE L 397 -4.50 8.09 -37.26
C ILE L 397 -4.29 8.39 -35.79
N LYS L 398 -4.19 9.66 -35.42
CA LYS L 398 -4.00 9.95 -34.02
C LYS L 398 -5.32 10.07 -33.28
N HIS L 399 -6.18 10.99 -33.69
CA HIS L 399 -7.48 11.18 -33.07
C HIS L 399 -8.33 9.89 -32.99
N GLY L 400 -8.46 9.19 -34.11
CA GLY L 400 -9.22 7.95 -34.14
C GLY L 400 -8.75 7.02 -33.03
N ALA L 401 -7.43 6.91 -32.88
CA ALA L 401 -6.84 6.07 -31.86
C ALA L 401 -7.34 6.40 -30.46
N LYS L 402 -7.48 7.69 -30.15
CA LYS L 402 -7.89 8.10 -28.79
C LYS L 402 -9.06 7.30 -28.21
N LEU L 403 -10.13 7.11 -28.97
CA LEU L 403 -11.25 6.35 -28.46
C LEU L 403 -10.84 4.91 -28.20
N LEU L 404 -9.99 4.37 -29.08
CA LEU L 404 -9.49 3.00 -28.92
C LEU L 404 -8.71 2.96 -27.60
N TYR L 405 -7.79 3.90 -27.46
CA TYR L 405 -6.97 4.01 -26.28
C TYR L 405 -7.85 4.05 -25.05
N ALA L 406 -8.88 4.89 -25.09
CA ALA L 406 -9.80 5.02 -23.97
C ALA L 406 -10.36 3.66 -23.47
N TYR L 407 -10.90 2.86 -24.39
CA TYR L 407 -11.48 1.58 -24.03
C TYR L 407 -10.44 0.55 -23.60
N GLY L 408 -9.24 0.67 -24.21
CA GLY L 408 -8.13 -0.24 -23.89
C GLY L 408 -7.78 -0.06 -22.44
N GLU L 409 -7.56 1.21 -22.11
CA GLU L 409 -7.22 1.68 -20.78
C GLU L 409 -8.30 1.48 -19.70
N ALA L 410 -9.55 1.72 -20.06
CA ALA L 410 -10.69 1.60 -19.15
C ALA L 410 -10.73 0.30 -18.42
N THR L 411 -11.01 0.38 -17.11
CA THR L 411 -11.12 -0.81 -16.25
C THR L 411 -12.45 -0.92 -15.49
N VAL L 412 -13.33 0.06 -15.65
CA VAL L 412 -14.63 -0.03 -15.00
C VAL L 412 -15.33 -1.20 -15.70
N PRO L 413 -16.59 -1.52 -15.34
CA PRO L 413 -17.30 -2.64 -16.01
C PRO L 413 -17.71 -2.19 -17.40
N MET L 414 -17.45 -2.99 -18.42
CA MET L 414 -17.83 -2.59 -19.76
C MET L 414 -18.76 -3.62 -20.40
N VAL L 415 -19.97 -3.19 -20.70
CA VAL L 415 -20.97 -4.00 -21.37
C VAL L 415 -21.17 -3.42 -22.77
N THR L 416 -21.36 -4.30 -23.76
CA THR L 416 -21.53 -3.86 -25.16
C THR L 416 -22.65 -4.59 -25.86
N VAL L 417 -23.42 -3.87 -26.66
CA VAL L 417 -24.50 -4.49 -27.41
C VAL L 417 -24.38 -4.00 -28.84
N ILE L 418 -24.13 -4.92 -29.75
CA ILE L 418 -24.02 -4.57 -31.18
C ILE L 418 -25.39 -4.75 -31.79
N THR L 419 -25.99 -3.65 -32.26
CA THR L 419 -27.32 -3.74 -32.86
C THR L 419 -27.33 -4.11 -34.33
N ARG L 420 -26.30 -3.74 -35.09
CA ARG L 420 -26.28 -4.07 -36.51
C ARG L 420 -24.88 -4.24 -37.12
N LYS L 421 -24.29 -3.12 -37.55
CA LYS L 421 -22.98 -3.12 -38.17
C LYS L 421 -21.78 -3.06 -37.21
N ALA L 422 -20.77 -3.89 -37.47
CA ALA L 422 -19.55 -3.86 -36.67
C ALA L 422 -18.45 -4.33 -37.60
N TYR L 423 -17.98 -3.42 -38.45
CA TYR L 423 -16.97 -3.80 -39.43
C TYR L 423 -15.58 -3.30 -39.24
N GLY L 424 -14.62 -4.23 -39.38
CA GLY L 424 -13.20 -3.93 -39.23
C GLY L 424 -12.72 -3.11 -38.04
N GLY L 425 -11.70 -2.27 -38.29
CA GLY L 425 -11.12 -1.44 -37.26
C GLY L 425 -12.11 -0.84 -36.27
N ALA L 426 -13.12 -0.16 -36.78
CA ALA L 426 -14.10 0.43 -35.88
C ALA L 426 -14.64 -0.66 -34.98
N TYR L 427 -15.00 -1.81 -35.55
CA TYR L 427 -15.52 -2.89 -34.72
C TYR L 427 -14.67 -3.14 -33.49
N VAL L 428 -13.36 -3.16 -33.70
CA VAL L 428 -12.41 -3.38 -32.64
C VAL L 428 -12.46 -2.24 -31.63
N VAL L 429 -12.46 -1.00 -32.12
CA VAL L 429 -12.46 0.17 -31.25
C VAL L 429 -13.68 0.28 -30.34
N MET L 430 -14.87 0.00 -30.87
CA MET L 430 -16.10 0.08 -30.07
C MET L 430 -16.14 -1.04 -28.99
N SER L 431 -15.44 -0.77 -27.90
CA SER L 431 -15.40 -1.67 -26.77
C SER L 431 -15.43 -3.16 -27.14
N SER L 432 -14.58 -3.58 -28.07
CA SER L 432 -14.55 -4.97 -28.51
C SER L 432 -14.08 -5.90 -27.42
N LYS L 433 -14.29 -7.20 -27.57
CA LYS L 433 -13.85 -8.10 -26.51
C LYS L 433 -12.35 -8.13 -26.36
N HIS L 434 -11.67 -7.62 -27.39
CA HIS L 434 -10.21 -7.58 -27.40
C HIS L 434 -9.65 -6.44 -26.55
N LEU L 435 -10.54 -5.51 -26.16
CA LEU L 435 -10.16 -4.37 -25.35
C LEU L 435 -10.52 -4.71 -23.91
N ARG L 436 -10.85 -5.98 -23.79
CA ARG L 436 -11.19 -6.56 -22.52
C ARG L 436 -12.51 -6.16 -21.87
N ALA L 437 -13.51 -5.88 -22.71
CA ALA L 437 -14.83 -5.53 -22.23
C ALA L 437 -15.34 -6.78 -21.51
N ASP L 438 -16.34 -6.61 -20.65
CA ASP L 438 -16.85 -7.77 -19.92
C ASP L 438 -17.91 -8.54 -20.69
N PHE L 439 -18.98 -7.86 -21.09
CA PHE L 439 -20.04 -8.52 -21.84
C PHE L 439 -20.11 -8.04 -23.26
N ASN L 440 -20.05 -8.96 -24.21
CA ASN L 440 -20.16 -8.58 -25.59
C ASN L 440 -21.36 -9.26 -26.21
N TYR L 441 -22.50 -8.61 -26.03
CA TYR L 441 -23.81 -9.04 -26.52
C TYR L 441 -24.00 -8.65 -27.96
N ALA L 442 -24.94 -9.31 -28.61
CA ALA L 442 -25.29 -9.02 -30.00
C ALA L 442 -26.74 -9.29 -30.29
N TRP L 443 -27.29 -8.46 -31.16
CA TRP L 443 -28.67 -8.60 -31.62
C TRP L 443 -28.54 -9.54 -32.83
N PRO L 444 -29.58 -10.32 -33.10
CA PRO L 444 -29.43 -11.21 -34.26
C PRO L 444 -29.05 -10.39 -35.49
N THR L 445 -29.53 -9.15 -35.55
CA THR L 445 -29.24 -8.32 -36.70
C THR L 445 -27.81 -7.80 -36.77
N ALA L 446 -26.95 -8.23 -35.86
CA ALA L 446 -25.57 -7.79 -35.89
C ALA L 446 -24.82 -8.44 -37.06
N GLU L 447 -23.74 -7.78 -37.50
CA GLU L 447 -22.90 -8.27 -38.60
C GLU L 447 -21.50 -7.87 -38.29
N VAL L 448 -20.71 -8.77 -37.74
CA VAL L 448 -19.33 -8.42 -37.44
C VAL L 448 -18.38 -9.08 -38.48
N ALA L 449 -17.59 -8.26 -39.16
CA ALA L 449 -16.68 -8.78 -40.18
C ALA L 449 -15.62 -7.78 -40.62
N VAL L 450 -14.57 -8.34 -41.24
CA VAL L 450 -13.40 -7.61 -41.73
C VAL L 450 -13.77 -6.39 -42.54
N MET L 451 -14.81 -6.51 -43.36
CA MET L 451 -15.32 -5.42 -44.18
C MET L 451 -16.58 -5.95 -44.85
N GLY L 452 -17.26 -5.11 -45.62
CA GLY L 452 -18.48 -5.54 -46.26
C GLY L 452 -18.21 -6.64 -47.26
N ALA L 453 -19.22 -7.47 -47.50
CA ALA L 453 -19.12 -8.58 -48.44
C ALA L 453 -18.55 -8.13 -49.78
N LYS L 454 -19.08 -7.04 -50.30
CA LYS L 454 -18.60 -6.52 -51.58
C LYS L 454 -17.08 -6.39 -51.62
N GLY L 455 -16.58 -5.34 -50.99
CA GLY L 455 -15.16 -5.10 -50.98
C GLY L 455 -14.37 -6.33 -50.54
N ALA L 456 -14.88 -7.04 -49.56
CA ALA L 456 -14.17 -8.23 -49.11
C ALA L 456 -13.96 -9.15 -50.31
N THR L 457 -15.01 -9.31 -51.11
CA THR L 457 -14.98 -10.18 -52.29
C THR L 457 -13.97 -9.74 -53.33
N GLU L 458 -13.94 -8.45 -53.60
CA GLU L 458 -12.99 -7.94 -54.58
C GLU L 458 -11.55 -8.25 -54.21
N ILE L 459 -11.24 -8.28 -52.92
CA ILE L 459 -9.88 -8.56 -52.48
C ILE L 459 -9.61 -10.07 -52.56
N ILE L 460 -10.48 -10.86 -51.94
CA ILE L 460 -10.32 -12.31 -51.93
C ILE L 460 -10.42 -12.97 -53.30
N HIS L 461 -11.22 -12.38 -54.20
CA HIS L 461 -11.39 -12.93 -55.54
C HIS L 461 -11.08 -11.92 -56.65
N ARG L 462 -9.79 -11.76 -56.97
CA ARG L 462 -9.38 -10.83 -58.02
C ARG L 462 -9.75 -11.39 -59.38
N GLY L 463 -9.11 -12.50 -59.73
CA GLY L 463 -9.38 -13.16 -61.00
C GLY L 463 -10.78 -13.73 -60.98
N ASP L 464 -11.77 -12.86 -61.10
CA ASP L 464 -13.17 -13.25 -61.11
C ASP L 464 -14.04 -12.01 -61.34
N LEU L 465 -13.39 -10.84 -61.42
CA LEU L 465 -14.11 -9.59 -61.63
C LEU L 465 -14.62 -9.46 -63.07
N GLY L 466 -13.83 -9.98 -64.01
CA GLY L 466 -14.23 -9.93 -65.39
C GLY L 466 -15.41 -10.86 -65.63
N ASP L 467 -15.99 -11.40 -64.56
CA ASP L 467 -17.14 -12.30 -64.67
C ASP L 467 -18.21 -11.85 -63.69
N PRO L 468 -18.76 -10.64 -63.90
CA PRO L 468 -19.80 -10.04 -63.05
C PRO L 468 -20.84 -10.96 -62.39
N GLU L 469 -20.83 -12.24 -62.73
CA GLU L 469 -21.76 -13.20 -62.11
C GLU L 469 -21.03 -13.99 -61.05
N LYS L 470 -19.71 -14.08 -61.19
CA LYS L 470 -18.88 -14.77 -60.21
C LYS L 470 -18.87 -13.87 -58.99
N ILE L 471 -18.40 -12.65 -59.20
CA ILE L 471 -18.34 -11.70 -58.11
C ILE L 471 -19.73 -11.40 -57.56
N ALA L 472 -20.75 -11.49 -58.40
CA ALA L 472 -22.09 -11.22 -57.91
C ALA L 472 -22.50 -12.37 -57.02
N GLN L 473 -21.89 -13.51 -57.24
CA GLN L 473 -22.20 -14.70 -56.46
C GLN L 473 -21.25 -14.81 -55.28
N HIS L 474 -20.01 -14.41 -55.50
CA HIS L 474 -19.01 -14.46 -54.44
C HIS L 474 -19.42 -13.56 -53.30
N THR L 475 -20.00 -12.42 -53.64
CA THR L 475 -20.45 -11.47 -52.65
C THR L 475 -21.64 -12.06 -51.94
N ALA L 476 -22.59 -12.56 -52.71
CA ALA L 476 -23.79 -13.17 -52.16
C ALA L 476 -23.47 -14.30 -51.19
N ASP L 477 -22.25 -14.84 -51.25
CA ASP L 477 -21.89 -15.90 -50.32
C ASP L 477 -21.27 -15.28 -49.07
N TYR L 478 -20.31 -14.37 -49.27
CA TYR L 478 -19.66 -13.70 -48.15
C TYR L 478 -20.75 -13.14 -47.26
N GLU L 479 -21.68 -12.46 -47.90
CA GLU L 479 -22.81 -11.87 -47.23
C GLU L 479 -23.47 -12.97 -46.41
N GLU L 480 -23.96 -14.01 -47.08
CA GLU L 480 -24.66 -15.09 -46.37
C GLU L 480 -23.86 -15.85 -45.33
N ARG L 481 -22.55 -15.82 -45.44
CA ARG L 481 -21.73 -16.60 -44.54
C ARG L 481 -21.01 -15.82 -43.47
N PHE L 482 -20.75 -14.54 -43.73
CA PHE L 482 -20.01 -13.73 -42.78
C PHE L 482 -20.68 -12.52 -42.17
N ALA L 483 -21.63 -11.92 -42.88
CA ALA L 483 -22.32 -10.76 -42.36
C ALA L 483 -23.37 -11.28 -41.40
N ASN L 484 -22.95 -11.44 -40.15
CA ASN L 484 -23.82 -11.89 -39.07
C ASN L 484 -23.01 -11.89 -37.78
N PRO L 485 -23.64 -12.28 -36.66
CA PRO L 485 -22.89 -12.30 -35.41
C PRO L 485 -22.36 -13.69 -35.05
N PHE L 486 -22.77 -14.69 -35.82
CA PHE L 486 -22.39 -16.06 -35.53
C PHE L 486 -20.98 -16.56 -35.72
N VAL L 487 -20.22 -16.00 -36.66
CA VAL L 487 -18.84 -16.45 -36.81
C VAL L 487 -18.06 -15.95 -35.59
N ALA L 488 -18.44 -14.76 -35.14
CA ALA L 488 -17.86 -14.13 -33.98
C ALA L 488 -18.22 -14.92 -32.74
N SER L 489 -19.42 -15.49 -32.75
CA SER L 489 -19.88 -16.29 -31.63
C SER L 489 -19.07 -17.57 -31.52
N GLU L 490 -18.84 -18.20 -32.66
CA GLU L 490 -18.07 -19.42 -32.65
C GLU L 490 -16.77 -19.15 -31.97
N ARG L 491 -16.22 -17.98 -32.24
CA ARG L 491 -14.94 -17.58 -31.65
C ARG L 491 -14.95 -17.17 -30.17
N GLY L 492 -16.10 -16.73 -29.66
CA GLY L 492 -16.18 -16.30 -28.28
C GLY L 492 -16.20 -14.78 -28.15
N PHE L 493 -15.97 -14.09 -29.26
CA PHE L 493 -15.96 -12.63 -29.26
C PHE L 493 -17.27 -11.99 -28.90
N VAL L 494 -18.36 -12.73 -29.05
CA VAL L 494 -19.67 -12.21 -28.68
C VAL L 494 -20.11 -13.26 -27.69
N ASP L 495 -20.22 -12.86 -26.43
CA ASP L 495 -20.60 -13.77 -25.35
C ASP L 495 -21.97 -14.37 -25.59
N GLU L 496 -22.83 -13.60 -26.26
CA GLU L 496 -24.15 -14.08 -26.60
C GLU L 496 -24.93 -13.17 -27.53
N VAL L 497 -25.87 -13.79 -28.25
CA VAL L 497 -26.78 -13.12 -29.18
C VAL L 497 -28.13 -13.14 -28.50
N ILE L 498 -28.65 -11.95 -28.24
CA ILE L 498 -29.90 -11.82 -27.53
C ILE L 498 -31.04 -11.21 -28.33
N GLN L 499 -32.23 -11.46 -27.82
CA GLN L 499 -33.47 -10.98 -28.38
C GLN L 499 -33.49 -9.51 -27.98
N PRO L 500 -33.66 -8.61 -28.96
CA PRO L 500 -33.70 -7.18 -28.66
C PRO L 500 -34.56 -6.73 -27.46
N ARG L 501 -35.77 -7.26 -27.35
CA ARG L 501 -36.67 -6.89 -26.28
C ARG L 501 -36.02 -7.07 -24.90
N SER L 502 -35.19 -8.09 -24.77
CA SER L 502 -34.57 -8.34 -23.47
C SER L 502 -33.30 -7.56 -23.12
N THR L 503 -32.81 -6.71 -24.02
CA THR L 503 -31.60 -5.94 -23.74
C THR L 503 -31.52 -5.27 -22.37
N ARG L 504 -32.56 -4.52 -22.00
CA ARG L 504 -32.56 -3.88 -20.68
C ARG L 504 -32.30 -4.95 -19.62
N LYS L 505 -33.07 -6.04 -19.63
CA LYS L 505 -32.86 -7.09 -18.65
C LYS L 505 -31.44 -7.64 -18.67
N ARG L 506 -30.94 -7.99 -19.87
CA ARG L 506 -29.58 -8.55 -20.05
C ARG L 506 -28.46 -7.67 -19.48
N VAL L 507 -28.47 -6.42 -19.94
CA VAL L 507 -27.48 -5.44 -19.55
C VAL L 507 -27.53 -5.10 -18.05
N ALA L 508 -28.71 -4.85 -17.51
CA ALA L 508 -28.85 -4.51 -16.10
C ALA L 508 -28.20 -5.52 -15.19
N ARG L 509 -28.54 -6.80 -15.35
CA ARG L 509 -27.93 -7.76 -14.46
C ARG L 509 -26.46 -7.96 -14.84
N ALA L 510 -26.13 -7.74 -16.09
CA ALA L 510 -24.73 -7.91 -16.48
C ALA L 510 -23.85 -6.98 -15.66
N PHE L 511 -24.33 -5.76 -15.44
CA PHE L 511 -23.57 -4.80 -14.69
C PHE L 511 -23.64 -5.19 -13.25
N ALA L 512 -24.83 -5.62 -12.84
CA ALA L 512 -25.05 -5.98 -11.45
C ALA L 512 -23.92 -6.89 -10.95
N SER L 513 -23.64 -7.93 -11.72
CA SER L 513 -22.61 -8.90 -11.44
C SER L 513 -21.18 -8.31 -11.51
N LEU L 514 -21.05 -7.14 -12.11
CA LEU L 514 -19.74 -6.53 -12.26
C LEU L 514 -19.42 -5.48 -11.25
N ARG L 515 -20.34 -5.26 -10.31
CA ARG L 515 -20.13 -4.23 -9.29
C ARG L 515 -18.87 -4.45 -8.50
N ASN L 516 -18.42 -5.69 -8.42
CA ASN L 516 -17.23 -5.95 -7.66
C ASN L 516 -15.99 -5.95 -8.53
N LYS L 517 -16.17 -5.92 -9.86
CA LYS L 517 -15.03 -5.96 -10.76
C LYS L 517 -13.84 -5.19 -10.25
N SER L 518 -12.67 -5.78 -10.41
CA SER L 518 -11.43 -5.13 -9.99
C SER L 518 -10.30 -5.63 -10.92
N VAL L 519 -9.75 -4.72 -11.69
CA VAL L 519 -8.73 -5.10 -12.63
C VAL L 519 -7.59 -4.15 -12.54
N GLN L 520 -6.40 -4.68 -12.70
CA GLN L 520 -5.21 -3.87 -12.59
C GLN L 520 -4.44 -3.57 -13.86
N MET L 521 -4.18 -2.28 -14.10
CA MET L 521 -3.35 -1.91 -15.22
C MET L 521 -1.93 -1.86 -14.61
N PRO L 522 -0.89 -2.01 -15.44
CA PRO L 522 0.52 -2.01 -15.05
C PRO L 522 0.89 -0.69 -14.41
N TRP L 523 1.83 -0.68 -13.47
CA TRP L 523 2.18 0.59 -12.85
C TRP L 523 2.89 1.54 -13.78
N LYS L 524 2.54 2.82 -13.67
CA LYS L 524 3.13 3.91 -14.46
C LYS L 524 2.82 5.31 -13.87
N LYS L 525 3.69 6.29 -14.09
CA LYS L 525 3.38 7.64 -13.60
C LYS L 525 2.05 7.99 -14.26
N HIS L 526 2.02 7.97 -15.59
CA HIS L 526 0.78 8.22 -16.31
C HIS L 526 0.84 7.65 -17.71
N ASP L 527 -0.25 7.80 -18.47
CA ASP L 527 -0.29 7.27 -19.83
C ASP L 527 0.39 8.22 -20.81
N ASN L 528 0.40 7.85 -22.10
CA ASN L 528 0.99 8.71 -23.14
C ASN L 528 0.06 8.88 -24.34
N ILE L 529 -1.22 8.61 -24.15
CA ILE L 529 -2.22 8.74 -25.21
C ILE L 529 -1.87 9.82 -26.23
N PRO L 530 -2.17 9.55 -27.52
CA PRO L 530 -1.92 10.48 -28.63
C PRO L 530 -2.68 11.78 -28.35
N LEU L 531 -2.12 12.91 -28.79
CA LEU L 531 -2.76 14.21 -28.56
C LEU L 531 -3.19 14.92 -29.85
#